data_6NJM
#
_entry.id   6NJM
#
loop_
_entity.id
_entity.type
_entity.pdbx_description
1 polymer 'Glutamate receptor 3'
2 polymer 'Glutamate receptor 2'
3 polymer "A'-C' auxiliary proteins"
4 polymer 'Voltage-dependent calcium channel gamma-2 subunit'
5 polymer '5B2 Fab Light Chain'
6 polymer '5B2 Fab Heavy Chain'
7 polymer '15F1 Fab light chain'
8 polymer '15F1 Fab heavy chain'
9 branched beta-D-mannopyranose-(1-4)-2-acetamido-2-deoxy-beta-D-glucopyranose-(1-4)-2-acetamido-2-deoxy-beta-D-glucopyranose
10 branched 2-acetamido-2-deoxy-beta-D-glucopyranose-(1-4)-2-acetamido-2-deoxy-beta-D-glucopyranose
11 non-polymer '{[7-morpholin-4-yl-2,3-dioxo-6-(trifluoromethyl)-3,4-dihydroquinoxalin-1(2H)-yl]methyl}phosphonic acid'
12 non-polymer 2-acetamido-2-deoxy-beta-D-glucopyranose
#
loop_
_entity_poly.entity_id
_entity_poly.type
_entity_poly.pdbx_seq_one_letter_code
_entity_poly.pdbx_strand_id
1 'polypeptide(L)'
;MGQSVLRAVFFLVLGLLGHSHGGFPNTISIGGLFMRNTVQEHSAFRFAVQLYNTNQNTTEKPFHLNYHVDHLDSSNSFSV
TNAFCSQFSRGVYAIFGFYDQMSMNTLTSFCGALHTSFVTPSFPTDADVQFVIQMRPALKGAILSLLSYYKWEKFVYLYD
TERGFSVLQAIMEAAVQNNWQVTARSVGNIKDVQEFRRIIEEMDRRQEKRYLIDCEVERINTILEQVVILGKHSRGYHYM
LANLGFTDILLERVMHGGANITGFQIVNNENPMVQQFIQRWVRLDEREFPEAKNAPLKYTSALTHDAILVIAEAFRYLRR
QRVDVSRRGSAGDCLANPAVPWSQGIDIERALKMVQVQGMTGNIQFDTYGRRTNYTIDVYEMKVSGSRKAGYWNEYERFV
PFSDQQISNDSSSSENRTIVVTTILESPYVMYKKNHEQLEGNERYEGYCVDLAYEIAKHVRIKYKLSIVGDGKYGARDPE
TKIWNGMVGELVYGRADIAVAPLTITLVREEVIDFSKPFMSLGISIMIKKPQKSKPGVFSFLDPLAYEIWMCIVFAYIGV
SVVLFLVSRFSPYEWHLEDNNEEPRDPQSPPDPPNEFGIFNSLWFSLGAFMQQGCDISPRSLSGRIVGGVWWFFTLIIIS
SYTANLAAFLTVERMVSPIESAEDLAKQTEIAYGTLDSGSTKEFFRRSKIAVYEKMWSYMKSAEPSVFTKTTADGVARVR
KSKGKFAFLLESTMNEYIEQRKPCDTMKVGGNLDSKGYGVATPKGSALGTPVNLAVLKLSEQGILDKLKNKWWYDKGECG
AKDSGSKDKTSALSLSNVAGVFYILVGGLGLAMMVALIEFCYKSRAESKRMKLTKNTQNFKPAPATNTQNYATYREGYNV
YGTESVKI
;
A,C
2 'polypeptide(L)'
;MQKIMHISVLLSPVLWGLIFGVSSNSIQIGGLFPRGADQEYSAFRVGMVQFSTSEFRLTPHIDNLEVANSFAVTNAFCSQ
FSRGVYAIFGFYDKKSVNTITSFCGTLHVSFITPSFPTDGTHPFVIQMRPDLKGALLSLIEYYQWDKFAYLYDSDRGLST
LQAVLDSAAEKKWQVTAINVGNINNDKKDETYRSLFQDLELKKERRVILDCERDKVNDIVDQVITIGKHVKGYHYIIANL
GFTDGDLLKIQFGGANVSGFQIVDYDDSLVSKFIERWSTLEEKEYPGAHTATIKYTSALTYDAVQVMTEAFRNLRKQRIE
ISRRGNAGDCLANPAVPWGQGVEIERALKQVQVEGLSGNIKFDQNGKRINYTINIMELKTNGPRKIGYWSEVDKMVVTLT
ELPSGNDTSGLENKTVVVTTILESPYVMMKKNHEMLEGNERYEGYCVDLAAEIAKHCGFKYKLTIVGDGKYGARDADTKI
WNGMVGELVYGKADIAIAPLTITLVREEVIDFSKPFMSLGISIMIKKPQKSKPGVFSFLDPLAYEIWMCIVFAYIGVSVV
LFLVSRFSPYEWHTEEFEDGRETQSSESTNEFGIFNSLWFSLGAFMRQGCDISPRSLSGRIVGGVWWFFTLIIISSYTAN
LAAFLTVERMVSPIESAEDLSKQTEIAYGTLDSGSTKEFFRRSKIAVFDKMWTYMRSAEPSVFVRTTAEGVARVRKSKGK
YAYLLESTMNEYIEQRKPCDTMKVGGNLDSKGYGIATPKGSSLGAAVNLAVLKLAEQGALDKLKNKWWYDKGECGAKDSG
SKEKTSALSLSNVAGVFYILVGGLGLAMLVALIEFCYKSRAEAKRMKVAKNPQNINPSSSQNSQNFATYKEGYNVYGIES
VKI
;
B,D
3 'polypeptide(L)'
;(UNK)(UNK)(UNK)(UNK)(UNK)(UNK)(UNK)(UNK)(UNK)(UNK)(UNK)(UNK)(UNK)(UNK)(UNK)(UNK)
(UNK)(UNK)(UNK)(UNK)(UNK)(UNK)(UNK)(UNK)(UNK)(UNK)(UNK)(UNK)(UNK)(UNK)(UNK)(UNK)
(UNK)(UNK)(UNK)(UNK)(UNK)(UNK)(UNK)(UNK)(UNK)(UNK)(UNK)(UNK)(UNK)(UNK)(UNK)(UNK)
(UNK)(UNK)(UNK)(UNK)(UNK)(UNK)(UNK)(UNK)(UNK)(UNK)(UNK)(UNK)(UNK)(UNK)(UNK)(UNK)
(UNK)(UNK)(UNK)(UNK)(UNK)(UNK)(UNK)(UNK)(UNK)(UNK)(UNK)(UNK)(UNK)(UNK)(UNK)(UNK)
(UNK)(UNK)(UNK)(UNK)(UNK)(UNK)(UNK)(UNK)(UNK)(UNK)(UNK)(UNK)(UNK)(UNK)(UNK)(UNK)
(UNK)(UNK)(UNK)(UNK)(UNK)(UNK)(UNK)(UNK)(UNK)(UNK)(UNK)(UNK)(UNK)(UNK)(UNK)(UNK)
(UNK)(UNK)(UNK)(UNK)(UNK)(UNK)(UNK)(UNK)(UNK)(UNK)(UNK)(UNK)(UNK)(UNK)(UNK)(UNK)
(UNK)(UNK)(UNK)(UNK)(UNK)(UNK)(UNK)(UNK)(UNK)(UNK)(UNK)(UNK)(UNK)(UNK)(UNK)(UNK)
(UNK)(UNK)(UNK)(UNK)(UNK)(UNK)(UNK)(UNK)(UNK)
;
E,G
4 'polypeptide(L)'
;MGLFDRGVQMLLTTVGAFAAFSLMTIAVGTDYWLYSRGVCKTKSVSENETSKKNEEVMTHSGLWRTCCLEGNFKGLCKQI
DHFPEDADYEADTAEYFLRAVRASSIFPILSVILLFMGGLCIAASEFYKTRHNIILSAGIFFVSAGLSNIIGIIVYISAN
AGDPSKSDSKKNSYSYGWSFYFGALSFIIAEMVGVLAVHMFIDRHKQLRATARATDYLQASAITRIPSYRYRYQRRSRSS
SRSTEPSHSRDASPVGVKGFNTLPSTEISMYTLSRDPLKAATTPTATYNSDRDNSFLQVHNCIQKDSKDSLHANTANRRT
TPV
;
F,H
5 'polypeptide(L)'
;(UNK)(UNK)(UNK)(UNK)(UNK)(UNK)(UNK)(UNK)(UNK)(UNK)(UNK)(UNK)(UNK)(UNK)(UNK)(UNK)
(UNK)(UNK)(UNK)(UNK)(UNK)(UNK)(UNK)(UNK)(UNK)(UNK)(UNK)(UNK)(UNK)(UNK)(UNK)(UNK)
(UNK)(UNK)(UNK)(UNK)(UNK)(UNK)(UNK)(UNK)(UNK)(UNK)(UNK)(UNK)(UNK)(UNK)(UNK)(UNK)
(UNK)(UNK)(UNK)(UNK)(UNK)(UNK)(UNK)(UNK)(UNK)(UNK)(UNK)(UNK)(UNK)(UNK)(UNK)(UNK)
(UNK)(UNK)(UNK)(UNK)(UNK)(UNK)(UNK)(UNK)(UNK)(UNK)(UNK)(UNK)(UNK)(UNK)(UNK)(UNK)
(UNK)(UNK)(UNK)(UNK)(UNK)(UNK)(UNK)(UNK)(UNK)(UNK)(UNK)(UNK)(UNK)(UNK)(UNK)(UNK)
(UNK)(UNK)(UNK)(UNK)(UNK)(UNK)(UNK)(UNK)(UNK)(UNK)(UNK)(UNK)(UNK)(UNK)(UNK)(UNK)
(UNK)(UNK)(UNK)(UNK)(UNK)(UNK)(UNK)(UNK)(UNK)(UNK)(UNK)(UNK)(UNK)(UNK)(UNK)(UNK)
(UNK)(UNK)(UNK)(UNK)(UNK)(UNK)(UNK)(UNK)(UNK)(UNK)(UNK)(UNK)(UNK)(UNK)(UNK)(UNK)
(UNK)(UNK)(UNK)(UNK)(UNK)(UNK)(UNK)(UNK)(UNK)(UNK)(UNK)(UNK)(UNK)(UNK)(UNK)(UNK)
(UNK)(UNK)(UNK)(UNK)(UNK)(UNK)(UNK)(UNK)(UNK)(UNK)(UNK)(UNK)(UNK)(UNK)(UNK)(UNK)
(UNK)(UNK)(UNK)(UNK)(UNK)(UNK)(UNK)(UNK)(UNK)(UNK)(UNK)(UNK)(UNK)(UNK)(UNK)(UNK)
(UNK)(UNK)(UNK)(UNK)(UNK)(UNK)(UNK)(UNK)(UNK)(UNK)(UNK)(UNK)(UNK)(UNK)(UNK)(UNK)
(UNK)(UNK)(UNK)(UNK)(UNK)(UNK)(UNK)(UNK)(UNK)(UNK)
;
I,M
6 'polypeptide(L)'
;(UNK)(UNK)(UNK)(UNK)(UNK)(UNK)(UNK)(UNK)(UNK)(UNK)(UNK)(UNK)(UNK)(UNK)(UNK)(UNK)
(UNK)(UNK)(UNK)(UNK)(UNK)(UNK)(UNK)(UNK)(UNK)(UNK)(UNK)(UNK)(UNK)(UNK)(UNK)(UNK)
(UNK)(UNK)(UNK)(UNK)(UNK)(UNK)(UNK)(UNK)(UNK)(UNK)(UNK)(UNK)(UNK)(UNK)(UNK)(UNK)
(UNK)(UNK)(UNK)(UNK)(UNK)(UNK)(UNK)(UNK)(UNK)(UNK)(UNK)(UNK)(UNK)(UNK)(UNK)(UNK)
(UNK)(UNK)(UNK)(UNK)(UNK)(UNK)(UNK)(UNK)(UNK)(UNK)(UNK)(UNK)(UNK)(UNK)(UNK)(UNK)
(UNK)(UNK)(UNK)(UNK)(UNK)(UNK)(UNK)(UNK)(UNK)(UNK)(UNK)(UNK)(UNK)(UNK)(UNK)(UNK)
(UNK)(UNK)(UNK)(UNK)(UNK)(UNK)(UNK)(UNK)(UNK)(UNK)(UNK)(UNK)(UNK)(UNK)(UNK)(UNK)
(UNK)(UNK)(UNK)(UNK)(UNK)(UNK)(UNK)(UNK)(UNK)(UNK)(UNK)(UNK)(UNK)(UNK)(UNK)(UNK)
(UNK)(UNK)(UNK)(UNK)(UNK)(UNK)(UNK)(UNK)(UNK)(UNK)(UNK)(UNK)(UNK)(UNK)(UNK)(UNK)
(UNK)(UNK)(UNK)(UNK)(UNK)(UNK)(UNK)(UNK)(UNK)(UNK)(UNK)(UNK)(UNK)(UNK)(UNK)(UNK)
(UNK)(UNK)(UNK)(UNK)(UNK)(UNK)(UNK)(UNK)(UNK)(UNK)(UNK)(UNK)(UNK)(UNK)(UNK)(UNK)
(UNK)(UNK)(UNK)(UNK)(UNK)(UNK)(UNK)(UNK)(UNK)(UNK)(UNK)(UNK)(UNK)(UNK)(UNK)(UNK)
(UNK)(UNK)(UNK)(UNK)(UNK)(UNK)(UNK)(UNK)(UNK)(UNK)(UNK)(UNK)(UNK)(UNK)(UNK)(UNK)
(UNK)(UNK)(UNK)(UNK)(UNK)(UNK)(UNK)(UNK)(UNK)(UNK)(UNK)(UNK)(UNK)(UNK)(UNK)(UNK)
(UNK)(UNK)(UNK)(UNK)(UNK)(UNK)(UNK)(UNK)(UNK)(UNK)(UNK)(UNK)(UNK)(UNK)(UNK)(UNK)
(UNK)(UNK)(UNK)(UNK)(UNK)(UNK)(UNK)
;
J,N
7 'polypeptide(L)'
;MEIQMTQTTSSLSASLGDRVTISCRASQDISNYLSWYQQKPDGTVKLLIYYTSRLHSGVPSRFSGSGSGIDYSLTINNLE
QEDFATYFCQQGNTLPLTFGAGTKLELKRADAAPTVSIFPPSSEQLTSGGASVVCFLNNFYPKDINVKWKIDGSERQNGV
LNSWTDQDSKDSTYSMSSTLTLTKDEYERHNSYTCEATHKTSTSPIVKSFNRNECSNWSHPQFEK
;
K,O
8 'polypeptide(L)'
;MVSAIVLYVLLAAAAHSAFAMQAQLKESGPGLVAPSQSLSITCTVSGFSLTNYGVHWVRQPPGKGLEWLGVIWAGGSTNY
NSALMSRVSISKDNSKSQVFLKMNSLQTDDTVMYYCAREDYDYDWHFDVWGAGTTVTVSSAKTTPPSVYPLAPGSAAQTN
SMVTLGCLVKGYFPEPVTVTWNSGSLSSGVHTFPAVLQSDLYTLSSSVTVPSSTWPSETVTCNVAHPASSTKVDKKLEVL
FQGPGSGSADTITIRGYVRDNR
;
L,P
#
loop_
_chem_comp.id
_chem_comp.type
_chem_comp.name
_chem_comp.formula
BMA D-saccharide, beta linking beta-D-mannopyranose 'C6 H12 O6'
NAG D-saccharide, beta linking 2-acetamido-2-deoxy-beta-D-glucopyranose 'C8 H15 N O6'
ZK1 non-polymer '{[7-morpholin-4-yl-2,3-dioxo-6-(trifluoromethyl)-3,4-dihydroquinoxalin-1(2H)-yl]methyl}phosphonic acid' 'C14 H15 F3 N3 O6 P'
#
# COMPACT_ATOMS: atom_id res chain seq x y z
N PHE A 24 -24.24 -71.38 11.32
CA PHE A 24 -23.60 -70.18 11.86
C PHE A 24 -22.45 -70.55 12.80
N PRO A 25 -21.26 -70.03 12.53
CA PRO A 25 -20.11 -70.28 13.42
C PRO A 25 -20.31 -69.58 14.76
N ASN A 26 -20.07 -70.27 15.91
CA ASN A 26 -19.60 -71.65 16.32
C ASN A 26 -18.11 -71.90 15.97
N THR A 27 -17.48 -70.94 15.31
CA THR A 27 -16.02 -70.92 15.13
C THR A 27 -15.66 -69.46 14.88
N ILE A 28 -15.20 -68.76 15.91
CA ILE A 28 -14.82 -67.37 15.80
C ILE A 28 -13.38 -67.27 16.32
N SER A 29 -12.43 -67.19 15.40
CA SER A 29 -11.04 -66.98 15.74
C SER A 29 -10.62 -65.59 15.29
N ILE A 30 -10.03 -64.83 16.20
CA ILE A 30 -9.60 -63.47 15.91
C ILE A 30 -8.07 -63.41 15.93
N GLY A 31 -7.53 -62.36 15.33
CA GLY A 31 -6.09 -62.20 15.18
C GLY A 31 -5.52 -61.32 16.28
N GLY A 32 -4.29 -61.62 16.68
CA GLY A 32 -3.63 -60.85 17.71
C GLY A 32 -2.28 -60.32 17.29
N LEU A 33 -2.13 -59.00 17.24
CA LEU A 33 -0.88 -58.35 16.85
C LEU A 33 -0.35 -57.59 18.06
N PHE A 34 0.54 -58.22 18.81
CA PHE A 34 1.08 -57.66 20.04
C PHE A 34 2.55 -57.32 19.84
N MET A 35 2.91 -56.09 20.18
CA MET A 35 4.26 -55.57 20.02
C MET A 35 5.03 -55.72 21.33
N ARG A 36 6.19 -55.07 21.41
CA ARG A 36 6.93 -55.01 22.65
C ARG A 36 6.19 -54.13 23.66
N ASN A 37 6.46 -54.40 24.94
CA ASN A 37 5.82 -53.74 26.10
C ASN A 37 4.29 -53.88 26.04
N THR A 38 3.83 -55.08 25.65
CA THR A 38 2.41 -55.39 25.60
C THR A 38 2.09 -56.61 26.45
N VAL A 39 2.72 -56.71 27.61
CA VAL A 39 2.54 -57.87 28.47
C VAL A 39 1.20 -57.79 29.20
N GLN A 40 0.95 -56.64 29.85
CA GLN A 40 -0.30 -56.46 30.59
C GLN A 40 -1.50 -56.39 29.64
N GLU A 41 -1.30 -55.85 28.44
CA GLU A 41 -2.37 -55.82 27.45
C GLU A 41 -2.71 -57.22 26.95
N HIS A 42 -1.69 -58.06 26.76
CA HIS A 42 -1.93 -59.45 26.39
C HIS A 42 -2.62 -60.22 27.50
N SER A 43 -2.23 -59.96 28.75
CA SER A 43 -2.87 -60.63 29.89
C SER A 43 -4.33 -60.21 30.02
N ALA A 44 -4.62 -58.92 29.83
CA ALA A 44 -6.00 -58.45 29.87
C ALA A 44 -6.81 -58.96 28.69
N PHE A 45 -6.17 -59.12 27.52
CA PHE A 45 -6.83 -59.70 26.37
C PHE A 45 -7.23 -61.15 26.62
N ARG A 46 -6.30 -61.95 27.12
CA ARG A 46 -6.57 -63.35 27.44
C ARG A 46 -7.61 -63.48 28.55
N PHE A 47 -7.56 -62.60 29.55
CA PHE A 47 -8.51 -62.66 30.63
C PHE A 47 -9.90 -62.19 30.21
N ALA A 48 -9.98 -61.26 29.27
CA ALA A 48 -11.29 -60.86 28.74
C ALA A 48 -11.90 -61.96 27.89
N VAL A 49 -11.07 -62.68 27.12
CA VAL A 49 -11.55 -63.84 26.37
C VAL A 49 -12.03 -64.93 27.33
N GLN A 50 -11.32 -65.11 28.44
CA GLN A 50 -11.73 -66.10 29.45
C GLN A 50 -13.03 -65.69 30.13
N LEU A 51 -13.21 -64.39 30.40
CA LEU A 51 -14.47 -63.92 30.98
C LEU A 51 -15.63 -64.08 30.01
N TYR A 52 -15.38 -63.90 28.71
CA TYR A 52 -16.45 -64.09 27.74
C TYR A 52 -16.79 -65.56 27.56
N ASN A 53 -15.80 -66.45 27.62
CA ASN A 53 -16.06 -67.87 27.42
C ASN A 53 -16.70 -68.55 28.63
N THR A 54 -16.69 -67.92 29.80
CA THR A 54 -17.22 -68.51 31.02
C THR A 54 -18.44 -67.74 31.51
N ASN A 55 -19.33 -67.37 30.59
CA ASN A 55 -20.52 -66.62 30.95
C ASN A 55 -21.65 -67.53 31.42
N GLN A 56 -21.75 -68.74 30.83
CA GLN A 56 -22.77 -69.75 31.13
C GLN A 56 -24.18 -69.20 30.91
N ASN A 57 -24.35 -68.47 29.80
CA ASN A 57 -25.64 -67.91 29.44
C ASN A 57 -25.75 -68.00 27.93
N THR A 58 -26.84 -68.61 27.45
CA THR A 58 -26.93 -68.97 26.03
C THR A 58 -27.21 -67.78 25.13
N THR A 59 -27.61 -66.63 25.68
CA THR A 59 -27.92 -65.48 24.84
C THR A 59 -26.73 -64.54 24.70
N GLU A 60 -26.14 -64.10 25.82
CA GLU A 60 -24.97 -63.25 25.76
C GLU A 60 -23.72 -64.00 25.33
N LYS A 61 -23.70 -65.34 25.48
CA LYS A 61 -22.68 -66.19 24.90
C LYS A 61 -23.39 -67.21 24.00
N PRO A 62 -23.62 -66.88 22.73
CA PRO A 62 -24.29 -67.84 21.85
C PRO A 62 -23.30 -68.68 21.04
N PHE A 63 -22.01 -68.37 21.14
CA PHE A 63 -20.99 -69.09 20.37
C PHE A 63 -19.75 -69.22 21.24
N HIS A 64 -18.67 -69.68 20.63
CA HIS A 64 -17.38 -69.81 21.30
C HIS A 64 -16.36 -68.90 20.62
N LEU A 65 -15.51 -68.28 21.43
CA LEU A 65 -14.56 -67.27 20.98
C LEU A 65 -13.14 -67.80 21.10
N ASN A 66 -12.45 -67.93 19.98
CA ASN A 66 -11.06 -68.34 19.94
C ASN A 66 -10.19 -67.19 19.43
N TYR A 67 -8.88 -67.40 19.47
CA TYR A 67 -7.93 -66.38 19.05
C TYR A 67 -6.60 -67.03 18.72
N HIS A 68 -5.71 -66.23 18.12
CA HIS A 68 -4.34 -66.64 17.85
C HIS A 68 -3.44 -65.42 17.96
N VAL A 69 -2.34 -65.56 18.69
CA VAL A 69 -1.49 -64.43 19.07
C VAL A 69 -0.15 -64.54 18.35
N ASP A 70 0.25 -63.46 17.69
CA ASP A 70 1.59 -63.32 17.13
C ASP A 70 2.30 -62.20 17.87
N HIS A 71 3.46 -62.52 18.46
CA HIS A 71 4.25 -61.54 19.20
C HIS A 71 5.27 -60.94 18.26
N LEU A 72 5.11 -59.65 17.98
CA LEU A 72 6.01 -58.93 17.08
C LEU A 72 7.32 -58.63 17.80
N ASP A 73 8.44 -59.08 17.22
CA ASP A 73 9.74 -58.80 17.81
C ASP A 73 10.23 -57.41 17.44
N SER A 74 10.14 -57.06 16.15
CA SER A 74 10.55 -55.76 15.66
C SER A 74 9.33 -54.95 15.23
N SER A 75 9.49 -53.63 15.22
CA SER A 75 8.44 -52.71 14.85
C SER A 75 8.42 -52.40 13.36
N ASN A 76 9.27 -53.07 12.58
CA ASN A 76 9.35 -52.82 11.14
C ASN A 76 8.14 -53.40 10.42
N SER A 77 7.89 -52.88 9.21
CA SER A 77 6.75 -53.32 8.42
C SER A 77 6.90 -54.73 7.88
N PHE A 78 8.12 -55.27 7.86
CA PHE A 78 8.34 -56.61 7.33
C PHE A 78 7.74 -57.68 8.25
N SER A 79 8.05 -57.60 9.55
CA SER A 79 7.49 -58.55 10.51
C SER A 79 5.99 -58.33 10.70
N VAL A 80 5.53 -57.08 10.62
CA VAL A 80 4.11 -56.77 10.73
C VAL A 80 3.35 -57.37 9.55
N THR A 81 3.90 -57.25 8.34
CA THR A 81 3.28 -57.84 7.16
C THR A 81 3.30 -59.36 7.22
N ASN A 82 4.39 -59.93 7.75
CA ASN A 82 4.46 -61.40 7.91
C ASN A 82 3.41 -61.90 8.88
N ALA A 83 3.26 -61.22 10.02
CA ALA A 83 2.26 -61.64 11.01
C ALA A 83 0.83 -61.43 10.51
N PHE A 84 0.62 -60.34 9.74
CA PHE A 84 -0.70 -60.09 9.18
C PHE A 84 -1.08 -61.11 8.13
N CYS A 85 -0.13 -61.49 7.27
CA CYS A 85 -0.42 -62.52 6.28
C CYS A 85 -0.54 -63.89 6.92
N SER A 86 0.13 -64.12 8.06
CA SER A 86 -0.08 -65.35 8.81
C SER A 86 -1.49 -65.42 9.39
N GLN A 87 -1.97 -64.30 9.95
CA GLN A 87 -3.34 -64.26 10.47
C GLN A 87 -4.37 -64.34 9.35
N PHE A 88 -4.06 -63.80 8.17
CA PHE A 88 -5.00 -63.84 7.06
C PHE A 88 -5.05 -65.21 6.41
N SER A 89 -3.90 -65.90 6.32
CA SER A 89 -3.89 -67.24 5.77
C SER A 89 -4.44 -68.25 6.77
N ARG A 90 -4.37 -67.94 8.07
CA ARG A 90 -5.03 -68.77 9.06
C ARG A 90 -6.55 -68.64 8.96
N GLY A 91 -7.04 -67.43 8.72
CA GLY A 91 -8.45 -67.20 8.55
C GLY A 91 -9.11 -66.65 9.80
N VAL A 92 -9.32 -65.33 9.84
CA VAL A 92 -9.92 -64.65 10.98
C VAL A 92 -11.08 -63.79 10.49
N TYR A 93 -11.80 -63.23 11.45
CA TYR A 93 -12.90 -62.31 11.19
C TYR A 93 -12.61 -60.89 11.66
N ALA A 94 -11.78 -60.74 12.68
CA ALA A 94 -11.38 -59.43 13.18
C ALA A 94 -9.99 -59.56 13.76
N ILE A 95 -9.26 -58.45 13.80
CA ILE A 95 -7.88 -58.45 14.27
C ILE A 95 -7.72 -57.35 15.32
N PHE A 96 -7.32 -57.75 16.52
CA PHE A 96 -6.92 -56.83 17.58
C PHE A 96 -5.41 -56.61 17.47
N GLY A 97 -4.99 -55.36 17.53
CA GLY A 97 -3.57 -55.09 17.30
C GLY A 97 -3.11 -53.78 17.89
N PHE A 98 -1.80 -53.57 17.76
CA PHE A 98 -1.12 -52.36 18.16
C PHE A 98 -0.27 -51.86 17.00
N TYR A 99 0.07 -50.58 17.04
CA TYR A 99 0.95 -50.01 16.02
C TYR A 99 1.68 -48.79 16.57
N ASP A 100 2.72 -48.41 15.84
CA ASP A 100 3.50 -47.20 16.12
C ASP A 100 3.56 -46.34 14.86
N GLN A 101 4.46 -45.34 14.85
CA GLN A 101 4.68 -44.56 13.64
C GLN A 101 5.25 -45.40 12.52
N MET A 102 6.02 -46.44 12.85
CA MET A 102 6.64 -47.29 11.85
C MET A 102 5.65 -48.27 11.22
N SER A 103 4.53 -48.55 11.89
CA SER A 103 3.59 -49.56 11.41
C SER A 103 2.15 -49.07 11.40
N MET A 104 1.93 -47.76 11.33
CA MET A 104 0.56 -47.25 11.29
C MET A 104 -0.07 -47.49 9.93
N ASN A 105 0.53 -46.90 8.89
CA ASN A 105 -0.10 -46.93 7.58
C ASN A 105 0.01 -48.31 6.93
N THR A 106 0.99 -49.12 7.35
CA THR A 106 1.05 -50.51 6.88
C THR A 106 -0.19 -51.28 7.33
N LEU A 107 -0.56 -51.15 8.60
CA LEU A 107 -1.74 -51.84 9.10
C LEU A 107 -3.02 -51.25 8.52
N THR A 108 -3.11 -49.92 8.39
CA THR A 108 -4.34 -49.35 7.83
C THR A 108 -4.50 -49.69 6.35
N SER A 109 -3.41 -49.75 5.60
CA SER A 109 -3.51 -50.08 4.18
C SER A 109 -3.82 -51.56 3.97
N PHE A 110 -3.13 -52.45 4.69
CA PHE A 110 -3.43 -53.87 4.56
C PHE A 110 -4.79 -54.25 5.12
N CYS A 111 -5.36 -53.46 6.02
CA CYS A 111 -6.69 -53.77 6.51
C CYS A 111 -7.79 -53.06 5.74
N GLY A 112 -7.48 -51.99 5.01
CA GLY A 112 -8.49 -51.36 4.18
C GLY A 112 -8.53 -51.97 2.79
N ALA A 113 -7.43 -52.59 2.37
CA ALA A 113 -7.39 -53.18 1.04
C ALA A 113 -8.10 -54.53 1.01
N LEU A 114 -7.84 -55.38 2.00
CA LEU A 114 -8.42 -56.72 2.05
C LEU A 114 -9.78 -56.75 2.74
N HIS A 115 -10.33 -55.58 3.09
CA HIS A 115 -11.63 -55.44 3.77
C HIS A 115 -11.69 -56.20 5.08
N THR A 116 -10.58 -56.18 5.82
CA THR A 116 -10.47 -56.86 7.11
C THR A 116 -10.58 -55.83 8.22
N SER A 117 -11.51 -56.05 9.14
CA SER A 117 -11.71 -55.12 10.25
C SER A 117 -10.53 -55.20 11.23
N PHE A 118 -10.14 -54.05 11.76
CA PHE A 118 -8.97 -53.93 12.62
C PHE A 118 -9.30 -53.05 13.81
N VAL A 119 -9.51 -53.67 14.95
CA VAL A 119 -9.80 -52.94 16.19
C VAL A 119 -8.50 -52.70 16.93
N THR A 120 -8.25 -51.45 17.31
CA THR A 120 -7.01 -51.12 17.98
C THR A 120 -7.18 -50.08 19.08
N PRO A 121 -6.51 -50.25 20.22
CA PRO A 121 -6.53 -49.23 21.27
C PRO A 121 -5.38 -48.23 21.21
N SER A 122 -4.63 -48.18 20.11
CA SER A 122 -3.46 -47.33 20.02
C SER A 122 -3.87 -45.88 19.75
N PHE A 123 -2.88 -45.04 19.40
CA PHE A 123 -3.14 -43.62 19.22
C PHE A 123 -3.98 -43.39 17.96
N PRO A 124 -4.89 -42.42 17.99
CA PRO A 124 -5.73 -42.17 16.81
C PRO A 124 -4.94 -41.53 15.68
N THR A 125 -5.25 -41.96 14.46
CA THR A 125 -4.50 -41.52 13.29
C THR A 125 -4.89 -40.10 12.89
N ASP A 126 -4.05 -39.51 12.04
CA ASP A 126 -4.29 -38.14 11.58
C ASP A 126 -5.40 -38.11 10.53
N ALA A 127 -5.25 -38.88 9.47
CA ALA A 127 -6.19 -38.88 8.38
C ALA A 127 -7.42 -39.75 8.72
N ASP A 128 -8.37 -39.76 7.79
CA ASP A 128 -9.61 -40.51 7.95
C ASP A 128 -9.57 -41.72 7.02
N VAL A 129 -9.51 -42.91 7.60
CA VAL A 129 -9.41 -44.14 6.83
C VAL A 129 -10.62 -45.02 7.09
N GLN A 130 -10.68 -46.16 6.41
CA GLN A 130 -11.74 -47.13 6.61
C GLN A 130 -11.17 -48.41 7.20
N PHE A 131 -12.08 -49.25 7.71
CA PHE A 131 -11.81 -50.56 8.30
C PHE A 131 -10.86 -50.49 9.51
N VAL A 132 -10.81 -49.36 10.20
CA VAL A 132 -9.97 -49.19 11.38
C VAL A 132 -10.86 -48.66 12.49
N ILE A 133 -11.01 -49.45 13.55
CA ILE A 133 -11.84 -49.10 14.69
C ILE A 133 -10.90 -48.70 15.82
N GLN A 134 -10.83 -47.42 16.09
CA GLN A 134 -9.91 -46.87 17.08
C GLN A 134 -10.60 -46.79 18.43
N MET A 135 -10.08 -47.51 19.42
CA MET A 135 -10.71 -47.55 20.74
C MET A 135 -10.29 -46.38 21.63
N ARG A 136 -9.04 -45.93 21.50
CA ARG A 136 -8.59 -44.79 22.29
C ARG A 136 -9.21 -43.51 21.74
N PRO A 137 -9.86 -42.70 22.57
CA PRO A 137 -10.47 -41.47 22.06
C PRO A 137 -9.43 -40.40 21.79
N ALA A 138 -9.85 -39.39 21.04
CA ALA A 138 -8.99 -38.27 20.70
C ALA A 138 -8.78 -37.39 21.93
N LEU A 139 -7.66 -36.67 21.95
CA LEU A 139 -7.31 -35.86 23.11
C LEU A 139 -7.33 -34.36 22.84
N LYS A 140 -7.30 -33.93 21.58
CA LYS A 140 -7.05 -32.52 21.26
C LYS A 140 -8.24 -31.63 21.65
N GLY A 141 -9.45 -32.18 21.69
CA GLY A 141 -10.62 -31.37 22.02
C GLY A 141 -10.63 -30.91 23.47
N ALA A 142 -10.35 -31.84 24.39
CA ALA A 142 -10.26 -31.48 25.80
C ALA A 142 -9.05 -30.60 26.09
N ILE A 143 -7.96 -30.77 25.33
CA ILE A 143 -6.79 -29.91 25.48
C ILE A 143 -7.12 -28.48 25.08
N LEU A 144 -7.79 -28.30 23.95
CA LEU A 144 -8.15 -26.94 23.54
C LEU A 144 -9.24 -26.35 24.41
N SER A 145 -10.13 -27.19 24.96
CA SER A 145 -11.15 -26.69 25.88
C SER A 145 -10.52 -26.23 27.20
N LEU A 146 -9.52 -26.96 27.70
CA LEU A 146 -8.85 -26.52 28.92
C LEU A 146 -7.92 -25.35 28.67
N LEU A 147 -7.40 -25.21 27.45
CA LEU A 147 -6.67 -23.99 27.11
C LEU A 147 -7.57 -22.78 27.08
N SER A 148 -8.79 -22.93 26.54
CA SER A 148 -9.74 -21.82 26.54
C SER A 148 -10.27 -21.54 27.94
N TYR A 149 -10.33 -22.56 28.81
CA TYR A 149 -10.82 -22.37 30.17
C TYR A 149 -9.76 -21.71 31.05
N TYR A 150 -8.52 -22.21 31.01
CA TYR A 150 -7.44 -21.63 31.79
C TYR A 150 -6.90 -20.34 31.19
N LYS A 151 -7.26 -20.03 29.95
CA LYS A 151 -6.92 -18.78 29.25
C LYS A 151 -5.41 -18.56 29.16
N TRP A 152 -4.74 -19.47 28.46
CA TRP A 152 -3.31 -19.34 28.21
C TRP A 152 -3.06 -18.64 26.89
N GLU A 153 -2.06 -17.76 26.86
CA GLU A 153 -1.68 -17.07 25.64
C GLU A 153 -0.19 -17.16 25.35
N LYS A 154 0.61 -17.72 26.25
CA LYS A 154 2.05 -17.80 26.07
C LYS A 154 2.55 -18.97 26.91
N PHE A 155 2.90 -20.07 26.26
CA PHE A 155 3.27 -21.27 27.00
C PHE A 155 4.23 -22.12 26.18
N VAL A 156 4.69 -23.21 26.80
CA VAL A 156 5.69 -24.12 26.24
C VAL A 156 4.99 -25.42 25.89
N TYR A 157 5.40 -26.04 24.79
CA TYR A 157 4.78 -27.26 24.29
C TYR A 157 5.88 -28.27 23.97
N LEU A 158 6.09 -29.21 24.88
CA LEU A 158 7.00 -30.32 24.64
C LEU A 158 6.24 -31.44 23.94
N TYR A 159 6.82 -32.00 22.90
CA TYR A 159 6.13 -33.05 22.18
C TYR A 159 7.13 -34.05 21.61
N ASP A 160 6.66 -35.27 21.39
CA ASP A 160 7.34 -36.28 20.61
C ASP A 160 6.56 -36.53 19.32
N THR A 161 6.98 -37.55 18.57
CA THR A 161 6.32 -37.91 17.33
C THR A 161 5.54 -39.22 17.42
N GLU A 162 5.67 -39.95 18.52
CA GLU A 162 5.22 -41.34 18.57
C GLU A 162 3.73 -41.51 18.79
N ARG A 163 2.96 -40.43 18.90
CA ARG A 163 1.51 -40.53 19.04
C ARG A 163 0.81 -39.57 18.12
N GLY A 164 1.24 -39.51 16.86
CA GLY A 164 0.56 -38.76 15.83
C GLY A 164 0.99 -37.31 15.79
N PHE A 165 0.42 -36.59 14.82
CA PHE A 165 0.70 -35.18 14.62
C PHE A 165 -0.56 -34.33 14.60
N SER A 166 -1.72 -34.92 14.93
CA SER A 166 -2.95 -34.15 14.97
C SER A 166 -2.98 -33.17 16.13
N VAL A 167 -2.36 -33.53 17.25
CA VAL A 167 -2.33 -32.65 18.41
C VAL A 167 -1.46 -31.43 18.13
N LEU A 168 -0.33 -31.64 17.45
CA LEU A 168 0.56 -30.54 17.11
C LEU A 168 -0.10 -29.56 16.14
N GLN A 169 -0.78 -30.08 15.12
CA GLN A 169 -1.47 -29.23 14.17
C GLN A 169 -2.66 -28.52 14.82
N ALA A 170 -3.31 -29.17 15.79
CA ALA A 170 -4.41 -28.52 16.50
C ALA A 170 -3.91 -27.39 17.39
N ILE A 171 -2.77 -27.60 18.06
CA ILE A 171 -2.16 -26.54 18.87
C ILE A 171 -1.72 -25.37 18.00
N MET A 172 -1.14 -25.66 16.83
CA MET A 172 -0.74 -24.59 15.91
C MET A 172 -1.94 -23.82 15.37
N GLU A 173 -3.02 -24.53 15.04
CA GLU A 173 -4.22 -23.89 14.52
C GLU A 173 -4.90 -23.03 15.59
N ALA A 174 -4.91 -23.50 16.83
CA ALA A 174 -5.48 -22.71 17.92
C ALA A 174 -4.60 -21.50 18.24
N ALA A 175 -3.28 -21.64 18.12
CA ALA A 175 -2.40 -20.49 18.33
C ALA A 175 -2.56 -19.46 17.22
N VAL A 176 -2.91 -19.89 16.01
CA VAL A 176 -3.21 -18.95 14.94
C VAL A 176 -4.54 -18.25 15.20
N GLN A 177 -5.59 -19.04 15.48
CA GLN A 177 -6.94 -18.48 15.57
C GLN A 177 -7.14 -17.68 16.85
N ASN A 178 -6.35 -17.91 17.89
CA ASN A 178 -6.55 -17.24 19.16
C ASN A 178 -5.38 -16.37 19.57
N ASN A 179 -4.39 -16.20 18.68
CA ASN A 179 -3.24 -15.31 18.85
C ASN A 179 -2.44 -15.66 20.11
N TRP A 180 -1.87 -16.86 20.10
CA TRP A 180 -1.10 -17.38 21.21
C TRP A 180 0.39 -17.39 20.88
N GLN A 181 1.20 -17.65 21.89
CA GLN A 181 2.65 -17.74 21.73
C GLN A 181 3.10 -19.09 22.25
N VAL A 182 3.23 -20.05 21.36
CA VAL A 182 3.58 -21.43 21.70
C VAL A 182 5.05 -21.64 21.37
N THR A 183 5.84 -22.00 22.38
CA THR A 183 7.24 -22.35 22.20
C THR A 183 7.36 -23.86 22.28
N ALA A 184 7.53 -24.50 21.13
CA ALA A 184 7.48 -25.95 21.04
C ALA A 184 8.88 -26.55 20.95
N ARG A 185 9.02 -27.75 21.50
CA ARG A 185 10.24 -28.53 21.36
C ARG A 185 9.88 -29.96 20.97
N SER A 186 10.49 -30.44 19.88
CA SER A 186 10.42 -31.86 19.53
C SER A 186 11.47 -32.61 20.33
N VAL A 187 11.05 -33.28 21.39
CA VAL A 187 11.96 -33.95 22.30
C VAL A 187 11.95 -35.46 22.10
N GLY A 188 11.54 -35.92 20.92
CA GLY A 188 11.48 -37.35 20.67
C GLY A 188 12.83 -38.00 20.45
N ASN A 189 13.75 -37.31 19.79
CA ASN A 189 15.07 -37.84 19.51
C ASN A 189 16.11 -37.50 20.57
N ILE A 190 15.72 -36.75 21.60
CA ILE A 190 16.66 -36.32 22.63
C ILE A 190 16.82 -37.44 23.65
N LYS A 191 18.06 -37.87 23.87
CA LYS A 191 18.37 -38.91 24.84
C LYS A 191 19.18 -38.42 26.03
N ASP A 192 19.91 -37.32 25.89
CA ASP A 192 20.71 -36.77 26.97
C ASP A 192 19.86 -35.83 27.82
N VAL A 193 19.98 -35.97 29.15
CA VAL A 193 19.21 -35.15 30.07
C VAL A 193 19.75 -33.74 30.20
N GLN A 194 20.98 -33.49 29.74
CA GLN A 194 21.55 -32.14 29.71
C GLN A 194 20.75 -31.23 28.77
N GLU A 195 20.23 -31.80 27.68
CA GLU A 195 19.39 -31.02 26.79
C GLU A 195 18.08 -30.63 27.45
N PHE A 196 17.50 -31.54 28.23
CA PHE A 196 16.31 -31.21 29.02
C PHE A 196 16.61 -30.12 30.05
N ARG A 197 17.79 -30.20 30.68
CA ARG A 197 18.17 -29.19 31.67
C ARG A 197 18.36 -27.82 31.03
N ARG A 198 19.00 -27.75 29.86
CA ARG A 198 19.18 -26.45 29.24
C ARG A 198 17.89 -25.91 28.64
N ILE A 199 16.96 -26.78 28.21
CA ILE A 199 15.65 -26.30 27.77
C ILE A 199 14.87 -25.72 28.95
N ILE A 200 14.93 -26.37 30.12
CA ILE A 200 14.26 -25.83 31.31
C ILE A 200 14.92 -24.53 31.76
N GLU A 201 16.25 -24.43 31.66
CA GLU A 201 16.94 -23.19 32.00
C GLU A 201 16.62 -22.08 31.01
N GLU A 202 16.45 -22.40 29.73
CA GLU A 202 16.09 -21.39 28.74
C GLU A 202 14.66 -20.91 28.93
N MET A 203 13.75 -21.80 29.30
CA MET A 203 12.39 -21.37 29.60
C MET A 203 12.32 -20.61 30.92
N ASP A 204 13.26 -20.85 31.83
CA ASP A 204 13.38 -19.99 33.01
C ASP A 204 13.89 -18.61 32.63
N ARG A 205 14.84 -18.54 31.69
CA ARG A 205 15.34 -17.24 31.23
C ARG A 205 14.31 -16.48 30.42
N ARG A 206 13.38 -17.16 29.77
CA ARG A 206 12.27 -16.52 29.09
C ARG A 206 11.08 -16.28 29.99
N GLN A 207 11.22 -16.57 31.29
CA GLN A 207 10.20 -16.42 32.33
C GLN A 207 8.91 -17.17 32.00
N GLU A 208 9.03 -18.33 31.36
CA GLU A 208 7.86 -19.14 31.04
C GLU A 208 7.36 -19.87 32.28
N LYS A 209 6.04 -19.94 32.46
CA LYS A 209 5.47 -20.51 33.68
C LYS A 209 4.44 -21.59 33.37
N ARG A 210 4.08 -21.75 32.09
CA ARG A 210 2.98 -22.62 31.71
C ARG A 210 3.47 -23.63 30.68
N TYR A 211 3.17 -24.90 30.92
CA TYR A 211 3.73 -26.00 30.15
C TYR A 211 2.63 -26.93 29.67
N LEU A 212 2.91 -27.62 28.56
CA LEU A 212 2.05 -28.65 28.02
C LEU A 212 2.94 -29.72 27.42
N ILE A 213 2.89 -30.93 27.98
CA ILE A 213 3.76 -32.01 27.59
C ILE A 213 2.90 -33.11 26.98
N ASP A 214 3.14 -33.40 25.70
CA ASP A 214 2.46 -34.47 24.98
C ASP A 214 3.55 -35.45 24.54
N CYS A 215 3.89 -36.39 25.42
CA CYS A 215 4.98 -37.33 25.16
C CYS A 215 4.58 -38.71 25.66
N GLU A 216 5.56 -39.60 25.73
CA GLU A 216 5.35 -40.94 26.30
C GLU A 216 5.62 -40.91 27.80
N VAL A 217 5.12 -41.96 28.47
CA VAL A 217 5.05 -42.01 29.93
C VAL A 217 6.46 -42.01 30.54
N GLU A 218 7.39 -42.74 29.90
CA GLU A 218 8.78 -42.71 30.32
C GLU A 218 9.40 -41.33 30.12
N ARG A 219 8.97 -40.61 29.08
CA ARG A 219 9.52 -39.29 28.83
C ARG A 219 8.95 -38.24 29.79
N ILE A 220 7.65 -38.34 30.12
CA ILE A 220 7.08 -37.51 31.18
C ILE A 220 7.78 -37.77 32.51
N ASN A 221 8.04 -39.05 32.83
CA ASN A 221 8.74 -39.37 34.06
C ASN A 221 10.17 -38.84 34.06
N THR A 222 10.84 -38.88 32.91
CA THR A 222 12.20 -38.37 32.80
C THR A 222 12.25 -36.85 32.95
N ILE A 223 11.31 -36.15 32.30
CA ILE A 223 11.26 -34.69 32.41
C ILE A 223 10.92 -34.26 33.83
N LEU A 224 10.00 -34.97 34.50
CA LEU A 224 9.67 -34.61 35.87
C LEU A 224 10.79 -34.95 36.84
N GLU A 225 11.55 -36.03 36.58
CA GLU A 225 12.73 -36.29 37.39
C GLU A 225 13.80 -35.24 37.19
N GLN A 226 13.94 -34.70 35.97
CA GLN A 226 14.89 -33.62 35.76
C GLN A 226 14.41 -32.32 36.42
N VAL A 227 13.10 -32.10 36.49
CA VAL A 227 12.57 -30.97 37.22
C VAL A 227 12.85 -31.09 38.72
N VAL A 228 12.68 -32.30 39.27
CA VAL A 228 12.87 -32.50 40.71
C VAL A 228 14.36 -32.45 41.07
N ILE A 229 15.21 -33.12 40.28
CA ILE A 229 16.65 -33.14 40.57
C ILE A 229 17.27 -31.77 40.32
N LEU A 230 16.85 -31.09 39.25
CA LEU A 230 17.28 -29.71 39.04
C LEU A 230 16.70 -28.79 40.11
N GLY A 231 15.46 -29.02 40.51
CA GLY A 231 14.86 -28.31 41.62
C GLY A 231 14.49 -26.87 41.32
N LYS A 232 13.83 -26.22 42.28
CA LYS A 232 13.40 -24.81 42.20
C LYS A 232 12.49 -24.59 40.99
N HIS A 233 11.60 -25.56 40.74
CA HIS A 233 10.67 -25.47 39.63
C HIS A 233 9.30 -26.00 40.01
N SER A 234 8.91 -25.84 41.27
CA SER A 234 7.62 -26.34 41.75
C SER A 234 6.65 -25.20 42.04
N ARG A 235 7.02 -24.24 42.88
CA ARG A 235 6.13 -23.14 43.20
C ARG A 235 6.07 -22.14 42.06
N GLY A 236 4.86 -21.76 41.67
CA GLY A 236 4.67 -20.79 40.61
C GLY A 236 4.70 -21.35 39.21
N TYR A 237 4.39 -22.64 39.04
CA TYR A 237 4.42 -23.28 37.74
C TYR A 237 3.18 -24.13 37.57
N HIS A 238 2.82 -24.39 36.31
CA HIS A 238 1.65 -25.18 35.98
C HIS A 238 2.03 -26.13 34.84
N TYR A 239 1.85 -27.43 35.09
CA TYR A 239 2.17 -28.46 34.13
C TYR A 239 0.89 -29.18 33.74
N MET A 240 0.54 -29.14 32.46
CA MET A 240 -0.58 -29.91 31.93
C MET A 240 0.00 -31.10 31.18
N LEU A 241 -0.27 -32.30 31.69
CA LEU A 241 0.27 -33.54 31.12
C LEU A 241 -0.79 -34.14 30.21
N ALA A 242 -0.58 -33.99 28.90
CA ALA A 242 -1.56 -34.41 27.89
C ALA A 242 -1.31 -35.88 27.56
N ASN A 243 -1.75 -36.75 28.47
CA ASN A 243 -1.58 -38.19 28.29
C ASN A 243 -2.62 -38.90 29.14
N LEU A 244 -3.04 -40.07 28.67
CA LEU A 244 -4.04 -40.85 29.40
C LEU A 244 -3.44 -41.76 30.46
N GLY A 245 -2.11 -41.85 30.55
CA GLY A 245 -1.49 -42.66 31.56
C GLY A 245 -1.18 -41.89 32.82
N PHE A 246 -2.20 -41.22 33.38
CA PHE A 246 -2.00 -40.36 34.54
C PHE A 246 -1.70 -41.18 35.80
N THR A 247 -2.16 -42.43 35.85
CA THR A 247 -1.84 -43.28 36.99
C THR A 247 -0.39 -43.77 36.94
N ASP A 248 0.22 -43.80 35.76
CA ASP A 248 1.58 -44.29 35.60
C ASP A 248 2.61 -43.18 35.65
N ILE A 249 2.23 -41.96 36.00
CA ILE A 249 3.16 -40.85 36.08
C ILE A 249 3.70 -40.75 37.50
N LEU A 250 5.02 -40.87 37.64
CA LEU A 250 5.67 -40.74 38.94
C LEU A 250 5.73 -39.27 39.31
N LEU A 251 4.61 -38.76 39.84
CA LEU A 251 4.47 -37.35 40.18
C LEU A 251 4.51 -37.10 41.68
N GLU A 252 5.02 -38.06 42.46
CA GLU A 252 5.00 -37.95 43.91
C GLU A 252 5.99 -36.89 44.40
N ARG A 253 7.16 -36.82 43.77
CA ARG A 253 8.15 -35.82 44.18
C ARG A 253 7.77 -34.41 43.80
N VAL A 254 6.90 -34.24 42.80
CA VAL A 254 6.46 -32.91 42.40
C VAL A 254 5.42 -32.39 43.39
N MET A 255 4.64 -33.28 43.99
CA MET A 255 3.57 -32.88 44.91
C MET A 255 4.12 -32.34 46.24
N HIS A 256 5.37 -32.60 46.55
CA HIS A 256 5.98 -32.11 47.77
C HIS A 256 6.67 -30.75 47.58
N GLY A 257 6.29 -30.01 46.54
CA GLY A 257 6.83 -28.69 46.29
C GLY A 257 5.77 -27.61 46.28
N GLY A 258 4.53 -27.99 45.99
CA GLY A 258 3.44 -27.04 45.92
C GLY A 258 3.17 -26.54 44.52
N ALA A 259 3.01 -27.47 43.58
CA ALA A 259 2.89 -27.13 42.17
C ALA A 259 1.46 -27.32 41.67
N ASN A 260 1.25 -27.03 40.39
CA ASN A 260 0.03 -27.37 39.67
C ASN A 260 0.36 -28.52 38.70
N ILE A 261 -0.30 -29.65 38.90
CA ILE A 261 -0.26 -30.77 37.95
C ILE A 261 -1.68 -31.03 37.48
N THR A 262 -1.90 -30.98 36.16
CA THR A 262 -3.20 -31.24 35.57
C THR A 262 -3.07 -32.42 34.60
N GLY A 263 -3.90 -33.44 34.81
CA GLY A 263 -3.82 -34.64 33.98
C GLY A 263 -5.13 -35.04 33.33
N PHE A 264 -5.17 -36.26 32.79
CA PHE A 264 -6.33 -36.77 32.07
C PHE A 264 -6.52 -38.24 32.37
N GLN A 265 -7.75 -38.63 32.66
CA GLN A 265 -8.09 -40.05 32.82
C GLN A 265 -9.40 -40.34 32.11
N ILE A 266 -9.56 -41.58 31.68
CA ILE A 266 -10.80 -42.09 31.10
C ILE A 266 -11.34 -43.28 31.85
N VAL A 267 -10.65 -43.74 32.90
CA VAL A 267 -11.07 -44.90 33.68
C VAL A 267 -11.51 -44.41 35.05
N ASN A 268 -12.80 -44.47 35.32
CA ASN A 268 -13.35 -44.04 36.59
C ASN A 268 -13.38 -45.22 37.55
N ASN A 269 -12.86 -45.00 38.76
CA ASN A 269 -12.92 -46.02 39.80
C ASN A 269 -14.31 -46.16 40.42
N GLU A 270 -15.16 -45.14 40.26
CA GLU A 270 -16.54 -45.21 40.74
C GLU A 270 -17.44 -45.96 39.78
N ASN A 271 -16.97 -46.27 38.58
CA ASN A 271 -17.69 -47.15 37.66
C ASN A 271 -17.69 -48.56 38.25
N PRO A 272 -18.85 -49.16 38.51
CA PRO A 272 -18.87 -50.47 39.17
C PRO A 272 -18.31 -51.60 38.33
N MET A 273 -18.38 -51.49 36.99
CA MET A 273 -17.76 -52.50 36.14
C MET A 273 -16.25 -52.49 36.27
N VAL A 274 -15.66 -51.31 36.47
CA VAL A 274 -14.21 -51.20 36.65
C VAL A 274 -13.78 -51.84 37.97
N GLN A 275 -14.52 -51.61 39.05
CA GLN A 275 -14.13 -52.20 40.32
C GLN A 275 -14.45 -53.70 40.37
N GLN A 276 -15.45 -54.15 39.60
CA GLN A 276 -15.63 -55.59 39.44
C GLN A 276 -14.48 -56.23 38.66
N PHE A 277 -13.97 -55.53 37.65
CA PHE A 277 -12.79 -56.01 36.93
C PHE A 277 -11.56 -56.00 37.81
N ILE A 278 -11.48 -55.05 38.75
CA ILE A 278 -10.38 -55.03 39.72
C ILE A 278 -10.47 -56.22 40.67
N GLN A 279 -11.68 -56.47 41.20
CA GLN A 279 -11.85 -57.57 42.15
C GLN A 279 -11.70 -58.93 41.49
N ARG A 280 -11.98 -59.03 40.19
CA ARG A 280 -11.70 -60.26 39.47
C ARG A 280 -10.30 -60.30 38.88
N TRP A 281 -9.58 -59.17 38.90
CA TRP A 281 -8.26 -59.07 38.29
C TRP A 281 -7.12 -59.37 39.27
N VAL A 282 -7.26 -58.94 40.53
CA VAL A 282 -6.20 -59.11 41.51
C VAL A 282 -6.08 -60.52 42.02
N ARG A 283 -7.05 -61.39 41.74
CA ARG A 283 -7.03 -62.77 42.19
C ARG A 283 -6.33 -63.71 41.21
N LEU A 284 -5.71 -63.16 40.16
CA LEU A 284 -5.07 -64.00 39.16
C LEU A 284 -3.66 -64.40 39.60
N ASP A 285 -3.13 -65.41 38.93
CA ASP A 285 -1.80 -65.90 39.21
C ASP A 285 -0.76 -65.25 38.28
N GLU A 286 0.48 -65.21 38.76
CA GLU A 286 1.57 -64.63 37.98
C GLU A 286 2.00 -65.53 36.83
N ARG A 287 1.80 -66.85 37.00
CA ARG A 287 2.27 -67.81 35.99
C ARG A 287 1.43 -67.73 34.72
N GLU A 288 0.10 -67.71 34.86
CA GLU A 288 -0.78 -67.68 33.70
C GLU A 288 -1.15 -66.28 33.26
N PHE A 289 -1.02 -65.28 34.14
CA PHE A 289 -1.37 -63.89 33.82
C PHE A 289 -0.35 -62.97 34.45
N PRO A 290 0.80 -62.76 33.80
CA PRO A 290 1.82 -61.89 34.37
C PRO A 290 1.42 -60.42 34.28
N GLU A 291 2.08 -59.62 35.13
CA GLU A 291 1.86 -58.17 35.26
C GLU A 291 0.40 -57.86 35.59
N ALA A 292 -0.15 -58.57 36.57
CA ALA A 292 -1.53 -58.37 36.99
C ALA A 292 -1.68 -57.88 38.43
N LYS A 293 -0.72 -58.21 39.30
CA LYS A 293 -0.78 -57.80 40.70
C LYS A 293 0.31 -56.82 41.08
N ASN A 294 1.46 -56.87 40.42
CA ASN A 294 2.60 -56.02 40.74
C ASN A 294 2.62 -54.72 39.95
N ALA A 295 1.50 -54.33 39.34
CA ALA A 295 1.43 -53.12 38.54
C ALA A 295 0.00 -52.61 38.55
N PRO A 296 -0.20 -51.30 38.49
CA PRO A 296 -1.57 -50.77 38.37
C PRO A 296 -2.18 -51.08 37.02
N LEU A 297 -3.50 -51.03 36.98
CA LEU A 297 -4.25 -51.30 35.76
C LEU A 297 -4.13 -50.10 34.82
N LYS A 298 -3.45 -50.28 33.70
CA LYS A 298 -3.27 -49.20 32.76
C LYS A 298 -4.56 -48.94 31.99
N TYR A 299 -4.59 -47.80 31.28
CA TYR A 299 -5.76 -47.47 30.48
C TYR A 299 -5.84 -48.33 29.23
N THR A 300 -4.69 -48.82 28.75
CA THR A 300 -4.67 -49.67 27.56
C THR A 300 -5.33 -51.02 27.82
N SER A 301 -5.20 -51.55 29.04
CA SER A 301 -5.89 -52.79 29.38
C SER A 301 -7.40 -52.59 29.46
N ALA A 302 -7.82 -51.42 29.95
CA ALA A 302 -9.25 -51.10 29.97
C ALA A 302 -9.79 -50.94 28.56
N LEU A 303 -9.01 -50.32 27.68
CA LEU A 303 -9.40 -50.23 26.27
C LEU A 303 -9.42 -51.59 25.60
N THR A 304 -8.53 -52.49 26.01
CA THR A 304 -8.54 -53.87 25.50
C THR A 304 -9.81 -54.61 25.91
N HIS A 305 -10.19 -54.48 27.19
CA HIS A 305 -11.42 -55.11 27.67
C HIS A 305 -12.65 -54.52 27.01
N ASP A 306 -12.65 -53.20 26.80
CA ASP A 306 -13.77 -52.57 26.10
C ASP A 306 -13.81 -52.98 24.64
N ALA A 307 -12.66 -53.22 24.02
CA ALA A 307 -12.63 -53.70 22.64
C ALA A 307 -13.17 -55.11 22.54
N ILE A 308 -12.87 -55.95 23.53
CA ILE A 308 -13.46 -57.29 23.59
C ILE A 308 -14.97 -57.20 23.74
N LEU A 309 -15.45 -56.26 24.55
CA LEU A 309 -16.89 -56.06 24.70
C LEU A 309 -17.53 -55.57 23.40
N VAL A 310 -16.84 -54.70 22.66
CA VAL A 310 -17.37 -54.21 21.38
C VAL A 310 -17.43 -55.33 20.34
N ILE A 311 -16.40 -56.17 20.29
CA ILE A 311 -16.40 -57.31 19.36
C ILE A 311 -17.50 -58.30 19.72
N ALA A 312 -17.71 -58.55 21.02
CA ALA A 312 -18.77 -59.46 21.45
C ALA A 312 -20.16 -58.91 21.11
N GLU A 313 -20.39 -57.62 21.36
CA GLU A 313 -21.66 -56.99 21.01
C GLU A 313 -21.88 -56.96 19.51
N ALA A 314 -20.81 -56.79 18.73
CA ALA A 314 -20.96 -56.75 17.28
C ALA A 314 -21.28 -58.12 16.70
N PHE A 315 -20.65 -59.18 17.21
CA PHE A 315 -21.01 -60.50 16.72
C PHE A 315 -22.36 -60.97 17.23
N ARG A 316 -22.78 -60.53 18.41
CA ARG A 316 -24.16 -60.80 18.83
C ARG A 316 -25.16 -60.05 17.97
N TYR A 317 -24.84 -58.83 17.55
CA TYR A 317 -25.71 -58.10 16.65
C TYR A 317 -25.74 -58.72 15.25
N LEU A 318 -24.61 -59.28 14.80
CA LEU A 318 -24.59 -59.97 13.52
C LEU A 318 -25.36 -61.28 13.58
N ARG A 319 -25.37 -61.94 14.74
CA ARG A 319 -26.20 -63.12 14.89
C ARG A 319 -27.68 -62.78 14.96
N ARG A 320 -28.03 -61.67 15.63
CA ARG A 320 -29.44 -61.27 15.71
C ARG A 320 -29.98 -60.80 14.37
N GLN A 321 -29.12 -60.33 13.48
CA GLN A 321 -29.53 -59.91 12.15
C GLN A 321 -29.31 -60.99 11.10
N ARG A 322 -28.73 -62.14 11.51
CA ARG A 322 -28.54 -63.33 10.66
C ARG A 322 -27.71 -63.02 9.41
N VAL A 323 -26.71 -62.17 9.56
CA VAL A 323 -25.85 -61.78 8.45
C VAL A 323 -24.64 -62.70 8.43
N ASP A 324 -24.33 -63.24 7.24
CA ASP A 324 -23.22 -64.17 7.10
C ASP A 324 -21.88 -63.44 7.24
N VAL A 325 -20.94 -64.10 7.92
CA VAL A 325 -19.62 -63.54 8.13
C VAL A 325 -18.53 -64.30 7.37
N SER A 326 -18.82 -65.51 6.89
CA SER A 326 -17.83 -66.30 6.18
C SER A 326 -17.59 -65.77 4.77
N ALA A 331 -9.28 -67.57 3.49
CA ALA A 331 -8.90 -68.50 2.43
C ALA A 331 -8.31 -67.76 1.24
N GLY A 332 -7.06 -68.07 0.93
CA GLY A 332 -6.33 -67.44 -0.15
C GLY A 332 -5.03 -66.82 0.33
N ASP A 333 -4.44 -66.02 -0.54
CA ASP A 333 -3.17 -65.36 -0.27
C ASP A 333 -3.39 -63.87 -0.02
N CYS A 334 -2.50 -63.29 0.77
CA CYS A 334 -2.58 -61.86 1.06
C CYS A 334 -1.99 -60.99 -0.04
N LEU A 335 -1.28 -61.58 -1.00
CA LEU A 335 -0.66 -60.83 -2.08
C LEU A 335 -1.19 -61.29 -3.43
N ALA A 336 -2.50 -61.53 -3.51
CA ALA A 336 -3.11 -61.89 -4.79
C ALA A 336 -3.27 -60.65 -5.66
N ASN A 337 -3.11 -60.85 -6.96
CA ASN A 337 -3.23 -59.76 -7.94
C ASN A 337 -4.30 -60.14 -8.95
N PRO A 338 -5.53 -59.61 -8.84
CA PRO A 338 -6.01 -58.66 -7.82
C PRO A 338 -6.40 -59.34 -6.51
N ALA A 339 -6.75 -58.54 -5.50
CA ALA A 339 -7.03 -59.08 -4.18
C ALA A 339 -8.35 -59.83 -4.16
N VAL A 340 -9.40 -59.24 -4.75
CA VAL A 340 -10.79 -59.71 -4.77
C VAL A 340 -11.25 -59.98 -3.33
N PRO A 341 -11.56 -58.94 -2.56
CA PRO A 341 -11.97 -59.15 -1.17
C PRO A 341 -13.41 -59.63 -1.08
N TRP A 342 -13.72 -60.23 0.07
CA TRP A 342 -15.07 -60.69 0.34
C TRP A 342 -15.89 -59.57 0.97
N SER A 343 -17.07 -59.32 0.41
CA SER A 343 -17.82 -58.09 0.65
C SER A 343 -18.61 -58.08 1.94
N GLN A 344 -18.57 -59.14 2.74
CA GLN A 344 -19.27 -59.12 4.02
C GLN A 344 -18.48 -58.35 5.07
N GLY A 345 -17.21 -58.05 4.79
CA GLY A 345 -16.42 -57.20 5.65
C GLY A 345 -16.93 -55.78 5.76
N ILE A 346 -17.62 -55.29 4.72
CA ILE A 346 -18.27 -53.98 4.81
C ILE A 346 -19.40 -54.02 5.83
N ASP A 347 -20.15 -55.13 5.85
CA ASP A 347 -21.22 -55.29 6.83
C ASP A 347 -20.66 -55.47 8.23
N ILE A 348 -19.50 -56.12 8.35
CA ILE A 348 -18.86 -56.27 9.66
C ILE A 348 -18.32 -54.92 10.16
N GLU A 349 -17.80 -54.10 9.25
CA GLU A 349 -17.37 -52.75 9.60
C GLU A 349 -18.55 -51.88 10.01
N ARG A 350 -19.71 -52.09 9.36
CA ARG A 350 -20.93 -51.40 9.77
C ARG A 350 -21.36 -51.84 11.17
N ALA A 351 -21.27 -53.13 11.44
CA ALA A 351 -21.62 -53.65 12.76
C ALA A 351 -20.65 -53.19 13.85
N LEU A 352 -19.40 -52.91 13.49
CA LEU A 352 -18.43 -52.38 14.44
C LEU A 352 -18.45 -50.86 14.54
N LYS A 353 -19.28 -50.18 13.77
CA LYS A 353 -19.39 -48.73 13.85
C LYS A 353 -20.79 -48.27 14.27
N MET A 354 -21.62 -49.17 14.79
CA MET A 354 -22.91 -48.79 15.34
C MET A 354 -23.08 -49.31 16.77
N VAL A 355 -21.99 -49.74 17.40
CA VAL A 355 -22.02 -50.26 18.76
C VAL A 355 -22.16 -49.09 19.72
N GLN A 356 -23.23 -49.07 20.50
CA GLN A 356 -23.47 -48.08 21.54
C GLN A 356 -23.59 -48.82 22.86
N VAL A 357 -22.48 -48.95 23.59
CA VAL A 357 -22.47 -49.72 24.83
C VAL A 357 -21.87 -48.88 25.95
N GLN A 358 -21.77 -49.50 27.13
CA GLN A 358 -21.20 -48.88 28.32
C GLN A 358 -20.12 -49.81 28.86
N GLY A 359 -18.85 -49.43 28.67
CA GLY A 359 -17.73 -50.18 29.13
C GLY A 359 -16.93 -49.45 30.18
N MET A 360 -15.68 -49.91 30.37
CA MET A 360 -14.82 -49.38 31.41
C MET A 360 -14.40 -47.93 31.17
N THR A 361 -14.46 -47.47 29.92
CA THR A 361 -14.20 -46.07 29.60
C THR A 361 -15.50 -45.27 29.46
N GLY A 362 -16.60 -45.78 29.99
CA GLY A 362 -17.86 -45.08 29.91
C GLY A 362 -18.65 -45.41 28.67
N ASN A 363 -19.23 -44.40 28.02
CA ASN A 363 -20.01 -44.63 26.82
C ASN A 363 -19.09 -44.95 25.64
N ILE A 364 -19.53 -45.86 24.78
CA ILE A 364 -18.78 -46.27 23.61
C ILE A 364 -19.72 -46.18 22.40
N GLN A 365 -19.42 -45.25 21.50
CA GLN A 365 -20.03 -45.12 20.19
C GLN A 365 -18.93 -44.94 19.17
N PHE A 366 -19.28 -44.88 17.89
CA PHE A 366 -18.30 -44.67 16.83
C PHE A 366 -18.91 -43.81 15.73
N ASP A 367 -18.03 -43.16 14.98
CA ASP A 367 -18.43 -42.37 13.82
C ASP A 367 -18.39 -43.26 12.56
N THR A 368 -18.43 -42.63 11.39
CA THR A 368 -18.28 -43.37 10.14
C THR A 368 -16.83 -43.60 9.75
N TYR A 369 -15.87 -43.20 10.59
CA TYR A 369 -14.45 -43.43 10.32
C TYR A 369 -13.77 -44.23 11.42
N GLY A 370 -14.50 -44.69 12.43
CA GLY A 370 -13.90 -45.47 13.49
C GLY A 370 -13.33 -44.70 14.64
N ARG A 371 -13.60 -43.40 14.73
CA ARG A 371 -13.15 -42.60 15.86
C ARG A 371 -14.19 -42.63 16.97
N ARG A 372 -13.73 -42.36 18.19
CA ARG A 372 -14.63 -42.37 19.34
C ARG A 372 -15.48 -41.11 19.36
N THR A 373 -16.78 -41.28 19.60
CA THR A 373 -17.70 -40.17 19.74
C THR A 373 -18.63 -40.43 20.91
N ASN A 374 -19.15 -39.33 21.48
CA ASN A 374 -19.99 -39.33 22.68
C ASN A 374 -19.30 -40.05 23.84
N TYR A 375 -18.15 -39.52 24.23
CA TYR A 375 -17.35 -40.07 25.31
C TYR A 375 -17.11 -38.99 26.35
N THR A 376 -16.30 -39.33 27.36
CA THR A 376 -16.09 -38.45 28.50
C THR A 376 -14.66 -38.61 28.99
N ILE A 377 -13.96 -37.49 29.16
CA ILE A 377 -12.60 -37.47 29.67
C ILE A 377 -12.62 -36.82 31.06
N ASP A 378 -12.11 -37.54 32.05
CA ASP A 378 -12.05 -37.02 33.41
C ASP A 378 -10.73 -36.27 33.62
N VAL A 379 -10.82 -35.08 34.20
CA VAL A 379 -9.67 -34.22 34.43
C VAL A 379 -9.46 -34.11 35.94
N TYR A 380 -8.24 -34.40 36.38
CA TYR A 380 -7.89 -34.41 37.79
C TYR A 380 -6.83 -33.36 38.07
N GLU A 381 -7.11 -32.48 39.02
CA GLU A 381 -6.18 -31.43 39.43
C GLU A 381 -5.42 -31.85 40.68
N MET A 382 -4.09 -31.71 40.62
CA MET A 382 -3.21 -32.03 41.73
C MET A 382 -2.69 -30.71 42.29
N LYS A 383 -3.32 -30.19 43.32
CA LYS A 383 -2.91 -28.95 43.94
C LYS A 383 -2.27 -29.24 45.29
N VAL A 384 -1.89 -28.17 46.01
CA VAL A 384 -1.26 -28.31 47.31
C VAL A 384 -2.26 -28.81 48.36
N SER A 385 -3.56 -28.63 48.11
CA SER A 385 -4.58 -29.26 48.93
C SER A 385 -4.69 -30.76 48.68
N GLY A 386 -4.19 -31.25 47.55
CA GLY A 386 -4.15 -32.66 47.25
C GLY A 386 -4.76 -32.95 45.91
N SER A 387 -5.31 -34.15 45.78
CA SER A 387 -5.95 -34.61 44.56
C SER A 387 -7.41 -34.19 44.55
N ARG A 388 -7.90 -33.78 43.38
CA ARG A 388 -9.32 -33.53 43.22
C ARG A 388 -9.71 -33.79 41.76
N LYS A 389 -11.01 -33.98 41.56
CA LYS A 389 -11.56 -34.13 40.21
C LYS A 389 -12.16 -32.80 39.80
N ALA A 390 -11.56 -32.15 38.80
CA ALA A 390 -12.00 -30.82 38.40
C ALA A 390 -13.29 -30.83 37.61
N GLY A 391 -13.49 -31.79 36.73
CA GLY A 391 -14.68 -31.82 35.89
C GLY A 391 -14.53 -32.88 34.82
N TYR A 392 -15.50 -32.87 33.91
CA TYR A 392 -15.56 -33.84 32.83
C TYR A 392 -15.74 -33.12 31.51
N TRP A 393 -14.99 -33.55 30.50
CA TRP A 393 -15.08 -32.96 29.17
C TRP A 393 -16.09 -33.71 28.33
N ASN A 394 -16.93 -32.96 27.62
CA ASN A 394 -17.86 -33.53 26.65
C ASN A 394 -17.63 -32.85 25.32
N GLU A 395 -17.59 -33.65 24.25
CA GLU A 395 -17.34 -33.11 22.92
C GLU A 395 -18.52 -32.34 22.37
N TYR A 396 -19.72 -32.53 22.93
CA TYR A 396 -20.89 -31.82 22.42
C TYR A 396 -20.99 -30.42 23.01
N GLU A 397 -21.15 -30.32 24.33
CA GLU A 397 -21.41 -29.03 24.96
C GLU A 397 -20.12 -28.26 25.27
N ARG A 398 -19.34 -28.76 26.22
CA ARG A 398 -18.21 -28.07 26.84
C ARG A 398 -17.61 -29.01 27.88
N PHE A 399 -16.35 -28.77 28.22
CA PHE A 399 -15.83 -29.23 29.50
C PHE A 399 -16.63 -28.60 30.63
N VAL A 400 -17.34 -29.43 31.39
CA VAL A 400 -18.15 -28.98 32.52
C VAL A 400 -17.35 -29.25 33.80
N PRO A 401 -16.94 -28.22 34.53
CA PRO A 401 -16.26 -28.43 35.81
C PRO A 401 -17.27 -28.43 36.97
N PHE A 402 -16.76 -28.78 38.14
CA PHE A 402 -17.54 -28.73 39.37
C PHE A 402 -16.63 -28.55 40.59
N ILE A 419 2.57 -14.57 53.54
CA ILE A 419 2.56 -13.72 52.36
C ILE A 419 3.84 -12.89 52.30
N VAL A 420 4.56 -13.02 51.19
CA VAL A 420 5.83 -12.33 51.03
C VAL A 420 5.59 -10.85 50.80
N VAL A 421 6.06 -10.03 51.73
CA VAL A 421 6.00 -8.57 51.62
C VAL A 421 7.44 -8.08 51.56
N THR A 422 7.81 -7.48 50.43
CA THR A 422 9.17 -7.03 50.22
C THR A 422 9.27 -5.52 50.37
N THR A 423 10.44 -5.07 50.81
CA THR A 423 10.72 -3.66 51.05
C THR A 423 12.23 -3.47 51.08
N ILE A 424 12.64 -2.23 51.31
CA ILE A 424 14.05 -1.85 51.40
C ILE A 424 14.22 -0.93 52.60
N LEU A 425 15.43 -0.92 53.17
CA LEU A 425 15.73 -0.12 54.35
C LEU A 425 15.74 1.36 53.99
N GLU A 426 14.64 2.05 54.28
CA GLU A 426 14.54 3.49 54.07
C GLU A 426 13.89 4.13 55.28
N SER A 427 14.40 5.28 55.68
CA SER A 427 13.89 6.02 56.82
C SER A 427 12.90 7.09 56.36
N PRO A 428 11.80 7.32 57.10
CA PRO A 428 11.39 6.59 58.31
C PRO A 428 10.49 5.41 58.00
N TYR A 429 10.57 4.89 56.78
CA TYR A 429 9.61 3.88 56.33
C TYR A 429 9.92 2.52 56.94
N VAL A 430 11.13 2.00 56.71
CA VAL A 430 11.56 0.73 57.28
C VAL A 430 12.88 0.96 57.99
N MET A 431 12.86 0.83 59.32
CA MET A 431 14.05 1.00 60.14
C MET A 431 14.18 -0.18 61.08
N TYR A 432 15.42 -0.62 61.30
CA TYR A 432 15.68 -1.73 62.20
C TYR A 432 15.54 -1.28 63.65
N LYS A 433 15.23 -2.24 64.51
CA LYS A 433 15.13 -1.96 65.94
C LYS A 433 16.52 -1.84 66.54
N LYS A 434 16.56 -1.33 67.78
CA LYS A 434 17.82 -1.23 68.50
C LYS A 434 18.34 -2.62 68.87
N ASN A 435 17.48 -3.44 69.49
CA ASN A 435 17.82 -4.82 69.79
C ASN A 435 17.30 -5.75 68.69
N HIS A 436 17.75 -5.46 67.46
CA HIS A 436 17.31 -6.21 66.30
C HIS A 436 17.84 -7.63 66.28
N GLU A 437 19.01 -7.87 66.87
CA GLU A 437 19.55 -9.22 66.98
C GLU A 437 18.87 -10.04 68.07
N GLN A 438 18.09 -9.41 68.95
CA GLN A 438 17.48 -10.09 70.07
C GLN A 438 16.05 -10.56 69.77
N LEU A 439 15.60 -10.46 68.52
CA LEU A 439 14.25 -10.89 68.17
C LEU A 439 14.31 -11.66 66.86
N GLU A 440 13.15 -12.13 66.41
CA GLU A 440 13.05 -12.90 65.19
C GLU A 440 11.69 -12.62 64.54
N GLY A 441 11.60 -12.95 63.25
CA GLY A 441 10.34 -12.78 62.54
C GLY A 441 10.17 -11.37 62.00
N ASN A 442 8.90 -10.95 61.91
CA ASN A 442 8.56 -9.65 61.35
C ASN A 442 8.78 -8.50 62.31
N GLU A 443 9.05 -8.79 63.59
CA GLU A 443 9.21 -7.74 64.59
C GLU A 443 10.64 -7.20 64.66
N ARG A 444 11.51 -7.58 63.71
CA ARG A 444 12.87 -7.05 63.72
C ARG A 444 12.93 -5.60 63.32
N TYR A 445 11.95 -5.12 62.55
CA TYR A 445 12.00 -3.80 61.95
C TYR A 445 10.82 -2.97 62.40
N GLU A 446 10.86 -1.68 62.05
CA GLU A 446 9.83 -0.73 62.47
C GLU A 446 9.83 0.45 61.50
N GLY A 447 8.78 1.24 61.58
CA GLY A 447 8.68 2.46 60.80
C GLY A 447 7.28 2.66 60.26
N TYR A 448 7.20 3.45 59.19
CA TYR A 448 5.91 3.80 58.60
C TYR A 448 5.29 2.63 57.86
N CYS A 449 6.05 2.01 56.97
CA CYS A 449 5.51 0.93 56.14
C CYS A 449 5.23 -0.33 56.93
N VAL A 450 5.92 -0.54 58.06
CA VAL A 450 5.61 -1.66 58.93
C VAL A 450 4.22 -1.48 59.54
N ASP A 451 3.94 -0.27 60.02
CA ASP A 451 2.61 0.05 60.55
C ASP A 451 1.55 0.01 59.45
N LEU A 452 1.92 0.41 58.23
CA LEU A 452 1.00 0.35 57.10
C LEU A 452 0.64 -1.09 56.76
N ALA A 453 1.63 -1.98 56.75
CA ALA A 453 1.38 -3.40 56.49
C ALA A 453 0.58 -4.04 57.61
N TYR A 454 0.81 -3.62 58.86
CA TYR A 454 0.01 -4.13 59.97
C TYR A 454 -1.44 -3.66 59.88
N GLU A 455 -1.66 -2.42 59.42
CA GLU A 455 -3.03 -1.96 59.24
C GLU A 455 -3.72 -2.62 58.04
N ILE A 456 -2.96 -2.93 56.99
CA ILE A 456 -3.53 -3.69 55.87
C ILE A 456 -3.91 -5.09 56.31
N ALA A 457 -3.05 -5.73 57.11
CA ALA A 457 -3.37 -7.05 57.65
C ALA A 457 -4.52 -6.98 58.66
N LYS A 458 -4.70 -5.84 59.31
CA LYS A 458 -5.85 -5.69 60.20
C LYS A 458 -7.15 -5.52 59.40
N HIS A 459 -7.11 -4.74 58.32
CA HIS A 459 -8.29 -4.52 57.52
C HIS A 459 -8.58 -5.63 56.52
N VAL A 460 -7.71 -6.62 56.37
CA VAL A 460 -7.97 -7.78 55.54
C VAL A 460 -8.04 -9.06 56.35
N ARG A 461 -6.98 -9.38 57.09
CA ARG A 461 -6.99 -10.56 57.93
C ARG A 461 -6.18 -11.72 57.38
N ILE A 462 -5.06 -11.40 56.72
CA ILE A 462 -4.17 -12.41 56.14
C ILE A 462 -2.77 -12.18 56.71
N LYS A 463 -2.17 -13.25 57.24
CA LYS A 463 -0.81 -13.17 57.76
C LYS A 463 0.18 -12.95 56.62
N TYR A 464 1.26 -12.24 56.93
CA TYR A 464 2.23 -11.80 55.94
C TYR A 464 3.63 -12.23 56.38
N LYS A 465 4.63 -11.74 55.64
CA LYS A 465 6.03 -12.01 55.96
C LYS A 465 6.86 -10.88 55.37
N LEU A 466 7.64 -10.20 56.22
CA LEU A 466 8.46 -9.08 55.77
C LEU A 466 9.78 -9.60 55.21
N SER A 467 10.02 -9.35 53.93
CA SER A 467 11.27 -9.72 53.28
C SER A 467 11.99 -8.47 52.81
N ILE A 468 13.29 -8.63 52.54
CA ILE A 468 14.16 -7.53 52.15
C ILE A 468 14.67 -7.82 50.74
N VAL A 469 14.59 -6.82 49.87
CA VAL A 469 15.08 -6.98 48.50
C VAL A 469 16.61 -7.00 48.50
N GLY A 470 17.25 -7.97 47.84
CA GLY A 470 18.72 -8.13 47.99
C GLY A 470 19.57 -7.10 47.27
N ASP A 471 19.23 -6.76 46.02
CA ASP A 471 20.15 -5.99 45.18
C ASP A 471 20.24 -4.53 45.56
N GLY A 472 19.28 -4.00 46.32
CA GLY A 472 19.28 -2.60 46.66
C GLY A 472 18.71 -1.68 45.62
N LYS A 473 18.32 -2.21 44.46
CA LYS A 473 17.72 -1.41 43.40
C LYS A 473 16.21 -1.40 43.58
N TYR A 474 15.60 -0.26 43.20
CA TYR A 474 14.15 -0.11 43.37
C TYR A 474 13.41 -0.80 42.23
N GLY A 475 13.61 -0.34 41.00
CA GLY A 475 13.08 -1.00 39.83
C GLY A 475 13.49 -0.32 38.55
N ALA A 476 14.02 -1.09 37.60
CA ALA A 476 14.50 -0.56 36.33
C ALA A 476 14.61 -1.71 35.35
N ARG A 477 14.43 -1.38 34.08
CA ARG A 477 14.53 -2.32 32.97
C ARG A 477 15.60 -1.84 32.01
N ASP A 478 16.65 -2.64 31.83
CA ASP A 478 17.72 -2.28 30.93
C ASP A 478 17.26 -2.46 29.48
N PRO A 479 17.83 -1.65 28.57
CA PRO A 479 17.46 -1.76 27.17
C PRO A 479 18.05 -3.01 26.53
N GLU A 480 19.13 -3.55 27.09
CA GLU A 480 19.75 -4.74 26.54
C GLU A 480 19.10 -6.01 27.06
N THR A 481 19.08 -6.18 28.39
CA THR A 481 18.58 -7.40 28.99
C THR A 481 17.05 -7.50 28.97
N LYS A 482 16.36 -6.34 28.98
CA LYS A 482 14.90 -6.26 29.14
C LYS A 482 14.43 -6.99 30.41
N ILE A 483 15.17 -6.79 31.49
CA ILE A 483 14.93 -7.47 32.76
C ILE A 483 14.73 -6.41 33.83
N TRP A 484 13.58 -6.47 34.50
CA TRP A 484 13.32 -5.58 35.63
C TRP A 484 14.09 -6.05 36.86
N ASN A 485 14.67 -5.11 37.59
CA ASN A 485 15.45 -5.43 38.78
C ASN A 485 14.70 -5.02 40.04
N GLY A 486 15.18 -5.54 41.18
CA GLY A 486 14.63 -5.16 42.46
C GLY A 486 13.26 -5.78 42.72
N MET A 487 12.43 -5.00 43.42
CA MET A 487 11.10 -5.47 43.81
C MET A 487 10.18 -5.62 42.61
N VAL A 488 10.42 -4.83 41.56
CA VAL A 488 9.65 -4.99 40.32
C VAL A 488 9.97 -6.34 39.68
N GLY A 489 11.25 -6.71 39.65
CA GLY A 489 11.61 -8.03 39.16
C GLY A 489 11.17 -9.15 40.07
N GLU A 490 11.02 -8.87 41.37
CA GLU A 490 10.47 -9.87 42.28
C GLU A 490 8.98 -10.09 42.03
N LEU A 491 8.25 -9.02 41.73
CA LEU A 491 6.82 -9.17 41.44
C LEU A 491 6.57 -9.78 40.07
N VAL A 492 7.40 -9.45 39.08
CA VAL A 492 7.19 -9.98 37.73
C VAL A 492 7.59 -11.45 37.68
N TYR A 493 8.79 -11.78 38.15
CA TYR A 493 9.30 -13.14 38.08
C TYR A 493 8.88 -13.99 39.27
N GLY A 494 7.90 -13.53 40.05
CA GLY A 494 7.33 -14.35 41.09
C GLY A 494 8.19 -14.57 42.32
N ARG A 495 9.28 -13.81 42.48
CA ARG A 495 10.11 -13.95 43.68
C ARG A 495 9.44 -13.37 44.92
N ALA A 496 8.42 -12.54 44.75
CA ALA A 496 7.62 -12.01 45.85
C ALA A 496 6.15 -12.10 45.46
N ASP A 497 5.28 -11.91 46.46
CA ASP A 497 3.84 -11.93 46.25
C ASP A 497 3.22 -10.54 46.25
N ILE A 498 3.63 -9.66 47.15
CA ILE A 498 3.10 -8.31 47.22
C ILE A 498 4.21 -7.40 47.74
N ALA A 499 4.18 -6.15 47.29
CA ALA A 499 5.19 -5.16 47.67
C ALA A 499 4.51 -3.95 48.28
N VAL A 500 4.84 -3.66 49.52
CA VAL A 500 4.39 -2.45 50.20
C VAL A 500 5.65 -1.63 50.45
N ALA A 501 5.92 -0.67 49.57
CA ALA A 501 7.14 0.11 49.62
C ALA A 501 6.91 1.42 48.89
N PRO A 502 7.62 2.49 49.27
CA PRO A 502 7.48 3.76 48.54
C PRO A 502 8.12 3.71 47.17
N LEU A 503 7.41 3.15 46.20
CA LEU A 503 7.88 3.06 44.82
C LEU A 503 7.02 3.98 43.96
N THR A 504 7.66 4.71 43.05
CA THR A 504 6.95 5.69 42.23
C THR A 504 6.12 4.99 41.16
N ILE A 505 4.82 5.29 41.13
CA ILE A 505 3.92 4.72 40.15
C ILE A 505 4.13 5.44 38.83
N THR A 506 4.69 4.74 37.84
CA THR A 506 5.00 5.32 36.54
C THR A 506 4.23 4.60 35.44
N LEU A 507 4.34 5.14 34.22
CA LEU A 507 3.68 4.54 33.07
C LEU A 507 4.33 3.22 32.69
N VAL A 508 5.65 3.14 32.80
CA VAL A 508 6.36 1.94 32.41
C VAL A 508 6.20 0.82 33.44
N ARG A 509 5.72 1.14 34.65
CA ARG A 509 5.49 0.14 35.67
C ARG A 509 4.04 -0.30 35.76
N GLU A 510 3.10 0.48 35.22
CA GLU A 510 1.70 0.08 35.24
C GLU A 510 1.44 -1.06 34.26
N GLU A 511 2.17 -1.09 33.14
CA GLU A 511 1.93 -2.11 32.12
C GLU A 511 2.43 -3.49 32.52
N VAL A 512 3.24 -3.60 33.56
CA VAL A 512 3.77 -4.88 34.00
C VAL A 512 3.14 -5.34 35.32
N ILE A 513 2.87 -4.41 36.24
CA ILE A 513 2.22 -4.71 37.51
C ILE A 513 1.18 -3.63 37.79
N ASP A 514 0.21 -3.97 38.63
CA ASP A 514 -0.87 -3.06 38.95
C ASP A 514 -0.51 -2.21 40.17
N PHE A 515 -1.33 -1.19 40.42
CA PHE A 515 -1.14 -0.32 41.57
C PHE A 515 -2.49 0.10 42.12
N SER A 516 -2.53 0.36 43.41
CA SER A 516 -3.72 0.89 44.06
C SER A 516 -3.73 2.40 43.94
N LYS A 517 -4.67 3.06 44.63
CA LYS A 517 -4.71 4.51 44.60
C LYS A 517 -3.59 5.09 45.46
N PRO A 518 -3.04 6.25 45.06
CA PRO A 518 -1.95 6.84 45.84
C PRO A 518 -2.43 7.35 47.19
N PHE A 519 -1.76 6.89 48.24
CA PHE A 519 -2.12 7.27 49.60
C PHE A 519 -1.38 8.49 50.10
N MET A 520 -0.23 8.82 49.52
CA MET A 520 0.55 9.96 49.98
C MET A 520 1.09 10.69 48.75
N SER A 521 0.57 11.88 48.49
CA SER A 521 1.03 12.70 47.39
C SER A 521 2.22 13.56 47.82
N LEU A 522 3.07 13.90 46.87
CA LEU A 522 4.29 14.64 47.15
C LEU A 522 4.73 15.34 45.88
N GLY A 523 5.86 16.05 45.96
CA GLY A 523 6.39 16.75 44.81
C GLY A 523 7.88 17.04 44.92
N ILE A 524 8.40 17.80 43.96
CA ILE A 524 9.81 18.18 43.95
C ILE A 524 9.99 19.39 44.86
N SER A 525 10.94 19.30 45.78
CA SER A 525 11.14 20.30 46.81
C SER A 525 12.43 21.07 46.60
N ILE A 526 12.60 22.11 47.42
CA ILE A 526 13.77 22.97 47.41
C ILE A 526 14.36 22.97 48.82
N MET A 527 15.64 22.63 48.92
CA MET A 527 16.34 22.64 50.20
C MET A 527 17.32 23.80 50.23
N ILE A 528 17.26 24.59 51.30
CA ILE A 528 18.15 25.74 51.46
C ILE A 528 18.94 25.58 52.74
N LYS A 529 19.79 26.57 53.04
CA LYS A 529 20.62 26.52 54.24
C LYS A 529 19.88 26.96 55.49
N LYS A 530 18.67 27.54 55.35
CA LYS A 530 17.82 28.06 56.42
C LYS A 530 18.56 29.03 57.32
N PRO A 531 18.82 30.26 56.87
CA PRO A 531 19.65 31.18 57.66
C PRO A 531 18.93 31.70 58.88
N GLN A 532 19.68 31.83 59.97
CA GLN A 532 19.16 32.34 61.23
C GLN A 532 19.55 33.81 61.40
N LYS A 533 18.90 34.48 62.35
CA LYS A 533 19.16 35.89 62.62
C LYS A 533 20.17 35.99 63.77
N SER A 534 21.37 35.49 63.51
CA SER A 534 22.45 35.51 64.49
C SER A 534 23.10 36.88 64.47
N LYS A 535 22.45 37.84 65.14
CA LYS A 535 22.94 39.20 65.21
C LYS A 535 23.58 39.44 66.56
N PRO A 536 24.88 39.70 66.63
CA PRO A 536 25.55 39.92 67.92
C PRO A 536 25.28 41.33 68.45
N GLY A 537 25.99 41.67 69.52
CA GLY A 537 25.76 42.88 70.27
C GLY A 537 26.70 44.02 69.94
N VAL A 538 27.75 44.16 70.76
CA VAL A 538 28.73 45.25 70.60
C VAL A 538 29.46 45.14 69.27
N PHE A 539 29.62 43.92 68.74
CA PHE A 539 30.28 43.71 67.46
C PHE A 539 29.50 44.28 66.28
N SER A 540 28.19 44.51 66.44
CA SER A 540 27.35 45.02 65.35
C SER A 540 27.11 46.53 65.41
N PHE A 541 27.47 47.20 66.51
CA PHE A 541 27.20 48.62 66.61
C PHE A 541 28.15 49.44 65.74
N LEU A 542 29.40 49.01 65.63
CA LEU A 542 30.38 49.69 64.80
C LEU A 542 30.30 49.26 63.32
N ASP A 543 29.17 48.69 62.92
CA ASP A 543 28.96 48.33 61.51
C ASP A 543 28.98 49.51 60.53
N PRO A 544 28.07 50.51 60.62
CA PRO A 544 27.68 51.23 59.40
C PRO A 544 28.74 52.13 58.78
N LEU A 545 29.65 52.70 59.57
CA LEU A 545 30.71 53.47 58.93
C LEU A 545 31.96 52.61 58.75
N ALA A 546 32.57 52.22 59.87
CA ALA A 546 33.81 51.44 59.93
C ALA A 546 34.13 51.09 61.39
N TYR A 547 35.24 50.38 61.60
CA TYR A 547 35.83 50.27 62.93
C TYR A 547 37.22 50.89 62.97
N GLU A 548 37.58 51.70 61.96
CA GLU A 548 38.90 52.33 61.90
C GLU A 548 38.86 53.82 61.62
N ILE A 549 37.76 54.36 61.09
CA ILE A 549 37.67 55.80 60.87
C ILE A 549 37.45 56.53 62.19
N TRP A 550 36.84 55.82 63.16
CA TRP A 550 36.49 56.42 64.45
C TRP A 550 37.71 56.85 65.24
N MET A 551 38.80 56.09 65.15
CA MET A 551 40.04 56.47 65.83
C MET A 551 40.63 57.73 65.23
N CYS A 552 40.57 57.86 63.90
CA CYS A 552 41.01 59.10 63.26
C CYS A 552 40.10 60.28 63.62
N ILE A 553 38.81 60.02 63.82
CA ILE A 553 37.89 61.06 64.27
C ILE A 553 38.25 61.54 65.67
N VAL A 554 38.56 60.60 66.57
CA VAL A 554 38.98 60.96 67.93
C VAL A 554 40.33 61.68 67.91
N PHE A 555 41.22 61.30 66.99
CA PHE A 555 42.52 61.96 66.88
C PHE A 555 42.37 63.39 66.39
N ALA A 556 41.51 63.62 65.39
CA ALA A 556 41.22 64.98 64.95
C ALA A 556 40.49 65.78 66.01
N TYR A 557 39.65 65.11 66.81
CA TYR A 557 38.98 65.75 67.94
C TYR A 557 39.98 66.28 68.97
N ILE A 558 40.91 65.43 69.39
CA ILE A 558 41.87 65.85 70.42
C ILE A 558 42.88 66.83 69.83
N GLY A 559 43.17 66.73 68.53
CA GLY A 559 44.03 67.71 67.89
C GLY A 559 43.40 69.10 67.83
N VAL A 560 42.12 69.17 67.49
CA VAL A 560 41.42 70.45 67.47
C VAL A 560 41.24 70.99 68.89
N SER A 561 41.12 70.12 69.89
CA SER A 561 41.10 70.59 71.28
C SER A 561 42.46 71.15 71.70
N VAL A 562 43.54 70.55 71.20
CA VAL A 562 44.88 71.10 71.42
C VAL A 562 45.02 72.46 70.74
N VAL A 563 44.44 72.60 69.54
CA VAL A 563 44.43 73.89 68.84
C VAL A 563 43.67 74.95 69.63
N LEU A 564 42.53 74.56 70.21
CA LEU A 564 41.73 75.49 71.01
C LEU A 564 42.46 75.91 72.29
N PHE A 565 43.10 74.96 72.97
CA PHE A 565 43.83 75.29 74.19
C PHE A 565 45.09 76.07 73.89
N LEU A 566 45.67 75.89 72.70
CA LEU A 566 46.80 76.71 72.27
C LEU A 566 46.37 78.14 72.02
N VAL A 567 45.44 78.33 71.08
CA VAL A 567 45.15 79.67 70.57
C VAL A 567 44.31 80.46 71.57
N SER A 568 43.48 79.80 72.38
CA SER A 568 42.68 80.49 73.39
C SER A 568 43.56 81.06 74.51
N ARG A 569 44.67 80.42 74.80
CA ARG A 569 45.64 80.93 75.76
C ARG A 569 46.76 81.72 75.10
N PHE A 570 46.58 82.15 73.87
CA PHE A 570 47.65 82.78 73.09
C PHE A 570 47.40 84.25 72.82
N SER A 571 46.16 84.70 72.83
CA SER A 571 45.84 86.11 72.63
C SER A 571 46.18 86.93 73.87
N PRO A 594 40.52 84.52 80.66
CA PRO A 594 39.44 84.30 79.70
C PRO A 594 38.53 83.18 80.15
N ASN A 595 37.63 82.74 79.25
CA ASN A 595 36.67 81.70 79.59
C ASN A 595 37.17 80.31 79.22
N GLU A 596 37.86 80.17 78.09
CA GLU A 596 38.41 78.89 77.66
C GLU A 596 39.88 78.75 78.03
N PHE A 597 40.27 79.30 79.18
CA PHE A 597 41.65 79.25 79.61
C PHE A 597 42.06 77.84 80.05
N GLY A 598 41.12 77.03 80.51
CA GLY A 598 41.45 75.71 81.01
C GLY A 598 41.47 74.64 79.93
N ILE A 599 42.18 73.55 80.23
CA ILE A 599 42.23 72.43 79.31
C ILE A 599 40.90 71.69 79.28
N PHE A 600 40.19 71.64 80.42
CA PHE A 600 38.85 71.08 80.41
C PHE A 600 37.88 71.99 79.68
N ASN A 601 38.08 73.32 79.76
CA ASN A 601 37.21 74.24 79.02
C ASN A 601 37.39 74.07 77.52
N SER A 602 38.64 73.92 77.06
CA SER A 602 38.89 73.72 75.63
C SER A 602 38.39 72.36 75.17
N LEU A 603 38.60 71.31 75.98
CA LEU A 603 38.11 69.98 75.63
C LEU A 603 36.58 69.93 75.66
N TRP A 604 35.95 70.67 76.57
CA TRP A 604 34.50 70.68 76.66
C TRP A 604 33.87 71.45 75.50
N PHE A 605 34.51 72.54 75.09
CA PHE A 605 34.01 73.26 73.92
C PHE A 605 34.28 72.47 72.64
N SER A 606 35.36 71.68 72.61
CA SER A 606 35.60 70.79 71.47
C SER A 606 34.56 69.68 71.42
N LEU A 607 34.14 69.18 72.60
CA LEU A 607 33.07 68.19 72.65
C LEU A 607 31.74 68.79 72.22
N GLY A 608 31.47 70.03 72.63
CA GLY A 608 30.24 70.70 72.22
C GLY A 608 30.22 71.01 70.74
N ALA A 609 31.36 71.40 70.17
CA ALA A 609 31.45 71.58 68.73
C ALA A 609 31.41 70.25 68.00
N PHE A 610 31.79 69.15 68.65
CA PHE A 610 31.75 67.84 67.99
C PHE A 610 30.34 67.32 67.84
N MET A 611 29.46 67.59 68.80
CA MET A 611 28.08 67.17 68.66
C MET A 611 27.26 68.30 68.04
N GLN A 612 25.96 68.05 67.88
CA GLN A 612 25.05 69.08 67.38
C GLN A 612 24.87 70.21 68.39
N GLN A 613 24.42 69.86 69.60
CA GLN A 613 24.05 70.85 70.60
C GLN A 613 25.27 71.43 71.31
N GLY A 614 25.03 72.15 72.40
CA GLY A 614 26.10 72.73 73.19
C GLY A 614 25.60 73.69 74.24
N ASP A 616 27.02 76.40 75.25
CA ASP A 616 27.51 76.46 76.61
C ASP A 616 28.25 77.76 76.87
N ILE A 617 29.54 77.76 76.54
CA ILE A 617 30.40 78.92 76.71
C ILE A 617 30.80 79.40 75.32
N SER A 618 30.30 80.57 74.93
CA SER A 618 30.53 81.09 73.59
C SER A 618 31.82 81.89 73.57
N PRO A 619 32.77 81.57 72.69
CA PRO A 619 33.96 82.41 72.54
C PRO A 619 33.62 83.71 71.82
N ARG A 620 34.57 84.64 71.86
CA ARG A 620 34.41 85.93 71.21
C ARG A 620 35.53 86.25 70.21
N SER A 621 36.55 85.41 70.11
CA SER A 621 37.69 85.71 69.26
C SER A 621 37.39 85.37 67.80
N LEU A 622 38.19 85.96 66.91
CA LEU A 622 38.13 85.59 65.49
C LEU A 622 38.65 84.18 65.26
N SER A 623 39.82 83.88 65.83
CA SER A 623 40.50 82.61 65.56
C SER A 623 39.77 81.43 66.19
N GLY A 624 39.31 81.58 67.43
CA GLY A 624 38.59 80.48 68.06
C GLY A 624 37.26 80.17 67.39
N ARG A 625 36.55 81.23 66.98
CA ARG A 625 35.28 81.02 66.28
C ARG A 625 35.50 80.43 64.90
N ILE A 626 36.61 80.78 64.23
CA ILE A 626 36.80 80.18 62.90
C ILE A 626 37.32 78.75 63.02
N VAL A 627 38.05 78.40 64.09
CA VAL A 627 38.39 77.00 64.33
C VAL A 627 37.14 76.19 64.63
N GLY A 628 36.21 76.78 65.40
CA GLY A 628 34.94 76.13 65.65
C GLY A 628 34.11 75.96 64.39
N GLY A 629 34.13 76.96 63.51
CA GLY A 629 33.41 76.86 62.25
C GLY A 629 34.02 75.84 61.30
N VAL A 630 35.34 75.66 61.36
CA VAL A 630 35.97 74.62 60.56
C VAL A 630 35.59 73.24 61.08
N TRP A 631 35.77 73.01 62.39
CA TRP A 631 35.52 71.68 62.97
C TRP A 631 34.04 71.31 63.01
N TRP A 632 33.16 72.29 63.11
CA TRP A 632 31.77 72.07 63.49
C TRP A 632 30.89 71.66 62.31
N PHE A 633 31.01 72.33 61.17
CA PHE A 633 30.34 71.86 59.96
C PHE A 633 30.94 70.55 59.47
N PHE A 634 32.24 70.35 59.70
CA PHE A 634 32.94 69.09 59.42
C PHE A 634 32.28 67.91 60.12
N THR A 635 32.21 67.97 61.45
CA THR A 635 31.56 66.89 62.18
C THR A 635 30.05 66.86 61.98
N LEU A 636 29.43 67.98 61.58
CA LEU A 636 28.04 67.98 61.17
C LEU A 636 27.81 67.09 59.96
N ILE A 637 28.64 67.25 58.93
CA ILE A 637 28.56 66.42 57.74
C ILE A 637 28.90 64.97 58.08
N ILE A 638 29.81 64.76 59.02
CA ILE A 638 30.17 63.40 59.43
C ILE A 638 28.99 62.68 60.09
N ILE A 639 28.35 63.31 61.07
CA ILE A 639 27.27 62.60 61.75
C ILE A 639 25.99 62.57 60.91
N SER A 640 25.82 63.52 59.99
CA SER A 640 24.74 63.41 59.01
C SER A 640 24.98 62.24 58.07
N SER A 641 26.25 62.01 57.70
CA SER A 641 26.58 60.86 56.88
C SER A 641 26.41 59.55 57.66
N TYR A 642 26.66 59.60 58.97
CA TYR A 642 26.38 58.45 59.83
C TYR A 642 24.90 58.14 59.85
N THR A 643 24.06 59.17 59.96
CA THR A 643 22.61 59.00 59.95
C THR A 643 22.13 58.40 58.63
N ALA A 644 22.60 58.95 57.51
CA ALA A 644 22.21 58.44 56.20
C ALA A 644 22.75 57.05 55.94
N ASN A 645 23.94 56.74 56.47
CA ASN A 645 24.53 55.42 56.26
C ASN A 645 23.81 54.35 57.06
N LEU A 646 23.43 54.68 58.30
CA LEU A 646 22.63 53.75 59.09
C LEU A 646 21.24 53.56 58.49
N ALA A 647 20.68 54.63 57.90
CA ALA A 647 19.41 54.52 57.20
C ALA A 647 19.54 53.62 55.99
N ALA A 648 20.65 53.72 55.26
CA ALA A 648 20.89 52.85 54.12
C ALA A 648 21.06 51.40 54.55
N PHE A 649 21.74 51.17 55.67
CA PHE A 649 21.94 49.80 56.13
C PHE A 649 20.64 49.17 56.60
N LEU A 650 19.80 49.94 57.29
CA LEU A 650 18.48 49.42 57.65
C LEU A 650 17.56 49.28 56.46
N THR A 651 17.77 50.05 55.39
CA THR A 651 17.03 49.84 54.16
C THR A 651 17.46 48.52 53.50
N VAL A 652 18.75 48.21 53.57
CA VAL A 652 19.25 46.90 53.14
C VAL A 652 18.65 45.78 54.00
N GLU A 653 18.44 46.07 55.29
CA GLU A 653 18.01 45.05 56.25
C GLU A 653 16.61 44.49 55.93
N ARG A 654 15.77 45.26 55.26
CA ARG A 654 14.44 44.78 54.87
C ARG A 654 14.31 44.60 53.36
N MET A 655 15.35 44.08 52.71
CA MET A 655 15.28 43.78 51.29
C MET A 655 14.63 42.43 51.00
N VAL A 656 14.85 41.94 49.78
CA VAL A 656 14.18 40.82 49.11
C VAL A 656 14.01 39.58 49.99
N SER A 657 12.79 39.04 49.99
CA SER A 657 12.44 37.82 50.70
C SER A 657 13.23 36.63 50.16
N PRO A 658 13.40 35.56 50.97
CA PRO A 658 14.13 34.37 50.48
C PRO A 658 13.44 33.61 49.36
N ILE A 659 14.10 32.54 48.91
CA ILE A 659 13.67 31.82 47.72
C ILE A 659 12.40 31.04 48.03
N GLU A 660 11.39 31.20 47.16
CA GLU A 660 10.10 30.56 47.36
C GLU A 660 9.52 29.92 46.11
N SER A 661 10.18 30.04 44.96
CA SER A 661 9.67 29.43 43.74
C SER A 661 10.84 29.07 42.83
N ALA A 662 10.53 28.35 41.76
CA ALA A 662 11.54 28.02 40.77
C ALA A 662 11.93 29.24 39.95
N GLU A 663 11.00 30.17 39.76
CA GLU A 663 11.31 31.43 39.09
C GLU A 663 12.25 32.28 39.94
N ASP A 664 12.22 32.11 41.26
CA ASP A 664 13.22 32.74 42.12
C ASP A 664 14.60 32.16 41.87
N LEU A 665 14.69 30.86 41.60
CA LEU A 665 15.97 30.25 41.25
C LEU A 665 16.44 30.73 39.88
N ALA A 666 15.51 30.86 38.94
CA ALA A 666 15.87 31.35 37.60
C ALA A 666 16.24 32.82 37.60
N LYS A 667 15.75 33.59 38.56
CA LYS A 667 16.02 35.03 38.57
C LYS A 667 17.39 35.37 39.15
N GLN A 668 18.03 34.45 39.84
CA GLN A 668 19.32 34.72 40.47
C GLN A 668 20.39 33.82 39.88
N THR A 669 21.64 34.20 40.13
CA THR A 669 22.79 33.40 39.71
C THR A 669 23.88 33.32 40.77
N GLU A 670 23.72 33.99 41.92
CA GLU A 670 24.76 33.97 42.93
C GLU A 670 24.78 32.66 43.70
N ILE A 671 23.62 32.19 44.15
CA ILE A 671 23.52 30.96 44.92
C ILE A 671 23.25 29.82 43.94
N ALA A 672 24.17 28.88 43.87
CA ALA A 672 24.05 27.77 42.94
C ALA A 672 23.12 26.68 43.51
N TYR A 673 22.82 25.70 42.67
CA TYR A 673 21.93 24.62 43.07
C TYR A 673 22.27 23.37 42.27
N GLY A 674 21.88 22.21 42.81
CA GLY A 674 22.14 20.96 42.15
C GLY A 674 21.11 19.90 42.52
N THR A 675 21.12 18.82 41.74
CA THR A 675 20.28 17.66 42.01
C THR A 675 21.14 16.42 42.16
N LEU A 676 20.51 15.25 42.29
CA LEU A 676 21.23 14.00 42.35
C LEU A 676 21.73 13.64 40.96
N ASP A 677 22.85 12.89 40.91
CA ASP A 677 23.48 12.55 39.65
C ASP A 677 22.66 11.59 38.79
N SER A 678 21.73 10.86 39.39
CA SER A 678 20.92 9.91 38.65
C SER A 678 19.53 9.86 39.26
N GLY A 679 18.56 9.38 38.47
CA GLY A 679 17.21 9.22 38.94
C GLY A 679 16.17 9.82 38.01
N SER A 680 14.89 9.61 38.33
CA SER A 680 13.82 10.24 37.57
C SER A 680 13.70 11.72 37.85
N THR A 681 14.33 12.21 38.92
CA THR A 681 14.44 13.64 39.14
C THR A 681 15.23 14.31 38.03
N LYS A 682 16.41 13.75 37.71
CA LYS A 682 17.20 14.28 36.61
C LYS A 682 16.53 14.02 35.27
N GLU A 683 15.78 12.92 35.15
CA GLU A 683 15.03 12.66 33.94
C GLU A 683 13.86 13.62 33.76
N PHE A 684 13.35 14.19 34.86
CA PHE A 684 12.31 15.20 34.77
C PHE A 684 12.85 16.47 34.13
N PHE A 685 14.04 16.91 34.56
CA PHE A 685 14.62 18.11 33.98
C PHE A 685 15.17 17.85 32.58
N ARG A 686 15.67 16.65 32.31
CA ARG A 686 16.22 16.35 31.00
C ARG A 686 15.13 16.27 29.94
N ARG A 687 13.99 15.67 30.30
CA ARG A 687 12.87 15.53 29.38
C ARG A 687 11.79 16.59 29.60
N SER A 688 12.19 17.79 30.00
CA SER A 688 11.20 18.82 30.29
C SER A 688 10.83 19.59 29.03
N LYS A 689 9.68 20.26 29.10
CA LYS A 689 9.21 21.13 28.03
C LYS A 689 9.03 22.57 28.47
N ILE A 690 8.91 22.84 29.76
CA ILE A 690 8.78 24.21 30.26
C ILE A 690 10.13 24.88 30.19
N ALA A 691 10.18 26.07 29.58
CA ALA A 691 11.44 26.75 29.29
C ALA A 691 12.17 27.20 30.57
N VAL A 692 11.43 27.37 31.68
CA VAL A 692 12.08 27.64 32.96
C VAL A 692 12.88 26.42 33.40
N TYR A 693 12.24 25.25 33.41
CA TYR A 693 12.94 24.02 33.76
C TYR A 693 13.96 23.64 32.70
N GLU A 694 13.73 24.04 31.44
CA GLU A 694 14.75 23.84 30.41
C GLU A 694 15.99 24.69 30.67
N LYS A 695 15.79 25.92 31.15
CA LYS A 695 16.94 26.74 31.56
C LYS A 695 17.61 26.15 32.80
N MET A 696 16.84 25.52 33.69
CA MET A 696 17.41 24.86 34.85
C MET A 696 18.30 23.68 34.43
N TRP A 697 17.81 22.87 33.50
CA TRP A 697 18.60 21.75 32.99
C TRP A 697 19.79 22.23 32.16
N SER A 698 19.66 23.39 31.50
CA SER A 698 20.79 23.99 30.81
C SER A 698 21.87 24.42 31.79
N TYR A 699 21.45 24.96 32.95
CA TYR A 699 22.40 25.33 33.99
C TYR A 699 23.06 24.10 34.60
N MET A 700 22.27 23.05 34.86
CA MET A 700 22.81 21.87 35.53
C MET A 700 23.66 21.03 34.60
N LYS A 701 23.41 21.08 33.30
CA LYS A 701 24.20 20.30 32.35
C LYS A 701 25.45 21.02 31.91
N SER A 702 25.57 22.31 32.21
CA SER A 702 26.73 23.11 31.80
C SER A 702 27.42 23.77 32.98
N ALA A 703 27.25 23.24 34.18
CA ALA A 703 27.86 23.82 35.37
C ALA A 703 29.36 23.51 35.41
N GLU A 704 30.11 24.39 36.04
CA GLU A 704 31.55 24.24 36.19
C GLU A 704 31.94 24.56 37.63
N PRO A 705 32.28 23.55 38.46
CA PRO A 705 32.32 22.12 38.14
C PRO A 705 30.94 21.46 38.22
N SER A 706 30.92 20.13 38.27
CA SER A 706 29.66 19.40 38.32
C SER A 706 29.01 19.55 39.68
N VAL A 707 27.72 19.94 39.68
CA VAL A 707 26.98 20.14 40.91
C VAL A 707 26.33 18.88 41.43
N PHE A 708 26.51 17.76 40.74
CA PHE A 708 25.84 16.52 41.10
C PHE A 708 26.61 15.78 42.19
N THR A 709 25.88 15.25 43.16
CA THR A 709 26.44 14.41 44.20
C THR A 709 26.01 12.97 43.98
N LYS A 710 26.82 12.05 44.51
CA LYS A 710 26.55 10.63 44.32
C LYS A 710 25.38 10.18 45.18
N THR A 711 25.35 10.59 46.44
CA THR A 711 24.32 10.17 47.38
C THR A 711 23.51 11.36 47.86
N THR A 712 22.49 11.07 48.65
CA THR A 712 21.66 12.12 49.23
C THR A 712 22.40 12.84 50.36
N ALA A 713 23.08 12.07 51.21
CA ALA A 713 23.82 12.66 52.33
C ALA A 713 25.01 13.49 51.88
N ASP A 714 25.56 13.17 50.69
CA ASP A 714 26.59 14.03 50.11
C ASP A 714 26.03 15.40 49.76
N GLY A 715 24.82 15.44 49.22
CA GLY A 715 24.17 16.72 48.96
C GLY A 715 23.78 17.45 50.24
N VAL A 716 23.41 16.69 51.28
CA VAL A 716 23.10 17.30 52.58
C VAL A 716 24.34 17.95 53.16
N ALA A 717 25.49 17.27 53.10
CA ALA A 717 26.74 17.84 53.59
C ALA A 717 27.22 18.98 52.70
N ARG A 718 26.90 18.95 51.41
CA ARG A 718 27.28 20.04 50.53
C ARG A 718 26.47 21.29 50.83
N VAL A 719 25.19 21.14 51.16
CA VAL A 719 24.38 22.29 51.54
C VAL A 719 24.78 22.80 52.92
N ARG A 720 25.06 21.88 53.85
CA ARG A 720 25.44 22.28 55.21
C ARG A 720 26.82 22.92 55.27
N LYS A 721 27.68 22.69 54.27
CA LYS A 721 28.97 23.34 54.19
C LYS A 721 28.96 24.50 53.21
N SER A 722 27.79 25.09 52.94
CA SER A 722 27.67 26.16 51.97
C SER A 722 27.39 27.52 52.58
N LYS A 723 26.68 27.57 53.72
CA LYS A 723 26.28 28.80 54.41
C LYS A 723 25.50 29.74 53.49
N GLY A 724 24.61 29.17 52.68
CA GLY A 724 23.84 29.96 51.75
C GLY A 724 24.47 30.15 50.40
N LYS A 725 25.16 29.15 49.87
CA LYS A 725 25.78 29.23 48.56
C LYS A 725 25.34 28.14 47.61
N PHE A 726 24.90 26.98 48.12
CA PHE A 726 24.48 25.87 47.28
C PHE A 726 23.16 25.33 47.80
N ALA A 727 22.28 24.96 46.88
CA ALA A 727 20.97 24.42 47.21
C ALA A 727 20.82 23.04 46.56
N PHE A 728 19.82 22.29 47.04
CA PHE A 728 19.59 20.95 46.55
C PHE A 728 18.10 20.73 46.34
N LEU A 729 17.77 19.98 45.29
CA LEU A 729 16.40 19.67 44.93
C LEU A 729 16.14 18.19 45.20
N LEU A 730 14.98 17.89 45.77
CA LEU A 730 14.65 16.53 46.20
C LEU A 730 13.14 16.41 46.31
N GLU A 731 12.68 15.27 46.83
CA GLU A 731 11.26 15.07 47.08
C GLU A 731 10.83 15.84 48.32
N SER A 732 9.52 16.11 48.40
CA SER A 732 9.00 16.93 49.49
C SER A 732 8.95 16.15 50.79
N THR A 733 8.62 14.86 50.74
CA THR A 733 8.58 14.06 51.96
C THR A 733 9.97 13.85 52.54
N MET A 734 10.96 13.64 51.67
CA MET A 734 12.34 13.50 52.15
C MET A 734 12.87 14.81 52.72
N ASN A 735 12.47 15.93 52.11
CA ASN A 735 12.88 17.23 52.62
C ASN A 735 12.23 17.53 53.96
N GLU A 736 10.96 17.14 54.13
CA GLU A 736 10.30 17.36 55.42
C GLU A 736 10.81 16.42 56.49
N TYR A 737 11.27 15.22 56.11
CA TYR A 737 11.86 14.33 57.10
C TYR A 737 13.24 14.81 57.53
N ILE A 738 14.08 15.22 56.58
CA ILE A 738 15.40 15.74 56.93
C ILE A 738 15.30 17.10 57.62
N GLU A 739 14.21 17.83 57.40
CA GLU A 739 13.97 19.06 58.13
C GLU A 739 13.72 18.78 59.61
N GLN A 740 13.09 17.65 59.93
CA GLN A 740 12.74 17.30 61.30
C GLN A 740 13.80 16.45 61.97
N ARG A 741 15.06 16.57 61.59
CA ARG A 741 16.14 15.84 62.23
C ARG A 741 17.20 16.83 62.71
N LYS A 742 18.08 16.32 63.58
CA LYS A 742 19.19 17.12 64.09
C LYS A 742 20.18 17.43 62.96
N PRO A 743 20.87 18.59 63.02
CA PRO A 743 20.86 19.68 64.01
C PRO A 743 19.75 20.72 63.84
N CYS A 744 18.67 20.37 63.12
CA CYS A 744 17.51 21.25 62.88
C CYS A 744 17.91 22.55 62.19
N ASP A 745 18.70 22.43 61.11
CA ASP A 745 19.28 23.59 60.45
C ASP A 745 18.80 23.76 59.01
N THR A 746 17.76 23.05 58.59
CA THR A 746 17.23 23.13 57.25
C THR A 746 15.74 23.46 57.29
N MET A 747 15.19 23.81 56.14
CA MET A 747 13.76 24.06 56.00
C MET A 747 13.35 23.83 54.56
N LYS A 748 12.05 23.61 54.35
CA LYS A 748 11.49 23.38 53.03
C LYS A 748 10.69 24.60 52.62
N VAL A 749 10.93 25.08 51.40
CA VAL A 749 10.29 26.28 50.90
C VAL A 749 9.52 25.95 49.63
N GLY A 750 8.54 26.79 49.33
CA GLY A 750 7.78 26.71 48.09
C GLY A 750 6.77 25.56 48.09
N GLY A 751 5.94 25.57 47.07
CA GLY A 751 4.98 24.50 46.86
C GLY A 751 5.56 23.36 46.05
N ASN A 752 4.72 22.36 45.80
CA ASN A 752 5.15 21.21 45.02
C ASN A 752 5.24 21.56 43.54
N LEU A 753 6.11 20.85 42.84
CA LEU A 753 6.38 21.17 41.43
C LEU A 753 5.71 20.22 40.46
N ASP A 754 5.51 18.96 40.84
CA ASP A 754 4.90 17.97 39.96
C ASP A 754 3.88 17.16 40.74
N SER A 755 3.17 16.28 40.03
CA SER A 755 2.14 15.45 40.62
C SER A 755 2.74 14.06 40.90
N LYS A 756 3.39 13.95 42.05
CA LYS A 756 3.97 12.69 42.49
C LYS A 756 3.16 12.10 43.63
N GLY A 757 3.17 10.77 43.71
CA GLY A 757 2.42 10.07 44.74
C GLY A 757 2.78 8.60 44.82
N TYR A 758 2.86 8.08 46.04
CA TYR A 758 3.18 6.67 46.25
C TYR A 758 1.92 5.87 46.53
N GLY A 759 1.91 4.63 46.03
CA GLY A 759 0.81 3.73 46.27
C GLY A 759 1.32 2.33 46.57
N VAL A 760 0.37 1.41 46.75
CA VAL A 760 0.70 0.03 47.07
C VAL A 760 0.87 -0.76 45.78
N ALA A 761 1.99 -1.47 45.67
CA ALA A 761 2.28 -2.26 44.48
C ALA A 761 1.66 -3.65 44.59
N THR A 762 1.15 -4.15 43.48
CA THR A 762 0.52 -5.46 43.40
C THR A 762 0.75 -6.03 42.01
N PRO A 763 0.87 -7.35 41.88
CA PRO A 763 1.06 -7.95 40.56
C PRO A 763 -0.19 -7.80 39.68
N LYS A 764 0.06 -7.85 38.36
CA LYS A 764 -1.01 -7.69 37.40
C LYS A 764 -1.88 -8.95 37.36
N GLY A 765 -3.20 -8.75 37.30
CA GLY A 765 -4.11 -9.87 37.31
C GLY A 765 -4.30 -10.53 38.66
N SER A 766 -3.88 -9.86 39.74
CA SER A 766 -4.06 -10.39 41.07
C SER A 766 -5.48 -10.19 41.54
N ALA A 767 -6.09 -11.25 42.08
CA ALA A 767 -7.47 -11.17 42.55
C ALA A 767 -7.57 -10.44 43.89
N LEU A 768 -6.46 -10.32 44.61
CA LEU A 768 -6.46 -9.70 45.93
C LEU A 768 -6.17 -8.21 45.90
N GLY A 769 -5.98 -7.63 44.71
CA GLY A 769 -5.56 -6.23 44.62
C GLY A 769 -6.70 -5.28 44.96
N THR A 770 -7.92 -5.63 44.58
CA THR A 770 -9.09 -4.78 44.83
C THR A 770 -9.43 -4.63 46.32
N PRO A 771 -9.41 -5.67 47.18
CA PRO A 771 -9.56 -5.38 48.62
C PRO A 771 -8.41 -4.60 49.21
N VAL A 772 -7.20 -4.73 48.65
CA VAL A 772 -6.08 -3.90 49.09
C VAL A 772 -6.34 -2.43 48.79
N ASN A 773 -6.87 -2.14 47.58
CA ASN A 773 -7.16 -0.76 47.25
C ASN A 773 -8.36 -0.23 48.03
N LEU A 774 -9.32 -1.10 48.37
CA LEU A 774 -10.42 -0.69 49.24
C LEU A 774 -9.93 -0.39 50.64
N ALA A 775 -8.95 -1.15 51.13
CA ALA A 775 -8.37 -0.86 52.44
C ALA A 775 -7.55 0.43 52.42
N VAL A 776 -6.90 0.71 51.29
CA VAL A 776 -6.21 1.99 51.12
C VAL A 776 -7.19 3.15 51.15
N LEU A 777 -8.34 3.00 50.48
CA LEU A 777 -9.36 4.04 50.52
C LEU A 777 -9.96 4.20 51.90
N LYS A 778 -10.11 3.11 52.64
CA LYS A 778 -10.64 3.19 54.00
C LYS A 778 -9.66 3.87 54.94
N LEU A 779 -8.36 3.57 54.79
CA LEU A 779 -7.35 4.24 55.61
C LEU A 779 -7.18 5.70 55.22
N SER A 780 -7.48 6.05 53.97
CA SER A 780 -7.43 7.45 53.56
C SER A 780 -8.61 8.22 54.14
N GLU A 781 -9.82 7.67 54.03
CA GLU A 781 -10.99 8.38 54.53
C GLU A 781 -11.08 8.35 56.05
N GLN A 782 -10.44 7.38 56.69
CA GLN A 782 -10.43 7.33 58.14
C GLN A 782 -9.42 8.29 58.74
N GLY A 783 -8.49 8.82 57.94
CA GLY A 783 -7.51 9.75 58.42
C GLY A 783 -6.36 9.12 59.18
N ILE A 784 -6.22 7.80 59.15
CA ILE A 784 -5.12 7.13 59.84
C ILE A 784 -3.79 7.40 59.17
N LEU A 785 -3.79 7.71 57.87
CA LEU A 785 -2.58 8.11 57.18
C LEU A 785 -2.01 9.41 57.75
N ASP A 786 -2.89 10.37 58.05
CA ASP A 786 -2.46 11.60 58.68
C ASP A 786 -1.96 11.37 60.10
N LYS A 787 -2.53 10.37 60.80
CA LYS A 787 -2.07 10.06 62.14
C LYS A 787 -0.66 9.46 62.12
N LEU A 788 -0.40 8.54 61.18
CA LEU A 788 0.96 8.02 61.06
C LEU A 788 1.93 9.05 60.52
N LYS A 789 1.44 9.99 59.71
CA LYS A 789 2.26 11.09 59.24
C LYS A 789 2.67 12.01 60.38
N ASN A 790 1.73 12.32 61.28
CA ASN A 790 2.06 13.13 62.45
C ASN A 790 2.90 12.35 63.44
N LYS A 791 2.78 11.03 63.47
CA LYS A 791 3.56 10.23 64.41
C LYS A 791 5.01 10.11 63.96
N TRP A 792 5.23 9.82 62.68
CA TRP A 792 6.55 9.47 62.20
C TRP A 792 7.32 10.61 61.56
N TRP A 793 6.65 11.67 61.11
CA TRP A 793 7.33 12.85 60.60
C TRP A 793 7.36 14.02 61.56
N TYR A 794 6.42 14.08 62.51
CA TYR A 794 6.38 15.20 63.44
C TYR A 794 6.69 14.81 64.88
N ASP A 795 6.08 13.75 65.40
CA ASP A 795 6.34 13.35 66.77
C ASP A 795 7.64 12.57 66.90
N LYS A 796 8.01 11.82 65.86
CA LYS A 796 9.26 11.06 65.89
C LYS A 796 10.46 11.99 65.69
N GLY A 797 10.25 13.14 65.07
CA GLY A 797 11.34 14.04 64.76
C GLY A 797 11.94 14.71 65.99
N GLU A 798 13.15 15.23 65.80
CA GLU A 798 13.93 15.82 66.87
C GLU A 798 13.94 17.35 66.83
N CYS A 799 12.99 17.95 66.13
CA CYS A 799 12.91 19.40 66.03
C CYS A 799 11.61 19.89 66.66
N GLY A 800 11.55 21.20 66.91
CA GLY A 800 10.39 21.79 67.54
C GLY A 800 9.29 22.11 66.55
N ALA A 801 8.29 22.85 67.05
CA ALA A 801 7.16 23.27 66.21
C ALA A 801 7.59 24.35 65.22
N LYS A 802 6.90 24.40 64.08
CA LYS A 802 7.21 25.35 63.01
C LYS A 802 6.72 26.74 63.40
N ASP A 803 7.50 27.40 64.25
CA ASP A 803 7.17 28.71 64.80
C ASP A 803 8.30 29.70 64.60
N SER A 804 8.93 29.65 63.42
CA SER A 804 10.03 30.55 63.10
C SER A 804 10.58 31.21 64.35
N GLY A 805 9.67 31.73 65.18
CA GLY A 805 10.07 32.39 66.42
C GLY A 805 8.92 33.11 67.08
N SER A 806 9.24 34.06 67.96
CA SER A 806 8.23 34.82 68.67
C SER A 806 7.13 35.30 67.73
N LYS A 807 7.54 35.78 66.55
CA LYS A 807 6.60 36.26 65.55
C LYS A 807 6.82 35.52 64.24
N ASP A 808 6.20 36.00 63.16
CA ASP A 808 6.37 35.36 61.86
C ASP A 808 7.75 35.65 61.29
N LYS A 809 8.17 36.91 61.34
CA LYS A 809 9.49 37.29 60.85
C LYS A 809 9.95 38.50 61.67
N THR A 810 11.13 39.01 61.31
CA THR A 810 11.68 40.19 61.98
C THR A 810 11.10 41.47 61.40
N SER A 811 9.80 41.68 61.58
CA SER A 811 9.11 42.86 61.10
C SER A 811 8.99 43.90 62.21
N ALA A 812 9.92 43.85 63.17
CA ALA A 812 9.74 44.60 64.41
C ALA A 812 11.05 45.24 64.89
N LEU A 813 11.03 45.69 66.15
CA LEU A 813 12.09 46.44 66.82
C LEU A 813 13.48 45.82 66.74
N SER A 814 14.50 46.65 66.61
CA SER A 814 15.88 46.20 66.73
C SER A 814 16.33 46.28 68.19
N LEU A 815 17.13 45.30 68.60
CA LEU A 815 17.56 45.22 69.99
C LEU A 815 19.06 44.92 70.04
N SER A 816 19.63 44.51 68.91
CA SER A 816 21.00 44.02 68.82
C SER A 816 22.04 45.08 69.19
N ASN A 817 21.92 46.27 68.63
CA ASN A 817 22.84 47.34 68.99
C ASN A 817 22.46 47.95 70.34
N VAL A 818 21.19 47.79 70.72
CA VAL A 818 20.63 48.49 71.87
C VAL A 818 21.27 48.01 73.17
N ALA A 819 21.44 46.69 73.31
CA ALA A 819 22.05 46.13 74.51
C ALA A 819 23.52 46.50 74.62
N GLY A 820 24.24 46.57 73.49
CA GLY A 820 25.65 46.95 73.53
C GLY A 820 25.85 48.41 73.87
N VAL A 821 24.99 49.28 73.36
CA VAL A 821 25.12 50.70 73.71
C VAL A 821 24.66 50.94 75.14
N PHE A 822 23.70 50.13 75.63
CA PHE A 822 23.39 50.11 77.06
C PHE A 822 24.60 49.69 77.88
N TYR A 823 25.34 48.68 77.41
CA TYR A 823 26.53 48.20 78.13
C TYR A 823 27.61 49.25 78.20
N ILE A 824 27.86 49.95 77.09
CA ILE A 824 28.90 50.97 77.11
C ILE A 824 28.45 52.20 77.90
N LEU A 825 27.13 52.45 77.96
CA LEU A 825 26.63 53.53 78.80
C LEU A 825 26.80 53.21 80.28
N VAL A 826 26.49 51.98 80.68
CA VAL A 826 26.67 51.56 82.07
C VAL A 826 28.15 51.56 82.45
N GLY A 827 29.02 51.15 81.51
CA GLY A 827 30.45 51.16 81.78
C GLY A 827 31.01 52.56 81.94
N GLY A 828 30.65 53.47 81.04
CA GLY A 828 31.06 54.86 81.19
C GLY A 828 30.46 55.55 82.40
N LEU A 829 29.23 55.17 82.77
CA LEU A 829 28.58 55.73 83.95
C LEU A 829 29.30 55.30 85.23
N GLY A 830 29.63 54.01 85.32
CA GLY A 830 30.36 53.53 86.49
C GLY A 830 31.77 54.07 86.56
N LEU A 831 32.42 54.23 85.41
CA LEU A 831 33.77 54.78 85.37
C LEU A 831 33.78 56.24 85.80
N ALA A 832 32.85 57.05 85.27
CA ALA A 832 32.77 58.45 85.68
C ALA A 832 32.32 58.58 87.14
N MET A 833 31.52 57.63 87.63
CA MET A 833 31.11 57.66 89.04
C MET A 833 32.28 57.37 89.97
N MET A 834 33.11 56.38 89.63
CA MET A 834 34.26 56.10 90.48
C MET A 834 35.32 57.20 90.38
N VAL A 835 35.46 57.82 89.20
CA VAL A 835 36.39 58.95 89.07
C VAL A 835 35.91 60.15 89.89
N ALA A 836 34.59 60.41 89.86
CA ALA A 836 34.02 61.48 90.68
C ALA A 836 34.20 61.19 92.16
N LEU A 837 34.05 59.93 92.57
CA LEU A 837 34.21 59.56 93.97
C LEU A 837 35.65 59.74 94.42
N ILE A 838 36.62 59.31 93.60
CA ILE A 838 38.01 59.43 94.04
C ILE A 838 38.48 60.88 94.00
N GLU A 839 37.96 61.69 93.06
CA GLU A 839 38.38 63.10 93.05
C GLU A 839 37.72 63.89 94.18
N PHE A 840 36.50 63.53 94.58
CA PHE A 840 35.91 64.18 95.75
C PHE A 840 36.59 63.73 97.03
N CYS A 841 37.05 62.48 97.08
CA CYS A 841 37.81 62.01 98.23
C CYS A 841 39.16 62.72 98.33
N TYR A 842 39.82 62.95 97.19
CA TYR A 842 41.08 63.68 97.18
C TYR A 842 40.87 65.15 97.54
N LYS A 843 39.77 65.74 97.07
CA LYS A 843 39.47 67.13 97.42
C LYS A 843 39.13 67.27 98.90
N SER A 844 38.44 66.29 99.47
CA SER A 844 38.13 66.33 100.90
C SER A 844 39.37 66.11 101.75
N ARG A 845 40.28 65.24 101.28
CA ARG A 845 41.54 65.04 102.00
C ARG A 845 42.46 66.25 101.89
N ALA A 846 42.37 67.00 100.79
CA ALA A 846 43.17 68.21 100.66
C ALA A 846 42.57 69.36 101.48
N GLU A 847 41.24 69.45 101.55
CA GLU A 847 40.61 70.54 102.27
C GLU A 847 40.62 70.31 103.78
N SER A 848 40.52 69.05 104.22
CA SER A 848 40.57 68.76 105.64
C SER A 848 41.97 68.92 106.21
N LYS A 849 42.99 68.75 105.38
CA LYS A 849 44.38 68.91 105.80
C LYS A 849 44.97 70.26 105.38
N ARG A 850 44.12 71.17 104.89
CA ARG A 850 44.48 72.52 104.44
C ARG A 850 45.58 72.53 103.37
N ASN B 25 26.57 -59.53 -20.05
CA ASN B 25 25.86 -59.49 -18.78
C ASN B 25 24.59 -58.66 -18.89
N SER B 26 23.52 -59.14 -18.26
CA SER B 26 22.24 -58.44 -18.23
C SER B 26 21.84 -58.26 -16.77
N ILE B 27 21.75 -57.01 -16.34
CA ILE B 27 21.42 -56.69 -14.95
C ILE B 27 19.96 -56.24 -14.91
N GLN B 28 19.11 -57.04 -14.28
CA GLN B 28 17.68 -56.73 -14.18
C GLN B 28 17.42 -55.90 -12.93
N ILE B 29 16.77 -54.76 -13.10
CA ILE B 29 16.39 -53.90 -11.99
C ILE B 29 14.89 -53.65 -12.05
N GLY B 30 14.35 -53.13 -10.95
CA GLY B 30 12.95 -52.78 -10.87
C GLY B 30 12.79 -51.27 -10.81
N GLY B 31 11.67 -50.80 -11.36
CA GLY B 31 11.38 -49.37 -11.33
C GLY B 31 9.92 -49.10 -11.07
N LEU B 32 9.63 -48.38 -9.99
CA LEU B 32 8.27 -48.10 -9.53
C LEU B 32 7.94 -46.65 -9.85
N PHE B 33 6.80 -46.43 -10.51
CA PHE B 33 6.45 -45.05 -10.80
C PHE B 33 4.97 -44.81 -10.51
N PRO B 34 4.63 -43.69 -9.88
CA PRO B 34 3.22 -43.37 -9.61
C PRO B 34 2.47 -43.03 -10.89
N ARG B 35 1.16 -43.24 -10.84
CA ARG B 35 0.29 -42.91 -11.95
C ARG B 35 0.13 -41.40 -12.03
N GLY B 36 0.85 -40.78 -12.97
CA GLY B 36 0.84 -39.34 -13.10
C GLY B 36 2.23 -38.78 -13.29
N ALA B 37 3.24 -39.60 -13.03
CA ALA B 37 4.63 -39.19 -13.22
C ALA B 37 5.01 -39.46 -14.67
N ASP B 38 4.76 -38.48 -15.53
CA ASP B 38 5.03 -38.58 -16.95
C ASP B 38 6.37 -37.98 -17.34
N GLN B 39 6.73 -36.84 -16.74
CA GLN B 39 7.99 -36.18 -17.06
C GLN B 39 9.16 -36.96 -16.48
N GLU B 40 8.98 -37.56 -15.31
CA GLU B 40 10.06 -38.30 -14.67
C GLU B 40 10.35 -39.59 -15.40
N TYR B 41 9.31 -40.25 -15.94
CA TYR B 41 9.53 -41.45 -16.73
C TYR B 41 10.20 -41.11 -18.06
N SER B 42 9.87 -39.95 -18.63
CA SER B 42 10.54 -39.51 -19.86
C SER B 42 12.01 -39.21 -19.60
N ALA B 43 12.32 -38.57 -18.47
CA ALA B 43 13.71 -38.34 -18.10
C ALA B 43 14.43 -39.65 -17.79
N PHE B 44 13.71 -40.64 -17.26
CA PHE B 44 14.29 -41.96 -17.06
C PHE B 44 14.62 -42.62 -18.39
N ARG B 45 13.75 -42.46 -19.40
CA ARG B 45 14.03 -43.00 -20.73
C ARG B 45 15.24 -42.31 -21.37
N VAL B 46 15.33 -41.00 -21.22
CA VAL B 46 16.47 -40.26 -21.77
C VAL B 46 17.77 -40.67 -21.07
N GLY B 47 17.70 -40.89 -19.76
CA GLY B 47 18.87 -41.34 -19.04
C GLY B 47 19.28 -42.76 -19.36
N MET B 48 18.32 -43.63 -19.66
CA MET B 48 18.65 -45.00 -20.04
C MET B 48 19.22 -45.08 -21.44
N VAL B 49 18.74 -44.23 -22.35
CA VAL B 49 19.31 -44.22 -23.70
C VAL B 49 20.69 -43.56 -23.71
N GLN B 50 20.85 -42.49 -22.93
CA GLN B 50 22.09 -41.72 -22.97
C GLN B 50 23.23 -42.44 -22.26
N PHE B 51 22.96 -43.05 -21.11
CA PHE B 51 24.00 -43.67 -20.29
C PHE B 51 24.10 -45.17 -20.54
N SER B 52 23.88 -45.62 -21.77
CA SER B 52 24.09 -47.03 -22.08
C SER B 52 25.58 -47.32 -22.18
N THR B 53 26.01 -48.42 -21.59
CA THR B 53 27.42 -48.79 -21.51
C THR B 53 27.74 -49.87 -22.53
N SER B 54 28.98 -50.35 -22.50
CA SER B 54 29.45 -51.38 -23.41
C SER B 54 29.62 -52.74 -22.74
N GLU B 55 29.98 -52.76 -21.46
CA GLU B 55 30.29 -54.00 -20.78
C GLU B 55 29.07 -54.81 -20.37
N PHE B 56 27.90 -54.19 -20.29
CA PHE B 56 26.70 -54.85 -19.79
C PHE B 56 25.47 -54.09 -20.28
N ARG B 57 24.30 -54.45 -19.76
CA ARG B 57 23.05 -53.83 -20.19
C ARG B 57 22.05 -53.95 -19.06
N LEU B 58 21.41 -52.83 -18.73
CA LEU B 58 20.37 -52.83 -17.71
C LEU B 58 19.02 -53.20 -18.31
N THR B 59 18.16 -53.77 -17.49
CA THR B 59 16.80 -54.10 -17.90
C THR B 59 15.84 -53.66 -16.80
N PRO B 60 15.20 -52.50 -16.94
CA PRO B 60 14.22 -52.07 -15.94
C PRO B 60 12.84 -52.68 -16.18
N HIS B 61 12.32 -53.32 -15.15
CA HIS B 61 10.93 -53.79 -15.14
C HIS B 61 10.08 -52.72 -14.47
N ILE B 62 9.18 -52.13 -15.23
CA ILE B 62 8.47 -50.92 -14.81
C ILE B 62 7.10 -51.29 -14.26
N ASP B 63 6.78 -50.78 -13.07
CA ASP B 63 5.48 -50.97 -12.44
C ASP B 63 4.84 -49.61 -12.23
N ASN B 64 3.71 -49.37 -12.90
CA ASN B 64 2.99 -48.11 -12.81
C ASN B 64 1.80 -48.31 -11.88
N LEU B 65 2.07 -48.21 -10.58
CA LEU B 65 1.04 -48.39 -9.55
C LEU B 65 1.00 -47.16 -8.66
N GLU B 66 0.01 -47.12 -7.77
CA GLU B 66 -0.15 -46.01 -6.85
C GLU B 66 0.98 -45.99 -5.82
N VAL B 67 1.19 -44.82 -5.22
CA VAL B 67 2.33 -44.61 -4.33
C VAL B 67 1.82 -44.37 -2.90
N ALA B 68 0.58 -43.92 -2.77
CA ALA B 68 0.03 -43.66 -1.45
C ALA B 68 -0.51 -44.93 -0.81
N ASN B 69 -1.16 -45.79 -1.59
CA ASN B 69 -1.70 -47.04 -1.08
C ASN B 69 -0.56 -48.03 -0.90
N SER B 70 -0.25 -48.39 0.35
CA SER B 70 0.89 -49.23 0.64
C SER B 70 0.70 -50.68 0.20
N PHE B 71 -0.55 -51.11 0.01
CA PHE B 71 -0.80 -52.47 -0.44
C PHE B 71 -0.35 -52.68 -1.87
N ALA B 72 -0.63 -51.71 -2.76
CA ALA B 72 -0.16 -51.80 -4.13
C ALA B 72 1.36 -51.65 -4.20
N VAL B 73 1.95 -50.87 -3.30
CA VAL B 73 3.40 -50.74 -3.25
C VAL B 73 4.04 -52.06 -2.81
N THR B 74 3.42 -52.74 -1.85
CA THR B 74 3.94 -54.03 -1.40
C THR B 74 3.77 -55.09 -2.47
N ASN B 75 2.68 -55.02 -3.24
CA ASN B 75 2.49 -55.93 -4.36
C ASN B 75 3.52 -55.70 -5.45
N ALA B 76 3.82 -54.44 -5.77
CA ALA B 76 4.82 -54.13 -6.78
C ALA B 76 6.21 -54.52 -6.30
N PHE B 77 6.48 -54.38 -5.00
CA PHE B 77 7.76 -54.80 -4.43
C PHE B 77 7.93 -56.30 -4.52
N CYS B 78 6.91 -57.06 -4.15
CA CYS B 78 7.04 -58.52 -4.19
C CYS B 78 7.00 -59.06 -5.62
N SER B 79 6.37 -58.31 -6.54
CA SER B 79 6.41 -58.72 -7.95
C SER B 79 7.77 -58.46 -8.56
N GLN B 80 8.43 -57.36 -8.15
CA GLN B 80 9.80 -57.12 -8.60
C GLN B 80 10.78 -58.08 -7.94
N PHE B 81 10.51 -58.47 -6.68
CA PHE B 81 11.39 -59.40 -5.99
C PHE B 81 11.21 -60.82 -6.50
N SER B 82 10.02 -61.15 -7.02
CA SER B 82 9.81 -62.44 -7.65
C SER B 82 10.58 -62.55 -8.97
N ARG B 83 10.81 -61.41 -9.63
CA ARG B 83 11.63 -61.40 -10.83
C ARG B 83 13.13 -61.46 -10.53
N GLY B 84 13.52 -61.28 -9.29
CA GLY B 84 14.92 -61.37 -8.91
C GLY B 84 15.76 -60.22 -9.40
N VAL B 85 15.52 -59.02 -8.88
CA VAL B 85 16.24 -57.83 -9.29
C VAL B 85 17.40 -57.59 -8.34
N TYR B 86 18.36 -56.79 -8.80
CA TYR B 86 19.51 -56.40 -7.97
C TYR B 86 19.34 -55.02 -7.35
N ALA B 87 18.52 -54.17 -7.94
CA ALA B 87 18.28 -52.84 -7.40
C ALA B 87 16.87 -52.40 -7.78
N ILE B 88 16.31 -51.52 -6.96
CA ILE B 88 14.96 -51.00 -7.17
C ILE B 88 15.03 -49.48 -7.13
N PHE B 89 14.66 -48.84 -8.23
CA PHE B 89 14.50 -47.40 -8.33
C PHE B 89 13.03 -47.05 -8.26
N GLY B 90 12.72 -45.92 -7.65
CA GLY B 90 11.33 -45.49 -7.61
C GLY B 90 11.10 -44.44 -6.56
N PHE B 91 9.88 -43.92 -6.58
CA PHE B 91 9.45 -42.89 -5.65
C PHE B 91 8.83 -43.53 -4.41
N TYR B 92 8.59 -42.71 -3.40
CA TYR B 92 7.82 -43.13 -2.24
C TYR B 92 7.12 -41.91 -1.66
N ASP B 93 5.89 -42.12 -1.18
CA ASP B 93 5.17 -41.08 -0.49
C ASP B 93 5.66 -41.01 0.96
N LYS B 94 5.34 -39.91 1.64
CA LYS B 94 5.57 -39.82 3.08
C LYS B 94 4.64 -40.73 3.86
N LYS B 95 3.53 -41.15 3.26
CA LYS B 95 2.61 -42.08 3.89
C LYS B 95 3.08 -43.53 3.81
N SER B 96 4.14 -43.84 3.06
CA SER B 96 4.60 -45.21 2.92
C SER B 96 6.13 -45.30 2.96
N VAL B 97 6.78 -44.41 3.69
CA VAL B 97 8.24 -44.49 3.79
C VAL B 97 8.65 -45.64 4.70
N ASN B 98 7.91 -45.88 5.78
CA ASN B 98 8.29 -46.88 6.76
C ASN B 98 8.09 -48.29 6.22
N THR B 99 7.30 -48.43 5.16
CA THR B 99 7.30 -49.69 4.40
C THR B 99 8.61 -49.88 3.67
N ILE B 100 9.05 -48.86 2.94
CA ILE B 100 10.18 -49.00 2.02
C ILE B 100 11.48 -49.14 2.79
N THR B 101 11.58 -48.45 3.94
CA THR B 101 12.75 -48.62 4.80
C THR B 101 12.74 -49.99 5.49
N SER B 102 11.58 -50.63 5.56
CA SER B 102 11.52 -51.96 6.18
C SER B 102 11.92 -53.04 5.20
N PHE B 103 11.18 -53.17 4.09
CA PHE B 103 11.37 -54.27 3.16
C PHE B 103 12.68 -54.20 2.41
N CYS B 104 13.24 -53.01 2.20
CA CYS B 104 14.57 -52.89 1.63
C CYS B 104 15.66 -52.97 2.69
N GLY B 105 15.31 -52.92 3.98
CA GLY B 105 16.29 -53.02 5.03
C GLY B 105 16.52 -54.44 5.47
N THR B 106 15.46 -55.25 5.44
CA THR B 106 15.57 -56.65 5.85
C THR B 106 16.12 -57.51 4.72
N LEU B 107 15.58 -57.35 3.52
CA LEU B 107 16.00 -58.16 2.38
C LEU B 107 17.30 -57.70 1.75
N HIS B 108 17.89 -56.60 2.24
CA HIS B 108 19.20 -56.09 1.83
C HIS B 108 19.24 -55.75 0.35
N VAL B 109 18.20 -55.09 -0.13
CA VAL B 109 18.09 -54.64 -1.52
C VAL B 109 18.20 -53.12 -1.52
N SER B 110 19.10 -52.58 -2.34
CA SER B 110 19.31 -51.15 -2.39
C SER B 110 18.13 -50.46 -3.07
N PHE B 111 17.73 -49.32 -2.51
CA PHE B 111 16.61 -48.54 -3.03
C PHE B 111 17.08 -47.13 -3.30
N ILE B 112 17.05 -46.72 -4.57
CA ILE B 112 17.48 -45.39 -5.00
C ILE B 112 16.23 -44.57 -5.27
N THR B 113 16.19 -43.35 -4.72
CA THR B 113 15.00 -42.51 -4.78
C THR B 113 15.31 -41.04 -4.98
N PRO B 114 14.50 -40.34 -5.76
CA PRO B 114 14.58 -38.87 -5.83
C PRO B 114 13.66 -38.12 -4.86
N SER B 115 13.03 -38.81 -3.92
CA SER B 115 12.04 -38.19 -3.04
C SER B 115 12.74 -37.48 -1.88
N PHE B 116 11.95 -37.09 -0.88
CA PHE B 116 12.44 -36.28 0.22
C PHE B 116 13.37 -37.10 1.12
N PRO B 117 14.30 -36.45 1.83
CA PRO B 117 15.17 -37.18 2.74
C PRO B 117 14.42 -37.70 3.96
N THR B 118 14.71 -38.95 4.32
CA THR B 118 14.08 -39.60 5.45
C THR B 118 14.59 -39.02 6.76
N ASP B 119 13.85 -39.30 7.83
CA ASP B 119 14.22 -38.87 9.18
C ASP B 119 14.89 -40.05 9.87
N GLY B 120 16.20 -40.12 9.74
CA GLY B 120 16.99 -41.16 10.35
C GLY B 120 18.05 -41.66 9.39
N THR B 121 18.77 -42.69 9.81
CA THR B 121 19.83 -43.31 9.02
C THR B 121 19.38 -44.73 8.69
N HIS B 122 18.65 -44.86 7.60
CA HIS B 122 18.14 -46.17 7.22
C HIS B 122 19.09 -46.83 6.22
N PRO B 123 19.41 -48.11 6.40
CA PRO B 123 20.27 -48.79 5.44
C PRO B 123 19.57 -49.02 4.11
N PHE B 124 20.39 -49.12 3.05
CA PHE B 124 19.96 -49.40 1.67
C PHE B 124 18.99 -48.35 1.13
N VAL B 125 19.09 -47.12 1.62
CA VAL B 125 18.26 -46.03 1.15
C VAL B 125 19.22 -44.98 0.58
N ILE B 126 19.34 -44.95 -0.74
CA ILE B 126 20.15 -43.96 -1.43
C ILE B 126 19.20 -42.92 -2.00
N GLN B 127 19.42 -41.66 -1.64
CA GLN B 127 18.45 -40.60 -1.89
C GLN B 127 19.10 -39.48 -2.70
N MET B 128 18.29 -38.84 -3.55
CA MET B 128 18.80 -37.84 -4.48
C MET B 128 18.49 -36.41 -4.05
N ARG B 129 17.51 -36.18 -3.21
CA ARG B 129 17.24 -34.80 -2.82
C ARG B 129 18.12 -34.42 -1.64
N PRO B 130 18.87 -33.32 -1.73
CA PRO B 130 19.65 -32.88 -0.56
C PRO B 130 18.78 -32.28 0.53
N ASP B 131 19.40 -31.90 1.65
CA ASP B 131 18.66 -31.29 2.74
C ASP B 131 18.25 -29.87 2.37
N LEU B 132 16.98 -29.55 2.65
CA LEU B 132 16.45 -28.22 2.40
C LEU B 132 16.32 -27.40 3.68
N LYS B 133 16.27 -28.04 4.85
CA LYS B 133 16.05 -27.33 6.11
C LYS B 133 17.24 -26.46 6.46
N GLY B 134 18.46 -26.94 6.22
CA GLY B 134 19.65 -26.16 6.54
C GLY B 134 19.78 -24.91 5.68
N ALA B 135 19.53 -25.06 4.37
CA ALA B 135 19.57 -23.91 3.47
C ALA B 135 18.45 -22.92 3.77
N LEU B 136 17.27 -23.43 4.16
CA LEU B 136 16.15 -22.54 4.49
C LEU B 136 16.43 -21.74 5.76
N LEU B 137 16.97 -22.40 6.78
CA LEU B 137 17.33 -21.69 8.01
C LEU B 137 18.50 -20.73 7.79
N SER B 138 19.43 -21.09 6.90
CA SER B 138 20.50 -20.17 6.54
C SER B 138 19.95 -18.96 5.79
N LEU B 139 18.91 -19.14 4.97
CA LEU B 139 18.30 -18.03 4.27
C LEU B 139 17.54 -17.11 5.23
N ILE B 140 16.89 -17.69 6.24
CA ILE B 140 16.21 -16.86 7.25
C ILE B 140 17.24 -16.08 8.06
N GLU B 141 18.31 -16.74 8.49
CA GLU B 141 19.36 -16.05 9.24
C GLU B 141 20.12 -15.03 8.40
N TYR B 142 20.13 -15.20 7.08
CA TYR B 142 20.67 -14.16 6.20
C TYR B 142 19.71 -12.99 6.09
N TYR B 143 18.41 -13.25 5.99
CA TYR B 143 17.41 -12.20 5.93
C TYR B 143 17.09 -11.60 7.29
N GLN B 144 17.47 -12.28 8.37
CA GLN B 144 17.31 -11.81 9.76
C GLN B 144 15.85 -11.52 10.12
N TRP B 145 15.05 -12.58 10.11
CA TRP B 145 13.63 -12.46 10.42
C TRP B 145 13.37 -12.77 11.89
N ASP B 146 12.23 -12.27 12.37
CA ASP B 146 11.78 -12.55 13.73
C ASP B 146 10.31 -12.92 13.83
N LYS B 147 9.47 -12.55 12.87
CA LYS B 147 8.05 -12.85 12.91
C LYS B 147 7.60 -13.12 11.48
N PHE B 148 7.22 -14.36 11.19
CA PHE B 148 6.81 -14.72 9.85
C PHE B 148 5.80 -15.86 9.90
N ALA B 149 5.15 -16.10 8.78
CA ALA B 149 4.19 -17.18 8.62
C ALA B 149 4.79 -18.30 7.79
N TYR B 150 4.26 -19.50 7.98
CA TYR B 150 4.82 -20.72 7.38
C TYR B 150 3.65 -21.57 6.93
N LEU B 151 3.32 -21.49 5.64
CA LEU B 151 2.21 -22.26 5.08
C LEU B 151 2.77 -23.57 4.56
N TYR B 152 2.46 -24.68 5.23
CA TYR B 152 3.07 -25.96 4.91
C TYR B 152 2.03 -26.96 4.43
N ASP B 153 2.51 -27.94 3.67
CA ASP B 153 1.71 -29.05 3.16
C ASP B 153 2.11 -30.32 3.89
N SER B 154 1.14 -31.17 4.18
CA SER B 154 1.33 -32.35 5.02
C SER B 154 1.53 -33.62 4.20
N ASP B 155 2.22 -33.55 3.06
CA ASP B 155 2.39 -34.71 2.20
C ASP B 155 3.82 -35.17 2.06
N ARG B 156 4.80 -34.48 2.64
CA ARG B 156 6.20 -34.90 2.61
C ARG B 156 6.77 -34.93 4.01
N GLY B 157 5.96 -35.35 4.98
CA GLY B 157 6.41 -35.38 6.35
C GLY B 157 6.37 -34.01 6.98
N LEU B 158 6.81 -33.96 8.24
CA LEU B 158 6.81 -32.72 9.01
C LEU B 158 8.21 -32.40 9.52
N SER B 159 9.24 -32.81 8.79
CA SER B 159 10.61 -32.59 9.25
C SER B 159 10.99 -31.11 9.17
N THR B 160 10.59 -30.43 8.10
CA THR B 160 10.91 -29.02 7.95
C THR B 160 10.17 -28.17 8.96
N LEU B 161 8.93 -28.54 9.30
CA LEU B 161 8.17 -27.81 10.31
C LEU B 161 8.81 -27.94 11.68
N GLN B 162 9.24 -29.15 12.05
CA GLN B 162 9.94 -29.36 13.31
C GLN B 162 11.28 -28.64 13.34
N ALA B 163 11.98 -28.59 12.19
CA ALA B 163 13.25 -27.88 12.13
C ALA B 163 13.07 -26.38 12.31
N VAL B 164 12.08 -25.79 11.65
CA VAL B 164 11.90 -24.35 11.77
C VAL B 164 11.31 -24.00 13.13
N LEU B 165 10.55 -24.89 13.76
CA LEU B 165 10.07 -24.60 15.12
C LEU B 165 11.19 -24.72 16.14
N ASP B 166 12.08 -25.71 15.99
CA ASP B 166 13.22 -25.83 16.89
C ASP B 166 14.17 -24.64 16.76
N SER B 167 14.50 -24.24 15.53
CA SER B 167 15.36 -23.08 15.36
C SER B 167 14.67 -21.76 15.67
N ALA B 168 13.33 -21.73 15.60
CA ALA B 168 12.61 -20.53 16.02
C ALA B 168 12.62 -20.40 17.53
N ALA B 169 12.49 -21.52 18.24
CA ALA B 169 12.55 -21.47 19.69
C ALA B 169 13.98 -21.23 20.18
N GLU B 170 14.97 -21.67 19.39
CA GLU B 170 16.36 -21.42 19.75
C GLU B 170 16.82 -20.02 19.38
N LYS B 171 16.16 -19.39 18.40
CA LYS B 171 16.58 -18.07 17.95
C LYS B 171 15.54 -16.99 18.24
N LYS B 172 14.52 -17.30 19.05
CA LYS B 172 13.49 -16.37 19.53
C LYS B 172 12.72 -15.72 18.37
N TRP B 173 12.02 -16.56 17.62
CA TRP B 173 11.22 -16.13 16.48
C TRP B 173 9.74 -16.28 16.79
N GLN B 174 8.90 -15.78 15.87
CA GLN B 174 7.45 -15.87 15.99
C GLN B 174 6.91 -16.47 14.70
N VAL B 175 6.62 -17.77 14.74
CA VAL B 175 6.20 -18.52 13.54
C VAL B 175 4.70 -18.75 13.61
N THR B 176 4.00 -18.26 12.61
CA THR B 176 2.57 -18.52 12.42
C THR B 176 2.49 -19.65 11.40
N ALA B 177 2.50 -20.89 11.89
CA ALA B 177 2.62 -22.07 11.04
C ALA B 177 1.24 -22.67 10.81
N ILE B 178 0.83 -22.74 9.55
CA ILE B 178 -0.52 -23.17 9.18
C ILE B 178 -0.42 -24.29 8.16
N ASN B 179 -1.12 -25.40 8.44
CA ASN B 179 -1.25 -26.47 7.46
C ASN B 179 -2.27 -26.07 6.40
N VAL B 180 -2.04 -26.55 5.18
CA VAL B 180 -2.89 -26.17 4.05
C VAL B 180 -3.29 -27.43 3.29
N GLY B 181 -2.69 -28.56 3.64
CA GLY B 181 -2.84 -29.79 2.87
C GLY B 181 -4.19 -30.46 2.99
N ASN B 182 -4.96 -30.16 4.03
CA ASN B 182 -6.26 -30.79 4.24
C ASN B 182 -7.39 -30.08 3.50
N ILE B 183 -7.07 -29.16 2.59
CA ILE B 183 -8.08 -28.41 1.86
C ILE B 183 -8.35 -29.12 0.54
N ASN B 184 -9.61 -29.49 0.32
CA ASN B 184 -10.00 -30.17 -0.91
C ASN B 184 -10.01 -29.20 -2.09
N ASN B 185 -10.10 -29.78 -3.29
CA ASN B 185 -10.12 -29.00 -4.51
C ASN B 185 -11.51 -28.47 -4.85
N ASP B 186 -12.54 -28.86 -4.10
CA ASP B 186 -13.90 -28.44 -4.39
C ASP B 186 -14.22 -27.05 -3.87
N LYS B 187 -13.67 -26.66 -2.73
CA LYS B 187 -13.96 -25.37 -2.12
C LYS B 187 -12.66 -24.68 -1.70
N LYS B 188 -11.67 -24.68 -2.58
CA LYS B 188 -10.40 -24.02 -2.28
C LYS B 188 -10.37 -22.58 -2.78
N ASP B 189 -11.41 -21.82 -2.45
CA ASP B 189 -11.40 -20.38 -2.69
C ASP B 189 -11.80 -19.58 -1.47
N GLU B 190 -12.79 -20.06 -0.70
CA GLU B 190 -13.17 -19.37 0.53
C GLU B 190 -12.23 -19.74 1.68
N THR B 191 -11.65 -20.93 1.63
CA THR B 191 -10.68 -21.34 2.64
C THR B 191 -9.41 -20.49 2.56
N TYR B 192 -8.93 -20.25 1.34
CA TYR B 192 -7.76 -19.38 1.17
C TYR B 192 -8.08 -17.93 1.50
N ARG B 193 -9.32 -17.50 1.26
CA ARG B 193 -9.74 -16.15 1.61
C ARG B 193 -9.76 -15.96 3.12
N SER B 194 -10.32 -16.94 3.85
CA SER B 194 -10.29 -16.89 5.31
C SER B 194 -8.86 -17.05 5.84
N LEU B 195 -8.01 -17.79 5.12
CA LEU B 195 -6.62 -17.96 5.52
C LEU B 195 -5.85 -16.65 5.45
N PHE B 196 -5.92 -15.96 4.31
CA PHE B 196 -5.23 -14.68 4.22
C PHE B 196 -5.99 -13.54 4.88
N GLN B 197 -7.22 -13.76 5.33
CA GLN B 197 -7.85 -12.79 6.22
C GLN B 197 -7.34 -12.97 7.64
N ASP B 198 -7.11 -14.22 8.08
CA ASP B 198 -6.52 -14.47 9.38
C ASP B 198 -5.04 -14.13 9.42
N LEU B 199 -4.36 -14.14 8.28
CA LEU B 199 -2.97 -13.70 8.23
C LEU B 199 -2.81 -12.18 8.30
N GLU B 200 -3.90 -11.42 8.21
CA GLU B 200 -3.86 -9.97 8.35
C GLU B 200 -4.25 -9.52 9.76
N LEU B 201 -4.37 -10.45 10.70
CA LEU B 201 -4.66 -10.07 12.09
C LEU B 201 -3.44 -9.44 12.74
N LYS B 202 -2.29 -10.11 12.66
CA LYS B 202 -1.05 -9.61 13.23
C LYS B 202 -0.22 -8.83 12.22
N LYS B 203 -0.81 -8.49 11.07
CA LYS B 203 -0.16 -7.76 9.97
C LYS B 203 1.10 -8.49 9.50
N GLU B 204 0.93 -9.73 9.08
CA GLU B 204 2.05 -10.54 8.63
C GLU B 204 2.51 -10.08 7.25
N ARG B 205 3.83 -9.96 7.09
CA ARG B 205 4.42 -9.48 5.86
C ARG B 205 5.26 -10.53 5.13
N ARG B 206 5.67 -11.59 5.82
CA ARG B 206 6.69 -12.51 5.31
C ARG B 206 6.16 -13.93 5.46
N VAL B 207 6.02 -14.65 4.35
CA VAL B 207 5.39 -15.96 4.32
C VAL B 207 6.31 -16.93 3.61
N ILE B 208 6.59 -18.08 4.23
CA ILE B 208 7.36 -19.15 3.62
C ILE B 208 6.38 -20.24 3.17
N LEU B 209 6.41 -20.56 1.89
CA LEU B 209 5.51 -21.54 1.29
C LEU B 209 6.24 -22.86 1.14
N ASP B 210 5.92 -23.83 1.99
CA ASP B 210 6.51 -25.16 1.92
C ASP B 210 5.45 -26.07 1.28
N CYS B 211 5.39 -26.03 -0.05
CA CYS B 211 4.46 -26.87 -0.81
C CYS B 211 5.18 -27.48 -1.99
N GLU B 212 4.52 -28.42 -2.65
CA GLU B 212 5.08 -29.12 -3.79
C GLU B 212 4.86 -28.28 -5.05
N ARG B 213 5.22 -28.84 -6.21
CA ARG B 213 5.15 -28.12 -7.47
C ARG B 213 3.73 -27.82 -7.93
N ASP B 214 2.72 -28.47 -7.36
CA ASP B 214 1.34 -28.25 -7.76
C ASP B 214 0.60 -27.27 -6.87
N LYS B 215 0.87 -27.28 -5.57
CA LYS B 215 0.14 -26.40 -4.66
C LYS B 215 0.67 -24.98 -4.68
N VAL B 216 1.95 -24.80 -5.00
CA VAL B 216 2.56 -23.47 -5.05
C VAL B 216 1.91 -22.61 -6.12
N ASN B 217 1.63 -23.20 -7.28
CA ASN B 217 0.99 -22.45 -8.37
C ASN B 217 -0.43 -22.04 -8.02
N ASP B 218 -1.15 -22.91 -7.31
CA ASP B 218 -2.51 -22.57 -6.88
C ASP B 218 -2.50 -21.49 -5.82
N ILE B 219 -1.55 -21.54 -4.89
CA ILE B 219 -1.44 -20.51 -3.86
C ILE B 219 -1.06 -19.17 -4.46
N VAL B 220 -0.13 -19.17 -5.43
CA VAL B 220 0.26 -17.94 -6.10
C VAL B 220 -0.91 -17.37 -6.91
N ASP B 221 -1.69 -18.24 -7.56
CA ASP B 221 -2.86 -17.78 -8.30
C ASP B 221 -3.91 -17.18 -7.39
N GLN B 222 -4.13 -17.77 -6.21
CA GLN B 222 -5.12 -17.19 -5.30
C GLN B 222 -4.61 -15.93 -4.62
N VAL B 223 -3.30 -15.81 -4.40
CA VAL B 223 -2.71 -14.56 -3.91
C VAL B 223 -2.90 -13.45 -4.93
N ILE B 224 -2.65 -13.75 -6.21
CA ILE B 224 -2.83 -12.79 -7.28
C ILE B 224 -4.31 -12.41 -7.42
N THR B 225 -5.21 -13.37 -7.21
CA THR B 225 -6.63 -13.09 -7.22
C THR B 225 -7.03 -12.14 -6.10
N ILE B 226 -6.54 -12.39 -4.88
CA ILE B 226 -6.85 -11.50 -3.77
C ILE B 226 -5.92 -10.30 -3.69
N GLY B 227 -4.86 -10.27 -4.50
CA GLY B 227 -3.99 -9.11 -4.58
C GLY B 227 -3.10 -8.89 -3.38
N LYS B 228 -2.18 -9.82 -3.15
CA LYS B 228 -1.18 -9.70 -2.08
C LYS B 228 0.21 -10.01 -2.61
N HIS B 229 0.56 -9.40 -3.75
CA HIS B 229 1.89 -9.57 -4.33
C HIS B 229 2.52 -8.23 -4.70
N VAL B 230 2.06 -7.14 -4.09
CA VAL B 230 2.63 -5.82 -4.33
C VAL B 230 3.90 -5.68 -3.50
N LYS B 231 4.64 -4.60 -3.74
CA LYS B 231 5.89 -4.34 -3.02
C LYS B 231 5.61 -4.09 -1.55
N GLY B 232 6.16 -4.95 -0.70
CA GLY B 232 5.95 -4.86 0.73
C GLY B 232 5.85 -6.22 1.40
N TYR B 233 5.58 -7.25 0.60
CA TYR B 233 5.48 -8.62 1.09
C TYR B 233 6.70 -9.41 0.64
N HIS B 234 6.81 -10.63 1.15
CA HIS B 234 7.93 -11.51 0.83
C HIS B 234 7.43 -12.93 0.71
N TYR B 235 8.11 -13.72 -0.13
CA TYR B 235 7.78 -15.12 -0.33
C TYR B 235 9.05 -15.93 -0.49
N ILE B 236 9.02 -17.17 -0.01
CA ILE B 236 10.12 -18.12 -0.21
C ILE B 236 9.52 -19.42 -0.72
N ILE B 237 9.92 -19.83 -1.92
CA ILE B 237 9.40 -21.04 -2.54
C ILE B 237 10.29 -22.19 -2.07
N ALA B 238 9.83 -22.91 -1.04
CA ALA B 238 10.67 -23.85 -0.31
C ALA B 238 10.68 -25.22 -1.00
N ASN B 239 11.38 -25.27 -2.12
CA ASN B 239 11.68 -26.52 -2.81
C ASN B 239 12.94 -26.31 -3.66
N LEU B 240 13.36 -27.37 -4.33
CA LEU B 240 14.49 -27.26 -5.23
C LEU B 240 14.08 -26.72 -6.60
N GLY B 241 12.80 -26.86 -6.96
CA GLY B 241 12.31 -26.37 -8.23
C GLY B 241 11.73 -24.97 -8.17
N PHE B 242 12.59 -23.96 -8.02
CA PHE B 242 12.12 -22.59 -7.99
C PHE B 242 11.67 -22.11 -9.37
N THR B 243 12.33 -22.57 -10.43
CA THR B 243 11.96 -22.21 -11.79
C THR B 243 10.88 -23.11 -12.37
N ASP B 244 10.40 -24.10 -11.61
CA ASP B 244 9.38 -25.01 -12.13
C ASP B 244 8.01 -24.34 -12.19
N GLY B 245 7.69 -23.53 -11.19
CA GLY B 245 6.40 -22.86 -11.17
C GLY B 245 6.31 -21.75 -12.20
N ASP B 246 5.09 -21.28 -12.42
CA ASP B 246 4.84 -20.19 -13.35
C ASP B 246 5.19 -18.89 -12.64
N LEU B 247 6.38 -18.36 -12.90
CA LEU B 247 6.85 -17.14 -12.26
C LEU B 247 6.71 -15.92 -13.17
N LEU B 248 6.00 -16.04 -14.27
CA LEU B 248 5.72 -14.88 -15.11
C LEU B 248 4.54 -14.07 -14.59
N LYS B 249 3.94 -14.47 -13.48
CA LYS B 249 2.74 -13.82 -12.95
C LYS B 249 2.96 -13.06 -11.66
N ILE B 250 4.03 -13.34 -10.93
CA ILE B 250 4.43 -12.50 -9.79
C ILE B 250 5.80 -11.90 -10.06
N GLN B 251 6.12 -11.69 -11.34
CA GLN B 251 7.39 -11.09 -11.70
C GLN B 251 7.32 -9.56 -11.65
N PHE B 252 6.20 -8.99 -12.08
CA PHE B 252 6.01 -7.55 -12.08
C PHE B 252 5.24 -7.05 -10.86
N GLY B 253 5.10 -7.87 -9.83
CA GLY B 253 4.31 -7.46 -8.68
C GLY B 253 5.06 -6.51 -7.77
N GLY B 254 6.37 -6.71 -7.63
CA GLY B 254 7.18 -5.90 -6.77
C GLY B 254 7.56 -6.57 -5.47
N ALA B 255 6.89 -7.66 -5.10
CA ALA B 255 7.23 -8.41 -3.90
C ALA B 255 8.43 -9.29 -4.21
N ASN B 256 9.54 -9.03 -3.52
CA ASN B 256 10.75 -9.84 -3.70
C ASN B 256 10.56 -11.26 -3.21
N VAL B 257 10.79 -12.21 -4.12
CA VAL B 257 10.51 -13.62 -3.90
C VAL B 257 11.85 -14.36 -4.00
N SER B 258 12.17 -15.14 -2.96
CA SER B 258 13.37 -15.95 -2.97
C SER B 258 13.03 -17.44 -3.10
N GLY B 259 14.04 -18.22 -3.43
CA GLY B 259 13.84 -19.66 -3.52
C GLY B 259 15.17 -20.35 -3.74
N PHE B 260 15.08 -21.67 -3.86
CA PHE B 260 16.25 -22.54 -3.94
C PHE B 260 16.25 -23.28 -5.27
N GLN B 261 17.43 -23.42 -5.86
CA GLN B 261 17.58 -24.07 -7.15
C GLN B 261 18.69 -25.11 -7.07
N ILE B 262 18.42 -26.29 -7.61
CA ILE B 262 19.39 -27.36 -7.66
C ILE B 262 19.92 -27.59 -9.09
N VAL B 263 19.24 -27.09 -10.10
CA VAL B 263 19.62 -27.26 -11.49
C VAL B 263 20.13 -25.91 -11.99
N ASP B 264 21.45 -25.75 -12.04
CA ASP B 264 22.04 -24.50 -12.51
C ASP B 264 22.09 -24.52 -14.03
N TYR B 265 21.25 -23.71 -14.67
CA TYR B 265 21.13 -23.72 -16.13
C TYR B 265 22.30 -23.06 -16.83
N ASP B 266 23.22 -22.43 -16.11
CA ASP B 266 24.37 -21.77 -16.72
C ASP B 266 25.55 -22.71 -16.92
N ASP B 267 25.47 -23.94 -16.46
CA ASP B 267 26.54 -24.91 -16.67
C ASP B 267 26.54 -25.41 -18.11
N SER B 268 27.65 -26.05 -18.49
CA SER B 268 27.77 -26.55 -19.86
C SER B 268 26.95 -27.82 -20.07
N LEU B 269 27.06 -28.77 -19.14
CA LEU B 269 26.34 -30.04 -19.27
C LEU B 269 24.84 -29.85 -19.12
N VAL B 270 24.44 -28.93 -18.23
CA VAL B 270 23.02 -28.65 -18.03
C VAL B 270 22.41 -27.99 -19.27
N SER B 271 23.14 -27.03 -19.85
CA SER B 271 22.66 -26.38 -21.08
C SER B 271 22.64 -27.34 -22.25
N LYS B 272 23.60 -28.28 -22.31
CA LYS B 272 23.56 -29.30 -23.35
C LYS B 272 22.37 -30.23 -23.17
N PHE B 273 22.04 -30.59 -21.92
CA PHE B 273 20.88 -31.44 -21.67
C PHE B 273 19.58 -30.72 -21.98
N ILE B 274 19.53 -29.40 -21.74
CA ILE B 274 18.33 -28.63 -22.08
C ILE B 274 18.20 -28.50 -23.59
N GLU B 275 19.32 -28.27 -24.29
CA GLU B 275 19.30 -28.19 -25.75
C GLU B 275 18.96 -29.53 -26.40
N ARG B 276 19.29 -30.65 -25.75
CA ARG B 276 18.85 -31.96 -26.22
C ARG B 276 17.48 -32.34 -25.68
N TRP B 277 16.93 -31.58 -24.74
CA TRP B 277 15.65 -31.90 -24.11
C TRP B 277 14.47 -31.22 -24.78
N SER B 278 14.59 -29.93 -25.12
CA SER B 278 13.48 -29.18 -25.67
C SER B 278 13.17 -29.56 -27.11
N THR B 279 14.09 -30.25 -27.79
CA THR B 279 13.88 -30.69 -29.16
C THR B 279 13.13 -32.01 -29.26
N LEU B 280 12.74 -32.60 -28.12
CA LEU B 280 12.09 -33.90 -28.13
C LEU B 280 10.61 -33.78 -28.50
N GLU B 281 10.06 -34.87 -28.99
CA GLU B 281 8.66 -34.92 -29.38
C GLU B 281 7.77 -35.08 -28.15
N GLU B 282 6.68 -34.31 -28.12
CA GLU B 282 5.75 -34.36 -26.99
C GLU B 282 4.97 -35.67 -26.99
N LYS B 283 4.62 -36.18 -28.17
CA LYS B 283 3.87 -37.43 -28.25
C LYS B 283 4.75 -38.63 -27.92
N GLU B 284 6.02 -38.59 -28.34
CA GLU B 284 6.93 -39.67 -28.01
C GLU B 284 7.45 -39.57 -26.59
N TYR B 285 7.57 -38.35 -26.06
CA TYR B 285 8.02 -38.11 -24.69
C TYR B 285 7.14 -37.05 -24.07
N PRO B 286 6.20 -37.43 -23.19
CA PRO B 286 5.31 -36.43 -22.59
C PRO B 286 6.03 -35.60 -21.52
N GLY B 287 5.71 -34.32 -21.49
CA GLY B 287 6.33 -33.41 -20.54
C GLY B 287 7.76 -33.05 -20.85
N ALA B 288 8.15 -33.09 -22.12
CA ALA B 288 9.51 -32.76 -22.52
C ALA B 288 9.61 -31.52 -23.40
N HIS B 289 8.49 -30.96 -23.85
CA HIS B 289 8.50 -29.78 -24.70
C HIS B 289 8.38 -28.52 -23.85
N THR B 290 9.32 -28.37 -22.93
CA THR B 290 9.43 -27.21 -22.06
C THR B 290 10.84 -26.65 -22.14
N ALA B 291 10.97 -25.36 -21.82
CA ALA B 291 12.28 -24.76 -21.74
C ALA B 291 13.02 -25.19 -20.48
N THR B 292 12.29 -25.53 -19.43
CA THR B 292 12.85 -25.97 -18.17
C THR B 292 12.50 -27.44 -17.94
N ILE B 293 12.86 -27.93 -16.75
CA ILE B 293 12.62 -29.31 -16.37
C ILE B 293 12.44 -29.35 -14.86
N LYS B 294 11.58 -30.25 -14.40
CA LYS B 294 11.33 -30.41 -12.97
C LYS B 294 12.56 -31.00 -12.28
N TYR B 295 12.67 -30.72 -10.98
CA TYR B 295 13.86 -31.12 -10.24
C TYR B 295 13.89 -32.63 -9.99
N THR B 296 12.71 -33.25 -9.85
CA THR B 296 12.66 -34.71 -9.69
C THR B 296 13.11 -35.43 -10.95
N SER B 297 12.84 -34.85 -12.13
CA SER B 297 13.30 -35.43 -13.37
C SER B 297 14.82 -35.35 -13.48
N ALA B 298 15.40 -34.23 -13.04
CA ALA B 298 16.86 -34.11 -13.04
C ALA B 298 17.50 -35.05 -12.02
N LEU B 299 16.83 -35.26 -10.87
CA LEU B 299 17.36 -36.21 -9.91
C LEU B 299 17.25 -37.66 -10.40
N THR B 300 16.20 -37.96 -11.17
CA THR B 300 16.11 -39.27 -11.82
C THR B 300 17.21 -39.45 -12.86
N TYR B 301 17.46 -38.41 -13.67
CA TYR B 301 18.52 -38.46 -14.68
C TYR B 301 19.90 -38.59 -14.05
N ASP B 302 20.08 -38.03 -12.85
CA ASP B 302 21.34 -38.22 -12.14
C ASP B 302 21.42 -39.60 -11.50
N ALA B 303 20.30 -40.14 -11.01
CA ALA B 303 20.30 -41.43 -10.35
C ALA B 303 20.55 -42.57 -11.33
N VAL B 304 20.11 -42.42 -12.58
CA VAL B 304 20.44 -43.39 -13.61
C VAL B 304 21.95 -43.44 -13.85
N GLN B 305 22.59 -42.26 -13.85
CA GLN B 305 24.05 -42.19 -13.99
C GLN B 305 24.75 -42.80 -12.77
N VAL B 306 24.19 -42.60 -11.58
CA VAL B 306 24.77 -43.18 -10.36
C VAL B 306 24.72 -44.70 -10.40
N MET B 307 23.56 -45.26 -10.79
CA MET B 307 23.41 -46.71 -10.87
C MET B 307 24.29 -47.30 -11.97
N THR B 308 24.41 -46.60 -13.10
CA THR B 308 25.26 -47.06 -14.19
C THR B 308 26.73 -47.05 -13.79
N GLU B 309 27.14 -46.01 -13.05
CA GLU B 309 28.53 -45.92 -12.60
C GLU B 309 28.86 -46.98 -11.56
N ALA B 310 27.91 -47.30 -10.68
CA ALA B 310 28.15 -48.35 -9.68
C ALA B 310 28.19 -49.73 -10.34
N PHE B 311 27.32 -49.99 -11.31
CA PHE B 311 27.37 -51.26 -12.02
C PHE B 311 28.62 -51.37 -12.89
N ARG B 312 29.11 -50.24 -13.42
CA ARG B 312 30.37 -50.26 -14.17
C ARG B 312 31.56 -50.48 -13.24
N ASN B 313 31.50 -49.97 -12.02
CA ASN B 313 32.56 -50.23 -11.06
C ASN B 313 32.58 -51.69 -10.62
N LEU B 314 31.41 -52.33 -10.52
CA LEU B 314 31.39 -53.76 -10.25
C LEU B 314 31.81 -54.57 -11.47
N ARG B 315 31.54 -54.08 -12.68
CA ARG B 315 32.02 -54.76 -13.87
C ARG B 315 33.53 -54.60 -14.04
N LYS B 316 34.11 -53.54 -13.49
CA LYS B 316 35.55 -53.31 -13.57
C LYS B 316 36.32 -53.91 -12.41
N GLN B 317 35.64 -54.24 -11.30
CA GLN B 317 36.31 -54.82 -10.14
C GLN B 317 36.38 -56.34 -10.20
N ARG B 318 35.91 -56.94 -11.30
CA ARG B 318 35.91 -58.39 -11.55
C ARG B 318 35.18 -59.15 -10.45
N ILE B 319 33.98 -58.67 -10.11
CA ILE B 319 33.14 -59.28 -9.10
C ILE B 319 31.90 -59.84 -9.79
N GLU B 320 31.75 -61.16 -9.76
CA GLU B 320 30.64 -61.83 -10.44
C GLU B 320 29.51 -62.04 -9.43
N ILE B 321 28.42 -61.29 -9.61
CA ILE B 321 27.23 -61.42 -8.79
C ILE B 321 26.04 -61.90 -9.62
N SER B 322 26.30 -62.48 -10.79
CA SER B 322 25.25 -62.84 -11.71
C SER B 322 24.45 -64.04 -11.21
N ARG B 323 23.14 -63.96 -11.34
CA ARG B 323 22.23 -65.01 -10.88
C ARG B 323 21.03 -65.02 -11.82
N ARG B 324 19.96 -65.68 -11.40
CA ARG B 324 18.74 -65.79 -12.19
C ARG B 324 17.57 -65.17 -11.42
N GLY B 325 16.37 -65.33 -11.97
CA GLY B 325 15.17 -64.83 -11.34
C GLY B 325 14.53 -65.82 -10.40
N ASN B 326 15.26 -66.22 -9.36
CA ASN B 326 14.80 -67.18 -8.36
C ASN B 326 15.12 -66.67 -6.96
N ALA B 327 14.78 -65.40 -6.71
CA ALA B 327 15.01 -64.82 -5.40
C ALA B 327 14.05 -65.34 -4.34
N GLY B 328 12.93 -65.94 -4.75
CA GLY B 328 12.00 -66.52 -3.81
C GLY B 328 10.89 -65.57 -3.42
N ASP B 329 10.13 -66.01 -2.41
CA ASP B 329 9.01 -65.23 -1.90
C ASP B 329 9.51 -64.10 -1.02
N CYS B 330 8.84 -62.96 -1.10
CA CYS B 330 9.20 -61.81 -0.28
C CYS B 330 8.81 -62.00 1.19
N LEU B 331 7.88 -62.90 1.48
CA LEU B 331 7.41 -63.15 2.84
C LEU B 331 7.97 -64.46 3.38
N ALA B 332 9.23 -64.75 3.06
CA ALA B 332 9.87 -65.97 3.56
C ALA B 332 10.13 -65.88 5.05
N ASN B 333 9.97 -67.00 5.74
CA ASN B 333 10.07 -67.05 7.20
C ASN B 333 11.00 -68.19 7.59
N PRO B 334 12.25 -67.89 7.99
CA PRO B 334 12.89 -66.57 7.95
C PRO B 334 13.46 -66.23 6.58
N ALA B 335 13.31 -64.98 6.15
CA ALA B 335 13.86 -64.52 4.87
C ALA B 335 15.35 -64.31 5.05
N VAL B 336 16.15 -65.26 4.57
CA VAL B 336 17.60 -65.16 4.68
C VAL B 336 18.13 -64.26 3.58
N PRO B 337 19.00 -63.30 3.90
CA PRO B 337 19.59 -62.44 2.87
C PRO B 337 20.69 -63.15 2.10
N TRP B 338 21.12 -62.49 1.02
CA TRP B 338 22.32 -62.89 0.28
C TRP B 338 23.35 -61.78 0.40
N GLY B 339 24.56 -62.14 0.83
CA GLY B 339 25.55 -61.18 1.29
C GLY B 339 26.17 -60.32 0.21
N GLN B 340 26.13 -60.76 -1.05
CA GLN B 340 26.76 -60.02 -2.13
C GLN B 340 26.02 -58.71 -2.44
N GLY B 341 24.79 -58.55 -1.96
CA GLY B 341 24.12 -57.27 -2.05
C GLY B 341 24.67 -56.23 -1.09
N VAL B 342 25.32 -56.68 -0.01
CA VAL B 342 25.86 -55.76 0.98
C VAL B 342 26.99 -54.92 0.39
N GLU B 343 27.76 -55.49 -0.54
CA GLU B 343 28.76 -54.70 -1.26
C GLU B 343 28.11 -53.71 -2.22
N ILE B 344 26.90 -54.03 -2.71
CA ILE B 344 26.23 -53.19 -3.70
C ILE B 344 25.87 -51.83 -3.12
N GLU B 345 25.36 -51.81 -1.88
CA GLU B 345 25.21 -50.55 -1.16
C GLU B 345 26.56 -49.89 -0.93
N ARG B 346 27.59 -50.69 -0.61
CA ARG B 346 28.95 -50.20 -0.55
C ARG B 346 29.46 -49.77 -1.93
N ALA B 347 28.85 -50.27 -3.00
CA ALA B 347 29.07 -49.70 -4.32
C ALA B 347 28.54 -48.27 -4.38
N LEU B 348 27.30 -48.07 -3.92
CA LEU B 348 26.61 -46.81 -4.13
C LEU B 348 27.21 -45.70 -3.28
N LYS B 349 27.74 -46.02 -2.10
CA LYS B 349 28.46 -45.04 -1.31
C LYS B 349 29.84 -44.72 -1.89
N GLN B 350 30.34 -45.54 -2.81
CA GLN B 350 31.64 -45.33 -3.42
C GLN B 350 31.56 -44.59 -4.75
N VAL B 351 30.43 -43.95 -5.06
CA VAL B 351 30.24 -43.25 -6.32
C VAL B 351 30.37 -41.75 -6.07
N GLN B 352 31.26 -41.10 -6.83
CA GLN B 352 31.42 -39.64 -6.78
C GLN B 352 31.46 -39.14 -8.21
N VAL B 353 30.34 -38.58 -8.68
CA VAL B 353 30.21 -38.17 -10.07
C VAL B 353 29.76 -36.72 -10.18
N GLU B 354 29.53 -36.27 -11.41
CA GLU B 354 29.05 -34.92 -11.68
C GLU B 354 27.84 -35.01 -12.60
N GLY B 355 26.69 -34.54 -12.11
CA GLY B 355 25.46 -34.55 -12.90
C GLY B 355 24.75 -33.22 -12.91
N LEU B 356 23.45 -33.23 -13.19
CA LEU B 356 22.67 -32.00 -13.28
C LEU B 356 22.53 -31.30 -11.95
N SER B 357 22.61 -32.04 -10.84
CA SER B 357 22.65 -31.45 -9.51
C SER B 357 24.07 -31.13 -9.05
N GLY B 358 25.03 -31.04 -9.98
CA GLY B 358 26.39 -30.72 -9.63
C GLY B 358 27.16 -31.92 -9.12
N ASN B 359 27.90 -31.74 -8.03
CA ASN B 359 28.69 -32.82 -7.46
C ASN B 359 27.79 -33.80 -6.73
N ILE B 360 28.00 -35.09 -6.98
CA ILE B 360 27.23 -36.16 -6.35
C ILE B 360 28.22 -37.02 -5.59
N LYS B 361 28.20 -36.91 -4.26
CA LYS B 361 29.03 -37.70 -3.38
C LYS B 361 28.20 -38.07 -2.16
N PHE B 362 28.35 -39.31 -1.70
CA PHE B 362 27.47 -39.88 -0.69
C PHE B 362 28.24 -40.19 0.58
N ASP B 363 27.50 -40.36 1.66
CA ASP B 363 28.06 -40.72 2.96
C ASP B 363 27.88 -42.21 3.22
N GLN B 364 28.21 -42.63 4.45
CA GLN B 364 27.99 -44.02 4.83
C GLN B 364 26.51 -44.35 5.02
N ASN B 365 25.68 -43.34 5.30
CA ASN B 365 24.26 -43.59 5.50
C ASN B 365 23.53 -43.70 4.17
N GLY B 366 23.72 -42.74 3.29
CA GLY B 366 23.02 -42.72 2.02
C GLY B 366 22.61 -41.32 1.60
N LYS B 367 22.86 -40.35 2.47
CA LYS B 367 22.56 -38.96 2.16
C LYS B 367 23.62 -38.38 1.22
N ARG B 368 23.43 -37.12 0.85
CA ARG B 368 24.33 -36.45 -0.08
C ARG B 368 25.23 -35.48 0.67
N ILE B 369 26.53 -35.57 0.37
CA ILE B 369 27.52 -34.64 0.91
C ILE B 369 28.16 -33.91 -0.26
N ASN B 370 28.70 -32.72 0.04
CA ASN B 370 29.43 -31.86 -0.89
C ASN B 370 28.57 -31.50 -2.11
N TYR B 371 27.44 -30.88 -1.82
CA TYR B 371 26.51 -30.42 -2.85
C TYR B 371 26.44 -28.90 -2.83
N THR B 372 25.61 -28.35 -3.71
CA THR B 372 25.52 -26.91 -3.91
C THR B 372 24.10 -26.54 -4.27
N ILE B 373 23.52 -25.59 -3.52
CA ILE B 373 22.18 -25.08 -3.78
C ILE B 373 22.28 -23.59 -4.08
N ASN B 374 21.77 -23.17 -5.23
CA ASN B 374 21.77 -21.77 -5.59
C ASN B 374 20.58 -21.07 -4.98
N ILE B 375 20.81 -19.84 -4.52
CA ILE B 375 19.76 -19.01 -3.92
C ILE B 375 19.29 -18.05 -4.99
N MET B 376 18.10 -18.27 -5.52
CA MET B 376 17.56 -17.44 -6.57
C MET B 376 16.63 -16.39 -5.98
N GLU B 377 16.68 -15.19 -6.54
CA GLU B 377 15.71 -14.14 -6.25
C GLU B 377 15.12 -13.66 -7.56
N LEU B 378 13.80 -13.47 -7.57
CA LEU B 378 13.10 -13.09 -8.80
C LEU B 378 13.19 -11.58 -8.99
N LYS B 379 13.94 -11.17 -10.00
CA LYS B 379 14.05 -9.75 -10.35
C LYS B 379 13.04 -9.43 -11.45
N THR B 380 13.16 -8.24 -12.04
CA THR B 380 12.22 -7.82 -13.08
C THR B 380 12.47 -8.59 -14.37
N ASN B 381 13.72 -8.66 -14.81
CA ASN B 381 14.05 -9.40 -16.03
C ASN B 381 13.97 -10.91 -15.86
N GLY B 382 13.92 -11.40 -14.62
CA GLY B 382 13.84 -12.81 -14.36
C GLY B 382 14.61 -13.18 -13.11
N PRO B 383 14.74 -14.47 -12.85
CA PRO B 383 15.48 -14.90 -11.65
C PRO B 383 16.98 -14.74 -11.84
N ARG B 384 17.63 -14.23 -10.79
CA ARG B 384 19.07 -14.00 -10.81
C ARG B 384 19.69 -14.64 -9.57
N LYS B 385 20.76 -15.40 -9.79
CA LYS B 385 21.45 -16.08 -8.69
C LYS B 385 22.25 -15.06 -7.88
N ILE B 386 22.03 -15.05 -6.56
CA ILE B 386 22.76 -14.16 -5.67
C ILE B 386 23.83 -14.87 -4.86
N GLY B 387 23.91 -16.18 -4.94
CA GLY B 387 24.90 -16.92 -4.19
C GLY B 387 24.57 -18.39 -4.15
N TYR B 388 25.48 -19.15 -3.54
CA TYR B 388 25.34 -20.59 -3.41
C TYR B 388 25.49 -20.98 -1.94
N TRP B 389 25.11 -22.22 -1.65
CA TRP B 389 25.15 -22.75 -0.29
C TRP B 389 25.62 -24.20 -0.33
N SER B 390 26.46 -24.55 0.64
CA SER B 390 26.91 -25.92 0.83
C SER B 390 26.83 -26.25 2.31
N GLU B 391 27.14 -27.49 2.67
CA GLU B 391 27.09 -27.91 4.06
C GLU B 391 28.40 -27.68 4.81
N VAL B 392 29.52 -27.57 4.10
CA VAL B 392 30.80 -27.32 4.77
C VAL B 392 31.04 -25.85 5.04
N ASP B 393 30.25 -24.96 4.43
CA ASP B 393 30.36 -23.52 4.62
C ASP B 393 28.98 -22.96 4.93
N LYS B 394 28.94 -21.65 5.13
CA LYS B 394 27.68 -20.93 5.26
C LYS B 394 27.21 -20.49 3.88
N MET B 395 26.22 -19.60 3.84
CA MET B 395 25.74 -19.06 2.57
C MET B 395 26.78 -18.11 1.98
N VAL B 396 27.43 -18.53 0.92
CA VAL B 396 28.43 -17.72 0.22
C VAL B 396 27.71 -16.88 -0.82
N VAL B 397 27.89 -15.56 -0.75
CA VAL B 397 27.24 -14.66 -1.69
C VAL B 397 27.96 -14.63 -3.03
N THR B 398 27.40 -13.86 -3.96
CA THR B 398 27.99 -13.67 -5.28
C THR B 398 27.69 -12.24 -5.72
N LEU B 399 28.71 -11.40 -5.73
CA LEU B 399 28.55 -10.00 -6.12
C LEU B 399 29.04 -9.78 -7.55
N VAL B 416 25.63 15.48 0.84
CA VAL B 416 25.85 16.88 0.50
C VAL B 416 26.93 17.47 1.38
N VAL B 417 27.95 18.04 0.75
CA VAL B 417 29.08 18.64 1.46
C VAL B 417 28.60 19.94 2.10
N VAL B 418 28.59 19.97 3.43
CA VAL B 418 28.20 21.14 4.20
C VAL B 418 29.43 21.63 4.94
N THR B 419 29.98 22.75 4.50
CA THR B 419 31.20 23.29 5.07
C THR B 419 30.91 24.44 6.01
N THR B 420 31.81 24.63 6.97
CA THR B 420 31.70 25.67 7.99
C THR B 420 33.07 25.89 8.60
N ILE B 421 33.12 26.70 9.66
CA ILE B 421 34.35 27.01 10.37
C ILE B 421 34.03 27.03 11.86
N LEU B 422 35.04 26.70 12.67
CA LEU B 422 34.89 26.64 14.13
C LEU B 422 34.71 28.05 14.67
N GLU B 423 33.47 28.43 14.95
CA GLU B 423 33.15 29.72 15.55
C GLU B 423 32.12 29.53 16.64
N SER B 424 32.34 30.17 17.78
CA SER B 424 31.39 30.10 18.87
C SER B 424 30.36 31.21 18.74
N PRO B 425 29.08 30.96 19.05
CA PRO B 425 28.50 29.68 19.47
C PRO B 425 27.96 28.88 18.30
N TYR B 426 28.42 29.20 17.10
CA TYR B 426 27.89 28.58 15.89
C TYR B 426 28.38 27.14 15.76
N VAL B 427 29.69 26.94 15.69
CA VAL B 427 30.29 25.62 15.62
C VAL B 427 31.29 25.50 16.76
N MET B 428 30.97 24.65 17.74
CA MET B 428 31.79 24.51 18.93
C MET B 428 32.17 23.04 19.12
N MET B 429 33.30 22.84 19.78
CA MET B 429 33.80 21.50 20.02
C MET B 429 33.04 20.83 21.16
N LYS B 430 32.88 19.52 21.05
CA LYS B 430 32.25 18.75 22.10
C LYS B 430 33.29 18.35 23.15
N LYS B 431 32.82 17.68 24.21
CA LYS B 431 33.72 17.25 25.27
C LYS B 431 34.58 16.07 24.81
N ASN B 432 33.93 14.95 24.48
CA ASN B 432 34.64 13.76 24.00
C ASN B 432 34.68 13.73 22.47
N HIS B 433 35.30 14.76 21.90
CA HIS B 433 35.40 14.88 20.45
C HIS B 433 36.29 13.80 19.84
N GLU B 434 37.30 13.34 20.58
CA GLU B 434 38.13 12.25 20.11
C GLU B 434 37.45 10.90 20.24
N MET B 435 36.43 10.80 21.09
CA MET B 435 35.73 9.54 21.32
C MET B 435 34.46 9.41 20.47
N LEU B 436 34.22 10.35 19.55
CA LEU B 436 33.04 10.31 18.69
C LEU B 436 33.47 10.28 17.24
N GLU B 437 32.50 10.02 16.37
CA GLU B 437 32.74 9.95 14.93
C GLU B 437 31.53 10.48 14.19
N GLY B 438 31.68 10.62 12.88
CA GLY B 438 30.59 11.08 12.03
C GLY B 438 30.27 12.54 12.20
N ASN B 439 28.98 12.89 12.10
CA ASN B 439 28.54 14.25 12.26
C ASN B 439 28.15 14.60 13.69
N GLU B 440 28.22 13.64 14.61
CA GLU B 440 27.89 13.89 16.01
C GLU B 440 29.05 14.47 16.80
N ARG B 441 30.20 14.70 16.18
CA ARG B 441 31.35 15.25 16.90
C ARG B 441 31.19 16.74 17.17
N TYR B 442 30.45 17.46 16.33
CA TYR B 442 30.32 18.90 16.44
C TYR B 442 28.92 19.25 16.91
N GLU B 443 28.79 20.45 17.47
CA GLU B 443 27.52 20.91 18.03
C GLU B 443 27.55 22.42 18.13
N GLY B 444 26.37 23.03 18.09
CA GLY B 444 26.25 24.47 18.19
C GLY B 444 25.01 24.95 17.47
N TYR B 445 25.07 26.22 17.05
CA TYR B 445 23.93 26.87 16.40
C TYR B 445 23.75 26.37 14.96
N CYS B 446 24.81 26.42 14.16
CA CYS B 446 24.73 26.05 12.76
C CYS B 446 24.51 24.56 12.56
N VAL B 447 24.90 23.73 13.53
CA VAL B 447 24.62 22.29 13.46
C VAL B 447 23.13 22.05 13.54
N ASP B 448 22.46 22.69 14.51
CA ASP B 448 21.01 22.59 14.61
C ASP B 448 20.31 23.29 13.44
N LEU B 449 20.94 24.33 12.89
CA LEU B 449 20.40 24.99 11.71
C LEU B 449 20.39 24.06 10.50
N ALA B 450 21.52 23.37 10.26
CA ALA B 450 21.58 22.39 9.19
C ALA B 450 20.66 21.19 9.45
N ALA B 451 20.47 20.85 10.73
CA ALA B 451 19.52 19.80 11.07
C ALA B 451 18.09 20.21 10.72
N GLU B 452 17.74 21.47 10.97
CA GLU B 452 16.41 21.96 10.60
C GLU B 452 16.25 22.05 9.09
N ILE B 453 17.33 22.40 8.38
CA ILE B 453 17.30 22.44 6.91
C ILE B 453 17.09 21.04 6.35
N ALA B 454 17.82 20.05 6.88
CA ALA B 454 17.63 18.67 6.44
C ALA B 454 16.29 18.09 6.89
N LYS B 455 15.69 18.63 7.96
CA LYS B 455 14.37 18.18 8.37
C LYS B 455 13.29 18.73 7.44
N HIS B 456 13.39 20.01 7.08
CA HIS B 456 12.41 20.62 6.20
C HIS B 456 12.75 20.46 4.72
N CYS B 457 13.81 19.74 4.38
CA CYS B 457 14.16 19.51 2.98
C CYS B 457 14.42 18.05 2.64
N GLY B 458 14.82 17.22 3.61
CA GLY B 458 14.98 15.80 3.37
C GLY B 458 16.16 15.42 2.52
N PHE B 459 17.38 15.62 3.02
CA PHE B 459 18.58 15.24 2.29
C PHE B 459 19.70 14.96 3.29
N LYS B 460 20.63 14.10 2.86
CA LYS B 460 21.78 13.77 3.70
C LYS B 460 22.80 14.89 3.67
N TYR B 461 23.50 15.08 4.78
CA TYR B 461 24.45 16.16 4.94
C TYR B 461 25.81 15.59 5.33
N LYS B 462 26.83 16.45 5.25
CA LYS B 462 28.19 16.07 5.62
C LYS B 462 28.87 17.29 6.22
N LEU B 463 29.02 17.31 7.53
CA LEU B 463 29.62 18.45 8.24
C LEU B 463 31.13 18.41 8.06
N THR B 464 31.65 19.30 7.24
CA THR B 464 33.07 19.32 6.93
C THR B 464 33.71 20.60 7.47
N ILE B 465 35.03 20.60 7.52
CA ILE B 465 35.82 21.70 8.07
C ILE B 465 36.59 22.35 6.94
N VAL B 466 36.59 23.69 6.92
CA VAL B 466 37.35 24.42 5.90
C VAL B 466 38.84 24.26 6.17
N GLY B 467 39.62 24.16 5.10
CA GLY B 467 41.03 23.90 5.21
C GLY B 467 41.85 25.09 5.68
N ASP B 468 41.79 26.19 4.91
CA ASP B 468 42.63 27.35 5.20
C ASP B 468 42.16 28.15 6.42
N GLY B 469 40.92 27.96 6.86
CA GLY B 469 40.40 28.78 7.93
C GLY B 469 40.10 30.20 7.54
N LYS B 470 39.97 30.48 6.24
CA LYS B 470 39.66 31.81 5.74
C LYS B 470 38.20 31.88 5.33
N TYR B 471 37.62 33.08 5.43
CA TYR B 471 36.22 33.26 5.08
C TYR B 471 36.03 33.41 3.59
N GLY B 472 36.60 34.46 3.00
CA GLY B 472 36.59 34.64 1.56
C GLY B 472 37.24 35.93 1.13
N ALA B 473 38.09 35.85 0.11
CA ALA B 473 38.79 37.02 -0.41
C ALA B 473 39.30 36.70 -1.81
N ARG B 474 39.22 37.69 -2.69
CA ARG B 474 39.72 37.58 -4.05
C ARG B 474 40.93 38.49 -4.19
N ASP B 475 42.07 37.89 -4.52
CA ASP B 475 43.29 38.65 -4.72
C ASP B 475 43.20 39.46 -6.01
N ALA B 476 43.86 40.63 -6.02
CA ALA B 476 43.86 41.47 -7.20
C ALA B 476 44.72 40.92 -8.32
N ASP B 477 45.65 40.03 -8.00
CA ASP B 477 46.55 39.46 -9.00
C ASP B 477 46.02 38.12 -9.53
N THR B 478 45.78 37.17 -8.65
CA THR B 478 45.37 35.83 -9.07
C THR B 478 43.90 35.78 -9.48
N LYS B 479 43.08 36.68 -8.94
CA LYS B 479 41.61 36.69 -9.12
C LYS B 479 40.99 35.36 -8.71
N ILE B 480 41.46 34.82 -7.60
CA ILE B 480 41.04 33.51 -7.09
C ILE B 480 40.46 33.71 -5.71
N TRP B 481 39.21 33.26 -5.52
CA TRP B 481 38.58 33.30 -4.22
C TRP B 481 39.12 32.18 -3.34
N ASN B 482 39.23 32.46 -2.04
CA ASN B 482 39.73 31.48 -1.07
C ASN B 482 38.65 31.14 -0.05
N GLY B 483 38.94 30.14 0.78
CA GLY B 483 38.00 29.74 1.80
C GLY B 483 36.79 29.02 1.23
N MET B 484 35.67 29.16 1.94
CA MET B 484 34.43 28.50 1.54
C MET B 484 33.86 29.10 0.26
N VAL B 485 34.16 30.37 -0.02
CA VAL B 485 33.79 30.98 -1.29
C VAL B 485 34.52 30.29 -2.44
N GLY B 486 35.82 30.06 -2.28
CA GLY B 486 36.56 29.29 -3.28
C GLY B 486 36.15 27.84 -3.33
N GLU B 487 35.65 27.29 -2.23
CA GLU B 487 35.12 25.93 -2.25
C GLU B 487 33.83 25.85 -3.07
N LEU B 488 32.97 26.86 -2.95
CA LEU B 488 31.73 26.86 -3.71
C LEU B 488 31.95 27.22 -5.18
N VAL B 489 32.91 28.09 -5.47
CA VAL B 489 33.16 28.47 -6.86
C VAL B 489 33.86 27.34 -7.61
N TYR B 490 34.95 26.82 -7.05
CA TYR B 490 35.73 25.79 -7.71
C TYR B 490 35.20 24.38 -7.47
N GLY B 491 33.97 24.24 -6.97
CA GLY B 491 33.36 22.94 -6.83
C GLY B 491 33.89 22.06 -5.72
N LYS B 492 34.68 22.62 -4.80
CA LYS B 492 35.24 21.80 -3.73
C LYS B 492 34.18 21.47 -2.68
N ALA B 493 33.15 22.29 -2.55
CA ALA B 493 32.06 22.04 -1.61
C ALA B 493 30.73 22.12 -2.35
N ASP B 494 29.67 21.77 -1.64
CA ASP B 494 28.32 21.80 -2.18
C ASP B 494 27.50 22.98 -1.67
N ILE B 495 27.39 23.11 -0.34
CA ILE B 495 26.66 24.21 0.26
C ILE B 495 27.41 24.62 1.53
N ALA B 496 27.36 25.91 1.85
CA ALA B 496 28.08 26.47 2.99
C ALA B 496 27.07 27.00 3.99
N ILE B 497 27.09 26.45 5.20
CA ILE B 497 26.26 26.97 6.28
C ILE B 497 27.19 27.51 7.37
N ALA B 498 27.39 28.82 7.35
CA ALA B 498 28.34 29.50 8.24
C ALA B 498 28.01 30.98 8.23
N PRO B 499 28.40 31.72 9.27
CA PRO B 499 28.22 33.18 9.23
C PRO B 499 29.16 33.85 8.24
N LEU B 500 28.79 33.82 6.97
CA LEU B 500 29.55 34.47 5.91
C LEU B 500 28.80 35.71 5.44
N THR B 501 29.51 36.83 5.39
CA THR B 501 28.85 38.11 5.12
C THR B 501 28.43 38.21 3.65
N ILE B 502 27.15 38.50 3.44
CA ILE B 502 26.60 38.61 2.09
C ILE B 502 27.01 39.95 1.52
N THR B 503 27.92 39.95 0.55
CA THR B 503 28.43 41.16 -0.06
C THR B 503 28.10 41.18 -1.55
N LEU B 504 28.36 42.33 -2.16
CA LEU B 504 28.15 42.49 -3.60
C LEU B 504 29.18 41.71 -4.42
N VAL B 505 30.44 41.71 -3.95
CA VAL B 505 31.50 41.03 -4.70
C VAL B 505 31.38 39.52 -4.60
N ARG B 506 30.68 39.01 -3.59
CA ARG B 506 30.42 37.58 -3.49
C ARG B 506 29.16 37.17 -4.24
N GLU B 507 28.26 38.11 -4.51
CA GLU B 507 27.09 37.84 -5.31
C GLU B 507 27.44 37.61 -6.78
N GLU B 508 28.56 38.19 -7.24
CA GLU B 508 28.95 38.06 -8.64
C GLU B 508 29.43 36.66 -8.99
N VAL B 509 29.74 35.82 -8.01
CA VAL B 509 30.26 34.48 -8.26
C VAL B 509 29.30 33.40 -7.78
N ILE B 510 28.61 33.61 -6.65
CA ILE B 510 27.67 32.64 -6.10
C ILE B 510 26.41 33.38 -5.67
N ASP B 511 25.44 32.62 -5.19
CA ASP B 511 24.16 33.16 -4.75
C ASP B 511 24.05 33.08 -3.23
N PHE B 512 22.95 33.65 -2.72
CA PHE B 512 22.70 33.68 -1.29
C PHE B 512 21.20 33.55 -1.04
N SER B 513 20.84 33.22 0.19
CA SER B 513 19.45 33.16 0.61
C SER B 513 19.08 34.48 1.29
N LYS B 514 17.88 34.52 1.87
CA LYS B 514 17.50 35.68 2.65
C LYS B 514 18.21 35.66 4.01
N PRO B 515 18.55 36.82 4.57
CA PRO B 515 19.29 36.85 5.84
C PRO B 515 18.40 36.42 7.01
N PHE B 516 18.75 35.27 7.59
CA PHE B 516 18.02 34.78 8.75
C PHE B 516 18.34 35.58 10.01
N MET B 517 19.56 36.10 10.11
CA MET B 517 20.01 36.84 11.29
C MET B 517 20.56 38.18 10.85
N SER B 518 19.86 39.26 11.22
CA SER B 518 20.31 40.61 10.94
C SER B 518 21.13 41.15 12.11
N LEU B 519 22.08 42.01 11.80
CA LEU B 519 23.01 42.52 12.80
C LEU B 519 23.59 43.85 12.32
N GLY B 520 24.48 44.41 13.14
CA GLY B 520 25.13 45.65 12.81
C GLY B 520 26.39 45.83 13.63
N ILE B 521 26.94 47.03 13.56
CA ILE B 521 28.15 47.36 14.29
C ILE B 521 27.77 47.97 15.63
N SER B 522 28.35 47.46 16.70
CA SER B 522 28.00 47.82 18.06
C SER B 522 29.20 48.40 18.80
N ILE B 523 28.99 48.70 20.08
CA ILE B 523 29.99 49.31 20.94
C ILE B 523 30.23 48.39 22.13
N MET B 524 31.47 47.94 22.30
CA MET B 524 31.85 47.09 23.43
C MET B 524 32.53 47.95 24.48
N ILE B 525 31.88 48.10 25.64
CA ILE B 525 32.47 48.75 26.81
C ILE B 525 32.35 47.81 27.99
N LYS B 526 33.09 48.13 29.04
CA LYS B 526 33.07 47.32 30.24
C LYS B 526 31.84 47.65 31.09
N LYS B 527 31.56 46.77 32.03
CA LYS B 527 30.48 47.02 32.98
C LYS B 527 30.93 48.07 33.99
N PRO B 528 30.11 49.07 34.30
CA PRO B 528 30.53 50.12 35.23
C PRO B 528 30.61 49.64 36.68
N GLN B 529 31.83 49.46 37.17
CA GLN B 529 32.05 49.11 38.56
C GLN B 529 32.04 50.39 39.40
N LYS B 530 32.14 50.22 40.72
CA LYS B 530 32.13 51.37 41.61
C LYS B 530 33.49 52.05 41.60
N SER B 531 33.50 53.30 41.14
CA SER B 531 34.71 54.10 41.10
C SER B 531 34.78 54.99 42.33
N LYS B 532 36.00 55.34 42.72
CA LYS B 532 36.24 56.15 43.91
C LYS B 532 35.81 57.59 43.67
N PRO B 533 34.81 58.11 44.39
CA PRO B 533 34.36 59.49 44.14
C PRO B 533 35.34 60.55 44.66
N GLY B 534 35.88 60.34 45.86
CA GLY B 534 36.91 61.21 46.40
C GLY B 534 36.43 62.55 46.91
N VAL B 535 37.15 63.61 46.53
CA VAL B 535 36.98 64.95 47.09
C VAL B 535 35.63 65.54 46.71
N PHE B 536 35.06 65.08 45.59
CA PHE B 536 33.73 65.50 45.18
C PHE B 536 32.62 65.02 46.10
N SER B 537 32.90 64.05 46.99
CA SER B 537 31.90 63.51 47.89
C SER B 537 31.45 64.52 48.96
N PHE B 538 32.28 65.52 49.27
CA PHE B 538 31.91 66.50 50.29
C PHE B 538 30.79 67.40 49.82
N LEU B 539 30.74 67.72 48.53
CA LEU B 539 29.70 68.58 47.97
C LEU B 539 28.88 67.84 46.93
N ASP B 540 28.74 66.51 47.08
CA ASP B 540 28.05 65.73 46.06
C ASP B 540 26.53 65.92 46.07
N PRO B 541 25.79 65.62 47.14
CA PRO B 541 24.33 65.59 46.99
C PRO B 541 23.70 66.97 47.06
N LEU B 542 22.51 67.06 46.47
CA LEU B 542 21.52 68.13 46.60
C LEU B 542 21.90 69.44 45.91
N ALA B 543 23.17 69.59 45.51
CA ALA B 543 23.64 70.85 44.97
C ALA B 543 24.99 70.65 44.31
N TYR B 544 25.08 71.09 43.06
CA TYR B 544 26.35 71.31 42.40
C TYR B 544 26.60 72.78 42.12
N GLU B 545 25.53 73.58 41.99
CA GLU B 545 25.63 75.02 41.82
C GLU B 545 24.96 75.79 42.96
N ILE B 546 24.01 75.17 43.67
CA ILE B 546 23.26 75.87 44.70
C ILE B 546 24.04 76.10 45.98
N TRP B 547 25.26 75.57 46.10
CA TRP B 547 26.11 75.86 47.24
C TRP B 547 26.47 77.34 47.29
N MET B 548 26.78 77.93 46.13
CA MET B 548 27.04 79.35 46.05
C MET B 548 25.79 80.17 46.39
N CYS B 549 24.60 79.65 46.05
CA CYS B 549 23.35 80.29 46.45
C CYS B 549 23.18 80.25 47.96
N ILE B 550 23.57 79.14 48.59
CA ILE B 550 23.51 79.02 50.05
C ILE B 550 24.47 80.01 50.70
N VAL B 551 25.68 80.13 50.16
CA VAL B 551 26.68 81.05 50.74
C VAL B 551 26.25 82.51 50.54
N PHE B 552 25.69 82.83 49.37
CA PHE B 552 25.22 84.19 49.10
C PHE B 552 24.03 84.55 49.98
N ALA B 553 23.12 83.59 50.20
CA ALA B 553 22.02 83.83 51.13
C ALA B 553 22.52 83.97 52.56
N TYR B 554 23.57 83.23 52.92
CA TYR B 554 24.19 83.36 54.25
C TYR B 554 24.76 84.76 54.45
N ILE B 555 25.48 85.27 53.46
CA ILE B 555 26.07 86.60 53.56
C ILE B 555 24.98 87.67 53.55
N GLY B 556 23.91 87.46 52.78
CA GLY B 556 22.82 88.43 52.74
C GLY B 556 22.05 88.50 54.04
N VAL B 557 21.74 87.35 54.64
CA VAL B 557 21.07 87.33 55.93
C VAL B 557 21.98 87.86 57.03
N SER B 558 23.30 87.66 56.89
CA SER B 558 24.25 88.26 57.82
C SER B 558 24.25 89.79 57.73
N VAL B 559 24.17 90.33 56.50
CA VAL B 559 24.11 91.78 56.31
C VAL B 559 22.80 92.34 56.85
N VAL B 560 21.68 91.62 56.65
CA VAL B 560 20.39 92.08 57.18
C VAL B 560 20.38 92.04 58.70
N LEU B 561 20.99 91.00 59.29
CA LEU B 561 21.04 90.89 60.74
C LEU B 561 21.93 91.96 61.36
N PHE B 562 23.04 92.29 60.70
CA PHE B 562 23.89 93.38 61.17
C PHE B 562 23.21 94.73 60.96
N LEU B 563 22.40 94.87 59.92
CA LEU B 563 21.69 96.12 59.68
C LEU B 563 20.58 96.33 60.70
N VAL B 564 19.95 95.26 61.17
CA VAL B 564 18.93 95.40 62.21
C VAL B 564 19.59 95.61 63.57
N SER B 565 20.62 94.82 63.88
CA SER B 565 21.20 94.80 65.22
C SER B 565 22.04 96.04 65.53
N ARG B 566 22.69 96.63 64.54
CA ARG B 566 23.63 97.72 64.77
C ARG B 566 23.10 99.04 64.21
N PHE B 567 21.79 99.24 64.29
CA PHE B 567 21.22 100.52 63.88
C PHE B 567 20.08 100.98 64.79
N SER B 568 19.87 100.33 65.93
CA SER B 568 18.77 100.68 66.83
C SER B 568 18.93 101.99 67.59
N PRO B 569 20.15 102.42 68.04
CA PRO B 569 20.07 103.77 68.61
C PRO B 569 20.15 104.87 67.54
N ASN B 590 25.69 95.20 72.46
CA ASN B 590 25.35 93.87 72.96
C ASN B 590 25.57 92.81 71.88
N GLU B 591 24.52 92.53 71.10
CA GLU B 591 24.58 91.57 70.02
C GLU B 591 25.06 92.18 68.71
N PHE B 592 25.45 93.46 68.72
CA PHE B 592 25.89 94.13 67.51
C PHE B 592 27.32 93.70 67.16
N GLY B 593 27.81 94.20 66.03
CA GLY B 593 29.11 93.81 65.52
C GLY B 593 28.99 92.96 64.28
N ILE B 594 29.80 93.22 63.27
CA ILE B 594 29.69 92.50 62.01
C ILE B 594 30.21 91.07 62.16
N PHE B 595 31.27 90.88 62.94
CA PHE B 595 31.73 89.53 63.22
C PHE B 595 30.80 88.80 64.17
N ASN B 596 30.19 89.52 65.12
CA ASN B 596 29.22 88.89 66.03
C ASN B 596 27.97 88.47 65.28
N SER B 597 27.48 89.32 64.37
CA SER B 597 26.31 88.95 63.57
C SER B 597 26.64 87.82 62.59
N LEU B 598 27.85 87.83 62.02
CA LEU B 598 28.25 86.76 61.11
C LEU B 598 28.41 85.43 61.84
N TRP B 599 28.98 85.46 63.04
CA TRP B 599 29.13 84.25 63.82
C TRP B 599 27.81 83.77 64.39
N PHE B 600 26.86 84.67 64.65
CA PHE B 600 25.52 84.21 65.04
C PHE B 600 24.77 83.63 63.85
N SER B 601 25.01 84.15 62.65
CA SER B 601 24.46 83.51 61.46
C SER B 601 25.07 82.13 61.22
N LEU B 602 26.36 81.98 61.54
CA LEU B 602 27.00 80.67 61.52
C LEU B 602 26.38 79.74 62.56
N GLY B 603 26.10 80.27 63.76
CA GLY B 603 25.45 79.48 64.79
C GLY B 603 24.02 79.10 64.43
N ALA B 604 23.35 79.95 63.65
CA ALA B 604 22.02 79.62 63.17
C ALA B 604 22.08 78.58 62.05
N PHE B 605 23.16 78.61 61.24
CA PHE B 605 23.29 77.68 60.11
C PHE B 605 23.39 76.23 60.58
N MET B 606 24.37 75.93 61.41
CA MET B 606 24.44 74.62 62.02
C MET B 606 23.64 74.64 63.31
N ARG B 607 23.80 73.63 64.18
CA ARG B 607 22.84 73.45 65.25
C ARG B 607 23.07 74.43 66.41
N GLN B 608 24.17 74.28 67.13
CA GLN B 608 24.43 75.12 68.30
C GLN B 608 24.90 76.52 67.90
N ILE B 612 23.39 82.78 73.00
CA ILE B 612 23.30 84.12 72.45
C ILE B 612 22.03 84.24 71.59
N SER B 613 21.34 85.38 71.70
CA SER B 613 20.10 85.60 70.97
C SER B 613 19.82 87.10 70.91
N PRO B 614 19.29 87.61 69.80
CA PRO B 614 18.93 89.02 69.74
C PRO B 614 17.65 89.30 70.51
N ARG B 615 17.46 90.56 70.88
CA ARG B 615 16.27 91.02 71.59
C ARG B 615 15.56 92.16 70.87
N SER B 616 15.83 92.36 69.58
CA SER B 616 15.25 93.46 68.83
C SER B 616 13.88 93.15 68.25
N LEU B 617 13.48 91.88 68.27
CA LEU B 617 12.16 91.36 67.83
C LEU B 617 11.79 91.71 66.39
N SER B 618 12.76 92.12 65.57
CA SER B 618 12.54 92.30 64.14
C SER B 618 13.58 91.58 63.31
N GLY B 619 14.85 91.57 63.75
CA GLY B 619 15.84 90.70 63.16
C GLY B 619 15.82 89.29 63.72
N ARG B 620 15.14 89.10 64.85
CA ARG B 620 14.92 87.75 65.37
C ARG B 620 13.99 86.96 64.45
N ILE B 621 13.09 87.65 63.75
CA ILE B 621 12.27 87.01 62.72
C ILE B 621 13.13 86.54 61.56
N VAL B 622 14.13 87.36 61.18
CA VAL B 622 15.09 86.99 60.14
C VAL B 622 15.91 85.78 60.57
N GLY B 623 16.36 85.78 61.83
CA GLY B 623 17.11 84.64 62.34
C GLY B 623 16.27 83.38 62.42
N GLY B 624 14.99 83.51 62.78
CA GLY B 624 14.12 82.35 62.84
C GLY B 624 13.79 81.78 61.49
N VAL B 625 13.59 82.64 60.48
CA VAL B 625 13.27 82.12 59.16
C VAL B 625 14.53 81.53 58.50
N TRP B 626 15.71 82.12 58.75
CA TRP B 626 16.95 81.50 58.29
C TRP B 626 17.22 80.18 59.01
N TRP B 627 16.82 80.10 60.27
CA TRP B 627 17.05 78.93 61.09
C TRP B 627 16.17 77.77 60.65
N PHE B 628 14.89 78.05 60.38
CA PHE B 628 14.00 77.08 59.73
C PHE B 628 14.50 76.71 58.34
N PHE B 629 15.03 77.69 57.61
CA PHE B 629 15.52 77.50 56.25
C PHE B 629 16.67 76.50 56.21
N THR B 630 17.70 76.71 57.03
CA THR B 630 18.80 75.78 57.09
C THR B 630 18.44 74.47 57.77
N LEU B 631 17.39 74.45 58.60
CA LEU B 631 16.89 73.17 59.13
C LEU B 631 16.28 72.32 58.02
N ILE B 632 15.50 72.95 57.14
CA ILE B 632 14.96 72.25 55.97
C ILE B 632 16.10 71.82 55.04
N ILE B 633 17.14 72.65 54.93
CA ILE B 633 18.30 72.31 54.10
C ILE B 633 19.01 71.06 54.63
N ILE B 634 19.28 71.01 55.94
CA ILE B 634 20.02 69.86 56.46
C ILE B 634 19.15 68.62 56.52
N SER B 635 17.83 68.79 56.67
CA SER B 635 16.91 67.66 56.59
C SER B 635 16.88 67.07 55.20
N SER B 636 16.77 67.93 54.18
CA SER B 636 16.81 67.48 52.79
C SER B 636 18.19 66.94 52.43
N TYR B 637 19.24 67.44 53.07
CA TYR B 637 20.59 66.93 52.87
C TYR B 637 20.71 65.50 53.36
N THR B 638 20.20 65.24 54.58
CA THR B 638 20.17 63.89 55.13
C THR B 638 19.34 62.96 54.24
N ALA B 639 18.20 63.46 53.75
CA ALA B 639 17.32 62.65 52.91
C ALA B 639 17.97 62.32 51.57
N ASN B 640 18.60 63.30 50.93
CA ASN B 640 19.21 63.06 49.62
C ASN B 640 20.48 62.23 49.74
N LEU B 641 21.21 62.38 50.86
CA LEU B 641 22.38 61.54 51.06
C LEU B 641 21.99 60.09 51.31
N ALA B 642 20.89 59.88 52.06
CA ALA B 642 20.35 58.53 52.18
C ALA B 642 19.84 58.01 50.84
N ALA B 643 19.31 58.89 49.99
CA ALA B 643 18.84 58.47 48.68
C ALA B 643 19.98 58.02 47.79
N PHE B 644 21.12 58.72 47.84
CA PHE B 644 22.29 58.28 47.08
C PHE B 644 22.88 57.00 47.66
N LEU B 645 22.88 56.86 49.00
CA LEU B 645 23.43 55.64 49.58
C LEU B 645 22.51 54.44 49.45
N THR B 646 21.22 54.65 49.16
CA THR B 646 20.26 53.55 49.12
C THR B 646 20.35 52.75 47.82
N VAL B 647 20.12 53.40 46.69
CA VAL B 647 19.89 52.68 45.44
C VAL B 647 21.20 52.19 44.85
N GLU B 648 22.16 53.11 44.68
CA GLU B 648 23.50 52.86 44.12
C GLU B 648 23.42 52.28 42.72
N ARG B 649 22.57 52.89 41.90
CA ARG B 649 22.42 52.50 40.49
C ARG B 649 23.29 53.44 39.66
N MET B 650 24.58 53.13 39.60
CA MET B 650 25.48 53.89 38.75
C MET B 650 25.21 53.58 37.28
N VAL B 651 25.36 54.59 36.42
CA VAL B 651 25.02 54.47 35.01
C VAL B 651 26.31 54.50 34.19
N SER B 652 26.18 54.12 32.93
CA SER B 652 27.26 54.11 31.95
C SER B 652 27.49 55.52 31.41
N PRO B 653 28.74 55.90 31.14
CA PRO B 653 29.00 57.27 30.66
C PRO B 653 28.61 57.48 29.19
N ILE B 654 28.56 56.42 28.39
CA ILE B 654 28.32 56.53 26.96
C ILE B 654 26.95 55.93 26.66
N GLU B 655 26.09 56.69 25.99
CA GLU B 655 24.74 56.25 25.66
C GLU B 655 24.51 56.14 24.17
N SER B 656 24.82 57.18 23.40
CA SER B 656 24.51 57.24 21.98
C SER B 656 25.76 57.04 21.15
N ALA B 657 25.56 56.95 19.83
CA ALA B 657 26.69 56.77 18.91
C ALA B 657 27.47 58.06 18.72
N GLU B 658 26.82 59.21 18.89
CA GLU B 658 27.49 60.50 18.77
C GLU B 658 28.32 60.85 20.01
N ASP B 659 28.28 60.02 21.05
CA ASP B 659 29.05 60.29 22.26
C ASP B 659 30.55 60.14 22.03
N LEU B 660 30.94 59.29 21.07
CA LEU B 660 32.35 59.17 20.74
C LEU B 660 32.85 60.43 20.03
N SER B 661 31.98 61.08 19.26
CA SER B 661 32.30 62.37 18.68
C SER B 661 32.20 63.51 19.69
N LYS B 662 31.39 63.34 20.72
CA LYS B 662 31.19 64.41 21.69
C LYS B 662 32.36 64.58 22.65
N GLN B 663 33.07 63.51 22.96
CA GLN B 663 34.17 63.57 23.91
C GLN B 663 35.43 62.97 23.29
N THR B 664 36.53 63.09 24.01
CA THR B 664 37.80 62.53 23.55
C THR B 664 38.61 61.88 24.67
N GLU B 665 38.13 61.87 25.91
CA GLU B 665 38.89 61.32 27.02
C GLU B 665 38.96 59.80 26.95
N ILE B 666 37.83 59.13 26.78
CA ILE B 666 37.78 57.68 26.65
C ILE B 666 37.95 57.33 25.18
N ALA B 667 38.98 56.55 24.87
CA ALA B 667 39.32 56.25 23.50
C ALA B 667 38.47 55.10 22.97
N TYR B 668 38.54 54.90 21.65
CA TYR B 668 37.79 53.85 20.99
C TYR B 668 38.52 53.43 19.74
N GLY B 669 38.41 52.15 19.40
CA GLY B 669 39.10 51.63 18.22
C GLY B 669 38.35 50.47 17.59
N THR B 670 38.78 50.14 16.38
CA THR B 670 38.27 49.01 15.61
C THR B 670 39.42 48.03 15.36
N LEU B 671 39.14 47.01 14.54
CA LEU B 671 40.15 46.05 14.16
C LEU B 671 41.01 46.62 13.03
N ASP B 672 42.25 46.14 12.92
CA ASP B 672 43.19 46.67 11.95
C ASP B 672 42.81 46.32 10.51
N SER B 673 42.08 45.24 10.31
CA SER B 673 41.70 44.80 8.97
C SER B 673 40.29 44.24 8.99
N GLY B 674 39.55 44.50 7.92
CA GLY B 674 38.19 44.00 7.82
C GLY B 674 37.24 44.98 7.17
N SER B 675 35.98 44.58 7.01
CA SER B 675 34.97 45.44 6.40
C SER B 675 34.53 46.58 7.30
N THR B 676 34.85 46.50 8.60
CA THR B 676 34.54 47.60 9.51
C THR B 676 35.40 48.83 9.19
N LYS B 677 36.69 48.61 8.93
CA LYS B 677 37.57 49.71 8.57
C LYS B 677 37.23 50.28 7.20
N GLU B 678 36.73 49.45 6.28
CA GLU B 678 36.24 49.98 5.01
C GLU B 678 34.93 50.73 5.19
N PHE B 679 34.11 50.32 6.15
CA PHE B 679 32.86 51.02 6.43
C PHE B 679 33.13 52.41 7.01
N PHE B 680 34.05 52.50 7.97
CA PHE B 680 34.42 53.80 8.51
C PHE B 680 35.22 54.63 7.51
N ARG B 681 35.98 53.97 6.63
CA ARG B 681 36.78 54.71 5.66
C ARG B 681 35.93 55.27 4.53
N ARG B 682 35.03 54.47 3.97
CA ARG B 682 34.20 54.89 2.85
C ARG B 682 32.86 55.45 3.27
N SER B 683 32.74 55.92 4.51
CA SER B 683 31.48 56.48 4.99
C SER B 683 31.26 57.87 4.42
N LYS B 684 29.99 58.26 4.32
CA LYS B 684 29.60 59.58 3.88
C LYS B 684 29.05 60.46 4.99
N ILE B 685 28.84 59.91 6.18
CA ILE B 685 28.33 60.67 7.30
C ILE B 685 29.49 61.43 7.93
N ALA B 686 29.29 62.73 8.19
CA ALA B 686 30.35 63.59 8.72
C ALA B 686 30.72 63.20 10.15
N VAL B 687 29.79 62.63 10.91
CA VAL B 687 30.10 62.14 12.25
C VAL B 687 31.06 60.96 12.17
N PHE B 688 30.74 59.98 11.33
CA PHE B 688 31.65 58.86 11.10
C PHE B 688 32.89 59.27 10.34
N ASP B 689 32.83 60.37 9.58
CA ASP B 689 34.03 60.91 8.96
C ASP B 689 34.98 61.47 10.01
N LYS B 690 34.44 62.17 11.01
CA LYS B 690 35.26 62.64 12.13
C LYS B 690 35.78 61.48 12.96
N MET B 691 34.98 60.41 13.10
CA MET B 691 35.44 59.21 13.79
C MET B 691 36.61 58.56 13.07
N TRP B 692 36.52 58.45 11.74
CA TRP B 692 37.62 57.87 10.96
C TRP B 692 38.84 58.77 10.94
N THR B 693 38.63 60.09 11.00
CA THR B 693 39.77 61.01 11.08
C THR B 693 40.46 60.88 12.44
N TYR B 694 39.69 60.66 13.51
CA TYR B 694 40.29 60.50 14.82
C TYR B 694 40.99 59.16 14.95
N MET B 695 40.41 58.10 14.38
CA MET B 695 41.01 56.76 14.51
C MET B 695 42.18 56.56 13.56
N ARG B 696 42.16 57.15 12.37
CA ARG B 696 43.26 57.01 11.43
C ARG B 696 44.46 57.87 11.83
N SER B 697 44.25 58.90 12.65
CA SER B 697 45.32 59.76 13.13
C SER B 697 45.49 59.63 14.64
N ALA B 698 45.16 58.47 15.19
CA ALA B 698 45.24 58.26 16.63
C ALA B 698 46.69 58.04 17.06
N GLU B 699 47.02 58.59 18.23
CA GLU B 699 48.36 58.44 18.80
C GLU B 699 48.24 57.87 20.21
N PRO B 700 48.69 56.63 20.47
CA PRO B 700 49.30 55.70 19.52
C PRO B 700 48.28 54.93 18.69
N SER B 701 48.70 53.82 18.09
CA SER B 701 47.83 53.04 17.23
C SER B 701 46.78 52.30 18.07
N VAL B 702 45.51 52.57 17.78
CA VAL B 702 44.41 51.93 18.50
C VAL B 702 44.00 50.60 17.88
N PHE B 703 44.57 50.23 16.74
CA PHE B 703 44.14 49.03 16.03
C PHE B 703 44.76 47.79 16.66
N VAL B 704 43.92 46.81 16.95
CA VAL B 704 44.35 45.56 17.56
C VAL B 704 44.46 44.50 16.47
N ARG B 705 45.19 43.42 16.80
CA ARG B 705 45.43 42.36 15.82
C ARG B 705 44.23 41.43 15.70
N THR B 706 43.82 40.83 16.81
CA THR B 706 42.72 39.87 16.84
C THR B 706 41.57 40.42 17.66
N THR B 707 40.54 39.58 17.82
CA THR B 707 39.37 39.99 18.60
C THR B 707 39.64 39.90 20.10
N ALA B 708 40.25 38.80 20.54
CA ALA B 708 40.54 38.62 21.97
C ALA B 708 41.59 39.61 22.47
N GLU B 709 42.47 40.09 21.57
CA GLU B 709 43.37 41.17 21.93
C GLU B 709 42.62 42.45 22.24
N GLY B 710 41.58 42.74 21.45
CA GLY B 710 40.74 43.89 21.75
C GLY B 710 39.91 43.70 23.00
N VAL B 711 39.50 42.46 23.27
CA VAL B 711 38.78 42.14 24.51
C VAL B 711 39.67 42.39 25.73
N ALA B 712 40.91 41.93 25.66
CA ALA B 712 41.86 42.18 26.74
C ALA B 712 42.25 43.64 26.83
N ARG B 713 42.20 44.37 25.71
CA ARG B 713 42.48 45.80 25.73
C ARG B 713 41.35 46.57 26.42
N VAL B 714 40.10 46.15 26.21
CA VAL B 714 38.98 46.80 26.87
C VAL B 714 38.94 46.43 28.35
N ARG B 715 39.18 45.15 28.68
CA ARG B 715 39.13 44.70 30.06
C ARG B 715 40.27 45.26 30.91
N LYS B 716 41.37 45.68 30.28
CA LYS B 716 42.47 46.32 31.00
C LYS B 716 42.49 47.83 30.80
N SER B 717 41.37 48.41 30.37
CA SER B 717 41.29 49.86 30.16
C SER B 717 40.74 50.62 31.36
N LYS B 718 39.88 49.97 32.16
CA LYS B 718 39.23 50.56 33.34
C LYS B 718 38.45 51.81 32.99
N GLY B 719 37.75 51.78 31.86
CA GLY B 719 36.97 52.93 31.43
C GLY B 719 37.75 53.97 30.67
N LYS B 720 38.66 53.56 29.79
CA LYS B 720 39.46 54.49 29.01
C LYS B 720 39.55 54.15 27.52
N TYR B 721 39.24 52.91 27.14
CA TYR B 721 39.34 52.50 25.74
C TYR B 721 38.29 51.44 25.45
N ALA B 722 37.60 51.59 24.32
CA ALA B 722 36.54 50.69 23.90
C ALA B 722 36.85 50.12 22.52
N TYR B 723 36.14 49.06 22.17
CA TYR B 723 36.34 48.37 20.91
C TYR B 723 35.01 48.25 20.16
N LEU B 724 35.08 48.34 18.84
CA LEU B 724 33.91 48.27 17.97
C LEU B 724 33.96 47.00 17.15
N LEU B 725 32.81 46.35 17.00
CA LEU B 725 32.70 45.06 16.31
C LEU B 725 31.25 44.82 15.95
N GLU B 726 30.96 43.62 15.44
CA GLU B 726 29.60 43.22 15.14
C GLU B 726 28.78 43.05 16.42
N SER B 727 27.47 43.20 16.27
CA SER B 727 26.59 43.18 17.44
C SER B 727 26.43 41.77 18.00
N THR B 728 26.40 40.76 17.13
CA THR B 728 26.18 39.39 17.60
C THR B 728 27.37 38.87 18.40
N MET B 729 28.59 39.14 17.92
CA MET B 729 29.78 38.73 18.66
C MET B 729 29.92 39.51 19.96
N ASN B 730 29.53 40.79 19.95
CA ASN B 730 29.59 41.60 21.17
C ASN B 730 28.59 41.09 22.21
N GLU B 731 27.39 40.73 21.77
CA GLU B 731 26.41 40.19 22.71
C GLU B 731 26.75 38.78 23.15
N TYR B 732 27.52 38.04 22.33
CA TYR B 732 27.99 36.73 22.77
C TYR B 732 29.07 36.86 23.84
N ILE B 733 30.05 37.75 23.62
CA ILE B 733 31.10 37.98 24.61
C ILE B 733 30.52 38.62 25.87
N GLU B 734 29.46 39.41 25.72
CA GLU B 734 28.79 40.02 26.86
C GLU B 734 28.17 38.97 27.79
N GLN B 735 27.76 37.83 27.25
CA GLN B 735 27.17 36.77 28.05
C GLN B 735 28.18 35.69 28.44
N ARG B 736 29.45 36.07 28.61
CA ARG B 736 30.48 35.14 29.04
C ARG B 736 31.23 35.72 30.23
N LYS B 737 32.09 34.89 30.82
CA LYS B 737 32.87 35.29 31.99
C LYS B 737 33.88 36.38 31.61
N PRO B 738 34.25 37.27 32.56
CA PRO B 738 33.79 37.43 33.95
C PRO B 738 32.50 38.23 34.11
N CYS B 739 31.67 38.30 33.06
CA CYS B 739 30.43 39.10 33.03
C CYS B 739 30.72 40.56 33.37
N ASP B 740 31.77 41.10 32.77
CA ASP B 740 32.31 42.41 33.12
C ASP B 740 32.16 43.44 32.01
N THR B 741 31.47 43.12 30.92
CA THR B 741 31.26 44.05 29.82
C THR B 741 29.77 44.22 29.57
N MET B 742 29.44 45.19 28.71
CA MET B 742 28.07 45.40 28.28
C MET B 742 28.07 46.14 26.94
N LYS B 743 26.99 45.97 26.19
CA LYS B 743 26.82 46.59 24.89
C LYS B 743 25.65 47.57 24.94
N VAL B 744 25.87 48.75 24.38
CA VAL B 744 24.87 49.82 24.39
C VAL B 744 24.67 50.34 22.98
N GLY B 745 23.66 51.19 22.84
CA GLY B 745 23.42 51.90 21.61
C GLY B 745 22.73 51.06 20.54
N GLY B 746 22.26 51.73 19.51
CA GLY B 746 21.67 51.06 18.38
C GLY B 746 22.71 50.59 17.39
N ASN B 747 22.26 49.78 16.44
CA ASN B 747 23.17 49.25 15.43
C ASN B 747 23.47 50.33 14.39
N LEU B 748 24.68 50.29 13.84
CA LEU B 748 25.15 51.35 12.97
C LEU B 748 24.87 51.11 11.49
N ASP B 749 24.82 49.86 11.05
CA ASP B 749 24.57 49.53 9.65
C ASP B 749 23.66 48.32 9.56
N SER B 750 23.36 47.92 8.33
CA SER B 750 22.47 46.80 8.05
C SER B 750 23.31 45.62 7.59
N LYS B 751 23.66 44.75 8.52
CA LYS B 751 24.41 43.53 8.22
C LYS B 751 23.51 42.32 8.43
N GLY B 752 23.82 41.25 7.71
CA GLY B 752 23.02 40.05 7.79
C GLY B 752 23.67 38.83 7.20
N TYR B 753 23.55 37.69 7.88
CA TYR B 753 24.10 36.43 7.38
C TYR B 753 22.99 35.56 6.83
N GLY B 754 23.28 34.85 5.74
CA GLY B 754 22.33 33.95 5.13
C GLY B 754 23.03 32.73 4.59
N ILE B 755 22.22 31.79 4.09
CA ILE B 755 22.75 30.55 3.54
C ILE B 755 23.25 30.79 2.13
N ALA B 756 24.50 30.42 1.87
CA ALA B 756 25.13 30.61 0.57
C ALA B 756 24.97 29.36 -0.29
N THR B 757 24.79 29.56 -1.58
CA THR B 757 24.70 28.49 -2.56
C THR B 757 25.41 28.94 -3.83
N PRO B 758 25.98 28.00 -4.59
CA PRO B 758 26.56 28.36 -5.88
C PRO B 758 25.51 28.83 -6.88
N LYS B 759 25.97 29.60 -7.86
CA LYS B 759 25.07 30.19 -8.83
C LYS B 759 24.55 29.13 -9.80
N GLY B 760 23.28 29.24 -10.13
CA GLY B 760 22.66 28.26 -11.01
C GLY B 760 22.28 26.96 -10.34
N SER B 761 22.13 26.95 -9.02
CA SER B 761 21.77 25.75 -8.28
C SER B 761 20.26 25.69 -8.09
N SER B 762 19.72 24.46 -8.18
CA SER B 762 18.28 24.26 -8.05
C SER B 762 17.84 24.18 -6.59
N LEU B 763 18.78 23.97 -5.66
CA LEU B 763 18.44 23.84 -4.25
C LEU B 763 18.23 25.17 -3.55
N GLY B 764 18.64 26.27 -4.18
CA GLY B 764 18.66 27.56 -3.49
C GLY B 764 17.28 28.08 -3.15
N ALA B 765 16.32 27.92 -4.05
CA ALA B 765 14.95 28.35 -3.78
C ALA B 765 14.25 27.49 -2.72
N ALA B 766 14.33 26.14 -2.71
CA ALA B 766 13.75 25.43 -1.55
C ALA B 766 14.49 25.67 -0.23
N VAL B 767 15.81 25.86 -0.26
CA VAL B 767 16.52 26.22 0.97
C VAL B 767 16.07 27.60 1.47
N ASN B 768 15.82 28.54 0.55
CA ASN B 768 15.34 29.85 0.94
C ASN B 768 13.92 29.78 1.50
N LEU B 769 13.08 28.91 0.92
CA LEU B 769 11.74 28.70 1.47
C LEU B 769 11.80 28.07 2.86
N ALA B 770 12.77 27.17 3.08
CA ALA B 770 12.96 26.59 4.41
C ALA B 770 13.44 27.64 5.41
N VAL B 771 14.31 28.56 4.97
CA VAL B 771 14.77 29.64 5.82
C VAL B 771 13.62 30.57 6.19
N LEU B 772 12.75 30.88 5.23
CA LEU B 772 11.59 31.72 5.51
C LEU B 772 10.60 31.02 6.42
N LYS B 773 10.46 29.69 6.28
CA LYS B 773 9.58 28.93 7.16
C LYS B 773 10.13 28.88 8.59
N LEU B 774 11.46 28.77 8.73
CA LEU B 774 12.06 28.81 10.06
C LEU B 774 11.99 30.21 10.65
N ALA B 775 11.98 31.24 9.81
CA ALA B 775 11.88 32.61 10.33
C ALA B 775 10.47 32.93 10.79
N GLU B 776 9.45 32.47 10.05
CA GLU B 776 8.08 32.80 10.43
C GLU B 776 7.60 32.02 11.64
N GLN B 777 8.12 30.81 11.85
CA GLN B 777 7.71 30.03 12.99
C GLN B 777 8.41 30.43 14.28
N GLY B 778 9.42 31.31 14.20
CA GLY B 778 10.11 31.75 15.40
C GLY B 778 11.06 30.75 15.99
N ALA B 779 11.41 29.69 15.27
CA ALA B 779 12.38 28.73 15.78
C ALA B 779 13.79 29.32 15.80
N LEU B 780 14.05 30.28 14.91
CA LEU B 780 15.34 30.96 14.92
C LEU B 780 15.50 31.81 16.17
N ASP B 781 14.43 32.49 16.58
CA ASP B 781 14.46 33.24 17.83
C ASP B 781 14.51 32.32 19.04
N LYS B 782 13.95 31.10 18.91
CA LYS B 782 14.05 30.12 19.97
C LYS B 782 15.49 29.65 20.15
N LEU B 783 16.18 29.39 19.04
CA LEU B 783 17.59 29.02 19.13
C LEU B 783 18.46 30.19 19.55
N LYS B 784 18.02 31.42 19.24
CA LYS B 784 18.73 32.61 19.72
C LYS B 784 18.60 32.76 21.22
N ASN B 785 17.41 32.50 21.76
CA ASN B 785 17.22 32.52 23.21
C ASN B 785 17.95 31.37 23.89
N LYS B 786 18.07 30.23 23.19
CA LYS B 786 18.76 29.08 23.78
C LYS B 786 20.27 29.29 23.81
N TRP B 787 20.87 29.61 22.68
CA TRP B 787 22.31 29.58 22.54
C TRP B 787 22.99 30.89 22.92
N TRP B 788 22.24 31.96 23.18
CA TRP B 788 22.83 33.21 23.64
C TRP B 788 22.39 33.59 25.05
N TYR B 789 21.09 33.67 25.32
CA TYR B 789 20.65 34.10 26.63
C TYR B 789 20.78 33.00 27.68
N ASP B 790 20.76 31.74 27.26
CA ASP B 790 20.70 30.65 28.23
C ASP B 790 21.99 29.85 28.27
N LYS B 791 22.70 29.75 27.16
CA LYS B 791 23.92 28.95 27.09
C LYS B 791 25.09 29.59 27.84
N GLY B 792 25.15 30.91 27.89
CA GLY B 792 26.29 31.58 28.49
C GLY B 792 26.27 31.53 30.00
N GLU B 793 27.31 32.12 30.59
CA GLU B 793 27.53 32.07 32.03
C GLU B 793 27.00 33.30 32.76
N CYS B 794 26.47 34.28 32.05
CA CYS B 794 25.96 35.50 32.65
C CYS B 794 24.47 35.35 32.90
N GLY B 795 24.12 34.88 34.10
CA GLY B 795 22.74 34.71 34.48
C GLY B 795 22.20 35.89 35.26
N ALA B 796 22.72 37.08 34.96
CA ALA B 796 22.26 38.33 35.60
C ALA B 796 20.81 38.56 35.17
N LYS B 797 20.55 38.79 33.88
CA LYS B 797 19.22 39.00 33.29
C LYS B 797 18.46 40.12 33.99
N ASP B 798 19.19 41.21 34.27
CA ASP B 798 18.74 42.34 35.09
C ASP B 798 18.27 41.87 36.46
N SER B 799 19.21 41.33 37.23
CA SER B 799 18.93 40.79 38.55
C SER B 799 18.56 41.88 39.55
N GLY B 800 17.46 41.67 40.27
CA GLY B 800 17.06 42.65 41.28
C GLY B 800 17.92 42.61 42.53
N SER B 801 18.57 41.47 42.76
CA SER B 801 19.43 41.31 43.93
C SER B 801 20.69 42.15 43.79
N LYS B 802 20.67 43.32 44.43
CA LYS B 802 21.77 44.27 44.35
C LYS B 802 22.07 44.84 45.74
N GLU B 803 22.16 43.94 46.73
CA GLU B 803 22.36 44.30 48.14
C GLU B 803 23.61 45.14 48.37
N LYS B 804 24.78 44.55 48.11
CA LYS B 804 26.09 45.22 48.21
C LYS B 804 26.30 45.87 49.57
N THR B 805 26.42 45.03 50.59
CA THR B 805 26.43 45.50 51.97
C THR B 805 27.77 46.11 52.38
N SER B 806 28.18 47.17 51.67
CA SER B 806 29.40 47.90 52.03
C SER B 806 29.04 48.96 53.05
N ALA B 807 29.82 49.03 54.13
CA ALA B 807 29.59 50.01 55.19
C ALA B 807 29.79 51.43 54.69
N LEU B 808 31.04 51.79 54.37
CA LEU B 808 31.37 53.15 53.95
C LEU B 808 32.77 53.14 53.34
N SER B 809 32.94 53.81 52.21
CA SER B 809 34.26 54.05 51.67
C SER B 809 34.91 55.24 52.37
N LEU B 810 36.22 55.14 52.55
CA LEU B 810 37.01 56.22 53.13
C LEU B 810 37.29 57.34 52.12
N SER B 811 36.99 57.09 50.84
CA SER B 811 37.16 58.13 49.82
C SER B 811 36.17 59.26 50.00
N ASN B 812 35.02 58.98 50.63
CA ASN B 812 34.11 60.03 51.03
C ASN B 812 34.58 60.80 52.26
N VAL B 813 35.64 60.32 52.91
CA VAL B 813 36.12 60.92 54.15
C VAL B 813 37.47 61.65 53.95
N ALA B 814 38.26 61.24 52.95
CA ALA B 814 39.65 61.71 52.83
C ALA B 814 39.72 63.18 52.43
N GLY B 815 38.92 63.59 51.43
CA GLY B 815 38.88 65.00 51.06
C GLY B 815 38.27 65.88 52.12
N VAL B 816 37.38 65.34 52.94
CA VAL B 816 36.81 66.10 54.04
C VAL B 816 37.85 66.29 55.14
N PHE B 817 38.68 65.27 55.39
CA PHE B 817 39.87 65.43 56.22
C PHE B 817 40.83 66.46 55.63
N TYR B 818 40.94 66.49 54.30
CA TYR B 818 41.86 67.42 53.64
C TYR B 818 41.41 68.86 53.83
N ILE B 819 40.12 69.12 53.66
CA ILE B 819 39.62 70.48 53.87
C ILE B 819 39.61 70.84 55.36
N LEU B 820 39.52 69.83 56.25
CA LEU B 820 39.71 70.07 57.68
C LEU B 820 41.12 70.56 57.99
N VAL B 821 42.13 69.84 57.48
CA VAL B 821 43.53 70.21 57.71
C VAL B 821 43.85 71.55 57.05
N GLY B 822 43.26 71.83 55.89
CA GLY B 822 43.44 73.11 55.25
C GLY B 822 42.86 74.27 56.04
N GLY B 823 41.65 74.08 56.59
CA GLY B 823 41.07 75.09 57.45
C GLY B 823 41.83 75.29 58.74
N LEU B 824 42.37 74.21 59.31
CA LEU B 824 43.17 74.30 60.54
C LEU B 824 44.46 75.07 60.29
N GLY B 825 45.16 74.77 59.19
CA GLY B 825 46.38 75.49 58.87
C GLY B 825 46.12 76.95 58.51
N LEU B 826 45.00 77.22 57.83
CA LEU B 826 44.61 78.59 57.54
C LEU B 826 44.36 79.37 58.82
N ALA B 827 43.64 78.76 59.78
CA ALA B 827 43.37 79.41 61.05
C ALA B 827 44.64 79.62 61.87
N MET B 828 45.57 78.66 61.81
CA MET B 828 46.84 78.79 62.50
C MET B 828 47.65 79.98 61.95
N LEU B 829 47.77 80.07 60.61
CA LEU B 829 48.54 81.15 60.03
C LEU B 829 47.87 82.51 60.23
N VAL B 830 46.53 82.57 60.19
CA VAL B 830 45.83 83.82 60.44
C VAL B 830 46.03 84.27 61.88
N ALA B 831 45.94 83.33 62.84
CA ALA B 831 46.17 83.67 64.24
C ALA B 831 47.61 84.11 64.48
N LEU B 832 48.57 83.48 63.79
CA LEU B 832 49.97 83.86 63.95
C LEU B 832 50.25 85.25 63.38
N ILE B 833 49.71 85.58 62.21
CA ILE B 833 49.99 86.89 61.64
C ILE B 833 49.25 87.98 62.40
N GLU B 834 48.06 87.68 62.94
CA GLU B 834 47.35 88.70 63.72
C GLU B 834 48.02 88.93 65.06
N PHE B 835 48.55 87.88 65.69
CA PHE B 835 49.31 88.07 66.92
C PHE B 835 50.63 88.78 66.66
N CYS B 836 51.26 88.53 65.50
CA CYS B 836 52.49 89.24 65.16
C CYS B 836 52.23 90.71 64.91
N TYR B 837 51.12 91.05 64.23
CA TYR B 837 50.77 92.44 64.02
C TYR B 837 50.35 93.12 65.31
N LYS B 838 49.68 92.39 66.22
CA LYS B 838 49.32 92.95 67.51
C LYS B 838 50.55 93.23 68.38
N SER B 839 51.53 92.31 68.36
CA SER B 839 52.77 92.53 69.08
C SER B 839 53.59 93.67 68.47
N ARG B 840 53.58 93.80 67.15
CA ARG B 840 54.28 94.91 66.50
C ARG B 840 53.62 96.25 66.81
N ALA B 841 52.28 96.29 66.83
CA ALA B 841 51.58 97.52 67.16
C ALA B 841 51.75 97.88 68.63
N GLU B 842 51.82 96.88 69.51
CA GLU B 842 52.06 97.15 70.93
C GLU B 842 53.49 97.62 71.17
N ALA B 843 54.45 97.11 70.40
CA ALA B 843 55.83 97.58 70.52
C ALA B 843 56.02 98.97 69.92
N LYS B 844 55.29 99.29 68.86
CA LYS B 844 55.41 100.60 68.24
C LYS B 844 54.61 101.67 68.96
N ARG B 845 53.55 101.27 69.69
CA ARG B 845 52.75 102.25 70.42
C ARG B 845 53.47 102.74 71.67
N MET B 846 54.17 101.84 72.37
CA MET B 846 54.94 102.10 73.59
C MET B 846 54.11 102.77 74.70
N PHE C 24 4.58 3.85 -75.96
CA PHE C 24 4.48 4.54 -74.68
C PHE C 24 3.64 5.80 -74.79
N PRO C 25 2.60 5.90 -73.95
CA PRO C 25 1.76 7.10 -73.93
C PRO C 25 2.55 8.30 -73.41
N ASN C 26 2.50 9.49 -74.08
CA ASN C 26 1.80 10.06 -75.30
C ASN C 26 0.28 10.21 -75.12
N THR C 27 -0.24 9.75 -73.98
CA THR C 27 -1.61 10.03 -73.55
C THR C 27 -1.61 9.86 -72.03
N ILE C 28 -1.52 10.97 -71.31
CA ILE C 28 -1.53 10.96 -69.85
C ILE C 28 -2.66 11.87 -69.41
N SER C 29 -3.80 11.27 -69.05
CA SER C 29 -4.93 11.99 -68.48
C SER C 29 -5.03 11.66 -67.00
N ILE C 30 -5.11 12.70 -66.18
CA ILE C 30 -5.18 12.53 -64.74
C ILE C 30 -6.55 13.00 -64.26
N GLY C 31 -6.92 12.55 -63.06
CA GLY C 31 -8.23 12.83 -62.49
C GLY C 31 -8.20 14.04 -61.58
N GLY C 32 -9.30 14.78 -61.56
CA GLY C 32 -9.41 15.96 -60.72
C GLY C 32 -10.62 15.93 -59.82
N LEU C 33 -10.39 15.94 -58.50
CA LEU C 33 -11.46 15.91 -57.51
C LEU C 33 -11.39 17.23 -56.73
N PHE C 34 -12.19 18.20 -57.15
CA PHE C 34 -12.19 19.53 -56.56
C PHE C 34 -13.49 19.76 -55.81
N MET C 35 -13.37 20.19 -54.56
CA MET C 35 -14.48 20.42 -53.67
C MET C 35 -14.88 21.89 -53.71
N ARG C 36 -15.74 22.30 -52.78
CA ARG C 36 -16.05 23.71 -52.62
C ARG C 36 -14.85 24.46 -52.06
N ASN C 37 -14.82 25.77 -52.35
CA ASN C 37 -13.73 26.70 -51.98
C ASN C 37 -12.39 26.20 -52.53
N THR C 38 -12.41 25.70 -53.76
CA THR C 38 -11.22 25.23 -54.46
C THR C 38 -11.03 25.96 -55.78
N VAL C 39 -11.32 27.26 -55.79
CA VAL C 39 -11.25 28.04 -57.04
C VAL C 39 -9.79 28.35 -57.38
N GLN C 40 -9.05 28.90 -56.41
CA GLN C 40 -7.66 29.25 -56.64
C GLN C 40 -6.80 28.00 -56.82
N GLU C 41 -7.15 26.91 -56.15
CA GLU C 41 -6.43 25.65 -56.34
C GLU C 41 -6.67 25.08 -57.73
N HIS C 42 -7.90 25.20 -58.24
CA HIS C 42 -8.17 24.76 -59.61
C HIS C 42 -7.46 25.64 -60.63
N SER C 43 -7.39 26.95 -60.38
CA SER C 43 -6.69 27.85 -61.28
C SER C 43 -5.19 27.55 -61.29
N ALA C 44 -4.61 27.29 -60.12
CA ALA C 44 -3.19 26.94 -60.05
C ALA C 44 -2.92 25.57 -60.67
N PHE C 45 -3.88 24.64 -60.55
CA PHE C 45 -3.76 23.34 -61.19
C PHE C 45 -3.72 23.47 -62.71
N ARG C 46 -4.69 24.22 -63.27
CA ARG C 46 -4.74 24.43 -64.71
C ARG C 46 -3.53 25.21 -65.22
N PHE C 47 -3.05 26.18 -64.42
CA PHE C 47 -1.89 26.95 -64.84
C PHE C 47 -0.60 26.14 -64.75
N ALA C 48 -0.51 25.21 -63.80
CA ALA C 48 0.65 24.33 -63.74
C ALA C 48 0.66 23.34 -64.89
N VAL C 49 -0.52 22.85 -65.28
CA VAL C 49 -0.61 21.99 -66.46
C VAL C 49 -0.23 22.77 -67.71
N GLN C 50 -0.63 24.05 -67.78
CA GLN C 50 -0.26 24.90 -68.92
C GLN C 50 1.24 25.17 -68.95
N LEU C 51 1.86 25.38 -67.78
CA LEU C 51 3.30 25.57 -67.73
C LEU C 51 4.05 24.31 -68.13
N TYR C 52 3.52 23.13 -67.77
CA TYR C 52 4.18 21.89 -68.17
C TYR C 52 4.02 21.62 -69.66
N ASN C 53 2.87 21.98 -70.24
CA ASN C 53 2.64 21.70 -71.65
C ASN C 53 3.35 22.67 -72.58
N THR C 54 3.84 23.80 -72.07
CA THR C 54 4.49 24.82 -72.90
C THR C 54 5.95 24.95 -72.55
N ASN C 55 6.64 23.81 -72.39
CA ASN C 55 8.06 23.82 -72.07
C ASN C 55 8.93 23.95 -73.31
N GLN C 56 8.48 23.38 -74.44
CA GLN C 56 9.19 23.36 -75.73
C GLN C 56 10.59 22.75 -75.58
N ASN C 57 10.64 21.60 -74.92
CA ASN C 57 11.89 20.91 -74.64
C ASN C 57 11.57 19.43 -74.53
N THR C 58 12.21 18.60 -75.37
CA THR C 58 11.87 17.19 -75.45
C THR C 58 12.38 16.38 -74.26
N THR C 59 13.28 16.95 -73.45
CA THR C 59 13.80 16.20 -72.31
C THR C 59 12.87 16.27 -71.11
N GLU C 60 12.58 17.47 -70.63
CA GLU C 60 11.70 17.62 -69.47
C GLU C 60 10.23 17.48 -69.84
N LYS C 61 9.88 17.65 -71.12
CA LYS C 61 8.54 17.37 -71.63
C LYS C 61 8.67 16.33 -72.72
N PRO C 62 8.63 15.03 -72.39
CA PRO C 62 8.71 14.01 -73.42
C PRO C 62 7.36 13.52 -73.90
N PHE C 63 6.28 13.97 -73.24
CA PHE C 63 4.94 13.52 -73.58
C PHE C 63 3.99 14.70 -73.44
N HIS C 64 2.69 14.42 -73.52
CA HIS C 64 1.65 15.42 -73.36
C HIS C 64 0.80 15.07 -72.14
N LEU C 65 0.40 16.10 -71.39
CA LEU C 65 -0.31 15.94 -70.12
C LEU C 65 -1.72 16.49 -70.25
N ASN C 66 -2.71 15.62 -70.09
CA ASN C 66 -4.11 16.00 -70.09
C ASN C 66 -4.72 15.74 -68.72
N TYR C 67 -5.98 16.17 -68.57
CA TYR C 67 -6.67 16.04 -67.30
C TYR C 67 -8.17 16.09 -67.53
N HIS C 68 -8.93 15.78 -66.48
CA HIS C 68 -10.37 15.90 -66.47
C HIS C 68 -10.82 16.27 -65.06
N VAL C 69 -11.67 17.28 -64.95
CA VAL C 69 -12.03 17.89 -63.68
C VAL C 69 -13.49 17.56 -63.36
N ASP C 70 -13.72 17.05 -62.15
CA ASP C 70 -15.07 16.89 -61.59
C ASP C 70 -15.19 17.81 -60.38
N HIS C 71 -16.18 18.70 -60.41
CA HIS C 71 -16.42 19.63 -59.31
C HIS C 71 -17.44 19.01 -58.37
N LEU C 72 -17.00 18.70 -57.14
CA LEU C 72 -17.88 18.10 -56.14
C LEU C 72 -18.79 19.17 -55.55
N ASP C 73 -20.10 18.94 -55.62
CA ASP C 73 -21.06 19.88 -55.06
C ASP C 73 -21.20 19.66 -53.55
N SER C 74 -21.35 18.41 -53.13
CA SER C 74 -21.50 18.07 -51.73
C SER C 74 -20.28 17.29 -51.25
N SER C 75 -20.05 17.33 -49.95
CA SER C 75 -18.91 16.66 -49.32
C SER C 75 -19.24 15.22 -48.92
N ASN C 76 -20.42 14.72 -49.27
CA ASN C 76 -20.82 13.38 -48.90
C ASN C 76 -20.08 12.33 -49.73
N SER C 77 -20.04 11.11 -49.20
CA SER C 77 -19.33 10.02 -49.88
C SER C 77 -20.03 9.55 -51.14
N PHE C 78 -21.31 9.88 -51.32
CA PHE C 78 -22.04 9.45 -52.51
C PHE C 78 -21.53 10.16 -53.76
N SER C 79 -21.44 11.49 -53.70
CA SER C 79 -20.93 12.26 -54.84
C SER C 79 -19.44 12.01 -55.06
N VAL C 80 -18.68 11.79 -53.97
CA VAL C 80 -17.26 11.49 -54.08
C VAL C 80 -17.06 10.14 -54.78
N THR C 81 -17.87 9.14 -54.42
CA THR C 81 -17.79 7.83 -55.06
C THR C 81 -18.23 7.90 -56.51
N ASN C 82 -19.25 8.72 -56.81
CA ASN C 82 -19.69 8.89 -58.20
C ASN C 82 -18.60 9.52 -59.05
N ALA C 83 -17.95 10.57 -58.54
CA ALA C 83 -16.89 11.23 -59.30
C ALA C 83 -15.67 10.34 -59.43
N PHE C 84 -15.36 9.55 -58.39
CA PHE C 84 -14.22 8.64 -58.46
C PHE C 84 -14.47 7.52 -59.46
N CYS C 85 -15.69 6.97 -59.49
CA CYS C 85 -15.99 5.94 -60.48
C CYS C 85 -16.09 6.52 -61.88
N SER C 86 -16.46 7.80 -62.01
CA SER C 86 -16.41 8.46 -63.31
C SER C 86 -14.97 8.60 -63.81
N GLN C 87 -14.05 9.00 -62.92
CA GLN C 87 -12.65 9.10 -63.28
C GLN C 87 -12.04 7.73 -63.56
N PHE C 88 -12.49 6.69 -62.85
CA PHE C 88 -11.94 5.36 -63.06
C PHE C 88 -12.47 4.73 -64.34
N SER C 89 -13.74 4.98 -64.67
CA SER C 89 -14.29 4.47 -65.92
C SER C 89 -13.79 5.27 -67.12
N ARG C 90 -13.40 6.52 -66.90
CA ARG C 90 -12.76 7.28 -67.97
C ARG C 90 -11.35 6.73 -68.24
N GLY C 91 -10.62 6.38 -67.19
CA GLY C 91 -9.30 5.80 -67.34
C GLY C 91 -8.20 6.81 -67.12
N VAL C 92 -7.61 6.78 -65.92
CA VAL C 92 -6.54 7.71 -65.54
C VAL C 92 -5.36 6.91 -65.01
N TYR C 93 -4.28 7.63 -64.72
CA TYR C 93 -3.10 7.05 -64.12
C TYR C 93 -2.81 7.60 -62.73
N ALA C 94 -3.27 8.81 -62.44
CA ALA C 94 -3.12 9.42 -61.12
C ALA C 94 -4.28 10.38 -60.92
N ILE C 95 -4.62 10.62 -59.65
CA ILE C 95 -5.76 11.47 -59.31
C ILE C 95 -5.30 12.51 -58.30
N PHE C 96 -5.46 13.78 -58.68
CA PHE C 96 -5.27 14.91 -57.77
C PHE C 96 -6.63 15.22 -57.14
N GLY C 97 -6.63 15.42 -55.82
CA GLY C 97 -7.92 15.61 -55.17
C GLY C 97 -7.82 16.30 -53.83
N PHE C 98 -9.00 16.54 -53.25
CA PHE C 98 -9.15 17.11 -51.93
C PHE C 98 -10.11 16.25 -51.12
N TYR C 99 -10.04 16.37 -49.79
CA TYR C 99 -10.96 15.65 -48.92
C TYR C 99 -11.13 16.38 -47.61
N ASP C 100 -12.18 15.99 -46.89
CA ASP C 100 -12.47 16.49 -45.55
C ASP C 100 -12.64 15.30 -44.60
N GLN C 101 -13.17 15.55 -43.40
CA GLN C 101 -13.48 14.46 -42.49
C GLN C 101 -14.55 13.55 -43.04
N MET C 102 -15.45 14.08 -43.86
CA MET C 102 -16.55 13.28 -44.42
C MET C 102 -16.09 12.39 -45.58
N SER C 103 -14.96 12.72 -46.21
CA SER C 103 -14.52 11.99 -47.40
C SER C 103 -13.06 11.57 -47.33
N MET C 104 -12.50 11.46 -46.12
CA MET C 104 -11.11 11.02 -46.00
C MET C 104 -10.98 9.53 -46.28
N ASN C 105 -11.66 8.70 -45.48
CA ASN C 105 -11.45 7.27 -45.58
C ASN C 105 -12.12 6.69 -46.82
N THR C 106 -13.14 7.37 -47.36
CA THR C 106 -13.71 6.95 -48.64
C THR C 106 -12.67 7.02 -49.75
N LEU C 107 -11.94 8.13 -49.83
CA LEU C 107 -10.92 8.26 -50.85
C LEU C 107 -9.73 7.34 -50.60
N THR C 108 -9.32 7.18 -49.34
CA THR C 108 -8.18 6.30 -49.08
C THR C 108 -8.53 4.84 -49.32
N SER C 109 -9.76 4.42 -49.03
CA SER C 109 -10.16 3.04 -49.25
C SER C 109 -10.35 2.75 -50.73
N PHE C 110 -11.05 3.64 -51.45
CA PHE C 110 -11.22 3.44 -52.89
C PHE C 110 -9.92 3.58 -53.67
N CYS C 111 -8.92 4.28 -53.15
CA CYS C 111 -7.65 4.36 -53.86
C CYS C 111 -6.65 3.30 -53.41
N GLY C 112 -6.83 2.70 -52.25
CA GLY C 112 -5.96 1.62 -51.85
C GLY C 112 -6.48 0.27 -52.33
N ALA C 113 -7.79 0.18 -52.57
CA ALA C 113 -8.35 -1.08 -53.04
C ALA C 113 -8.09 -1.31 -54.52
N LEU C 114 -8.29 -0.29 -55.34
CA LEU C 114 -8.13 -0.41 -56.79
C LEU C 114 -6.71 -0.14 -57.25
N HIS C 115 -5.76 0.03 -56.31
CA HIS C 115 -4.35 0.31 -56.58
C HIS C 115 -4.15 1.56 -57.43
N THR C 116 -4.94 2.59 -57.15
CA THR C 116 -4.87 3.85 -57.88
C THR C 116 -4.19 4.89 -57.02
N SER C 117 -3.14 5.51 -57.57
CA SER C 117 -2.39 6.52 -56.84
C SER C 117 -3.23 7.78 -56.68
N PHE C 118 -3.11 8.41 -55.51
CA PHE C 118 -3.93 9.55 -55.15
C PHE C 118 -3.04 10.60 -54.50
N VAL C 119 -2.72 11.66 -55.24
CA VAL C 119 -1.91 12.75 -54.73
C VAL C 119 -2.83 13.84 -54.20
N THR C 120 -2.60 14.27 -52.95
CA THR C 120 -3.46 15.27 -52.36
C THR C 120 -2.70 16.26 -51.48
N PRO C 121 -3.05 17.54 -51.55
CA PRO C 121 -2.46 18.55 -50.65
C PRO C 121 -3.24 18.81 -49.37
N SER C 122 -4.21 17.97 -49.04
CA SER C 122 -5.07 18.21 -47.89
C SER C 122 -4.36 17.82 -46.61
N PHE C 123 -5.10 17.78 -45.50
CA PHE C 123 -4.51 17.54 -44.20
C PHE C 123 -4.02 16.09 -44.08
N PRO C 124 -2.90 15.87 -43.41
CA PRO C 124 -2.37 14.50 -43.30
C PRO C 124 -3.23 13.64 -42.38
N THR C 125 -3.40 12.38 -42.77
CA THR C 125 -4.28 11.48 -42.06
C THR C 125 -3.62 10.97 -40.78
N ASP C 126 -4.43 10.38 -39.91
CA ASP C 126 -3.95 9.86 -38.64
C ASP C 126 -3.21 8.54 -38.83
N ALA C 127 -3.88 7.56 -39.44
CA ALA C 127 -3.30 6.23 -39.62
C ALA C 127 -2.34 6.21 -40.80
N ASP C 128 -1.71 5.05 -40.99
CA ASP C 128 -0.75 4.84 -42.06
C ASP C 128 -1.40 3.98 -43.14
N VAL C 129 -1.64 4.56 -44.31
CA VAL C 129 -2.31 3.86 -45.40
C VAL C 129 -1.37 3.78 -46.60
N GLN C 130 -1.82 3.11 -47.65
CA GLN C 130 -1.08 2.99 -48.89
C GLN C 130 -1.82 3.72 -50.02
N PHE C 131 -1.08 3.95 -51.10
CA PHE C 131 -1.56 4.61 -52.34
C PHE C 131 -2.08 6.01 -52.11
N VAL C 132 -1.62 6.69 -51.05
CA VAL C 132 -2.02 8.06 -50.75
C VAL C 132 -0.75 8.89 -50.59
N ILE C 133 -0.54 9.85 -51.48
CA ILE C 133 0.64 10.69 -51.48
C ILE C 133 0.20 12.05 -50.95
N GLN C 134 0.59 12.36 -49.71
CA GLN C 134 0.16 13.58 -49.04
C GLN C 134 1.20 14.66 -49.27
N MET C 135 0.77 15.79 -49.84
CA MET C 135 1.69 16.88 -50.16
C MET C 135 1.86 17.85 -49.01
N ARG C 136 0.84 18.05 -48.19
CA ARG C 136 0.96 18.95 -47.05
C ARG C 136 1.77 18.26 -45.96
N PRO C 137 2.81 18.90 -45.43
CA PRO C 137 3.61 18.27 -44.38
C PRO C 137 2.89 18.27 -43.04
N ALA C 138 3.36 17.41 -42.15
CA ALA C 138 2.80 17.34 -40.81
C ALA C 138 3.22 18.55 -39.99
N LEU C 139 2.41 18.88 -39.00
CA LEU C 139 2.64 20.07 -38.20
C LEU C 139 3.01 19.81 -36.76
N LYS C 140 2.77 18.60 -36.24
CA LYS C 140 2.88 18.37 -34.80
C LYS C 140 4.32 18.39 -34.31
N GLY C 141 5.28 18.09 -35.19
CA GLY C 141 6.67 18.07 -34.75
C GLY C 141 7.21 19.45 -34.44
N ALA C 142 6.95 20.41 -35.32
CA ALA C 142 7.36 21.79 -35.07
C ALA C 142 6.59 22.41 -33.92
N ILE C 143 5.33 22.00 -33.72
CA ILE C 143 4.54 22.48 -32.59
C ILE C 143 5.14 22.01 -31.28
N LEU C 144 5.48 20.72 -31.19
CA LEU C 144 6.09 20.23 -29.95
C LEU C 144 7.50 20.75 -29.75
N SER C 145 8.23 21.01 -30.84
CA SER C 145 9.55 21.60 -30.72
C SER C 145 9.47 23.04 -30.21
N LEU C 146 8.50 23.80 -30.68
CA LEU C 146 8.34 25.17 -30.17
C LEU C 146 7.75 25.20 -28.76
N LEU C 147 6.98 24.18 -28.39
CA LEU C 147 6.55 24.06 -27.01
C LEU C 147 7.72 23.76 -26.09
N SER C 148 8.64 22.89 -26.52
CA SER C 148 9.84 22.62 -25.73
C SER C 148 10.79 23.82 -25.71
N TYR C 149 10.78 24.63 -26.78
CA TYR C 149 11.66 25.79 -26.84
C TYR C 149 11.13 26.93 -25.98
N TYR C 150 9.83 27.25 -26.10
CA TYR C 150 9.23 28.31 -25.30
C TYR C 150 8.96 27.89 -23.86
N LYS C 151 9.03 26.59 -23.57
CA LYS C 151 8.90 26.01 -22.22
C LYS C 151 7.55 26.36 -21.59
N TRP C 152 6.48 25.86 -22.20
CA TRP C 152 5.14 26.04 -21.64
C TRP C 152 4.77 24.85 -20.78
N GLU C 153 4.08 25.11 -19.67
CA GLU C 153 3.58 24.05 -18.80
C GLU C 153 2.11 24.21 -18.48
N LYS C 154 1.47 25.30 -18.89
CA LYS C 154 0.07 25.54 -18.57
C LYS C 154 -0.48 26.51 -19.64
N PHE C 155 -1.31 25.99 -20.53
CA PHE C 155 -1.78 26.82 -21.64
C PHE C 155 -3.15 26.32 -22.12
N VAL C 156 -3.70 27.05 -23.09
CA VAL C 156 -5.03 26.81 -23.63
C VAL C 156 -4.86 26.28 -25.05
N TYR C 157 -5.72 25.34 -25.43
CA TYR C 157 -5.65 24.69 -26.74
C TYR C 157 -7.04 24.69 -27.37
N LEU C 158 -7.26 25.62 -28.29
CA LEU C 158 -8.47 25.64 -29.08
C LEU C 158 -8.29 24.76 -30.30
N TYR C 159 -9.28 23.93 -30.60
CA TYR C 159 -9.15 23.04 -31.75
C TYR C 159 -10.50 22.80 -32.38
N ASP C 160 -10.46 22.46 -33.67
CA ASP C 160 -11.61 21.93 -34.39
C ASP C 160 -11.32 20.47 -34.76
N THR C 161 -12.21 19.88 -35.54
CA THR C 161 -12.05 18.49 -35.96
C THR C 161 -11.70 18.34 -37.43
N GLU C 162 -11.71 19.43 -38.20
CA GLU C 162 -11.70 19.34 -39.65
C GLU C 162 -10.32 19.11 -40.24
N ARG C 163 -9.26 19.00 -39.43
CA ARG C 163 -7.92 18.74 -39.93
C ARG C 163 -7.25 17.63 -39.12
N GLY C 164 -7.98 16.56 -38.86
CA GLY C 164 -7.41 15.38 -38.24
C GLY C 164 -7.39 15.46 -36.73
N PHE C 165 -6.97 14.34 -36.13
CA PHE C 165 -6.87 14.23 -34.68
C PHE C 165 -5.48 13.85 -34.21
N SER C 166 -4.49 13.84 -35.12
CA SER C 166 -3.12 13.51 -34.71
C SER C 166 -2.50 14.61 -33.88
N VAL C 167 -2.87 15.86 -34.14
CA VAL C 167 -2.32 16.99 -33.39
C VAL C 167 -2.85 16.97 -31.96
N LEU C 168 -4.13 16.65 -31.78
CA LEU C 168 -4.73 16.57 -30.46
C LEU C 168 -4.11 15.45 -29.63
N GLN C 169 -3.90 14.28 -30.24
CA GLN C 169 -3.28 13.17 -29.52
C GLN C 169 -1.82 13.45 -29.22
N ALA C 170 -1.12 14.19 -30.11
CA ALA C 170 0.26 14.56 -29.84
C ALA C 170 0.37 15.56 -28.71
N ILE C 171 -0.57 16.52 -28.63
CA ILE C 171 -0.60 17.47 -27.53
C ILE C 171 -0.91 16.77 -26.21
N MET C 172 -1.83 15.81 -26.23
CA MET C 172 -2.14 15.06 -25.02
C MET C 172 -0.96 14.20 -24.57
N GLU C 173 -0.27 13.57 -25.52
CA GLU C 173 0.88 12.73 -25.18
C GLU C 173 2.04 13.57 -24.64
N ALA C 174 2.24 14.76 -25.20
CA ALA C 174 3.28 15.63 -24.69
C ALA C 174 2.91 16.23 -23.34
N ALA C 175 1.61 16.43 -23.08
CA ALA C 175 1.19 16.88 -21.76
C ALA C 175 1.36 15.77 -20.72
N VAL C 176 1.24 14.51 -21.15
CA VAL C 176 1.50 13.40 -20.23
C VAL C 176 2.99 13.28 -19.95
N GLN C 177 3.81 13.25 -21.00
CA GLN C 177 5.23 12.94 -20.84
C GLN C 177 6.01 14.08 -20.21
N ASN C 178 5.54 15.33 -20.35
CA ASN C 178 6.28 16.48 -19.85
C ASN C 178 5.54 17.20 -18.73
N ASN C 179 4.43 16.64 -18.25
CA ASN C 179 3.67 17.12 -17.09
C ASN C 179 3.18 18.55 -17.30
N TRP C 180 2.31 18.71 -18.29
CA TRP C 180 1.76 20.01 -18.66
C TRP C 180 0.30 20.11 -18.22
N GLN C 181 -0.25 21.30 -18.35
CA GLN C 181 -1.65 21.56 -18.02
C GLN C 181 -2.32 22.21 -19.23
N VAL C 182 -2.98 21.39 -20.04
CA VAL C 182 -3.60 21.82 -21.28
C VAL C 182 -5.10 21.95 -21.05
N THR C 183 -5.63 23.15 -21.27
CA THR C 183 -7.08 23.38 -21.18
C THR C 183 -7.60 23.50 -22.61
N ALA C 184 -8.27 22.45 -23.08
CA ALA C 184 -8.65 22.37 -24.48
C ALA C 184 -10.14 22.66 -24.66
N ARG C 185 -10.46 23.22 -25.81
CA ARG C 185 -11.84 23.43 -26.22
C ARG C 185 -12.04 22.96 -27.65
N SER C 186 -13.03 22.11 -27.87
CA SER C 186 -13.46 21.74 -29.21
C SER C 186 -14.44 22.80 -29.70
N VAL C 187 -13.96 23.70 -30.56
CA VAL C 187 -14.75 24.83 -31.03
C VAL C 187 -15.22 24.63 -32.46
N GLY C 188 -15.31 23.38 -32.92
CA GLY C 188 -15.72 23.12 -34.28
C GLY C 188 -17.20 23.29 -34.52
N ASN C 189 -18.04 22.93 -33.55
CA ASN C 189 -19.48 23.03 -33.67
C ASN C 189 -20.03 24.35 -33.15
N ILE C 190 -19.18 25.22 -32.61
CA ILE C 190 -19.63 26.47 -32.02
C ILE C 190 -19.82 27.49 -33.12
N LYS C 191 -21.03 28.07 -33.21
CA LYS C 191 -21.32 29.09 -34.20
C LYS C 191 -21.61 30.46 -33.60
N ASP C 192 -22.00 30.52 -32.33
CA ASP C 192 -22.28 31.80 -31.68
C ASP C 192 -21.00 32.36 -31.08
N VAL C 193 -20.79 33.66 -31.28
CA VAL C 193 -19.58 34.32 -30.78
C VAL C 193 -19.65 34.60 -29.28
N GLN C 194 -20.83 34.50 -28.68
CA GLN C 194 -20.96 34.63 -27.22
C GLN C 194 -20.23 33.51 -26.50
N GLU C 195 -20.21 32.32 -27.10
CA GLU C 195 -19.47 31.20 -26.51
C GLU C 195 -17.97 31.48 -26.56
N PHE C 196 -17.47 32.06 -27.65
CA PHE C 196 -16.08 32.47 -27.72
C PHE C 196 -15.76 33.54 -26.69
N ARG C 197 -16.69 34.48 -26.49
CA ARG C 197 -16.49 35.53 -25.49
C ARG C 197 -16.43 34.98 -24.08
N ARG C 198 -17.32 34.04 -23.74
CA ARG C 198 -17.28 33.49 -22.39
C ARG C 198 -16.11 32.55 -22.18
N ILE C 199 -15.62 31.87 -23.23
CA ILE C 199 -14.41 31.08 -23.10
C ILE C 199 -13.20 31.97 -22.86
N ILE C 200 -13.12 33.11 -23.55
CA ILE C 200 -12.03 34.07 -23.33
C ILE C 200 -12.12 34.68 -21.93
N GLU C 201 -13.35 34.96 -21.47
CA GLU C 201 -13.53 35.50 -20.12
C GLU C 201 -13.18 34.46 -19.06
N GLU C 202 -13.47 33.18 -19.31
CA GLU C 202 -13.13 32.14 -18.35
C GLU C 202 -11.63 31.91 -18.30
N MET C 203 -10.94 32.00 -19.45
CA MET C 203 -9.49 31.91 -19.43
C MET C 203 -8.85 33.15 -18.83
N ASP C 204 -9.53 34.30 -18.87
CA ASP C 204 -9.06 35.46 -18.13
C ASP C 204 -9.24 35.26 -16.63
N ARG C 205 -10.33 34.63 -16.21
CA ARG C 205 -10.54 34.35 -14.79
C ARG C 205 -9.58 33.27 -14.28
N ARG C 206 -9.08 32.40 -15.14
CA ARG C 206 -8.07 31.43 -14.76
C ARG C 206 -6.65 31.98 -14.93
N GLN C 207 -6.52 33.26 -15.30
CA GLN C 207 -5.24 33.94 -15.53
C GLN C 207 -4.40 33.21 -16.58
N GLU C 208 -5.06 32.72 -17.63
CA GLU C 208 -4.35 32.02 -18.70
C GLU C 208 -3.78 33.03 -19.68
N LYS C 209 -2.52 32.86 -20.04
CA LYS C 209 -1.82 33.83 -20.88
C LYS C 209 -1.22 33.24 -22.15
N ARG C 210 -1.27 31.91 -22.32
CA ARG C 210 -0.61 31.25 -23.44
C ARG C 210 -1.63 30.40 -24.20
N TYR C 211 -1.65 30.55 -25.51
CA TYR C 211 -2.70 29.98 -26.34
C TYR C 211 -2.10 29.20 -27.50
N LEU C 212 -2.85 28.21 -27.96
CA LEU C 212 -2.51 27.43 -29.15
C LEU C 212 -3.82 27.12 -29.87
N ILE C 213 -3.97 27.65 -31.07
CA ILE C 213 -5.22 27.56 -31.83
C ILE C 213 -4.94 26.74 -33.08
N ASP C 214 -5.43 25.52 -33.10
CA ASP C 214 -5.34 24.63 -34.26
C ASP C 214 -6.74 24.59 -34.87
N CYS C 215 -7.05 25.58 -35.72
CA CYS C 215 -8.37 25.70 -36.32
C CYS C 215 -8.22 26.12 -37.77
N GLU C 216 -9.37 26.30 -38.43
CA GLU C 216 -9.39 26.75 -39.81
C GLU C 216 -9.11 28.25 -39.89
N VAL C 217 -8.97 28.74 -41.12
CA VAL C 217 -8.59 30.14 -41.34
C VAL C 217 -9.72 31.08 -40.93
N GLU C 218 -10.95 30.75 -41.32
CA GLU C 218 -12.10 31.57 -40.97
C GLU C 218 -12.35 31.55 -39.47
N ARG C 219 -12.11 30.41 -38.82
CA ARG C 219 -12.34 30.30 -37.38
C ARG C 219 -11.28 31.05 -36.60
N ILE C 220 -10.02 31.00 -37.06
CA ILE C 220 -8.96 31.79 -36.43
C ILE C 220 -9.22 33.28 -36.60
N ASN C 221 -9.69 33.68 -37.79
CA ASN C 221 -10.05 35.08 -38.01
C ASN C 221 -11.21 35.51 -37.14
N THR C 222 -12.18 34.62 -36.92
CA THR C 222 -13.32 34.94 -36.06
C THR C 222 -12.91 35.07 -34.61
N ILE C 223 -12.04 34.18 -34.13
CA ILE C 223 -11.55 34.25 -32.75
C ILE C 223 -10.71 35.51 -32.54
N LEU C 224 -9.88 35.88 -33.51
CA LEU C 224 -9.08 37.09 -33.37
C LEU C 224 -9.94 38.35 -33.47
N GLU C 225 -11.00 38.33 -34.28
CA GLU C 225 -11.93 39.45 -34.29
C GLU C 225 -12.67 39.57 -32.97
N GLN C 226 -12.99 38.45 -32.33
CA GLN C 226 -13.62 38.53 -31.00
C GLN C 226 -12.63 39.00 -29.95
N VAL C 227 -11.35 38.68 -30.10
CA VAL C 227 -10.33 39.22 -29.20
C VAL C 227 -10.21 40.73 -29.37
N VAL C 228 -10.23 41.22 -30.62
CA VAL C 228 -10.08 42.65 -30.86
C VAL C 228 -11.33 43.42 -30.43
N ILE C 229 -12.52 42.92 -30.78
CA ILE C 229 -13.76 43.61 -30.43
C ILE C 229 -14.01 43.56 -28.93
N LEU C 230 -13.73 42.41 -28.29
CA LEU C 230 -13.78 42.34 -26.84
C LEU C 230 -12.69 43.20 -26.20
N GLY C 231 -11.51 43.22 -26.82
CA GLY C 231 -10.44 44.11 -26.40
C GLY C 231 -9.78 43.72 -25.10
N LYS C 232 -8.73 44.46 -24.73
CA LYS C 232 -7.94 44.29 -23.50
C LYS C 232 -7.38 42.86 -23.43
N HIS C 233 -6.89 42.37 -24.58
CA HIS C 233 -6.31 41.04 -24.66
C HIS C 233 -5.09 41.01 -25.56
N SER C 234 -4.33 42.10 -25.60
CA SER C 234 -3.15 42.21 -26.44
C SER C 234 -1.86 42.18 -25.64
N ARG C 235 -1.72 43.08 -24.67
CA ARG C 235 -0.49 43.13 -23.89
C ARG C 235 -0.45 41.99 -22.88
N GLY C 236 0.66 41.25 -22.87
CA GLY C 236 0.83 40.15 -21.95
C GLY C 236 0.18 38.85 -22.35
N TYR C 237 0.01 38.61 -23.65
CA TYR C 237 -0.62 37.39 -24.14
C TYR C 237 0.20 36.83 -25.28
N HIS C 238 0.09 35.52 -25.49
CA HIS C 238 0.88 34.84 -26.51
C HIS C 238 -0.03 33.89 -27.26
N TYR C 239 -0.13 34.09 -28.58
CA TYR C 239 -0.99 33.30 -29.45
C TYR C 239 -0.13 32.57 -30.47
N MET C 240 -0.11 31.25 -30.39
CA MET C 240 0.55 30.42 -31.38
C MET C 240 -0.52 29.84 -32.30
N LEU C 241 -0.46 30.21 -33.57
CA LEU C 241 -1.47 29.82 -34.55
C LEU C 241 -0.95 28.64 -35.35
N ALA C 242 -1.51 27.46 -35.09
CA ALA C 242 -1.04 26.22 -35.71
C ALA C 242 -1.77 26.00 -37.03
N ASN C 243 -1.35 26.78 -38.03
CA ASN C 243 -1.94 26.69 -39.36
C ASN C 243 -0.94 27.20 -40.37
N LEU C 244 -0.98 26.62 -41.57
CA LEU C 244 -0.09 27.02 -42.65
C LEU C 244 -0.61 28.20 -43.45
N GLY C 245 -1.83 28.66 -43.18
CA GLY C 245 -2.37 29.83 -43.86
C GLY C 245 -2.07 31.12 -43.13
N PHE C 246 -0.81 31.35 -42.79
CA PHE C 246 -0.43 32.51 -41.99
C PHE C 246 -0.57 33.81 -42.77
N THR C 247 -0.47 33.74 -44.11
CA THR C 247 -0.69 34.93 -44.92
C THR C 247 -2.15 35.31 -45.00
N ASP C 248 -3.06 34.36 -44.77
CA ASP C 248 -4.50 34.60 -44.88
C ASP C 248 -5.15 34.93 -43.55
N ILE C 249 -4.37 35.10 -42.49
CA ILE C 249 -4.91 35.42 -41.17
C ILE C 249 -4.98 36.94 -41.04
N LEU C 250 -6.19 37.46 -40.82
CA LEU C 250 -6.38 38.89 -40.63
C LEU C 250 -5.93 39.27 -39.22
N LEU C 251 -4.63 39.49 -39.08
CA LEU C 251 -4.01 39.77 -37.79
C LEU C 251 -3.53 41.22 -37.67
N GLU C 252 -4.06 42.12 -38.50
CA GLU C 252 -3.58 43.50 -38.50
C GLU C 252 -4.02 44.25 -37.24
N ARG C 253 -5.25 44.00 -36.78
CA ARG C 253 -5.75 44.67 -35.58
C ARG C 253 -5.09 44.15 -34.30
N VAL C 254 -4.61 42.90 -34.31
CA VAL C 254 -3.91 42.35 -33.16
C VAL C 254 -2.53 42.98 -33.02
N MET C 255 -1.88 43.26 -34.14
CA MET C 255 -0.53 43.83 -34.13
C MET C 255 -0.49 45.25 -33.61
N HIS C 256 -1.61 45.96 -33.60
CA HIS C 256 -1.68 47.33 -33.10
C HIS C 256 -2.03 47.39 -31.62
N GLY C 257 -1.82 46.31 -30.88
CA GLY C 257 -2.09 46.30 -29.46
C GLY C 257 -0.87 45.95 -28.63
N GLY C 258 0.14 45.38 -29.28
CA GLY C 258 1.36 44.99 -28.59
C GLY C 258 1.33 43.54 -28.13
N ALA C 259 0.99 42.63 -29.03
CA ALA C 259 0.80 41.23 -28.70
C ALA C 259 1.84 40.37 -29.39
N ASN C 260 2.09 39.20 -28.80
CA ASN C 260 2.83 38.14 -29.46
C ASN C 260 2.01 37.60 -30.63
N ILE C 261 2.69 37.30 -31.73
CA ILE C 261 2.11 36.56 -32.85
C ILE C 261 3.16 35.54 -33.28
N THR C 262 2.81 34.26 -33.21
CA THR C 262 3.69 33.20 -33.68
C THR C 262 2.97 32.35 -34.71
N GLY C 263 3.52 32.24 -35.91
CA GLY C 263 2.87 31.49 -36.97
C GLY C 263 3.75 30.47 -37.67
N PHE C 264 3.27 29.94 -38.80
CA PHE C 264 3.97 28.92 -39.55
C PHE C 264 3.78 29.15 -41.03
N GLN C 265 4.89 29.08 -41.79
CA GLN C 265 4.81 29.14 -43.24
C GLN C 265 5.74 28.09 -43.83
N ILE C 266 5.40 27.64 -45.03
CA ILE C 266 6.22 26.73 -45.81
C ILE C 266 6.59 27.29 -47.18
N VAL C 267 6.12 28.49 -47.50
CA VAL C 267 6.37 29.13 -48.79
C VAL C 267 7.30 30.31 -48.55
N ASN C 268 8.55 30.19 -48.98
CA ASN C 268 9.54 31.25 -48.82
C ASN C 268 9.50 32.16 -50.05
N ASN C 269 9.42 33.47 -49.80
CA ASN C 269 9.47 34.45 -50.88
C ASN C 269 10.88 34.63 -51.42
N GLU C 270 11.91 34.24 -50.67
CA GLU C 270 13.28 34.29 -51.14
C GLU C 270 13.62 33.11 -52.05
N ASN C 271 12.77 32.09 -52.11
CA ASN C 271 12.91 31.02 -53.08
C ASN C 271 12.68 31.58 -54.47
N PRO C 272 13.64 31.49 -55.39
CA PRO C 272 13.46 32.13 -56.71
C PRO C 272 12.39 31.48 -57.57
N MET C 273 12.12 30.18 -57.37
CA MET C 273 11.03 29.55 -58.11
C MET C 273 9.68 30.10 -57.69
N VAL C 274 9.53 30.46 -56.41
CA VAL C 274 8.29 31.05 -55.91
C VAL C 274 8.06 32.43 -56.52
N GLN C 275 9.11 33.26 -56.58
CA GLN C 275 8.92 34.58 -57.15
C GLN C 275 8.80 34.55 -58.67
N GLN C 276 9.38 33.52 -59.33
CA GLN C 276 9.10 33.32 -60.75
C GLN C 276 7.64 32.92 -60.98
N PHE C 277 7.10 32.08 -60.08
CA PHE C 277 5.68 31.73 -60.17
C PHE C 277 4.79 32.94 -59.87
N ILE C 278 5.24 33.86 -59.02
CA ILE C 278 4.51 35.09 -58.77
C ILE C 278 4.52 35.98 -60.01
N GLN C 279 5.70 36.15 -60.63
CA GLN C 279 5.81 37.01 -61.81
C GLN C 279 5.09 36.42 -63.03
N ARG C 280 4.97 35.10 -63.10
CA ARG C 280 4.16 34.48 -64.14
C ARG C 280 2.70 34.33 -63.74
N TRP C 281 2.36 34.56 -62.47
CA TRP C 281 1.01 34.34 -61.96
C TRP C 281 0.17 35.60 -62.01
N VAL C 282 0.75 36.77 -61.73
CA VAL C 282 -0.01 38.02 -61.68
C VAL C 282 -0.37 38.55 -63.05
N ARG C 283 0.19 38.00 -64.12
CA ARG C 283 -0.10 38.45 -65.48
C ARG C 283 -1.28 37.70 -66.09
N LEU C 284 -1.98 36.88 -65.33
CA LEU C 284 -3.09 36.10 -65.87
C LEU C 284 -4.37 36.93 -65.90
N ASP C 285 -5.33 36.44 -66.67
CA ASP C 285 -6.63 37.09 -66.78
C ASP C 285 -7.64 36.50 -65.80
N GLU C 286 -8.64 37.31 -65.46
CA GLU C 286 -9.68 36.88 -64.54
C GLU C 286 -10.65 35.90 -65.20
N ARG C 287 -10.81 36.00 -66.52
CA ARG C 287 -11.78 35.18 -67.24
C ARG C 287 -11.34 33.71 -67.30
N GLU C 288 -10.08 33.47 -67.64
CA GLU C 288 -9.59 32.10 -67.76
C GLU C 288 -8.97 31.57 -66.48
N PHE C 289 -8.54 32.45 -65.57
CA PHE C 289 -7.92 32.05 -64.30
C PHE C 289 -8.42 32.97 -63.19
N PRO C 290 -9.59 32.67 -62.63
CA PRO C 290 -10.12 33.51 -61.56
C PRO C 290 -9.37 33.31 -60.25
N GLU C 291 -9.51 34.31 -59.38
CA GLU C 291 -8.86 34.37 -58.06
C GLU C 291 -7.34 34.27 -58.17
N ALA C 292 -6.77 35.03 -59.11
CA ALA C 292 -5.33 35.03 -59.32
C ALA C 292 -4.66 36.35 -59.00
N LYS C 293 -5.37 37.47 -59.15
CA LYS C 293 -4.83 38.79 -58.88
C LYS C 293 -5.44 39.48 -57.67
N ASN C 294 -6.69 39.17 -57.34
CA ASN C 294 -7.40 39.80 -56.25
C ASN C 294 -7.26 39.05 -54.92
N ALA C 295 -6.29 38.15 -54.82
CA ALA C 295 -6.09 37.36 -53.61
C ALA C 295 -4.63 36.96 -53.52
N PRO C 296 -4.08 36.85 -52.31
CA PRO C 296 -2.72 36.35 -52.17
C PRO C 296 -2.62 34.87 -52.53
N LEU C 297 -1.40 34.46 -52.84
CA LEU C 297 -1.12 33.07 -53.20
C LEU C 297 -1.14 32.21 -51.94
N LYS C 298 -2.13 31.32 -51.84
CA LYS C 298 -2.25 30.46 -50.67
C LYS C 298 -1.20 29.36 -50.71
N TYR C 299 -1.05 28.68 -49.58
CA TYR C 299 -0.10 27.57 -49.51
C TYR C 299 -0.62 26.35 -50.26
N THR C 300 -1.94 26.23 -50.37
CA THR C 300 -2.54 25.10 -51.09
C THR C 300 -2.25 25.16 -52.58
N SER C 301 -2.16 26.36 -53.15
CA SER C 301 -1.80 26.49 -54.56
C SER C 301 -0.33 26.14 -54.79
N ALA C 302 0.53 26.48 -53.83
CA ALA C 302 1.93 26.09 -53.91
C ALA C 302 2.09 24.58 -53.78
N LEU C 303 1.30 23.95 -52.90
CA LEU C 303 1.30 22.50 -52.81
C LEU C 303 0.74 21.85 -54.07
N THR C 304 -0.22 22.50 -54.73
CA THR C 304 -0.74 22.01 -56.00
C THR C 304 0.34 22.04 -57.09
N HIS C 305 1.07 23.15 -57.18
CA HIS C 305 2.14 23.27 -58.16
C HIS C 305 3.27 22.28 -57.88
N ASP C 306 3.59 22.08 -56.60
CA ASP C 306 4.60 21.09 -56.24
C ASP C 306 4.12 19.67 -56.52
N ALA C 307 2.81 19.42 -56.39
CA ALA C 307 2.26 18.11 -56.73
C ALA C 307 2.34 17.84 -58.22
N ILE C 308 2.09 18.88 -59.04
CA ILE C 308 2.27 18.77 -60.49
C ILE C 308 3.73 18.48 -60.83
N LEU C 309 4.66 19.12 -60.11
CA LEU C 309 6.08 18.85 -60.32
C LEU C 309 6.46 17.42 -59.93
N VAL C 310 5.87 16.90 -58.85
CA VAL C 310 6.14 15.54 -58.41
C VAL C 310 5.59 14.53 -59.42
N ILE C 311 4.39 14.77 -59.95
CA ILE C 311 3.81 13.88 -60.95
C ILE C 311 4.63 13.90 -62.24
N ALA C 312 5.11 15.09 -62.64
CA ALA C 312 5.94 15.19 -63.84
C ALA C 312 7.27 14.47 -63.66
N GLU C 313 7.93 14.64 -62.50
CA GLU C 313 9.17 13.94 -62.22
C GLU C 313 8.98 12.44 -62.13
N ALA C 314 7.83 12.00 -61.61
CA ALA C 314 7.57 10.56 -61.50
C ALA C 314 7.33 9.92 -62.86
N PHE C 315 6.59 10.60 -63.74
CA PHE C 315 6.40 10.02 -65.07
C PHE C 315 7.66 10.13 -65.93
N ARG C 316 8.50 11.14 -65.71
CA ARG C 316 9.80 11.15 -66.38
C ARG C 316 10.70 10.03 -65.86
N TYR C 317 10.62 9.72 -64.57
CA TYR C 317 11.39 8.59 -64.03
C TYR C 317 10.84 7.26 -64.54
N LEU C 318 9.53 7.16 -64.73
CA LEU C 318 8.96 5.94 -65.29
C LEU C 318 9.32 5.79 -66.76
N ARG C 319 9.48 6.90 -67.48
CA ARG C 319 9.95 6.79 -68.85
C ARG C 319 11.43 6.45 -68.93
N ARG C 320 12.25 6.99 -68.02
CA ARG C 320 13.67 6.68 -68.03
C ARG C 320 13.95 5.24 -67.63
N GLN C 321 13.05 4.63 -66.86
CA GLN C 321 13.19 3.22 -66.48
C GLN C 321 12.41 2.29 -67.38
N ARG C 322 11.64 2.84 -68.34
CA ARG C 322 10.87 2.10 -69.34
C ARG C 322 9.86 1.15 -68.71
N VAL C 323 9.22 1.59 -67.63
CA VAL C 323 8.24 0.77 -66.92
C VAL C 323 6.85 1.10 -67.45
N ASP C 324 6.09 0.06 -67.78
CA ASP C 324 4.77 0.25 -68.35
C ASP C 324 3.79 0.76 -67.31
N VAL C 325 2.94 1.70 -67.73
CA VAL C 325 1.91 2.26 -66.86
C VAL C 325 0.51 1.80 -67.23
N SER C 326 0.31 1.26 -68.42
CA SER C 326 -1.00 0.81 -68.85
C SER C 326 -1.40 -0.50 -68.18
N ALA C 331 -10.10 0.76 -67.58
CA ALA C 331 -10.98 -0.18 -68.28
C ALA C 331 -11.63 -1.14 -67.28
N GLY C 332 -12.95 -1.09 -67.20
CA GLY C 332 -13.72 -1.92 -66.29
C GLY C 332 -14.60 -1.08 -65.38
N ASP C 333 -15.16 -1.75 -64.38
CA ASP C 333 -16.06 -1.13 -63.44
C ASP C 333 -15.37 -0.95 -62.08
N CYS C 334 -15.80 0.07 -61.34
CA CYS C 334 -15.24 0.33 -60.02
C CYS C 334 -15.83 -0.57 -58.94
N LEU C 335 -16.92 -1.28 -59.23
CA LEU C 335 -17.57 -2.15 -58.26
C LEU C 335 -17.58 -3.59 -58.73
N ALA C 336 -16.47 -4.05 -59.31
CA ALA C 336 -16.36 -5.43 -59.73
C ALA C 336 -16.10 -6.32 -58.52
N ASN C 337 -16.66 -7.53 -58.55
CA ASN C 337 -16.50 -8.49 -57.47
C ASN C 337 -15.90 -9.77 -58.04
N PRO C 338 -14.59 -10.02 -57.87
CA PRO C 338 -13.60 -9.17 -57.19
C PRO C 338 -13.08 -8.03 -58.05
N ALA C 339 -12.26 -7.16 -57.46
CA ALA C 339 -11.78 -5.97 -58.16
C ALA C 339 -10.79 -6.33 -59.25
N VAL C 340 -9.82 -7.20 -58.92
CA VAL C 340 -8.69 -7.62 -59.76
C VAL C 340 -7.94 -6.38 -60.25
N PRO C 341 -7.14 -5.73 -59.41
CA PRO C 341 -6.44 -4.52 -59.84
C PRO C 341 -5.23 -4.84 -60.71
N TRP C 342 -4.82 -3.83 -61.47
CA TRP C 342 -3.64 -3.95 -62.31
C TRP C 342 -2.40 -3.59 -61.50
N SER C 343 -1.40 -4.48 -61.52
CA SER C 343 -0.31 -4.47 -60.56
C SER C 343 0.79 -3.46 -60.88
N GLN C 344 0.67 -2.69 -61.96
CA GLN C 344 1.68 -1.67 -62.23
C GLN C 344 1.47 -0.43 -61.35
N GLY C 345 0.31 -0.34 -60.69
CA GLY C 345 0.07 0.73 -59.73
C GLY C 345 0.98 0.69 -58.52
N ILE C 346 1.46 -0.50 -58.14
CA ILE C 346 2.45 -0.61 -57.07
C ILE C 346 3.76 0.04 -57.51
N ASP C 347 4.15 -0.18 -58.77
CA ASP C 347 5.35 0.43 -59.30
C ASP C 347 5.18 1.94 -59.45
N ILE C 348 3.96 2.40 -59.75
CA ILE C 348 3.71 3.84 -59.85
C ILE C 348 3.74 4.48 -58.46
N GLU C 349 3.21 3.78 -57.45
CA GLU C 349 3.31 4.26 -56.08
C GLU C 349 4.76 4.29 -55.60
N ARG C 350 5.57 3.34 -56.06
CA ARG C 350 7.01 3.38 -55.82
C ARG C 350 7.63 4.61 -56.50
N ALA C 351 7.17 4.92 -57.71
CA ALA C 351 7.68 6.08 -58.43
C ALA C 351 7.23 7.40 -57.82
N LEU C 352 6.16 7.40 -57.02
CA LEU C 352 5.71 8.60 -56.34
C LEU C 352 6.21 8.69 -54.91
N LYS C 353 6.94 7.70 -54.42
CA LYS C 353 7.48 7.74 -53.07
C LYS C 353 9.01 7.74 -53.05
N MET C 354 9.66 7.99 -54.18
CA MET C 354 11.11 8.15 -54.22
C MET C 354 11.50 9.46 -54.89
N VAL C 355 10.56 10.37 -55.06
CA VAL C 355 10.81 11.66 -55.69
C VAL C 355 11.53 12.57 -54.70
N GLN C 356 12.74 12.98 -55.05
CA GLN C 356 13.53 13.91 -54.26
C GLN C 356 13.79 15.14 -55.11
N VAL C 357 12.94 16.17 -54.97
CA VAL C 357 13.04 17.36 -55.80
C VAL C 357 13.06 18.61 -54.92
N GLN C 358 13.12 19.77 -55.58
CA GLN C 358 13.12 21.07 -54.92
C GLN C 358 12.01 21.90 -55.55
N GLY C 359 10.89 22.04 -54.84
CA GLY C 359 9.76 22.80 -55.30
C GLY C 359 9.53 24.06 -54.47
N MET C 360 8.31 24.59 -54.58
CA MET C 360 7.95 25.85 -53.93
C MET C 360 7.92 25.73 -52.41
N THR C 361 7.78 24.52 -51.87
CA THR C 361 7.87 24.28 -50.44
C THR C 361 9.24 23.78 -50.02
N GLY C 362 10.25 23.96 -50.88
CA GLY C 362 11.60 23.53 -50.54
C GLY C 362 11.87 22.09 -50.95
N ASN C 363 12.54 21.34 -50.09
CA ASN C 363 12.87 19.95 -50.40
C ASN C 363 11.61 19.09 -50.32
N ILE C 364 11.48 18.17 -51.27
CA ILE C 364 10.34 17.27 -51.35
C ILE C 364 10.87 15.85 -51.44
N GLN C 365 10.61 15.06 -50.41
CA GLN C 365 10.82 13.61 -50.37
C GLN C 365 9.56 12.97 -49.81
N PHE C 366 9.55 11.64 -49.74
CA PHE C 366 8.43 10.92 -49.17
C PHE C 366 8.93 9.70 -48.40
N ASP C 367 8.10 9.22 -47.49
CA ASP C 367 8.36 8.00 -46.74
C ASP C 367 7.75 6.81 -47.47
N THR C 368 7.65 5.67 -46.79
CA THR C 368 6.98 4.51 -47.37
C THR C 368 5.47 4.55 -47.17
N TYR C 369 4.92 5.60 -46.56
CA TYR C 369 3.48 5.74 -46.39
C TYR C 369 2.92 6.98 -47.07
N GLY C 370 3.74 7.72 -47.82
CA GLY C 370 3.24 8.88 -48.51
C GLY C 370 3.22 10.17 -47.71
N ARG C 371 3.80 10.18 -46.52
CA ARG C 371 3.89 11.39 -45.73
C ARG C 371 5.13 12.19 -46.14
N ARG C 372 5.08 13.48 -45.87
CA ARG C 372 6.20 14.36 -46.22
C ARG C 372 7.35 14.17 -45.24
N THR C 373 8.56 14.05 -45.78
CA THR C 373 9.76 13.95 -44.98
C THR C 373 10.84 14.83 -45.58
N ASN C 374 11.83 15.16 -44.73
CA ASN C 374 13.00 15.98 -45.07
C ASN C 374 12.57 17.35 -45.59
N TYR C 375 11.66 17.97 -44.84
CA TYR C 375 11.09 19.26 -45.21
C TYR C 375 11.51 20.31 -44.18
N THR C 376 11.00 21.53 -44.35
CA THR C 376 11.39 22.65 -43.51
C THR C 376 10.20 23.57 -43.33
N ILE C 377 9.91 23.94 -42.09
CA ILE C 377 8.82 24.86 -41.76
C ILE C 377 9.42 26.16 -41.28
N ASP C 378 9.03 27.26 -41.93
CA ASP C 378 9.50 28.58 -41.52
C ASP C 378 8.56 29.14 -40.45
N VAL C 379 9.14 29.66 -39.38
CA VAL C 379 8.39 30.20 -38.25
C VAL C 379 8.64 31.70 -38.19
N TYR C 380 7.56 32.48 -38.20
CA TYR C 380 7.63 33.94 -38.20
C TYR C 380 7.06 34.46 -36.90
N GLU C 381 7.86 35.23 -36.18
CA GLU C 381 7.41 35.91 -34.96
C GLU C 381 7.15 37.37 -35.27
N MET C 382 6.01 37.87 -34.80
CA MET C 382 5.63 39.26 -35.03
C MET C 382 5.44 39.92 -33.66
N LYS C 383 6.45 40.68 -33.25
CA LYS C 383 6.44 41.40 -31.99
C LYS C 383 6.02 42.85 -32.27
N VAL C 384 6.09 43.69 -31.23
CA VAL C 384 5.76 45.10 -31.36
C VAL C 384 6.82 45.83 -32.20
N SER C 385 8.03 45.27 -32.30
CA SER C 385 9.04 45.78 -33.22
C SER C 385 8.71 45.44 -34.68
N GLY C 386 7.85 44.46 -34.93
CA GLY C 386 7.46 44.12 -36.27
C GLY C 386 7.59 42.63 -36.51
N SER C 387 7.61 42.26 -37.78
CA SER C 387 7.66 40.87 -38.21
C SER C 387 9.10 40.44 -38.46
N ARG C 388 9.41 39.18 -38.15
CA ARG C 388 10.73 38.63 -38.42
C ARG C 388 10.63 37.12 -38.54
N LYS C 389 11.63 36.54 -39.18
CA LYS C 389 11.75 35.09 -39.31
C LYS C 389 12.58 34.58 -38.13
N ALA C 390 11.93 33.89 -37.20
CA ALA C 390 12.60 33.46 -35.98
C ALA C 390 13.52 32.28 -36.19
N GLY C 391 13.24 31.42 -37.15
CA GLY C 391 14.05 30.23 -37.37
C GLY C 391 13.32 29.25 -38.27
N TYR C 392 13.94 28.09 -38.44
CA TYR C 392 13.41 27.05 -39.30
C TYR C 392 13.43 25.72 -38.57
N TRP C 393 12.35 24.96 -38.71
CA TRP C 393 12.26 23.65 -38.08
C TRP C 393 12.72 22.56 -39.04
N ASN C 394 13.50 21.63 -38.52
CA ASN C 394 13.95 20.47 -39.26
C ASN C 394 13.61 19.22 -38.47
N GLU C 395 13.13 18.20 -39.18
CA GLU C 395 12.72 16.97 -38.51
C GLU C 395 13.91 16.11 -38.10
N TYR C 396 15.11 16.38 -38.60
CA TYR C 396 16.27 15.62 -38.19
C TYR C 396 16.82 16.10 -36.85
N GLU C 397 17.33 17.33 -36.81
CA GLU C 397 18.03 17.82 -35.61
C GLU C 397 17.07 18.44 -34.60
N ARG C 398 16.50 19.60 -34.94
CA ARG C 398 15.82 20.51 -34.02
C ARG C 398 15.31 21.68 -34.84
N PHE C 399 14.31 22.38 -34.31
CA PHE C 399 14.07 23.77 -34.70
C PHE C 399 15.30 24.61 -34.42
N VAL C 400 15.93 25.12 -35.47
CA VAL C 400 17.12 25.96 -35.35
C VAL C 400 16.67 27.41 -35.49
N PRO C 401 16.80 28.23 -34.46
CA PRO C 401 16.49 29.65 -34.58
C PRO C 401 17.72 30.47 -34.96
N PHE C 402 17.48 31.74 -35.27
CA PHE C 402 18.55 32.69 -35.53
C PHE C 402 18.10 34.11 -35.21
N ILE C 419 8.13 52.04 -17.63
CA ILE C 419 8.06 50.89 -16.73
C ILE C 419 7.13 51.19 -15.56
N VAL C 420 6.13 50.34 -15.38
CA VAL C 420 5.12 50.54 -14.35
C VAL C 420 5.73 50.26 -12.98
N VAL C 421 5.78 51.28 -12.15
CA VAL C 421 6.23 51.16 -10.77
C VAL C 421 5.04 51.51 -9.88
N THR C 422 4.58 50.55 -9.09
CA THR C 422 3.41 50.74 -8.26
C THR C 422 3.80 50.92 -6.78
N THR C 423 2.97 51.67 -6.07
CA THR C 423 3.19 51.98 -4.66
C THR C 423 1.88 52.45 -4.06
N ILE C 424 1.92 52.79 -2.77
CA ILE C 424 0.76 53.28 -2.04
C ILE C 424 1.22 54.48 -1.22
N LEU C 425 0.29 55.38 -0.92
CA LEU C 425 0.58 56.60 -0.18
C LEU C 425 0.89 56.26 1.27
N GLU C 426 2.19 56.21 1.61
CA GLU C 426 2.63 55.99 2.98
C GLU C 426 3.75 56.95 3.30
N SER C 427 3.73 57.49 4.52
CA SER C 427 4.74 58.43 4.98
C SER C 427 5.82 57.70 5.77
N PRO C 428 7.09 58.07 5.63
CA PRO C 428 7.61 59.09 4.72
C PRO C 428 8.02 58.53 3.36
N TYR C 429 7.44 57.39 2.99
CA TYR C 429 7.89 56.68 1.80
C TYR C 429 7.40 57.35 0.53
N VAL C 430 6.09 57.50 0.38
CA VAL C 430 5.49 58.17 -0.77
C VAL C 430 4.55 59.25 -0.25
N MET C 431 4.91 60.51 -0.49
CA MET C 431 4.11 61.64 -0.06
C MET C 431 3.91 62.58 -1.23
N TYR C 432 2.72 63.15 -1.33
CA TYR C 432 2.41 64.09 -2.39
C TYR C 432 3.06 65.43 -2.14
N LYS C 433 3.30 66.18 -3.20
CA LYS C 433 3.85 67.52 -3.09
C LYS C 433 2.79 68.49 -2.62
N LYS C 434 3.23 69.70 -2.24
CA LYS C 434 2.31 70.74 -1.85
C LYS C 434 1.53 71.25 -3.06
N ASN C 435 2.24 71.61 -4.12
CA ASN C 435 1.62 72.00 -5.39
C ASN C 435 1.51 70.80 -6.34
N HIS C 436 0.83 69.77 -5.84
CA HIS C 436 0.69 68.52 -6.59
C HIS C 436 -0.21 68.69 -7.81
N GLU C 437 -1.17 69.61 -7.75
CA GLU C 437 -2.02 69.88 -8.91
C GLU C 437 -1.31 70.71 -9.97
N GLN C 438 -0.19 71.33 -9.66
CA GLN C 438 0.52 72.20 -10.58
C GLN C 438 1.60 71.49 -11.38
N LEU C 439 1.69 70.17 -11.28
CA LEU C 439 2.69 69.42 -12.01
C LEU C 439 2.04 68.18 -12.64
N GLU C 440 2.84 67.42 -13.38
CA GLU C 440 2.36 66.23 -14.06
C GLU C 440 3.49 65.21 -14.12
N GLY C 441 3.12 63.96 -14.36
CA GLY C 441 4.11 62.91 -14.49
C GLY C 441 4.52 62.33 -13.14
N ASN C 442 5.76 61.84 -13.09
CA ASN C 442 6.29 61.19 -11.89
C ASN C 442 6.71 62.19 -10.81
N GLU C 443 6.75 63.48 -11.12
CA GLU C 443 7.19 64.48 -10.15
C GLU C 443 6.07 64.96 -9.24
N ARG C 444 4.90 64.31 -9.25
CA ARG C 444 3.82 64.73 -8.37
C ARG C 444 4.08 64.34 -6.93
N TYR C 445 4.92 63.34 -6.70
CA TYR C 445 5.09 62.76 -5.37
C TYR C 445 6.54 62.84 -4.94
N GLU C 446 6.77 62.53 -3.66
CA GLU C 446 8.11 62.61 -3.08
C GLU C 446 8.18 61.68 -1.87
N GLY C 447 9.39 61.45 -1.39
CA GLY C 447 9.61 60.67 -0.20
C GLY C 447 10.79 59.74 -0.35
N TYR C 448 10.77 58.69 0.45
CA TYR C 448 11.88 57.73 0.49
C TYR C 448 11.89 56.84 -0.75
N CYS C 449 10.75 56.22 -1.07
CA CYS C 449 10.69 55.28 -2.18
C CYS C 449 10.81 55.96 -3.53
N VAL C 450 10.43 57.23 -3.63
CA VAL C 450 10.63 57.98 -4.86
C VAL C 450 12.11 58.17 -5.14
N ASP C 451 12.87 58.55 -4.12
CA ASP C 451 14.32 58.67 -4.24
C ASP C 451 14.98 57.32 -4.46
N LEU C 452 14.41 56.26 -3.86
CA LEU C 452 14.92 54.90 -4.08
C LEU C 452 14.74 54.47 -5.53
N ALA C 453 13.56 54.73 -6.10
CA ALA C 453 13.32 54.41 -7.51
C ALA C 453 14.18 55.25 -8.43
N TYR C 454 14.43 56.51 -8.08
CA TYR C 454 15.31 57.34 -8.90
C TYR C 454 16.75 56.84 -8.84
N GLU C 455 17.19 56.34 -7.68
CA GLU C 455 18.53 55.78 -7.60
C GLU C 455 18.64 54.44 -8.31
N ILE C 456 17.57 53.64 -8.30
CA ILE C 456 17.56 52.39 -9.08
C ILE C 456 17.62 52.69 -10.57
N ALA C 457 16.86 53.70 -11.02
CA ALA C 457 16.92 54.11 -12.41
C ALA C 457 18.26 54.76 -12.76
N LYS C 458 18.95 55.34 -11.79
CA LYS C 458 20.29 55.86 -12.03
C LYS C 458 21.30 54.73 -12.16
N HIS C 459 21.20 53.70 -11.31
CA HIS C 459 22.14 52.59 -11.35
C HIS C 459 21.80 51.55 -12.41
N VAL C 460 20.67 51.67 -13.10
CA VAL C 460 20.35 50.78 -14.21
C VAL C 460 20.28 51.54 -15.52
N ARG C 461 19.42 52.55 -15.61
CA ARG C 461 19.33 53.35 -16.82
C ARG C 461 18.08 53.09 -17.64
N ILE C 462 16.97 52.78 -16.98
CA ILE C 462 15.70 52.51 -17.64
C ILE C 462 14.65 53.46 -17.07
N LYS C 463 13.94 54.15 -17.96
CA LYS C 463 12.88 55.05 -17.55
C LYS C 463 11.70 54.25 -16.98
N TYR C 464 11.01 54.86 -16.02
CA TYR C 464 9.96 54.20 -15.25
C TYR C 464 8.68 55.03 -15.32
N LYS C 465 7.70 54.62 -14.52
CA LYS C 465 6.43 55.33 -14.41
C LYS C 465 5.83 54.99 -13.05
N LEU C 466 5.54 56.03 -12.26
CA LEU C 466 5.00 55.83 -10.92
C LEU C 466 3.48 55.68 -10.99
N SER C 467 2.98 54.52 -10.58
CA SER C 467 1.55 54.26 -10.53
C SER C 467 1.12 54.03 -9.09
N ILE C 468 -0.18 54.16 -8.86
CA ILE C 468 -0.77 54.05 -7.53
C ILE C 468 -1.73 52.86 -7.53
N VAL C 469 -1.61 52.00 -6.53
CA VAL C 469 -2.50 50.84 -6.42
C VAL C 469 -3.90 51.30 -6.02
N GLY C 470 -4.96 50.85 -6.71
CA GLY C 470 -6.29 51.43 -6.47
C GLY C 470 -6.99 50.99 -5.19
N ASP C 471 -6.94 49.70 -4.86
CA ASP C 471 -7.79 49.18 -3.79
C ASP C 471 -7.33 49.57 -2.39
N GLY C 472 -6.08 50.01 -2.23
CA GLY C 472 -5.57 50.33 -0.91
C GLY C 472 -5.09 49.15 -0.10
N LYS C 473 -5.21 47.93 -0.62
CA LYS C 473 -4.73 46.74 0.05
C LYS C 473 -3.29 46.46 -0.34
N TYR C 474 -2.52 45.93 0.60
CA TYR C 474 -1.12 45.66 0.34
C TYR C 474 -0.95 44.35 -0.44
N GLY C 475 -1.35 43.24 0.17
CA GLY C 475 -1.38 41.97 -0.51
C GLY C 475 -1.92 40.86 0.37
N ALA C 476 -2.88 40.10 -0.16
CA ALA C 476 -3.53 39.03 0.58
C ALA C 476 -4.23 38.11 -0.41
N ARG C 477 -4.32 36.83 -0.03
CA ARG C 477 -4.98 35.81 -0.83
C ARG C 477 -6.10 35.22 0.01
N ASP C 478 -7.34 35.36 -0.47
CA ASP C 478 -8.49 34.82 0.25
C ASP C 478 -8.52 33.31 0.09
N PRO C 479 -9.08 32.63 1.10
CA PRO C 479 -9.19 31.18 1.03
C PRO C 479 -10.26 30.73 0.05
N GLU C 480 -11.23 31.59 -0.24
CA GLU C 480 -12.31 31.23 -1.15
C GLU C 480 -11.93 31.54 -2.60
N THR C 481 -11.58 32.79 -2.88
CA THR C 481 -11.30 33.21 -4.25
C THR C 481 -9.95 32.75 -4.75
N LYS C 482 -8.98 32.55 -3.84
CA LYS C 482 -7.57 32.30 -4.16
C LYS C 482 -7.01 33.36 -5.10
N ILE C 483 -7.34 34.62 -4.81
CA ILE C 483 -6.95 35.76 -5.63
C ILE C 483 -6.16 36.72 -4.76
N TRP C 484 -4.93 37.02 -5.18
CA TRP C 484 -4.12 38.02 -4.50
C TRP C 484 -4.62 39.42 -4.83
N ASN C 485 -4.67 40.28 -3.82
CA ASN C 485 -5.14 41.64 -4.00
C ASN C 485 -3.98 42.63 -3.93
N GLY C 486 -4.26 43.86 -4.39
CA GLY C 486 -3.29 44.93 -4.30
C GLY C 486 -2.14 44.78 -5.28
N MET C 487 -0.95 45.20 -4.84
CA MET C 487 0.22 45.18 -5.69
C MET C 487 0.70 43.77 -5.99
N VAL C 488 0.40 42.83 -5.09
CA VAL C 488 0.70 41.42 -5.35
C VAL C 488 -0.16 40.91 -6.49
N GLY C 489 -1.44 41.26 -6.50
CA GLY C 489 -2.30 40.90 -7.61
C GLY C 489 -1.96 41.65 -8.88
N GLU C 490 -1.36 42.84 -8.76
CA GLU C 490 -0.89 43.56 -9.93
C GLU C 490 0.32 42.87 -10.54
N LEU C 491 1.22 42.36 -9.71
CA LEU C 491 2.41 41.68 -10.22
C LEU C 491 2.07 40.29 -10.76
N VAL C 492 1.14 39.58 -10.13
CA VAL C 492 0.79 38.23 -10.58
C VAL C 492 -0.02 38.29 -11.87
N TYR C 493 -1.08 39.10 -11.90
CA TYR C 493 -1.96 39.18 -13.05
C TYR C 493 -1.48 40.20 -14.09
N GLY C 494 -0.24 40.66 -13.99
CA GLY C 494 0.35 41.48 -15.02
C GLY C 494 -0.15 42.91 -15.10
N ARG C 495 -0.87 43.39 -14.08
CA ARG C 495 -1.33 44.77 -14.09
C ARG C 495 -0.20 45.75 -13.83
N ALA C 496 0.92 45.29 -13.29
CA ALA C 496 2.12 46.11 -13.11
C ALA C 496 3.33 45.33 -13.59
N ASP C 497 4.46 46.02 -13.68
CA ASP C 497 5.71 45.40 -14.11
C ASP C 497 6.72 45.22 -12.98
N ILE C 498 6.85 46.21 -12.10
CA ILE C 498 7.76 46.10 -10.97
C ILE C 498 7.17 46.91 -9.82
N ALA C 499 7.44 46.48 -8.60
CA ALA C 499 6.90 47.12 -7.41
C ALA C 499 8.04 47.51 -6.49
N VAL C 500 8.14 48.80 -6.19
CA VAL C 500 9.07 49.31 -5.21
C VAL C 500 8.22 49.91 -4.10
N ALA C 501 7.98 49.14 -3.05
CA ALA C 501 7.09 49.53 -1.97
C ALA C 501 7.47 48.77 -0.72
N PRO C 502 7.24 49.34 0.47
CA PRO C 502 7.52 48.61 1.71
C PRO C 502 6.55 47.48 1.97
N LEU C 503 6.77 46.34 1.31
CA LEU C 503 5.94 45.16 1.48
C LEU C 503 6.76 44.10 2.21
N THR C 504 6.13 43.43 3.19
CA THR C 504 6.84 42.44 3.99
C THR C 504 7.07 41.18 3.19
N ILE C 505 8.33 40.76 3.10
CA ILE C 505 8.70 39.54 2.39
C ILE C 505 8.35 38.35 3.27
N THR C 506 7.35 37.56 2.87
CA THR C 506 6.88 36.44 3.64
C THR C 506 7.07 35.14 2.86
N LEU C 507 6.75 34.02 3.52
CA LEU C 507 6.85 32.72 2.88
C LEU C 507 5.78 32.54 1.81
N VAL C 508 4.57 33.06 2.06
CA VAL C 508 3.48 32.88 1.11
C VAL C 508 3.62 33.81 -0.09
N ARG C 509 4.49 34.81 -0.01
CA ARG C 509 4.71 35.73 -1.12
C ARG C 509 5.93 35.38 -1.96
N GLU C 510 6.86 34.58 -1.44
CA GLU C 510 8.02 34.19 -2.22
C GLU C 510 7.65 33.16 -3.30
N GLU C 511 6.67 32.31 -3.03
CA GLU C 511 6.29 31.27 -3.97
C GLU C 511 5.54 31.79 -5.19
N VAL C 512 5.05 33.03 -5.15
CA VAL C 512 4.32 33.61 -6.26
C VAL C 512 5.13 34.67 -6.99
N ILE C 513 5.92 35.47 -6.26
CA ILE C 513 6.77 36.49 -6.86
C ILE C 513 8.11 36.45 -6.15
N ASP C 514 9.14 36.94 -6.83
CA ASP C 514 10.49 36.94 -6.29
C ASP C 514 10.76 38.22 -5.51
N PHE C 515 11.88 38.23 -4.79
CA PHE C 515 12.29 39.41 -4.03
C PHE C 515 13.80 39.54 -4.08
N SER C 516 14.27 40.78 -3.95
CA SER C 516 15.69 41.05 -3.85
C SER C 516 16.13 40.89 -2.41
N LYS C 517 17.39 41.24 -2.12
CA LYS C 517 17.86 41.20 -0.74
C LYS C 517 17.26 42.35 0.06
N PRO C 518 16.95 42.13 1.34
CA PRO C 518 16.33 43.19 2.14
C PRO C 518 17.30 44.32 2.43
N PHE C 519 16.84 45.54 2.13
CA PHE C 519 17.67 46.72 2.29
C PHE C 519 17.50 47.39 3.65
N MET C 520 16.36 47.23 4.30
CA MET C 520 16.10 47.89 5.57
C MET C 520 15.48 46.88 6.52
N SER C 521 16.22 46.49 7.55
CA SER C 521 15.71 45.59 8.57
C SER C 521 15.00 46.35 9.66
N LEU C 522 14.06 45.68 10.32
CA LEU C 522 13.23 46.31 11.33
C LEU C 522 12.68 45.23 12.25
N GLY C 523 11.89 45.64 13.23
CA GLY C 523 11.30 44.71 14.16
C GLY C 523 10.06 45.23 14.85
N ILE C 524 9.54 44.46 15.81
CA ILE C 524 8.36 44.88 16.56
C ILE C 524 8.81 45.80 17.69
N SER C 525 8.17 46.96 17.78
CA SER C 525 8.57 48.02 18.70
C SER C 525 7.55 48.21 19.82
N ILE C 526 7.92 49.04 20.78
CA ILE C 526 7.09 49.37 21.94
C ILE C 526 6.95 50.88 21.97
N MET C 527 5.72 51.36 21.99
CA MET C 527 5.42 52.79 22.09
C MET C 527 4.87 53.10 23.47
N ILE C 528 5.45 54.09 24.14
CA ILE C 528 5.02 54.50 25.47
C ILE C 528 4.61 55.97 25.45
N LYS C 529 4.21 56.48 26.59
CA LYS C 529 3.79 57.87 26.70
C LYS C 529 4.95 58.85 26.79
N LYS C 530 6.18 58.35 27.05
CA LYS C 530 7.42 59.11 27.21
C LYS C 530 7.27 60.21 28.26
N PRO C 531 7.26 59.86 29.55
CA PRO C 531 6.98 60.88 30.57
C PRO C 531 8.14 61.83 30.77
N GLN C 532 7.81 63.10 31.02
CA GLN C 532 8.80 64.13 31.27
C GLN C 532 8.93 64.39 32.76
N LYS C 533 9.99 65.11 33.14
CA LYS C 533 10.24 65.45 34.54
C LYS C 533 9.68 66.83 34.83
N SER C 534 8.36 66.95 34.71
CA SER C 534 7.65 68.20 34.94
C SER C 534 7.46 68.39 36.45
N LYS C 535 8.53 68.82 37.10
CA LYS C 535 8.51 69.02 38.55
C LYS C 535 8.38 70.51 38.84
N PRO C 536 7.28 70.96 39.44
CA PRO C 536 7.11 72.37 39.74
C PRO C 536 7.91 72.79 40.97
N GLY C 537 7.66 74.02 41.42
CA GLY C 537 8.44 74.65 42.45
C GLY C 537 7.80 74.61 43.83
N VAL C 538 7.11 75.70 44.20
CA VAL C 538 6.48 75.83 45.51
C VAL C 538 5.40 74.77 45.72
N PHE C 539 4.75 74.34 44.64
CA PHE C 539 3.71 73.32 44.72
C PHE C 539 4.24 71.95 45.14
N SER C 540 5.54 71.69 45.00
CA SER C 540 6.12 70.41 45.34
C SER C 540 6.85 70.39 46.68
N PHE C 541 7.02 71.55 47.33
CA PHE C 541 7.74 71.55 48.60
C PHE C 541 6.90 71.01 49.73
N LEU C 542 5.60 71.28 49.72
CA LEU C 542 4.68 70.76 50.73
C LEU C 542 4.19 69.35 50.42
N ASP C 543 4.91 68.63 49.56
CA ASP C 543 4.59 67.24 49.25
C ASP C 543 4.64 66.29 50.46
N PRO C 544 5.79 66.10 51.14
CA PRO C 544 6.02 64.80 51.81
C PRO C 544 5.15 64.52 53.03
N LEU C 545 4.68 65.53 53.75
CA LEU C 545 3.76 65.23 54.83
C LEU C 545 2.32 65.41 54.37
N ALA C 546 1.95 66.65 54.07
CA ALA C 546 0.60 67.06 53.68
C ALA C 546 0.60 68.55 53.34
N TYR C 547 -0.56 69.08 52.94
CA TYR C 547 -0.77 70.52 52.87
C TYR C 547 -1.82 70.97 53.88
N GLU C 548 -2.17 70.12 54.84
CA GLU C 548 -3.18 70.47 55.84
C GLU C 548 -2.76 70.20 57.27
N ILE C 549 -1.74 69.38 57.52
CA ILE C 549 -1.29 69.14 58.88
C ILE C 549 -0.50 70.36 59.38
N TRP C 550 0.10 71.12 58.46
CA TRP C 550 0.94 72.25 58.80
C TRP C 550 0.15 73.35 59.52
N MET C 551 -1.10 73.57 59.10
CA MET C 551 -1.93 74.57 59.77
C MET C 551 -2.27 74.14 61.19
N CYS C 552 -2.48 72.84 61.41
CA CYS C 552 -2.68 72.32 62.76
C CYS C 552 -1.41 72.44 63.60
N ILE C 553 -0.25 72.30 62.97
CA ILE C 553 1.02 72.48 63.66
C ILE C 553 1.19 73.93 64.09
N VAL C 554 0.85 74.88 63.21
CA VAL C 554 0.91 76.30 63.55
C VAL C 554 -0.10 76.65 64.64
N PHE C 555 -1.29 76.02 64.61
CA PHE C 555 -2.31 76.27 65.62
C PHE C 555 -1.87 75.75 66.98
N ALA C 556 -1.26 74.56 67.02
CA ALA C 556 -0.73 74.05 68.28
C ALA C 556 0.47 74.87 68.76
N TYR C 557 1.25 75.40 67.82
CA TYR C 557 2.36 76.30 68.15
C TYR C 557 1.87 77.57 68.84
N ILE C 558 0.86 78.22 68.26
CA ILE C 558 0.39 79.47 68.85
C ILE C 558 -0.41 79.18 70.12
N GLY C 559 -1.02 78.01 70.23
CA GLY C 559 -1.68 77.64 71.48
C GLY C 559 -0.69 77.42 72.61
N VAL C 560 0.43 76.75 72.33
CA VAL C 560 1.45 76.57 73.35
C VAL C 560 2.13 77.90 73.69
N SER C 561 2.23 78.81 72.73
CA SER C 561 2.74 80.15 73.05
C SER C 561 1.77 80.91 73.95
N VAL C 562 0.45 80.73 73.74
CA VAL C 562 -0.55 81.29 74.65
C VAL C 562 -0.42 80.68 76.04
N VAL C 563 -0.14 79.37 76.10
CA VAL C 563 0.09 78.70 77.39
C VAL C 563 1.31 79.27 78.10
N LEU C 564 2.38 79.55 77.34
CA LEU C 564 3.59 80.10 77.93
C LEU C 564 3.37 81.52 78.42
N PHE C 565 2.68 82.35 77.63
CA PHE C 565 2.43 83.72 78.05
C PHE C 565 1.43 83.79 79.20
N LEU C 566 0.54 82.80 79.30
CA LEU C 566 -0.34 82.69 80.46
C LEU C 566 0.45 82.34 81.71
N VAL C 567 1.08 81.17 81.71
CA VAL C 567 1.62 80.60 82.94
C VAL C 567 2.90 81.30 83.37
N SER C 568 3.64 81.89 82.42
CA SER C 568 4.81 82.68 82.79
C SER C 568 4.42 83.97 83.49
N ARG C 569 3.25 84.52 83.19
CA ARG C 569 2.72 85.69 83.88
C ARG C 569 1.72 85.33 84.97
N PHE C 570 1.59 84.04 85.31
CA PHE C 570 0.60 83.60 86.28
C PHE C 570 1.18 83.25 87.63
N SER C 571 2.46 82.90 87.69
CA SER C 571 3.12 82.61 88.96
C SER C 571 3.39 83.90 89.74
N PRO C 594 9.91 88.75 85.48
CA PRO C 594 10.61 87.54 85.07
C PRO C 594 11.25 87.71 83.70
N ASN C 595 11.70 86.60 83.11
CA ASN C 595 12.37 86.65 81.82
C ASN C 595 11.41 86.44 80.65
N GLU C 596 10.43 85.55 80.80
CA GLU C 596 9.44 85.28 79.76
C GLU C 596 8.15 86.04 80.01
N PHE C 597 8.26 87.26 80.54
CA PHE C 597 7.08 88.07 80.84
C PHE C 597 6.43 88.61 79.57
N GLY C 598 7.22 88.83 78.51
CA GLY C 598 6.68 89.42 77.31
C GLY C 598 6.05 88.41 76.37
N ILE C 599 5.18 88.92 75.50
CA ILE C 599 4.53 88.07 74.51
C ILE C 599 5.55 87.64 73.44
N PHE C 600 6.51 88.51 73.10
CA PHE C 600 7.57 88.10 72.21
C PHE C 600 8.51 87.11 72.88
N ASN C 601 8.72 87.24 74.19
CA ASN C 601 9.56 86.28 74.90
C ASN C 601 8.93 84.90 74.91
N SER C 602 7.62 84.83 75.16
CA SER C 602 6.93 83.55 75.15
C SER C 602 6.86 82.95 73.74
N LEU C 603 6.59 83.80 72.73
CA LEU C 603 6.57 83.32 71.36
C LEU C 603 7.95 82.88 70.89
N TRP C 604 9.01 83.56 71.35
CA TRP C 604 10.36 83.22 70.96
C TRP C 604 10.82 81.94 71.62
N PHE C 605 10.43 81.72 72.88
CA PHE C 605 10.75 80.45 73.51
C PHE C 605 9.92 79.32 72.94
N SER C 606 8.69 79.61 72.47
CA SER C 606 7.91 78.60 71.78
C SER C 606 8.52 78.25 70.43
N LEU C 607 9.11 79.24 69.75
CA LEU C 607 9.81 78.98 68.51
C LEU C 607 11.09 78.18 68.74
N GLY C 608 11.81 78.49 69.82
CA GLY C 608 13.01 77.73 70.15
C GLY C 608 12.70 76.32 70.60
N ALA C 609 11.58 76.12 71.29
CA ALA C 609 11.14 74.77 71.60
C ALA C 609 10.62 74.04 70.38
N PHE C 610 10.12 74.78 69.37
CA PHE C 610 9.63 74.14 68.16
C PHE C 610 10.76 73.59 67.29
N MET C 611 11.91 74.25 67.28
CA MET C 611 13.04 73.75 66.51
C MET C 611 13.91 72.88 67.40
N GLN C 612 14.99 72.34 66.82
CA GLN C 612 15.95 71.55 67.59
C GLN C 612 16.73 72.44 68.56
N GLN C 613 17.40 73.46 68.03
CA GLN C 613 18.30 74.29 68.82
C GLN C 613 17.54 75.32 69.64
N GLY C 614 18.27 76.27 70.22
CA GLY C 614 17.66 77.35 71.00
C GLY C 614 18.69 78.31 71.54
N ASP C 616 18.51 79.73 74.44
CA ASP C 616 18.44 81.18 74.50
C ASP C 616 18.21 81.66 75.93
N ILE C 617 16.94 81.67 76.34
CA ILE C 617 16.55 82.08 77.68
C ILE C 617 15.93 80.87 78.35
N SER C 618 16.61 80.34 79.36
CA SER C 618 16.17 79.12 80.03
C SER C 618 15.22 79.47 81.16
N PRO C 619 14.01 78.93 81.19
CA PRO C 619 13.14 79.12 82.34
C PRO C 619 13.62 78.34 83.55
N ARG C 620 13.03 78.64 84.70
CA ARG C 620 13.36 77.97 85.95
C ARG C 620 12.16 77.35 86.65
N SER C 621 10.95 77.53 86.12
CA SER C 621 9.75 77.06 86.78
C SER C 621 9.49 75.59 86.48
N LEU C 622 8.70 74.95 87.34
CA LEU C 622 8.23 73.60 87.09
C LEU C 622 7.28 73.56 85.90
N SER C 623 6.30 74.46 85.88
CA SER C 623 5.23 74.43 84.90
C SER C 623 5.73 74.81 83.50
N GLY C 624 6.57 75.84 83.41
CA GLY C 624 7.10 76.24 82.11
C GLY C 624 8.02 75.19 81.50
N ARG C 625 8.85 74.58 82.34
CA ARG C 625 9.74 73.53 81.85
C ARG C 625 8.96 72.27 81.46
N ILE C 626 7.85 71.97 82.15
CA ILE C 626 7.11 70.78 81.74
C ILE C 626 6.25 71.06 80.50
N VAL C 627 5.80 72.30 80.30
CA VAL C 627 5.17 72.67 79.03
C VAL C 627 6.17 72.56 77.88
N GLY C 628 7.40 73.01 78.12
CA GLY C 628 8.45 72.86 77.12
C GLY C 628 8.78 71.41 76.84
N GLY C 629 8.79 70.56 77.88
CA GLY C 629 9.05 69.15 77.68
C GLY C 629 7.92 68.43 76.97
N VAL C 630 6.68 68.90 77.13
CA VAL C 630 5.56 68.34 76.38
C VAL C 630 5.67 68.74 74.91
N TRP C 631 5.84 70.03 74.63
CA TRP C 631 5.86 70.52 73.24
C TRP C 631 7.11 70.10 72.48
N TRP C 632 8.22 69.91 73.16
CA TRP C 632 9.54 69.86 72.56
C TRP C 632 9.89 68.47 72.03
N PHE C 633 9.65 67.42 72.80
CA PHE C 633 9.78 66.06 72.27
C PHE C 633 8.72 65.77 71.21
N PHE C 634 7.53 66.38 71.36
CA PHE C 634 6.46 66.34 70.37
C PHE C 634 6.93 66.81 69.00
N THR C 635 7.40 68.05 68.92
CA THR C 635 7.90 68.55 67.64
C THR C 635 9.22 67.91 67.22
N LEU C 636 9.97 67.33 68.17
CA LEU C 636 11.14 66.52 67.82
C LEU C 636 10.75 65.31 67.01
N ILE C 637 9.74 64.56 67.48
CA ILE C 637 9.24 63.40 66.76
C ILE C 637 8.60 63.83 65.44
N ILE C 638 7.97 65.01 65.41
CA ILE C 638 7.36 65.50 64.17
C ILE C 638 8.42 65.78 63.10
N ILE C 639 9.47 66.54 63.42
CA ILE C 639 10.44 66.85 62.39
C ILE C 639 11.36 65.68 62.08
N SER C 640 11.52 64.74 63.03
CA SER C 640 12.20 63.50 62.70
C SER C 640 11.38 62.66 61.72
N SER C 641 10.05 62.67 61.89
CA SER C 641 9.18 61.99 60.95
C SER C 641 9.17 62.69 59.60
N TYR C 642 9.32 64.02 59.60
CA TYR C 642 9.49 64.76 58.35
C TYR C 642 10.75 64.35 57.63
N THR C 643 11.85 64.20 58.38
CA THR C 643 13.12 63.77 57.80
C THR C 643 13.00 62.38 57.20
N ALA C 644 12.42 61.45 57.96
CA ALA C 644 12.26 60.08 57.47
C ALA C 644 11.29 60.00 56.29
N ASN C 645 10.25 60.85 56.30
CA ASN C 645 9.26 60.82 55.22
C ASN C 645 9.85 61.39 53.93
N LEU C 646 10.64 62.46 54.04
CA LEU C 646 11.32 62.98 52.87
C LEU C 646 12.37 62.01 52.36
N ALA C 647 13.03 61.28 53.26
CA ALA C 647 13.96 60.23 52.85
C ALA C 647 13.23 59.10 52.11
N ALA C 648 12.03 58.75 52.58
CA ALA C 648 11.23 57.73 51.90
C ALA C 648 10.78 58.20 50.53
N PHE C 649 10.41 59.49 50.41
CA PHE C 649 9.97 60.01 49.12
C PHE C 649 11.11 60.07 48.12
N LEU C 650 12.31 60.45 48.58
CA LEU C 650 13.46 60.42 47.69
C LEU C 650 13.92 59.00 47.38
N THR C 651 13.63 58.04 48.27
CA THR C 651 13.87 56.64 47.94
C THR C 651 12.92 56.17 46.85
N VAL C 652 11.68 56.63 46.90
CA VAL C 652 10.71 56.40 45.82
C VAL C 652 11.20 57.05 44.53
N GLU C 653 11.86 58.21 44.64
CA GLU C 653 12.24 59.01 43.48
C GLU C 653 13.26 58.30 42.58
N ARG C 654 14.07 57.40 43.13
CA ARG C 654 15.02 56.62 42.34
C ARG C 654 14.64 55.15 42.26
N MET C 655 13.36 54.84 42.12
CA MET C 655 12.92 53.46 41.93
C MET C 655 13.04 53.00 40.49
N VAL C 656 12.34 51.90 40.18
CA VAL C 656 12.41 51.07 38.98
C VAL C 656 12.46 51.85 37.67
N SER C 657 13.41 51.50 36.80
CA SER C 657 13.57 52.09 35.48
C SER C 657 12.35 51.80 34.61
N PRO C 658 12.09 52.63 33.57
CA PRO C 658 10.95 52.37 32.68
C PRO C 658 11.04 51.10 31.85
N ILE C 659 10.00 50.85 31.05
CA ILE C 659 9.85 49.59 30.35
C ILE C 659 10.88 49.50 29.23
N GLU C 660 11.60 48.37 29.17
CA GLU C 660 12.65 48.18 28.18
C GLU C 660 12.64 46.81 27.52
N SER C 661 11.72 45.91 27.89
CA SER C 661 11.66 44.60 27.27
C SER C 661 10.23 44.09 27.33
N ALA C 662 9.99 42.99 26.62
CA ALA C 662 8.68 42.34 26.69
C ALA C 662 8.47 41.66 28.02
N GLU C 663 9.55 41.20 28.66
CA GLU C 663 9.44 40.65 30.01
C GLU C 663 9.08 41.72 31.02
N ASP C 664 9.41 42.98 30.74
CA ASP C 664 8.95 44.08 31.56
C ASP C 664 7.45 44.28 31.43
N LEU C 665 6.90 44.05 30.23
CA LEU C 665 5.45 44.10 30.04
C LEU C 665 4.78 42.93 30.75
N ALA C 666 5.40 41.75 30.69
CA ALA C 666 4.84 40.58 31.36
C ALA C 666 4.94 40.68 32.88
N LYS C 667 5.90 41.45 33.39
CA LYS C 667 6.08 41.56 34.83
C LYS C 667 5.10 42.51 35.50
N GLN C 668 4.42 43.35 34.73
CA GLN C 668 3.50 44.33 35.31
C GLN C 668 2.10 44.08 34.79
N THR C 669 1.13 44.68 35.48
CA THR C 669 -0.27 44.62 35.06
C THR C 669 -0.99 45.96 35.21
N GLU C 670 -0.33 47.00 35.71
CA GLU C 670 -1.01 48.27 35.91
C GLU C 670 -1.18 49.02 34.61
N ILE C 671 -0.13 49.11 33.79
CA ILE C 671 -0.17 49.82 32.52
C ILE C 671 -0.53 48.81 31.44
N ALA C 672 -1.68 49.01 30.81
CA ALA C 672 -2.15 48.09 29.78
C ALA C 672 -1.47 48.37 28.45
N TYR C 673 -1.73 47.50 27.48
CA TYR C 673 -1.11 47.62 26.16
C TYR C 673 -2.02 46.97 25.13
N GLY C 674 -1.84 47.38 23.87
CA GLY C 674 -2.63 46.83 22.79
C GLY C 674 -1.89 46.87 21.48
N THR C 675 -2.43 46.14 20.50
CA THR C 675 -1.91 46.14 19.14
C THR C 675 -3.02 46.53 18.17
N LEU C 676 -2.75 46.46 16.87
CA LEU C 676 -3.75 46.74 15.86
C LEU C 676 -4.72 45.55 15.77
N ASP C 677 -5.96 45.84 15.38
CA ASP C 677 -7.01 44.83 15.33
C ASP C 677 -6.77 43.77 14.25
N SER C 678 -5.95 44.06 13.25
CA SER C 678 -5.69 43.11 12.17
C SER C 678 -4.26 43.28 11.69
N GLY C 679 -3.74 42.24 11.04
CA GLY C 679 -2.42 42.30 10.48
C GLY C 679 -1.55 41.12 10.85
N SER C 680 -0.35 41.05 10.26
CA SER C 680 0.59 40.00 10.62
C SER C 680 1.21 40.22 12.00
N THR C 681 1.07 41.43 12.55
CA THR C 681 1.44 41.68 13.94
C THR C 681 0.58 40.84 14.88
N LYS C 682 -0.74 40.88 14.69
CA LYS C 682 -1.64 40.04 15.49
C LYS C 682 -1.47 38.56 15.17
N GLU C 683 -1.12 38.25 13.92
CA GLU C 683 -0.84 36.86 13.55
C GLU C 683 0.45 36.35 14.17
N PHE C 684 1.39 37.25 14.50
CA PHE C 684 2.61 36.85 15.18
C PHE C 684 2.30 36.40 16.60
N PHE C 685 1.47 37.15 17.31
CA PHE C 685 1.10 36.76 18.67
C PHE C 685 0.13 35.58 18.69
N ARG C 686 -0.75 35.49 17.69
CA ARG C 686 -1.71 34.40 17.65
C ARG C 686 -1.04 33.07 17.35
N ARG C 687 -0.06 33.07 16.46
CA ARG C 687 0.67 31.87 16.09
C ARG C 687 2.03 31.78 16.78
N SER C 688 2.13 32.25 18.01
CA SER C 688 3.40 32.24 18.71
C SER C 688 3.62 30.91 19.42
N LYS C 689 4.89 30.65 19.75
CA LYS C 689 5.28 29.49 20.54
C LYS C 689 5.99 29.85 21.83
N ILE C 690 6.54 31.05 21.94
CA ILE C 690 7.20 31.49 23.17
C ILE C 690 6.12 31.83 24.20
N ALA C 691 6.25 31.25 25.41
CA ALA C 691 5.21 31.36 26.42
C ALA C 691 5.04 32.77 26.95
N VAL C 692 6.07 33.61 26.82
CA VAL C 692 5.92 35.03 27.14
C VAL C 692 4.96 35.71 26.16
N TYR C 693 5.21 35.51 24.86
CA TYR C 693 4.31 36.06 23.86
C TYR C 693 2.96 35.35 23.86
N GLU C 694 2.93 34.08 24.30
CA GLU C 694 1.67 33.39 24.47
C GLU C 694 0.85 34.01 25.60
N LYS C 695 1.51 34.41 26.68
CA LYS C 695 0.82 35.13 27.74
C LYS C 695 0.38 36.52 27.27
N MET C 696 1.16 37.14 26.39
CA MET C 696 0.77 38.43 25.81
C MET C 696 -0.49 38.29 24.96
N TRP C 697 -0.55 37.26 24.12
CA TRP C 697 -1.74 37.02 23.32
C TRP C 697 -2.92 36.56 24.17
N SER C 698 -2.65 35.89 25.29
CA SER C 698 -3.71 35.56 26.24
C SER C 698 -4.29 36.81 26.88
N TYR C 699 -3.43 37.79 27.18
CA TYR C 699 -3.91 39.06 27.71
C TYR C 699 -4.67 39.86 26.66
N MET C 700 -4.18 39.87 25.42
CA MET C 700 -4.83 40.68 24.39
C MET C 700 -6.12 40.04 23.90
N LYS C 701 -6.24 38.72 23.98
CA LYS C 701 -7.45 38.05 23.53
C LYS C 701 -8.52 38.00 24.61
N SER C 702 -8.17 38.31 25.87
CA SER C 702 -9.11 38.25 26.98
C SER C 702 -9.22 39.58 27.71
N ALA C 703 -8.89 40.68 27.05
CA ALA C 703 -8.94 41.99 27.68
C ALA C 703 -10.38 42.48 27.79
N GLU C 704 -10.63 43.30 28.80
CA GLU C 704 -11.95 43.87 29.05
C GLU C 704 -11.80 45.36 29.35
N PRO C 705 -12.17 46.25 28.41
CA PRO C 705 -12.71 45.97 27.07
C PRO C 705 -11.63 45.66 26.04
N SER C 706 -11.98 45.70 24.76
CA SER C 706 -11.03 45.37 23.71
C SER C 706 -9.99 46.47 23.56
N VAL C 707 -8.72 46.08 23.57
CA VAL C 707 -7.62 47.04 23.45
C VAL C 707 -7.24 47.34 22.01
N PHE C 708 -7.96 46.77 21.05
CA PHE C 708 -7.61 46.91 19.65
C PHE C 708 -8.21 48.18 19.07
N THR C 709 -7.43 48.89 18.28
CA THR C 709 -7.90 50.05 17.54
C THR C 709 -7.98 49.72 16.06
N LYS C 710 -8.83 50.46 15.36
CA LYS C 710 -9.03 50.21 13.93
C LYS C 710 -7.85 50.70 13.11
N THR C 711 -7.37 51.90 13.39
CA THR C 711 -6.29 52.51 12.64
C THR C 711 -5.07 52.72 13.51
N THR C 712 -4.00 53.20 12.87
CA THR C 712 -2.77 53.50 13.60
C THR C 712 -2.93 54.79 14.41
N ALA C 713 -3.54 55.81 13.80
CA ALA C 713 -3.71 57.09 14.48
C ALA C 713 -4.69 56.99 15.64
N ASP C 714 -5.62 56.03 15.60
CA ASP C 714 -6.47 55.76 16.75
C ASP C 714 -5.65 55.26 17.93
N GLY C 715 -4.69 54.38 17.67
CA GLY C 715 -3.78 53.94 18.73
C GLY C 715 -2.86 55.05 19.22
N VAL C 716 -2.45 55.94 18.31
CA VAL C 716 -1.64 57.10 18.69
C VAL C 716 -2.41 58.01 19.63
N ALA C 717 -3.67 58.29 19.30
CA ALA C 717 -4.51 59.12 20.16
C ALA C 717 -4.86 58.40 21.46
N ARG C 718 -4.94 57.07 21.44
CA ARG C 718 -5.21 56.32 22.66
C ARG C 718 -4.03 56.37 23.61
N VAL C 719 -2.81 56.32 23.08
CA VAL C 719 -1.62 56.43 23.92
C VAL C 719 -1.44 57.86 24.40
N ARG C 720 -1.71 58.84 23.53
CA ARG C 720 -1.55 60.24 23.91
C ARG C 720 -2.61 60.71 24.91
N LYS C 721 -3.74 60.01 25.00
CA LYS C 721 -4.76 60.31 26.01
C LYS C 721 -4.68 59.35 27.19
N SER C 722 -3.52 58.76 27.44
CA SER C 722 -3.37 57.79 28.51
C SER C 722 -2.55 58.29 29.69
N LYS C 723 -1.55 59.15 29.44
CA LYS C 723 -0.63 59.70 30.45
C LYS C 723 0.08 58.59 31.21
N GLY C 724 0.50 57.56 30.50
CA GLY C 724 1.18 56.44 31.12
C GLY C 724 0.27 55.33 31.59
N LYS C 725 -0.81 55.05 30.86
CA LYS C 725 -1.72 53.98 31.23
C LYS C 725 -1.90 52.93 30.13
N PHE C 726 -1.69 53.29 28.87
CA PHE C 726 -1.85 52.37 27.76
C PHE C 726 -0.66 52.49 26.82
N ALA C 727 -0.23 51.36 26.28
CA ALA C 727 0.89 51.28 25.36
C ALA C 727 0.45 50.63 24.06
N PHE C 728 1.28 50.80 23.03
CA PHE C 728 0.96 50.26 21.71
C PHE C 728 2.20 49.61 21.11
N LEU C 729 1.99 48.51 20.39
CA LEU C 729 3.06 47.77 19.73
C LEU C 729 2.93 47.94 18.23
N LEU C 730 4.06 48.15 17.57
CA LEU C 730 4.08 48.46 16.14
C LEU C 730 5.46 48.12 15.59
N GLU C 731 5.69 48.49 14.33
CA GLU C 731 7.00 48.30 13.71
C GLU C 731 7.97 49.35 14.23
N SER C 732 9.26 49.03 14.10
CA SER C 732 10.29 49.92 14.63
C SER C 732 10.48 51.16 13.77
N THR C 733 10.37 51.01 12.45
CA THR C 733 10.51 52.15 11.56
C THR C 733 9.36 53.13 11.73
N MET C 734 8.14 52.61 11.89
CA MET C 734 6.98 53.47 12.10
C MET C 734 7.05 54.17 13.45
N ASN C 735 7.57 53.46 14.46
CA ASN C 735 7.71 54.06 15.78
C ASN C 735 8.78 55.14 15.78
N GLU C 736 9.88 54.92 15.05
CA GLU C 736 10.92 55.94 14.96
C GLU C 736 10.50 57.13 14.11
N TYR C 737 9.62 56.91 13.13
CA TYR C 737 9.11 58.03 12.35
C TYR C 737 8.13 58.86 13.16
N ILE C 738 7.20 58.21 13.87
CA ILE C 738 6.25 58.94 14.71
C ILE C 738 6.92 59.56 15.93
N GLU C 739 8.07 59.02 16.33
CA GLU C 739 8.86 59.65 17.39
C GLU C 739 9.43 60.98 16.94
N GLN C 740 9.76 61.09 15.65
CA GLN C 740 10.38 62.30 15.10
C GLN C 740 9.35 63.25 14.51
N ARG C 741 8.13 63.25 15.02
CA ARG C 741 7.10 64.19 14.56
C ARG C 741 6.55 64.96 15.74
N LYS C 742 5.84 66.04 15.44
CA LYS C 742 5.21 66.86 16.46
C LYS C 742 4.08 66.08 17.14
N PRO C 743 3.80 66.35 18.43
CA PRO C 743 4.41 67.29 19.37
C PRO C 743 5.67 66.79 20.08
N CYS C 744 6.37 65.79 19.51
CA CYS C 744 7.61 65.22 20.04
C CYS C 744 7.42 64.68 21.46
N ASP C 745 6.37 63.88 21.66
CA ASP C 745 5.97 63.42 22.98
C ASP C 745 6.06 61.91 23.15
N THR C 746 6.67 61.20 22.20
CA THR C 746 6.79 59.76 22.26
C THR C 746 8.25 59.35 22.15
N MET C 747 8.52 58.08 22.43
CA MET C 747 9.85 57.52 22.29
C MET C 747 9.75 56.02 22.07
N LYS C 748 10.81 55.45 21.51
CA LYS C 748 10.89 54.02 21.25
C LYS C 748 11.87 53.38 22.23
N VAL C 749 11.44 52.29 22.86
CA VAL C 749 12.25 51.61 23.87
C VAL C 749 12.50 50.18 23.44
N GLY C 750 13.57 49.61 23.99
CA GLY C 750 13.87 48.21 23.80
C GLY C 750 14.45 47.91 22.43
N GLY C 751 14.93 46.67 22.28
CA GLY C 751 15.42 46.20 21.01
C GLY C 751 14.31 45.60 20.16
N ASN C 752 14.70 45.13 18.98
CA ASN C 752 13.74 44.54 18.06
C ASN C 752 13.36 43.14 18.54
N LEU C 753 12.14 42.72 18.18
CA LEU C 753 11.61 41.47 18.69
C LEU C 753 11.66 40.33 17.67
N ASP C 754 11.61 40.65 16.38
CA ASP C 754 11.64 39.63 15.35
C ASP C 754 12.57 40.06 14.22
N SER C 755 12.73 39.18 13.24
CA SER C 755 13.61 39.44 12.10
C SER C 755 12.73 39.87 10.92
N LYS C 756 12.44 41.16 10.87
CA LYS C 756 11.66 41.75 9.79
C LYS C 756 12.56 42.60 8.90
N GLY C 757 12.18 42.69 7.63
CA GLY C 757 12.95 43.45 6.67
C GLY C 757 12.23 43.66 5.35
N TYR C 758 12.36 44.84 4.77
CA TYR C 758 11.72 45.15 3.51
C TYR C 758 12.73 45.03 2.36
N GLY C 759 12.23 44.56 1.21
CA GLY C 759 13.04 44.46 0.02
C GLY C 759 12.25 44.90 -1.19
N VAL C 760 12.90 44.81 -2.35
CA VAL C 760 12.27 45.23 -3.61
C VAL C 760 11.54 44.05 -4.22
N ALA C 761 10.28 44.26 -4.58
CA ALA C 761 9.44 43.22 -5.14
C ALA C 761 9.64 43.15 -6.65
N THR C 762 9.62 41.93 -7.19
CA THR C 762 9.81 41.66 -8.60
C THR C 762 9.01 40.41 -8.97
N PRO C 763 8.51 40.33 -10.21
CA PRO C 763 7.80 39.13 -10.63
C PRO C 763 8.72 37.92 -10.73
N LYS C 764 8.11 36.75 -10.59
CA LYS C 764 8.85 35.50 -10.64
C LYS C 764 9.25 35.19 -12.08
N GLY C 765 10.50 34.78 -12.26
CA GLY C 765 11.01 34.51 -13.59
C GLY C 765 11.34 35.74 -14.40
N SER C 766 11.48 36.89 -13.74
CA SER C 766 11.84 38.11 -14.43
C SER C 766 13.35 38.16 -14.67
N ALA C 767 13.74 38.52 -15.88
CA ALA C 767 15.16 38.57 -16.22
C ALA C 767 15.84 39.81 -15.65
N LEU C 768 15.08 40.83 -15.28
CA LEU C 768 15.62 42.09 -14.80
C LEU C 768 15.79 42.12 -13.29
N GLY C 769 15.45 41.05 -12.59
CA GLY C 769 15.45 41.07 -11.12
C GLY C 769 16.86 41.07 -10.55
N THR C 770 17.77 40.34 -11.19
CA THR C 770 19.15 40.22 -10.74
C THR C 770 19.93 41.55 -10.81
N PRO C 771 19.85 42.38 -11.88
CA PRO C 771 20.49 43.70 -11.76
C PRO C 771 19.84 44.62 -10.75
N VAL C 772 18.54 44.45 -10.48
CA VAL C 772 17.88 45.21 -9.42
C VAL C 772 18.46 44.83 -8.07
N ASN C 773 18.68 43.53 -7.82
CA ASN C 773 19.25 43.11 -6.55
C ASN C 773 20.72 43.51 -6.44
N LEU C 774 21.44 43.52 -7.57
CA LEU C 774 22.82 44.03 -7.56
C LEU C 774 22.86 45.52 -7.26
N ALA C 775 21.89 46.29 -7.77
CA ALA C 775 21.82 47.71 -7.46
C ALA C 775 21.46 47.94 -5.99
N VAL C 776 20.60 47.07 -5.44
CA VAL C 776 20.28 47.15 -4.02
C VAL C 776 21.52 46.88 -3.17
N LEU C 777 22.31 45.87 -3.55
CA LEU C 777 23.56 45.59 -2.82
C LEU C 777 24.57 46.72 -2.97
N LYS C 778 24.62 47.36 -4.14
CA LYS C 778 25.53 48.48 -4.33
C LYS C 778 25.09 49.70 -3.50
N LEU C 779 23.78 49.94 -3.41
CA LEU C 779 23.30 51.04 -2.56
C LEU C 779 23.47 50.72 -1.09
N SER C 780 23.48 49.44 -0.72
CA SER C 780 23.73 49.07 0.67
C SER C 780 25.20 49.27 1.03
N GLU C 781 26.10 48.82 0.16
CA GLU C 781 27.52 48.94 0.46
C GLU C 781 28.02 50.37 0.28
N GLN C 782 27.32 51.17 -0.54
CA GLN C 782 27.71 52.57 -0.71
C GLN C 782 27.22 53.44 0.44
N GLY C 783 26.32 52.94 1.26
CA GLY C 783 25.82 53.70 2.39
C GLY C 783 24.80 54.76 2.04
N ILE C 784 24.27 54.76 0.82
CA ILE C 784 23.27 55.74 0.41
C ILE C 784 21.93 55.48 1.11
N LEU C 785 21.67 54.23 1.50
CA LEU C 785 20.48 53.91 2.29
C LEU C 785 20.51 54.60 3.64
N ASP C 786 21.69 54.62 4.28
CA ASP C 786 21.84 55.33 5.54
C ASP C 786 21.71 56.83 5.36
N LYS C 787 22.13 57.35 4.19
CA LYS C 787 21.98 58.77 3.92
C LYS C 787 20.53 59.16 3.76
N LEU C 788 19.75 58.35 3.03
CA LEU C 788 18.32 58.63 2.92
C LEU C 788 17.59 58.38 4.24
N LYS C 789 18.09 57.46 5.06
CA LYS C 789 17.53 57.24 6.38
C LYS C 789 17.76 58.44 7.29
N ASN C 790 18.95 59.02 7.25
CA ASN C 790 19.22 60.22 8.03
C ASN C 790 18.50 61.44 7.46
N LYS C 791 18.23 61.44 6.15
CA LYS C 791 17.55 62.57 5.54
C LYS C 791 16.06 62.56 5.87
N TRP C 792 15.40 61.41 5.71
CA TRP C 792 13.95 61.36 5.78
C TRP C 792 13.40 60.97 7.13
N TRP C 793 14.20 60.35 8.01
CA TRP C 793 13.76 60.07 9.36
C TRP C 793 14.35 60.99 10.41
N TYR C 794 15.51 61.60 10.15
CA TYR C 794 16.14 62.47 11.14
C TYR C 794 16.15 63.94 10.74
N ASP C 795 16.56 64.25 9.51
CA ASP C 795 16.61 65.63 9.08
C ASP C 795 15.24 66.15 8.67
N LYS C 796 14.38 65.27 8.15
CA LYS C 796 13.04 65.69 7.77
C LYS C 796 12.15 65.87 9.00
N GLY C 797 12.49 65.21 10.10
CA GLY C 797 11.65 65.24 11.28
C GLY C 797 11.66 66.59 11.98
N GLU C 798 10.65 66.77 12.83
CA GLU C 798 10.41 68.03 13.53
C GLU C 798 10.84 67.98 15.00
N CYS C 799 11.69 67.02 15.36
CA CYS C 799 12.16 66.88 16.73
C CYS C 799 13.67 67.11 16.77
N GLY C 800 14.18 67.32 17.99
CA GLY C 800 15.59 67.58 18.17
C GLY C 800 16.41 66.30 18.28
N ALA C 801 17.67 66.48 18.68
CA ALA C 801 18.58 65.35 18.85
C ALA C 801 18.21 64.56 20.08
N LYS C 802 18.51 63.25 20.05
CA LYS C 802 18.19 62.33 21.14
C LYS C 802 19.16 62.54 22.32
N ASP C 803 18.90 63.60 23.07
CA ASP C 803 19.74 64.01 24.19
C ASP C 803 18.93 64.15 25.48
N SER C 804 18.00 63.22 25.68
CA SER C 804 17.16 63.23 26.87
C SER C 804 17.26 64.57 27.59
N GLY C 805 18.28 65.34 27.27
CA GLY C 805 18.49 66.64 27.88
C GLY C 805 19.95 66.90 28.20
N SER C 806 20.20 67.55 29.34
CA SER C 806 21.55 67.87 29.75
C SER C 806 22.38 66.60 29.93
N LYS C 807 21.97 65.75 30.86
CA LYS C 807 22.67 64.51 31.12
C LYS C 807 21.86 63.34 30.56
N ASP C 808 22.24 62.11 30.92
CA ASP C 808 21.52 60.94 30.45
C ASP C 808 20.17 60.81 31.15
N LYS C 809 20.15 61.02 32.46
CA LYS C 809 18.91 60.96 33.23
C LYS C 809 19.09 61.85 34.46
N THR C 810 18.08 61.84 35.33
CA THR C 810 18.14 62.62 36.57
C THR C 810 18.91 61.85 37.63
N SER C 811 20.22 61.69 37.42
CA SER C 811 21.08 60.97 38.34
C SER C 811 21.76 61.93 39.31
N ALA C 812 21.20 63.12 39.48
CA ALA C 812 21.91 64.18 40.18
C ALA C 812 20.99 64.98 41.09
N LEU C 813 21.51 66.13 41.54
CA LEU C 813 20.90 67.03 42.52
C LEU C 813 19.49 67.49 42.19
N SER C 814 18.66 67.66 43.22
CA SER C 814 17.35 68.26 43.04
C SER C 814 17.45 69.79 43.16
N LEU C 815 16.55 70.46 42.44
CA LEU C 815 16.55 71.92 42.41
C LEU C 815 15.13 72.44 42.55
N SER C 816 14.15 71.54 42.39
CA SER C 816 12.74 71.88 42.30
C SER C 816 12.19 72.56 43.54
N ASN C 817 12.45 71.98 44.72
CA ASN C 817 12.00 72.60 45.96
C ASN C 817 12.91 73.75 46.34
N VAL C 818 14.14 73.74 45.83
CA VAL C 818 15.18 74.66 46.26
C VAL C 818 14.86 76.09 45.87
N ALA C 819 14.38 76.29 44.64
CA ALA C 819 14.02 77.63 44.17
C ALA C 819 12.80 78.17 44.91
N GLY C 820 11.84 77.31 45.24
CA GLY C 820 10.67 77.77 45.97
C GLY C 820 10.96 78.16 47.40
N VAL C 821 11.85 77.40 48.07
CA VAL C 821 12.22 77.76 49.43
C VAL C 821 13.12 78.99 49.42
N PHE C 822 13.92 79.17 48.36
CA PHE C 822 14.61 80.45 48.15
C PHE C 822 13.63 81.60 48.00
N TYR C 823 12.52 81.37 47.26
CA TYR C 823 11.52 82.42 47.04
C TYR C 823 10.84 82.81 48.34
N ILE C 824 10.46 81.82 49.16
CA ILE C 824 9.79 82.15 50.42
C ILE C 824 10.79 82.75 51.41
N LEU C 825 12.08 82.42 51.30
CA LEU C 825 13.08 83.06 52.14
C LEU C 825 13.29 84.52 51.77
N VAL C 826 13.34 84.81 50.47
CA VAL C 826 13.46 86.20 50.00
C VAL C 826 12.22 87.01 50.38
N GLY C 827 11.04 86.38 50.28
CA GLY C 827 9.81 87.06 50.66
C GLY C 827 9.74 87.39 52.15
N GLY C 828 10.06 86.41 52.99
CA GLY C 828 10.11 86.66 54.43
C GLY C 828 11.21 87.63 54.83
N LEU C 829 12.34 87.61 54.10
CA LEU C 829 13.43 88.53 54.37
C LEU C 829 13.02 89.97 54.06
N GLY C 830 12.39 90.18 52.91
CA GLY C 830 11.93 91.52 52.55
C GLY C 830 10.80 92.00 53.45
N LEU C 831 9.91 91.08 53.86
CA LEU C 831 8.83 91.46 54.76
C LEU C 831 9.35 91.86 56.12
N ALA C 832 10.26 91.07 56.69
CA ALA C 832 10.84 91.42 57.99
C ALA C 832 11.73 92.66 57.90
N MET C 833 12.33 92.90 56.73
CA MET C 833 13.13 94.11 56.54
C MET C 833 12.25 95.35 56.51
N MET C 834 11.12 95.30 55.80
CA MET C 834 10.24 96.46 55.78
C MET C 834 9.54 96.68 57.13
N VAL C 835 9.24 95.59 57.85
CA VAL C 835 8.67 95.73 59.19
C VAL C 835 9.68 96.35 60.16
N ALA C 836 10.94 95.93 60.07
CA ALA C 836 12.00 96.52 60.90
C ALA C 836 12.20 97.98 60.54
N LEU C 837 12.11 98.32 59.26
CA LEU C 837 12.28 99.71 58.82
C LEU C 837 11.15 100.59 59.34
N ILE C 838 9.90 100.11 59.26
CA ILE C 838 8.79 100.96 59.71
C ILE C 838 8.75 101.04 61.24
N GLU C 839 9.17 99.99 61.95
CA GLU C 839 9.17 100.11 63.40
C GLU C 839 10.32 100.97 63.90
N PHE C 840 11.45 100.99 63.20
CA PHE C 840 12.51 101.91 63.57
C PHE C 840 12.14 103.35 63.22
N CYS C 841 11.39 103.54 62.13
CA CYS C 841 10.89 104.86 61.79
C CYS C 841 9.90 105.37 62.83
N TYR C 842 9.01 104.48 63.31
CA TYR C 842 8.07 104.85 64.37
C TYR C 842 8.78 105.12 65.68
N LYS C 843 9.83 104.35 66.00
CA LYS C 843 10.60 104.58 67.21
C LYS C 843 11.38 105.90 67.14
N SER C 844 11.90 106.23 65.95
CA SER C 844 12.60 107.49 65.78
C SER C 844 11.63 108.68 65.84
N ARG C 845 10.42 108.51 65.31
CA ARG C 845 9.42 109.57 65.40
C ARG C 845 8.91 109.74 66.83
N ALA C 846 8.88 108.67 67.61
CA ALA C 846 8.47 108.79 69.01
C ALA C 846 9.58 109.39 69.86
N GLU C 847 10.84 109.05 69.57
CA GLU C 847 11.95 109.54 70.38
C GLU C 847 12.30 110.98 70.04
N SER C 848 12.17 111.38 68.77
CA SER C 848 12.46 112.75 68.38
C SER C 848 11.39 113.71 68.87
N LYS C 849 10.16 113.23 69.06
CA LYS C 849 9.06 114.04 69.55
C LYS C 849 8.76 113.78 71.03
N ARG C 850 9.67 113.09 71.72
CA ARG C 850 9.58 112.74 73.14
C ARG C 850 8.29 112.01 73.51
N ASN D 25 -47.15 -11.49 -47.98
CA ASN D 25 -46.15 -10.46 -48.25
C ASN D 25 -44.76 -10.93 -47.83
N SER D 26 -43.76 -10.59 -48.63
CA SER D 26 -42.37 -10.92 -48.35
C SER D 26 -41.56 -9.64 -48.38
N ILE D 27 -40.97 -9.29 -47.24
CA ILE D 27 -40.18 -8.07 -47.11
C ILE D 27 -38.71 -8.45 -47.11
N GLN D 28 -38.00 -8.10 -48.16
CA GLN D 28 -36.57 -8.42 -48.27
C GLN D 28 -35.75 -7.30 -47.67
N ILE D 29 -34.86 -7.66 -46.73
CA ILE D 29 -33.96 -6.70 -46.10
C ILE D 29 -32.53 -7.19 -46.28
N GLY D 30 -31.59 -6.28 -46.02
CA GLY D 30 -30.18 -6.61 -46.08
C GLY D 30 -29.58 -6.61 -44.68
N GLY D 31 -28.57 -7.45 -44.48
CA GLY D 31 -27.89 -7.51 -43.20
C GLY D 31 -26.40 -7.69 -43.36
N LEU D 32 -25.63 -6.73 -42.84
CA LEU D 32 -24.18 -6.70 -42.96
C LEU D 32 -23.57 -7.13 -41.62
N PHE D 33 -22.58 -8.01 -41.67
CA PHE D 33 -21.95 -8.44 -40.45
C PHE D 33 -20.44 -8.58 -40.65
N PRO D 34 -19.64 -8.06 -39.72
CA PRO D 34 -18.18 -8.22 -39.82
C PRO D 34 -17.76 -9.66 -39.61
N ARG D 35 -16.59 -9.98 -40.17
CA ARG D 35 -16.00 -11.31 -40.00
C ARG D 35 -15.46 -11.45 -38.59
N GLY D 36 -16.21 -12.14 -37.73
CA GLY D 36 -15.82 -12.29 -36.34
C GLY D 36 -16.99 -12.06 -35.40
N ALA D 37 -18.09 -11.53 -35.93
CA ALA D 37 -19.30 -11.31 -35.15
C ALA D 37 -20.12 -12.59 -35.17
N ASP D 38 -19.85 -13.47 -34.23
CA ASP D 38 -20.53 -14.76 -34.13
C ASP D 38 -21.69 -14.74 -33.15
N GLN D 39 -21.51 -14.06 -32.01
CA GLN D 39 -22.57 -14.00 -31.01
C GLN D 39 -23.71 -13.10 -31.47
N GLU D 40 -23.39 -12.03 -32.20
CA GLU D 40 -24.41 -11.11 -32.67
C GLU D 40 -25.26 -11.73 -33.78
N TYR D 41 -24.63 -12.53 -34.65
CA TYR D 41 -25.41 -13.24 -35.67
C TYR D 41 -26.27 -14.33 -35.07
N SER D 42 -25.80 -14.96 -33.98
CA SER D 42 -26.62 -15.95 -33.28
C SER D 42 -27.82 -15.28 -32.61
N ALA D 43 -27.61 -14.11 -32.02
CA ALA D 43 -28.72 -13.36 -31.44
C ALA D 43 -29.68 -12.86 -32.52
N PHE D 44 -29.15 -12.55 -33.71
CA PHE D 44 -30.00 -12.19 -34.84
C PHE D 44 -30.86 -13.37 -35.27
N ARG D 45 -30.28 -14.59 -35.27
CA ARG D 45 -31.07 -15.78 -35.61
C ARG D 45 -32.14 -16.06 -34.58
N VAL D 46 -31.82 -15.89 -33.29
CA VAL D 46 -32.80 -16.08 -32.23
C VAL D 46 -33.93 -15.05 -32.32
N GLY D 47 -33.58 -13.80 -32.67
CA GLY D 47 -34.59 -12.77 -32.84
C GLY D 47 -35.45 -12.97 -34.07
N MET D 48 -34.89 -13.56 -35.13
CA MET D 48 -35.68 -13.82 -36.32
C MET D 48 -36.62 -15.00 -36.14
N VAL D 49 -36.17 -16.02 -35.39
CA VAL D 49 -37.06 -17.16 -35.11
C VAL D 49 -38.14 -16.77 -34.12
N GLN D 50 -37.78 -15.98 -33.10
CA GLN D 50 -38.72 -15.66 -32.03
C GLN D 50 -39.78 -14.66 -32.46
N PHE D 51 -39.40 -13.63 -33.22
CA PHE D 51 -40.32 -12.55 -33.58
C PHE D 51 -40.93 -12.74 -34.96
N SER D 52 -41.22 -13.97 -35.36
CA SER D 52 -41.94 -14.19 -36.60
C SER D 52 -43.40 -13.81 -36.42
N THR D 53 -44.00 -13.30 -37.49
CA THR D 53 -45.37 -12.80 -37.46
C THR D 53 -46.25 -13.63 -38.38
N SER D 54 -47.51 -13.19 -38.52
CA SER D 54 -48.50 -13.89 -39.33
C SER D 54 -48.78 -13.16 -40.65
N GLU D 55 -48.77 -11.83 -40.62
CA GLU D 55 -49.20 -11.04 -41.77
C GLU D 55 -48.16 -10.99 -42.89
N PHE D 56 -46.89 -11.27 -42.59
CA PHE D 56 -45.82 -11.11 -43.57
C PHE D 56 -44.64 -11.97 -43.13
N ARG D 57 -43.51 -11.83 -43.83
CA ARG D 57 -42.32 -12.61 -43.53
C ARG D 57 -41.10 -11.82 -44.01
N LEU D 58 -40.09 -11.71 -43.16
CA LEU D 58 -38.86 -11.03 -43.52
C LEU D 58 -37.90 -12.00 -44.18
N THR D 59 -37.04 -11.46 -45.05
CA THR D 59 -36.01 -12.24 -45.69
C THR D 59 -34.70 -11.47 -45.64
N PRO D 60 -33.81 -11.78 -44.71
CA PRO D 60 -32.52 -11.10 -44.64
C PRO D 60 -31.49 -11.72 -45.57
N HIS D 61 -30.92 -10.89 -46.44
CA HIS D 61 -29.78 -11.28 -47.26
C HIS D 61 -28.52 -10.88 -46.51
N ILE D 62 -27.71 -11.87 -46.12
CA ILE D 62 -26.61 -11.68 -45.18
C ILE D 62 -25.31 -11.55 -45.96
N ASP D 63 -24.54 -10.51 -45.64
CA ASP D 63 -23.22 -10.28 -46.23
C ASP D 63 -22.19 -10.27 -45.10
N ASN D 64 -21.28 -11.25 -45.12
CA ASN D 64 -20.23 -11.37 -44.12
C ASN D 64 -18.94 -10.81 -44.73
N LEU D 65 -18.81 -9.49 -44.69
CA LEU D 65 -17.66 -8.80 -45.23
C LEU D 65 -17.01 -7.95 -44.14
N GLU D 66 -15.85 -7.40 -44.46
CA GLU D 66 -15.12 -6.57 -43.51
C GLU D 66 -15.85 -5.24 -43.28
N VAL D 67 -15.55 -4.61 -42.14
CA VAL D 67 -16.30 -3.43 -41.72
C VAL D 67 -15.37 -2.21 -41.73
N ALA D 68 -14.06 -2.45 -41.66
CA ALA D 68 -13.12 -1.34 -41.65
C ALA D 68 -12.81 -0.87 -43.08
N ASN D 69 -12.66 -1.80 -44.01
CA ASN D 69 -12.38 -1.48 -45.40
C ASN D 69 -13.67 -0.97 -46.05
N SER D 70 -13.70 0.31 -46.42
CA SER D 70 -14.93 0.92 -46.93
C SER D 70 -15.28 0.44 -48.33
N PHE D 71 -14.33 -0.11 -49.08
CA PHE D 71 -14.60 -0.62 -50.42
C PHE D 71 -15.48 -1.86 -50.37
N ALA D 72 -15.18 -2.78 -49.45
CA ALA D 72 -16.02 -3.96 -49.28
C ALA D 72 -17.39 -3.59 -48.72
N VAL D 73 -17.45 -2.55 -47.88
CA VAL D 73 -18.73 -2.07 -47.36
C VAL D 73 -19.57 -1.49 -48.47
N THR D 74 -18.95 -0.73 -49.39
CA THR D 74 -19.66 -0.15 -50.51
C THR D 74 -20.12 -1.24 -51.49
N ASN D 75 -19.29 -2.28 -51.67
CA ASN D 75 -19.69 -3.41 -52.49
C ASN D 75 -20.88 -4.16 -51.90
N ALA D 76 -20.87 -4.38 -50.58
CA ALA D 76 -21.98 -5.06 -49.92
C ALA D 76 -23.25 -4.20 -49.97
N PHE D 77 -23.08 -2.88 -49.86
CA PHE D 77 -24.21 -1.96 -49.95
C PHE D 77 -24.84 -2.00 -51.34
N CYS D 78 -24.02 -1.96 -52.39
CA CYS D 78 -24.56 -1.95 -53.74
C CYS D 78 -25.07 -3.33 -54.13
N SER D 79 -24.54 -4.40 -53.53
CA SER D 79 -25.07 -5.73 -53.80
C SER D 79 -26.42 -5.92 -53.10
N GLN D 80 -26.59 -5.34 -51.93
CA GLN D 80 -27.90 -5.38 -51.28
C GLN D 80 -28.90 -4.46 -51.97
N PHE D 81 -28.42 -3.33 -52.52
CA PHE D 81 -29.31 -2.41 -53.23
C PHE D 81 -29.69 -2.96 -54.60
N SER D 82 -28.84 -3.79 -55.19
CA SER D 82 -29.20 -4.46 -56.44
C SER D 82 -30.29 -5.49 -56.23
N ARG D 83 -30.37 -6.06 -55.02
CA ARG D 83 -31.45 -6.98 -54.68
C ARG D 83 -32.74 -6.26 -54.35
N GLY D 84 -32.71 -4.94 -54.17
CA GLY D 84 -33.92 -4.17 -53.91
C GLY D 84 -34.50 -4.40 -52.53
N VAL D 85 -33.78 -3.96 -51.50
CA VAL D 85 -34.21 -4.15 -50.13
C VAL D 85 -34.94 -2.92 -49.65
N TYR D 86 -35.72 -3.08 -48.58
CA TYR D 86 -36.43 -1.97 -47.96
C TYR D 86 -35.71 -1.41 -46.74
N ALA D 87 -34.87 -2.21 -46.08
CA ALA D 87 -34.12 -1.76 -44.93
C ALA D 87 -32.81 -2.53 -44.86
N ILE D 88 -31.81 -1.92 -44.24
CA ILE D 88 -30.49 -2.51 -44.09
C ILE D 88 -30.10 -2.45 -42.63
N PHE D 89 -29.89 -3.61 -42.03
CA PHE D 89 -29.36 -3.75 -40.69
C PHE D 89 -27.89 -4.12 -40.77
N GLY D 90 -27.10 -3.61 -39.83
CA GLY D 90 -25.70 -3.97 -39.81
C GLY D 90 -24.89 -3.03 -38.94
N PHE D 91 -23.63 -3.41 -38.78
CA PHE D 91 -22.68 -2.65 -37.98
C PHE D 91 -21.96 -1.64 -38.87
N TYR D 92 -21.23 -0.73 -38.22
CA TYR D 92 -20.32 0.15 -38.94
C TYR D 92 -19.16 0.49 -38.02
N ASP D 93 -17.97 0.59 -38.60
CA ASP D 93 -16.81 1.05 -37.86
C ASP D 93 -16.84 2.58 -37.78
N LYS D 94 -16.05 3.12 -36.85
CA LYS D 94 -15.84 4.57 -36.81
C LYS D 94 -15.06 5.07 -38.00
N LYS D 95 -14.32 4.18 -38.67
CA LYS D 95 -13.57 4.54 -39.86
C LYS D 95 -14.43 4.62 -41.11
N SER D 96 -15.69 4.18 -41.06
CA SER D 96 -16.55 4.18 -42.23
C SER D 96 -17.96 4.65 -41.91
N VAL D 97 -18.12 5.54 -40.93
CA VAL D 97 -19.45 6.05 -40.62
C VAL D 97 -19.91 7.04 -41.68
N ASN D 98 -18.98 7.86 -42.20
CA ASN D 98 -19.35 8.91 -43.15
C ASN D 98 -19.74 8.34 -44.50
N THR D 99 -19.35 7.10 -44.77
CA THR D 99 -19.89 6.38 -45.91
C THR D 99 -21.36 6.03 -45.68
N ILE D 100 -21.67 5.46 -44.51
CA ILE D 100 -23.00 4.92 -44.26
C ILE D 100 -24.02 6.04 -44.10
N THR D 101 -23.60 7.16 -43.51
CA THR D 101 -24.48 8.32 -43.43
C THR D 101 -24.68 8.96 -44.80
N SER D 102 -23.77 8.69 -45.74
CA SER D 102 -23.93 9.27 -47.08
C SER D 102 -24.89 8.44 -47.92
N PHE D 103 -24.55 7.17 -48.15
CA PHE D 103 -25.31 6.34 -49.08
C PHE D 103 -26.70 6.00 -48.59
N CYS D 104 -26.91 5.95 -47.28
CA CYS D 104 -28.26 5.79 -46.75
C CYS D 104 -29.00 7.12 -46.61
N GLY D 105 -28.30 8.24 -46.77
CA GLY D 105 -28.94 9.54 -46.68
C GLY D 105 -29.45 10.01 -48.02
N THR D 106 -28.70 9.70 -49.08
CA THR D 106 -29.10 10.12 -50.41
C THR D 106 -30.16 9.20 -50.99
N LEU D 107 -29.96 7.89 -50.89
CA LEU D 107 -30.89 6.92 -51.46
C LEU D 107 -32.12 6.69 -50.60
N HIS D 108 -32.20 7.33 -49.43
CA HIS D 108 -33.37 7.31 -48.54
C HIS D 108 -33.72 5.90 -48.08
N VAL D 109 -32.70 5.15 -47.68
CA VAL D 109 -32.85 3.80 -47.17
C VAL D 109 -32.52 3.82 -45.68
N SER D 110 -33.42 3.29 -44.86
CA SER D 110 -33.21 3.30 -43.41
C SER D 110 -32.12 2.32 -43.02
N PHE D 111 -31.25 2.75 -42.11
CA PHE D 111 -30.15 1.92 -41.64
C PHE D 111 -30.24 1.80 -40.13
N ILE D 112 -30.46 0.57 -39.64
CA ILE D 112 -30.58 0.29 -38.22
C ILE D 112 -29.27 -0.34 -37.74
N THR D 113 -28.74 0.18 -36.64
CA THR D 113 -27.42 -0.22 -36.17
C THR D 113 -27.35 -0.32 -34.64
N PRO D 114 -26.61 -1.31 -34.13
CA PRO D 114 -26.29 -1.34 -32.70
C PRO D 114 -24.97 -0.70 -32.32
N SER D 115 -24.33 0.03 -33.23
CA SER D 115 -23.00 0.58 -32.97
C SER D 115 -23.10 1.88 -32.19
N PHE D 116 -21.99 2.62 -32.12
CA PHE D 116 -21.91 3.82 -31.29
C PHE D 116 -22.74 4.95 -31.90
N PRO D 117 -23.23 5.89 -31.07
CA PRO D 117 -23.98 7.02 -31.62
C PRO D 117 -23.11 7.96 -32.42
N THR D 118 -23.64 8.39 -33.56
CA THR D 118 -22.93 9.29 -34.45
C THR D 118 -22.87 10.70 -33.87
N ASP D 119 -21.98 11.51 -34.43
CA ASP D 119 -21.81 12.90 -34.02
C ASP D 119 -22.58 13.77 -35.01
N GLY D 120 -23.85 14.01 -34.72
CA GLY D 120 -24.70 14.82 -35.54
C GLY D 120 -26.07 14.21 -35.66
N THR D 121 -26.91 14.83 -36.47
CA THR D 121 -28.28 14.38 -36.71
C THR D 121 -28.37 13.94 -38.16
N HIS D 122 -28.04 12.68 -38.40
CA HIS D 122 -28.06 12.18 -39.78
C HIS D 122 -29.40 11.51 -40.06
N PRO D 123 -30.01 11.76 -41.22
CA PRO D 123 -31.27 11.09 -41.54
C PRO D 123 -31.05 9.61 -41.85
N PHE D 124 -32.12 8.84 -41.64
CA PHE D 124 -32.19 7.40 -41.91
C PHE D 124 -31.14 6.60 -41.13
N VAL D 125 -30.74 7.09 -39.97
CA VAL D 125 -29.79 6.41 -39.10
C VAL D 125 -30.52 6.14 -37.79
N ILE D 126 -30.98 4.91 -37.63
CA ILE D 126 -31.64 4.47 -36.41
C ILE D 126 -30.63 3.66 -35.62
N GLN D 127 -30.38 4.06 -34.37
CA GLN D 127 -29.26 3.54 -33.60
C GLN D 127 -29.76 2.94 -32.29
N MET D 128 -29.06 1.90 -31.83
CA MET D 128 -29.49 1.16 -30.65
C MET D 128 -28.70 1.48 -29.40
N ARG D 129 -27.48 1.97 -29.52
CA ARG D 129 -26.74 2.27 -28.30
C ARG D 129 -27.11 3.66 -27.80
N PRO D 130 -27.49 3.81 -26.53
CA PRO D 130 -27.76 5.14 -26.00
C PRO D 130 -26.49 5.94 -25.76
N ASP D 131 -26.64 7.18 -25.31
CA ASP D 131 -25.48 8.03 -25.01
C ASP D 131 -24.80 7.53 -23.75
N LEU D 132 -23.47 7.45 -23.81
CA LEU D 132 -22.67 7.06 -22.67
C LEU D 132 -21.95 8.23 -22.01
N LYS D 133 -21.78 9.34 -22.73
CA LYS D 133 -21.04 10.48 -22.21
C LYS D 133 -21.79 11.16 -21.07
N GLY D 134 -23.12 11.26 -21.17
CA GLY D 134 -23.89 11.89 -20.13
C GLY D 134 -23.89 11.11 -18.82
N ALA D 135 -24.06 9.79 -18.91
CA ALA D 135 -23.99 8.94 -17.72
C ALA D 135 -22.59 8.91 -17.12
N LEU D 136 -21.56 8.96 -17.96
CA LEU D 136 -20.19 8.96 -17.46
C LEU D 136 -19.86 10.26 -16.72
N LEU D 137 -20.27 11.39 -17.29
CA LEU D 137 -20.07 12.67 -16.62
C LEU D 137 -20.91 12.79 -15.36
N SER D 138 -22.11 12.19 -15.37
CA SER D 138 -22.92 12.15 -14.16
C SER D 138 -22.26 11.29 -13.08
N LEU D 139 -21.59 10.21 -13.48
CA LEU D 139 -20.89 9.37 -12.50
C LEU D 139 -19.67 10.07 -11.94
N ILE D 140 -18.97 10.86 -12.77
CA ILE D 140 -17.84 11.64 -12.25
C ILE D 140 -18.32 12.71 -11.29
N GLU D 141 -19.40 13.42 -11.64
CA GLU D 141 -19.95 14.44 -10.76
C GLU D 141 -20.59 13.85 -9.51
N TYR D 142 -20.99 12.58 -9.56
CA TYR D 142 -21.43 11.90 -8.34
C TYR D 142 -20.24 11.53 -7.46
N TYR D 143 -19.15 11.06 -8.08
CA TYR D 143 -17.95 10.71 -7.33
C TYR D 143 -17.11 11.92 -6.96
N GLN D 144 -17.35 13.08 -7.59
CA GLN D 144 -16.70 14.35 -7.30
C GLN D 144 -15.18 14.26 -7.46
N TRP D 145 -14.74 14.05 -8.69
CA TRP D 145 -13.33 13.94 -9.00
C TRP D 145 -12.77 15.28 -9.48
N ASP D 146 -11.46 15.41 -9.36
CA ASP D 146 -10.74 16.58 -9.85
C ASP D 146 -9.47 16.26 -10.63
N LYS D 147 -8.87 15.09 -10.42
CA LYS D 147 -7.64 14.72 -11.13
C LYS D 147 -7.70 13.21 -11.39
N PHE D 148 -7.80 12.83 -12.66
CA PHE D 148 -7.90 11.43 -13.01
C PHE D 148 -7.28 11.19 -14.38
N ALA D 149 -7.07 9.93 -14.71
CA ALA D 149 -6.54 9.51 -15.99
C ALA D 149 -7.65 8.88 -16.82
N TYR D 150 -7.45 8.90 -18.14
CA TYR D 150 -8.47 8.49 -19.10
C TYR D 150 -7.77 7.72 -20.20
N LEU D 151 -7.79 6.39 -20.11
CA LEU D 151 -7.15 5.53 -21.11
C LEU D 151 -8.19 5.19 -22.16
N TYR D 152 -8.04 5.74 -23.36
CA TYR D 152 -9.06 5.61 -24.39
C TYR D 152 -8.52 4.84 -25.60
N ASP D 153 -9.46 4.23 -26.32
CA ASP D 153 -9.17 3.52 -27.57
C ASP D 153 -9.72 4.35 -28.73
N SER D 154 -8.98 4.34 -29.84
CA SER D 154 -9.26 5.21 -30.98
C SER D 154 -10.02 4.48 -32.08
N ASP D 155 -10.95 3.59 -31.74
CA ASP D 155 -11.67 2.82 -32.74
C ASP D 155 -13.16 3.08 -32.78
N ARG D 156 -13.69 3.91 -31.88
CA ARG D 156 -15.11 4.27 -31.90
C ARG D 156 -15.27 5.78 -31.87
N GLY D 157 -14.39 6.49 -32.58
CA GLY D 157 -14.43 7.94 -32.60
C GLY D 157 -13.83 8.53 -31.35
N LEU D 158 -13.89 9.86 -31.29
CA LEU D 158 -13.31 10.61 -30.17
C LEU D 158 -14.35 11.50 -29.53
N SER D 159 -15.62 11.09 -29.55
CA SER D 159 -16.69 11.92 -29.01
C SER D 159 -16.64 11.97 -27.48
N THR D 160 -16.36 10.83 -26.86
CA THR D 160 -16.29 10.78 -25.40
C THR D 160 -15.08 11.54 -24.87
N LEU D 161 -13.96 11.50 -25.60
CA LEU D 161 -12.78 12.26 -25.19
C LEU D 161 -13.03 13.76 -25.25
N GLN D 162 -13.67 14.22 -26.33
CA GLN D 162 -14.01 15.64 -26.43
C GLN D 162 -15.04 16.04 -25.38
N ALA D 163 -15.97 15.16 -25.04
CA ALA D 163 -16.96 15.46 -24.02
C ALA D 163 -16.31 15.58 -22.64
N VAL D 164 -15.41 14.66 -22.30
CA VAL D 164 -14.80 14.73 -20.98
C VAL D 164 -13.78 15.87 -20.91
N LEU D 165 -13.17 16.25 -22.02
CA LEU D 165 -12.27 17.41 -22.00
C LEU D 165 -13.05 18.71 -21.88
N ASP D 166 -14.19 18.82 -22.56
CA ASP D 166 -15.03 20.01 -22.44
C ASP D 166 -15.59 20.16 -21.03
N SER D 167 -16.11 19.08 -20.46
CA SER D 167 -16.62 19.16 -19.08
C SER D 167 -15.51 19.25 -18.04
N ALA D 168 -14.29 18.81 -18.37
CA ALA D 168 -13.17 19.00 -17.47
C ALA D 168 -12.73 20.46 -17.46
N ALA D 169 -12.74 21.10 -18.63
CA ALA D 169 -12.39 22.51 -18.70
C ALA D 169 -13.49 23.38 -18.11
N GLU D 170 -14.74 22.91 -18.18
CA GLU D 170 -15.84 23.66 -17.59
C GLU D 170 -15.96 23.43 -16.09
N LYS D 171 -15.46 22.30 -15.59
CA LYS D 171 -15.58 21.98 -14.17
C LYS D 171 -14.23 21.96 -13.44
N LYS D 172 -13.16 22.44 -14.09
CA LYS D 172 -11.82 22.61 -13.52
C LYS D 172 -11.26 21.27 -13.02
N TRP D 173 -11.05 20.36 -13.97
CA TRP D 173 -10.51 19.04 -13.67
C TRP D 173 -9.12 18.90 -14.26
N GLN D 174 -8.46 17.79 -13.94
CA GLN D 174 -7.12 17.48 -14.44
C GLN D 174 -7.16 16.09 -15.07
N VAL D 175 -7.26 16.04 -16.39
CA VAL D 175 -7.41 14.79 -17.13
C VAL D 175 -6.08 14.43 -17.76
N THR D 176 -5.58 13.26 -17.40
CA THR D 176 -4.40 12.67 -18.03
C THR D 176 -4.91 11.67 -19.06
N ALA D 177 -5.15 12.14 -20.27
CA ALA D 177 -5.83 11.36 -21.30
C ALA D 177 -4.80 10.74 -22.24
N ILE D 178 -4.79 9.41 -22.32
CA ILE D 178 -3.79 8.67 -23.06
C ILE D 178 -4.48 7.73 -24.04
N ASN D 179 -4.08 7.79 -25.32
CA ASN D 179 -4.53 6.82 -26.29
C ASN D 179 -3.78 5.51 -26.10
N VAL D 180 -4.47 4.40 -26.41
CA VAL D 180 -3.89 3.08 -26.18
C VAL D 180 -4.10 2.23 -27.42
N GLY D 181 -4.89 2.75 -28.38
CA GLY D 181 -5.31 1.96 -29.52
C GLY D 181 -4.23 1.69 -30.55
N ASN D 182 -3.16 2.46 -30.56
CA ASN D 182 -2.09 2.28 -31.54
C ASN D 182 -1.04 1.26 -31.11
N ILE D 183 -1.32 0.47 -30.08
CA ILE D 183 -0.37 -0.52 -29.57
C ILE D 183 -0.70 -1.86 -30.22
N ASN D 184 0.29 -2.44 -30.90
CA ASN D 184 0.11 -3.73 -31.55
C ASN D 184 0.07 -4.86 -30.53
N ASN D 185 -0.34 -6.03 -31.00
CA ASN D 185 -0.43 -7.21 -30.16
C ASN D 185 0.90 -7.93 -30.00
N ASP D 186 1.94 -7.50 -30.72
CA ASP D 186 3.23 -8.18 -30.67
C ASP D 186 4.07 -7.77 -29.47
N LYS D 187 3.99 -6.51 -29.05
CA LYS D 187 4.78 -6.01 -27.93
C LYS D 187 3.92 -5.24 -26.96
N LYS D 188 2.76 -5.79 -26.61
CA LYS D 188 1.86 -5.15 -25.65
C LYS D 188 2.12 -5.63 -24.22
N ASP D 189 3.36 -5.61 -23.81
CA ASP D 189 3.71 -5.84 -22.41
C ASP D 189 4.65 -4.78 -21.86
N GLU D 190 5.63 -4.33 -22.65
CA GLU D 190 6.52 -3.26 -22.20
C GLU D 190 5.87 -1.90 -22.38
N THR D 191 4.98 -1.77 -23.37
CA THR D 191 4.25 -0.51 -23.56
C THR D 191 3.31 -0.23 -22.40
N TYR D 192 2.60 -1.26 -21.93
CA TYR D 192 1.73 -1.09 -20.77
C TYR D 192 2.54 -0.86 -19.49
N ARG D 193 3.73 -1.46 -19.41
CA ARG D 193 4.60 -1.24 -18.25
C ARG D 193 5.09 0.20 -18.21
N SER D 194 5.53 0.72 -19.35
CA SER D 194 5.92 2.13 -19.41
C SER D 194 4.72 3.06 -19.21
N LEU D 195 3.53 2.62 -19.63
CA LEU D 195 2.30 3.40 -19.45
C LEU D 195 1.96 3.57 -17.97
N PHE D 196 1.90 2.45 -17.24
CA PHE D 196 1.60 2.55 -15.82
C PHE D 196 2.81 2.97 -14.98
N GLN D 197 4.01 3.04 -15.57
CA GLN D 197 5.11 3.70 -14.90
C GLN D 197 4.99 5.22 -15.03
N ASP D 198 4.54 5.69 -16.20
CA ASP D 198 4.30 7.12 -16.38
C ASP D 198 3.05 7.59 -15.65
N LEU D 199 2.11 6.68 -15.38
CA LEU D 199 0.94 7.04 -14.57
C LEU D 199 1.24 7.12 -13.08
N GLU D 200 2.45 6.76 -12.64
CA GLU D 200 2.85 6.91 -11.26
C GLU D 200 3.72 8.14 -11.04
N LEU D 201 3.85 9.01 -12.04
CA LEU D 201 4.61 10.24 -11.87
C LEU D 201 3.85 11.23 -11.01
N LYS D 202 2.58 11.46 -11.33
CA LYS D 202 1.73 12.38 -10.58
C LYS D 202 0.91 11.66 -9.51
N LYS D 203 1.23 10.38 -9.23
CA LYS D 203 0.53 9.52 -8.27
C LYS D 203 -0.97 9.44 -8.58
N GLU D 204 -1.27 8.98 -9.78
CA GLU D 204 -2.65 8.87 -10.22
C GLU D 204 -3.34 7.68 -9.55
N ARG D 205 -4.55 7.91 -9.06
CA ARG D 205 -5.30 6.90 -8.34
C ARG D 205 -6.56 6.44 -9.06
N ARG D 206 -7.07 7.24 -10.01
CA ARG D 206 -8.39 7.03 -10.58
C ARG D 206 -8.29 7.05 -12.09
N VAL D 207 -8.66 5.93 -12.73
CA VAL D 207 -8.47 5.74 -14.16
C VAL D 207 -9.80 5.31 -14.78
N ILE D 208 -10.22 6.01 -15.84
CA ILE D 208 -11.39 5.63 -16.62
C ILE D 208 -10.93 4.91 -17.88
N LEU D 209 -11.40 3.68 -18.06
CA LEU D 209 -11.02 2.84 -19.19
C LEU D 209 -12.11 2.90 -20.25
N ASP D 210 -11.86 3.63 -21.32
CA ASP D 210 -12.80 3.72 -22.44
C ASP D 210 -12.28 2.81 -23.54
N CYS D 211 -12.57 1.52 -23.42
CA CYS D 211 -12.17 0.53 -24.40
C CYS D 211 -13.32 -0.41 -24.69
N GLU D 212 -13.17 -1.22 -25.73
CA GLU D 212 -14.20 -2.17 -26.13
C GLU D 212 -14.08 -3.44 -25.30
N ARG D 213 -14.89 -4.44 -25.61
CA ARG D 213 -14.96 -5.67 -24.83
C ARG D 213 -13.70 -6.52 -24.93
N ASP D 214 -12.82 -6.26 -25.89
CA ASP D 214 -11.60 -7.04 -26.05
C ASP D 214 -10.39 -6.39 -25.41
N LYS D 215 -10.30 -5.06 -25.43
CA LYS D 215 -9.14 -4.39 -24.86
C LYS D 215 -9.22 -4.26 -23.35
N VAL D 216 -10.44 -4.20 -22.79
CA VAL D 216 -10.63 -4.07 -21.35
C VAL D 216 -10.08 -5.29 -20.63
N ASN D 217 -10.31 -6.49 -21.17
CA ASN D 217 -9.81 -7.71 -20.55
C ASN D 217 -8.29 -7.77 -20.57
N ASP D 218 -7.67 -7.30 -21.66
CA ASP D 218 -6.22 -7.28 -21.75
C ASP D 218 -5.62 -6.26 -20.78
N ILE D 219 -6.26 -5.11 -20.64
CA ILE D 219 -5.77 -4.08 -19.71
C ILE D 219 -5.92 -4.56 -18.26
N VAL D 220 -7.03 -5.21 -17.94
CA VAL D 220 -7.23 -5.76 -16.60
C VAL D 220 -6.21 -6.87 -16.31
N ASP D 221 -5.93 -7.71 -17.31
CA ASP D 221 -4.92 -8.76 -17.13
C ASP D 221 -3.53 -8.18 -16.92
N GLN D 222 -3.19 -7.10 -17.62
CA GLN D 222 -1.86 -6.52 -17.43
C GLN D 222 -1.77 -5.73 -16.13
N VAL D 223 -2.88 -5.13 -15.67
CA VAL D 223 -2.91 -4.49 -14.36
C VAL D 223 -2.72 -5.53 -13.26
N ILE D 224 -3.39 -6.67 -13.39
CA ILE D 224 -3.25 -7.77 -12.45
C ILE D 224 -1.82 -8.33 -12.47
N THR D 225 -1.21 -8.37 -13.66
CA THR D 225 0.18 -8.81 -13.77
C THR D 225 1.13 -7.84 -13.06
N ILE D 226 0.95 -6.53 -13.26
CA ILE D 226 1.79 -5.56 -12.58
C ILE D 226 1.31 -5.23 -11.17
N GLY D 227 0.12 -5.69 -10.79
CA GLY D 227 -0.36 -5.53 -9.43
C GLY D 227 -0.79 -4.12 -9.07
N LYS D 228 -1.86 -3.64 -9.71
CA LYS D 228 -2.44 -2.33 -9.42
C LYS D 228 -3.94 -2.43 -9.29
N HIS D 229 -4.41 -3.43 -8.54
CA HIS D 229 -5.83 -3.62 -8.30
C HIS D 229 -6.15 -3.78 -6.82
N VAL D 230 -5.26 -3.32 -5.94
CA VAL D 230 -5.47 -3.38 -4.50
C VAL D 230 -6.38 -2.24 -4.08
N LYS D 231 -6.82 -2.27 -2.82
CA LYS D 231 -7.68 -1.21 -2.30
C LYS D 231 -6.93 0.11 -2.22
N GLY D 232 -7.44 1.11 -2.92
CA GLY D 232 -6.81 2.42 -2.96
C GLY D 232 -6.92 3.08 -4.32
N TYR D 233 -7.25 2.29 -5.34
CA TYR D 233 -7.40 2.76 -6.70
C TYR D 233 -8.88 2.79 -7.09
N HIS D 234 -9.14 3.08 -8.36
CA HIS D 234 -10.49 3.13 -8.89
C HIS D 234 -10.45 2.87 -10.39
N TYR D 235 -11.51 2.24 -10.90
CA TYR D 235 -11.63 1.97 -12.32
C TYR D 235 -13.08 2.13 -12.76
N ILE D 236 -13.27 2.55 -14.01
CA ILE D 236 -14.60 2.65 -14.62
C ILE D 236 -14.52 1.99 -16.00
N ILE D 237 -15.37 1.00 -16.23
CA ILE D 237 -15.39 0.28 -17.49
C ILE D 237 -16.42 0.99 -18.38
N ALA D 238 -15.93 1.90 -19.23
CA ALA D 238 -16.79 2.83 -19.96
C ALA D 238 -17.39 2.16 -21.18
N ASN D 239 -18.38 1.30 -20.92
CA ASN D 239 -19.20 0.70 -21.96
C ASN D 239 -20.53 0.30 -21.35
N LEU D 240 -21.39 -0.30 -22.16
CA LEU D 240 -22.65 -0.83 -21.65
C LEU D 240 -22.49 -2.24 -21.12
N GLY D 241 -21.49 -2.97 -21.58
CA GLY D 241 -21.26 -4.33 -21.14
C GLY D 241 -20.31 -4.46 -19.96
N PHE D 242 -20.75 -4.05 -18.77
CA PHE D 242 -19.89 -4.17 -17.60
C PHE D 242 -19.77 -5.61 -17.14
N THR D 243 -20.80 -6.43 -17.34
CA THR D 243 -20.75 -7.83 -16.99
C THR D 243 -20.17 -8.70 -18.09
N ASP D 244 -19.81 -8.12 -19.24
CA ASP D 244 -19.27 -8.90 -20.34
C ASP D 244 -17.84 -9.35 -20.09
N GLY D 245 -17.02 -8.49 -19.49
CA GLY D 245 -15.65 -8.84 -19.21
C GLY D 245 -15.53 -9.86 -18.10
N ASP D 246 -14.34 -10.43 -17.97
CA ASP D 246 -14.06 -11.40 -16.91
C ASP D 246 -13.80 -10.62 -15.63
N LEU D 247 -14.83 -10.53 -14.79
CA LEU D 247 -14.74 -9.79 -13.54
C LEU D 247 -14.53 -10.70 -12.33
N LEU D 248 -14.21 -11.96 -12.56
CA LEU D 248 -13.84 -12.84 -11.45
C LEU D 248 -12.39 -12.68 -11.03
N LYS D 249 -11.64 -11.78 -11.68
CA LYS D 249 -10.22 -11.62 -11.42
C LYS D 249 -9.85 -10.32 -10.74
N ILE D 250 -10.72 -9.31 -10.77
CA ILE D 250 -10.53 -8.12 -9.96
C ILE D 250 -11.69 -7.99 -8.97
N GLN D 251 -12.30 -9.12 -8.64
CA GLN D 251 -13.37 -9.13 -7.65
C GLN D 251 -12.83 -9.18 -6.22
N PHE D 252 -11.81 -10.00 -5.99
CA PHE D 252 -11.20 -10.13 -4.68
C PHE D 252 -10.09 -9.12 -4.45
N GLY D 253 -9.65 -8.42 -5.50
CA GLY D 253 -8.86 -7.24 -5.28
C GLY D 253 -9.69 -6.13 -4.65
N GLY D 254 -10.76 -5.73 -5.33
CA GLY D 254 -11.83 -4.97 -4.75
C GLY D 254 -11.51 -3.53 -4.42
N ALA D 255 -10.95 -2.77 -5.37
CA ALA D 255 -10.71 -1.35 -5.10
C ALA D 255 -12.02 -0.58 -4.95
N ASN D 256 -12.74 -0.35 -6.06
CA ASN D 256 -14.13 0.08 -6.00
C ASN D 256 -14.87 -0.49 -7.20
N VAL D 257 -14.11 -1.00 -8.19
CA VAL D 257 -14.34 -0.88 -9.63
C VAL D 257 -15.81 -0.94 -10.07
N SER D 258 -16.24 0.08 -10.81
CA SER D 258 -17.63 0.26 -11.15
C SER D 258 -17.81 0.32 -12.67
N GLY D 259 -19.06 0.46 -13.10
CA GLY D 259 -19.33 0.56 -14.52
C GLY D 259 -20.80 0.74 -14.80
N PHE D 260 -21.14 0.64 -16.09
CA PHE D 260 -22.48 0.88 -16.59
C PHE D 260 -23.05 -0.37 -17.24
N GLN D 261 -24.33 -0.62 -16.99
CA GLN D 261 -25.01 -1.79 -17.53
C GLN D 261 -26.31 -1.35 -18.20
N ILE D 262 -26.58 -1.95 -19.35
CA ILE D 262 -27.81 -1.68 -20.10
C ILE D 262 -28.77 -2.86 -20.06
N VAL D 263 -28.30 -4.06 -19.72
CA VAL D 263 -29.11 -5.26 -19.68
C VAL D 263 -29.32 -5.62 -18.22
N ASP D 264 -30.50 -5.29 -17.68
CA ASP D 264 -30.82 -5.60 -16.29
C ASP D 264 -31.29 -7.04 -16.20
N TYR D 265 -30.47 -7.90 -15.61
CA TYR D 265 -30.76 -9.34 -15.54
C TYR D 265 -31.84 -9.69 -14.52
N ASP D 266 -32.32 -8.73 -13.74
CA ASP D 266 -33.34 -8.99 -12.73
C ASP D 266 -34.76 -8.85 -13.28
N ASP D 267 -34.92 -8.42 -14.53
CA ASP D 267 -36.25 -8.31 -15.11
C ASP D 267 -36.78 -9.70 -15.50
N SER D 268 -38.08 -9.75 -15.76
CA SER D 268 -38.71 -11.02 -16.11
C SER D 268 -38.38 -11.45 -17.53
N LEU D 269 -38.50 -10.52 -18.49
CA LEU D 269 -38.24 -10.85 -19.89
C LEU D 269 -36.76 -11.14 -20.13
N VAL D 270 -35.88 -10.42 -19.43
CA VAL D 270 -34.44 -10.63 -19.58
C VAL D 270 -34.04 -11.98 -19.00
N SER D 271 -34.59 -12.33 -17.84
CA SER D 271 -34.30 -13.64 -17.25
C SER D 271 -34.88 -14.78 -18.07
N LYS D 272 -36.05 -14.56 -18.71
CA LYS D 272 -36.59 -15.56 -19.61
C LYS D 272 -35.72 -15.72 -20.85
N PHE D 273 -35.17 -14.63 -21.37
CA PHE D 273 -34.29 -14.72 -22.53
C PHE D 273 -32.97 -15.39 -22.18
N ILE D 274 -32.48 -15.17 -20.95
CA ILE D 274 -31.26 -15.84 -20.52
C ILE D 274 -31.51 -17.33 -20.30
N GLU D 275 -32.67 -17.69 -19.70
CA GLU D 275 -33.03 -19.09 -19.52
C GLU D 275 -33.29 -19.80 -20.84
N ARG D 276 -33.73 -19.09 -21.87
CA ARG D 276 -33.82 -19.65 -23.21
C ARG D 276 -32.53 -19.54 -24.01
N TRP D 277 -31.55 -18.80 -23.51
CA TRP D 277 -30.30 -18.56 -24.22
C TRP D 277 -29.21 -19.54 -23.84
N SER D 278 -29.04 -19.83 -22.54
CA SER D 278 -27.95 -20.69 -22.10
C SER D 278 -28.19 -22.15 -22.43
N THR D 279 -29.41 -22.53 -22.78
CA THR D 279 -29.73 -23.91 -23.15
C THR D 279 -29.45 -24.21 -24.61
N LEU D 280 -28.95 -23.24 -25.37
CA LEU D 280 -28.73 -23.44 -26.80
C LEU D 280 -27.44 -24.22 -27.06
N GLU D 281 -27.36 -24.82 -28.24
CA GLU D 281 -26.20 -25.60 -28.62
C GLU D 281 -25.09 -24.69 -29.11
N GLU D 282 -23.87 -24.98 -28.68
CA GLU D 282 -22.72 -24.16 -29.08
C GLU D 282 -22.37 -24.38 -30.55
N LYS D 283 -22.51 -25.62 -31.03
CA LYS D 283 -22.20 -25.91 -32.43
C LYS D 283 -23.26 -25.35 -33.36
N GLU D 284 -24.53 -25.36 -32.93
CA GLU D 284 -25.59 -24.79 -33.76
C GLU D 284 -25.62 -23.28 -33.65
N TYR D 285 -25.30 -22.74 -32.47
CA TYR D 285 -25.25 -21.29 -32.24
C TYR D 285 -23.97 -20.96 -31.52
N PRO D 286 -22.98 -20.39 -32.21
CA PRO D 286 -21.71 -20.07 -31.54
C PRO D 286 -21.84 -18.85 -30.64
N GLY D 287 -21.17 -18.92 -29.49
CA GLY D 287 -21.21 -17.83 -28.54
C GLY D 287 -22.50 -17.71 -27.77
N ALA D 288 -23.23 -18.82 -27.59
CA ALA D 288 -24.48 -18.81 -26.87
C ALA D 288 -24.45 -19.63 -25.58
N HIS D 289 -23.38 -20.37 -25.32
CA HIS D 289 -23.29 -21.19 -24.11
C HIS D 289 -22.58 -20.41 -23.00
N THR D 290 -23.16 -19.25 -22.69
CA THR D 290 -22.69 -18.39 -21.62
C THR D 290 -23.84 -18.06 -20.69
N ALA D 291 -23.50 -17.72 -19.44
CA ALA D 291 -24.51 -17.27 -18.50
C ALA D 291 -24.97 -15.86 -18.82
N THR D 292 -24.09 -15.06 -19.43
CA THR D 292 -24.38 -13.68 -19.81
C THR D 292 -24.42 -13.56 -21.33
N ILE D 293 -24.57 -12.32 -21.79
CA ILE D 293 -24.66 -12.03 -23.22
C ILE D 293 -24.09 -10.63 -23.44
N LYS D 294 -23.43 -10.43 -24.57
CA LYS D 294 -22.85 -9.14 -24.91
C LYS D 294 -23.95 -8.12 -25.19
N TYR D 295 -23.63 -6.85 -25.00
CA TYR D 295 -24.63 -5.79 -25.11
C TYR D 295 -25.01 -5.54 -26.57
N THR D 296 -24.08 -5.75 -27.50
CA THR D 296 -24.40 -5.61 -28.92
C THR D 296 -25.37 -6.68 -29.38
N SER D 297 -25.26 -7.90 -28.81
CA SER D 297 -26.21 -8.95 -29.14
C SER D 297 -27.61 -8.62 -28.63
N ALA D 298 -27.70 -8.04 -27.43
CA ALA D 298 -28.99 -7.61 -26.91
C ALA D 298 -29.57 -6.45 -27.73
N LEU D 299 -28.71 -5.55 -28.22
CA LEU D 299 -29.20 -4.47 -29.06
C LEU D 299 -29.64 -4.98 -30.43
N THR D 300 -28.99 -6.02 -30.95
CA THR D 300 -29.44 -6.67 -32.18
C THR D 300 -30.80 -7.34 -31.97
N TYR D 301 -30.95 -8.05 -30.84
CA TYR D 301 -32.21 -8.71 -30.52
C TYR D 301 -33.34 -7.71 -30.30
N ASP D 302 -33.02 -6.52 -29.82
CA ASP D 302 -34.03 -5.47 -29.71
C ASP D 302 -34.34 -4.83 -31.06
N ALA D 303 -33.33 -4.69 -31.91
CA ALA D 303 -33.52 -4.05 -33.22
C ALA D 303 -34.35 -4.91 -34.15
N VAL D 304 -34.24 -6.24 -34.04
CA VAL D 304 -35.11 -7.14 -34.80
C VAL D 304 -36.57 -6.93 -34.41
N GLN D 305 -36.82 -6.76 -33.11
CA GLN D 305 -38.18 -6.47 -32.63
C GLN D 305 -38.66 -5.11 -33.09
N VAL D 306 -37.76 -4.12 -33.16
CA VAL D 306 -38.12 -2.78 -33.64
C VAL D 306 -38.53 -2.84 -35.12
N MET D 307 -37.73 -3.54 -35.94
CA MET D 307 -38.05 -3.65 -37.36
C MET D 307 -39.33 -4.45 -37.59
N THR D 308 -39.54 -5.50 -36.80
CA THR D 308 -40.76 -6.30 -36.90
C THR D 308 -41.98 -5.48 -36.51
N GLU D 309 -41.86 -4.65 -35.47
CA GLU D 309 -42.98 -3.82 -35.05
C GLU D 309 -43.29 -2.73 -36.05
N ALA D 310 -42.27 -2.16 -36.70
CA ALA D 310 -42.52 -1.15 -37.72
C ALA D 310 -43.15 -1.75 -38.97
N PHE D 311 -42.70 -2.94 -39.38
CA PHE D 311 -43.33 -3.61 -40.52
C PHE D 311 -44.74 -4.07 -40.19
N ARG D 312 -45.00 -4.42 -38.93
CA ARG D 312 -46.37 -4.77 -38.52
C ARG D 312 -47.26 -3.55 -38.49
N ASN D 313 -46.71 -2.39 -38.13
CA ASN D 313 -47.48 -1.15 -38.18
C ASN D 313 -47.80 -0.74 -39.60
N LEU D 314 -46.89 -1.00 -40.55
CA LEU D 314 -47.22 -0.76 -41.95
C LEU D 314 -48.19 -1.80 -42.51
N ARG D 315 -48.14 -3.03 -42.00
CA ARG D 315 -49.11 -4.03 -42.40
C ARG D 315 -50.48 -3.75 -41.82
N LYS D 316 -50.56 -3.05 -40.69
CA LYS D 316 -51.83 -2.70 -40.07
C LYS D 316 -52.38 -1.36 -40.53
N GLN D 317 -51.55 -0.51 -41.14
CA GLN D 317 -52.00 0.79 -41.62
C GLN D 317 -52.53 0.74 -43.05
N ARG D 318 -52.56 -0.45 -43.65
CA ARG D 318 -53.04 -0.70 -45.03
C ARG D 318 -52.28 0.15 -46.05
N ILE D 319 -50.96 0.12 -45.95
CA ILE D 319 -50.07 0.84 -46.85
C ILE D 319 -49.30 -0.19 -47.66
N GLU D 320 -49.52 -0.20 -48.97
CA GLU D 320 -48.89 -1.17 -49.85
C GLU D 320 -47.65 -0.55 -50.46
N ILE D 321 -46.47 -1.03 -50.04
CA ILE D 321 -45.19 -0.59 -50.57
C ILE D 321 -44.47 -1.72 -51.29
N SER D 322 -45.21 -2.75 -51.69
CA SER D 322 -44.61 -3.95 -52.26
C SER D 322 -44.06 -3.69 -53.66
N ARG D 323 -42.86 -4.21 -53.91
CA ARG D 323 -42.19 -4.03 -55.18
C ARG D 323 -41.34 -5.28 -55.43
N ARG D 324 -40.40 -5.18 -56.36
CA ARG D 324 -39.54 -6.30 -56.73
C ARG D 324 -38.07 -5.87 -56.57
N GLY D 325 -37.17 -6.74 -57.03
CA GLY D 325 -35.75 -6.47 -56.96
C GLY D 325 -35.22 -5.75 -58.17
N ASN D 326 -35.73 -4.54 -58.42
CA ASN D 326 -35.32 -3.70 -59.55
C ASN D 326 -35.08 -2.28 -59.09
N ALA D 327 -34.32 -2.13 -57.99
CA ALA D 327 -34.02 -0.81 -57.47
C ALA D 327 -32.97 -0.08 -58.31
N GLY D 328 -32.26 -0.79 -59.17
CA GLY D 328 -31.31 -0.16 -60.07
C GLY D 328 -29.91 -0.09 -59.48
N ASP D 329 -29.06 0.64 -60.19
CA ASP D 329 -27.67 0.80 -59.79
C ASP D 329 -27.56 1.80 -58.65
N CYS D 330 -26.62 1.52 -57.72
CA CYS D 330 -26.40 2.41 -56.59
C CYS D 330 -25.70 3.70 -56.99
N LEU D 331 -25.03 3.72 -58.14
CA LEU D 331 -24.30 4.89 -58.62
C LEU D 331 -25.05 5.57 -59.76
N ALA D 332 -26.37 5.63 -59.68
CA ALA D 332 -27.16 6.27 -60.72
C ALA D 332 -26.97 7.78 -60.68
N ASN D 333 -26.97 8.39 -61.85
CA ASN D 333 -26.66 9.81 -62.01
C ASN D 333 -27.74 10.45 -62.87
N PRO D 334 -28.69 11.19 -62.27
CA PRO D 334 -28.91 11.34 -60.83
C PRO D 334 -29.72 10.20 -60.24
N ALA D 335 -29.34 9.75 -59.04
CA ALA D 335 -30.06 8.69 -58.35
C ALA D 335 -31.32 9.28 -57.75
N VAL D 336 -32.45 9.06 -58.40
CA VAL D 336 -33.73 9.59 -57.92
C VAL D 336 -34.26 8.67 -56.82
N PRO D 337 -34.70 9.22 -55.69
CA PRO D 337 -35.26 8.38 -54.62
C PRO D 337 -36.69 7.97 -54.93
N TRP D 338 -37.20 7.07 -54.09
CA TRP D 338 -38.60 6.69 -54.08
C TRP D 338 -39.20 7.10 -52.73
N GLY D 339 -40.28 7.87 -52.79
CA GLY D 339 -40.77 8.61 -51.62
C GLY D 339 -41.41 7.75 -50.55
N GLN D 340 -41.86 6.54 -50.88
CA GLN D 340 -42.52 5.69 -49.91
C GLN D 340 -41.57 5.18 -48.82
N GLY D 341 -40.25 5.26 -49.06
CA GLY D 341 -39.31 4.98 -48.00
C GLY D 341 -39.24 6.06 -46.94
N VAL D 342 -39.67 7.28 -47.27
CA VAL D 342 -39.62 8.40 -46.33
C VAL D 342 -40.57 8.16 -45.17
N GLU D 343 -41.70 7.49 -45.43
CA GLU D 343 -42.59 7.10 -44.34
C GLU D 343 -41.98 5.99 -43.48
N ILE D 344 -41.09 5.17 -44.08
CA ILE D 344 -40.51 4.03 -43.37
C ILE D 344 -39.62 4.50 -42.22
N GLU D 345 -38.81 5.54 -42.44
CA GLU D 345 -38.11 6.19 -41.34
C GLU D 345 -39.10 6.79 -40.35
N ARG D 346 -40.19 7.39 -40.86
CA ARG D 346 -41.28 7.84 -40.02
C ARG D 346 -42.00 6.67 -39.35
N ALA D 347 -41.88 5.47 -39.91
CA ALA D 347 -42.28 4.27 -39.19
C ALA D 347 -41.41 4.06 -37.97
N LEU D 348 -40.08 4.14 -38.17
CA LEU D 348 -39.14 3.74 -37.12
C LEU D 348 -39.14 4.73 -35.96
N LYS D 349 -39.40 6.01 -36.23
CA LYS D 349 -39.57 6.96 -35.14
C LYS D 349 -40.88 6.80 -34.41
N GLN D 350 -41.84 6.06 -34.99
CA GLN D 350 -43.14 5.84 -34.37
C GLN D 350 -43.22 4.53 -33.59
N VAL D 351 -42.09 3.92 -33.26
CA VAL D 351 -42.05 2.66 -32.54
C VAL D 351 -41.68 2.93 -31.09
N GLN D 352 -42.51 2.44 -30.17
CA GLN D 352 -42.23 2.53 -28.74
C GLN D 352 -42.52 1.16 -28.14
N VAL D 353 -41.46 0.38 -27.88
CA VAL D 353 -41.61 -0.99 -27.41
C VAL D 353 -40.80 -1.23 -26.14
N GLU D 354 -40.79 -2.47 -25.67
CA GLU D 354 -40.04 -2.86 -24.48
C GLU D 354 -39.20 -4.08 -24.81
N GLY D 355 -37.88 -3.94 -24.73
CA GLY D 355 -36.97 -5.03 -25.00
C GLY D 355 -35.93 -5.21 -23.92
N LEU D 356 -34.81 -5.88 -24.27
CA LEU D 356 -33.77 -6.18 -23.29
C LEU D 356 -33.06 -4.93 -22.77
N SER D 357 -33.05 -3.85 -23.55
CA SER D 357 -32.54 -2.57 -23.09
C SER D 357 -33.62 -1.71 -22.43
N GLY D 358 -34.70 -2.32 -21.95
CA GLY D 358 -35.77 -1.58 -21.32
C GLY D 358 -36.70 -0.93 -22.32
N ASN D 359 -37.07 0.32 -22.07
CA ASN D 359 -37.97 1.01 -22.98
C ASN D 359 -37.20 1.48 -24.21
N ILE D 360 -37.83 1.33 -25.37
CA ILE D 360 -37.27 1.74 -26.65
C ILE D 360 -38.22 2.75 -27.25
N LYS D 361 -37.80 4.01 -27.25
CA LYS D 361 -38.56 5.11 -27.84
C LYS D 361 -37.58 6.06 -28.50
N PHE D 362 -37.94 6.55 -29.68
CA PHE D 362 -37.01 7.27 -30.53
C PHE D 362 -37.45 8.71 -30.72
N ASP D 363 -36.52 9.55 -31.18
CA ASP D 363 -36.78 10.94 -31.45
C ASP D 363 -36.96 11.15 -32.96
N GLN D 364 -37.03 12.43 -33.38
CA GLN D 364 -37.13 12.73 -34.79
C GLN D 364 -35.81 12.48 -35.53
N ASN D 365 -34.68 12.49 -34.82
CA ASN D 365 -33.40 12.27 -35.46
C ASN D 365 -33.12 10.78 -35.66
N GLY D 366 -33.27 9.99 -34.60
CA GLY D 366 -32.96 8.58 -34.66
C GLY D 366 -32.29 8.07 -33.40
N LYS D 367 -32.03 8.98 -32.47
CA LYS D 367 -31.46 8.60 -31.18
C LYS D 367 -32.52 8.01 -30.27
N ARG D 368 -32.10 7.63 -29.07
CA ARG D 368 -33.00 6.99 -28.11
C ARG D 368 -33.37 7.96 -27.00
N ILE D 369 -34.65 8.05 -26.71
CA ILE D 369 -35.16 8.81 -25.58
C ILE D 369 -35.84 7.85 -24.62
N ASN D 370 -35.90 8.26 -23.35
CA ASN D 370 -36.51 7.51 -22.25
C ASN D 370 -35.88 6.12 -22.11
N TYR D 371 -34.59 6.12 -21.80
CA TYR D 371 -33.84 4.89 -21.56
C TYR D 371 -33.33 4.88 -20.13
N THR D 372 -32.69 3.79 -19.74
CA THR D 372 -32.27 3.58 -18.37
C THR D 372 -30.95 2.84 -18.34
N ILE D 373 -29.96 3.40 -17.67
CA ILE D 373 -28.65 2.78 -17.52
C ILE D 373 -28.40 2.54 -16.04
N ASN D 374 -28.13 1.28 -15.68
CA ASN D 374 -27.84 0.94 -14.30
C ASN D 374 -26.37 1.16 -14.00
N ILE D 375 -26.09 1.62 -12.78
CA ILE D 375 -24.73 1.87 -12.34
C ILE D 375 -24.32 0.71 -11.45
N MET D 376 -23.46 -0.16 -11.96
CA MET D 376 -23.07 -1.36 -11.21
C MET D 376 -21.77 -1.08 -10.46
N GLU D 377 -21.72 -1.59 -9.22
CA GLU D 377 -20.50 -1.62 -8.44
C GLU D 377 -20.19 -3.06 -8.07
N LEU D 378 -18.94 -3.46 -8.27
CA LEU D 378 -18.52 -4.83 -8.04
C LEU D 378 -18.18 -5.00 -6.56
N LYS D 379 -19.03 -5.74 -5.84
CA LYS D 379 -18.79 -6.05 -4.44
C LYS D 379 -18.04 -7.38 -4.35
N THR D 380 -17.95 -7.93 -3.14
CA THR D 380 -17.24 -9.20 -2.95
C THR D 380 -18.06 -10.36 -3.52
N ASN D 381 -19.36 -10.40 -3.21
CA ASN D 381 -20.22 -11.45 -3.72
C ASN D 381 -20.52 -11.30 -5.21
N GLY D 382 -20.29 -10.12 -5.77
CA GLY D 382 -20.56 -9.88 -7.17
C GLY D 382 -21.01 -8.46 -7.41
N PRO D 383 -21.41 -8.15 -8.65
CA PRO D 383 -21.85 -6.79 -8.96
C PRO D 383 -23.24 -6.51 -8.39
N ARG D 384 -23.39 -5.31 -7.83
CA ARG D 384 -24.64 -4.89 -7.22
C ARG D 384 -25.03 -3.53 -7.76
N LYS D 385 -26.28 -3.40 -8.20
CA LYS D 385 -26.78 -2.15 -8.74
C LYS D 385 -27.01 -1.14 -7.61
N ILE D 386 -26.46 0.06 -7.77
CA ILE D 386 -26.63 1.12 -6.77
C ILE D 386 -27.61 2.19 -7.23
N GLY D 387 -28.07 2.15 -8.47
CA GLY D 387 -28.97 3.16 -8.95
C GLY D 387 -29.07 3.11 -10.47
N TYR D 388 -29.96 3.96 -10.98
CA TYR D 388 -30.22 4.04 -12.41
C TYR D 388 -30.07 5.48 -12.86
N TRP D 389 -29.99 5.66 -14.18
CA TRP D 389 -29.82 6.97 -14.78
C TRP D 389 -30.66 7.06 -16.04
N SER D 390 -31.28 8.23 -16.23
CA SER D 390 -32.03 8.53 -17.44
C SER D 390 -31.65 9.94 -17.88
N GLU D 391 -32.19 10.36 -19.03
CA GLU D 391 -31.88 11.69 -19.55
C GLU D 391 -32.81 12.78 -19.04
N VAL D 392 -34.00 12.42 -18.55
CA VAL D 392 -34.93 13.42 -18.02
C VAL D 392 -34.64 13.76 -16.57
N ASP D 393 -33.83 12.96 -15.88
CA ASP D 393 -33.45 13.18 -14.50
C ASP D 393 -31.94 13.09 -14.37
N LYS D 394 -31.47 13.25 -13.13
CA LYS D 394 -30.07 13.02 -12.80
C LYS D 394 -29.89 11.56 -12.41
N MET D 395 -28.74 11.23 -11.84
CA MET D 395 -28.49 9.88 -11.34
C MET D 395 -29.32 9.62 -10.10
N VAL D 396 -30.34 8.78 -10.23
CA VAL D 396 -31.22 8.41 -9.12
C VAL D 396 -30.61 7.20 -8.42
N VAL D 397 -30.39 7.31 -7.12
CA VAL D 397 -29.78 6.24 -6.35
C VAL D 397 -30.81 5.17 -6.02
N THR D 398 -30.33 4.11 -5.36
CA THR D 398 -31.18 3.02 -4.91
C THR D 398 -30.62 2.50 -3.58
N LEU D 399 -31.31 2.79 -2.49
CA LEU D 399 -30.87 2.36 -1.17
C LEU D 399 -31.64 1.13 -0.71
N VAL D 416 -19.13 8.14 21.99
CA VAL D 416 -18.98 7.91 23.41
C VAL D 416 -19.54 9.09 24.19
N VAL D 417 -20.48 8.81 25.10
CA VAL D 417 -21.13 9.83 25.90
C VAL D 417 -20.13 10.31 26.95
N VAL D 418 -19.73 11.58 26.87
CA VAL D 418 -18.81 12.19 27.82
C VAL D 418 -19.59 13.27 28.56
N THR D 419 -19.91 13.01 29.83
CA THR D 419 -20.71 13.93 30.62
C THR D 419 -19.83 14.74 31.56
N THR D 420 -20.32 15.94 31.88
CA THR D 420 -19.62 16.87 32.75
C THR D 420 -20.64 17.89 33.27
N ILE D 421 -20.13 18.91 33.96
CA ILE D 421 -20.97 19.97 34.52
C ILE D 421 -20.23 21.29 34.32
N LEU D 422 -21.00 22.37 34.19
CA LEU D 422 -20.46 23.71 33.97
C LEU D 422 -19.75 24.18 35.23
N GLU D 423 -18.43 24.06 35.25
CA GLU D 423 -17.62 24.54 36.36
C GLU D 423 -16.40 25.26 35.81
N SER D 424 -16.09 26.41 36.39
CA SER D 424 -14.91 27.15 35.97
C SER D 424 -13.70 26.72 36.78
N PRO D 425 -12.51 26.61 36.17
CA PRO D 425 -12.21 26.83 34.76
C PRO D 425 -12.29 25.54 33.94
N TYR D 426 -12.98 24.55 34.48
CA TYR D 426 -13.02 23.24 33.85
C TYR D 426 -13.89 23.25 32.60
N VAL D 427 -15.16 23.59 32.77
CA VAL D 427 -16.10 23.70 31.65
C VAL D 427 -16.73 25.08 31.70
N MET D 428 -16.41 25.92 30.71
CA MET D 428 -16.85 27.30 30.70
C MET D 428 -17.57 27.61 29.39
N MET D 429 -18.45 28.60 29.43
CA MET D 429 -19.21 28.99 28.26
C MET D 429 -18.37 29.86 27.33
N LYS D 430 -18.59 29.67 26.03
CA LYS D 430 -17.92 30.49 25.03
C LYS D 430 -18.70 31.79 24.83
N LYS D 431 -18.16 32.66 23.96
CA LYS D 431 -18.80 33.93 23.70
C LYS D 431 -20.04 33.75 22.81
N ASN D 432 -19.84 33.23 21.60
CA ASN D 432 -20.95 32.98 20.67
C ASN D 432 -21.44 31.54 20.79
N HIS D 433 -21.93 31.21 21.99
CA HIS D 433 -22.42 29.86 22.27
C HIS D 433 -23.70 29.55 21.49
N GLU D 434 -24.52 30.56 21.23
CA GLU D 434 -25.72 30.35 20.41
C GLU D 434 -25.41 30.28 18.92
N MET D 435 -24.23 30.75 18.51
CA MET D 435 -23.83 30.73 17.11
C MET D 435 -22.98 29.53 16.75
N LEU D 436 -22.81 28.57 17.66
CA LEU D 436 -22.01 27.38 17.43
C LEU D 436 -22.85 26.14 17.66
N GLU D 437 -22.30 24.99 17.25
CA GLU D 437 -22.98 23.72 17.39
C GLU D 437 -21.96 22.64 17.64
N GLY D 438 -22.45 21.44 17.96
CA GLY D 438 -21.60 20.29 18.18
C GLY D 438 -20.81 20.36 19.47
N ASN D 439 -19.57 19.88 19.42
CA ASN D 439 -18.70 19.90 20.59
C ASN D 439 -17.83 21.15 20.66
N GLU D 440 -17.93 22.04 19.69
CA GLU D 440 -17.15 23.27 19.68
C GLU D 440 -17.78 24.40 20.48
N ARG D 441 -18.94 24.16 21.09
CA ARG D 441 -19.60 25.21 21.86
C ARG D 441 -18.93 25.45 23.21
N TYR D 442 -18.32 24.43 23.79
CA TYR D 442 -17.76 24.52 25.13
C TYR D 442 -16.24 24.52 25.06
N GLU D 443 -15.62 25.02 26.12
CA GLU D 443 -14.17 25.15 26.18
C GLU D 443 -13.75 25.26 27.64
N GLY D 444 -12.52 24.85 27.91
CA GLY D 444 -11.98 24.91 29.26
C GLY D 444 -10.93 23.84 29.47
N TYR D 445 -10.75 23.46 30.74
CA TYR D 445 -9.73 22.49 31.11
C TYR D 445 -10.12 21.07 30.71
N CYS D 446 -11.33 20.64 31.10
CA CYS D 446 -11.77 19.28 30.84
C CYS D 446 -12.05 19.04 29.37
N VAL D 447 -12.36 20.08 28.60
CA VAL D 447 -12.54 19.95 27.16
C VAL D 447 -11.22 19.58 26.50
N ASP D 448 -10.15 20.29 26.85
CA ASP D 448 -8.82 19.95 26.35
C ASP D 448 -8.33 18.63 26.91
N LEU D 449 -8.76 18.28 28.13
CA LEU D 449 -8.42 16.98 28.70
C LEU D 449 -9.03 15.85 27.90
N ALA D 450 -10.31 15.95 27.58
CA ALA D 450 -10.98 14.96 26.73
C ALA D 450 -10.40 14.95 25.32
N ALA D 451 -9.95 16.11 24.82
CA ALA D 451 -9.28 16.16 23.53
C ALA D 451 -7.96 15.39 23.56
N GLU D 452 -7.21 15.52 24.66
CA GLU D 452 -5.96 14.77 24.78
C GLU D 452 -6.22 13.28 24.95
N ILE D 453 -7.30 12.92 25.65
CA ILE D 453 -7.68 11.52 25.78
C ILE D 453 -8.06 10.93 24.43
N ALA D 454 -8.85 11.65 23.65
CA ALA D 454 -9.20 11.19 22.30
C ALA D 454 -8.02 11.22 21.35
N LYS D 455 -7.01 12.06 21.61
CA LYS D 455 -5.81 12.06 20.79
C LYS D 455 -4.94 10.84 21.10
N HIS D 456 -4.76 10.52 22.37
CA HIS D 456 -3.94 9.38 22.77
C HIS D 456 -4.71 8.07 22.82
N CYS D 457 -6.00 8.07 22.44
CA CYS D 457 -6.78 6.85 22.43
C CYS D 457 -7.54 6.61 21.13
N GLY D 458 -7.87 7.66 20.38
CA GLY D 458 -8.50 7.50 19.08
C GLY D 458 -9.94 7.02 19.11
N PHE D 459 -10.83 7.86 19.62
CA PHE D 459 -12.25 7.51 19.65
C PHE D 459 -13.08 8.78 19.62
N LYS D 460 -14.29 8.68 19.07
CA LYS D 460 -15.20 9.80 19.00
C LYS D 460 -15.83 10.06 20.37
N TYR D 461 -16.12 11.33 20.66
CA TYR D 461 -16.63 11.74 21.95
C TYR D 461 -17.92 12.54 21.76
N LYS D 462 -18.62 12.78 22.86
CA LYS D 462 -19.85 13.55 22.84
C LYS D 462 -19.93 14.33 24.14
N LEU D 463 -19.65 15.63 24.08
CA LEU D 463 -19.64 16.48 25.27
C LEU D 463 -21.08 16.81 25.66
N THR D 464 -21.56 16.17 26.72
CA THR D 464 -22.94 16.33 27.15
C THR D 464 -22.98 17.05 28.50
N ILE D 465 -24.18 17.51 28.85
CA ILE D 465 -24.42 18.27 30.06
C ILE D 465 -25.30 17.43 30.98
N VAL D 466 -24.94 17.38 32.26
CA VAL D 466 -25.72 16.64 33.23
C VAL D 466 -27.06 17.36 33.47
N GLY D 467 -28.11 16.57 33.67
CA GLY D 467 -29.44 17.12 33.79
C GLY D 467 -29.72 17.81 35.11
N ASP D 468 -29.59 17.07 36.21
CA ASP D 468 -29.94 17.58 37.52
C ASP D 468 -28.95 18.60 38.07
N GLY D 469 -27.73 18.64 37.53
CA GLY D 469 -26.72 19.51 38.08
C GLY D 469 -26.16 19.05 39.40
N LYS D 470 -26.36 17.78 39.75
CA LYS D 470 -25.83 17.21 40.98
C LYS D 470 -24.61 16.35 40.68
N TYR D 471 -23.71 16.28 41.66
CA TYR D 471 -22.48 15.52 41.48
C TYR D 471 -22.70 14.03 41.70
N GLY D 472 -23.09 13.66 42.92
CA GLY D 472 -23.44 12.28 43.21
C GLY D 472 -23.77 12.06 44.67
N ALA D 473 -24.86 11.35 44.93
CA ALA D 473 -25.30 11.06 46.29
C ALA D 473 -26.27 9.89 46.26
N ARG D 474 -26.20 9.05 47.28
CA ARG D 474 -27.08 7.91 47.43
C ARG D 474 -28.00 8.16 48.61
N ASP D 475 -29.30 8.17 48.37
CA ASP D 475 -30.27 8.38 49.43
C ASP D 475 -30.34 7.16 50.33
N ALA D 476 -30.63 7.39 51.61
CA ALA D 476 -30.73 6.29 52.57
C ALA D 476 -31.99 5.44 52.35
N ASP D 477 -33.01 6.01 51.72
CA ASP D 477 -34.27 5.29 51.50
C ASP D 477 -34.30 4.60 50.14
N THR D 478 -34.12 5.37 49.06
CA THR D 478 -34.23 4.82 47.72
C THR D 478 -33.01 4.00 47.31
N LYS D 479 -31.85 4.29 47.90
CA LYS D 479 -30.56 3.69 47.55
C LYS D 479 -30.24 3.87 46.07
N ILE D 480 -30.51 5.07 45.55
CA ILE D 480 -30.35 5.39 44.15
C ILE D 480 -29.35 6.53 44.04
N TRP D 481 -28.29 6.33 43.26
CA TRP D 481 -27.32 7.38 43.01
C TRP D 481 -27.85 8.38 41.99
N ASN D 482 -27.48 9.63 42.17
CA ASN D 482 -27.93 10.71 41.29
C ASN D 482 -26.75 11.35 40.58
N GLY D 483 -27.06 12.23 39.62
CA GLY D 483 -26.03 12.92 38.89
C GLY D 483 -25.28 12.02 37.92
N MET D 484 -24.01 12.34 37.70
CA MET D 484 -23.17 11.58 36.78
C MET D 484 -22.87 10.18 37.32
N VAL D 485 -22.88 10.03 38.65
CA VAL D 485 -22.74 8.71 39.26
C VAL D 485 -23.93 7.84 38.88
N GLY D 486 -25.14 8.39 38.97
CA GLY D 486 -26.33 7.65 38.54
C GLY D 486 -26.37 7.46 37.03
N GLU D 487 -25.75 8.36 36.27
CA GLU D 487 -25.65 8.17 34.83
C GLU D 487 -24.73 7.00 34.48
N LEU D 488 -23.63 6.86 35.22
CA LEU D 488 -22.71 5.75 34.96
C LEU D 488 -23.22 4.43 35.51
N VAL D 489 -23.96 4.45 36.62
CA VAL D 489 -24.50 3.21 37.18
C VAL D 489 -25.66 2.70 36.33
N TYR D 490 -26.64 3.57 36.06
CA TYR D 490 -27.83 3.16 35.34
C TYR D 490 -27.68 3.24 33.82
N GLY D 491 -26.45 3.35 33.31
CA GLY D 491 -26.20 3.29 31.89
C GLY D 491 -26.63 4.50 31.10
N LYS D 492 -26.93 5.62 31.77
CA LYS D 492 -27.36 6.81 31.05
C LYS D 492 -26.19 7.50 30.35
N ALA D 493 -24.97 7.31 30.85
CA ALA D 493 -23.78 7.85 30.23
C ALA D 493 -22.77 6.75 30.01
N ASP D 494 -21.67 7.08 29.33
CA ASP D 494 -20.60 6.16 29.05
C ASP D 494 -19.37 6.40 29.92
N ILE D 495 -18.85 7.63 29.91
CA ILE D 495 -17.69 7.98 30.71
C ILE D 495 -17.88 9.42 31.18
N ALA D 496 -17.35 9.73 32.36
CA ALA D 496 -17.51 11.04 32.97
C ALA D 496 -16.15 11.69 33.12
N ILE D 497 -15.98 12.86 32.52
CA ILE D 497 -14.77 13.65 32.69
C ILE D 497 -15.14 14.95 33.37
N ALA D 498 -14.97 14.99 34.68
CA ALA D 498 -15.39 16.11 35.52
C ALA D 498 -14.68 16.00 36.86
N PRO D 499 -14.53 17.11 37.59
CA PRO D 499 -13.97 17.01 38.94
C PRO D 499 -14.93 16.36 39.92
N LEU D 500 -14.98 15.03 39.89
CA LEU D 500 -15.82 14.24 40.80
C LEU D 500 -14.91 13.58 41.83
N THR D 501 -15.26 13.73 43.10
CA THR D 501 -14.38 13.31 44.19
C THR D 501 -14.35 11.79 44.30
N ILE D 502 -13.15 11.21 44.26
CA ILE D 502 -12.98 9.77 44.34
C ILE D 502 -13.14 9.35 45.79
N THR D 503 -14.25 8.68 46.10
CA THR D 503 -14.53 8.23 47.45
C THR D 503 -14.66 6.72 47.49
N LEU D 504 -14.74 6.19 48.71
CA LEU D 504 -14.90 4.75 48.89
C LEU D 504 -16.32 4.31 48.54
N VAL D 505 -17.32 5.12 48.88
CA VAL D 505 -18.70 4.76 48.61
C VAL D 505 -19.04 4.84 47.13
N ARG D 506 -18.26 5.60 46.36
CA ARG D 506 -18.41 5.61 44.91
C ARG D 506 -17.60 4.50 44.24
N GLU D 507 -16.61 3.95 44.94
CA GLU D 507 -15.86 2.82 44.42
C GLU D 507 -16.68 1.54 44.42
N GLU D 508 -17.69 1.45 45.30
CA GLU D 508 -18.51 0.25 45.39
C GLU D 508 -19.41 0.05 44.19
N VAL D 509 -19.66 1.11 43.39
CA VAL D 509 -20.55 1.02 42.26
C VAL D 509 -19.83 1.19 40.93
N ILE D 510 -18.83 2.07 40.86
CA ILE D 510 -18.06 2.30 39.64
C ILE D 510 -16.58 2.32 39.99
N ASP D 511 -15.75 2.49 38.96
CA ASP D 511 -14.31 2.52 39.11
C ASP D 511 -13.77 3.92 38.84
N PHE D 512 -12.47 4.07 39.03
CA PHE D 512 -11.79 5.36 38.84
C PHE D 512 -10.41 5.12 38.27
N SER D 513 -9.83 6.19 37.72
CA SER D 513 -8.46 6.15 37.23
C SER D 513 -7.53 6.68 38.31
N LYS D 514 -6.26 6.88 37.97
CA LYS D 514 -5.33 7.51 38.90
C LYS D 514 -5.60 9.00 38.99
N PRO D 515 -5.40 9.62 40.16
CA PRO D 515 -5.69 11.05 40.30
C PRO D 515 -4.68 11.91 39.55
N PHE D 516 -5.16 12.61 38.52
CA PHE D 516 -4.29 13.49 37.76
C PHE D 516 -4.00 14.79 38.51
N MET D 517 -4.93 15.24 39.33
CA MET D 517 -4.79 16.51 40.05
C MET D 517 -5.04 16.25 41.53
N SER D 518 -4.00 16.42 42.34
CA SER D 518 -4.11 16.28 43.79
C SER D 518 -4.37 17.63 44.42
N LEU D 519 -5.10 17.63 45.53
CA LEU D 519 -5.52 18.87 46.18
C LEU D 519 -5.81 18.58 47.64
N GLY D 520 -6.24 19.62 48.36
CA GLY D 520 -6.59 19.50 49.75
C GLY D 520 -7.42 20.69 50.19
N ILE D 521 -7.62 20.78 51.50
CA ILE D 521 -8.41 21.85 52.08
C ILE D 521 -7.49 23.01 52.44
N SER D 522 -7.86 24.21 52.00
CA SER D 522 -7.03 25.40 52.15
C SER D 522 -7.75 26.47 52.96
N ILE D 523 -7.11 27.62 53.08
CA ILE D 523 -7.61 28.75 53.86
C ILE D 523 -7.73 29.95 52.93
N MET D 524 -8.94 30.48 52.80
CA MET D 524 -9.19 31.67 51.99
C MET D 524 -9.26 32.89 52.91
N ILE D 525 -8.29 33.79 52.79
CA ILE D 525 -8.29 35.06 53.48
C ILE D 525 -8.11 36.17 52.45
N LYS D 526 -8.40 37.39 52.87
CA LYS D 526 -8.26 38.54 51.98
C LYS D 526 -6.79 38.97 51.90
N LYS D 527 -6.50 39.78 50.89
CA LYS D 527 -5.16 40.35 50.77
C LYS D 527 -4.99 41.45 51.81
N PRO D 528 -3.86 41.50 52.52
CA PRO D 528 -3.69 42.51 53.57
C PRO D 528 -3.47 43.91 53.00
N GLN D 529 -4.50 44.75 53.10
CA GLN D 529 -4.37 46.14 52.70
C GLN D 529 -3.77 46.94 53.86
N LYS D 530 -3.51 48.22 53.61
CA LYS D 530 -2.92 49.08 54.62
C LYS D 530 -3.98 49.47 55.65
N SER D 531 -3.80 49.00 56.88
CA SER D 531 -4.68 49.32 57.98
C SER D 531 -4.15 50.53 58.74
N LYS D 532 -5.05 51.26 59.38
CA LYS D 532 -4.69 52.47 60.11
C LYS D 532 -3.97 52.13 61.41
N PRO D 533 -2.70 52.50 61.58
CA PRO D 533 -1.99 52.14 62.80
C PRO D 533 -2.42 52.94 64.03
N GLY D 534 -2.62 54.25 63.86
CA GLY D 534 -3.16 55.08 64.93
C GLY D 534 -2.19 55.43 66.04
N VAL D 535 -2.67 55.29 67.28
CA VAL D 535 -1.98 55.79 68.47
C VAL D 535 -0.68 55.02 68.71
N PHE D 536 -0.60 53.77 68.21
CA PHE D 536 0.62 52.99 68.31
C PHE D 536 1.76 53.55 67.47
N SER D 537 1.47 54.47 66.52
CA SER D 537 2.50 55.02 65.66
C SER D 537 3.50 55.93 66.40
N PHE D 538 3.12 56.48 67.55
CA PHE D 538 4.02 57.34 68.29
C PHE D 538 5.18 56.55 68.90
N LEU D 539 4.93 55.31 69.30
CA LEU D 539 5.96 54.45 69.86
C LEU D 539 6.18 53.21 69.00
N ASP D 540 5.94 53.34 67.69
CA ASP D 540 6.04 52.17 66.81
C ASP D 540 7.48 51.70 66.57
N PRO D 541 8.39 52.50 66.00
CA PRO D 541 9.64 51.90 65.52
C PRO D 541 10.65 51.69 66.64
N LEU D 542 11.50 50.68 66.44
CA LEU D 542 12.77 50.42 67.13
C LEU D 542 12.61 49.94 68.58
N ALA D 543 11.41 50.02 69.13
CA ALA D 543 11.23 49.68 70.55
C ALA D 543 9.75 49.50 70.84
N TYR D 544 9.42 48.35 71.42
CA TYR D 544 8.13 48.13 72.06
C TYR D 544 8.29 47.95 73.56
N GLU D 545 9.46 47.51 74.02
CA GLU D 545 9.76 47.37 75.43
C GLU D 545 10.93 48.25 75.87
N ILE D 546 11.82 48.62 74.95
CA ILE D 546 13.02 49.37 75.29
C ILE D 546 12.77 50.83 75.64
N TRP D 547 11.53 51.31 75.45
CA TRP D 547 11.18 52.67 75.90
C TRP D 547 11.29 52.79 77.41
N MET D 548 10.85 51.76 78.15
CA MET D 548 11.01 51.74 79.59
C MET D 548 12.48 51.70 79.99
N CYS D 549 13.31 51.03 79.18
CA CYS D 549 14.76 51.04 79.43
C CYS D 549 15.34 52.44 79.22
N ILE D 550 14.84 53.16 78.22
CA ILE D 550 15.25 54.55 77.97
C ILE D 550 14.86 55.44 79.14
N VAL D 551 13.63 55.28 79.64
CA VAL D 551 13.15 56.12 80.74
C VAL D 551 13.89 55.79 82.04
N PHE D 552 14.16 54.51 82.28
CA PHE D 552 14.90 54.11 83.48
C PHE D 552 16.35 54.58 83.43
N ALA D 553 16.97 54.54 82.25
CA ALA D 553 18.31 55.09 82.10
C ALA D 553 18.30 56.61 82.26
N TYR D 554 17.24 57.27 81.81
CA TYR D 554 17.09 58.72 82.00
C TYR D 554 17.03 59.08 83.47
N ILE D 555 16.22 58.34 84.24
CA ILE D 555 16.09 58.61 85.68
C ILE D 555 17.39 58.28 86.40
N GLY D 556 18.08 57.21 85.98
CA GLY D 556 19.34 56.84 86.62
C GLY D 556 20.45 57.85 86.37
N VAL D 557 20.57 58.32 85.13
CA VAL D 557 21.56 59.35 84.82
C VAL D 557 21.20 60.67 85.48
N SER D 558 19.90 60.94 85.66
CA SER D 558 19.47 62.12 86.41
C SER D 558 19.88 62.03 87.88
N VAL D 559 19.74 60.84 88.48
CA VAL D 559 20.15 60.63 89.87
C VAL D 559 21.66 60.77 90.01
N VAL D 560 22.42 60.23 89.04
CA VAL D 560 23.89 60.34 89.09
C VAL D 560 24.33 61.79 88.91
N LEU D 561 23.66 62.53 88.02
CA LEU D 561 23.99 63.94 87.79
C LEU D 561 23.67 64.79 89.02
N PHE D 562 22.56 64.51 89.69
CA PHE D 562 22.24 65.21 90.93
C PHE D 562 23.17 64.81 92.06
N LEU D 563 23.65 63.56 92.05
CA LEU D 563 24.58 63.12 93.08
C LEU D 563 25.96 63.75 92.91
N VAL D 564 26.37 64.00 91.67
CA VAL D 564 27.63 64.68 91.44
C VAL D 564 27.50 66.18 91.70
N SER D 565 26.40 66.79 91.21
CA SER D 565 26.27 68.23 91.25
C SER D 565 25.94 68.78 92.63
N ARG D 566 25.28 68.00 93.48
CA ARG D 566 24.81 68.50 94.77
C ARG D 566 25.53 67.79 95.93
N PHE D 567 26.82 67.49 95.76
CA PHE D 567 27.60 66.92 96.84
C PHE D 567 29.02 67.46 96.90
N SER D 568 29.34 68.51 96.14
CA SER D 568 30.69 69.05 96.12
C SER D 568 31.10 69.84 97.37
N PRO D 569 30.22 70.61 98.06
CA PRO D 569 30.80 71.13 99.31
C PRO D 569 30.73 70.13 100.44
N ASN D 590 24.33 76.57 92.19
CA ASN D 590 24.41 76.92 90.78
C ASN D 590 23.61 75.94 89.92
N GLU D 591 24.29 74.90 89.45
CA GLU D 591 23.66 73.86 88.64
C GLU D 591 23.01 72.77 89.47
N PHE D 592 23.02 72.90 90.80
CA PHE D 592 22.45 71.88 91.67
C PHE D 592 20.92 71.98 91.67
N GLY D 593 20.28 71.08 92.41
CA GLY D 593 18.84 71.00 92.43
C GLY D 593 18.36 69.78 91.68
N ILE D 594 17.40 69.04 92.26
CA ILE D 594 16.95 67.80 91.64
C ILE D 594 16.11 68.10 90.40
N PHE D 595 15.29 69.15 90.44
CA PHE D 595 14.56 69.55 89.26
C PHE D 595 15.46 70.19 88.22
N ASN D 596 16.49 70.92 88.65
CA ASN D 596 17.44 71.50 87.70
C ASN D 596 18.26 70.42 87.02
N SER D 597 18.69 69.40 87.77
CA SER D 597 19.43 68.29 87.18
C SER D 597 18.54 67.45 86.27
N LEU D 598 17.27 67.27 86.65
CA LEU D 598 16.33 66.52 85.82
C LEU D 598 16.01 67.27 84.53
N TRP D 599 15.86 68.59 84.61
CA TRP D 599 15.59 69.38 83.42
C TRP D 599 16.82 69.52 82.54
N PHE D 600 18.03 69.47 83.13
CA PHE D 600 19.23 69.44 82.30
C PHE D 600 19.41 68.08 81.65
N SER D 601 18.98 67.00 82.31
CA SER D 601 18.97 65.70 81.65
C SER D 601 17.94 65.67 80.52
N LEU D 602 16.81 66.36 80.70
CA LEU D 602 15.84 66.53 79.61
C LEU D 602 16.45 67.33 78.46
N GLY D 603 17.20 68.38 78.79
CA GLY D 603 17.88 69.16 77.76
C GLY D 603 18.96 68.38 77.05
N ALA D 604 19.57 67.43 77.74
CA ALA D 604 20.55 66.55 77.11
C ALA D 604 19.87 65.52 76.22
N PHE D 605 18.67 65.06 76.60
CA PHE D 605 17.98 64.01 75.86
C PHE D 605 17.57 64.48 74.46
N MET D 606 16.84 65.58 74.38
CA MET D 606 16.55 66.19 73.09
C MET D 606 17.68 67.18 72.79
N ARG D 607 17.49 68.07 71.81
CA ARG D 607 18.63 68.81 71.29
C ARG D 607 19.03 69.96 72.21
N GLN D 608 18.18 70.97 72.32
CA GLN D 608 18.52 72.15 73.14
C GLN D 608 18.39 71.87 74.63
N ILE D 612 23.15 76.39 79.66
CA ILE D 612 23.45 75.83 80.97
C ILE D 612 24.36 74.60 80.80
N SER D 613 25.35 74.48 81.69
CA SER D 613 26.32 73.39 81.63
C SER D 613 27.00 73.24 82.98
N PRO D 614 27.33 72.03 83.41
CA PRO D 614 28.07 71.86 84.66
C PRO D 614 29.52 72.24 84.50
N ARG D 615 30.16 72.54 85.64
CA ARG D 615 31.58 72.89 85.68
C ARG D 615 32.36 71.99 86.62
N SER D 616 31.81 70.84 87.02
CA SER D 616 32.46 69.95 87.97
C SER D 616 33.45 68.99 87.32
N LEU D 617 33.44 68.88 85.99
CA LEU D 617 34.33 68.07 85.16
C LEU D 617 34.35 66.57 85.53
N SER D 618 33.36 66.10 86.27
CA SER D 618 33.19 64.68 86.55
C SER D 618 31.77 64.21 86.23
N GLY D 619 30.76 65.03 86.52
CA GLY D 619 29.42 64.79 86.00
C GLY D 619 29.24 65.31 84.59
N ARG D 620 30.16 66.16 84.13
CA ARG D 620 30.15 66.57 82.73
C ARG D 620 30.48 65.41 81.81
N ILE D 621 31.28 64.46 82.30
CA ILE D 621 31.54 63.22 81.54
C ILE D 621 30.26 62.40 81.43
N VAL D 622 29.47 62.36 82.51
CA VAL D 622 28.17 61.68 82.50
C VAL D 622 27.22 62.35 81.52
N GLY D 623 27.20 63.69 81.52
CA GLY D 623 26.37 64.42 80.58
C GLY D 623 26.78 64.21 79.14
N GLY D 624 28.09 64.16 78.89
CA GLY D 624 28.57 63.93 77.54
C GLY D 624 28.28 62.52 77.04
N VAL D 625 28.41 61.52 77.91
CA VAL D 625 28.16 60.16 77.45
C VAL D 625 26.65 59.91 77.29
N TRP D 626 25.82 60.53 78.14
CA TRP D 626 24.37 60.46 77.92
C TRP D 626 23.95 61.23 76.68
N TRP D 627 24.67 62.30 76.37
CA TRP D 627 24.37 63.15 75.24
C TRP D 627 24.70 62.47 73.92
N PHE D 628 25.88 61.82 73.86
CA PHE D 628 26.21 60.95 72.74
C PHE D 628 25.27 59.75 72.66
N PHE D 629 24.84 59.23 73.83
CA PHE D 629 23.94 58.09 73.91
C PHE D 629 22.60 58.38 73.25
N THR D 630 21.97 59.47 73.66
CA THR D 630 20.69 59.84 73.07
C THR D 630 20.85 60.38 71.65
N LEU D 631 22.04 60.86 71.26
CA LEU D 631 22.27 61.19 69.86
C LEU D 631 22.26 59.94 68.99
N ILE D 632 22.89 58.86 69.47
CA ILE D 632 22.82 57.57 68.81
C ILE D 632 21.39 57.05 68.77
N ILE D 633 20.63 57.29 69.86
CA ILE D 633 19.23 56.89 69.91
C ILE D 633 18.41 57.58 68.84
N ILE D 634 18.52 58.91 68.74
CA ILE D 634 17.69 59.63 67.78
C ILE D 634 18.17 59.40 66.35
N SER D 635 19.46 59.12 66.16
CA SER D 635 19.97 58.78 64.84
C SER D 635 19.41 57.44 64.38
N SER D 636 19.47 56.44 65.25
CA SER D 636 18.89 55.13 64.94
C SER D 636 17.37 55.20 64.83
N TYR D 637 16.74 56.12 65.56
CA TYR D 637 15.31 56.32 65.46
C TYR D 637 14.92 56.87 64.09
N THR D 638 15.65 57.87 63.62
CA THR D 638 15.44 58.40 62.27
C THR D 638 15.68 57.33 61.21
N ALA D 639 16.73 56.52 61.40
CA ALA D 639 17.06 55.48 60.44
C ALA D 639 15.98 54.39 60.39
N ASN D 640 15.53 53.93 61.56
CA ASN D 640 14.53 52.87 61.59
C ASN D 640 13.17 53.38 61.16
N LEU D 641 12.86 54.66 61.42
CA LEU D 641 11.61 55.23 60.94
C LEU D 641 11.60 55.36 59.43
N ALA D 642 12.74 55.74 58.84
CA ALA D 642 12.86 55.72 57.39
C ALA D 642 12.81 54.30 56.84
N ALA D 643 13.30 53.32 57.61
CA ALA D 643 13.23 51.93 57.18
C ALA D 643 11.80 51.43 57.14
N PHE D 644 10.99 51.78 58.14
CA PHE D 644 9.58 51.41 58.11
C PHE D 644 8.81 52.17 57.03
N LEU D 645 9.17 53.44 56.79
CA LEU D 645 8.50 54.19 55.74
C LEU D 645 8.96 53.81 54.34
N THR D 646 10.05 53.08 54.20
CA THR D 646 10.62 52.78 52.89
C THR D 646 9.95 51.57 52.23
N VAL D 647 10.03 50.41 52.88
CA VAL D 647 9.67 49.16 52.21
C VAL D 647 8.15 48.98 52.17
N GLU D 648 7.50 49.10 53.33
CA GLU D 648 6.06 48.96 53.52
C GLU D 648 5.56 47.58 53.05
N ARG D 649 6.27 46.55 53.49
CA ARG D 649 5.91 45.17 53.20
C ARG D 649 5.13 44.62 54.39
N MET D 650 3.85 44.92 54.44
CA MET D 650 2.98 44.39 55.49
C MET D 650 2.73 42.91 55.24
N VAL D 651 2.62 42.15 56.33
CA VAL D 651 2.49 40.69 56.25
C VAL D 651 1.11 40.29 56.71
N SER D 652 0.75 39.05 56.41
CA SER D 652 -0.50 38.43 56.78
C SER D 652 -0.46 37.98 58.24
N PRO D 653 -1.57 38.08 58.97
CA PRO D 653 -1.54 37.69 60.39
C PRO D 653 -1.56 36.19 60.61
N ILE D 654 -2.09 35.41 59.66
CA ILE D 654 -2.24 33.97 59.83
C ILE D 654 -1.26 33.27 58.91
N GLU D 655 -0.45 32.37 59.47
CA GLU D 655 0.55 31.64 58.71
C GLU D 655 0.31 30.14 58.69
N SER D 656 0.11 29.51 59.85
CA SER D 656 0.02 28.06 59.95
C SER D 656 -1.43 27.63 60.17
N ALA D 657 -1.63 26.31 60.21
CA ALA D 657 -2.96 25.76 60.42
C ALA D 657 -3.39 25.86 61.87
N GLU D 658 -2.44 25.85 62.81
CA GLU D 658 -2.77 25.98 64.22
C GLU D 658 -3.07 27.41 64.63
N ASP D 659 -2.96 28.37 63.71
CA ASP D 659 -3.23 29.77 64.05
C ASP D 659 -4.71 30.01 64.30
N LEU D 660 -5.58 29.21 63.69
CA LEU D 660 -7.01 29.32 63.96
C LEU D 660 -7.32 28.84 65.37
N SER D 661 -6.58 27.84 65.86
CA SER D 661 -6.71 27.41 67.24
C SER D 661 -5.99 28.35 68.21
N LYS D 662 -5.00 29.10 67.73
CA LYS D 662 -4.23 29.97 68.62
C LYS D 662 -4.98 31.24 68.99
N GLN D 663 -5.85 31.74 68.12
CA GLN D 663 -6.56 32.99 68.38
C GLN D 663 -8.05 32.76 68.18
N THR D 664 -8.83 33.78 68.54
CA THR D 664 -10.28 33.74 68.35
C THR D 664 -10.87 35.05 67.85
N GLU D 665 -10.05 36.07 67.59
CA GLU D 665 -10.58 37.36 67.17
C GLU D 665 -11.07 37.30 65.72
N ILE D 666 -10.28 36.76 64.81
CA ILE D 666 -10.69 36.61 63.43
C ILE D 666 -11.37 35.26 63.26
N ALA D 667 -12.62 35.28 62.81
CA ALA D 667 -13.43 34.08 62.73
C ALA D 667 -13.11 33.30 61.45
N TYR D 668 -13.61 32.07 61.40
CA TYR D 668 -13.41 31.20 60.25
C TYR D 668 -14.58 30.24 60.14
N GLY D 669 -14.94 29.88 58.91
CA GLY D 669 -16.05 28.99 58.70
C GLY D 669 -15.89 28.14 57.45
N THR D 670 -16.75 27.14 57.34
CA THR D 670 -16.83 26.25 56.19
C THR D 670 -18.21 26.36 55.56
N LEU D 671 -18.49 25.51 54.59
CA LEU D 671 -19.80 25.46 53.97
C LEU D 671 -20.75 24.66 54.87
N ASP D 672 -22.05 24.94 54.73
CA ASP D 672 -23.05 24.32 55.59
C ASP D 672 -23.22 22.83 55.32
N SER D 673 -22.91 22.38 54.11
CA SER D 673 -23.05 20.97 53.75
C SER D 673 -21.93 20.56 52.81
N GLY D 674 -21.46 19.33 52.97
CA GLY D 674 -20.41 18.82 52.13
C GLY D 674 -19.45 17.89 52.85
N SER D 675 -18.50 17.32 52.11
CA SER D 675 -17.51 16.41 52.70
C SER D 675 -16.48 17.13 53.56
N THR D 676 -16.38 18.45 53.45
CA THR D 676 -15.48 19.21 54.32
C THR D 676 -16.00 19.21 55.75
N LYS D 677 -17.32 19.39 55.92
CA LYS D 677 -17.92 19.33 57.24
C LYS D 677 -17.87 17.93 57.82
N GLU D 678 -17.93 16.89 56.97
CA GLU D 678 -17.74 15.53 57.45
C GLU D 678 -16.28 15.28 57.82
N PHE D 679 -15.35 15.95 57.14
CA PHE D 679 -13.94 15.82 57.48
C PHE D 679 -13.65 16.45 58.83
N PHE D 680 -14.18 17.65 59.07
CA PHE D 680 -14.01 18.29 60.38
C PHE D 680 -14.81 17.58 61.46
N ARG D 681 -15.93 16.93 61.10
CA ARG D 681 -16.73 16.24 62.11
C ARG D 681 -16.12 14.91 62.50
N ARG D 682 -15.65 14.12 61.53
CA ARG D 682 -15.10 12.80 61.79
C ARG D 682 -13.58 12.82 61.94
N SER D 683 -13.00 13.97 62.26
CA SER D 683 -11.55 14.06 62.44
C SER D 683 -11.13 13.44 63.76
N LYS D 684 -9.87 13.01 63.81
CA LYS D 684 -9.28 12.46 65.02
C LYS D 684 -8.23 13.36 65.64
N ILE D 685 -7.82 14.43 64.98
CA ILE D 685 -6.84 15.36 65.51
C ILE D 685 -7.54 16.30 66.48
N ALA D 686 -6.94 16.49 67.67
CA ALA D 686 -7.53 17.32 68.70
C ALA D 686 -7.56 18.79 68.31
N VAL D 687 -6.66 19.22 67.43
CA VAL D 687 -6.69 20.59 66.92
C VAL D 687 -7.93 20.80 66.06
N PHE D 688 -8.14 19.90 65.09
CA PHE D 688 -9.35 19.95 64.28
C PHE D 688 -10.60 19.62 65.08
N ASP D 689 -10.47 18.85 66.17
CA ASP D 689 -11.60 18.63 67.06
C ASP D 689 -12.00 19.93 67.76
N LYS D 690 -11.01 20.71 68.21
CA LYS D 690 -11.30 22.02 68.78
C LYS D 690 -11.86 22.98 67.74
N MET D 691 -11.41 22.87 66.49
CA MET D 691 -11.96 23.67 65.41
C MET D 691 -13.43 23.33 65.16
N TRP D 692 -13.75 22.04 65.16
CA TRP D 692 -15.13 21.61 64.97
C TRP D 692 -16.01 21.96 66.16
N THR D 693 -15.45 21.96 67.37
CA THR D 693 -16.20 22.38 68.54
C THR D 693 -16.48 23.89 68.48
N TYR D 694 -15.51 24.68 67.99
CA TYR D 694 -15.71 26.11 67.89
C TYR D 694 -16.71 26.46 66.78
N MET D 695 -16.63 25.75 65.64
CA MET D 695 -17.54 26.05 64.53
C MET D 695 -18.94 25.48 64.74
N ARG D 696 -19.07 24.39 65.48
CA ARG D 696 -20.39 23.83 65.78
C ARG D 696 -21.10 24.60 66.88
N SER D 697 -20.36 25.35 67.70
CA SER D 697 -20.94 26.18 68.76
C SER D 697 -20.70 27.67 68.50
N ALA D 698 -20.62 28.05 67.23
CA ALA D 698 -20.33 29.44 66.88
C ALA D 698 -21.58 30.31 67.03
N GLU D 699 -21.37 31.52 67.52
CA GLU D 699 -22.46 32.49 67.68
C GLU D 699 -22.11 33.77 66.95
N PRO D 700 -22.78 34.12 65.84
CA PRO D 700 -23.87 33.38 65.21
C PRO D 700 -23.37 32.27 64.28
N SER D 701 -24.24 31.81 63.39
CA SER D 701 -23.89 30.72 62.49
C SER D 701 -22.89 31.20 61.43
N VAL D 702 -21.74 30.53 61.37
CA VAL D 702 -20.71 30.88 60.40
C VAL D 702 -20.89 30.18 59.06
N PHE D 703 -21.86 29.27 58.95
CA PHE D 703 -22.00 28.47 57.75
C PHE D 703 -22.76 29.23 56.67
N VAL D 704 -22.18 29.26 55.48
CA VAL D 704 -22.77 29.95 54.34
C VAL D 704 -23.47 28.92 53.45
N ARG D 705 -24.37 29.43 52.61
CA ARG D 705 -25.17 28.55 51.76
C ARG D 705 -24.37 28.07 50.54
N THR D 706 -23.84 29.00 49.76
CA THR D 706 -23.10 28.70 48.55
C THR D 706 -21.64 29.13 48.70
N THR D 707 -20.88 28.96 47.63
CA THR D 707 -19.47 29.34 47.66
C THR D 707 -19.30 30.84 47.51
N ALA D 708 -20.03 31.46 46.57
CA ALA D 708 -19.92 32.90 46.34
C ALA D 708 -20.46 33.70 47.51
N GLU D 709 -21.40 33.13 48.29
CA GLU D 709 -21.84 33.76 49.52
C GLU D 709 -20.70 33.83 50.53
N GLY D 710 -19.90 32.76 50.63
CA GLY D 710 -18.74 32.82 51.50
C GLY D 710 -17.66 33.74 50.98
N VAL D 711 -17.54 33.85 49.65
CA VAL D 711 -16.60 34.79 49.05
C VAL D 711 -16.99 36.23 49.38
N ALA D 712 -18.27 36.55 49.26
CA ALA D 712 -18.74 37.89 49.62
C ALA D 712 -18.68 38.11 51.12
N ARG D 713 -18.77 37.04 51.93
CA ARG D 713 -18.63 37.18 53.37
C ARG D 713 -17.19 37.50 53.75
N VAL D 714 -16.23 36.88 53.07
CA VAL D 714 -14.82 37.16 53.36
C VAL D 714 -14.44 38.55 52.83
N ARG D 715 -14.92 38.91 51.64
CA ARG D 715 -14.60 40.22 51.06
C ARG D 715 -15.24 41.37 51.83
N LYS D 716 -16.31 41.12 52.57
CA LYS D 716 -16.93 42.13 53.41
C LYS D 716 -16.59 41.95 54.89
N SER D 717 -15.52 41.22 55.19
CA SER D 717 -15.12 40.97 56.57
C SER D 717 -14.09 41.97 57.09
N LYS D 718 -13.26 42.52 56.18
CA LYS D 718 -12.19 43.47 56.50
C LYS D 718 -11.20 42.88 57.51
N GLY D 719 -10.87 41.60 57.32
CA GLY D 719 -9.94 40.95 58.22
C GLY D 719 -10.56 40.43 59.50
N LYS D 720 -11.76 39.87 59.43
CA LYS D 720 -12.44 39.34 60.61
C LYS D 720 -13.04 37.96 60.42
N TYR D 721 -13.22 37.50 59.20
CA TYR D 721 -13.83 36.20 58.94
C TYR D 721 -13.24 35.60 57.67
N ALA D 722 -12.89 34.32 57.74
CA ALA D 722 -12.30 33.58 56.64
C ALA D 722 -13.16 32.37 56.29
N TYR D 723 -12.92 31.81 55.11
CA TYR D 723 -13.67 30.67 54.60
C TYR D 723 -12.73 29.55 54.22
N LEU D 724 -13.17 28.32 54.44
CA LEU D 724 -12.38 27.13 54.16
C LEU D 724 -13.01 26.36 53.02
N LEU D 725 -12.19 25.86 52.11
CA LEU D 725 -12.65 25.17 50.90
C LEU D 725 -11.48 24.38 50.32
N GLU D 726 -11.70 23.81 49.14
CA GLU D 726 -10.65 23.10 48.42
C GLU D 726 -9.59 24.07 47.93
N SER D 727 -8.38 23.54 47.73
CA SER D 727 -7.25 24.38 47.36
C SER D 727 -7.33 24.87 45.92
N THR D 728 -7.86 24.03 45.02
CA THR D 728 -7.92 24.40 43.61
C THR D 728 -8.91 25.53 43.36
N MET D 729 -10.08 25.45 43.99
CA MET D 729 -11.07 26.51 43.85
C MET D 729 -10.60 27.80 44.52
N ASN D 730 -9.88 27.67 45.64
CA ASN D 730 -9.35 28.85 46.32
C ASN D 730 -8.29 29.53 45.48
N GLU D 731 -7.40 28.75 44.86
CA GLU D 731 -6.38 29.34 44.01
C GLU D 731 -6.96 29.86 42.70
N TYR D 732 -8.11 29.32 42.27
CA TYR D 732 -8.78 29.87 41.10
C TYR D 732 -9.42 31.21 41.41
N ILE D 733 -10.13 31.32 42.53
CA ILE D 733 -10.73 32.58 42.94
C ILE D 733 -9.66 33.60 43.30
N GLU D 734 -8.50 33.15 43.78
CA GLU D 734 -7.39 34.03 44.10
C GLU D 734 -6.85 34.74 42.87
N GLN D 735 -6.93 34.11 41.70
CA GLN D 735 -6.45 34.69 40.46
C GLN D 735 -7.56 35.39 39.67
N ARG D 736 -8.57 35.91 40.35
CA ARG D 736 -9.67 36.63 39.71
C ARG D 736 -9.82 38.01 40.36
N LYS D 737 -10.65 38.84 39.74
CA LYS D 737 -10.90 40.19 40.23
C LYS D 737 -11.66 40.14 41.55
N PRO D 738 -11.48 41.15 42.42
CA PRO D 738 -10.62 42.34 42.38
C PRO D 738 -9.16 42.10 42.80
N CYS D 739 -8.70 40.84 42.73
CA CYS D 739 -7.35 40.43 43.17
C CYS D 739 -7.10 40.83 44.62
N ASP D 740 -8.09 40.58 45.47
CA ASP D 740 -8.10 41.07 46.84
C ASP D 740 -8.00 39.96 47.89
N THR D 741 -7.78 38.72 47.48
CA THR D 741 -7.64 37.60 48.40
C THR D 741 -6.30 36.91 48.18
N MET D 742 -5.97 36.00 49.09
CA MET D 742 -4.79 35.16 48.96
C MET D 742 -4.97 33.89 49.78
N LYS D 743 -4.24 32.85 49.40
CA LYS D 743 -4.26 31.56 50.07
C LYS D 743 -2.90 31.27 50.69
N VAL D 744 -2.91 30.79 51.92
CA VAL D 744 -1.69 30.51 52.67
C VAL D 744 -1.74 29.09 53.22
N GLY D 745 -0.60 28.66 53.74
CA GLY D 745 -0.50 27.40 54.45
C GLY D 745 -0.45 26.19 53.53
N GLY D 746 -0.13 25.05 54.12
CA GLY D 746 -0.14 23.80 53.41
C GLY D 746 -1.52 23.18 53.34
N ASN D 747 -1.63 22.15 52.52
CA ASN D 747 -2.91 21.46 52.37
C ASN D 747 -3.16 20.56 53.58
N LEU D 748 -4.43 20.40 53.93
CA LEU D 748 -4.79 19.70 55.15
C LEU D 748 -5.00 18.21 54.96
N ASP D 749 -5.49 17.78 53.80
CA ASP D 749 -5.76 16.38 53.54
C ASP D 749 -5.37 16.04 52.11
N SER D 750 -5.48 14.76 51.76
CA SER D 750 -5.07 14.25 50.46
C SER D 750 -6.34 14.02 49.63
N LYS D 751 -6.71 15.03 48.84
CA LYS D 751 -7.83 14.94 47.92
C LYS D 751 -7.30 14.87 46.49
N GLY D 752 -8.10 14.25 45.62
CA GLY D 752 -7.69 14.07 44.24
C GLY D 752 -8.82 13.70 43.30
N TYR D 753 -8.83 14.30 42.12
CA TYR D 753 -9.82 14.00 41.11
C TYR D 753 -9.21 13.13 40.02
N GLY D 754 -10.00 12.19 39.49
CA GLY D 754 -9.56 11.33 38.42
C GLY D 754 -10.71 11.02 37.49
N ILE D 755 -10.38 10.33 36.40
CA ILE D 755 -11.38 9.95 35.41
C ILE D 755 -12.15 8.75 35.92
N ALA D 756 -13.47 8.86 35.94
CA ALA D 756 -14.34 7.79 36.43
C ALA D 756 -14.82 6.94 35.26
N THR D 757 -14.94 5.65 35.51
CA THR D 757 -15.46 4.68 34.55
C THR D 757 -16.36 3.70 35.28
N PRO D 758 -17.37 3.15 34.61
CA PRO D 758 -18.18 2.10 35.23
C PRO D 758 -17.38 0.84 35.47
N LYS D 759 -17.87 0.05 36.43
CA LYS D 759 -17.18 -1.16 36.84
C LYS D 759 -17.29 -2.23 35.76
N GLY D 760 -16.18 -2.93 35.52
CA GLY D 760 -16.14 -3.94 34.49
C GLY D 760 -16.01 -3.40 33.08
N SER D 761 -15.48 -2.19 32.93
CA SER D 761 -15.29 -1.59 31.62
C SER D 761 -13.89 -1.87 31.09
N SER D 762 -13.80 -2.11 29.79
CA SER D 762 -12.52 -2.42 29.16
C SER D 762 -11.71 -1.18 28.83
N LEU D 763 -12.33 -0.01 28.77
CA LEU D 763 -11.64 1.21 28.42
C LEU D 763 -10.87 1.83 29.59
N GLY D 764 -11.10 1.35 30.81
CA GLY D 764 -10.55 2.00 31.99
C GLY D 764 -9.04 1.91 32.07
N ALA D 765 -8.47 0.76 31.73
CA ALA D 765 -7.02 0.60 31.73
C ALA D 765 -6.33 1.41 30.62
N ALA D 766 -6.78 1.46 29.35
CA ALA D 766 -6.13 2.38 28.41
C ALA D 766 -6.34 3.85 28.73
N VAL D 767 -7.50 4.22 29.28
CA VAL D 767 -7.70 5.62 29.71
C VAL D 767 -6.75 5.95 30.87
N ASN D 768 -6.51 4.99 31.77
CA ASN D 768 -5.58 5.23 32.87
C ASN D 768 -4.14 5.32 32.37
N LEU D 769 -3.79 4.53 31.35
CA LEU D 769 -2.48 4.65 30.74
C LEU D 769 -2.31 6.00 30.04
N ALA D 770 -3.39 6.51 29.44
CA ALA D 770 -3.35 7.84 28.83
C ALA D 770 -3.20 8.93 29.90
N VAL D 771 -3.85 8.75 31.05
CA VAL D 771 -3.71 9.69 32.15
C VAL D 771 -2.28 9.69 32.70
N LEU D 772 -1.68 8.51 32.83
CA LEU D 772 -0.29 8.43 33.28
C LEU D 772 0.67 9.01 32.26
N LYS D 773 0.37 8.84 30.97
CA LYS D 773 1.20 9.42 29.92
C LYS D 773 1.11 10.94 29.92
N LEU D 774 -0.09 11.49 30.16
CA LEU D 774 -0.24 12.93 30.26
C LEU D 774 0.39 13.47 31.55
N ALA D 775 0.46 12.65 32.60
CA ALA D 775 1.10 13.09 33.83
C ALA D 775 2.61 13.12 33.70
N GLU D 776 3.19 12.13 33.02
CA GLU D 776 4.65 12.08 32.93
C GLU D 776 5.20 13.12 31.96
N GLN D 777 4.46 13.46 30.91
CA GLN D 777 4.95 14.43 29.94
C GLN D 777 4.81 15.87 30.40
N GLY D 778 4.15 16.12 31.52
CA GLY D 778 4.00 17.46 32.03
C GLY D 778 3.00 18.32 31.28
N ALA D 779 2.17 17.72 30.44
CA ALA D 779 1.14 18.49 29.74
C ALA D 779 0.05 18.92 30.69
N LEU D 780 -0.20 18.15 31.75
CA LEU D 780 -1.17 18.55 32.77
C LEU D 780 -0.68 19.77 33.52
N ASP D 781 0.61 19.83 33.84
CA ASP D 781 1.16 21.02 34.46
C ASP D 781 1.20 22.20 33.50
N LYS D 782 1.33 21.93 32.20
CA LYS D 782 1.24 22.99 31.21
C LYS D 782 -0.16 23.58 31.16
N LEU D 783 -1.19 22.73 31.21
CA LEU D 783 -2.56 23.23 31.24
C LEU D 783 -2.87 23.89 32.58
N LYS D 784 -2.20 23.46 33.66
CA LYS D 784 -2.37 24.11 34.95
C LYS D 784 -1.76 25.52 34.93
N ASN D 785 -0.60 25.68 34.30
CA ASN D 785 -0.01 27.00 34.15
C ASN D 785 -0.83 27.87 33.19
N LYS D 786 -1.47 27.26 32.21
CA LYS D 786 -2.25 28.01 31.24
C LYS D 786 -3.56 28.50 31.84
N TRP D 787 -4.35 27.58 32.38
CA TRP D 787 -5.73 27.89 32.75
C TRP D 787 -5.88 28.46 34.15
N TRP D 788 -4.81 28.49 34.96
CA TRP D 788 -4.85 29.10 36.28
C TRP D 788 -3.95 30.32 36.40
N TYR D 789 -2.66 30.19 36.11
CA TYR D 789 -1.76 31.31 36.28
C TYR D 789 -1.90 32.33 35.16
N ASP D 790 -2.26 31.88 33.96
CA ASP D 790 -2.23 32.77 32.81
C ASP D 790 -3.62 33.21 32.38
N LYS D 791 -4.63 32.38 32.61
CA LYS D 791 -5.99 32.70 32.17
C LYS D 791 -6.64 33.76 33.04
N GLY D 792 -6.28 33.85 34.32
CA GLY D 792 -6.93 34.77 35.22
C GLY D 792 -6.53 36.22 35.01
N GLU D 793 -7.10 37.09 35.84
CA GLU D 793 -6.93 38.53 35.70
C GLU D 793 -5.90 39.09 36.67
N CYS D 794 -5.37 38.28 37.57
CA CYS D 794 -4.38 38.73 38.55
C CYS D 794 -2.98 38.53 37.98
N GLY D 795 -2.46 39.58 37.35
CA GLY D 795 -1.13 39.52 36.79
C GLY D 795 -0.08 40.08 37.72
N ALA D 796 -0.30 39.94 39.02
CA ALA D 796 0.67 40.36 40.05
C ALA D 796 1.92 39.50 39.89
N LYS D 797 1.82 38.18 40.12
CA LYS D 797 2.92 37.21 39.99
C LYS D 797 4.14 37.61 40.82
N ASP D 798 3.86 38.08 42.05
CA ASP D 798 4.83 38.71 42.96
C ASP D 798 5.55 39.87 42.28
N SER D 799 4.77 40.90 41.95
CA SER D 799 5.27 42.08 41.27
C SER D 799 6.20 42.91 42.15
N GLY D 800 7.35 43.29 41.61
CA GLY D 800 8.26 44.13 42.36
C GLY D 800 7.79 45.58 42.43
N SER D 801 6.93 45.97 41.49
CA SER D 801 6.42 47.33 41.45
C SER D 801 5.44 47.58 42.58
N LYS D 802 5.93 48.20 43.65
CA LYS D 802 5.13 48.49 44.84
C LYS D 802 5.43 49.91 45.31
N GLU D 803 5.40 50.85 44.37
CA GLU D 803 5.75 52.26 44.59
C GLU D 803 4.93 52.91 45.69
N LYS D 804 3.62 53.06 45.46
CA LYS D 804 2.63 53.56 46.42
C LYS D 804 3.03 54.93 46.97
N THR D 805 2.98 55.94 46.09
CA THR D 805 3.51 57.26 46.40
C THR D 805 2.59 58.04 47.35
N SER D 806 2.43 57.56 48.58
CA SER D 806 1.62 58.23 49.58
C SER D 806 2.52 59.14 50.42
N ALA D 807 2.08 60.37 50.63
CA ALA D 807 2.84 61.32 51.44
C ALA D 807 2.92 60.88 52.89
N LEU D 808 1.78 60.90 53.59
CA LEU D 808 1.72 60.60 55.01
C LEU D 808 0.27 60.44 55.42
N SER D 809 -0.01 59.45 56.26
CA SER D 809 -1.30 59.34 56.90
C SER D 809 -1.34 60.19 58.17
N LEU D 810 -2.53 60.73 58.46
CA LEU D 810 -2.75 61.51 59.67
C LEU D 810 -2.93 60.62 60.89
N SER D 811 -3.09 59.30 60.69
CA SER D 811 -3.19 58.37 61.80
C SER D 811 -1.88 58.27 62.57
N ASN D 812 -0.76 58.55 61.91
CA ASN D 812 0.51 58.68 62.61
C ASN D 812 0.63 60.00 63.35
N VAL D 813 -0.29 60.94 63.12
CA VAL D 813 -0.22 62.27 63.71
C VAL D 813 -1.31 62.49 64.77
N ALA D 814 -2.44 61.78 64.67
CA ALA D 814 -3.61 62.07 65.49
C ALA D 814 -3.40 61.71 66.96
N GLY D 815 -2.84 60.52 67.22
CA GLY D 815 -2.52 60.15 68.60
C GLY D 815 -1.41 60.97 69.21
N VAL D 816 -0.50 61.49 68.38
CA VAL D 816 0.55 62.37 68.88
C VAL D 816 -0.04 63.72 69.25
N PHE D 817 -1.01 64.21 68.46
CA PHE D 817 -1.82 65.36 68.87
C PHE D 817 -2.59 65.09 70.16
N TYR D 818 -3.06 63.85 70.32
CA TYR D 818 -3.85 63.49 71.51
C TYR D 818 -2.99 63.54 72.76
N ILE D 819 -1.77 62.99 72.68
CA ILE D 819 -0.88 63.03 73.84
C ILE D 819 -0.34 64.45 74.05
N LEU D 820 -0.28 65.27 72.99
CA LEU D 820 0.04 66.69 73.16
C LEU D 820 -1.03 67.39 73.98
N VAL D 821 -2.30 67.23 73.61
CA VAL D 821 -3.41 67.87 74.32
C VAL D 821 -3.51 67.34 75.75
N GLY D 822 -3.24 66.04 75.94
CA GLY D 822 -3.23 65.49 77.29
C GLY D 822 -2.15 66.07 78.17
N GLY D 823 -0.93 66.21 77.62
CA GLY D 823 0.14 66.86 78.36
C GLY D 823 -0.13 68.32 78.65
N LEU D 824 -0.75 69.03 77.70
CA LEU D 824 -1.08 70.44 77.91
C LEU D 824 -2.12 70.61 79.00
N GLY D 825 -3.17 69.77 78.98
CA GLY D 825 -4.18 69.84 80.04
C GLY D 825 -3.64 69.44 81.39
N LEU D 826 -2.75 68.44 81.42
CA LEU D 826 -2.09 68.05 82.66
C LEU D 826 -1.26 69.20 83.22
N ALA D 827 -0.50 69.89 82.35
CA ALA D 827 0.32 71.01 82.80
C ALA D 827 -0.53 72.19 83.25
N MET D 828 -1.66 72.43 82.58
CA MET D 828 -2.60 73.47 82.99
C MET D 828 -3.15 73.21 84.39
N LEU D 829 -3.64 72.00 84.63
CA LEU D 829 -4.23 71.68 85.93
C LEU D 829 -3.18 71.66 87.04
N VAL D 830 -1.96 71.20 86.74
CA VAL D 830 -0.89 71.20 87.74
C VAL D 830 -0.48 72.62 88.10
N ALA D 831 -0.36 73.50 87.09
CA ALA D 831 -0.03 74.90 87.36
C ALA D 831 -1.14 75.60 88.13
N LEU D 832 -2.41 75.28 87.83
CA LEU D 832 -3.52 75.87 88.54
C LEU D 832 -3.57 75.44 90.00
N ILE D 833 -3.36 74.14 90.28
CA ILE D 833 -3.44 73.70 91.66
C ILE D 833 -2.21 74.16 92.46
N GLU D 834 -1.06 74.29 91.80
CA GLU D 834 0.12 74.78 92.52
C GLU D 834 0.02 76.26 92.83
N PHE D 835 -0.52 77.07 91.90
CA PHE D 835 -0.71 78.47 92.22
C PHE D 835 -1.85 78.67 93.21
N CYS D 836 -2.85 77.79 93.19
CA CYS D 836 -3.92 77.86 94.19
C CYS D 836 -3.39 77.55 95.59
N TYR D 837 -2.53 76.54 95.70
CA TYR D 837 -1.92 76.23 96.99
C TYR D 837 -0.94 77.31 97.43
N LYS D 838 -0.25 77.95 96.47
CA LYS D 838 0.64 79.05 96.80
C LYS D 838 -0.14 80.27 97.31
N SER D 839 -1.28 80.57 96.67
CA SER D 839 -2.13 81.66 97.15
C SER D 839 -2.76 81.34 98.50
N ARG D 840 -3.12 80.08 98.73
CA ARG D 840 -3.67 79.68 100.03
C ARG D 840 -2.60 79.78 101.12
N ALA D 841 -1.36 79.39 100.82
CA ALA D 841 -0.29 79.49 101.79
C ALA D 841 0.10 80.94 102.05
N GLU D 842 0.00 81.80 101.03
CA GLU D 842 0.26 83.22 101.22
C GLU D 842 -0.85 83.89 102.02
N ALA D 843 -2.09 83.44 101.86
CA ALA D 843 -3.18 83.97 102.67
C ALA D 843 -3.14 83.47 104.10
N LYS D 844 -2.65 82.24 104.31
CA LYS D 844 -2.56 81.70 105.66
C LYS D 844 -1.34 82.22 106.41
N ARG D 845 -0.24 82.50 105.71
CA ARG D 845 0.95 83.01 106.37
C ARG D 845 0.82 84.48 106.72
N MET D 846 0.20 85.26 105.83
CA MET D 846 -0.05 86.70 105.96
C MET D 846 1.23 87.52 106.23
N UNK E 1 9.06 59.56 110.72
CA UNK E 1 8.91 58.17 110.29
C UNK E 1 9.53 57.96 108.91
N UNK E 2 10.67 58.61 108.68
CA UNK E 2 11.37 58.50 107.40
C UNK E 2 12.27 57.27 107.34
N UNK E 3 12.90 56.91 108.47
CA UNK E 3 13.79 55.74 108.49
C UNK E 3 13.00 54.45 108.38
N UNK E 4 11.82 54.38 109.01
CA UNK E 4 10.99 53.19 108.91
C UNK E 4 10.41 53.04 107.51
N UNK E 5 10.04 54.15 106.87
CA UNK E 5 9.55 54.11 105.50
C UNK E 5 10.66 53.72 104.52
N UNK E 6 11.88 54.20 104.78
CA UNK E 6 13.02 53.83 103.93
C UNK E 6 13.38 52.35 104.11
N UNK E 7 13.26 51.84 105.34
CA UNK E 7 13.52 50.42 105.57
C UNK E 7 12.45 49.55 104.95
N UNK E 8 11.18 49.99 104.98
CA UNK E 8 10.12 49.26 104.33
C UNK E 8 10.28 49.29 102.81
N UNK E 9 10.77 50.41 102.27
CA UNK E 9 11.04 50.50 100.83
C UNK E 9 12.21 49.59 100.44
N UNK E 10 13.23 49.50 101.31
CA UNK E 10 14.35 48.61 101.04
C UNK E 10 13.93 47.15 101.10
N UNK E 11 13.05 46.81 102.05
CA UNK E 11 12.53 45.44 102.13
C UNK E 11 11.66 45.10 100.94
N UNK E 12 10.84 46.07 100.47
CA UNK E 12 10.04 45.85 99.27
C UNK E 12 10.90 45.72 98.02
N UNK E 13 12.00 46.48 97.94
CA UNK E 13 12.92 46.36 96.81
C UNK E 13 13.65 45.02 96.84
N UNK E 14 14.01 44.54 98.03
CA UNK E 14 14.63 43.22 98.14
C UNK E 14 13.65 42.11 97.78
N UNK E 15 12.38 42.26 98.16
CA UNK E 15 11.37 41.27 97.82
C UNK E 15 11.08 41.28 96.32
N UNK E 16 11.09 42.46 95.70
CA UNK E 16 10.89 42.53 94.26
C UNK E 16 12.10 42.02 93.49
N UNK E 17 13.30 42.16 94.07
CA UNK E 17 14.49 41.59 93.43
C UNK E 17 14.51 40.07 93.57
N UNK E 18 14.01 39.55 94.69
CA UNK E 18 13.90 38.10 94.84
C UNK E 18 12.80 37.53 93.96
N UNK E 19 11.72 38.28 93.75
CA UNK E 19 10.63 37.81 92.90
C UNK E 19 10.95 38.04 91.42
N UNK E 20 11.13 39.29 91.03
CA UNK E 20 11.42 39.64 89.64
C UNK E 20 12.77 40.34 89.52
N UNK E 21 19.98 34.58 78.36
CA UNK E 21 21.41 34.63 78.06
C UNK E 21 22.24 34.31 79.30
N UNK E 22 23.43 33.74 79.08
CA UNK E 22 24.29 33.38 80.20
C UNK E 22 24.96 34.62 80.79
N UNK E 23 25.42 35.53 79.93
CA UNK E 23 26.06 36.75 80.41
C UNK E 23 25.05 37.67 81.08
N UNK E 24 23.81 37.72 80.58
CA UNK E 24 22.77 38.52 81.22
C UNK E 24 22.38 37.95 82.58
N UNK E 25 22.34 36.62 82.69
CA UNK E 25 22.05 35.99 83.97
C UNK E 25 23.19 36.20 84.95
N UNK E 26 24.44 36.19 84.47
CA UNK E 26 25.58 36.46 85.33
C UNK E 26 25.59 37.92 85.79
N UNK E 27 25.21 38.84 84.91
CA UNK E 27 25.12 40.25 85.30
C UNK E 27 23.98 40.48 86.29
N UNK E 28 22.86 39.77 86.12
CA UNK E 28 21.76 39.89 87.07
C UNK E 28 22.12 39.29 88.43
N UNK E 29 22.88 38.19 88.43
CA UNK E 29 23.32 37.61 89.69
C UNK E 29 24.34 38.49 90.39
N UNK E 30 25.23 39.14 89.63
CA UNK E 30 26.16 40.09 90.22
C UNK E 30 25.44 41.32 90.75
N UNK E 31 24.38 41.76 90.07
CA UNK E 31 23.58 42.88 90.55
C UNK E 31 22.84 42.50 91.83
N UNK E 32 22.32 41.28 91.91
CA UNK E 32 21.65 40.81 93.11
C UNK E 32 22.63 40.67 94.28
N UNK E 33 23.87 40.23 93.99
CA UNK E 33 24.88 40.13 95.03
C UNK E 33 25.31 41.50 95.54
N UNK E 34 25.47 42.47 94.63
CA UNK E 34 25.81 43.83 95.03
C UNK E 34 24.67 44.49 95.79
N UNK E 35 23.42 44.19 95.42
CA UNK E 35 22.27 44.72 96.13
C UNK E 35 22.14 44.11 97.52
N UNK E 36 22.45 42.82 97.65
CA UNK E 36 22.44 42.18 98.96
C UNK E 36 23.54 42.71 99.85
N UNK E 37 24.73 42.97 99.29
CA UNK E 37 25.81 43.56 100.06
C UNK E 37 25.48 45.00 100.47
N UNK E 38 24.82 45.75 99.59
CA UNK E 38 24.42 47.12 99.94
C UNK E 38 23.33 47.12 101.00
N UNK E 39 22.40 46.16 100.94
CA UNK E 39 21.36 46.07 101.96
C UNK E 39 21.93 45.65 103.30
N UNK E 40 22.93 44.76 103.29
CA UNK E 40 23.60 44.36 104.53
C UNK E 40 24.40 45.51 105.12
N UNK E 41 25.06 46.30 104.26
CA UNK E 41 25.80 47.47 104.74
C UNK E 41 24.86 48.54 105.28
N UNK E 42 23.68 48.70 104.65
CA UNK E 42 22.70 49.67 105.14
C UNK E 42 22.10 49.22 106.47
N UNK E 43 21.86 47.91 106.63
CA UNK E 43 21.34 47.41 107.90
C UNK E 43 22.38 47.51 109.01
N UNK E 44 23.66 47.27 108.69
CA UNK E 44 24.71 47.43 109.68
C UNK E 44 24.90 48.88 110.08
N UNK E 45 24.80 49.80 109.10
CA UNK E 45 24.90 51.23 109.42
C UNK E 45 23.70 51.70 110.22
N UNK E 46 22.51 51.13 109.95
CA UNK E 46 21.32 51.48 110.73
C UNK E 46 21.44 50.97 112.15
N UNK E 47 21.98 49.77 112.34
CA UNK E 47 22.20 49.24 113.68
C UNK E 47 23.26 50.05 114.43
N UNK E 48 24.31 50.49 113.73
CA UNK E 48 25.34 51.32 114.35
C UNK E 48 24.79 52.69 114.74
N UNK E 49 23.95 53.28 113.89
CA UNK E 49 23.35 54.57 114.22
C UNK E 49 22.33 54.44 115.35
N UNK E 50 21.61 53.32 115.42
CA UNK E 50 20.68 53.10 116.52
C UNK E 50 21.42 52.83 117.83
N UNK E 51 22.61 52.22 117.75
CA UNK E 51 23.41 52.01 118.96
C UNK E 51 24.05 53.31 119.42
N UNK E 52 24.51 54.14 118.47
CA UNK E 52 25.13 55.41 118.83
C UNK E 52 24.13 56.50 119.18
N UNK E 53 22.86 56.34 118.82
CA UNK E 53 21.85 57.34 119.13
C UNK E 53 21.28 57.17 120.53
N UNK E 54 20.82 55.97 120.87
CA UNK E 54 20.26 55.69 122.18
C UNK E 54 21.36 55.56 123.23
N UNK E 55 34.22 59.86 118.05
CA UNK E 55 33.04 59.25 118.68
C UNK E 55 31.80 59.45 117.81
N UNK E 56 31.08 60.54 118.03
CA UNK E 56 29.88 60.81 117.24
C UNK E 56 30.22 61.29 115.84
N UNK E 57 31.27 62.10 115.70
CA UNK E 57 31.66 62.59 114.38
C UNK E 57 32.25 61.48 113.52
N UNK E 58 33.01 60.57 114.13
CA UNK E 58 33.56 59.43 113.39
C UNK E 58 32.46 58.47 112.97
N UNK E 59 31.46 58.26 113.83
CA UNK E 59 30.32 57.43 113.48
C UNK E 59 29.48 58.06 112.37
N UNK E 60 29.34 59.40 112.41
CA UNK E 60 28.61 60.09 111.36
C UNK E 60 29.35 60.05 110.03
N UNK E 61 30.69 60.15 110.07
CA UNK E 61 31.47 60.04 108.85
C UNK E 61 31.43 58.63 108.27
N UNK E 62 31.47 57.62 109.15
CA UNK E 62 31.35 56.24 108.70
C UNK E 62 29.97 55.95 108.13
N UNK E 63 28.93 56.54 108.73
CA UNK E 63 27.57 56.37 108.20
C UNK E 63 27.41 57.08 106.87
N UNK E 64 28.03 58.25 106.70
CA UNK E 64 27.96 58.95 105.42
C UNK E 64 28.71 58.21 104.32
N UNK E 65 29.88 57.63 104.66
CA UNK E 65 30.62 56.84 103.70
C UNK E 65 29.88 55.56 103.34
N UNK E 66 29.24 54.93 104.32
CA UNK E 66 28.44 53.74 104.05
C UNK E 66 27.21 54.06 103.20
N UNK E 67 26.61 55.22 103.43
CA UNK E 67 25.46 55.64 102.62
C UNK E 67 25.88 55.95 101.19
N UNK E 68 27.06 56.57 101.01
CA UNK E 68 27.57 56.84 99.67
C UNK E 68 27.90 55.56 98.93
N UNK E 69 28.54 54.60 99.62
CA UNK E 69 28.87 53.32 98.99
C UNK E 69 27.61 52.52 98.68
N UNK E 70 26.61 52.58 99.54
CA UNK E 70 25.35 51.86 99.30
C UNK E 70 24.58 52.50 98.16
N UNK E 71 24.63 53.83 98.03
CA UNK E 71 23.97 54.49 96.91
C UNK E 71 24.68 54.18 95.60
N UNK E 72 26.01 54.12 95.61
CA UNK E 72 26.76 53.74 94.41
C UNK E 72 26.48 52.28 94.02
N UNK E 73 26.40 51.40 95.02
CA UNK E 73 26.07 50.00 94.74
C UNK E 73 24.64 49.84 94.25
N UNK E 74 23.71 50.64 94.76
CA UNK E 74 22.33 50.57 94.29
C UNK E 74 22.21 51.12 92.87
N UNK E 75 22.98 52.15 92.54
CA UNK E 75 22.99 52.68 91.17
C UNK E 75 23.58 51.66 90.20
N UNK E 76 24.68 51.00 90.58
CA UNK E 76 25.26 49.97 89.73
C UNK E 76 24.33 48.77 89.60
N UNK E 77 23.61 48.42 90.67
CA UNK E 77 22.67 47.31 90.63
C UNK E 77 21.47 47.64 89.76
N UNK E 78 20.99 48.89 89.80
CA UNK E 78 19.88 49.30 88.95
C UNK E 78 20.29 49.33 87.48
N UNK E 79 21.53 49.77 87.21
CA UNK E 79 22.03 49.78 85.84
C UNK E 79 22.20 48.36 85.29
N UNK E 80 22.76 47.46 86.11
CA UNK E 80 22.91 46.07 85.66
C UNK E 80 21.57 45.36 85.59
N UNK E 81 20.59 45.77 86.40
CA UNK E 81 19.25 45.18 86.30
C UNK E 81 18.54 45.65 85.03
N UNK E 82 18.73 46.91 84.66
CA UNK E 82 18.20 47.39 83.38
C UNK E 82 18.90 46.71 82.21
N UNK E 83 20.19 46.43 82.34
CA UNK E 83 20.91 45.71 81.30
C UNK E 83 20.46 44.25 81.20
N UNK E 84 20.12 43.63 82.33
CA UNK E 84 19.61 42.26 82.30
C UNK E 84 18.19 42.22 81.78
N UNK E 85 17.40 43.27 82.04
CA UNK E 85 16.08 43.37 81.43
C UNK E 85 16.18 43.64 79.94
N UNK E 86 17.28 44.25 79.48
CA UNK E 86 17.49 44.44 78.05
C UNK E 86 17.82 43.13 77.37
N UNK E 87 18.90 42.48 77.77
CA UNK E 87 19.33 41.22 77.16
C UNK E 87 18.50 40.06 77.69
N UNK E 88 8.71 42.59 86.56
CA UNK E 88 9.39 43.12 85.39
C UNK E 88 9.91 44.53 85.65
N UNK E 89 9.16 45.53 85.19
CA UNK E 89 9.56 46.92 85.38
C UNK E 89 9.28 47.41 86.80
N UNK E 90 8.47 46.67 87.58
CA UNK E 90 8.18 47.07 88.95
C UNK E 90 9.41 46.95 89.84
N UNK E 91 10.27 45.97 89.57
CA UNK E 91 11.51 45.84 90.33
C UNK E 91 12.46 47.00 90.05
N UNK E 92 12.55 47.43 88.79
CA UNK E 92 13.38 48.58 88.46
C UNK E 92 12.78 49.87 88.99
N UNK E 93 11.45 49.97 89.04
CA UNK E 93 10.81 51.14 89.64
C UNK E 93 11.04 51.20 91.13
N UNK E 94 11.02 50.04 91.80
CA UNK E 94 11.31 49.99 93.23
C UNK E 94 12.78 50.29 93.50
N UNK E 95 13.67 49.86 92.61
CA UNK E 95 15.09 50.18 92.76
C UNK E 95 15.34 51.67 92.55
N UNK E 96 14.62 52.29 91.62
CA UNK E 96 14.75 53.73 91.40
C UNK E 96 14.19 54.51 92.58
N UNK E 97 13.09 54.03 93.17
CA UNK E 97 12.54 54.67 94.37
C UNK E 97 13.49 54.51 95.55
N UNK E 98 14.16 53.35 95.64
CA UNK E 98 15.14 53.14 96.70
C UNK E 98 16.36 54.03 96.52
N UNK E 99 16.78 54.24 95.27
CA UNK E 99 17.90 55.15 95.00
C UNK E 99 17.52 56.60 95.31
N UNK E 100 16.28 56.98 95.00
CA UNK E 100 15.82 58.33 95.33
C UNK E 100 15.70 58.53 96.84
N UNK E 101 15.24 57.50 97.57
CA UNK E 101 15.18 57.58 99.02
C UNK E 101 16.58 57.61 99.64
N UNK E 102 17.53 56.88 99.05
CA UNK E 102 18.91 56.92 99.53
C UNK E 102 19.54 58.28 99.29
N UNK E 103 19.24 58.90 98.15
CA UNK E 103 19.76 60.24 97.86
C UNK E 103 19.15 61.28 98.79
N UNK E 104 17.85 61.15 99.07
CA UNK E 104 17.20 62.08 100.00
C UNK E 104 17.70 61.91 101.41
N UNK E 105 17.95 60.66 101.83
CA UNK E 105 18.52 60.41 103.15
C UNK E 105 19.96 60.89 103.25
N UNK E 106 20.73 60.78 102.16
CA UNK E 106 22.10 61.30 102.17
C UNK E 106 22.12 62.82 102.23
N UNK E 107 21.18 63.48 101.53
CA UNK E 107 21.08 64.93 101.61
C UNK E 107 20.63 65.38 103.00
N UNK E 108 19.71 64.64 103.62
CA UNK E 108 19.28 64.96 104.97
C UNK E 108 20.40 64.73 105.98
N UNK E 109 21.21 63.69 105.77
CA UNK E 109 22.35 63.43 106.65
C UNK E 109 23.43 64.50 106.49
N UNK E 110 23.64 64.98 105.26
CA UNK E 110 24.59 66.07 105.05
C UNK E 110 24.11 67.36 105.69
N UNK E 111 22.80 67.64 105.61
CA UNK E 111 22.24 68.82 106.25
C UNK E 111 22.32 68.72 107.77
N UNK E 112 22.07 67.53 108.32
CA UNK E 112 22.14 67.33 109.76
C UNK E 112 23.58 67.41 110.26
N UNK E 113 24.54 66.92 109.47
CA UNK E 113 25.94 67.02 109.86
C UNK E 113 26.46 68.44 109.73
N UNK E 114 25.94 69.21 108.77
CA UNK E 114 26.32 70.62 108.68
C UNK E 114 25.67 71.46 109.77
N UNK E 115 24.47 71.08 110.22
CA UNK E 115 23.80 71.85 111.27
C UNK E 115 24.29 71.47 112.65
N UNK E 116 24.75 70.22 112.83
CA UNK E 116 25.20 69.76 114.13
C UNK E 116 26.57 70.28 114.52
N UNK E 117 27.33 70.81 113.57
CA UNK E 117 28.67 71.33 113.85
C UNK E 117 28.60 72.65 114.60
N ARG F 6 58.47 72.97 87.38
CA ARG F 6 59.48 73.83 86.80
C ARG F 6 60.45 73.02 85.93
N GLY F 7 61.60 72.66 86.51
CA GLY F 7 62.58 71.89 85.77
C GLY F 7 62.17 70.44 85.55
N VAL F 8 61.35 69.89 86.46
CA VAL F 8 60.85 68.54 86.30
C VAL F 8 59.88 68.46 85.12
N GLN F 9 59.07 69.50 84.94
CA GLN F 9 58.17 69.55 83.79
C GLN F 9 58.96 69.71 82.48
N MET F 10 60.07 70.46 82.52
CA MET F 10 60.93 70.60 81.35
C MET F 10 61.60 69.27 81.00
N LEU F 11 62.06 68.53 82.01
CA LEU F 11 62.66 67.23 81.76
C LEU F 11 61.64 66.22 81.27
N LEU F 12 60.40 66.30 81.78
CA LEU F 12 59.33 65.44 81.29
C LEU F 12 58.97 65.76 79.86
N THR F 13 58.96 67.05 79.50
CA THR F 13 58.72 67.45 78.12
C THR F 13 59.84 66.98 77.20
N THR F 14 61.08 67.03 77.69
CA THR F 14 62.22 66.58 76.89
C THR F 14 62.19 65.06 76.66
N VAL F 15 61.89 64.28 77.70
CA VAL F 15 61.85 62.83 77.51
C VAL F 15 60.59 62.42 76.74
N GLY F 16 59.52 63.22 76.80
CA GLY F 16 58.37 62.95 75.98
C GLY F 16 58.63 63.22 74.50
N ALA F 17 59.36 64.29 74.21
CA ALA F 17 59.77 64.58 72.83
C ALA F 17 60.73 63.51 72.32
N PHE F 18 61.62 63.01 73.19
CA PHE F 18 62.54 61.94 72.80
C PHE F 18 61.79 60.65 72.50
N ALA F 19 60.82 60.29 73.35
CA ALA F 19 60.04 59.08 73.12
C ALA F 19 59.14 59.21 71.89
N ALA F 20 58.63 60.42 71.64
CA ALA F 20 57.81 60.65 70.45
C ALA F 20 58.65 60.56 69.18
N PHE F 21 59.88 61.08 69.21
CA PHE F 21 60.78 60.97 68.07
C PHE F 21 61.21 59.52 67.84
N SER F 22 61.42 58.77 68.93
CA SER F 22 61.79 57.37 68.80
C SER F 22 60.65 56.53 68.21
N LEU F 23 59.41 56.77 68.68
CA LEU F 23 58.28 56.04 68.12
C LEU F 23 57.96 56.49 66.70
N MET F 24 58.25 57.75 66.36
CA MET F 24 58.10 58.19 64.97
C MET F 24 59.13 57.52 64.06
N THR F 25 60.36 57.36 64.55
CA THR F 25 61.38 56.64 63.80
C THR F 25 61.00 55.17 63.63
N ILE F 26 60.42 54.57 64.67
CA ILE F 26 59.96 53.19 64.59
C ILE F 26 58.77 53.07 63.63
N ALA F 27 57.95 54.11 63.53
CA ALA F 27 56.83 54.09 62.58
C ALA F 27 57.33 54.25 61.15
N VAL F 28 58.38 55.06 60.95
CA VAL F 28 58.98 55.20 59.64
C VAL F 28 59.68 53.90 59.22
N GLY F 29 60.28 53.19 60.16
CA GLY F 29 61.09 52.01 59.87
C GLY F 29 60.39 50.84 59.22
N THR F 30 59.50 50.16 59.94
CA THR F 30 58.84 48.97 59.41
C THR F 30 57.54 48.74 60.17
N ASP F 31 56.80 47.72 59.70
CA ASP F 31 55.59 47.18 60.34
C ASP F 31 54.48 48.23 60.47
N TYR F 32 54.39 49.11 59.47
CA TYR F 32 53.37 50.15 59.48
C TYR F 32 51.98 49.57 59.21
N TRP F 33 51.85 48.75 58.18
CA TRP F 33 50.59 48.11 57.84
C TRP F 33 50.84 46.64 57.52
N LEU F 34 49.77 45.84 57.60
CA LEU F 34 49.84 44.42 57.32
C LEU F 34 48.56 44.01 56.61
N TYR F 35 48.70 43.21 55.56
CA TYR F 35 47.56 42.74 54.78
C TYR F 35 47.93 41.44 54.09
N SER F 36 46.94 40.55 53.96
CA SER F 36 47.15 39.27 53.32
C SER F 36 47.21 39.46 51.81
N ARG F 37 48.37 39.19 51.22
CA ARG F 37 48.55 39.32 49.79
C ARG F 37 48.22 38.00 49.10
N GLY F 38 48.53 37.90 47.81
CA GLY F 38 48.27 36.69 47.05
C GLY F 38 49.25 35.57 47.35
N VAL F 57 48.79 34.27 51.78
CA VAL F 57 49.50 34.41 53.06
C VAL F 57 49.56 35.88 53.45
N MET F 58 49.92 36.13 54.71
CA MET F 58 50.01 37.48 55.22
C MET F 58 51.34 38.13 54.81
N THR F 59 51.38 39.45 54.91
CA THR F 59 52.57 40.22 54.55
C THR F 59 52.57 41.53 55.31
N HIS F 60 53.72 41.89 55.85
CA HIS F 60 53.89 43.15 56.56
C HIS F 60 54.45 44.21 55.63
N SER F 61 54.26 45.48 56.01
CA SER F 61 54.73 46.59 55.20
C SER F 61 55.09 47.75 56.12
N GLY F 62 56.06 48.55 55.69
CA GLY F 62 56.49 49.71 56.44
C GLY F 62 56.57 50.96 55.60
N LEU F 63 55.62 51.10 54.67
CA LEU F 63 55.43 52.23 53.74
C LEU F 63 56.56 52.39 52.72
N TRP F 64 57.54 51.51 52.72
CA TRP F 64 58.60 51.49 51.72
C TRP F 64 58.68 50.18 50.97
N ARG F 65 58.63 49.06 51.69
CA ARG F 65 58.73 47.74 51.08
C ARG F 65 57.82 46.78 51.81
N THR F 66 57.49 45.67 51.15
CA THR F 66 56.66 44.63 51.73
C THR F 66 57.47 43.36 51.96
N CYS F 67 57.11 42.64 53.02
CA CYS F 67 57.77 41.39 53.38
C CYS F 67 56.69 40.33 53.62
N CYS F 68 56.70 39.29 52.79
CA CYS F 68 55.69 38.26 52.88
C CYS F 68 55.99 37.31 54.03
N LEU F 69 55.05 36.40 54.28
CA LEU F 69 55.20 35.41 55.34
C LEU F 69 56.21 34.33 54.95
N PHE F 73 60.17 33.51 48.11
CA PHE F 73 59.70 32.54 49.09
C PHE F 73 59.49 33.20 50.45
N LYS F 74 59.49 32.38 51.51
CA LYS F 74 59.28 32.89 52.86
C LYS F 74 60.55 33.58 53.36
N GLY F 75 60.40 34.81 53.82
CA GLY F 75 61.51 35.59 54.34
C GLY F 75 62.02 36.67 53.43
N LEU F 76 61.68 36.64 52.14
CA LEU F 76 62.15 37.65 51.21
C LEU F 76 61.35 38.94 51.36
N CYS F 77 61.93 40.05 50.91
CA CYS F 77 61.30 41.35 50.98
C CYS F 77 61.50 42.07 49.65
N LYS F 78 60.52 42.89 49.28
CA LYS F 78 60.58 43.61 48.02
C LYS F 78 59.83 44.94 48.16
N GLN F 79 60.30 45.93 47.40
CA GLN F 79 59.69 47.26 47.41
C GLN F 79 58.39 47.21 46.63
N ILE F 80 57.28 47.03 47.35
CA ILE F 80 55.97 46.94 46.72
C ILE F 80 55.24 48.28 46.77
N ASP F 81 55.96 49.38 46.99
CA ASP F 81 55.36 50.71 47.04
C ASP F 81 55.26 51.35 45.66
N HIS F 82 54.60 50.64 44.75
CA HIS F 82 54.43 51.12 43.37
C HIS F 82 53.19 52.01 43.30
N PHE F 83 53.40 53.30 43.11
CA PHE F 83 52.30 54.25 42.97
C PHE F 83 51.54 54.10 41.64
N PRO F 84 52.17 53.83 40.49
CA PRO F 84 51.38 53.35 39.34
C PRO F 84 51.11 51.86 39.47
N GLU F 85 50.24 51.37 38.58
CA GLU F 85 49.88 49.96 38.57
C GLU F 85 50.98 49.11 37.93
N ASP F 92 39.76 61.56 37.91
CA ASP F 92 40.24 62.94 37.83
C ASP F 92 41.70 63.04 38.22
N THR F 93 42.24 64.26 38.20
CA THR F 93 43.62 64.48 38.59
C THR F 93 43.81 64.43 40.10
N ALA F 94 42.71 64.49 40.87
CA ALA F 94 42.80 64.42 42.32
C ALA F 94 43.26 63.04 42.79
N GLU F 95 42.88 61.98 42.08
CA GLU F 95 43.34 60.64 42.43
C GLU F 95 44.84 60.48 42.16
N TYR F 96 45.32 61.06 41.06
CA TYR F 96 46.74 61.00 40.76
C TYR F 96 47.55 61.86 41.74
N PHE F 97 46.98 62.99 42.17
CA PHE F 97 47.65 63.80 43.19
C PHE F 97 47.67 63.10 44.54
N LEU F 98 46.59 62.38 44.88
CA LEU F 98 46.57 61.62 46.12
C LEU F 98 47.55 60.45 46.07
N ARG F 99 47.72 59.84 44.88
CA ARG F 99 48.73 58.80 44.73
C ARG F 99 50.14 59.38 44.79
N ALA F 100 50.33 60.60 44.31
CA ALA F 100 51.64 61.24 44.38
C ALA F 100 52.00 61.62 45.82
N VAL F 101 51.00 62.05 46.59
CA VAL F 101 51.22 62.29 48.01
C VAL F 101 51.49 60.98 48.75
N ARG F 102 50.73 59.94 48.41
CA ARG F 102 50.96 58.62 49.00
C ARG F 102 52.23 57.95 48.49
N ALA F 103 52.82 58.46 47.40
CA ALA F 103 54.07 57.92 46.91
C ALA F 103 55.21 58.28 47.86
N SER F 104 55.85 57.24 48.41
CA SER F 104 57.02 57.28 49.29
C SER F 104 56.78 57.96 50.63
N SER F 105 55.52 58.31 50.94
CA SER F 105 55.07 58.88 52.22
C SER F 105 55.83 60.18 52.55
N ILE F 106 55.61 61.17 51.69
CA ILE F 106 56.38 62.42 51.77
C ILE F 106 55.96 63.24 52.98
N PHE F 107 54.66 63.28 53.26
CA PHE F 107 54.13 64.08 54.37
C PHE F 107 54.58 63.61 55.76
N PRO F 108 54.60 62.30 56.11
CA PRO F 108 55.17 61.94 57.43
C PRO F 108 56.68 62.11 57.51
N ILE F 109 57.41 62.03 56.38
CA ILE F 109 58.83 62.34 56.41
C ILE F 109 59.05 63.82 56.70
N LEU F 110 58.26 64.70 56.07
CA LEU F 110 58.34 66.12 56.38
C LEU F 110 57.89 66.41 57.82
N SER F 111 56.91 65.66 58.32
CA SER F 111 56.50 65.80 59.71
C SER F 111 57.60 65.37 60.67
N VAL F 112 58.34 64.31 60.33
CA VAL F 112 59.44 63.86 61.18
C VAL F 112 60.60 64.85 61.14
N ILE F 113 60.85 65.46 59.99
CA ILE F 113 61.88 66.51 59.90
C ILE F 113 61.49 67.72 60.73
N LEU F 114 60.20 68.10 60.68
CA LEU F 114 59.73 69.22 61.49
C LEU F 114 59.75 68.89 62.98
N LEU F 115 59.48 67.63 63.36
CA LEU F 115 59.59 67.23 64.76
C LEU F 115 61.03 67.24 65.24
N PHE F 116 61.97 66.85 64.36
CA PHE F 116 63.39 66.90 64.72
C PHE F 116 63.85 68.34 64.87
N MET F 117 63.38 69.25 64.00
CA MET F 117 63.73 70.66 64.12
C MET F 117 63.11 71.28 65.37
N GLY F 118 61.89 70.87 65.72
CA GLY F 118 61.28 71.35 66.95
C GLY F 118 61.97 70.82 68.20
N GLY F 119 62.43 69.57 68.16
CA GLY F 119 63.19 69.03 69.27
C GLY F 119 64.54 69.70 69.42
N LEU F 120 65.19 70.03 68.30
CA LEU F 120 66.43 70.80 68.37
C LEU F 120 66.19 72.22 68.89
N CYS F 121 65.07 72.84 68.52
CA CYS F 121 64.74 74.16 69.05
C CYS F 121 64.42 74.10 70.54
N ILE F 122 63.76 73.03 70.99
CA ILE F 122 63.48 72.87 72.42
C ILE F 122 64.75 72.61 73.20
N ALA F 123 65.69 71.84 72.63
CA ALA F 123 66.97 71.61 73.29
C ALA F 123 67.82 72.88 73.31
N ALA F 124 67.68 73.73 72.30
CA ALA F 124 68.40 75.01 72.30
C ALA F 124 67.77 76.01 73.26
N SER F 125 66.46 75.94 73.46
CA SER F 125 65.78 76.83 74.40
C SER F 125 65.81 76.30 75.83
N GLU F 126 66.22 75.05 76.03
CA GLU F 126 66.31 74.51 77.39
C GLU F 126 67.47 75.14 78.16
N PHE F 127 68.65 75.13 77.57
CA PHE F 127 69.84 75.73 78.18
C PHE F 127 70.12 77.08 77.53
N TYR F 128 70.53 78.04 78.37
CA TYR F 128 70.81 79.44 78.00
C TYR F 128 69.61 80.08 77.31
N LYS F 129 68.48 80.08 78.03
CA LYS F 129 67.23 80.65 77.53
C LYS F 129 67.30 82.16 77.68
N THR F 130 67.90 82.81 76.68
CA THR F 130 68.03 84.27 76.67
C THR F 130 66.77 84.94 76.17
N ARG F 131 66.24 84.49 75.03
CA ARG F 131 65.03 85.05 74.47
C ARG F 131 63.80 84.32 74.99
N HIS F 132 62.78 85.07 75.39
CA HIS F 132 61.55 84.51 75.92
C HIS F 132 60.46 84.38 74.86
N ASN F 133 60.83 84.30 73.58
CA ASN F 133 59.84 84.20 72.52
C ASN F 133 60.10 83.07 71.54
N ILE F 134 61.25 82.39 71.62
CA ILE F 134 61.52 81.28 70.72
C ILE F 134 60.77 80.03 71.16
N ILE F 135 60.36 79.97 72.44
CA ILE F 135 59.66 78.81 72.95
C ILE F 135 58.26 78.71 72.36
N LEU F 136 57.59 79.85 72.14
CA LEU F 136 56.27 79.84 71.53
C LEU F 136 56.33 79.43 70.07
N SER F 137 57.36 79.90 69.34
CA SER F 137 57.54 79.49 67.95
C SER F 137 57.89 78.01 67.84
N ALA F 138 58.69 77.50 68.78
CA ALA F 138 59.02 76.08 68.80
C ALA F 138 57.79 75.24 69.12
N GLY F 139 56.94 75.69 70.04
CA GLY F 139 55.73 74.97 70.35
C GLY F 139 54.72 75.01 69.20
N ILE F 140 54.64 76.13 68.50
CA ILE F 140 53.75 76.25 67.35
C ILE F 140 54.24 75.35 66.22
N PHE F 141 55.56 75.29 66.00
CA PHE F 141 56.11 74.38 65.01
C PHE F 141 55.91 72.92 65.39
N PHE F 142 55.95 72.62 66.70
CA PHE F 142 55.74 71.26 67.17
C PHE F 142 54.29 70.82 66.98
N VAL F 143 53.34 71.71 67.28
CA VAL F 143 51.92 71.39 67.11
C VAL F 143 51.57 71.30 65.62
N SER F 144 52.16 72.15 64.78
CA SER F 144 51.94 72.04 63.34
C SER F 144 52.57 70.78 62.77
N ALA F 145 53.69 70.33 63.34
CA ALA F 145 54.28 69.06 62.93
C ALA F 145 53.42 67.89 63.33
N GLY F 146 52.80 67.97 64.52
CA GLY F 146 51.84 66.93 64.91
C GLY F 146 50.61 66.92 64.03
N LEU F 147 50.14 68.09 63.62
CA LEU F 147 48.99 68.18 62.71
C LEU F 147 49.33 67.62 61.33
N SER F 148 50.55 67.90 60.85
CA SER F 148 50.99 67.31 59.59
C SER F 148 51.20 65.81 59.70
N ASN F 149 51.60 65.32 60.88
CA ASN F 149 51.71 63.89 61.10
C ASN F 149 50.34 63.24 61.09
N ILE F 150 49.33 63.90 61.65
CA ILE F 150 47.96 63.38 61.63
C ILE F 150 47.41 63.39 60.21
N ILE F 151 47.75 64.43 59.44
CA ILE F 151 47.32 64.50 58.04
C ILE F 151 47.98 63.40 57.22
N GLY F 152 49.27 63.15 57.45
CA GLY F 152 49.95 62.05 56.77
C GLY F 152 49.45 60.68 57.20
N ILE F 153 49.00 60.56 58.45
CA ILE F 153 48.39 59.32 58.90
C ILE F 153 47.04 59.11 58.20
N ILE F 154 46.30 60.20 57.99
CA ILE F 154 45.04 60.11 57.26
C ILE F 154 45.29 59.75 55.79
N VAL F 155 46.38 60.26 55.21
CA VAL F 155 46.73 59.92 53.84
C VAL F 155 47.14 58.45 53.73
N TYR F 156 47.94 57.96 54.67
CA TYR F 156 48.38 56.57 54.65
C TYR F 156 47.23 55.61 54.96
N ILE F 157 46.24 56.06 55.73
CA ILE F 157 45.04 55.26 55.91
C ILE F 157 44.19 55.28 54.65
N SER F 158 44.19 56.39 53.91
CA SER F 158 43.43 56.46 52.67
C SER F 158 44.14 55.71 51.55
N ALA F 159 45.45 55.51 51.68
CA ALA F 159 46.23 54.79 50.67
C ALA F 159 46.14 53.28 50.82
N ASN F 160 45.45 52.78 51.85
CA ASN F 160 45.34 51.34 52.04
C ASN F 160 44.36 50.71 51.06
N ALA F 161 43.29 51.41 50.71
CA ALA F 161 42.31 50.89 49.78
C ALA F 161 42.24 51.77 48.53
N TYR F 174 42.27 41.14 57.41
CA TYR F 174 42.40 42.58 57.30
C TYR F 174 42.64 43.21 58.66
N SER F 175 43.88 43.65 58.90
CA SER F 175 44.26 44.23 60.17
C SER F 175 45.30 45.32 59.92
N TYR F 176 45.99 45.74 60.96
CA TYR F 176 46.98 46.80 60.88
C TYR F 176 48.20 46.44 61.71
N GLY F 177 49.35 46.99 61.32
CA GLY F 177 50.58 46.72 62.02
C GLY F 177 50.72 47.50 63.32
N TRP F 178 51.80 47.19 64.04
CA TRP F 178 52.07 47.82 65.33
C TRP F 178 52.55 49.26 65.20
N SER F 179 53.21 49.60 64.08
CA SER F 179 53.78 50.93 63.95
C SER F 179 52.72 52.01 63.72
N PHE F 180 51.55 51.64 63.20
CA PHE F 180 50.45 52.59 63.11
C PHE F 180 49.95 52.97 64.50
N TYR F 181 49.80 51.98 65.38
CA TYR F 181 49.45 52.24 66.77
C TYR F 181 50.55 53.00 67.49
N PHE F 182 51.81 52.72 67.17
CA PHE F 182 52.93 53.44 67.78
C PHE F 182 52.97 54.90 67.34
N GLY F 183 52.69 55.16 66.05
CA GLY F 183 52.61 56.53 65.58
C GLY F 183 51.42 57.28 66.14
N ALA F 184 50.30 56.59 66.34
CA ALA F 184 49.14 57.21 66.98
C ALA F 184 49.43 57.57 68.44
N LEU F 185 50.08 56.65 69.17
CA LEU F 185 50.44 56.92 70.56
C LEU F 185 51.50 58.02 70.66
N SER F 186 52.42 58.09 69.70
CA SER F 186 53.39 59.17 69.67
C SER F 186 52.72 60.50 69.35
N PHE F 187 51.67 60.48 68.53
CA PHE F 187 50.89 61.69 68.29
C PHE F 187 50.17 62.14 69.57
N ILE F 188 49.66 61.19 70.35
CA ILE F 188 49.03 61.53 71.63
C ILE F 188 50.04 62.13 72.60
N ILE F 189 51.22 61.50 72.72
CA ILE F 189 52.25 62.00 73.62
C ILE F 189 52.80 63.34 73.14
N ALA F 190 52.87 63.55 71.82
CA ALA F 190 53.32 64.83 71.28
C ALA F 190 52.30 65.93 71.54
N GLU F 191 51.01 65.61 71.47
CA GLU F 191 49.98 66.59 71.82
C GLU F 191 50.03 66.95 73.29
N MET F 192 50.23 65.94 74.15
CA MET F 192 50.34 66.20 75.59
C MET F 192 51.58 67.00 75.93
N VAL F 193 52.70 66.72 75.23
CA VAL F 193 53.93 67.46 75.45
C VAL F 193 53.81 68.89 74.93
N GLY F 194 53.04 69.10 73.86
CA GLY F 194 52.80 70.46 73.39
C GLY F 194 51.93 71.25 74.34
N VAL F 195 50.92 70.60 74.94
CA VAL F 195 50.11 71.23 75.98
C VAL F 195 50.96 71.60 77.19
N LEU F 196 51.85 70.69 77.61
CA LEU F 196 52.73 70.98 78.74
C LEU F 196 53.73 72.08 78.41
N ALA F 197 54.21 72.13 77.17
CA ALA F 197 55.16 73.16 76.76
C ALA F 197 54.51 74.53 76.71
N VAL F 198 53.30 74.63 76.18
CA VAL F 198 52.64 75.93 76.15
C VAL F 198 52.13 76.31 77.53
N HIS F 199 51.88 75.34 78.42
CA HIS F 199 51.56 75.66 79.81
C HIS F 199 52.76 76.24 80.53
N MET F 200 53.95 75.66 80.31
CA MET F 200 55.17 76.24 80.86
C MET F 200 55.47 77.60 80.25
N PHE F 201 55.12 77.80 78.98
CA PHE F 201 55.34 79.11 78.34
C PHE F 201 54.42 80.18 78.92
N ILE F 202 53.15 79.84 79.16
CA ILE F 202 52.25 80.86 79.72
C ILE F 202 52.56 81.08 81.20
N ASP F 203 53.10 80.07 81.89
CA ASP F 203 53.56 80.29 83.26
C ASP F 203 54.78 81.20 83.29
N ARG F 204 55.70 81.04 82.33
CA ARG F 204 56.86 81.93 82.25
C ARG F 204 56.44 83.34 81.85
N HIS F 205 55.43 83.46 80.99
CA HIS F 205 54.92 84.78 80.61
C HIS F 205 54.21 85.46 81.78
N LYS F 206 53.49 84.68 82.60
CA LYS F 206 52.86 85.24 83.78
C LYS F 206 53.90 85.63 84.83
N GLN F 207 54.98 84.87 84.93
CA GLN F 207 56.07 85.24 85.84
C GLN F 207 56.78 86.51 85.37
N LEU F 208 56.95 86.66 84.05
CA LEU F 208 57.57 87.86 83.52
C LEU F 208 56.66 89.08 83.69
N ARG F 209 55.35 88.89 83.55
CA ARG F 209 54.41 89.99 83.77
C ARG F 209 54.29 90.34 85.25
N ALA F 210 54.49 89.37 86.14
CA ALA F 210 54.49 89.66 87.57
C ALA F 210 55.77 90.36 87.99
N THR F 211 56.91 89.97 87.40
CA THR F 211 58.18 90.61 87.72
C THR F 211 58.30 92.00 87.11
N ALA F 212 57.66 92.24 85.97
CA ALA F 212 57.68 93.57 85.36
C ALA F 212 56.76 94.56 86.07
N ARG F 213 55.78 94.06 86.82
CA ARG F 213 54.85 94.92 87.54
C ARG F 213 55.17 94.95 89.03
N UNK G 1 39.59 109.17 49.79
CA UNK G 1 39.56 108.42 48.54
C UNK G 1 38.58 107.25 48.62
N UNK G 2 37.81 107.22 49.70
CA UNK G 2 36.83 106.15 49.89
C UNK G 2 35.59 106.34 49.02
N UNK G 3 35.19 107.59 48.79
CA UNK G 3 34.01 107.86 47.98
C UNK G 3 34.26 107.54 46.50
N UNK G 4 35.46 107.86 46.01
CA UNK G 4 35.81 107.54 44.63
C UNK G 4 35.95 106.03 44.43
N UNK G 5 36.49 105.32 45.43
CA UNK G 5 36.59 103.87 45.35
C UNK G 5 35.21 103.21 45.42
N UNK G 6 34.31 103.77 46.23
CA UNK G 6 32.95 103.24 46.29
C UNK G 6 32.19 103.51 45.00
N UNK G 7 32.43 104.67 44.37
CA UNK G 7 31.80 104.97 43.09
C UNK G 7 32.34 104.07 41.98
N UNK G 8 33.65 103.79 42.00
CA UNK G 8 34.22 102.86 41.02
C UNK G 8 33.71 101.44 41.25
N UNK G 9 33.50 101.05 42.51
CA UNK G 9 32.92 99.75 42.80
C UNK G 9 31.47 99.67 42.35
N UNK G 10 30.72 100.76 42.50
CA UNK G 10 29.33 100.79 42.03
C UNK G 10 29.25 100.75 40.51
N UNK G 11 30.19 101.43 39.84
CA UNK G 11 30.25 101.36 38.38
C UNK G 11 30.64 99.97 37.89
N UNK G 12 31.56 99.31 38.59
CA UNK G 12 31.94 97.94 38.24
C UNK G 12 30.79 96.97 38.49
N UNK G 13 30.01 97.20 39.56
CA UNK G 13 28.85 96.36 39.83
C UNK G 13 27.76 96.57 38.79
N UNK G 14 27.56 97.80 38.34
CA UNK G 14 26.60 98.06 37.27
C UNK G 14 27.06 97.45 35.95
N UNK G 15 28.37 97.48 35.67
CA UNK G 15 28.89 96.87 34.45
C UNK G 15 28.78 95.35 34.50
N UNK G 16 28.99 94.76 35.68
CA UNK G 16 28.83 93.31 35.82
C UNK G 16 27.36 92.90 35.78
N UNK G 17 26.46 93.78 36.23
CA UNK G 17 25.03 93.48 36.11
C UNK G 17 24.57 93.60 34.66
N UNK G 18 25.14 94.54 33.91
CA UNK G 18 24.81 94.65 32.49
C UNK G 18 25.42 93.51 31.68
N UNK G 19 26.60 93.03 32.08
CA UNK G 19 27.22 91.92 31.36
C UNK G 19 26.65 90.59 31.83
N UNK G 20 26.80 90.27 33.10
CA UNK G 20 26.28 89.02 33.65
C UNK G 20 24.94 89.24 34.35
N UNK G 21 13.25 80.51 31.47
CA UNK G 21 12.22 80.86 32.44
C UNK G 21 11.76 82.29 32.26
N UNK G 22 10.44 82.49 32.23
CA UNK G 22 9.87 83.83 32.04
C UNK G 22 9.75 84.59 33.35
N UNK G 23 9.33 83.91 34.42
CA UNK G 23 9.18 84.56 35.72
C UNK G 23 10.53 84.93 36.31
N UNK G 24 11.55 84.09 36.10
CA UNK G 24 12.88 84.40 36.57
C UNK G 24 13.50 85.56 35.80
N UNK G 25 13.22 85.62 34.49
CA UNK G 25 13.71 86.74 33.69
C UNK G 25 12.99 88.04 34.07
N UNK G 26 11.70 87.95 34.39
CA UNK G 26 10.97 89.14 34.85
C UNK G 26 11.47 89.61 36.20
N UNK G 27 11.79 88.66 37.10
CA UNK G 27 12.34 89.03 38.40
C UNK G 27 13.73 89.63 38.27
N UNK G 28 14.54 89.12 37.33
CA UNK G 28 15.87 89.69 37.10
C UNK G 28 15.78 91.08 36.47
N UNK G 29 14.80 91.29 35.59
CA UNK G 29 14.61 92.61 35.00
C UNK G 29 14.11 93.62 36.02
N UNK G 30 13.22 93.18 36.92
CA UNK G 30 12.76 94.06 38.01
C UNK G 30 13.88 94.37 38.98
N UNK G 31 14.76 93.39 39.24
CA UNK G 31 15.92 93.62 40.09
C UNK G 31 16.90 94.59 39.44
N UNK G 32 17.10 94.48 38.12
CA UNK G 32 17.97 95.41 37.42
C UNK G 32 17.38 96.81 37.39
N UNK G 33 16.05 96.92 37.26
CA UNK G 33 15.40 98.23 37.30
C UNK G 33 15.49 98.87 38.68
N UNK G 34 15.30 98.07 39.73
CA UNK G 34 15.44 98.59 41.09
C UNK G 34 16.88 98.96 41.40
N UNK G 35 17.84 98.20 40.86
CA UNK G 35 19.24 98.52 41.06
C UNK G 35 19.64 99.79 40.31
N UNK G 36 19.07 100.00 39.12
CA UNK G 36 19.33 101.23 38.38
C UNK G 36 18.71 102.43 39.07
N UNK G 37 17.51 102.27 39.64
CA UNK G 37 16.89 103.35 40.40
C UNK G 37 17.67 103.66 41.67
N UNK G 38 18.21 102.63 42.33
CA UNK G 38 19.02 102.85 43.52
C UNK G 38 20.34 103.51 43.18
N UNK G 39 20.94 103.15 42.05
CA UNK G 39 22.19 103.78 41.61
C UNK G 39 21.95 105.25 41.22
N UNK G 40 20.80 105.53 40.59
CA UNK G 40 20.46 106.91 40.27
C UNK G 40 20.20 107.73 41.52
N UNK G 41 19.53 107.13 42.52
CA UNK G 41 19.30 107.83 43.78
C UNK G 41 20.60 108.06 44.54
N UNK G 42 21.53 107.10 44.47
CA UNK G 42 22.83 107.27 45.12
C UNK G 42 23.67 108.34 44.42
N UNK G 43 23.60 108.41 43.08
CA UNK G 43 24.32 109.44 42.36
C UNK G 43 23.73 110.82 42.62
N UNK G 44 22.40 110.91 42.73
CA UNK G 44 21.76 112.18 43.06
C UNK G 44 22.09 112.62 44.48
N UNK G 45 22.15 111.67 45.42
CA UNK G 45 22.52 112.01 46.79
C UNK G 45 23.99 112.40 46.89
N UNK G 46 24.84 111.77 46.07
CA UNK G 46 26.26 112.14 46.03
C UNK G 46 26.45 113.53 45.44
N UNK G 47 25.68 113.86 44.41
CA UNK G 47 25.74 115.21 43.84
C UNK G 47 25.21 116.26 44.81
N UNK G 48 24.15 115.91 45.56
CA UNK G 48 23.62 116.83 46.57
C UNK G 48 24.60 117.04 47.71
N UNK G 49 25.29 115.97 48.14
CA UNK G 49 26.28 116.11 49.21
C UNK G 49 27.51 116.87 48.72
N UNK G 50 27.89 116.71 47.45
CA UNK G 50 29.01 117.47 46.91
C UNK G 50 28.64 118.93 46.72
N UNK G 51 27.38 119.23 46.43
CA UNK G 51 26.94 120.63 46.32
C UNK G 51 26.83 121.28 47.70
N UNK G 52 26.36 120.52 48.70
CA UNK G 52 26.21 121.06 50.04
C UNK G 52 27.51 121.08 50.83
N UNK G 53 28.54 120.35 50.38
CA UNK G 53 29.81 120.32 51.09
C UNK G 53 30.80 121.35 50.57
N UNK G 54 30.89 121.51 49.25
CA UNK G 54 31.80 122.47 48.67
C UNK G 54 31.28 123.90 48.82
N UNK G 55 19.34 122.84 57.17
CA UNK G 55 20.33 123.06 56.13
C UNK G 55 21.25 121.85 55.99
N UNK G 56 22.33 121.84 56.78
CA UNK G 56 23.27 120.72 56.71
C UNK G 56 22.72 119.48 57.40
N UNK G 57 21.98 119.66 58.50
CA UNK G 57 21.41 118.52 59.21
C UNK G 57 20.29 117.87 58.41
N UNK G 58 19.47 118.69 57.73
CA UNK G 58 18.41 118.14 56.89
C UNK G 58 18.97 117.44 55.67
N UNK G 59 20.06 117.97 55.10
CA UNK G 59 20.72 117.30 53.98
C UNK G 59 21.37 116.00 54.41
N UNK G 60 21.93 115.97 55.63
CA UNK G 60 22.52 114.74 56.15
C UNK G 60 21.46 113.70 56.45
N UNK G 61 20.29 114.13 56.95
CA UNK G 61 19.21 113.19 57.21
C UNK G 61 18.62 112.66 55.91
N UNK G 62 18.51 113.50 54.88
CA UNK G 62 18.04 113.05 53.58
C UNK G 62 19.05 112.10 52.93
N UNK G 63 20.35 112.36 53.12
CA UNK G 63 21.37 111.46 52.59
C UNK G 63 21.38 110.13 53.32
N UNK G 64 21.13 110.14 54.64
CA UNK G 64 21.06 108.90 55.39
C UNK G 64 19.83 108.08 55.01
N UNK G 65 18.69 108.75 54.79
CA UNK G 65 17.48 108.05 54.34
C UNK G 65 17.65 107.49 52.94
N UNK G 66 18.31 108.25 52.06
CA UNK G 66 18.58 107.76 50.71
C UNK G 66 19.56 106.59 50.72
N UNK G 67 20.55 106.63 51.63
CA UNK G 67 21.49 105.52 51.75
C UNK G 67 20.80 104.27 52.30
N UNK G 68 19.88 104.44 53.24
CA UNK G 68 19.12 103.31 53.76
C UNK G 68 18.21 102.70 52.71
N UNK G 69 17.53 103.55 51.93
CA UNK G 69 16.66 103.06 50.87
C UNK G 69 17.46 102.39 49.76
N UNK G 70 18.64 102.93 49.43
CA UNK G 70 19.48 102.33 48.42
C UNK G 70 20.07 101.01 48.90
N UNK G 71 20.40 100.90 50.18
CA UNK G 71 20.90 99.63 50.72
C UNK G 71 19.79 98.58 50.75
N UNK G 72 18.56 98.98 51.07
CA UNK G 72 17.44 98.04 51.03
C UNK G 72 17.14 97.59 49.61
N UNK G 73 17.21 98.53 48.64
CA UNK G 73 17.00 98.17 47.24
C UNK G 73 18.13 97.28 46.71
N UNK G 74 19.36 97.51 47.16
CA UNK G 74 20.47 96.67 46.74
C UNK G 74 20.37 95.28 47.34
N UNK G 75 19.87 95.18 48.58
CA UNK G 75 19.66 93.86 49.19
C UNK G 75 18.55 93.09 48.49
N UNK G 76 17.44 93.78 48.15
CA UNK G 76 16.37 93.14 47.40
C UNK G 76 16.81 92.74 46.00
N UNK G 77 17.66 93.57 45.36
CA UNK G 77 18.17 93.25 44.04
C UNK G 77 19.14 92.09 44.07
N UNK G 78 19.97 92.00 45.12
CA UNK G 78 20.88 90.86 45.26
C UNK G 78 20.13 89.58 45.54
N UNK G 79 19.06 89.65 46.34
CA UNK G 79 18.25 88.48 46.62
C UNK G 79 17.51 88.01 45.37
N UNK G 80 16.95 88.94 44.60
CA UNK G 80 16.28 88.56 43.35
C UNK G 80 17.27 88.09 42.29
N UNK G 81 18.50 88.61 42.32
CA UNK G 81 19.52 88.13 41.38
C UNK G 81 19.99 86.73 41.73
N UNK G 82 20.10 86.42 43.03
CA UNK G 82 20.40 85.06 43.44
C UNK G 82 19.26 84.11 43.12
N UNK G 83 18.02 84.60 43.22
CA UNK G 83 16.87 83.78 42.84
C UNK G 83 16.81 83.55 41.33
N UNK G 84 17.22 84.54 40.54
CA UNK G 84 17.25 84.37 39.08
C UNK G 84 18.40 83.47 38.66
N UNK G 85 19.52 83.52 39.39
CA UNK G 85 20.60 82.58 39.15
C UNK G 85 20.24 81.17 39.59
N UNK G 86 19.31 81.05 40.54
CA UNK G 86 18.81 79.74 40.95
C UNK G 86 17.90 79.14 39.88
N UNK G 87 16.79 79.81 39.59
CA UNK G 87 15.83 79.32 38.61
C UNK G 87 15.82 80.21 37.38
N UNK G 88 28.51 85.24 35.89
CA UNK G 88 27.72 84.32 36.70
C UNK G 88 27.71 84.74 38.16
N UNK G 89 28.56 84.10 38.97
CA UNK G 89 28.64 84.43 40.39
C UNK G 89 29.42 85.71 40.65
N UNK G 90 30.15 86.23 39.65
CA UNK G 90 30.90 87.45 39.82
C UNK G 90 29.99 88.66 39.99
N UNK G 91 28.82 88.65 39.33
CA UNK G 91 27.87 89.74 39.48
C UNK G 91 27.29 89.76 40.89
N UNK G 92 26.98 88.58 41.45
CA UNK G 92 26.48 88.52 42.82
C UNK G 92 27.57 88.85 43.83
N UNK G 93 28.82 88.49 43.53
CA UNK G 93 29.93 88.86 44.40
C UNK G 93 30.16 90.36 44.39
N UNK G 94 30.02 91.00 43.22
CA UNK G 94 30.14 92.46 43.14
C UNK G 94 28.98 93.15 43.83
N UNK G 95 27.77 92.55 43.75
CA UNK G 95 26.63 93.11 44.46
C UNK G 95 26.78 92.98 45.98
N UNK G 96 27.37 91.88 46.44
CA UNK G 96 27.62 91.71 47.87
C UNK G 96 28.70 92.67 48.34
N UNK G 97 29.73 92.90 47.53
CA UNK G 97 30.76 93.88 47.86
C UNK G 97 30.19 95.29 47.87
N UNK G 98 29.26 95.58 46.97
CA UNK G 98 28.61 96.88 46.95
C UNK G 98 27.70 97.07 48.17
N UNK G 99 27.02 96.00 48.60
CA UNK G 99 26.20 96.07 49.81
C UNK G 99 27.07 96.26 51.05
N UNK G 100 28.23 95.60 51.09
CA UNK G 100 29.15 95.77 52.21
C UNK G 100 29.74 97.18 52.24
N UNK G 101 30.06 97.73 51.07
CA UNK G 101 30.55 99.11 50.99
C UNK G 101 29.47 100.11 51.37
N UNK G 102 28.21 99.82 51.01
CA UNK G 102 27.11 100.69 51.40
C UNK G 102 26.86 100.63 52.90
N UNK G 103 27.01 99.46 53.50
CA UNK G 103 26.86 99.34 54.96
C UNK G 103 27.99 100.03 55.69
N UNK G 104 29.23 99.93 55.16
CA UNK G 104 30.36 100.63 55.78
C UNK G 104 30.23 102.14 55.64
N UNK G 105 29.74 102.61 54.49
CA UNK G 105 29.51 104.04 54.30
C UNK G 105 28.37 104.54 55.17
N UNK G 106 27.34 103.72 55.39
CA UNK G 106 26.25 104.12 56.28
C UNK G 106 26.71 104.16 57.73
N UNK G 107 27.59 103.24 58.13
CA UNK G 107 28.15 103.28 59.48
C UNK G 107 29.06 104.49 59.67
N UNK G 108 29.84 104.83 58.64
CA UNK G 108 30.69 106.01 58.70
C UNK G 108 29.86 107.30 58.73
N UNK G 109 28.75 107.31 57.99
CA UNK G 109 27.86 108.48 58.02
C UNK G 109 27.15 108.62 59.36
N UNK G 110 26.80 107.49 59.99
CA UNK G 110 26.20 107.54 61.32
C UNK G 110 27.22 108.01 62.36
N UNK G 111 28.47 107.58 62.23
CA UNK G 111 29.52 108.05 63.14
C UNK G 111 29.80 109.54 62.94
N UNK G 112 29.80 110.01 61.69
CA UNK G 112 30.04 111.42 61.42
C UNK G 112 28.86 112.29 61.88
N UNK G 113 27.63 111.77 61.77
CA UNK G 113 26.48 112.53 62.25
C UNK G 113 26.42 112.54 63.77
N UNK G 114 26.89 111.47 64.43
CA UNK G 114 26.96 111.48 65.88
C UNK G 114 28.10 112.37 66.37
N UNK G 115 29.18 112.48 65.61
CA UNK G 115 30.28 113.36 66.00
C UNK G 115 29.97 114.82 65.74
N UNK G 116 29.19 115.11 64.69
CA UNK G 116 28.86 116.48 64.34
C UNK G 116 27.76 117.06 65.23
N UNK G 117 27.04 116.22 65.97
CA UNK G 117 25.97 116.69 66.83
C UNK G 117 26.53 117.38 68.08
N ARG H 6 -8.21 100.60 79.18
CA ARG H 6 -9.11 100.30 80.29
C ARG H 6 -10.39 99.64 79.78
N GLY H 7 -11.45 100.43 79.65
CA GLY H 7 -12.73 99.91 79.17
C GLY H 7 -12.76 99.59 77.70
N VAL H 8 -11.89 100.22 76.90
CA VAL H 8 -11.84 99.96 75.47
C VAL H 8 -11.28 98.57 75.20
N GLN H 9 -10.28 98.16 75.97
CA GLN H 9 -9.73 96.81 75.82
C GLN H 9 -10.74 95.75 76.30
N MET H 10 -11.52 96.07 77.33
CA MET H 10 -12.56 95.16 77.79
C MET H 10 -13.67 95.01 76.75
N LEU H 11 -14.06 96.13 76.10
CA LEU H 11 -15.07 96.07 75.06
C LEU H 11 -14.56 95.34 73.83
N LEU H 12 -13.27 95.51 73.51
CA LEU H 12 -12.68 94.78 72.39
C LEU H 12 -12.61 93.27 72.68
N THR H 13 -12.30 92.91 73.93
CA THR H 13 -12.30 91.50 74.33
C THR H 13 -13.72 90.93 74.28
N THR H 14 -14.72 91.72 74.67
CA THR H 14 -16.10 91.27 74.64
C THR H 14 -16.60 91.06 73.21
N VAL H 15 -16.29 91.99 72.30
CA VAL H 15 -16.75 91.82 70.93
C VAL H 15 -15.94 90.75 70.20
N GLY H 16 -14.70 90.52 70.63
CA GLY H 16 -13.94 89.40 70.09
C GLY H 16 -14.49 88.06 70.53
N ALA H 17 -14.91 87.96 71.80
CA ALA H 17 -15.56 86.76 72.28
C ALA H 17 -16.91 86.53 71.61
N PHE H 18 -17.63 87.62 71.34
CA PHE H 18 -18.91 87.52 70.64
C PHE H 18 -18.72 87.05 69.19
N ALA H 19 -17.72 87.58 68.49
CA ALA H 19 -17.44 87.16 67.12
C ALA H 19 -16.92 85.72 67.08
N ALA H 20 -16.13 85.32 68.09
CA ALA H 20 -15.66 83.95 68.15
C ALA H 20 -16.80 82.98 68.42
N PHE H 21 -17.74 83.35 69.29
CA PHE H 21 -18.91 82.51 69.54
C PHE H 21 -19.81 82.44 68.32
N SER H 22 -19.92 83.53 67.57
CA SER H 22 -20.74 83.53 66.35
C SER H 22 -20.12 82.66 65.27
N LEU H 23 -18.80 82.73 65.10
CA LEU H 23 -18.14 81.87 64.12
C LEU H 23 -18.13 80.41 64.57
N MET H 24 -18.11 80.16 65.89
CA MET H 24 -18.23 78.80 66.38
C MET H 24 -19.63 78.24 66.11
N THR H 25 -20.66 79.08 66.28
CA THR H 25 -22.03 78.67 65.95
C THR H 25 -22.17 78.41 64.45
N ILE H 26 -21.52 79.23 63.63
CA ILE H 26 -21.55 79.02 62.18
C ILE H 26 -20.79 77.76 61.79
N ALA H 27 -19.75 77.40 62.56
CA ALA H 27 -19.03 76.16 62.30
C ALA H 27 -19.85 74.94 62.73
N VAL H 28 -20.62 75.08 63.80
CA VAL H 28 -21.53 74.00 64.22
C VAL H 28 -22.65 73.82 63.20
N GLY H 29 -23.13 74.93 62.62
CA GLY H 29 -24.28 74.91 61.73
C GLY H 29 -24.17 74.09 60.45
N THR H 30 -23.35 74.53 59.51
CA THR H 30 -23.25 73.85 58.21
C THR H 30 -21.93 74.19 57.56
N ASP H 31 -21.67 73.52 56.42
CA ASP H 31 -20.54 73.78 55.52
C ASP H 31 -19.19 73.61 56.20
N TYR H 32 -19.10 72.61 57.09
CA TYR H 32 -17.86 72.38 57.82
C TYR H 32 -16.78 71.78 56.92
N TRP H 33 -17.15 70.78 56.11
CA TRP H 33 -16.21 70.16 55.18
C TRP H 33 -16.92 69.94 53.85
N LEU H 34 -16.14 69.59 52.83
CA LEU H 34 -16.67 69.33 51.50
C LEU H 34 -15.94 68.13 50.93
N TYR H 35 -16.70 67.18 50.37
CA TYR H 35 -16.12 65.96 49.81
C TYR H 35 -16.96 65.51 48.63
N SER H 36 -16.30 65.26 47.50
CA SER H 36 -16.98 64.82 46.30
C SER H 36 -17.40 63.36 46.47
N ARG H 37 -18.70 63.13 46.66
CA ARG H 37 -19.22 61.78 46.82
C ARG H 37 -19.58 61.21 45.44
N GLY H 38 -20.17 60.02 45.43
CA GLY H 38 -20.56 59.37 44.20
C GLY H 38 -21.77 59.99 43.55
N VAL H 57 -20.33 63.78 42.16
CA VAL H 57 -20.66 65.18 42.40
C VAL H 57 -20.17 65.60 43.79
N MET H 58 -20.05 66.90 44.00
CA MET H 58 -19.59 67.43 45.27
C MET H 58 -20.72 67.44 46.29
N THR H 59 -20.34 67.54 47.56
CA THR H 59 -21.29 67.56 48.66
C THR H 59 -20.66 68.25 49.86
N HIS H 60 -21.48 69.00 50.60
CA HIS H 60 -21.05 69.65 51.82
C HIS H 60 -21.54 68.87 53.04
N SER H 61 -20.90 69.12 54.17
CA SER H 61 -21.26 68.43 55.41
C SER H 61 -20.99 69.35 56.59
N GLY H 62 -21.77 69.16 57.66
CA GLY H 62 -21.62 69.94 58.86
C GLY H 62 -21.54 69.09 60.11
N LEU H 63 -20.87 67.93 59.99
CA LEU H 63 -20.60 66.91 61.02
C LEU H 63 -21.84 66.22 61.55
N TRP H 64 -23.03 66.51 61.02
CA TRP H 64 -24.25 65.81 61.38
C TRP H 64 -24.99 65.27 60.16
N ARG H 65 -25.01 66.03 59.06
CA ARG H 65 -25.72 65.64 57.85
C ARG H 65 -24.90 66.04 56.64
N THR H 66 -25.26 65.46 55.50
CA THR H 66 -24.61 65.76 54.22
C THR H 66 -25.63 66.31 53.23
N CYS H 67 -25.20 67.26 52.41
CA CYS H 67 -26.04 67.87 51.40
C CYS H 67 -25.30 67.86 50.07
N CYS H 68 -25.85 67.14 49.10
CA CYS H 68 -25.22 67.04 47.78
C CYS H 68 -25.43 68.32 46.99
N LEU H 69 -24.60 68.49 45.96
CA LEU H 69 -24.70 69.66 45.10
C LEU H 69 -25.69 69.42 43.97
N PHE H 73 -32.23 63.46 45.22
CA PHE H 73 -31.76 64.24 44.08
C PHE H 73 -30.99 65.48 44.53
N LYS H 74 -30.92 66.48 43.66
CA LYS H 74 -30.20 67.71 43.98
C LYS H 74 -31.04 68.59 44.89
N GLY H 75 -30.43 69.08 45.97
CA GLY H 75 -31.08 69.93 46.93
C GLY H 75 -31.49 69.24 48.21
N LEU H 76 -31.61 67.91 48.19
CA LEU H 76 -32.00 67.17 49.37
C LEU H 76 -30.81 67.01 50.32
N CYS H 77 -31.11 66.75 51.59
CA CYS H 77 -30.10 66.56 52.61
C CYS H 77 -30.47 65.36 53.47
N LYS H 78 -29.46 64.68 54.00
CA LYS H 78 -29.67 63.49 54.81
C LYS H 78 -28.58 63.37 55.85
N GLN H 79 -28.93 62.81 57.00
CA GLN H 79 -27.98 62.62 58.10
C GLN H 79 -27.03 61.48 57.74
N ILE H 80 -25.82 61.84 57.32
CA ILE H 80 -24.83 60.85 56.91
C ILE H 80 -23.81 60.60 58.03
N ASP H 81 -24.15 60.92 59.27
CA ASP H 81 -23.24 60.73 60.39
C ASP H 81 -23.39 59.33 60.98
N HIS H 82 -23.05 58.34 60.15
CA HIS H 82 -23.15 56.93 60.54
C HIS H 82 -21.91 56.53 61.31
N PHE H 83 -22.10 56.20 62.59
CA PHE H 83 -20.98 55.76 63.43
C PHE H 83 -20.56 54.30 63.15
N PRO H 84 -21.45 53.33 62.89
CA PRO H 84 -20.97 52.07 62.32
C PRO H 84 -20.81 52.18 60.81
N GLU H 85 -20.36 51.09 60.20
CA GLU H 85 -20.16 51.04 58.76
C GLU H 85 -21.47 50.89 58.02
N ASP H 92 -8.27 47.34 67.22
CA ASP H 92 -8.39 47.40 68.67
C ASP H 92 -9.57 48.26 69.09
N THR H 93 -9.71 48.47 70.40
CA THR H 93 -10.78 49.31 70.92
C THR H 93 -10.50 50.80 70.73
N ALA H 94 -9.26 51.17 70.36
CA ALA H 94 -8.91 52.57 70.15
C ALA H 94 -9.60 53.14 68.92
N GLU H 95 -9.77 52.33 67.87
CA GLU H 95 -10.48 52.78 66.68
C GLU H 95 -11.95 53.01 66.96
N TYR H 96 -12.57 52.11 67.74
CA TYR H 96 -13.97 52.29 68.12
C TYR H 96 -14.16 53.47 69.05
N PHE H 97 -13.19 53.72 69.94
CA PHE H 97 -13.27 54.89 70.81
C PHE H 97 -13.09 56.18 70.02
N LEU H 98 -12.20 56.18 69.02
CA LEU H 98 -12.03 57.35 68.17
C LEU H 98 -13.27 57.60 67.32
N ARG H 99 -13.92 56.52 66.86
CA ARG H 99 -15.17 56.67 66.12
C ARG H 99 -16.28 57.19 67.02
N ALA H 100 -16.30 56.76 68.29
CA ALA H 100 -17.29 57.25 69.23
C ALA H 100 -17.07 58.72 69.57
N VAL H 101 -15.81 59.15 69.63
CA VAL H 101 -15.53 60.57 69.85
C VAL H 101 -15.91 61.40 68.63
N ARG H 102 -15.61 60.89 67.43
CA ARG H 102 -15.94 61.62 66.21
C ARG H 102 -17.45 61.65 65.96
N ALA H 103 -18.17 60.65 66.44
CA ALA H 103 -19.62 60.65 66.30
C ALA H 103 -20.25 61.61 67.30
N SER H 104 -21.31 62.30 66.86
CA SER H 104 -22.18 63.20 67.62
C SER H 104 -21.49 64.45 68.14
N SER H 105 -20.22 64.67 67.78
CA SER H 105 -19.42 65.87 68.08
C SER H 105 -19.35 66.14 69.59
N ILE H 106 -18.70 65.20 70.28
CA ILE H 106 -18.58 65.30 71.73
C ILE H 106 -17.65 66.45 72.13
N PHE H 107 -16.51 66.57 71.45
CA PHE H 107 -15.56 67.63 71.79
C PHE H 107 -16.04 69.05 71.40
N PRO H 108 -16.45 69.36 70.15
CA PRO H 108 -16.73 70.78 69.85
C PRO H 108 -18.03 71.31 70.43
N ILE H 109 -19.05 70.48 70.66
CA ILE H 109 -20.27 70.97 71.27
C ILE H 109 -20.04 71.34 72.73
N LEU H 110 -19.32 70.48 73.48
CA LEU H 110 -18.95 70.81 74.85
C LEU H 110 -17.96 71.96 74.90
N SER H 111 -17.12 72.10 73.87
CA SER H 111 -16.24 73.26 73.77
C SER H 111 -17.03 74.55 73.59
N VAL H 112 -18.09 74.51 72.77
CA VAL H 112 -18.93 75.69 72.58
C VAL H 112 -19.73 76.00 73.83
N ILE H 113 -20.14 74.97 74.58
CA ILE H 113 -20.82 75.19 75.87
C ILE H 113 -19.86 75.83 76.87
N LEU H 114 -18.60 75.38 76.89
CA LEU H 114 -17.60 76.00 77.76
C LEU H 114 -17.27 77.43 77.33
N LEU H 115 -17.28 77.70 76.03
CA LEU H 115 -17.08 79.07 75.55
C LEU H 115 -18.25 79.97 75.93
N PHE H 116 -19.48 79.45 75.88
CA PHE H 116 -20.64 80.23 76.31
C PHE H 116 -20.60 80.48 77.81
N MET H 117 -20.16 79.49 78.60
CA MET H 117 -20.04 79.68 80.04
C MET H 117 -18.94 80.68 80.37
N GLY H 118 -17.83 80.66 79.62
CA GLY H 118 -16.78 81.64 79.84
C GLY H 118 -17.20 83.03 79.42
N GLY H 119 -17.99 83.15 78.35
CA GLY H 119 -18.53 84.45 77.97
C GLY H 119 -19.51 84.99 78.99
N LEU H 120 -20.33 84.10 79.58
CA LEU H 120 -21.23 84.52 80.65
C LEU H 120 -20.47 84.92 81.90
N CYS H 121 -19.35 84.23 82.20
CA CYS H 121 -18.52 84.61 83.34
C CYS H 121 -17.82 85.94 83.10
N ILE H 122 -17.40 86.20 81.86
CA ILE H 122 -16.78 87.47 81.54
C ILE H 122 -17.80 88.61 81.57
N ALA H 123 -19.03 88.35 81.15
CA ALA H 123 -20.08 89.36 81.26
C ALA H 123 -20.48 89.60 82.70
N ALA H 124 -20.41 88.59 83.55
CA ALA H 124 -20.71 88.77 84.97
C ALA H 124 -19.56 89.47 85.69
N SER H 125 -18.33 89.29 85.23
CA SER H 125 -17.18 89.95 85.84
C SER H 125 -16.92 91.33 85.25
N GLU H 126 -17.58 91.69 84.16
CA GLU H 126 -17.40 93.01 83.58
C GLU H 126 -18.05 94.09 84.44
N PHE H 127 -19.26 93.83 84.93
CA PHE H 127 -19.99 94.75 85.79
C PHE H 127 -20.00 94.22 87.22
N TYR H 128 -19.90 95.14 88.18
CA TYR H 128 -19.86 94.86 89.62
C TYR H 128 -18.73 93.90 89.98
N LYS H 129 -17.50 94.34 89.69
CA LYS H 129 -16.30 93.56 89.96
C LYS H 129 -16.00 93.62 91.45
N THR H 130 -16.59 92.69 92.20
CA THR H 130 -16.37 92.65 93.64
C THR H 130 -15.06 91.95 93.97
N ARG H 131 -14.91 90.70 93.55
CA ARG H 131 -13.69 89.93 93.78
C ARG H 131 -12.83 89.95 92.52
N HIS H 132 -11.52 90.15 92.70
CA HIS H 132 -10.58 90.19 91.59
C HIS H 132 -9.88 88.86 91.34
N ASN H 133 -10.54 87.74 91.63
CA ASN H 133 -9.95 86.43 91.45
C ASN H 133 -10.74 85.51 90.52
N ILE H 134 -12.00 85.85 90.20
CA ILE H 134 -12.77 85.01 89.29
C ILE H 134 -12.36 85.21 87.84
N ILE H 135 -11.69 86.32 87.53
CA ILE H 135 -11.27 86.59 86.15
C ILE H 135 -10.18 85.63 85.71
N LEU H 136 -9.32 85.21 86.63
CA LEU H 136 -8.28 84.23 86.30
C LEU H 136 -8.88 82.86 86.01
N SER H 137 -9.88 82.45 86.80
CA SER H 137 -10.57 81.18 86.54
C SER H 137 -11.37 81.24 85.25
N ALA H 138 -11.96 82.40 84.94
CA ALA H 138 -12.69 82.56 83.68
C ALA H 138 -11.74 82.49 82.49
N GLY H 139 -10.56 83.13 82.59
CA GLY H 139 -9.58 83.04 81.53
C GLY H 139 -9.00 81.65 81.37
N ILE H 140 -8.81 80.93 82.48
CA ILE H 140 -8.31 79.56 82.42
C ILE H 140 -9.34 78.65 81.76
N PHE H 141 -10.62 78.84 82.10
CA PHE H 141 -11.70 78.08 81.45
C PHE H 141 -11.81 78.42 79.98
N PHE H 142 -11.56 79.68 79.61
CA PHE H 142 -11.62 80.09 78.22
C PHE H 142 -10.48 79.49 77.40
N VAL H 143 -9.27 79.47 77.97
CA VAL H 143 -8.12 78.87 77.29
C VAL H 143 -8.28 77.36 77.19
N SER H 144 -8.82 76.72 78.23
CA SER H 144 -9.09 75.28 78.16
C SER H 144 -10.18 74.95 77.16
N ALA H 145 -11.17 75.85 77.01
CA ALA H 145 -12.19 75.66 75.99
C ALA H 145 -11.61 75.81 74.59
N GLY H 146 -10.69 76.75 74.41
CA GLY H 146 -9.99 76.86 73.12
C GLY H 146 -9.12 75.65 72.82
N LEU H 147 -8.49 75.09 73.85
CA LEU H 147 -7.68 73.89 73.67
C LEU H 147 -8.56 72.69 73.34
N SER H 148 -9.74 72.59 73.95
CA SER H 148 -10.68 71.54 73.59
C SER H 148 -11.25 71.74 72.19
N ASN H 149 -11.39 73.00 71.76
CA ASN H 149 -11.82 73.27 70.38
C ASN H 149 -10.74 72.84 69.39
N ILE H 150 -9.46 73.06 69.74
CA ILE H 150 -8.37 72.62 68.87
C ILE H 150 -8.28 71.10 68.85
N ILE H 151 -8.55 70.45 69.98
CA ILE H 151 -8.56 68.99 70.04
C ILE H 151 -9.72 68.43 69.22
N GLY H 152 -10.88 69.08 69.28
CA GLY H 152 -12.01 68.66 68.46
C GLY H 152 -11.78 68.90 66.98
N ILE H 153 -11.04 69.95 66.63
CA ILE H 153 -10.66 70.17 65.24
C ILE H 153 -9.70 69.08 64.78
N ILE H 154 -8.80 68.64 65.67
CA ILE H 154 -7.90 67.54 65.33
C ILE H 154 -8.68 66.23 65.16
N VAL H 155 -9.70 66.01 65.99
CA VAL H 155 -10.54 64.82 65.86
C VAL H 155 -11.34 64.85 64.56
N TYR H 156 -11.89 66.01 64.21
CA TYR H 156 -12.66 66.13 62.98
C TYR H 156 -11.78 66.04 61.74
N ILE H 157 -10.51 66.45 61.86
CA ILE H 157 -9.58 66.25 60.75
C ILE H 157 -9.16 64.79 60.65
N SER H 158 -9.02 64.10 61.78
CA SER H 158 -8.63 62.69 61.73
C SER H 158 -9.78 61.80 61.28
N ALA H 159 -11.01 62.26 61.47
CA ALA H 159 -12.18 61.51 61.04
C ALA H 159 -12.48 61.65 59.55
N ASN H 160 -11.70 62.46 58.82
CA ASN H 160 -11.93 62.62 57.39
C ASN H 160 -11.48 61.41 56.60
N ALA H 161 -10.53 60.64 57.12
CA ALA H 161 -10.03 59.45 56.45
C ALA H 161 -10.86 58.23 56.83
N TYR H 174 -11.34 66.64 46.50
CA TYR H 174 -10.91 66.64 47.89
C TYR H 174 -10.45 68.04 48.32
N SER H 175 -11.30 68.73 49.07
CA SER H 175 -11.02 70.09 49.51
C SER H 175 -11.69 70.30 50.86
N TYR H 176 -11.84 71.56 51.26
CA TYR H 176 -12.40 71.91 52.56
C TYR H 176 -13.44 73.00 52.40
N GLY H 177 -14.35 73.07 53.37
CA GLY H 177 -15.41 74.05 53.36
C GLY H 177 -15.02 75.36 54.03
N TRP H 178 -15.99 76.25 54.14
CA TRP H 178 -15.76 77.56 54.73
C TRP H 178 -15.80 77.56 56.24
N SER H 179 -16.61 76.69 56.85
CA SER H 179 -16.77 76.72 58.30
C SER H 179 -15.57 76.16 59.04
N PHE H 180 -14.77 75.32 58.39
CA PHE H 180 -13.51 74.89 59.01
C PHE H 180 -12.54 76.07 59.11
N TYR H 181 -12.45 76.88 58.06
CA TYR H 181 -11.64 78.09 58.10
C TYR H 181 -12.20 79.10 59.10
N PHE H 182 -13.54 79.16 59.21
CA PHE H 182 -14.16 80.07 60.17
C PHE H 182 -13.90 79.62 61.60
N GLY H 183 -13.91 78.31 61.86
CA GLY H 183 -13.58 77.82 63.19
C GLY H 183 -12.12 78.01 63.52
N ALA H 184 -11.24 77.88 62.53
CA ALA H 184 -9.82 78.17 62.73
C ALA H 184 -9.58 79.64 63.04
N LEU H 185 -10.25 80.53 62.31
CA LEU H 185 -10.10 81.97 62.57
C LEU H 185 -10.72 82.35 63.91
N SER H 186 -11.80 81.67 64.32
CA SER H 186 -12.37 81.90 65.64
C SER H 186 -11.45 81.40 66.74
N PHE H 187 -10.70 80.32 66.48
CA PHE H 187 -9.68 79.86 67.41
C PHE H 187 -8.55 80.89 67.54
N ILE H 188 -8.18 81.52 66.41
CA ILE H 188 -7.15 82.57 66.45
C ILE H 188 -7.63 83.78 67.25
N ILE H 189 -8.87 84.22 67.00
CA ILE H 189 -9.44 85.37 67.71
C ILE H 189 -9.66 85.03 69.19
N ALA H 190 -10.00 83.78 69.51
CA ALA H 190 -10.16 83.37 70.89
C ALA H 190 -8.82 83.35 71.62
N GLU H 191 -7.76 82.91 70.95
CA GLU H 191 -6.43 82.96 71.55
C GLU H 191 -5.97 84.39 71.79
N MET H 192 -6.22 85.28 70.82
CA MET H 192 -5.86 86.69 70.99
C MET H 192 -6.68 87.36 72.08
N VAL H 193 -7.97 87.03 72.19
CA VAL H 193 -8.81 87.60 73.23
C VAL H 193 -8.42 87.05 74.59
N GLY H 194 -7.96 85.80 74.66
CA GLY H 194 -7.47 85.26 75.91
C GLY H 194 -6.17 85.91 76.36
N VAL H 195 -5.28 86.19 75.41
CA VAL H 195 -4.05 86.93 75.71
C VAL H 195 -4.38 88.33 76.20
N LEU H 196 -5.33 89.00 75.56
CA LEU H 196 -5.73 90.35 75.99
C LEU H 196 -6.41 90.32 77.35
N ALA H 197 -7.20 89.28 77.63
CA ALA H 197 -7.87 89.17 78.92
C ALA H 197 -6.89 88.91 80.05
N VAL H 198 -5.90 88.03 79.82
CA VAL H 198 -4.94 87.77 80.90
C VAL H 198 -3.96 88.95 81.03
N HIS H 199 -3.77 89.73 79.97
CA HIS H 199 -2.98 90.94 80.07
C HIS H 199 -3.69 91.99 80.92
N MET H 200 -5.01 92.15 80.71
CA MET H 200 -5.79 93.02 81.57
C MET H 200 -5.85 92.51 83.00
N PHE H 201 -5.85 91.19 83.19
CA PHE H 201 -5.85 90.63 84.53
C PHE H 201 -4.54 90.89 85.27
N ILE H 202 -3.40 90.74 84.57
CA ILE H 202 -2.14 91.00 85.25
C ILE H 202 -1.92 92.49 85.44
N ASP H 203 -2.49 93.33 84.58
CA ASP H 203 -2.46 94.77 84.82
C ASP H 203 -3.30 95.16 86.03
N ARG H 204 -4.47 94.52 86.19
CA ARG H 204 -5.29 94.79 87.37
C ARG H 204 -4.64 94.25 88.63
N HIS H 205 -3.93 93.12 88.53
CA HIS H 205 -3.22 92.58 89.68
C HIS H 205 -2.04 93.46 90.06
N LYS H 206 -1.35 94.03 89.07
CA LYS H 206 -0.26 94.97 89.36
C LYS H 206 -0.80 96.26 89.95
N GLN H 207 -1.97 96.71 89.50
CA GLN H 207 -2.59 97.90 90.08
C GLN H 207 -3.04 97.64 91.52
N LEU H 208 -3.54 96.44 91.80
CA LEU H 208 -3.93 96.09 93.17
C LEU H 208 -2.72 95.96 94.08
N ARG H 209 -1.62 95.42 93.55
CA ARG H 209 -0.39 95.31 94.34
C ARG H 209 0.26 96.67 94.56
N ALA H 210 0.07 97.60 93.62
CA ALA H 210 0.60 98.95 93.81
C ALA H 210 -0.27 99.76 94.78
N THR H 211 -1.58 99.55 94.75
CA THR H 211 -2.47 100.27 95.66
C THR H 211 -2.47 99.69 97.07
N ALA H 212 -2.14 98.40 97.22
CA ALA H 212 -2.08 97.81 98.55
C ALA H 212 -0.84 98.23 99.31
N ARG H 213 0.22 98.62 98.60
CA ARG H 213 1.45 99.06 99.25
C ARG H 213 1.39 100.53 99.62
N UNK I 1 -47.89 -68.22 9.77
CA UNK I 1 -46.48 -68.58 9.62
C UNK I 1 -45.77 -67.60 8.69
N UNK I 2 -44.62 -68.01 8.17
CA UNK I 2 -43.84 -67.17 7.25
C UNK I 2 -44.54 -67.16 5.90
N UNK I 3 -44.97 -65.98 5.47
CA UNK I 3 -45.70 -65.83 4.21
C UNK I 3 -45.10 -64.68 3.42
N UNK I 4 -44.81 -64.93 2.15
CA UNK I 4 -44.28 -63.92 1.24
C UNK I 4 -45.29 -63.76 0.11
N UNK I 5 -46.22 -62.82 0.28
CA UNK I 5 -47.26 -62.59 -0.71
C UNK I 5 -46.73 -61.71 -1.83
N UNK I 6 -46.71 -62.25 -3.05
CA UNK I 6 -46.22 -61.53 -4.21
C UNK I 6 -47.36 -60.79 -4.90
N UNK I 7 -46.99 -59.95 -5.86
CA UNK I 7 -47.98 -59.19 -6.61
C UNK I 7 -48.61 -60.06 -7.69
N UNK I 8 -49.58 -59.47 -8.40
CA UNK I 8 -50.28 -60.18 -9.45
C UNK I 8 -49.44 -60.35 -10.70
N UNK I 9 -49.89 -61.23 -11.60
CA UNK I 9 -49.17 -61.41 -12.86
C UNK I 9 -49.34 -60.22 -13.78
N UNK I 10 -48.23 -59.73 -14.31
CA UNK I 10 -48.20 -58.50 -15.08
C UNK I 10 -48.17 -58.79 -16.56
N UNK I 11 -48.97 -58.06 -17.32
CA UNK I 11 -48.97 -58.07 -18.78
C UNK I 11 -48.69 -56.66 -19.26
N UNK I 12 -47.44 -56.38 -19.61
CA UNK I 12 -47.01 -55.04 -19.96
C UNK I 12 -46.62 -55.01 -21.43
N UNK I 13 -46.33 -53.80 -21.91
CA UNK I 13 -45.88 -53.61 -23.28
C UNK I 13 -44.36 -53.65 -23.35
N UNK I 14 -43.81 -53.72 -24.56
CA UNK I 14 -42.35 -53.74 -24.70
C UNK I 14 -41.75 -52.36 -24.47
N UNK I 15 -40.63 -52.33 -23.75
CA UNK I 15 -39.95 -51.10 -23.44
C UNK I 15 -40.41 -50.41 -22.18
N UNK I 16 -41.55 -50.81 -21.63
CA UNK I 16 -42.08 -50.20 -20.42
C UNK I 16 -41.42 -50.82 -19.19
N UNK I 17 -41.84 -50.35 -18.01
CA UNK I 17 -41.30 -50.81 -16.75
C UNK I 17 -42.38 -51.56 -15.96
N UNK I 18 -41.93 -52.48 -15.11
CA UNK I 18 -42.82 -53.28 -14.28
C UNK I 18 -42.36 -53.15 -12.84
N UNK I 19 -43.32 -53.19 -11.92
CA UNK I 19 -43.06 -53.06 -10.50
C UNK I 19 -43.72 -54.22 -9.77
N UNK I 20 -42.90 -55.17 -9.30
CA UNK I 20 -43.39 -56.33 -8.57
C UNK I 20 -43.19 -56.10 -7.08
N UNK I 21 -44.26 -56.22 -6.30
CA UNK I 21 -44.21 -56.05 -4.87
C UNK I 21 -44.24 -57.39 -4.16
N UNK I 22 -43.66 -57.43 -2.96
CA UNK I 22 -43.62 -58.65 -2.15
C UNK I 22 -43.75 -58.24 -0.68
N UNK I 23 -44.86 -58.60 -0.06
CA UNK I 23 -45.10 -58.29 1.34
C UNK I 23 -44.79 -59.51 2.20
N UNK I 24 -43.99 -59.31 3.24
CA UNK I 24 -43.62 -60.37 4.16
C UNK I 24 -44.49 -60.32 5.40
N UNK I 25 -44.77 -61.49 5.96
CA UNK I 25 -45.58 -61.59 7.16
C UNK I 25 -45.17 -62.84 7.94
N UNK I 26 -45.34 -62.78 9.25
CA UNK I 26 -45.01 -63.88 10.12
C UNK I 26 -43.57 -63.99 10.53
N UNK I 27 -42.72 -63.02 10.17
CA UNK I 27 -41.31 -63.04 10.52
C UNK I 27 -40.78 -61.62 10.55
N UNK I 28 -39.57 -61.48 11.09
CA UNK I 28 -38.91 -60.18 11.16
C UNK I 28 -38.39 -59.84 9.76
N UNK I 29 -38.77 -58.66 9.27
CA UNK I 29 -38.41 -58.29 7.90
C UNK I 29 -36.97 -57.79 7.79
N UNK I 30 -36.42 -57.19 8.85
CA UNK I 30 -35.12 -56.54 8.79
C UNK I 30 -33.95 -57.51 8.93
N UNK I 31 -34.21 -58.80 9.17
CA UNK I 31 -33.14 -59.76 9.39
C UNK I 31 -32.96 -60.75 8.25
N UNK I 32 -33.95 -60.88 7.37
CA UNK I 32 -33.90 -61.84 6.27
C UNK I 32 -33.58 -61.12 4.97
N UNK I 33 -32.63 -61.67 4.22
CA UNK I 33 -32.30 -61.09 2.93
C UNK I 33 -33.38 -61.43 1.89
N UNK I 34 -33.82 -60.42 1.16
CA UNK I 34 -34.86 -60.59 0.15
C UNK I 34 -34.20 -60.66 -1.21
N UNK I 35 -34.42 -61.78 -1.92
CA UNK I 35 -33.82 -61.99 -3.22
C UNK I 35 -34.92 -62.20 -4.26
N UNK I 36 -34.57 -61.91 -5.51
CA UNK I 36 -35.47 -62.11 -6.64
C UNK I 36 -34.87 -63.14 -7.58
N UNK I 37 -35.68 -64.11 -8.00
CA UNK I 37 -35.21 -65.21 -8.85
C UNK I 37 -36.11 -65.28 -10.07
N UNK I 38 -35.50 -65.20 -11.26
CA UNK I 38 -36.23 -65.30 -12.50
C UNK I 38 -36.08 -66.71 -13.07
N UNK I 39 -37.12 -67.17 -13.75
CA UNK I 39 -37.13 -68.50 -14.36
C UNK I 39 -37.91 -68.42 -15.67
N UNK I 40 -37.24 -68.74 -16.78
CA UNK I 40 -37.90 -68.74 -18.07
C UNK I 40 -38.79 -69.98 -18.20
N UNK I 41 -39.64 -69.96 -19.22
CA UNK I 41 -40.55 -71.07 -19.47
C UNK I 41 -39.79 -72.27 -20.02
N UNK I 42 -39.75 -73.34 -19.23
CA UNK I 42 -39.04 -74.54 -19.63
C UNK I 42 -37.54 -74.47 -19.48
N UNK I 43 -37.01 -73.46 -18.80
CA UNK I 43 -35.58 -73.30 -18.60
C UNK I 43 -35.28 -73.34 -17.10
N UNK I 44 -34.01 -73.15 -16.76
CA UNK I 44 -33.58 -73.17 -15.37
C UNK I 44 -33.84 -71.81 -14.73
N UNK I 45 -33.60 -71.74 -13.42
CA UNK I 45 -33.79 -70.49 -12.69
C UNK I 45 -32.59 -69.57 -12.85
N UNK I 46 -32.76 -68.33 -12.44
CA UNK I 46 -31.70 -67.33 -12.50
C UNK I 46 -31.91 -66.30 -11.41
N UNK I 47 -30.91 -66.12 -10.56
CA UNK I 47 -30.98 -65.14 -9.50
C UNK I 47 -30.79 -63.74 -10.06
N UNK I 48 -31.74 -62.85 -9.78
CA UNK I 48 -31.67 -61.48 -10.28
C UNK I 48 -30.80 -60.66 -9.34
N UNK I 49 -31.13 -60.67 -8.05
CA UNK I 49 -30.37 -59.89 -7.10
C UNK I 49 -30.87 -60.14 -5.70
N UNK I 50 -30.19 -59.50 -4.75
CA UNK I 50 -30.52 -59.62 -3.33
C UNK I 50 -30.47 -58.25 -2.68
N UNK I 51 -31.13 -58.13 -1.53
CA UNK I 51 -31.16 -56.90 -0.76
C UNK I 51 -31.23 -57.26 0.72
N UNK I 52 -30.38 -56.62 1.52
CA UNK I 52 -30.41 -56.79 2.96
C UNK I 52 -31.26 -55.69 3.58
N UNK I 53 -32.33 -56.02 4.29
CA UNK I 53 -33.24 -54.98 4.80
C UNK I 53 -32.72 -54.24 6.03
N UNK I 54 -31.55 -54.62 6.56
CA UNK I 54 -30.97 -53.87 7.65
C UNK I 54 -30.44 -52.51 7.18
N UNK I 55 -30.01 -52.44 5.92
CA UNK I 55 -29.49 -51.20 5.35
C UNK I 55 -30.10 -50.84 4.00
N UNK I 56 -30.78 -51.77 3.33
CA UNK I 56 -31.24 -51.52 1.98
C UNK I 56 -30.17 -51.61 0.93
N UNK I 57 -29.00 -52.16 1.26
CA UNK I 57 -27.95 -52.31 0.28
C UNK I 57 -28.26 -53.43 -0.69
N UNK I 58 -28.38 -53.09 -1.98
CA UNK I 58 -28.75 -54.06 -3.00
C UNK I 58 -27.51 -54.56 -3.74
N UNK I 59 -27.59 -55.79 -4.21
CA UNK I 59 -26.55 -56.40 -5.02
C UNK I 59 -27.20 -57.20 -6.12
N UNK I 60 -27.06 -56.73 -7.36
CA UNK I 60 -27.73 -57.32 -8.51
C UNK I 60 -26.74 -58.11 -9.34
N UNK I 61 -27.29 -58.87 -10.29
CA UNK I 61 -26.45 -59.62 -11.21
C UNK I 61 -25.78 -58.70 -12.22
N UNK I 62 -24.70 -59.18 -12.82
CA UNK I 62 -23.96 -58.37 -13.79
C UNK I 62 -24.71 -58.24 -15.10
N UNK I 63 -25.47 -59.26 -15.49
CA UNK I 63 -26.21 -59.19 -16.75
C UNK I 63 -27.41 -58.26 -16.65
N UNK I 64 -28.02 -58.16 -15.47
CA UNK I 64 -29.15 -57.27 -15.25
C UNK I 64 -28.74 -55.98 -14.56
N UNK I 65 -27.48 -55.57 -14.72
CA UNK I 65 -27.01 -54.32 -14.12
C UNK I 65 -27.62 -53.13 -14.86
N UNK I 66 -28.40 -52.33 -14.13
CA UNK I 66 -29.13 -51.23 -14.71
C UNK I 66 -30.54 -51.58 -15.12
N UNK I 67 -30.85 -52.87 -15.27
CA UNK I 67 -32.19 -53.28 -15.66
C UNK I 67 -33.11 -53.42 -14.44
N UNK I 68 -32.58 -53.89 -13.32
CA UNK I 68 -33.37 -54.13 -12.12
C UNK I 68 -32.99 -53.16 -11.01
N UNK I 69 -33.97 -52.79 -10.21
CA UNK I 69 -33.77 -51.91 -9.06
C UNK I 69 -34.60 -52.42 -7.90
N UNK I 70 -33.95 -52.66 -6.76
CA UNK I 70 -34.61 -53.21 -5.58
C UNK I 70 -34.73 -52.12 -4.52
N UNK I 71 -35.95 -51.90 -4.03
CA UNK I 71 -36.21 -50.96 -2.95
C UNK I 71 -36.97 -51.68 -1.84
N UNK I 72 -36.95 -51.08 -0.65
CA UNK I 72 -37.57 -51.68 0.52
C UNK I 72 -38.42 -50.64 1.23
N UNK I 73 -39.47 -51.12 1.90
CA UNK I 73 -40.35 -50.28 2.72
C UNK I 73 -40.50 -50.98 4.07
N UNK I 74 -39.75 -50.51 5.06
CA UNK I 74 -39.77 -51.13 6.38
C UNK I 74 -41.04 -50.78 7.16
N UNK I 75 -41.71 -49.70 6.79
CA UNK I 75 -42.96 -49.35 7.45
C UNK I 75 -44.08 -50.31 7.06
N UNK I 76 -44.09 -50.77 5.82
CA UNK I 76 -45.03 -51.78 5.35
C UNK I 76 -44.39 -53.14 5.20
N UNK I 77 -43.07 -53.24 5.38
CA UNK I 77 -42.27 -54.47 5.23
C UNK I 77 -42.47 -55.11 3.87
N UNK I 78 -42.29 -54.30 2.82
CA UNK I 78 -42.54 -54.73 1.45
C UNK I 78 -41.31 -54.46 0.60
N UNK I 79 -40.87 -55.48 -0.13
CA UNK I 79 -39.82 -55.33 -1.12
C UNK I 79 -40.44 -55.00 -2.47
N UNK I 80 -39.74 -54.19 -3.26
CA UNK I 80 -40.23 -53.77 -4.56
C UNK I 80 -39.11 -53.94 -5.59
N UNK I 81 -39.43 -54.60 -6.69
CA UNK I 81 -38.49 -54.83 -7.78
C UNK I 81 -39.01 -54.12 -9.02
N UNK I 82 -38.24 -53.15 -9.51
CA UNK I 82 -38.58 -52.39 -10.70
C UNK I 82 -37.69 -52.83 -11.85
N UNK I 83 -38.31 -53.13 -12.99
CA UNK I 83 -37.60 -53.57 -14.19
C UNK I 83 -37.94 -52.62 -15.33
N UNK I 84 -36.93 -51.91 -15.82
CA UNK I 84 -37.09 -50.96 -16.90
C UNK I 84 -36.55 -51.54 -18.20
N UNK I 85 -37.10 -51.04 -19.31
CA UNK I 85 -36.79 -51.47 -20.68
C UNK I 85 -37.01 -52.98 -20.86
N UNK I 86 -38.27 -53.38 -20.66
CA UNK I 86 -38.62 -54.79 -20.75
C UNK I 86 -38.74 -55.22 -22.21
N UNK I 87 -38.08 -56.33 -22.53
CA UNK I 87 -38.09 -56.91 -23.87
C UNK I 87 -38.90 -58.20 -23.86
N UNK I 88 -38.91 -58.88 -25.01
CA UNK I 88 -39.67 -60.13 -25.13
C UNK I 88 -39.02 -61.28 -24.37
N UNK I 89 -37.73 -61.17 -24.04
CA UNK I 89 -37.07 -62.19 -23.24
C UNK I 89 -37.38 -62.04 -21.75
N UNK I 90 -38.03 -60.95 -21.34
CA UNK I 90 -38.37 -60.73 -19.95
C UNK I 90 -39.65 -61.44 -19.52
N UNK I 91 -40.36 -62.07 -20.45
CA UNK I 91 -41.57 -62.82 -20.13
C UNK I 91 -41.18 -64.10 -19.40
N UNK I 92 -41.29 -64.08 -18.07
CA UNK I 92 -40.80 -65.18 -17.27
C UNK I 92 -41.51 -65.16 -15.92
N UNK I 93 -41.20 -66.16 -15.09
CA UNK I 93 -41.75 -66.26 -13.74
C UNK I 93 -40.73 -65.68 -12.76
N UNK I 94 -41.13 -64.62 -12.06
CA UNK I 94 -40.29 -63.98 -11.06
C UNK I 94 -40.82 -64.34 -9.68
N UNK I 95 -39.93 -64.81 -8.81
CA UNK I 95 -40.29 -65.24 -7.46
C UNK I 95 -39.44 -64.51 -6.45
N UNK I 96 -40.08 -64.00 -5.39
CA UNK I 96 -39.40 -63.38 -4.27
C UNK I 96 -39.13 -64.42 -3.20
N UNK I 97 -37.91 -64.41 -2.68
CA UNK I 97 -37.50 -65.40 -1.70
C UNK I 97 -36.86 -64.71 -0.50
N UNK I 98 -37.27 -65.13 0.69
CA UNK I 98 -36.64 -64.69 1.92
C UNK I 98 -35.61 -65.73 2.34
N UNK I 99 -34.43 -65.24 2.73
CA UNK I 99 -33.35 -66.15 3.04
C UNK I 99 -32.46 -65.58 4.14
N UNK I 100 -32.32 -66.28 5.26
CA UNK I 100 -31.27 -65.93 6.21
C UNK I 100 -29.91 -66.25 5.63
N UNK I 101 -28.94 -65.38 5.87
CA UNK I 101 -27.64 -65.54 5.25
C UNK I 101 -26.82 -66.62 5.94
N UNK I 102 -27.21 -67.01 7.16
CA UNK I 102 -26.61 -68.15 7.84
C UNK I 102 -27.63 -69.26 7.95
N UNK I 103 -27.52 -70.36 7.19
CA UNK I 103 -26.50 -70.70 6.19
C UNK I 103 -26.83 -70.19 4.79
N UNK I 104 -26.15 -70.72 3.77
CA UNK I 104 -26.32 -70.27 2.39
C UNK I 104 -27.40 -71.11 1.74
N UNK I 105 -28.65 -70.71 1.93
CA UNK I 105 -29.79 -71.41 1.35
C UNK I 105 -30.95 -70.42 1.21
N UNK I 106 -31.94 -70.80 0.42
CA UNK I 106 -33.16 -70.02 0.20
C UNK I 106 -34.33 -70.90 0.59
N UNK I 107 -34.80 -70.77 1.83
CA UNK I 107 -35.82 -71.66 2.35
C UNK I 107 -37.21 -71.29 1.84
N UNK I 108 -37.67 -70.09 2.15
CA UNK I 108 -39.01 -69.64 1.80
C UNK I 108 -38.98 -68.96 0.45
N UNK I 109 -39.90 -69.36 -0.43
CA UNK I 109 -40.04 -68.77 -1.75
C UNK I 109 -41.49 -68.36 -1.98
N UNK I 110 -41.68 -67.37 -2.84
CA UNK I 110 -43.02 -66.88 -3.13
C UNK I 110 -43.78 -67.79 -4.08
N UNK I 111 -45.04 -67.43 -4.31
CA UNK I 111 -45.89 -68.21 -5.20
C UNK I 111 -45.54 -68.05 -6.67
N UNK I 112 -44.79 -67.01 -7.03
CA UNK I 112 -44.40 -66.80 -8.41
C UNK I 112 -45.34 -65.89 -9.16
N UNK I 113 -44.79 -64.91 -9.89
CA UNK I 113 -45.57 -63.97 -10.68
C UNK I 113 -45.12 -64.06 -12.13
N UNK I 114 -46.07 -64.19 -13.05
CA UNK I 114 -45.77 -64.29 -14.46
C UNK I 114 -45.75 -62.89 -15.08
N UNK I 115 -44.65 -62.55 -15.73
CA UNK I 115 -44.50 -61.27 -16.42
C UNK I 115 -44.44 -61.53 -17.92
N UNK I 116 -45.38 -60.95 -18.65
CA UNK I 116 -45.48 -61.10 -20.10
C UNK I 116 -45.38 -59.72 -20.74
N UNK I 117 -44.34 -59.51 -21.54
CA UNK I 117 -44.11 -58.25 -22.23
C UNK I 117 -44.53 -58.46 -23.68
N UNK I 118 -45.71 -57.96 -24.04
CA UNK I 118 -46.23 -58.10 -25.39
C UNK I 118 -47.19 -56.95 -25.67
N UNK I 119 -47.33 -56.61 -26.94
CA UNK I 119 -48.18 -55.52 -27.37
C UNK I 119 -49.63 -55.94 -27.59
N UNK I 120 -49.97 -57.20 -27.32
CA UNK I 120 -51.33 -57.67 -27.50
C UNK I 120 -52.22 -57.21 -26.35
N UNK I 121 -53.53 -57.23 -26.60
CA UNK I 121 -54.50 -56.81 -25.61
C UNK I 121 -54.96 -58.00 -24.78
N UNK I 122 -55.41 -57.71 -23.56
CA UNK I 122 -55.90 -58.75 -22.66
C UNK I 122 -57.29 -59.20 -23.09
N UNK I 123 -57.41 -60.47 -23.49
CA UNK I 123 -58.68 -61.01 -23.94
C UNK I 123 -59.30 -61.85 -22.83
N UNK I 124 -60.62 -61.76 -22.63
CA UNK I 124 -61.24 -62.60 -21.60
C UNK I 124 -61.35 -64.04 -22.08
N UNK I 125 -61.19 -65.00 -21.17
CA UNK I 125 -61.19 -66.41 -21.58
C UNK I 125 -62.59 -66.92 -21.88
N UNK I 126 -62.69 -67.65 -22.99
CA UNK I 126 -63.94 -68.28 -23.41
C UNK I 126 -64.00 -69.67 -22.76
N UNK I 127 -64.83 -69.80 -21.74
CA UNK I 127 -64.96 -71.03 -20.97
C UNK I 127 -66.16 -71.81 -21.48
N UNK I 128 -65.95 -73.08 -21.78
CA UNK I 128 -67.02 -73.94 -22.27
C UNK I 128 -66.96 -75.29 -21.56
N UNK I 129 -68.09 -75.76 -21.05
CA UNK I 129 -68.12 -77.09 -20.43
C UNK I 129 -68.17 -78.18 -21.49
N UNK I 130 -67.77 -79.38 -21.09
CA UNK I 130 -67.73 -80.53 -21.99
C UNK I 130 -68.07 -81.78 -21.16
N UNK I 131 -69.28 -82.29 -21.36
CA UNK I 131 -69.75 -83.50 -20.71
C UNK I 131 -69.91 -84.61 -21.74
N UNK I 132 -70.27 -85.82 -21.29
CA UNK I 132 -70.50 -86.91 -22.25
C UNK I 132 -71.81 -86.72 -23.00
N UNK I 133 -71.86 -87.29 -24.21
CA UNK I 133 -73.03 -87.19 -25.04
C UNK I 133 -74.15 -88.09 -24.58
N UNK I 134 -75.24 -88.06 -25.35
CA UNK I 134 -76.39 -88.91 -25.04
C UNK I 134 -76.11 -90.37 -25.39
N UNK I 135 -75.24 -90.62 -26.36
CA UNK I 135 -74.87 -91.97 -26.73
C UNK I 135 -73.70 -92.55 -25.96
N UNK I 136 -73.16 -91.82 -25.00
CA UNK I 136 -72.03 -92.31 -24.23
C UNK I 136 -72.48 -93.33 -23.19
N UNK I 137 -71.58 -94.26 -22.88
CA UNK I 137 -71.87 -95.32 -21.92
C UNK I 137 -71.44 -94.90 -20.53
N UNK I 138 -72.37 -94.95 -19.58
CA UNK I 138 -72.07 -94.58 -18.20
C UNK I 138 -71.40 -95.77 -17.49
N UNK I 139 -70.12 -95.62 -17.19
CA UNK I 139 -69.34 -96.65 -16.53
C UNK I 139 -69.23 -96.40 -15.04
N UNK I 140 -68.10 -96.83 -14.46
CA UNK I 140 -67.88 -96.63 -13.04
C UNK I 140 -67.52 -95.16 -12.74
N UNK I 141 -66.73 -94.54 -13.60
CA UNK I 141 -66.31 -93.16 -13.43
C UNK I 141 -66.65 -92.37 -14.69
N UNK I 142 -67.23 -91.18 -14.49
CA UNK I 142 -67.62 -90.30 -15.58
C UNK I 142 -66.63 -89.14 -15.64
N UNK I 143 -66.20 -88.80 -16.85
CA UNK I 143 -65.23 -87.74 -17.07
C UNK I 143 -65.89 -86.52 -17.69
N UNK I 144 -65.71 -85.38 -17.04
CA UNK I 144 -66.18 -84.10 -17.54
C UNK I 144 -64.99 -83.16 -17.69
N UNK I 145 -65.23 -82.00 -18.30
CA UNK I 145 -64.13 -81.07 -18.48
C UNK I 145 -64.61 -79.65 -18.74
N UNK I 146 -63.65 -78.73 -18.67
CA UNK I 146 -63.88 -77.33 -18.98
C UNK I 146 -62.72 -76.83 -19.83
N UNK I 147 -63.05 -76.29 -21.00
CA UNK I 147 -62.04 -75.79 -21.94
C UNK I 147 -62.09 -74.27 -21.95
N UNK I 148 -60.94 -73.65 -21.71
CA UNK I 148 -60.81 -72.19 -21.72
C UNK I 148 -59.96 -71.85 -22.93
N UNK I 149 -60.61 -71.32 -23.98
CA UNK I 149 -59.94 -70.96 -25.21
C UNK I 149 -60.09 -69.47 -25.48
N UNK I 150 -59.09 -68.89 -26.13
CA UNK I 150 -59.13 -67.49 -26.49
C UNK I 150 -58.85 -66.57 -25.32
N UNK I 151 -57.66 -66.68 -24.74
CA UNK I 151 -57.30 -65.87 -23.58
C UNK I 151 -55.88 -65.35 -23.76
N UNK I 152 -55.61 -64.21 -23.13
CA UNK I 152 -54.30 -63.59 -23.16
C UNK I 152 -54.13 -62.71 -21.92
N UNK I 153 -53.10 -62.93 -21.10
CA UNK I 153 -52.02 -63.93 -21.20
C UNK I 153 -52.42 -65.28 -20.63
N UNK I 154 -51.42 -66.10 -20.28
CA UNK I 154 -51.66 -67.45 -19.78
C UNK I 154 -52.00 -67.50 -18.30
N UNK I 155 -52.21 -66.36 -17.65
CA UNK I 155 -52.58 -66.32 -16.23
C UNK I 155 -54.05 -66.70 -16.09
N UNK I 156 -54.30 -67.95 -15.70
CA UNK I 156 -55.66 -68.45 -15.53
C UNK I 156 -55.62 -69.59 -14.54
N UNK I 157 -56.74 -69.82 -13.85
CA UNK I 157 -56.83 -70.87 -12.84
C UNK I 157 -58.18 -71.57 -12.97
N UNK I 158 -58.16 -72.90 -12.99
CA UNK I 158 -59.36 -73.72 -13.09
C UNK I 158 -59.56 -74.44 -11.76
N UNK I 159 -60.71 -74.23 -11.14
CA UNK I 159 -61.06 -74.88 -9.89
C UNK I 159 -62.30 -75.74 -10.09
N UNK I 160 -62.34 -76.89 -9.42
CA UNK I 160 -63.43 -77.84 -9.54
C UNK I 160 -64.16 -77.94 -8.21
N UNK I 161 -65.42 -77.49 -8.19
CA UNK I 161 -66.33 -77.53 -7.04
C UNK I 161 -65.74 -76.79 -5.83
N UNK I 162 -65.18 -75.60 -6.10
CA UNK I 162 -64.54 -74.73 -5.11
C UNK I 162 -63.41 -75.45 -4.37
N UNK I 163 -62.62 -76.22 -5.10
CA UNK I 163 -61.49 -76.92 -4.53
C UNK I 163 -61.81 -78.23 -3.84
N UNK I 164 -63.04 -78.72 -3.94
CA UNK I 164 -63.40 -79.97 -3.29
C UNK I 164 -62.85 -81.19 -4.03
N UNK I 165 -62.95 -81.20 -5.36
CA UNK I 165 -62.45 -82.30 -6.17
C UNK I 165 -61.16 -81.86 -6.84
N UNK I 166 -60.04 -82.25 -6.26
CA UNK I 166 -58.73 -81.87 -6.78
C UNK I 166 -57.77 -83.05 -7.00
N UNK I 167 -58.03 -84.20 -6.38
CA UNK I 167 -57.15 -85.35 -6.55
C UNK I 167 -57.32 -86.02 -7.91
N UNK I 168 -58.48 -85.89 -8.54
CA UNK I 168 -58.75 -86.47 -9.84
C UNK I 168 -58.90 -85.42 -10.94
N UNK I 169 -58.24 -84.28 -10.80
CA UNK I 169 -58.31 -83.19 -11.76
C UNK I 169 -57.00 -83.14 -12.53
N UNK I 170 -57.09 -83.20 -13.86
CA UNK I 170 -55.93 -83.13 -14.74
C UNK I 170 -56.06 -81.89 -15.62
N UNK I 171 -55.12 -80.96 -15.46
CA UNK I 171 -55.12 -79.72 -16.21
C UNK I 171 -54.07 -79.82 -17.31
N UNK I 172 -54.51 -79.80 -18.56
CA UNK I 172 -53.57 -79.85 -19.67
C UNK I 172 -52.89 -78.50 -19.85
N UNK I 173 -51.71 -78.46 -20.46
CA UNK I 173 -51.02 -77.19 -20.66
C UNK I 173 -51.68 -76.35 -21.74
N UNK I 174 -51.52 -75.03 -21.61
CA UNK I 174 -52.12 -74.09 -22.55
C UNK I 174 -51.30 -74.01 -23.83
N UNK I 175 -52.00 -74.03 -24.96
CA UNK I 175 -51.38 -73.91 -26.26
C UNK I 175 -51.61 -72.50 -26.81
N UNK I 176 -50.62 -72.01 -27.57
CA UNK I 176 -50.65 -70.68 -28.14
C UNK I 176 -51.06 -70.77 -29.60
N UNK I 177 -52.15 -70.10 -29.95
CA UNK I 177 -52.66 -70.09 -31.32
C UNK I 177 -53.26 -68.72 -31.61
N UNK I 178 -52.72 -68.05 -32.64
CA UNK I 178 -53.16 -66.73 -33.10
C UNK I 178 -53.13 -65.68 -31.99
N UNK I 179 -52.13 -65.77 -31.12
CA UNK I 179 -52.05 -64.86 -29.99
C UNK I 179 -53.04 -65.14 -28.88
N UNK I 180 -53.60 -66.34 -28.81
CA UNK I 180 -54.57 -66.70 -27.79
C UNK I 180 -54.15 -67.99 -27.11
N UNK I 181 -54.53 -68.13 -25.84
CA UNK I 181 -54.24 -69.32 -25.06
C UNK I 181 -55.44 -70.26 -25.05
N UNK I 182 -55.15 -71.56 -25.15
CA UNK I 182 -56.20 -72.57 -25.14
C UNK I 182 -55.77 -73.70 -24.22
N UNK I 183 -56.46 -73.85 -23.10
CA UNK I 183 -56.16 -74.88 -22.12
C UNK I 183 -57.44 -75.62 -21.77
N UNK I 184 -57.29 -76.72 -21.04
CA UNK I 184 -58.44 -77.52 -20.62
C UNK I 184 -58.14 -78.14 -19.27
N UNK I 185 -59.22 -78.43 -18.54
CA UNK I 185 -59.11 -79.08 -17.24
C UNK I 185 -60.20 -80.14 -17.14
N UNK I 186 -59.80 -81.40 -16.97
CA UNK I 186 -60.72 -82.51 -16.92
C UNK I 186 -60.78 -83.07 -15.50
N UNK I 187 -61.91 -83.69 -15.18
CA UNK I 187 -62.14 -84.30 -13.88
C UNK I 187 -62.84 -85.64 -14.09
N UNK I 188 -62.43 -86.65 -13.32
CA UNK I 188 -63.01 -87.98 -13.39
C UNK I 188 -63.72 -88.24 -12.07
N UNK I 189 -65.03 -88.02 -12.04
CA UNK I 189 -65.82 -88.18 -10.81
C UNK I 189 -66.52 -89.53 -10.86
N UNK I 190 -67.20 -89.94 -9.78
CA UNK I 190 -67.90 -91.22 -9.81
C UNK I 190 -69.26 -91.09 -10.50
N UNK I 191 -69.82 -92.26 -10.84
CA UNK I 191 -71.12 -92.31 -11.49
C UNK I 191 -72.26 -92.02 -10.53
N UNK I 192 -72.06 -92.20 -9.22
CA UNK I 192 -73.10 -91.91 -8.24
C UNK I 192 -73.17 -90.43 -7.91
N UNK I 193 -72.13 -89.65 -8.21
CA UNK I 193 -72.09 -88.23 -7.93
C UNK I 193 -72.34 -87.38 -9.15
N UNK I 194 -72.67 -87.98 -10.30
CA UNK I 194 -72.92 -87.24 -11.53
C UNK I 194 -74.06 -87.92 -12.27
N UNK I 195 -75.15 -87.20 -12.58
CA UNK I 195 -75.38 -85.78 -12.28
C UNK I 195 -76.22 -85.59 -11.00
N UNK I 196 -76.02 -86.46 -10.02
CA UNK I 196 -76.76 -86.36 -8.77
C UNK I 196 -76.26 -85.19 -7.92
N UNK I 197 -74.99 -84.84 -8.05
CA UNK I 197 -74.41 -83.72 -7.31
C UNK I 197 -74.00 -82.63 -8.29
N UNK I 198 -73.88 -81.42 -7.76
CA UNK I 198 -73.52 -80.27 -8.58
C UNK I 198 -72.03 -80.25 -8.86
N UNK I 199 -71.67 -80.19 -10.14
CA UNK I 199 -70.27 -80.12 -10.57
C UNK I 199 -70.12 -78.83 -11.37
N UNK I 200 -69.49 -77.83 -10.76
CA UNK I 200 -69.32 -76.52 -11.37
C UNK I 200 -67.84 -76.16 -11.40
N UNK I 201 -67.34 -75.81 -12.58
CA UNK I 201 -65.96 -75.41 -12.75
C UNK I 201 -65.86 -73.88 -12.79
N UNK I 202 -64.89 -73.35 -12.05
CA UNK I 202 -64.67 -71.91 -11.95
C UNK I 202 -63.35 -71.57 -12.62
N UNK I 203 -63.41 -70.74 -13.67
CA UNK I 203 -62.24 -70.26 -14.38
C UNK I 203 -62.02 -68.82 -13.98
N UNK I 204 -60.83 -68.55 -13.43
CA UNK I 204 -60.47 -67.23 -12.94
C UNK I 204 -59.30 -66.68 -13.75
N UNK I 205 -59.50 -65.51 -14.34
CA UNK I 205 -58.44 -64.80 -15.07
C UNK I 205 -58.13 -63.49 -14.34
N UNK I 206 -57.01 -63.40 -13.62
CA UNK I 206 -56.71 -62.16 -12.90
C UNK I 206 -56.24 -61.03 -13.79
N UNK I 207 -55.71 -61.33 -14.99
CA UNK I 207 -55.35 -60.27 -15.92
C UNK I 207 -56.58 -59.59 -16.49
N UNK I 208 -57.62 -60.37 -16.78
CA UNK I 208 -58.90 -59.83 -17.21
C UNK I 208 -59.86 -59.61 -16.05
N UNK I 209 -59.50 -60.07 -14.85
CA UNK I 209 -60.29 -59.94 -13.62
C UNK I 209 -61.67 -60.57 -13.77
N UNK I 210 -61.73 -61.71 -14.44
CA UNK I 210 -62.99 -62.39 -14.73
C UNK I 210 -63.08 -63.70 -13.96
N UNK I 211 -64.30 -64.06 -13.59
CA UNK I 211 -64.57 -65.32 -12.90
C UNK I 211 -65.83 -65.94 -13.52
N UNK I 212 -65.64 -67.01 -14.28
CA UNK I 212 -66.72 -67.67 -15.00
C UNK I 212 -67.01 -69.01 -14.34
N UNK I 213 -68.26 -69.22 -13.94
CA UNK I 213 -68.71 -70.48 -13.35
C UNK I 213 -69.56 -71.21 -14.36
N UNK I 214 -69.14 -72.42 -14.73
CA UNK I 214 -69.85 -73.24 -15.72
C UNK I 214 -70.25 -74.55 -15.06
N UNK I 215 -71.54 -74.84 -15.07
CA UNK I 215 -72.06 -76.06 -14.47
C UNK I 215 -72.10 -77.17 -15.52
N UNK I 216 -71.52 -78.32 -15.17
CA UNK I 216 -71.49 -79.47 -16.06
C UNK I 216 -72.83 -80.20 -15.99
N UNK I 217 -73.49 -80.33 -17.14
CA UNK I 217 -74.77 -81.02 -17.22
C UNK I 217 -74.73 -82.10 -18.30
N UNK I 218 -75.24 -83.30 -18.00
CA UNK I 218 -75.26 -84.40 -18.98
C UNK I 218 -76.32 -84.22 -20.06
N UNK J 1 -18.18 -65.79 -14.51
CA UNK J 1 -18.80 -66.13 -13.24
C UNK J 1 -18.63 -67.61 -12.91
N UNK J 2 -19.07 -68.00 -11.72
CA UNK J 2 -18.99 -69.40 -11.31
C UNK J 2 -20.06 -70.19 -12.03
N UNK J 3 -19.63 -71.08 -12.93
CA UNK J 3 -20.54 -71.87 -13.75
C UNK J 3 -20.79 -73.20 -13.03
N UNK J 4 -22.02 -73.38 -12.56
CA UNK J 4 -22.45 -74.63 -11.93
C UNK J 4 -22.97 -75.54 -13.03
N UNK J 5 -22.14 -76.50 -13.43
CA UNK J 5 -22.44 -77.36 -14.57
C UNK J 5 -23.06 -78.66 -14.07
N UNK J 6 -24.31 -78.92 -14.48
CA UNK J 6 -24.98 -80.19 -14.23
C UNK J 6 -25.00 -80.94 -15.55
N UNK J 7 -24.24 -82.04 -15.63
CA UNK J 7 -24.06 -82.74 -16.89
C UNK J 7 -25.28 -83.54 -17.32
N UNK J 8 -26.10 -83.98 -16.37
CA UNK J 8 -27.28 -84.79 -16.68
C UNK J 8 -28.52 -83.91 -16.58
N UNK J 9 -29.11 -83.57 -17.73
CA UNK J 9 -30.32 -82.78 -17.74
C UNK J 9 -31.55 -83.60 -17.37
N UNK J 10 -31.54 -84.90 -17.65
CA UNK J 10 -32.64 -85.79 -17.29
C UNK J 10 -32.07 -87.10 -16.80
N UNK J 11 -32.61 -87.59 -15.68
CA UNK J 11 -32.17 -88.85 -15.09
C UNK J 11 -33.38 -89.74 -14.88
N UNK J 12 -33.34 -90.94 -15.44
CA UNK J 12 -34.44 -91.89 -15.35
C UNK J 12 -34.16 -92.91 -14.25
N UNK J 13 -35.17 -93.19 -13.44
CA UNK J 13 -35.05 -94.15 -12.35
C UNK J 13 -36.42 -94.78 -12.11
N UNK J 14 -36.47 -95.71 -11.16
CA UNK J 14 -37.69 -96.43 -10.83
C UNK J 14 -38.19 -95.97 -9.47
N UNK J 15 -39.36 -96.49 -9.08
CA UNK J 15 -39.98 -96.13 -7.81
C UNK J 15 -39.29 -96.91 -6.69
N UNK J 16 -38.66 -96.20 -5.77
CA UNK J 16 -37.98 -96.81 -4.66
C UNK J 16 -36.49 -97.04 -4.84
N UNK J 17 -35.93 -96.65 -5.99
CA UNK J 17 -34.52 -96.84 -6.24
C UNK J 17 -33.73 -95.63 -5.76
N UNK J 18 -32.41 -95.67 -5.94
CA UNK J 18 -31.51 -94.61 -5.52
C UNK J 18 -30.88 -93.97 -6.76
N UNK J 19 -31.15 -92.69 -6.95
CA UNK J 19 -30.61 -91.94 -8.08
C UNK J 19 -29.55 -90.99 -7.56
N UNK J 20 -28.68 -90.54 -8.46
CA UNK J 20 -27.59 -89.63 -8.10
C UNK J 20 -27.43 -88.58 -9.19
N UNK J 21 -27.44 -87.31 -8.78
CA UNK J 21 -27.22 -86.18 -9.68
C UNK J 21 -25.90 -85.53 -9.32
N UNK J 22 -25.04 -85.34 -10.31
CA UNK J 22 -23.72 -84.79 -10.10
C UNK J 22 -23.65 -83.36 -10.63
N UNK J 23 -22.85 -82.53 -9.97
CA UNK J 23 -22.65 -81.14 -10.35
C UNK J 23 -21.17 -80.81 -10.27
N UNK J 24 -20.65 -80.17 -11.32
CA UNK J 24 -19.25 -79.77 -11.37
C UNK J 24 -19.16 -78.25 -11.29
N UNK J 25 -18.26 -77.75 -10.44
CA UNK J 25 -18.08 -76.32 -10.24
C UNK J 25 -16.81 -75.85 -10.94
N UNK J 26 -16.62 -74.53 -10.92
CA UNK J 26 -15.45 -73.94 -11.57
C UNK J 26 -14.34 -73.62 -10.58
N UNK J 27 -14.67 -73.35 -9.32
CA UNK J 27 -13.69 -72.98 -8.32
C UNK J 27 -14.04 -73.66 -7.00
N UNK J 28 -13.42 -73.21 -5.92
CA UNK J 28 -13.63 -73.80 -4.60
C UNK J 28 -14.97 -73.35 -4.05
N UNK J 29 -16.00 -74.17 -4.24
CA UNK J 29 -17.35 -73.88 -3.74
C UNK J 29 -17.78 -75.02 -2.85
N UNK J 30 -16.83 -75.60 -2.10
CA UNK J 30 -17.06 -76.82 -1.33
C UNK J 30 -18.04 -76.61 -0.18
N UNK J 31 -18.02 -75.45 0.45
CA UNK J 31 -18.86 -75.18 1.60
C UNK J 31 -20.13 -74.40 1.27
N UNK J 32 -20.07 -73.44 0.35
CA UNK J 32 -21.23 -72.61 0.03
C UNK J 32 -21.94 -73.14 -1.22
N UNK J 33 -22.51 -74.33 -1.08
CA UNK J 33 -23.26 -74.97 -2.15
C UNK J 33 -24.52 -75.60 -1.56
N UNK J 34 -25.67 -75.30 -2.17
CA UNK J 34 -26.94 -75.84 -1.72
C UNK J 34 -27.64 -76.53 -2.88
N UNK J 35 -28.58 -77.41 -2.54
CA UNK J 35 -29.35 -78.15 -3.53
C UNK J 35 -30.83 -77.92 -3.27
N UNK J 36 -31.55 -77.47 -4.29
CA UNK J 36 -32.97 -77.17 -4.18
C UNK J 36 -33.76 -78.00 -5.16
N UNK J 37 -35.05 -78.19 -4.86
CA UNK J 37 -35.97 -78.91 -5.72
C UNK J 37 -37.13 -77.99 -6.09
N UNK J 38 -37.58 -78.08 -7.35
CA UNK J 38 -38.67 -77.26 -7.86
C UNK J 38 -39.65 -78.17 -8.59
N UNK J 39 -40.84 -78.34 -8.02
CA UNK J 39 -41.85 -79.16 -8.66
C UNK J 39 -42.47 -78.41 -9.84
N UNK J 40 -43.05 -79.14 -10.79
CA UNK J 40 -43.67 -78.47 -11.95
C UNK J 40 -45.00 -77.83 -11.57
N UNK J 41 -45.11 -76.52 -11.81
CA UNK J 41 -46.30 -75.79 -11.46
C UNK J 41 -46.38 -75.33 -10.03
N UNK J 42 -45.35 -75.58 -9.22
CA UNK J 42 -45.34 -75.17 -7.82
C UNK J 42 -44.09 -74.33 -7.57
N UNK J 43 -44.00 -73.80 -6.35
CA UNK J 43 -42.87 -72.98 -5.98
C UNK J 43 -41.64 -73.84 -5.69
N UNK J 44 -40.46 -73.22 -5.63
CA UNK J 44 -39.25 -73.98 -5.32
C UNK J 44 -39.18 -74.32 -3.83
N UNK J 45 -38.36 -75.33 -3.53
CA UNK J 45 -38.20 -75.79 -2.15
C UNK J 45 -36.76 -76.20 -1.94
N UNK J 46 -36.15 -75.67 -0.87
CA UNK J 46 -34.79 -76.04 -0.52
C UNK J 46 -34.74 -77.46 0.01
N UNK J 47 -33.75 -78.23 -0.44
CA UNK J 47 -33.62 -79.63 -0.06
C UNK J 47 -32.43 -79.87 0.84
N UNK J 48 -31.23 -79.42 0.45
CA UNK J 48 -30.01 -79.64 1.20
C UNK J 48 -29.28 -78.31 1.34
N UNK J 49 -28.96 -77.94 2.57
CA UNK J 49 -28.25 -76.72 2.88
C UNK J 49 -26.80 -77.03 3.20
N UNK J 50 -25.89 -76.22 2.63
CA UNK J 50 -24.43 -76.34 2.77
C UNK J 50 -23.90 -77.71 2.31
N UNK J 51 -24.63 -78.34 1.37
CA UNK J 51 -24.27 -79.57 0.66
C UNK J 51 -24.12 -80.82 1.53
N UNK J 52 -24.34 -80.70 2.84
CA UNK J 52 -24.25 -81.86 3.72
C UNK J 52 -25.29 -81.88 4.83
N UNK J 53 -26.20 -80.91 4.88
CA UNK J 53 -27.19 -80.82 5.94
C UNK J 53 -28.58 -80.73 5.35
N UNK J 54 -29.52 -81.46 5.95
CA UNK J 54 -30.91 -81.46 5.51
C UNK J 54 -31.68 -80.39 6.27
N UNK J 55 -32.62 -79.74 5.56
CA UNK J 55 -33.45 -78.72 6.17
C UNK J 55 -34.52 -79.35 7.05
N UNK J 56 -35.18 -78.50 7.84
CA UNK J 56 -36.24 -78.95 8.73
C UNK J 56 -37.48 -79.32 7.93
N UNK J 57 -37.93 -80.56 8.08
CA UNK J 57 -39.08 -81.06 7.36
C UNK J 57 -38.76 -81.86 6.11
N UNK J 58 -37.51 -81.85 5.68
CA UNK J 58 -37.12 -82.59 4.47
C UNK J 58 -36.99 -84.07 4.81
N UNK J 59 -37.23 -84.98 3.87
CA UNK J 59 -37.10 -86.41 4.17
C UNK J 59 -35.64 -86.83 4.24
N UNK J 60 -35.42 -87.96 4.90
CA UNK J 60 -34.07 -88.48 5.10
C UNK J 60 -33.54 -89.24 3.89
N UNK J 61 -34.38 -89.48 2.87
CA UNK J 61 -33.94 -90.21 1.68
C UNK J 61 -33.01 -89.39 0.80
N UNK J 62 -33.00 -88.07 0.93
CA UNK J 62 -32.14 -87.20 0.15
C UNK J 62 -30.88 -86.90 0.95
N UNK J 63 -29.72 -87.23 0.39
CA UNK J 63 -28.43 -86.99 1.02
C UNK J 63 -27.50 -86.28 0.04
N UNK J 64 -26.44 -85.71 0.57
CA UNK J 64 -25.48 -84.99 -0.24
C UNK J 64 -24.06 -85.36 0.14
N UNK J 65 -23.18 -85.33 -0.86
CA UNK J 65 -21.78 -85.65 -0.64
C UNK J 65 -20.94 -84.91 -1.67
N UNK J 66 -19.62 -85.00 -1.51
CA UNK J 66 -18.71 -84.36 -2.42
C UNK J 66 -17.89 -83.25 -1.77
N UNK J 67 -16.67 -83.05 -2.26
CA UNK J 67 -15.78 -82.04 -1.71
C UNK J 67 -15.07 -81.32 -2.86
N UNK J 68 -15.07 -80.00 -2.81
CA UNK J 68 -14.40 -79.20 -3.83
C UNK J 68 -15.33 -78.70 -4.91
N UNK J 69 -15.22 -79.27 -6.10
CA UNK J 69 -16.04 -78.86 -7.23
C UNK J 69 -17.07 -79.92 -7.64
N UNK J 70 -16.82 -81.19 -7.36
CA UNK J 70 -17.74 -82.26 -7.72
C UNK J 70 -18.64 -82.57 -6.53
N UNK J 71 -19.93 -82.29 -6.67
CA UNK J 71 -20.91 -82.57 -5.63
C UNK J 71 -21.93 -83.56 -6.17
N UNK J 72 -22.52 -84.35 -5.27
CA UNK J 72 -23.46 -85.39 -5.64
C UNK J 72 -24.65 -85.37 -4.69
N UNK J 73 -25.85 -85.30 -5.25
CA UNK J 73 -27.10 -85.38 -4.49
C UNK J 73 -27.75 -86.72 -4.80
N UNK J 74 -27.99 -87.51 -3.75
CA UNK J 74 -28.49 -88.88 -3.91
C UNK J 74 -29.87 -89.00 -3.28
N UNK J 75 -30.75 -89.73 -3.94
CA UNK J 75 -32.08 -90.05 -3.43
C UNK J 75 -32.15 -91.56 -3.25
N UNK J 76 -32.24 -92.00 -1.99
CA UNK J 76 -32.19 -93.43 -1.70
C UNK J 76 -33.51 -94.13 -2.02
N UNK J 77 -34.63 -93.46 -1.86
CA UNK J 77 -35.94 -94.03 -2.13
C UNK J 77 -36.74 -93.03 -2.96
N UNK J 78 -36.70 -93.21 -4.28
CA UNK J 78 -37.41 -92.30 -5.18
C UNK J 78 -38.89 -92.64 -5.17
N UNK J 79 -39.73 -91.64 -4.95
CA UNK J 79 -41.18 -91.80 -4.92
C UNK J 79 -41.81 -91.09 -6.10
N UNK J 80 -43.13 -91.23 -6.21
CA UNK J 80 -43.86 -90.58 -7.29
C UNK J 80 -43.97 -89.08 -7.07
N UNK J 81 -43.94 -88.64 -5.81
CA UNK J 81 -43.99 -87.22 -5.49
C UNK J 81 -42.64 -86.52 -5.62
N UNK J 82 -41.58 -87.27 -5.93
CA UNK J 82 -40.25 -86.71 -6.08
C UNK J 82 -39.96 -86.25 -7.51
N UNK J 83 -40.97 -86.22 -8.37
CA UNK J 83 -40.79 -85.75 -9.74
C UNK J 83 -40.65 -84.24 -9.75
N UNK J 84 -39.41 -83.76 -9.74
CA UNK J 84 -39.13 -82.32 -9.70
C UNK J 84 -37.79 -82.07 -10.34
N UNK J 85 -37.48 -80.79 -10.51
CA UNK J 85 -36.21 -80.35 -11.09
C UNK J 85 -35.25 -80.03 -9.95
N UNK J 86 -34.08 -80.67 -9.95
CA UNK J 86 -33.06 -80.46 -8.95
C UNK J 86 -32.03 -79.46 -9.48
N UNK J 87 -31.74 -78.45 -8.67
CA UNK J 87 -30.83 -77.37 -9.06
C UNK J 87 -29.81 -77.14 -7.98
N UNK J 88 -28.54 -77.02 -8.37
CA UNK J 88 -27.46 -76.69 -7.45
C UNK J 88 -27.16 -75.21 -7.53
N UNK J 89 -27.06 -74.57 -6.36
CA UNK J 89 -26.81 -73.13 -6.28
C UNK J 89 -25.58 -72.89 -5.45
N UNK J 90 -24.62 -72.15 -6.01
CA UNK J 90 -23.38 -71.80 -5.33
C UNK J 90 -23.47 -70.37 -4.81
N UNK J 91 -23.18 -70.21 -3.51
CA UNK J 91 -23.20 -68.91 -2.87
C UNK J 91 -21.83 -68.53 -2.34
N UNK J 92 -20.77 -68.91 -3.08
CA UNK J 92 -19.41 -68.62 -2.65
C UNK J 92 -19.06 -67.15 -2.86
N UNK J 93 -19.52 -66.56 -3.95
CA UNK J 93 -19.22 -65.17 -4.26
C UNK J 93 -20.44 -64.54 -4.94
N UNK J 94 -20.37 -63.24 -5.13
CA UNK J 94 -21.44 -62.48 -5.79
C UNK J 94 -21.04 -62.27 -7.24
N UNK J 95 -21.95 -62.47 -8.21
CA UNK J 95 -23.35 -62.87 -8.03
C UNK J 95 -23.51 -64.39 -7.94
N UNK J 96 -24.42 -64.83 -7.07
CA UNK J 96 -24.64 -66.26 -6.89
C UNK J 96 -25.39 -66.83 -8.09
N UNK J 97 -24.84 -67.90 -8.66
CA UNK J 97 -25.43 -68.55 -9.82
C UNK J 97 -26.05 -69.88 -9.43
N UNK J 98 -26.93 -70.37 -10.31
CA UNK J 98 -27.58 -71.66 -10.13
C UNK J 98 -27.08 -72.64 -11.19
N UNK J 99 -27.44 -73.90 -11.00
CA UNK J 99 -27.06 -74.94 -11.94
C UNK J 99 -27.93 -74.97 -13.18
N UNK J 100 -27.64 -75.94 -14.04
CA UNK J 100 -28.42 -76.12 -15.25
C UNK J 100 -29.81 -76.70 -15.02
N UNK J 101 -30.02 -77.35 -13.89
CA UNK J 101 -31.31 -77.93 -13.59
C UNK J 101 -31.44 -79.35 -14.10
N UNK J 102 -31.69 -80.30 -13.20
CA UNK J 102 -31.80 -81.70 -13.54
C UNK J 102 -33.21 -82.18 -13.19
N UNK J 103 -33.99 -82.51 -14.22
CA UNK J 103 -35.35 -83.01 -14.03
C UNK J 103 -35.32 -84.52 -13.92
N UNK J 104 -35.72 -85.04 -12.77
CA UNK J 104 -35.73 -86.48 -12.54
C UNK J 104 -36.90 -87.12 -13.27
N UNK J 105 -36.68 -88.34 -13.75
CA UNK J 105 -37.70 -89.12 -14.44
C UNK J 105 -37.96 -90.40 -13.68
N UNK J 106 -39.23 -90.71 -13.46
CA UNK J 106 -39.65 -91.94 -12.78
C UNK J 106 -40.18 -92.90 -13.83
N UNK J 107 -39.57 -94.07 -13.94
CA UNK J 107 -39.94 -95.07 -14.92
C UNK J 107 -40.80 -96.12 -14.24
N UNK J 108 -41.97 -96.38 -14.81
CA UNK J 108 -42.89 -97.40 -14.29
C UNK J 108 -43.30 -98.35 -15.40
N UNK J 109 -44.28 -99.22 -15.11
CA UNK J 109 -44.77 -100.14 -16.11
C UNK J 109 -45.63 -99.42 -17.15
N UNK J 110 -45.84 -100.08 -18.28
CA UNK J 110 -46.66 -99.52 -19.34
C UNK J 110 -48.13 -99.58 -18.96
N UNK J 111 -48.83 -98.46 -19.17
CA UNK J 111 -50.23 -98.34 -18.82
C UNK J 111 -51.04 -97.99 -20.05
N UNK J 112 -52.26 -98.54 -20.13
CA UNK J 112 -53.13 -98.24 -21.25
C UNK J 112 -53.68 -96.82 -21.12
N UNK J 113 -53.80 -96.09 -22.22
CA UNK J 113 -54.27 -94.69 -22.13
C UNK J 113 -55.77 -94.61 -21.99
N UNK J 114 -56.21 -94.07 -20.85
CA UNK J 114 -57.63 -93.82 -20.62
C UNK J 114 -58.04 -92.62 -21.45
N UNK J 115 -58.78 -92.85 -22.53
CA UNK J 115 -59.13 -91.83 -23.50
C UNK J 115 -60.60 -91.47 -23.33
N UNK J 116 -60.89 -90.18 -23.37
CA UNK J 116 -62.25 -89.67 -23.28
C UNK J 116 -62.43 -88.57 -24.32
N UNK J 117 -63.42 -88.74 -25.19
CA UNK J 117 -63.71 -87.78 -26.26
C UNK J 117 -64.90 -86.94 -25.86
N UNK J 118 -64.78 -85.63 -26.08
CA UNK J 118 -65.83 -84.68 -25.76
C UNK J 118 -66.14 -83.82 -26.98
N UNK J 119 -67.40 -83.72 -27.40
CA UNK J 119 -67.74 -82.90 -28.55
C UNK J 119 -67.89 -81.44 -28.16
N UNK J 120 -68.17 -80.56 -29.11
CA UNK J 120 -68.36 -79.15 -28.77
C UNK J 120 -69.70 -78.90 -28.10
N UNK J 121 -69.73 -77.91 -27.21
CA UNK J 121 -70.93 -77.56 -26.48
C UNK J 121 -71.85 -76.72 -27.36
N UNK J 122 -73.05 -76.45 -26.82
CA UNK J 122 -74.01 -75.62 -27.54
C UNK J 122 -73.60 -74.16 -27.54
N UNK J 123 -72.93 -73.70 -26.48
CA UNK J 123 -72.44 -72.32 -26.44
C UNK J 123 -71.28 -72.11 -27.40
N UNK J 124 -70.46 -73.13 -27.61
CA UNK J 124 -69.38 -73.02 -28.59
C UNK J 124 -69.92 -72.97 -30.01
N UNK J 125 -70.97 -73.76 -30.30
CA UNK J 125 -71.61 -73.68 -31.60
C UNK J 125 -72.38 -72.37 -31.78
N UNK J 126 -72.87 -71.80 -30.68
CA UNK J 126 -73.49 -70.48 -30.73
C UNK J 126 -72.45 -69.40 -31.00
N UNK J 127 -71.22 -69.59 -30.51
CA UNK J 127 -70.12 -68.69 -30.81
C UNK J 127 -69.60 -68.84 -32.22
N UNK J 128 -69.83 -69.98 -32.86
CA UNK J 128 -69.41 -70.21 -34.23
C UNK J 128 -68.25 -71.17 -34.41
N UNK J 129 -67.75 -71.77 -33.33
CA UNK J 129 -66.65 -72.70 -33.39
C UNK J 129 -67.04 -74.08 -32.88
N UNK J 130 -66.10 -75.02 -33.05
CA UNK J 130 -66.29 -76.38 -32.56
C UNK J 130 -64.93 -76.98 -32.26
N UNK J 131 -64.67 -77.24 -30.98
CA UNK J 131 -63.40 -77.80 -30.53
C UNK J 131 -63.67 -79.18 -29.95
N UNK J 132 -63.51 -80.21 -30.77
CA UNK J 132 -63.68 -81.59 -30.32
C UNK J 132 -62.40 -81.99 -29.57
N UNK J 133 -62.54 -82.32 -28.29
CA UNK J 133 -61.40 -82.59 -27.44
C UNK J 133 -61.30 -84.10 -27.22
N UNK J 134 -60.07 -84.55 -26.97
CA UNK J 134 -59.80 -85.94 -26.62
C UNK J 134 -58.71 -85.94 -25.55
N UNK J 135 -59.07 -86.30 -24.33
CA UNK J 135 -58.14 -86.35 -23.22
C UNK J 135 -57.70 -87.79 -22.97
N UNK J 136 -56.39 -88.02 -23.08
CA UNK J 136 -55.80 -89.32 -22.83
C UNK J 136 -54.97 -89.20 -21.55
N UNK J 137 -55.51 -89.68 -20.44
CA UNK J 137 -54.85 -89.62 -19.16
C UNK J 137 -54.48 -91.02 -18.68
N UNK J 138 -53.56 -91.06 -17.71
CA UNK J 138 -53.09 -92.27 -17.04
C UNK J 138 -52.47 -93.26 -18.04
N UNK J 139 -51.47 -92.74 -18.75
CA UNK J 139 -50.78 -93.48 -19.79
C UNK J 139 -49.28 -93.49 -19.52
N UNK J 140 -48.62 -94.54 -19.99
CA UNK J 140 -47.18 -94.68 -19.84
C UNK J 140 -46.66 -95.54 -20.97
N UNK J 141 -45.63 -95.08 -21.71
CA UNK J 141 -44.90 -93.82 -21.57
C UNK J 141 -45.58 -92.66 -22.29
N UNK J 142 -44.83 -91.58 -22.51
CA UNK J 142 -45.39 -90.40 -23.17
C UNK J 142 -45.45 -90.57 -24.68
N UNK J 143 -44.75 -91.57 -25.23
CA UNK J 143 -44.75 -91.82 -26.66
C UNK J 143 -46.08 -92.43 -27.08
N UNK J 144 -46.90 -91.65 -27.79
CA UNK J 144 -48.20 -92.10 -28.24
C UNK J 144 -48.59 -91.29 -29.47
N UNK J 145 -49.50 -91.85 -30.28
CA UNK J 145 -49.98 -91.20 -31.49
C UNK J 145 -51.48 -90.99 -31.39
N UNK J 146 -51.95 -89.87 -31.92
CA UNK J 146 -53.36 -89.50 -31.90
C UNK J 146 -53.80 -89.21 -33.32
N UNK J 147 -54.83 -89.92 -33.78
CA UNK J 147 -55.37 -89.75 -35.12
C UNK J 147 -56.81 -89.29 -35.03
N UNK J 148 -57.16 -88.27 -35.83
CA UNK J 148 -58.52 -87.76 -35.89
C UNK J 148 -59.18 -88.24 -37.17
N UNK J 149 -60.39 -88.78 -37.06
CA UNK J 149 -61.14 -89.30 -38.19
C UNK J 149 -62.47 -88.56 -38.27
N UNK J 150 -62.63 -87.78 -39.33
CA UNK J 150 -63.87 -87.04 -39.58
C UNK J 150 -64.62 -87.80 -40.68
N UNK J 151 -65.65 -88.55 -40.26
CA UNK J 151 -66.46 -89.42 -41.13
C UNK J 151 -65.59 -90.42 -41.88
N UNK J 152 -64.60 -90.99 -41.19
CA UNK J 152 -63.71 -91.97 -41.78
C UNK J 152 -62.49 -91.40 -42.47
N UNK J 153 -62.41 -90.09 -42.66
CA UNK J 153 -61.28 -89.46 -43.33
C UNK J 153 -60.31 -88.91 -42.29
N UNK J 154 -59.02 -89.21 -42.47
CA UNK J 154 -58.01 -88.74 -41.53
C UNK J 154 -57.76 -87.25 -41.73
N UNK J 155 -57.88 -86.49 -40.65
CA UNK J 155 -57.70 -85.04 -40.67
C UNK J 155 -56.48 -84.66 -39.85
N UNK J 156 -55.56 -83.92 -40.48
CA UNK J 156 -54.36 -83.46 -39.80
C UNK J 156 -54.38 -81.97 -39.47
N UNK J 157 -55.13 -81.16 -40.23
CA UNK J 157 -55.20 -79.74 -39.95
C UNK J 157 -56.12 -79.47 -38.77
N UNK J 158 -55.73 -78.50 -37.95
CA UNK J 158 -56.52 -78.13 -36.79
C UNK J 158 -56.33 -78.99 -35.57
N UNK J 159 -55.44 -79.98 -35.62
CA UNK J 159 -55.20 -80.87 -34.50
C UNK J 159 -54.04 -80.31 -33.68
N UNK J 160 -54.31 -79.99 -32.42
CA UNK J 160 -53.32 -79.47 -31.50
C UNK J 160 -53.18 -80.41 -30.32
N UNK J 161 -51.97 -80.87 -30.06
CA UNK J 161 -51.69 -81.81 -28.99
C UNK J 161 -50.88 -81.12 -27.89
N UNK J 162 -51.39 -81.16 -26.67
CA UNK J 162 -50.71 -80.58 -25.51
C UNK J 162 -50.50 -81.69 -24.49
N UNK J 163 -49.25 -82.04 -24.23
CA UNK J 163 -48.92 -83.10 -23.28
C UNK J 163 -48.56 -82.50 -21.94
N UNK J 164 -49.16 -83.04 -20.87
CA UNK J 164 -48.88 -82.58 -19.53
C UNK J 164 -47.63 -83.29 -18.99
N UNK J 165 -47.25 -82.95 -17.76
CA UNK J 165 -46.08 -83.53 -17.14
C UNK J 165 -46.42 -84.88 -16.51
N UNK J 166 -45.43 -85.47 -15.84
CA UNK J 166 -45.64 -86.74 -15.17
C UNK J 166 -46.50 -86.56 -13.92
N UNK J 167 -47.29 -87.58 -13.62
CA UNK J 167 -48.17 -87.54 -12.47
C UNK J 167 -47.39 -87.72 -11.18
N UNK J 168 -47.80 -86.99 -10.14
CA UNK J 168 -47.15 -87.04 -8.85
C UNK J 168 -47.69 -88.14 -7.95
N UNK J 169 -48.68 -88.90 -8.42
CA UNK J 169 -49.29 -89.96 -7.63
C UNK J 169 -49.09 -91.35 -8.23
N UNK J 170 -49.23 -91.48 -9.55
CA UNK J 170 -49.12 -92.78 -10.21
C UNK J 170 -47.99 -92.83 -11.23
N UNK J 171 -47.21 -91.74 -11.36
CA UNK J 171 -46.12 -91.59 -12.34
C UNK J 171 -46.60 -91.84 -13.77
N UNK J 172 -47.76 -91.29 -14.10
CA UNK J 172 -48.41 -91.46 -15.38
C UNK J 172 -48.42 -90.14 -16.14
N UNK J 173 -48.92 -90.17 -17.37
CA UNK J 173 -48.93 -89.03 -18.25
C UNK J 173 -50.35 -88.67 -18.67
N UNK J 174 -50.51 -87.43 -19.12
CA UNK J 174 -51.79 -86.93 -19.59
C UNK J 174 -51.55 -86.04 -20.82
N UNK J 175 -52.47 -86.14 -21.78
CA UNK J 175 -52.36 -85.36 -23.00
C UNK J 175 -53.76 -84.98 -23.47
N UNK J 176 -53.84 -83.89 -24.23
CA UNK J 176 -55.10 -83.40 -24.78
C UNK J 176 -54.93 -83.08 -26.25
N UNK J 177 -55.75 -83.70 -27.08
CA UNK J 177 -55.76 -83.46 -28.53
C UNK J 177 -57.05 -82.76 -28.90
N UNK J 178 -56.94 -81.54 -29.41
CA UNK J 178 -58.10 -80.72 -29.74
C UNK J 178 -58.15 -80.50 -31.24
N UNK J 179 -59.30 -80.80 -31.85
CA UNK J 179 -59.57 -80.52 -33.26
C UNK J 179 -60.53 -79.34 -33.31
N UNK J 180 -60.05 -78.20 -33.78
CA UNK J 180 -60.83 -76.97 -33.82
C UNK J 180 -61.24 -76.70 -35.27
N UNK J 181 -62.53 -76.43 -35.46
CA UNK J 181 -63.07 -76.12 -36.78
C UNK J 181 -64.22 -75.12 -36.62
N UNK J 182 -64.77 -74.70 -37.76
CA UNK J 182 -65.90 -73.80 -37.76
C UNK J 182 -67.20 -74.57 -37.53
N UNK J 183 -68.30 -73.82 -37.45
CA UNK J 183 -69.61 -74.47 -37.26
C UNK J 183 -70.09 -75.14 -38.53
N UNK J 184 -69.76 -74.57 -39.69
CA UNK J 184 -70.18 -75.16 -40.96
C UNK J 184 -69.41 -76.43 -41.26
N UNK J 185 -68.14 -76.49 -40.84
CA UNK J 185 -67.36 -77.71 -41.03
C UNK J 185 -67.80 -78.81 -40.09
N UNK J 186 -68.28 -78.45 -38.89
CA UNK J 186 -68.77 -79.46 -37.96
C UNK J 186 -70.17 -79.92 -38.31
N UNK J 187 -70.99 -79.04 -38.89
CA UNK J 187 -72.33 -79.41 -39.32
C UNK J 187 -72.34 -80.21 -40.62
N UNK J 188 -71.24 -80.22 -41.36
CA UNK J 188 -71.15 -80.98 -42.61
C UNK J 188 -70.77 -82.43 -42.38
N UNK J 189 -70.49 -82.84 -41.14
CA UNK J 189 -70.14 -84.22 -40.83
C UNK J 189 -70.96 -84.67 -39.64
N UNK J 190 -71.06 -86.00 -39.49
CA UNK J 190 -71.83 -86.60 -38.41
C UNK J 190 -70.94 -87.37 -37.44
N UNK J 191 -70.12 -88.28 -37.93
CA UNK J 191 -69.28 -89.11 -37.08
C UNK J 191 -67.90 -88.49 -36.91
N UNK J 192 -67.38 -88.53 -35.69
CA UNK J 192 -66.05 -88.05 -35.38
C UNK J 192 -65.40 -89.02 -34.40
N UNK J 193 -64.17 -89.44 -34.71
CA UNK J 193 -63.50 -90.47 -33.93
C UNK J 193 -62.08 -90.03 -33.62
N UNK J 194 -61.60 -90.43 -32.44
CA UNK J 194 -60.22 -90.21 -32.03
C UNK J 194 -59.59 -91.58 -31.73
N UNK J 195 -58.45 -91.84 -32.36
CA UNK J 195 -57.74 -93.11 -32.22
C UNK J 195 -56.41 -92.86 -31.52
N UNK J 196 -56.24 -93.48 -30.35
CA UNK J 196 -55.00 -93.36 -29.57
C UNK J 196 -54.22 -94.66 -29.72
N UNK J 197 -53.03 -94.56 -30.33
CA UNK J 197 -52.17 -95.70 -30.55
C UNK J 197 -50.95 -95.59 -29.63
N UNK J 198 -50.70 -96.64 -28.85
CA UNK J 198 -49.58 -96.67 -27.93
C UNK J 198 -48.89 -98.02 -28.01
N UNK J 199 -47.86 -98.19 -27.20
CA UNK J 199 -47.10 -99.44 -27.15
C UNK J 199 -47.77 -100.51 -26.30
N UNK J 200 -48.85 -100.17 -25.59
CA UNK J 200 -49.52 -101.16 -24.75
C UNK J 200 -50.39 -102.13 -25.55
N UNK J 201 -50.80 -101.73 -26.76
CA UNK J 201 -51.64 -102.58 -27.60
C UNK J 201 -51.44 -102.21 -29.06
N UNK J 202 -51.48 -103.22 -29.93
CA UNK J 202 -51.32 -102.97 -31.36
C UNK J 202 -52.56 -102.32 -31.95
N UNK J 203 -53.74 -102.61 -31.40
CA UNK J 203 -54.97 -101.99 -31.87
C UNK J 203 -55.18 -100.67 -31.15
N UNK J 204 -55.39 -99.56 -31.87
CA UNK J 204 -55.55 -98.27 -31.19
C UNK J 204 -56.93 -98.15 -30.56
N UNK J 205 -56.98 -97.49 -29.41
CA UNK J 205 -58.25 -97.26 -28.72
C UNK J 205 -59.02 -96.18 -29.45
N UNK J 206 -60.19 -96.53 -29.95
CA UNK J 206 -61.02 -95.64 -30.76
C UNK J 206 -62.19 -95.16 -29.92
N UNK J 207 -62.39 -93.84 -29.89
CA UNK J 207 -63.54 -93.22 -29.24
C UNK J 207 -64.28 -92.41 -30.29
N UNK J 208 -65.49 -92.84 -30.63
CA UNK J 208 -66.25 -92.23 -31.71
C UNK J 208 -67.57 -91.69 -31.18
N UNK J 209 -68.09 -90.66 -31.86
CA UNK J 209 -69.34 -90.04 -31.49
C UNK J 209 -70.05 -89.57 -32.74
N UNK J 210 -71.38 -89.47 -32.64
CA UNK J 210 -72.23 -89.04 -33.74
C UNK J 210 -72.80 -87.66 -33.43
N UNK J 211 -72.95 -86.84 -34.47
CA UNK J 211 -73.47 -85.49 -34.27
C UNK J 211 -74.99 -85.51 -34.10
N UNK J 212 -75.66 -86.47 -34.72
CA UNK J 212 -77.12 -86.55 -34.60
C UNK J 212 -77.52 -87.12 -33.25
N UNK J 213 -76.75 -88.07 -32.72
CA UNK J 213 -77.04 -88.68 -31.43
C UNK J 213 -75.77 -89.10 -30.71
N GLU K 2 24.38 -68.65 -26.01
CA GLU K 2 23.45 -67.62 -25.54
C GLU K 2 22.01 -68.10 -25.69
N ILE K 3 21.07 -67.18 -25.43
CA ILE K 3 19.65 -67.50 -25.55
C ILE K 3 19.28 -67.54 -27.02
N GLN K 4 18.79 -68.68 -27.48
CA GLN K 4 18.39 -68.87 -28.87
C GLN K 4 16.87 -68.87 -28.98
N MET K 5 16.35 -68.02 -29.84
CA MET K 5 14.92 -67.95 -30.10
C MET K 5 14.57 -68.85 -31.28
N THR K 6 13.34 -69.34 -31.28
CA THR K 6 12.90 -70.27 -32.33
C THR K 6 11.41 -70.10 -32.56
N GLN K 7 10.98 -70.42 -33.78
CA GLN K 7 9.58 -70.41 -34.16
C GLN K 7 9.33 -71.61 -35.07
N THR K 8 8.43 -72.49 -34.64
CA THR K 8 8.20 -73.74 -35.39
C THR K 8 7.40 -73.48 -36.66
N THR K 9 6.43 -72.56 -36.58
CA THR K 9 5.60 -72.25 -37.74
C THR K 9 6.40 -71.39 -38.71
N SER K 10 6.61 -71.89 -39.93
CA SER K 10 7.35 -71.17 -40.95
C SER K 10 6.44 -70.39 -41.90
N SER K 11 5.19 -70.80 -42.05
CA SER K 11 4.25 -70.10 -42.92
C SER K 11 2.83 -70.43 -42.47
N LEU K 12 2.00 -69.40 -42.36
CA LEU K 12 0.60 -69.55 -41.98
C LEU K 12 -0.29 -69.02 -43.09
N SER K 13 -1.37 -69.74 -43.37
CA SER K 13 -2.33 -69.37 -44.39
C SER K 13 -3.64 -68.94 -43.75
N ALA K 14 -4.19 -67.83 -44.23
CA ALA K 14 -5.43 -67.29 -43.68
C ALA K 14 -6.11 -66.46 -44.76
N SER K 15 -7.36 -66.11 -44.50
CA SER K 15 -8.16 -65.29 -45.39
C SER K 15 -8.39 -63.92 -44.74
N LEU K 16 -9.16 -63.08 -45.43
CA LEU K 16 -9.45 -61.74 -44.93
C LEU K 16 -10.52 -61.81 -43.85
N GLY K 17 -10.18 -61.37 -42.64
CA GLY K 17 -11.11 -61.36 -41.54
C GLY K 17 -10.95 -62.49 -40.54
N ASP K 18 -9.76 -63.08 -40.43
CA ASP K 18 -9.53 -64.18 -39.51
C ASP K 18 -8.59 -63.75 -38.39
N ARG K 19 -8.74 -64.36 -37.22
CA ARG K 19 -7.88 -64.10 -36.08
C ARG K 19 -6.75 -65.09 -36.10
N VAL K 20 -5.59 -64.67 -36.62
CA VAL K 20 -4.43 -65.54 -36.80
C VAL K 20 -3.51 -65.35 -35.61
N THR K 21 -2.99 -66.47 -35.09
CA THR K 21 -2.08 -66.45 -33.95
C THR K 21 -0.71 -66.96 -34.37
N ILE K 22 0.32 -66.30 -33.87
CA ILE K 22 1.72 -66.66 -34.15
C ILE K 22 2.45 -66.73 -32.82
N SER K 23 3.00 -67.90 -32.50
CA SER K 23 3.66 -68.12 -31.23
C SER K 23 5.18 -68.00 -31.38
N CYS K 24 5.85 -67.87 -30.23
CA CYS K 24 7.29 -67.76 -30.19
C CYS K 24 7.80 -68.30 -28.86
N ARG K 25 8.90 -69.05 -28.93
CA ARG K 25 9.50 -69.66 -27.75
C ARG K 25 10.95 -69.22 -27.64
N ALA K 26 11.49 -69.31 -26.43
CA ALA K 26 12.85 -68.90 -26.14
C ALA K 26 13.60 -70.00 -25.40
N SER K 27 14.91 -69.84 -25.30
CA SER K 27 15.73 -70.84 -24.63
C SER K 27 15.63 -70.72 -23.11
N GLN K 28 15.31 -69.54 -22.61
CA GLN K 28 15.17 -69.32 -21.17
C GLN K 28 14.11 -68.25 -20.94
N ASP K 29 13.93 -67.88 -19.68
CA ASP K 29 12.95 -66.86 -19.33
C ASP K 29 13.49 -65.48 -19.71
N ILE K 30 12.70 -64.73 -20.47
CA ILE K 30 13.08 -63.41 -20.95
C ILE K 30 12.37 -62.29 -20.21
N SER K 31 11.44 -62.63 -19.30
CA SER K 31 10.68 -61.68 -18.48
C SER K 31 9.89 -60.69 -19.32
N ASN K 32 9.30 -61.23 -20.39
CA ASN K 32 8.46 -60.51 -21.37
C ASN K 32 9.18 -59.34 -22.03
N TYR K 33 10.50 -59.42 -22.16
CA TYR K 33 11.28 -58.36 -22.79
C TYR K 33 11.53 -58.70 -24.27
N LEU K 34 10.43 -58.89 -24.99
CA LEU K 34 10.48 -59.24 -26.40
C LEU K 34 9.52 -58.35 -27.17
N SER K 35 9.84 -58.16 -28.46
CA SER K 35 9.02 -57.34 -29.33
C SER K 35 8.67 -58.13 -30.58
N TRP K 36 7.60 -57.70 -31.24
CA TRP K 36 7.14 -58.31 -32.49
C TRP K 36 7.16 -57.23 -33.56
N TYR K 37 7.88 -57.47 -34.65
CA TYR K 37 8.05 -56.51 -35.72
C TYR K 37 7.58 -57.11 -37.03
N GLN K 38 7.18 -56.23 -37.95
CA GLN K 38 6.74 -56.61 -39.28
C GLN K 38 7.76 -56.16 -40.31
N GLN K 39 7.89 -56.95 -41.37
CA GLN K 39 8.84 -56.66 -42.45
C GLN K 39 8.17 -56.98 -43.77
N LYS K 40 8.00 -55.96 -44.61
CA LYS K 40 7.41 -56.18 -45.93
C LYS K 40 8.42 -56.84 -46.86
N PRO K 41 7.97 -57.32 -48.02
CA PRO K 41 8.90 -57.99 -48.94
C PRO K 41 9.87 -57.04 -49.63
N ASP K 42 9.60 -55.73 -49.64
CA ASP K 42 10.51 -54.79 -50.27
C ASP K 42 11.74 -54.52 -49.41
N GLY K 43 11.65 -54.74 -48.10
CA GLY K 43 12.78 -54.49 -47.22
C GLY K 43 12.46 -53.54 -46.09
N THR K 44 11.26 -52.96 -46.11
CA THR K 44 10.84 -52.02 -45.07
C THR K 44 10.43 -52.80 -43.82
N VAL K 45 11.05 -52.44 -42.69
CA VAL K 45 10.79 -53.10 -41.41
C VAL K 45 10.18 -52.09 -40.46
N LYS K 46 9.03 -52.43 -39.90
CA LYS K 46 8.33 -51.59 -38.93
C LYS K 46 8.06 -52.39 -37.67
N LEU K 47 7.72 -51.69 -36.59
CA LEU K 47 7.44 -52.32 -35.31
C LEU K 47 5.94 -52.46 -35.11
N LEU K 48 5.53 -53.59 -34.52
CA LEU K 48 4.11 -53.89 -34.32
C LEU K 48 3.73 -53.91 -32.85
N ILE K 49 4.47 -54.64 -32.00
CA ILE K 49 4.12 -54.77 -30.60
C ILE K 49 5.40 -54.69 -29.77
N TYR K 50 5.34 -53.90 -28.70
CA TYR K 50 6.48 -53.71 -27.79
C TYR K 50 6.15 -54.26 -26.41
N TYR K 51 7.18 -54.84 -25.79
CA TYR K 51 7.15 -55.41 -24.43
C TYR K 51 6.10 -56.51 -24.27
N THR K 52 5.78 -57.21 -25.36
CA THR K 52 4.95 -58.42 -25.45
C THR K 52 3.48 -58.20 -25.11
N SER K 53 3.08 -57.00 -24.70
CA SER K 53 1.68 -56.72 -24.44
C SER K 53 1.21 -55.35 -24.90
N ARG K 54 2.10 -54.42 -25.20
CA ARG K 54 1.71 -53.05 -25.54
C ARG K 54 1.74 -52.82 -27.04
N LEU K 55 0.92 -51.87 -27.49
CA LEU K 55 0.83 -51.49 -28.88
C LEU K 55 1.53 -50.15 -29.09
N HIS K 56 2.38 -50.08 -30.11
CA HIS K 56 3.16 -48.89 -30.36
C HIS K 56 2.31 -47.81 -31.05
N SER K 57 2.75 -46.57 -30.91
CA SER K 57 2.06 -45.44 -31.54
C SER K 57 2.29 -45.48 -33.05
N GLY K 58 1.22 -45.63 -33.81
CA GLY K 58 1.28 -45.74 -35.26
C GLY K 58 0.77 -47.06 -35.80
N VAL K 59 0.64 -48.07 -34.96
CA VAL K 59 0.13 -49.38 -35.36
C VAL K 59 -1.36 -49.41 -35.06
N PRO K 60 -2.17 -50.12 -35.83
CA PRO K 60 -3.61 -50.13 -35.57
C PRO K 60 -3.97 -51.02 -34.39
N SER K 61 -5.23 -50.93 -33.98
CA SER K 61 -5.75 -51.70 -32.86
C SER K 61 -6.21 -53.09 -33.24
N ARG K 62 -5.99 -53.51 -34.49
CA ARG K 62 -6.41 -54.85 -34.90
C ARG K 62 -5.49 -55.92 -34.34
N PHE K 63 -4.21 -55.61 -34.16
CA PHE K 63 -3.25 -56.57 -33.64
C PHE K 63 -3.14 -56.45 -32.13
N SER K 64 -2.69 -57.54 -31.50
CA SER K 64 -2.51 -57.59 -30.06
C SER K 64 -1.43 -58.61 -29.74
N GLY K 65 -0.93 -58.55 -28.51
CA GLY K 65 0.11 -59.46 -28.08
C GLY K 65 -0.09 -59.86 -26.64
N SER K 66 0.37 -61.08 -26.33
CA SER K 66 0.26 -61.61 -24.97
C SER K 66 1.33 -62.67 -24.80
N GLY K 67 1.32 -63.33 -23.64
CA GLY K 67 2.25 -64.40 -23.34
C GLY K 67 2.94 -64.19 -22.01
N SER K 68 3.65 -65.22 -21.59
CA SER K 68 4.35 -65.20 -20.32
C SER K 68 5.50 -66.18 -20.36
N GLY K 69 6.45 -65.98 -19.44
CA GLY K 69 7.59 -66.87 -19.27
C GLY K 69 8.49 -66.94 -20.48
N ILE K 70 8.44 -68.08 -21.18
CA ILE K 70 9.16 -68.27 -22.43
C ILE K 70 8.25 -68.33 -23.64
N ASP K 71 6.93 -68.34 -23.45
CA ASP K 71 5.98 -68.50 -24.55
C ASP K 71 5.26 -67.17 -24.78
N TYR K 72 5.52 -66.54 -25.93
CA TYR K 72 4.84 -65.31 -26.31
C TYR K 72 3.99 -65.58 -27.55
N SER K 73 3.03 -64.68 -27.79
CA SER K 73 2.09 -64.89 -28.89
C SER K 73 1.58 -63.54 -29.39
N LEU K 74 1.43 -63.44 -30.71
CA LEU K 74 0.79 -62.30 -31.35
C LEU K 74 -0.50 -62.76 -32.03
N THR K 75 -1.49 -61.88 -32.04
CA THR K 75 -2.80 -62.23 -32.57
C THR K 75 -3.31 -61.09 -33.46
N ILE K 76 -3.84 -61.44 -34.61
CA ILE K 76 -4.46 -60.50 -35.53
C ILE K 76 -5.94 -60.82 -35.61
N ASN K 77 -6.78 -59.80 -35.37
CA ASN K 77 -8.22 -60.01 -35.35
C ASN K 77 -8.77 -60.20 -36.76
N ASN K 78 -8.30 -59.39 -37.71
CA ASN K 78 -8.76 -59.49 -39.09
C ASN K 78 -7.59 -59.18 -40.01
N LEU K 79 -7.28 -60.12 -40.91
CA LEU K 79 -6.18 -59.93 -41.84
C LEU K 79 -6.58 -59.00 -42.97
N GLU K 80 -5.74 -58.03 -43.28
CA GLU K 80 -6.00 -57.06 -44.33
C GLU K 80 -5.06 -57.31 -45.51
N GLN K 81 -5.17 -56.45 -46.53
CA GLN K 81 -4.31 -56.60 -47.70
C GLN K 81 -2.88 -56.20 -47.40
N GLU K 82 -2.68 -55.18 -46.58
CA GLU K 82 -1.34 -54.74 -46.19
C GLU K 82 -0.75 -55.58 -45.07
N ASP K 83 -1.53 -56.49 -44.47
CA ASP K 83 -1.05 -57.31 -43.38
C ASP K 83 -0.18 -58.48 -43.85
N PHE K 84 -0.13 -58.74 -45.16
CA PHE K 84 0.69 -59.83 -45.67
C PHE K 84 2.16 -59.44 -45.63
N ALA K 85 2.86 -59.84 -44.57
CA ALA K 85 4.26 -59.52 -44.40
C ALA K 85 4.91 -60.59 -43.54
N THR K 86 6.16 -60.37 -43.17
CA THR K 86 6.92 -61.29 -42.33
C THR K 86 6.91 -60.78 -40.90
N TYR K 87 6.34 -61.57 -39.99
CA TYR K 87 6.29 -61.24 -38.58
C TYR K 87 7.45 -61.93 -37.87
N PHE K 88 8.29 -61.14 -37.22
CA PHE K 88 9.49 -61.66 -36.55
C PHE K 88 9.51 -61.22 -35.10
N CYS K 89 9.91 -62.13 -34.22
CA CYS K 89 10.06 -61.84 -32.80
C CYS K 89 11.52 -61.51 -32.50
N GLN K 90 11.74 -60.54 -31.62
CA GLN K 90 13.08 -60.09 -31.28
C GLN K 90 13.20 -60.01 -29.76
N GLN K 91 14.15 -60.75 -29.20
CA GLN K 91 14.43 -60.67 -27.78
C GLN K 91 15.44 -59.56 -27.51
N GLY K 92 15.40 -59.04 -26.28
CA GLY K 92 16.30 -57.97 -25.90
C GLY K 92 16.82 -58.09 -24.49
N ASN K 93 16.87 -59.31 -23.96
CA ASN K 93 17.30 -59.51 -22.57
C ASN K 93 18.81 -59.46 -22.44
N THR K 94 19.51 -60.39 -23.10
CA THR K 94 20.94 -60.55 -22.93
C THR K 94 21.63 -60.37 -24.28
N LEU K 95 22.81 -59.73 -24.25
CA LEU K 95 23.59 -59.58 -25.46
C LEU K 95 24.28 -60.89 -25.81
N PRO K 96 24.32 -61.27 -27.10
CA PRO K 96 23.82 -60.59 -28.29
C PRO K 96 22.31 -60.78 -28.49
N LEU K 97 21.66 -59.78 -29.06
CA LEU K 97 20.22 -59.80 -29.26
C LEU K 97 19.89 -60.74 -30.41
N THR K 98 19.68 -62.01 -30.09
CA THR K 98 19.31 -62.99 -31.09
C THR K 98 17.83 -62.87 -31.42
N PHE K 99 17.52 -62.64 -32.69
CA PHE K 99 16.15 -62.49 -33.15
C PHE K 99 15.56 -63.88 -33.47
N GLY K 100 14.27 -63.87 -33.77
CA GLY K 100 13.57 -65.10 -34.08
C GLY K 100 13.79 -65.56 -35.51
N ALA K 101 13.12 -66.66 -35.85
CA ALA K 101 13.22 -67.20 -37.21
C ALA K 101 12.39 -66.36 -38.17
N GLY K 102 11.14 -66.10 -37.83
CA GLY K 102 10.28 -65.30 -38.68
C GLY K 102 9.35 -66.11 -39.55
N THR K 103 8.05 -65.89 -39.41
CA THR K 103 7.04 -66.55 -40.21
C THR K 103 6.47 -65.58 -41.25
N LYS K 104 5.87 -66.15 -42.29
CA LYS K 104 5.33 -65.38 -43.39
C LYS K 104 3.87 -65.74 -43.59
N LEU K 105 2.99 -64.75 -43.51
CA LEU K 105 1.57 -64.99 -43.72
C LEU K 105 1.28 -65.19 -45.20
N GLU K 106 0.21 -65.94 -45.48
CA GLU K 106 -0.16 -66.25 -46.84
C GLU K 106 -1.68 -66.17 -46.98
N LEU K 107 -2.12 -65.81 -48.19
CA LEU K 107 -3.55 -65.70 -48.48
C LEU K 107 -4.10 -67.05 -48.92
N LYS K 108 -5.20 -67.45 -48.30
CA LYS K 108 -5.83 -68.72 -48.63
C LYS K 108 -6.76 -68.56 -49.83
N ARG K 109 -6.68 -69.49 -50.76
CA ARG K 109 -7.51 -69.46 -51.96
C ARG K 109 -7.83 -70.90 -52.36
N ALA K 110 -8.50 -71.05 -53.51
CA ALA K 110 -8.85 -72.37 -54.00
C ALA K 110 -7.63 -73.04 -54.61
N ASP K 111 -7.51 -74.35 -54.39
CA ASP K 111 -6.39 -75.13 -54.90
C ASP K 111 -6.56 -75.32 -56.40
N ALA K 112 -5.84 -74.52 -57.18
CA ALA K 112 -5.92 -74.55 -58.63
C ALA K 112 -4.84 -75.45 -59.21
N ALA K 113 -5.11 -76.00 -60.39
CA ALA K 113 -4.16 -76.87 -61.06
C ALA K 113 -3.02 -76.04 -61.67
N PRO K 114 -1.79 -76.55 -61.64
CA PRO K 114 -0.66 -75.77 -62.16
C PRO K 114 -0.61 -75.83 -63.68
N THR K 115 -0.67 -74.65 -64.30
CA THR K 115 -0.51 -74.55 -65.74
C THR K 115 0.96 -74.71 -66.10
N VAL K 116 1.29 -75.78 -66.81
CA VAL K 116 2.67 -76.14 -67.13
C VAL K 116 2.94 -75.79 -68.58
N SER K 117 4.14 -75.26 -68.84
CA SER K 117 4.56 -74.91 -70.19
C SER K 117 6.04 -75.26 -70.33
N ILE K 118 6.36 -76.10 -71.32
CA ILE K 118 7.73 -76.53 -71.58
C ILE K 118 8.26 -75.73 -72.76
N PHE K 119 9.51 -75.27 -72.64
CA PHE K 119 10.16 -74.47 -73.67
C PHE K 119 11.51 -75.07 -74.00
N PRO K 120 11.77 -75.41 -75.26
CA PRO K 120 13.07 -75.96 -75.63
C PRO K 120 14.09 -74.86 -75.83
N PRO K 121 15.36 -75.21 -76.06
CA PRO K 121 16.38 -74.18 -76.27
C PRO K 121 16.28 -73.55 -77.65
N SER K 122 16.72 -72.30 -77.73
CA SER K 122 16.70 -71.56 -78.97
C SER K 122 17.91 -71.93 -79.83
N SER K 123 17.92 -71.39 -81.06
CA SER K 123 19.02 -71.68 -81.97
C SER K 123 20.28 -70.92 -81.59
N GLU K 124 20.12 -69.68 -81.08
CA GLU K 124 21.29 -68.90 -80.69
C GLU K 124 21.94 -69.45 -79.44
N GLN K 125 21.17 -70.07 -78.54
CA GLN K 125 21.76 -70.72 -77.39
C GLN K 125 22.40 -72.05 -77.76
N LEU K 126 21.81 -72.77 -78.73
CA LEU K 126 22.39 -74.03 -79.17
C LEU K 126 23.65 -73.81 -79.99
N THR K 127 23.78 -72.66 -80.65
CA THR K 127 25.00 -72.34 -81.37
C THR K 127 26.16 -72.03 -80.43
N SER K 128 25.88 -71.66 -79.19
CA SER K 128 26.93 -71.39 -78.21
C SER K 128 27.45 -72.68 -77.56
N GLY K 129 26.73 -73.78 -77.70
CA GLY K 129 27.16 -75.05 -77.14
C GLY K 129 26.33 -75.56 -75.97
N GLY K 130 25.28 -74.84 -75.58
CA GLY K 130 24.45 -75.24 -74.47
C GLY K 130 22.98 -75.33 -74.86
N ALA K 131 22.19 -75.92 -73.96
CA ALA K 131 20.75 -76.06 -74.16
C ALA K 131 20.09 -76.10 -72.79
N SER K 132 19.21 -75.15 -72.52
CA SER K 132 18.52 -75.05 -71.24
C SER K 132 17.01 -75.21 -71.49
N VAL K 133 16.51 -76.41 -71.26
CA VAL K 133 15.08 -76.67 -71.35
C VAL K 133 14.40 -76.08 -70.13
N VAL K 134 13.38 -75.24 -70.37
CA VAL K 134 12.70 -74.52 -69.31
C VAL K 134 11.32 -75.14 -69.11
N CYS K 135 10.84 -75.08 -67.87
CA CYS K 135 9.50 -75.57 -67.51
C CYS K 135 8.89 -74.58 -66.53
N PHE K 136 7.87 -73.86 -66.98
CA PHE K 136 7.20 -72.87 -66.17
C PHE K 136 5.84 -73.41 -65.70
N LEU K 137 5.66 -73.47 -64.39
CA LEU K 137 4.42 -73.91 -63.78
C LEU K 137 3.82 -72.71 -63.05
N ASN K 138 2.81 -72.10 -63.65
CA ASN K 138 2.21 -70.88 -63.12
C ASN K 138 0.76 -71.14 -62.71
N ASN K 139 0.24 -70.23 -61.88
CA ASN K 139 -1.16 -70.21 -61.43
C ASN K 139 -1.52 -71.50 -60.69
N PHE K 140 -0.84 -71.73 -59.58
CA PHE K 140 -1.04 -72.92 -58.76
C PHE K 140 -1.27 -72.53 -57.31
N TYR K 141 -1.92 -73.44 -56.58
CA TYR K 141 -2.18 -73.24 -55.16
C TYR K 141 -2.30 -74.61 -54.50
N PRO K 142 -1.57 -74.87 -53.41
CA PRO K 142 -0.61 -74.00 -52.73
C PRO K 142 0.78 -74.05 -53.34
N LYS K 143 1.79 -73.64 -52.57
CA LYS K 143 3.16 -73.61 -53.06
C LYS K 143 3.84 -74.98 -53.04
N ASP K 144 3.18 -75.99 -52.46
CA ASP K 144 3.77 -77.33 -52.39
C ASP K 144 3.64 -78.01 -53.75
N ILE K 145 4.76 -78.14 -54.46
CA ILE K 145 4.79 -78.79 -55.76
C ILE K 145 6.19 -79.35 -55.99
N ASN K 146 6.27 -80.41 -56.79
CA ASN K 146 7.52 -81.06 -57.11
C ASN K 146 7.70 -81.13 -58.62
N VAL K 147 8.96 -81.08 -59.06
CA VAL K 147 9.30 -81.10 -60.48
C VAL K 147 10.25 -82.25 -60.75
N LYS K 148 10.12 -82.84 -61.93
CA LYS K 148 10.97 -83.94 -62.36
C LYS K 148 11.29 -83.79 -63.84
N TRP K 149 12.54 -84.01 -64.21
CA TRP K 149 12.98 -83.97 -65.59
C TRP K 149 13.33 -85.36 -66.07
N LYS K 150 12.94 -85.68 -67.31
CA LYS K 150 13.19 -86.98 -67.90
C LYS K 150 13.76 -86.80 -69.30
N ILE K 151 14.87 -87.46 -69.57
CA ILE K 151 15.54 -87.41 -70.88
C ILE K 151 15.42 -88.79 -71.49
N ASP K 152 14.46 -88.94 -72.42
CA ASP K 152 14.15 -90.20 -73.12
C ASP K 152 13.83 -91.33 -72.15
N GLY K 153 13.07 -91.00 -71.11
CA GLY K 153 12.67 -91.96 -70.10
C GLY K 153 13.57 -92.04 -68.89
N SER K 154 14.79 -91.54 -68.99
CA SER K 154 15.73 -91.56 -67.87
C SER K 154 15.63 -90.26 -67.09
N GLU K 155 15.46 -90.38 -65.77
CA GLU K 155 15.35 -89.21 -64.91
C GLU K 155 16.72 -88.60 -64.68
N ARG K 156 16.82 -87.29 -64.86
CA ARG K 156 18.07 -86.55 -64.69
C ARG K 156 17.92 -85.58 -63.52
N GLN K 157 18.91 -85.61 -62.61
CA GLN K 157 18.89 -84.73 -61.45
C GLN K 157 20.00 -83.70 -61.44
N ASN K 158 21.06 -83.90 -62.22
CA ASN K 158 22.18 -82.96 -62.28
C ASN K 158 21.88 -81.82 -63.24
N GLY K 159 22.31 -80.63 -62.88
CA GLY K 159 22.06 -79.46 -63.71
C GLY K 159 20.65 -78.95 -63.67
N VAL K 160 19.94 -79.17 -62.57
CA VAL K 160 18.55 -78.74 -62.41
C VAL K 160 18.53 -77.51 -61.54
N LEU K 161 17.98 -76.42 -62.07
CA LEU K 161 17.83 -75.17 -61.33
C LEU K 161 16.35 -74.92 -61.07
N ASN K 162 16.01 -74.60 -59.82
CA ASN K 162 14.63 -74.37 -59.43
C ASN K 162 14.51 -72.96 -58.84
N SER K 163 13.57 -72.19 -59.36
CA SER K 163 13.32 -70.83 -58.89
C SER K 163 11.84 -70.68 -58.55
N TRP K 164 11.55 -70.41 -57.28
CA TRP K 164 10.19 -70.20 -56.83
C TRP K 164 9.89 -68.71 -56.73
N THR K 165 8.67 -68.33 -57.11
CA THR K 165 8.23 -66.95 -57.10
C THR K 165 7.33 -66.69 -55.91
N ASP K 166 7.09 -65.41 -55.64
CA ASP K 166 6.23 -65.01 -54.54
C ASP K 166 4.78 -65.03 -54.96
N GLN K 167 3.89 -64.93 -53.97
CA GLN K 167 2.46 -64.94 -54.25
C GLN K 167 2.03 -63.62 -54.87
N ASP K 168 1.31 -63.70 -55.99
CA ASP K 168 0.84 -62.50 -56.67
C ASP K 168 -0.30 -61.87 -55.90
N SER K 169 -0.36 -60.54 -55.92
CA SER K 169 -1.38 -59.78 -55.21
C SER K 169 -2.66 -59.59 -56.01
N LYS K 170 -2.75 -60.21 -57.20
CA LYS K 170 -3.92 -60.07 -58.06
C LYS K 170 -4.78 -61.32 -58.09
N ASP K 171 -4.17 -62.51 -58.20
CA ASP K 171 -4.90 -63.75 -58.29
C ASP K 171 -4.62 -64.70 -57.13
N SER K 172 -3.72 -64.32 -56.21
CA SER K 172 -3.29 -65.14 -55.07
C SER K 172 -2.75 -66.50 -55.51
N THR K 173 -1.94 -66.49 -56.56
CA THR K 173 -1.37 -67.70 -57.14
C THR K 173 0.15 -67.65 -57.05
N TYR K 174 0.81 -68.68 -57.57
CA TYR K 174 2.26 -68.77 -57.50
C TYR K 174 2.81 -69.28 -58.83
N SER K 175 4.12 -69.09 -59.00
CA SER K 175 4.81 -69.53 -60.20
C SER K 175 6.12 -70.20 -59.81
N MET K 176 6.54 -71.17 -60.63
CA MET K 176 7.79 -71.88 -60.41
C MET K 176 8.46 -72.10 -61.76
N SER K 177 9.79 -72.04 -61.77
CA SER K 177 10.56 -72.19 -62.99
C SER K 177 11.64 -73.25 -62.76
N SER K 178 11.61 -74.30 -63.58
CA SER K 178 12.62 -75.33 -63.58
C SER K 178 13.46 -75.20 -64.85
N THR K 179 14.76 -75.47 -64.73
CA THR K 179 15.66 -75.34 -65.86
C THR K 179 16.63 -76.51 -65.87
N LEU K 180 16.68 -77.24 -66.98
CA LEU K 180 17.63 -78.31 -67.18
C LEU K 180 18.64 -77.83 -68.22
N THR K 181 19.85 -77.50 -67.78
CA THR K 181 20.89 -76.95 -68.64
C THR K 181 21.96 -78.00 -68.88
N LEU K 182 22.16 -78.36 -70.14
CA LEU K 182 23.18 -79.33 -70.53
C LEU K 182 23.94 -78.77 -71.73
N THR K 183 24.89 -79.55 -72.22
CA THR K 183 25.68 -79.14 -73.37
C THR K 183 24.91 -79.40 -74.67
N LYS K 184 25.48 -78.96 -75.78
CA LYS K 184 24.85 -79.20 -77.07
C LYS K 184 24.97 -80.66 -77.49
N ASP K 185 26.06 -81.32 -77.10
CA ASP K 185 26.22 -82.73 -77.43
C ASP K 185 25.28 -83.61 -76.61
N GLU K 186 24.95 -83.21 -75.39
CA GLU K 186 23.99 -83.96 -74.59
C GLU K 186 22.57 -83.73 -75.09
N TYR K 187 22.29 -82.54 -75.62
CA TYR K 187 20.97 -82.28 -76.19
C TYR K 187 20.82 -82.95 -77.56
N GLU K 188 21.91 -83.14 -78.28
CA GLU K 188 21.84 -83.83 -79.56
C GLU K 188 21.76 -85.34 -79.39
N ARG K 189 22.16 -85.86 -78.25
CA ARG K 189 22.11 -87.30 -77.97
C ARG K 189 20.75 -87.75 -77.46
N HIS K 190 19.79 -86.83 -77.29
CA HIS K 190 18.46 -87.18 -76.83
C HIS K 190 17.44 -86.48 -77.72
N ASN K 191 16.29 -87.13 -77.90
CA ASN K 191 15.23 -86.61 -78.76
C ASN K 191 14.06 -86.07 -77.96
N SER K 192 13.49 -86.87 -77.07
CA SER K 192 12.30 -86.49 -76.32
C SER K 192 12.70 -86.13 -74.88
N TYR K 193 12.34 -84.92 -74.47
CA TYR K 193 12.54 -84.45 -73.10
C TYR K 193 11.18 -84.13 -72.48
N THR K 194 10.98 -84.56 -71.24
CA THR K 194 9.70 -84.41 -70.58
C THR K 194 9.89 -83.78 -69.22
N CYS K 195 8.93 -82.93 -68.82
CA CYS K 195 8.89 -82.32 -67.50
C CYS K 195 7.59 -82.70 -66.82
N GLU K 196 7.70 -83.25 -65.62
CA GLU K 196 6.54 -83.70 -64.85
C GLU K 196 6.40 -82.85 -63.60
N ALA K 197 5.17 -82.39 -63.35
CA ALA K 197 4.86 -81.55 -62.20
C ALA K 197 3.86 -82.30 -61.31
N THR K 198 4.24 -82.52 -60.06
CA THR K 198 3.39 -83.18 -59.08
C THR K 198 2.86 -82.15 -58.10
N HIS K 199 1.54 -82.00 -58.05
CA HIS K 199 0.89 -81.02 -57.19
C HIS K 199 -0.05 -81.74 -56.23
N LYS K 200 -0.64 -80.97 -55.32
CA LYS K 200 -1.57 -81.54 -54.36
C LYS K 200 -2.95 -81.76 -54.98
N THR K 201 -3.25 -81.08 -56.08
CA THR K 201 -4.56 -81.18 -56.70
C THR K 201 -4.75 -82.49 -57.46
N SER K 202 -3.67 -83.08 -57.96
CA SER K 202 -3.76 -84.32 -58.73
C SER K 202 -2.68 -85.28 -58.25
N THR K 203 -3.08 -86.55 -58.05
CA THR K 203 -2.11 -87.56 -57.64
C THR K 203 -1.17 -87.94 -58.77
N SER K 204 -1.65 -87.85 -60.02
CA SER K 204 -0.79 -88.11 -61.17
C SER K 204 -0.11 -86.82 -61.61
N PRO K 205 1.18 -86.84 -61.91
CA PRO K 205 1.87 -85.61 -62.29
C PRO K 205 1.56 -85.23 -63.73
N ILE K 206 1.34 -83.94 -63.95
CA ILE K 206 1.12 -83.42 -65.30
C ILE K 206 2.44 -83.43 -66.04
N VAL K 207 2.48 -84.14 -67.17
CA VAL K 207 3.70 -84.34 -67.93
C VAL K 207 3.59 -83.57 -69.23
N LYS K 208 4.63 -82.80 -69.56
CA LYS K 208 4.73 -82.09 -70.84
C LYS K 208 6.02 -82.52 -71.51
N SER K 209 5.89 -83.15 -72.68
CA SER K 209 7.04 -83.69 -73.39
C SER K 209 7.19 -83.02 -74.73
N PHE K 210 8.41 -83.04 -75.25
CA PHE K 210 8.73 -82.46 -76.54
C PHE K 210 9.78 -83.31 -77.24
N ASN K 211 9.67 -83.38 -78.56
CA ASN K 211 10.58 -84.15 -79.40
C ASN K 211 11.39 -83.21 -80.29
N ARG K 212 12.23 -83.81 -81.13
CA ARG K 212 13.08 -83.04 -82.04
C ARG K 212 12.72 -83.32 -83.49
N GLN L 22 8.47 -37.83 -40.60
CA GLN L 22 8.83 -39.03 -39.86
C GLN L 22 10.31 -39.36 -40.00
N ALA L 23 10.78 -40.33 -39.24
CA ALA L 23 12.17 -40.75 -39.26
C ALA L 23 12.35 -41.90 -40.24
N GLN L 24 13.40 -41.81 -41.06
CA GLN L 24 13.72 -42.82 -42.05
C GLN L 24 15.20 -43.15 -41.99
N LEU L 25 15.56 -44.31 -42.54
CA LEU L 25 16.94 -44.75 -42.61
C LEU L 25 17.18 -45.46 -43.95
N LYS L 26 18.31 -45.15 -44.58
CA LYS L 26 18.66 -45.72 -45.88
C LYS L 26 20.09 -46.21 -45.85
N GLU L 27 20.29 -47.48 -46.18
CA GLU L 27 21.61 -48.10 -46.19
C GLU L 27 22.11 -48.24 -47.63
N SER L 28 23.41 -48.06 -47.81
CA SER L 28 24.03 -48.16 -49.13
C SER L 28 25.40 -48.80 -48.99
N GLY L 29 25.81 -49.51 -50.04
CA GLY L 29 27.08 -50.18 -50.05
C GLY L 29 27.58 -50.45 -51.46
N PRO L 30 28.74 -51.10 -51.59
CA PRO L 30 29.26 -51.37 -52.93
C PRO L 30 28.58 -52.54 -53.62
N GLY L 31 28.09 -53.51 -52.87
CA GLY L 31 27.39 -54.65 -53.45
C GLY L 31 28.25 -55.86 -53.76
N LEU L 32 29.33 -55.66 -54.51
CA LEU L 32 30.24 -56.73 -54.89
C LEU L 32 31.66 -56.35 -54.47
N VAL L 33 32.28 -57.19 -53.64
CA VAL L 33 33.64 -56.96 -53.18
C VAL L 33 34.40 -58.28 -53.25
N ALA L 34 35.73 -58.16 -53.30
CA ALA L 34 36.57 -59.34 -53.37
C ALA L 34 36.70 -59.98 -51.99
N PRO L 35 37.15 -61.23 -51.93
CA PRO L 35 37.32 -61.89 -50.63
C PRO L 35 38.54 -61.37 -49.90
N SER L 36 38.46 -61.46 -48.56
CA SER L 36 39.48 -60.97 -47.62
C SER L 36 39.80 -59.50 -47.83
N GLN L 37 38.75 -58.71 -48.06
CA GLN L 37 38.90 -57.27 -48.27
C GLN L 37 38.00 -56.49 -47.34
N SER L 38 37.93 -55.17 -47.52
CA SER L 38 37.10 -54.32 -46.69
C SER L 38 35.69 -54.19 -47.29
N LEU L 39 34.77 -53.67 -46.49
CA LEU L 39 33.40 -53.45 -46.93
C LEU L 39 32.82 -52.29 -46.12
N SER L 40 32.57 -51.17 -46.78
CA SER L 40 32.08 -49.96 -46.13
C SER L 40 30.60 -49.78 -46.47
N ILE L 41 29.77 -49.70 -45.45
CA ILE L 41 28.34 -49.47 -45.60
C ILE L 41 28.01 -48.12 -44.97
N THR L 42 27.21 -47.31 -45.67
CA THR L 42 26.84 -45.98 -45.23
C THR L 42 25.33 -45.95 -44.99
N CYS L 43 24.94 -45.59 -43.76
CA CYS L 43 23.54 -45.49 -43.38
C CYS L 43 23.21 -44.03 -43.08
N THR L 44 22.24 -43.50 -43.81
CA THR L 44 21.78 -42.12 -43.63
C THR L 44 20.44 -42.12 -42.91
N VAL L 45 20.35 -41.36 -41.83
CA VAL L 45 19.13 -41.27 -41.05
C VAL L 45 18.54 -39.87 -41.21
N SER L 46 17.22 -39.78 -41.08
CA SER L 46 16.52 -38.53 -41.22
C SER L 46 15.29 -38.55 -40.32
N GLY L 47 14.75 -37.36 -40.05
CA GLY L 47 13.59 -37.22 -39.20
C GLY L 47 13.89 -37.21 -37.71
N PHE L 48 15.16 -37.39 -37.33
CA PHE L 48 15.55 -37.42 -35.92
C PHE L 48 17.00 -36.97 -35.83
N SER L 49 17.62 -37.20 -34.67
CA SER L 49 19.01 -36.84 -34.43
C SER L 49 19.80 -38.07 -34.00
N LEU L 50 21.10 -38.03 -34.27
CA LEU L 50 22.00 -39.12 -33.92
C LEU L 50 22.85 -38.81 -32.70
N THR L 51 22.58 -37.71 -32.01
CA THR L 51 23.33 -37.36 -30.81
C THR L 51 22.66 -37.83 -29.53
N ASN L 52 21.41 -38.29 -29.60
CA ASN L 52 20.67 -38.73 -28.43
C ASN L 52 20.06 -40.11 -28.57
N TYR L 53 20.40 -40.86 -29.62
CA TYR L 53 19.90 -42.20 -29.83
C TYR L 53 21.03 -43.13 -30.26
N GLY L 54 20.75 -44.43 -30.21
CA GLY L 54 21.72 -45.44 -30.58
C GLY L 54 21.35 -46.11 -31.89
N VAL L 55 22.37 -46.52 -32.63
CA VAL L 55 22.21 -47.10 -33.96
C VAL L 55 22.78 -48.51 -33.95
N HIS L 56 21.95 -49.49 -34.26
CA HIS L 56 22.36 -50.89 -34.29
C HIS L 56 22.36 -51.41 -35.72
N TRP L 57 23.46 -52.07 -36.09
CA TRP L 57 23.60 -52.70 -37.39
C TRP L 57 23.48 -54.21 -37.22
N VAL L 58 22.67 -54.84 -38.06
CA VAL L 58 22.38 -56.26 -37.96
C VAL L 58 22.44 -56.89 -39.34
N ARG L 59 23.08 -58.05 -39.44
CA ARG L 59 23.12 -58.79 -40.69
C ARG L 59 21.96 -59.78 -40.76
N GLN L 60 21.68 -60.25 -41.97
CA GLN L 60 20.59 -61.18 -42.22
C GLN L 60 21.01 -62.10 -43.36
N PRO L 61 21.24 -63.38 -43.07
CA PRO L 61 21.54 -64.32 -44.14
C PRO L 61 20.27 -64.82 -44.79
N PRO L 62 20.26 -64.97 -46.11
CA PRO L 62 19.05 -65.43 -46.81
C PRO L 62 18.82 -66.92 -46.57
N GLY L 63 17.68 -67.23 -45.94
CA GLY L 63 17.36 -68.59 -45.59
C GLY L 63 17.85 -69.03 -44.22
N LYS L 64 18.50 -68.15 -43.48
CA LYS L 64 18.98 -68.44 -42.14
C LYS L 64 18.45 -67.39 -41.16
N GLY L 65 18.90 -67.48 -39.91
CA GLY L 65 18.46 -66.53 -38.90
C GLY L 65 19.24 -65.24 -38.92
N LEU L 66 18.57 -64.15 -38.54
CA LEU L 66 19.21 -62.84 -38.50
C LEU L 66 20.13 -62.75 -37.30
N GLU L 67 21.35 -62.27 -37.52
CA GLU L 67 22.35 -62.15 -36.48
C GLU L 67 22.72 -60.69 -36.29
N TRP L 68 22.74 -60.24 -35.04
CA TRP L 68 23.06 -58.86 -34.71
C TRP L 68 24.56 -58.66 -34.82
N LEU L 69 24.97 -57.76 -35.72
CA LEU L 69 26.39 -57.47 -35.92
C LEU L 69 26.93 -56.63 -34.76
N GLY L 70 26.32 -55.48 -34.51
CA GLY L 70 26.76 -54.65 -33.42
C GLY L 70 25.86 -53.46 -33.22
N VAL L 71 26.26 -52.57 -32.31
CA VAL L 71 25.49 -51.38 -32.01
C VAL L 71 26.45 -50.31 -31.51
N ILE L 72 26.07 -49.05 -31.72
CA ILE L 72 26.81 -47.90 -31.21
C ILE L 72 25.81 -47.00 -30.48
N TRP L 73 26.30 -46.35 -29.43
CA TRP L 73 25.46 -45.52 -28.56
C TRP L 73 25.66 -44.05 -28.89
N ALA L 74 24.81 -43.21 -28.29
CA ALA L 74 24.93 -41.77 -28.48
C ALA L 74 26.07 -41.18 -27.67
N GLY L 75 26.53 -41.88 -26.65
CA GLY L 75 27.61 -41.44 -25.79
C GLY L 75 28.98 -42.00 -26.12
N GLY L 76 29.20 -42.41 -27.37
CA GLY L 76 30.48 -42.93 -27.79
C GLY L 76 30.70 -44.40 -27.50
N SER L 77 29.76 -45.07 -26.85
CA SER L 77 29.89 -46.49 -26.55
C SER L 77 29.49 -47.32 -27.77
N THR L 78 30.21 -48.42 -27.99
CA THR L 78 29.94 -49.33 -29.09
C THR L 78 30.24 -50.75 -28.66
N ASN L 79 29.35 -51.66 -29.01
CA ASN L 79 29.51 -53.08 -28.72
C ASN L 79 29.35 -53.88 -30.00
N TYR L 80 30.00 -55.05 -30.04
CA TYR L 80 29.99 -55.90 -31.22
C TYR L 80 29.60 -57.31 -30.80
N ASN L 81 29.54 -58.21 -31.77
CA ASN L 81 29.23 -59.60 -31.51
C ASN L 81 30.41 -60.31 -30.87
N SER L 82 30.13 -61.46 -30.24
CA SER L 82 31.17 -62.18 -29.54
C SER L 82 32.05 -62.99 -30.48
N ALA L 83 31.50 -63.48 -31.59
CA ALA L 83 32.25 -64.33 -32.50
C ALA L 83 33.07 -63.56 -33.52
N LEU L 84 32.72 -62.31 -33.81
CA LEU L 84 33.41 -61.50 -34.81
C LEU L 84 33.68 -60.11 -34.26
N MET L 85 34.24 -60.05 -33.04
CA MET L 85 34.52 -58.76 -32.42
C MET L 85 35.70 -58.06 -33.09
N SER L 86 36.64 -58.83 -33.63
CA SER L 86 37.79 -58.29 -34.34
C SER L 86 37.58 -58.27 -35.85
N ARG L 87 36.34 -58.14 -36.29
CA ARG L 87 36.02 -58.14 -37.72
C ARG L 87 35.13 -56.99 -38.17
N VAL L 88 34.50 -56.26 -37.25
CA VAL L 88 33.59 -55.18 -37.60
C VAL L 88 33.96 -53.93 -36.81
N SER L 89 33.67 -52.77 -37.40
CA SER L 89 33.86 -51.48 -36.76
C SER L 89 32.77 -50.54 -37.20
N ILE L 90 32.43 -49.58 -36.35
CA ILE L 90 31.35 -48.64 -36.62
C ILE L 90 31.79 -47.25 -36.20
N SER L 91 31.52 -46.27 -37.05
CA SER L 91 31.76 -44.86 -36.76
C SER L 91 30.57 -44.04 -37.22
N LYS L 92 30.52 -42.78 -36.81
CA LYS L 92 29.38 -41.94 -37.15
C LYS L 92 29.81 -40.51 -37.36
N ASP L 93 29.05 -39.80 -38.18
CA ASP L 93 29.23 -38.37 -38.42
C ASP L 93 27.91 -37.69 -38.11
N ASN L 94 27.90 -36.83 -37.08
CA ASN L 94 26.67 -36.19 -36.64
C ASN L 94 26.29 -35.02 -37.53
N SER L 95 27.24 -34.47 -38.29
CA SER L 95 26.93 -33.36 -39.17
C SER L 95 26.12 -33.81 -40.38
N LYS L 96 26.50 -34.93 -40.99
CA LYS L 96 25.74 -35.49 -42.09
C LYS L 96 24.73 -36.54 -41.64
N SER L 97 24.71 -36.86 -40.34
CA SER L 97 23.86 -37.90 -39.74
C SER L 97 24.06 -39.25 -40.43
N GLN L 98 25.32 -39.65 -40.55
CA GLN L 98 25.69 -40.86 -41.28
C GLN L 98 26.39 -41.84 -40.36
N VAL L 99 26.24 -43.12 -40.68
CA VAL L 99 26.89 -44.19 -39.93
C VAL L 99 27.69 -45.04 -40.92
N PHE L 100 28.99 -45.17 -40.65
CA PHE L 100 29.89 -45.93 -41.50
C PHE L 100 30.27 -47.22 -40.80
N LEU L 101 29.90 -48.35 -41.40
CA LEU L 101 30.21 -49.67 -40.87
C LEU L 101 31.25 -50.34 -41.77
N LYS L 102 32.39 -50.68 -41.18
CA LYS L 102 33.48 -51.33 -41.89
C LYS L 102 33.54 -52.79 -41.46
N MET L 103 33.68 -53.69 -42.45
CA MET L 103 33.79 -55.12 -42.18
C MET L 103 34.92 -55.68 -43.04
N ASN L 104 35.90 -56.28 -42.39
CA ASN L 104 37.05 -56.89 -43.05
C ASN L 104 37.05 -58.39 -42.79
N SER L 105 38.00 -59.08 -43.43
CA SER L 105 38.17 -60.54 -43.36
C SER L 105 36.89 -61.28 -43.77
N LEU L 106 36.30 -60.83 -44.88
CA LEU L 106 35.06 -61.42 -45.36
C LEU L 106 35.33 -62.75 -46.04
N GLN L 107 34.34 -63.64 -45.99
CA GLN L 107 34.44 -64.98 -46.57
C GLN L 107 33.36 -65.11 -47.66
N THR L 108 33.23 -66.34 -48.17
CA THR L 108 32.25 -66.61 -49.21
C THR L 108 30.81 -66.63 -48.68
N ASP L 109 30.63 -66.78 -47.37
CA ASP L 109 29.31 -66.78 -46.75
C ASP L 109 28.86 -65.38 -46.35
N ASP L 110 29.48 -64.33 -46.89
CA ASP L 110 29.12 -62.96 -46.58
C ASP L 110 28.10 -62.38 -47.55
N THR L 111 27.54 -63.22 -48.43
CA THR L 111 26.48 -62.79 -49.35
C THR L 111 25.17 -62.73 -48.58
N VAL L 112 24.99 -61.62 -47.88
CA VAL L 112 23.89 -61.44 -46.94
C VAL L 112 23.28 -60.05 -47.16
N MET L 113 22.34 -59.70 -46.29
CA MET L 113 21.78 -58.35 -46.25
C MET L 113 22.18 -57.67 -44.95
N TYR L 114 22.20 -56.34 -44.98
CA TYR L 114 22.58 -55.52 -43.84
C TYR L 114 21.48 -54.51 -43.57
N TYR L 115 21.17 -54.30 -42.29
CA TYR L 115 20.13 -53.36 -41.89
C TYR L 115 20.62 -52.50 -40.73
N CYS L 116 20.23 -51.23 -40.74
CA CYS L 116 20.54 -50.31 -39.67
C CYS L 116 19.23 -49.83 -39.04
N ALA L 117 19.21 -49.78 -37.71
CA ALA L 117 18.00 -49.44 -36.98
C ALA L 117 18.34 -48.54 -35.80
N ARG L 118 17.33 -47.85 -35.29
CA ARG L 118 17.47 -47.01 -34.11
C ARG L 118 16.95 -47.74 -32.88
N GLU L 119 17.59 -47.49 -31.74
CA GLU L 119 17.24 -48.12 -30.48
C GLU L 119 16.48 -47.15 -29.60
N ASP L 120 15.67 -47.68 -28.69
CA ASP L 120 14.87 -46.86 -27.79
C ASP L 120 14.58 -47.64 -26.52
N TYR L 121 14.11 -46.92 -25.50
CA TYR L 121 13.76 -47.51 -24.21
C TYR L 121 12.31 -47.17 -23.90
N ASP L 122 11.45 -48.20 -23.92
CA ASP L 122 10.03 -48.06 -23.65
C ASP L 122 9.59 -49.15 -22.68
N TYR L 123 10.33 -49.24 -21.57
CA TYR L 123 10.40 -50.27 -20.51
C TYR L 123 11.16 -51.50 -21.01
N ASP L 124 11.68 -51.48 -22.24
CA ASP L 124 12.54 -52.53 -22.76
C ASP L 124 13.37 -51.93 -23.89
N TRP L 125 14.60 -52.41 -24.01
CA TRP L 125 15.48 -51.95 -25.08
C TRP L 125 14.97 -52.50 -26.41
N HIS L 126 14.29 -51.65 -27.18
CA HIS L 126 13.61 -52.08 -28.39
C HIS L 126 14.17 -51.34 -29.59
N PHE L 127 13.84 -51.85 -30.78
CA PHE L 127 14.21 -51.21 -32.04
C PHE L 127 12.98 -50.51 -32.59
N ASP L 128 13.06 -49.19 -32.72
CA ASP L 128 11.91 -48.36 -33.08
C ASP L 128 11.83 -48.06 -34.57
N VAL L 129 12.88 -47.46 -35.14
CA VAL L 129 12.91 -47.08 -36.55
C VAL L 129 14.05 -47.82 -37.22
N TRP L 130 13.72 -48.64 -38.21
CA TRP L 130 14.70 -49.44 -38.92
C TRP L 130 14.94 -48.86 -40.31
N GLY L 131 15.78 -49.54 -41.10
CA GLY L 131 16.09 -49.08 -42.43
C GLY L 131 15.69 -50.08 -43.51
N ALA L 132 15.96 -49.72 -44.77
CA ALA L 132 15.61 -50.61 -45.87
C ALA L 132 16.62 -51.75 -46.01
N GLY L 133 17.88 -51.48 -45.73
CA GLY L 133 18.90 -52.51 -45.82
C GLY L 133 19.45 -52.66 -47.23
N THR L 134 20.68 -53.16 -47.29
CA THR L 134 21.36 -53.37 -48.57
C THR L 134 21.79 -54.83 -48.67
N THR L 135 22.22 -55.21 -49.87
CA THR L 135 22.69 -56.56 -50.15
C THR L 135 24.19 -56.51 -50.44
N VAL L 136 24.95 -57.39 -49.79
CA VAL L 136 26.39 -57.49 -49.98
C VAL L 136 26.70 -58.91 -50.46
N THR L 137 27.34 -59.02 -51.62
CA THR L 137 27.74 -60.29 -52.19
C THR L 137 29.26 -60.31 -52.29
N VAL L 138 29.89 -61.13 -51.46
CA VAL L 138 31.35 -61.24 -51.40
C VAL L 138 31.77 -62.38 -52.33
N SER L 139 32.30 -62.01 -53.49
CA SER L 139 32.74 -63.00 -54.47
C SER L 139 33.89 -62.41 -55.27
N SER L 140 34.85 -63.26 -55.61
CA SER L 140 36.02 -62.86 -56.38
C SER L 140 35.82 -63.02 -57.89
N ALA L 141 34.60 -63.28 -58.34
CA ALA L 141 34.33 -63.45 -59.75
C ALA L 141 34.34 -62.09 -60.46
N LYS L 142 34.61 -62.13 -61.76
CA LYS L 142 34.69 -60.92 -62.57
C LYS L 142 33.31 -60.55 -63.11
N THR L 143 33.14 -59.26 -63.36
CA THR L 143 31.88 -58.75 -63.89
C THR L 143 31.80 -59.00 -65.38
N THR L 144 30.69 -59.62 -65.81
CA THR L 144 30.46 -59.92 -67.21
C THR L 144 29.07 -59.45 -67.63
N PRO L 145 28.90 -59.09 -68.89
CA PRO L 145 27.58 -58.64 -69.36
C PRO L 145 26.65 -59.82 -69.58
N PRO L 146 25.35 -59.64 -69.38
CA PRO L 146 24.40 -60.74 -69.54
C PRO L 146 24.07 -60.98 -71.00
N SER L 147 23.52 -62.18 -71.26
CA SER L 147 23.09 -62.57 -72.60
C SER L 147 21.59 -62.83 -72.56
N VAL L 148 20.85 -62.11 -73.39
CA VAL L 148 19.38 -62.18 -73.42
C VAL L 148 18.97 -63.07 -74.58
N TYR L 149 18.11 -64.04 -74.30
CA TYR L 149 17.56 -64.94 -75.31
C TYR L 149 16.04 -64.91 -75.28
N PRO L 150 15.39 -65.00 -76.43
CA PRO L 150 13.92 -64.97 -76.45
C PRO L 150 13.32 -66.33 -76.10
N LEU L 151 12.05 -66.29 -75.69
CA LEU L 151 11.31 -67.51 -75.34
C LEU L 151 9.86 -67.29 -75.73
N ALA L 152 9.46 -67.84 -76.87
CA ALA L 152 8.09 -67.77 -77.32
C ALA L 152 7.37 -69.08 -77.03
N PRO L 153 6.05 -69.13 -77.27
CA PRO L 153 5.32 -70.38 -77.05
C PRO L 153 5.60 -71.44 -78.11
N GLY L 154 6.09 -71.05 -79.28
CA GLY L 154 6.36 -72.00 -80.35
C GLY L 154 5.16 -72.21 -81.25
N SER L 155 4.09 -72.79 -80.69
CA SER L 155 2.87 -72.97 -81.46
C SER L 155 2.11 -71.66 -81.57
N ALA L 156 1.58 -71.37 -82.76
CA ALA L 156 0.83 -70.16 -83.01
C ALA L 156 -0.66 -70.30 -82.73
N ALA L 157 -1.07 -71.36 -82.03
CA ALA L 157 -2.47 -71.57 -81.70
C ALA L 157 -2.88 -70.62 -80.58
N GLN L 158 -3.89 -69.80 -80.84
CA GLN L 158 -4.39 -68.84 -79.85
C GLN L 158 -5.25 -69.59 -78.85
N THR L 159 -4.64 -70.02 -77.75
CA THR L 159 -5.38 -70.73 -76.72
C THR L 159 -6.23 -69.78 -75.89
N ASN L 160 -5.84 -68.51 -75.80
CA ASN L 160 -6.59 -67.51 -75.04
C ASN L 160 -6.33 -66.15 -75.66
N SER L 161 -6.99 -65.13 -75.09
CA SER L 161 -6.81 -63.77 -75.56
C SER L 161 -5.50 -63.15 -75.11
N MET L 162 -4.82 -63.75 -74.15
CA MET L 162 -3.55 -63.24 -73.63
C MET L 162 -2.45 -64.24 -73.97
N VAL L 163 -1.37 -63.74 -74.59
CA VAL L 163 -0.23 -64.57 -74.95
C VAL L 163 0.96 -64.13 -74.11
N THR L 164 1.76 -65.11 -73.69
CA THR L 164 2.90 -64.86 -72.83
C THR L 164 4.20 -65.05 -73.59
N LEU L 165 5.09 -64.08 -73.44
CA LEU L 165 6.45 -64.14 -73.98
C LEU L 165 7.44 -64.07 -72.83
N GLY L 166 8.69 -64.47 -73.10
CA GLY L 166 9.69 -64.49 -72.05
C GLY L 166 11.07 -64.14 -72.56
N CYS L 167 11.91 -63.73 -71.63
CA CYS L 167 13.30 -63.40 -71.89
C CYS L 167 14.17 -64.09 -70.84
N LEU L 168 15.17 -64.82 -71.30
CA LEU L 168 16.09 -65.53 -70.43
C LEU L 168 17.44 -64.79 -70.44
N VAL L 169 17.83 -64.27 -69.28
CA VAL L 169 19.09 -63.56 -69.11
C VAL L 169 20.06 -64.54 -68.46
N LYS L 170 21.03 -65.03 -69.23
CA LYS L 170 22.00 -65.99 -68.76
C LYS L 170 23.39 -65.39 -68.80
N GLY L 171 24.20 -65.72 -67.79
CA GLY L 171 25.59 -65.29 -67.77
C GLY L 171 25.77 -63.86 -67.33
N TYR L 172 25.27 -63.51 -66.15
CA TYR L 172 25.37 -62.17 -65.62
C TYR L 172 26.19 -62.19 -64.34
N PHE L 173 26.94 -61.11 -64.13
CA PHE L 173 27.78 -60.97 -62.95
C PHE L 173 28.02 -59.50 -62.67
N PRO L 174 27.65 -59.00 -61.47
CA PRO L 174 27.01 -59.73 -60.38
C PRO L 174 25.51 -59.42 -60.29
N GLU L 175 24.86 -60.00 -59.28
CA GLU L 175 23.44 -59.77 -59.09
C GLU L 175 23.20 -58.39 -58.47
N PRO L 176 22.10 -57.70 -58.85
CA PRO L 176 21.07 -58.05 -59.83
C PRO L 176 21.09 -57.16 -61.07
N VAL L 177 20.20 -57.45 -62.01
CA VAL L 177 20.02 -56.64 -63.20
C VAL L 177 18.55 -56.23 -63.27
N THR L 178 18.30 -55.14 -63.98
CA THR L 178 16.95 -54.58 -64.14
C THR L 178 16.41 -55.02 -65.49
N VAL L 179 15.36 -55.84 -65.47
CA VAL L 179 14.73 -56.36 -66.67
C VAL L 179 13.35 -55.70 -66.78
N THR L 180 13.19 -54.83 -67.77
CA THR L 180 11.94 -54.13 -68.00
C THR L 180 11.36 -54.55 -69.35
N TRP L 181 10.07 -54.27 -69.54
CA TRP L 181 9.35 -54.62 -70.76
C TRP L 181 8.88 -53.33 -71.43
N ASN L 182 9.47 -53.03 -72.60
CA ASN L 182 9.16 -51.85 -73.42
C ASN L 182 9.36 -50.55 -72.63
N SER L 183 10.50 -50.48 -71.93
CA SER L 183 10.92 -49.32 -71.12
C SER L 183 9.88 -48.96 -70.05
N GLY L 184 9.28 -49.98 -69.45
CA GLY L 184 8.30 -49.77 -68.41
C GLY L 184 6.90 -49.44 -68.87
N SER L 185 6.66 -49.45 -70.18
CA SER L 185 5.31 -49.17 -70.68
C SER L 185 4.41 -50.39 -70.56
N LEU L 186 4.86 -51.53 -71.07
CA LEU L 186 4.10 -52.77 -70.99
C LEU L 186 4.34 -53.40 -69.63
N SER L 187 3.44 -53.14 -68.68
CA SER L 187 3.56 -53.66 -67.32
C SER L 187 2.35 -54.50 -66.92
N SER L 188 1.54 -54.91 -67.89
CA SER L 188 0.36 -55.74 -67.62
C SER L 188 0.78 -57.21 -67.74
N GLY L 189 0.61 -57.96 -66.66
CA GLY L 189 0.97 -59.36 -66.66
C GLY L 189 2.46 -59.64 -66.66
N VAL L 190 3.23 -58.80 -65.96
CA VAL L 190 4.68 -58.98 -65.91
C VAL L 190 5.01 -59.97 -64.79
N HIS L 191 5.50 -61.14 -65.18
CA HIS L 191 5.86 -62.20 -64.23
C HIS L 191 7.39 -62.32 -64.22
N THR L 192 8.03 -61.50 -63.39
CA THR L 192 9.48 -61.50 -63.28
C THR L 192 9.91 -62.58 -62.29
N PHE L 193 10.50 -63.65 -62.80
CA PHE L 193 10.95 -64.70 -61.89
C PHE L 193 12.32 -64.35 -61.31
N PRO L 194 12.66 -64.94 -60.16
CA PRO L 194 13.95 -64.64 -59.54
C PRO L 194 15.10 -65.30 -60.27
N ALA L 195 16.30 -64.81 -60.01
CA ALA L 195 17.52 -65.32 -60.61
C ALA L 195 18.12 -66.43 -59.75
N VAL L 196 19.02 -67.19 -60.36
CA VAL L 196 19.75 -68.26 -59.69
C VAL L 196 21.22 -68.14 -60.07
N LEU L 197 22.07 -68.83 -59.32
CA LEU L 197 23.51 -68.79 -59.54
C LEU L 197 24.00 -70.19 -59.93
N GLN L 198 24.82 -70.23 -60.97
CA GLN L 198 25.40 -71.48 -61.46
C GLN L 198 26.73 -71.16 -62.12
N SER L 199 27.81 -71.74 -61.57
CA SER L 199 29.19 -71.55 -62.04
C SER L 199 29.57 -70.07 -62.04
N ASP L 200 29.18 -69.36 -60.98
CA ASP L 200 29.31 -67.91 -60.82
C ASP L 200 28.66 -67.15 -61.97
N LEU L 201 27.53 -67.64 -62.46
CA LEU L 201 26.78 -67.00 -63.54
C LEU L 201 25.32 -66.89 -63.13
N TYR L 202 24.72 -65.73 -63.36
CA TYR L 202 23.33 -65.49 -63.01
C TYR L 202 22.42 -65.93 -64.14
N THR L 203 21.35 -66.64 -63.79
CA THR L 203 20.36 -67.10 -64.74
C THR L 203 18.98 -66.66 -64.26
N LEU L 204 18.34 -65.77 -65.03
CA LEU L 204 17.05 -65.21 -64.66
C LEU L 204 16.09 -65.34 -65.83
N SER L 205 14.81 -65.35 -65.51
CA SER L 205 13.75 -65.41 -66.51
C SER L 205 12.70 -64.35 -66.21
N SER L 206 12.23 -63.68 -67.26
CA SER L 206 11.17 -62.69 -67.14
C SER L 206 10.07 -63.04 -68.13
N SER L 207 8.83 -62.74 -67.74
CA SER L 207 7.68 -63.08 -68.55
C SER L 207 6.75 -61.87 -68.65
N VAL L 208 6.13 -61.71 -69.82
CA VAL L 208 5.18 -60.64 -70.07
C VAL L 208 3.95 -61.23 -70.73
N THR L 209 2.78 -60.74 -70.31
CA THR L 209 1.48 -61.23 -70.80
C THR L 209 0.84 -60.11 -71.61
N VAL L 210 0.96 -60.18 -72.93
CA VAL L 210 0.41 -59.17 -73.82
C VAL L 210 -0.86 -59.71 -74.47
N PRO L 211 -1.56 -58.91 -75.25
CA PRO L 211 -2.78 -59.42 -75.91
C PRO L 211 -2.44 -60.26 -77.12
N SER L 212 -3.45 -61.00 -77.60
CA SER L 212 -3.27 -61.85 -78.77
C SER L 212 -3.20 -61.05 -80.06
N SER L 213 -3.82 -59.87 -80.10
CA SER L 213 -3.77 -59.01 -81.28
C SER L 213 -2.59 -58.04 -81.23
N THR L 214 -1.99 -57.83 -80.06
CA THR L 214 -0.84 -56.93 -79.97
C THR L 214 0.42 -57.60 -80.51
N TRP L 215 0.58 -58.90 -80.27
CA TRP L 215 1.74 -59.63 -80.77
C TRP L 215 1.34 -60.46 -81.98
N PRO L 216 2.12 -60.42 -83.07
CA PRO L 216 3.37 -59.65 -83.24
C PRO L 216 3.14 -58.34 -83.98
N SER L 217 1.95 -57.75 -83.81
CA SER L 217 1.66 -56.47 -84.45
C SER L 217 2.39 -55.32 -83.78
N GLU L 218 2.69 -55.45 -82.49
CA GLU L 218 3.43 -54.44 -81.74
C GLU L 218 4.73 -55.04 -81.23
N THR L 219 5.80 -54.24 -81.29
CA THR L 219 7.11 -54.72 -80.88
C THR L 219 7.20 -54.78 -79.36
N VAL L 220 7.38 -55.98 -78.83
CA VAL L 220 7.57 -56.20 -77.39
C VAL L 220 9.04 -56.53 -77.19
N THR L 221 9.78 -55.59 -76.63
CA THR L 221 11.22 -55.72 -76.45
C THR L 221 11.55 -55.63 -74.97
N CYS L 222 12.26 -56.62 -74.45
CA CYS L 222 12.74 -56.62 -73.08
C CYS L 222 14.11 -55.95 -73.02
N ASN L 223 14.26 -55.04 -72.07
CA ASN L 223 15.51 -54.31 -71.87
C ASN L 223 16.14 -54.76 -70.56
N VAL L 224 17.36 -55.28 -70.65
CA VAL L 224 18.11 -55.76 -69.49
C VAL L 224 19.27 -54.80 -69.27
N ALA L 225 19.30 -54.17 -68.11
CA ALA L 225 20.37 -53.28 -67.71
C ALA L 225 21.13 -53.93 -66.57
N HIS L 226 22.40 -54.28 -66.82
CA HIS L 226 23.27 -54.84 -65.82
C HIS L 226 24.09 -53.72 -65.21
N PRO L 227 23.89 -53.37 -63.93
CA PRO L 227 24.63 -52.25 -63.35
C PRO L 227 26.05 -52.58 -62.97
N ALA L 228 26.42 -53.86 -62.93
CA ALA L 228 27.80 -54.22 -62.65
C ALA L 228 28.71 -53.89 -63.81
N SER L 229 28.31 -54.27 -65.03
CA SER L 229 29.00 -53.89 -66.25
C SER L 229 28.32 -52.74 -66.96
N SER L 230 27.18 -52.26 -66.44
CA SER L 230 26.37 -51.18 -67.02
C SER L 230 25.96 -51.50 -68.46
N THR L 231 25.64 -52.76 -68.73
CA THR L 231 25.34 -53.23 -70.07
C THR L 231 23.83 -53.15 -70.30
N LYS L 232 23.42 -52.39 -71.32
CA LYS L 232 22.02 -52.23 -71.68
C LYS L 232 21.76 -53.00 -72.97
N VAL L 233 21.02 -54.10 -72.87
CA VAL L 233 20.73 -54.96 -74.00
C VAL L 233 19.22 -55.01 -74.22
N ASP L 234 18.79 -54.65 -75.42
CA ASP L 234 17.39 -54.70 -75.80
C ASP L 234 17.17 -55.88 -76.73
N LYS L 235 16.09 -56.63 -76.49
CA LYS L 235 15.77 -57.81 -77.29
C LYS L 235 14.32 -57.74 -77.71
N LYS L 236 14.08 -57.73 -79.02
CA LYS L 236 12.72 -57.67 -79.55
C LYS L 236 12.07 -59.06 -79.57
N UNK M 1 26.99 -4.41 -79.09
CA UNK M 1 25.55 -4.19 -79.08
C UNK M 1 24.90 -4.87 -77.87
N UNK M 2 23.58 -5.01 -77.91
CA UNK M 2 22.84 -5.66 -76.84
C UNK M 2 23.05 -7.16 -76.94
N UNK M 3 23.72 -7.74 -75.95
CA UNK M 3 24.03 -9.15 -75.93
C UNK M 3 23.65 -9.73 -74.58
N UNK M 4 22.86 -10.80 -74.60
CA UNK M 4 22.44 -11.51 -73.39
C UNK M 4 23.07 -12.90 -73.44
N UNK M 5 24.25 -13.03 -72.83
CA UNK M 5 24.98 -14.29 -72.83
C UNK M 5 24.43 -15.20 -71.75
N UNK M 6 23.91 -16.35 -72.16
CA UNK M 6 23.35 -17.32 -71.24
C UNK M 6 24.42 -18.31 -70.79
N UNK M 7 24.07 -19.13 -69.80
CA UNK M 7 24.98 -20.14 -69.29
C UNK M 7 25.00 -21.37 -70.20
N UNK M 8 25.86 -22.32 -69.85
CA UNK M 8 26.01 -23.53 -70.63
C UNK M 8 24.84 -24.48 -70.45
N UNK M 9 24.74 -25.47 -71.34
CA UNK M 9 23.67 -26.46 -71.22
C UNK M 9 23.91 -27.39 -70.04
N UNK M 10 22.88 -27.58 -69.23
CA UNK M 10 22.99 -28.31 -67.98
C UNK M 10 22.47 -29.72 -68.14
N UNK M 11 23.21 -30.68 -67.58
CA UNK M 11 22.79 -32.08 -67.50
C UNK M 11 22.82 -32.47 -66.03
N UNK M 12 21.65 -32.45 -65.38
CA UNK M 12 21.55 -32.68 -63.95
C UNK M 12 20.77 -33.97 -63.71
N UNK M 13 20.72 -34.35 -62.44
CA UNK M 13 19.97 -35.53 -62.03
C UNK M 13 18.54 -35.16 -61.65
N UNK M 14 17.67 -36.14 -61.51
CA UNK M 14 16.28 -35.84 -61.13
C UNK M 14 16.18 -35.48 -59.66
N UNK M 15 15.37 -34.47 -59.37
CA UNK M 15 15.19 -33.98 -58.02
C UNK M 15 16.15 -32.91 -57.58
N UNK M 16 17.25 -32.73 -58.31
CA UNK M 16 18.25 -31.72 -57.97
C UNK M 16 17.81 -30.35 -58.51
N UNK M 17 18.63 -29.34 -58.24
CA UNK M 17 18.34 -27.98 -58.64
C UNK M 17 19.35 -27.53 -59.70
N UNK M 18 18.91 -26.61 -60.55
CA UNK M 18 19.74 -26.06 -61.62
C UNK M 18 19.76 -24.54 -61.47
N UNK M 19 20.87 -23.93 -61.87
CA UNK M 19 21.06 -22.49 -61.78
C UNK M 19 21.54 -21.98 -63.14
N UNK M 20 20.66 -21.32 -63.87
CA UNK M 20 20.97 -20.76 -65.18
C UNK M 20 21.25 -19.27 -65.02
N UNK M 21 22.42 -18.84 -65.45
CA UNK M 21 22.82 -17.44 -65.38
C UNK M 21 22.66 -16.78 -66.74
N UNK M 22 22.52 -15.45 -66.72
CA UNK M 22 22.38 -14.66 -67.94
C UNK M 22 23.00 -13.30 -67.69
N UNK M 23 24.10 -13.00 -68.38
CA UNK M 23 24.79 -11.72 -68.25
C UNK M 23 24.40 -10.83 -69.40
N UNK M 24 23.96 -9.61 -69.09
CA UNK M 24 23.57 -8.63 -70.10
C UNK M 24 24.70 -7.66 -70.34
N UNK M 25 24.83 -7.21 -71.60
CA UNK M 25 25.86 -6.27 -71.96
C UNK M 25 25.37 -5.41 -73.12
N UNK M 26 25.90 -4.19 -73.19
CA UNK M 26 25.54 -3.27 -74.25
C UNK M 26 24.29 -2.45 -74.01
N UNK M 27 23.69 -2.55 -72.83
CA UNK M 27 22.49 -1.80 -72.52
C UNK M 27 22.40 -1.61 -71.01
N UNK M 28 21.47 -0.75 -70.60
CA UNK M 28 21.22 -0.49 -69.18
C UNK M 28 20.49 -1.68 -68.58
N UNK M 29 21.06 -2.26 -67.52
CA UNK M 29 20.49 -3.48 -66.95
C UNK M 29 19.28 -3.18 -66.06
N UNK M 30 19.25 -1.99 -65.44
CA UNK M 30 18.23 -1.68 -64.45
C UNK M 30 16.92 -1.19 -65.06
N UNK M 31 16.81 -1.09 -66.38
CA UNK M 31 15.60 -0.58 -67.00
C UNK M 31 14.78 -1.67 -67.69
N UNK M 32 15.43 -2.62 -68.36
CA UNK M 32 14.75 -3.65 -69.12
C UNK M 32 14.40 -4.83 -68.21
N UNK M 33 13.16 -5.30 -68.33
CA UNK M 33 12.73 -6.45 -67.55
C UNK M 33 13.32 -7.73 -68.12
N UNK M 34 13.81 -8.59 -67.22
CA UNK M 34 14.41 -9.86 -67.61
C UNK M 34 13.39 -10.97 -67.42
N UNK M 35 13.06 -11.68 -68.48
CA UNK M 35 12.09 -12.75 -68.45
C UNK M 35 12.75 -14.07 -68.84
N UNK M 36 12.18 -15.16 -68.34
CA UNK M 36 12.64 -16.51 -68.66
C UNK M 36 11.53 -17.23 -69.40
N UNK M 37 11.88 -17.89 -70.51
CA UNK M 37 10.91 -18.57 -71.36
C UNK M 37 11.36 -20.01 -71.57
N UNK M 38 10.51 -20.96 -71.22
CA UNK M 38 10.79 -22.37 -71.42
C UNK M 38 10.09 -22.87 -72.67
N UNK M 39 10.72 -23.83 -73.35
CA UNK M 39 10.15 -24.42 -74.55
C UNK M 39 10.55 -25.89 -74.60
N UNK M 40 9.56 -26.77 -74.65
CA UNK M 40 9.83 -28.20 -74.75
C UNK M 40 10.26 -28.56 -76.17
N UNK M 41 10.76 -29.78 -76.33
CA UNK M 41 11.22 -30.25 -77.62
C UNK M 41 10.04 -30.53 -78.54
N UNK M 42 9.91 -29.74 -79.60
CA UNK M 42 8.83 -29.89 -80.54
C UNK M 42 7.49 -29.37 -80.05
N UNK M 43 7.46 -28.61 -78.98
CA UNK M 43 6.22 -28.06 -78.43
C UNK M 43 6.29 -26.54 -78.46
N UNK M 44 5.24 -25.90 -77.94
CA UNK M 44 5.17 -24.46 -77.90
C UNK M 44 6.00 -23.91 -76.73
N UNK M 45 6.18 -22.60 -76.72
CA UNK M 45 6.94 -21.94 -75.67
C UNK M 45 6.07 -21.73 -74.43
N UNK M 46 6.73 -21.36 -73.34
CA UNK M 46 6.05 -21.09 -72.08
C UNK M 46 6.87 -20.10 -71.27
N UNK M 47 6.24 -19.00 -70.89
CA UNK M 47 6.91 -17.99 -70.07
C UNK M 47 6.99 -18.46 -68.63
N UNK M 48 8.21 -18.43 -68.06
CA UNK M 48 8.42 -18.88 -66.70
C UNK M 48 8.11 -17.75 -65.74
N UNK M 49 8.72 -16.59 -65.98
CA UNK M 49 8.49 -15.46 -65.12
C UNK M 49 9.26 -14.25 -65.60
N UNK M 50 9.06 -13.14 -64.89
CA UNK M 50 9.70 -11.87 -65.19
C UNK M 50 10.28 -11.27 -63.91
N UNK M 51 11.25 -10.39 -64.09
CA UNK M 51 11.87 -9.68 -62.98
C UNK M 51 12.24 -8.28 -63.44
N UNK M 52 11.86 -7.27 -62.67
CA UNK M 52 12.22 -5.89 -62.94
C UNK M 52 13.46 -5.54 -62.15
N UNK M 53 14.56 -5.15 -62.80
CA UNK M 53 15.82 -4.92 -62.05
C UNK M 53 15.86 -3.60 -61.29
N UNK M 54 14.82 -2.77 -61.39
CA UNK M 54 14.77 -1.55 -60.59
C UNK M 54 14.54 -1.85 -59.12
N UNK M 55 13.76 -2.90 -58.84
CA UNK M 55 13.49 -3.30 -57.46
C UNK M 55 13.75 -4.77 -57.18
N UNK M 56 14.00 -5.58 -58.19
CA UNK M 56 14.13 -7.01 -57.98
C UNK M 56 12.83 -7.73 -57.73
N UNK M 57 11.70 -7.10 -58.03
CA UNK M 57 10.40 -7.74 -57.83
C UNK M 57 10.16 -8.79 -58.89
N UNK M 58 10.01 -10.04 -58.47
CA UNK M 58 9.81 -11.15 -59.39
C UNK M 58 8.33 -11.51 -59.48
N UNK M 59 7.91 -11.91 -60.66
CA UNK M 59 6.55 -12.38 -60.90
C UNK M 59 6.62 -13.64 -61.75
N UNK M 60 6.31 -14.78 -61.15
CA UNK M 60 6.43 -16.07 -61.80
C UNK M 60 5.07 -16.58 -62.23
N UNK M 61 5.08 -17.64 -63.04
CA UNK M 61 3.86 -18.28 -63.46
C UNK M 61 3.22 -19.05 -62.30
N UNK M 62 1.92 -19.31 -62.43
CA UNK M 62 1.20 -20.02 -61.37
C UNK M 62 1.56 -21.49 -61.32
N UNK M 63 1.86 -22.09 -62.49
CA UNK M 63 2.20 -23.51 -62.51
C UNK M 63 3.59 -23.77 -61.95
N UNK M 64 4.50 -22.82 -62.06
CA UNK M 64 5.85 -22.94 -61.53
C UNK M 64 6.02 -22.17 -60.24
N UNK M 65 4.94 -21.98 -59.47
CA UNK M 65 5.03 -21.27 -58.20
C UNK M 65 5.73 -22.15 -57.17
N UNK M 66 6.87 -21.69 -56.68
CA UNK M 66 7.70 -22.46 -55.77
C UNK M 66 8.77 -23.28 -56.46
N UNK M 67 8.63 -23.50 -57.77
CA UNK M 67 9.63 -24.27 -58.51
C UNK M 67 10.76 -23.39 -59.03
N UNK M 68 10.44 -22.15 -59.41
CA UNK M 68 11.41 -21.24 -59.99
C UNK M 68 11.66 -20.06 -59.05
N UNK M 69 12.90 -19.57 -59.06
CA UNK M 69 13.29 -18.42 -58.26
C UNK M 69 14.21 -17.54 -59.10
N UNK M 70 13.88 -16.26 -59.22
CA UNK M 70 14.64 -15.32 -60.03
C UNK M 70 15.36 -14.35 -59.12
N UNK M 71 16.68 -14.27 -59.25
CA UNK M 71 17.50 -13.33 -58.51
C UNK M 71 18.29 -12.48 -59.49
N UNK M 72 18.80 -11.34 -59.01
CA UNK M 72 19.52 -10.39 -59.84
C UNK M 72 20.77 -9.94 -59.13
N UNK M 73 21.79 -9.59 -59.92
CA UNK M 73 23.05 -9.03 -59.41
C UNK M 73 23.34 -7.78 -60.23
N UNK M 74 23.08 -6.61 -59.65
CA UNK M 74 23.29 -5.36 -60.35
C UNK M 74 24.75 -4.98 -60.46
N UNK M 75 25.60 -5.51 -59.57
CA UNK M 75 27.03 -5.24 -59.66
C UNK M 75 27.66 -5.95 -60.84
N UNK M 76 27.22 -7.16 -61.13
CA UNK M 76 27.66 -7.92 -62.29
C UNK M 76 26.67 -7.86 -63.44
N UNK M 77 25.48 -7.28 -63.19
CA UNK M 77 24.36 -7.18 -64.14
C UNK M 77 23.99 -8.55 -64.71
N UNK M 78 23.74 -9.49 -63.80
CA UNK M 78 23.47 -10.88 -64.18
C UNK M 78 22.18 -11.35 -63.52
N UNK M 79 21.28 -11.91 -64.32
CA UNK M 79 20.08 -12.56 -63.82
C UNK M 79 20.36 -14.03 -63.58
N UNK M 80 19.70 -14.60 -62.57
CA UNK M 80 19.89 -16.00 -62.21
C UNK M 80 18.55 -16.65 -61.98
N UNK M 81 18.33 -17.79 -62.62
CA UNK M 81 17.11 -18.57 -62.48
C UNK M 81 17.45 -19.90 -61.83
N UNK M 82 16.89 -20.14 -60.66
CA UNK M 82 17.10 -21.38 -59.92
C UNK M 82 15.84 -22.23 -59.99
N UNK M 83 16.01 -23.49 -60.37
CA UNK M 83 14.89 -24.43 -60.49
C UNK M 83 15.16 -25.62 -59.58
N UNK M 84 14.32 -25.80 -58.57
CA UNK M 84 14.44 -26.89 -57.62
C UNK M 84 13.42 -27.97 -57.93
N UNK M 85 13.77 -29.20 -57.53
CA UNK M 85 12.99 -30.42 -57.75
C UNK M 85 12.71 -30.63 -59.25
N UNK M 86 13.78 -30.78 -60.01
CA UNK M 86 13.69 -30.97 -61.45
C UNK M 86 13.27 -32.39 -61.77
N UNK M 87 12.26 -32.52 -62.62
CA UNK M 87 11.75 -33.81 -63.06
C UNK M 87 12.10 -34.03 -64.52
N UNK M 88 11.61 -35.12 -65.09
CA UNK M 88 11.89 -35.45 -66.49
C UNK M 88 11.18 -34.53 -67.46
N UNK M 89 10.12 -33.84 -67.02
CA UNK M 89 9.45 -32.86 -67.87
C UNK M 89 10.20 -31.53 -67.93
N UNK M 90 11.19 -31.34 -67.06
CA UNK M 90 11.97 -30.11 -67.04
C UNK M 90 13.07 -30.08 -68.09
N UNK M 91 13.29 -31.18 -68.81
CA UNK M 91 14.29 -31.22 -69.88
C UNK M 91 13.78 -30.42 -71.07
N UNK M 92 14.25 -29.18 -71.19
CA UNK M 92 13.70 -28.26 -72.18
C UNK M 92 14.73 -27.17 -72.45
N UNK M 93 14.39 -26.29 -73.40
CA UNK M 93 15.24 -25.16 -73.76
C UNK M 93 14.74 -23.93 -73.00
N UNK M 94 15.60 -23.37 -72.16
CA UNK M 94 15.29 -22.17 -71.41
C UNK M 94 16.06 -20.99 -72.01
N UNK M 95 15.35 -19.90 -72.28
CA UNK M 95 15.93 -18.73 -72.90
C UNK M 95 15.65 -17.49 -72.05
N UNK M 96 16.67 -16.68 -71.84
CA UNK M 96 16.52 -15.41 -71.13
C UNK M 96 16.32 -14.29 -72.15
N UNK M 97 15.35 -13.43 -71.87
CA UNK M 97 15.00 -12.36 -72.80
C UNK M 97 14.92 -11.04 -72.06
N UNK M 98 15.52 -10.02 -72.65
CA UNK M 98 15.40 -8.65 -72.15
C UNK M 98 14.25 -7.97 -72.88
N UNK M 99 13.44 -7.24 -72.14
CA UNK M 99 12.25 -6.64 -72.74
C UNK M 99 11.92 -5.32 -72.06
N UNK M 100 11.90 -4.22 -72.82
CA UNK M 100 11.32 -2.99 -72.27
C UNK M 100 9.81 -3.15 -72.13
N UNK M 101 9.27 -2.61 -71.04
CA UNK M 101 7.86 -2.83 -70.74
C UNK M 101 6.96 -1.95 -71.61
N UNK M 102 7.52 -0.92 -72.23
CA UNK M 102 6.80 -0.10 -73.20
C UNK M 102 7.45 -0.27 -74.56
N UNK M 103 6.81 -0.98 -75.52
CA UNK M 103 5.51 -1.67 -75.46
C UNK M 103 5.61 -3.10 -74.95
N UNK M 104 4.58 -3.90 -75.21
CA UNK M 104 4.50 -5.28 -74.73
C UNK M 104 5.08 -6.20 -75.80
N UNK M 105 6.39 -6.39 -75.76
CA UNK M 105 7.08 -7.26 -76.70
C UNK M 105 8.39 -7.72 -76.07
N UNK M 106 8.98 -8.74 -76.67
CA UNK M 106 10.28 -9.27 -76.24
C UNK M 106 11.23 -9.12 -77.42
N UNK M 107 12.09 -8.10 -77.38
CA UNK M 107 12.94 -7.79 -78.52
C UNK M 107 14.15 -8.71 -78.59
N UNK M 108 15.00 -8.67 -77.57
CA UNK M 108 16.24 -9.43 -77.57
C UNK M 108 16.05 -10.72 -76.78
N UNK M 109 16.58 -11.82 -77.31
CA UNK M 109 16.52 -13.12 -76.66
C UNK M 109 17.89 -13.76 -76.68
N UNK M 110 18.13 -14.66 -75.72
CA UNK M 110 19.39 -15.35 -75.62
C UNK M 110 19.52 -16.49 -76.63
N UNK M 111 20.69 -17.13 -76.59
CA UNK M 111 20.96 -18.25 -77.48
C UNK M 111 20.24 -19.53 -77.09
N UNK M 112 19.72 -19.61 -75.88
CA UNK M 112 19.01 -20.81 -75.44
C UNK M 112 19.91 -21.81 -74.76
N UNK M 113 19.48 -22.35 -73.63
CA UNK M 113 20.25 -23.33 -72.88
C UNK M 113 19.40 -24.59 -72.70
N UNK M 114 19.98 -25.74 -73.03
CA UNK M 114 19.27 -27.02 -72.92
C UNK M 114 19.49 -27.59 -71.53
N UNK M 115 18.40 -27.91 -70.83
CA UNK M 115 18.45 -28.53 -69.52
C UNK M 115 17.90 -29.95 -69.62
N UNK M 116 18.74 -30.93 -69.28
CA UNK M 116 18.38 -32.33 -69.33
C UNK M 116 18.50 -32.93 -67.94
N UNK M 117 17.38 -33.38 -67.39
CA UNK M 117 17.33 -33.98 -66.07
C UNK M 117 17.25 -35.49 -66.26
N UNK M 118 18.38 -36.17 -66.12
CA UNK M 118 18.44 -37.61 -66.28
C UNK M 118 19.57 -38.16 -65.42
N UNK M 119 19.43 -39.43 -65.04
CA UNK M 119 20.41 -40.09 -64.19
C UNK M 119 21.56 -40.71 -64.97
N UNK M 120 21.58 -40.56 -66.29
CA UNK M 120 22.65 -41.12 -67.10
C UNK M 120 23.91 -40.28 -66.99
N UNK M 121 25.04 -40.91 -67.31
CA UNK M 121 26.33 -40.23 -67.25
C UNK M 121 26.65 -39.55 -68.57
N UNK M 122 27.46 -38.50 -68.50
CA UNK M 122 27.87 -37.78 -69.71
C UNK M 122 28.91 -38.58 -70.47
N UNK M 123 28.58 -38.97 -71.70
CA UNK M 123 29.47 -39.75 -72.53
C UNK M 123 30.09 -38.87 -73.60
N UNK M 124 31.38 -39.04 -73.89
CA UNK M 124 31.99 -38.24 -74.96
C UNK M 124 31.54 -38.74 -76.32
N UNK M 125 31.36 -37.84 -77.28
CA UNK M 125 30.84 -38.26 -78.59
C UNK M 125 31.89 -38.96 -79.43
N UNK M 126 31.48 -40.04 -80.08
CA UNK M 126 32.34 -40.80 -80.98
C UNK M 126 32.18 -40.21 -82.37
N UNK M 127 33.21 -39.50 -82.83
CA UNK M 127 33.19 -38.81 -84.12
C UNK M 127 33.90 -39.68 -85.15
N UNK M 128 33.23 -39.91 -86.28
CA UNK M 128 33.80 -40.72 -87.34
C UNK M 128 33.59 -40.01 -88.68
N UNK M 129 34.64 -39.84 -89.47
CA UNK M 129 34.46 -39.24 -90.80
C UNK M 129 33.92 -40.26 -91.79
N UNK M 130 33.28 -39.74 -92.85
CA UNK M 130 32.68 -40.58 -93.89
C UNK M 130 32.89 -39.88 -95.23
N UNK M 131 33.78 -40.43 -96.05
CA UNK M 131 34.06 -39.92 -97.38
C UNK M 131 33.66 -40.95 -98.43
N UNK M 132 33.79 -40.62 -99.70
CA UNK M 132 33.46 -41.59 -100.76
C UNK M 132 34.54 -42.66 -100.85
N UNK M 133 34.12 -43.84 -101.31
CA UNK M 133 35.02 -44.96 -101.46
C UNK M 133 35.91 -44.85 -102.68
N UNK M 134 36.70 -45.90 -102.90
CA UNK M 134 37.57 -45.94 -104.07
C UNK M 134 36.79 -46.19 -105.35
N UNK M 135 35.65 -46.86 -105.25
CA UNK M 135 34.80 -47.11 -106.40
C UNK M 135 33.78 -46.04 -106.71
N UNK M 136 33.74 -44.97 -105.92
CA UNK M 136 32.78 -43.90 -106.16
C UNK M 136 33.20 -43.04 -107.34
N UNK M 137 32.21 -42.49 -108.03
CA UNK M 137 32.43 -41.66 -109.20
C UNK M 137 32.52 -40.20 -108.76
N UNK M 138 33.62 -39.54 -109.13
CA UNK M 138 33.82 -38.14 -108.80
C UNK M 138 33.10 -37.27 -109.81
N UNK M 139 32.07 -36.57 -109.37
CA UNK M 139 31.28 -35.69 -110.21
C UNK M 139 31.67 -34.24 -110.06
N UNK M 140 30.67 -33.36 -110.19
CA UNK M 140 30.93 -31.93 -110.03
C UNK M 140 31.10 -31.56 -108.57
N UNK M 141 30.32 -32.16 -107.67
CA UNK M 141 30.39 -31.88 -106.26
C UNK M 141 30.53 -33.20 -105.49
N UNK M 142 31.38 -33.19 -104.47
CA UNK M 142 31.64 -34.36 -103.64
C UNK M 142 31.04 -34.12 -102.26
N UNK M 143 30.37 -35.12 -101.74
CA UNK M 143 29.69 -35.04 -100.44
C UNK M 143 30.44 -35.87 -99.41
N UNK M 144 30.89 -35.21 -98.35
CA UNK M 144 31.52 -35.86 -97.21
C UNK M 144 30.67 -35.64 -95.98
N UNK M 145 31.05 -36.29 -94.87
CA UNK M 145 30.27 -36.12 -93.67
C UNK M 145 31.02 -36.54 -92.42
N UNK M 146 30.43 -36.21 -91.29
CA UNK M 146 30.94 -36.59 -89.98
C UNK M 146 29.78 -37.07 -89.12
N UNK M 147 29.89 -38.29 -88.60
CA UNK M 147 28.86 -38.89 -87.76
C UNK M 147 29.31 -38.92 -86.31
N UNK M 148 28.51 -38.33 -85.43
CA UNK M 148 28.80 -38.30 -84.00
C UNK M 148 27.79 -39.22 -83.33
N UNK M 149 28.25 -40.39 -82.90
CA UNK M 149 27.39 -41.39 -82.28
C UNK M 149 27.89 -41.69 -80.87
N UNK M 150 26.95 -42.01 -79.99
CA UNK M 150 27.30 -42.37 -78.62
C UNK M 150 27.62 -41.17 -77.76
N UNK M 151 26.66 -40.27 -77.60
CA UNK M 151 26.87 -39.05 -76.83
C UNK M 151 25.68 -38.81 -75.93
N UNK M 152 25.93 -38.13 -74.81
CA UNK M 152 24.90 -37.77 -73.86
C UNK M 152 25.34 -36.54 -73.08
N UNK M 153 24.55 -35.46 -73.08
CA UNK M 153 23.26 -35.24 -73.74
C UNK M 153 23.39 -34.83 -75.20
N UNK M 154 22.36 -34.21 -75.76
CA UNK M 154 22.34 -33.80 -77.15
C UNK M 154 23.03 -32.46 -77.42
N UNK M 155 23.74 -31.91 -76.44
CA UNK M 155 24.46 -30.65 -76.62
C UNK M 155 25.74 -30.93 -77.39
N UNK M 156 25.74 -30.63 -78.68
CA UNK M 156 26.89 -30.84 -79.55
C UNK M 156 26.80 -29.88 -80.71
N UNK M 157 27.95 -29.53 -81.29
CA UNK M 157 28.01 -28.59 -82.40
C UNK M 157 29.02 -29.11 -83.42
N UNK M 158 28.61 -29.16 -84.69
CA UNK M 158 29.47 -29.62 -85.78
C UNK M 158 29.78 -28.43 -86.67
N UNK M 159 31.07 -28.12 -86.80
CA UNK M 159 31.53 -27.04 -87.66
C UNK M 159 32.39 -27.60 -88.77
N UNK M 160 32.34 -26.96 -89.94
CA UNK M 160 33.08 -27.41 -91.11
C UNK M 160 34.10 -26.34 -91.49
N UNK M 161 35.39 -26.71 -91.40
CA UNK M 161 36.54 -25.85 -91.74
C UNK M 161 36.54 -24.56 -90.94
N UNK M 162 36.28 -24.69 -89.63
CA UNK M 162 36.18 -23.58 -88.67
C UNK M 162 35.15 -22.54 -89.10
N UNK M 163 34.03 -23.01 -89.61
CA UNK M 163 32.95 -22.14 -90.02
C UNK M 163 33.07 -21.55 -91.40
N UNK M 164 34.02 -22.01 -92.21
CA UNK M 164 34.17 -21.47 -93.56
C UNK M 164 33.11 -22.00 -94.52
N UNK M 165 32.80 -23.29 -94.45
CA UNK M 165 31.80 -23.92 -95.31
C UNK M 165 30.55 -24.16 -94.48
N UNK M 166 29.55 -23.29 -94.63
CA UNK M 166 28.31 -23.39 -93.87
C UNK M 166 27.05 -23.32 -94.74
N UNK M 167 27.14 -22.80 -95.97
CA UNK M 167 25.96 -22.72 -96.82
C UNK M 167 25.53 -24.06 -97.39
N UNK M 168 26.47 -25.00 -97.55
CA UNK M 168 26.18 -26.32 -98.09
C UNK M 168 26.33 -27.41 -97.03
N UNK M 169 25.98 -27.11 -95.79
CA UNK M 169 26.10 -28.06 -94.68
C UNK M 169 24.69 -28.44 -94.24
N UNK M 170 24.42 -29.74 -94.20
CA UNK M 170 23.13 -30.28 -93.77
C UNK M 170 23.37 -31.12 -92.53
N UNK M 171 22.82 -30.69 -91.39
CA UNK M 171 22.96 -31.39 -90.13
C UNK M 171 21.67 -32.14 -89.83
N UNK M 172 21.74 -33.46 -89.80
CA UNK M 172 20.54 -34.23 -89.49
C UNK M 172 20.27 -34.21 -87.99
N UNK M 173 19.03 -34.47 -87.58
CA UNK M 173 18.71 -34.45 -86.15
C UNK M 173 19.27 -35.68 -85.43
N UNK M 174 19.54 -35.52 -84.15
CA UNK M 174 20.10 -36.59 -83.35
C UNK M 174 19.02 -37.58 -82.96
N UNK M 175 19.34 -38.87 -83.08
CA UNK M 175 18.43 -39.95 -82.70
C UNK M 175 18.86 -40.54 -81.36
N UNK M 176 17.88 -40.97 -80.59
CA UNK M 176 18.12 -41.53 -79.26
C UNK M 176 18.10 -43.05 -79.36
N UNK M 177 19.23 -43.69 -79.06
CA UNK M 177 19.36 -45.14 -79.09
C UNK M 177 20.17 -45.58 -77.88
N UNK M 178 19.56 -46.41 -77.04
CA UNK M 178 20.18 -46.99 -75.84
C UNK M 178 20.70 -45.92 -74.88
N UNK M 179 20.00 -44.80 -74.78
CA UNK M 179 20.46 -43.70 -73.97
C UNK M 179 21.61 -42.91 -74.55
N UNK M 180 21.86 -43.02 -75.85
CA UNK M 180 22.93 -42.29 -76.51
C UNK M 180 22.38 -41.51 -77.69
N UNK M 181 23.06 -40.43 -78.05
CA UNK M 181 22.67 -39.59 -79.17
C UNK M 181 23.51 -39.95 -80.40
N UNK M 182 22.86 -39.96 -81.56
CA UNK M 182 23.52 -40.26 -82.81
C UNK M 182 23.06 -39.26 -83.87
N UNK M 183 23.96 -38.37 -84.26
CA UNK M 183 23.67 -37.34 -85.26
C UNK M 183 24.73 -37.39 -86.34
N UNK M 184 24.49 -36.62 -87.41
CA UNK M 184 25.43 -36.57 -88.53
C UNK M 184 25.36 -35.19 -89.16
N UNK M 185 26.47 -34.81 -89.80
CA UNK M 185 26.55 -33.53 -90.49
C UNK M 185 27.29 -33.75 -91.81
N UNK M 186 26.61 -33.48 -92.93
CA UNK M 186 27.16 -33.67 -94.25
C UNK M 186 27.46 -32.33 -94.89
N UNK M 187 28.44 -32.32 -95.78
CA UNK M 187 28.83 -31.13 -96.51
C UNK M 187 29.12 -31.52 -97.96
N UNK M 188 28.56 -30.75 -98.90
CA UNK M 188 28.74 -30.98 -100.33
C UNK M 188 29.67 -29.88 -100.85
N UNK M 189 30.94 -30.21 -101.05
CA UNK M 189 31.93 -29.25 -101.50
C UNK M 189 32.21 -29.50 -102.98
N UNK M 190 33.01 -28.65 -103.63
CA UNK M 190 33.30 -28.87 -105.05
C UNK M 190 34.38 -29.92 -105.25
N UNK M 191 34.47 -30.41 -106.48
CA UNK M 191 35.47 -31.41 -106.83
C UNK M 191 36.87 -30.83 -106.94
N UNK M 192 37.00 -29.52 -107.17
CA UNK M 192 38.30 -28.89 -107.25
C UNK M 192 38.91 -28.60 -105.89
N UNK M 193 38.09 -28.59 -104.83
CA UNK M 193 38.56 -28.31 -103.48
C UNK M 193 38.70 -29.58 -102.64
N UNK M 194 38.51 -30.76 -103.23
CA UNK M 194 38.63 -32.01 -102.52
C UNK M 194 39.29 -33.04 -103.43
N UNK M 195 40.39 -33.66 -103.02
CA UNK M 195 41.09 -33.46 -101.73
C UNK M 195 42.25 -32.48 -101.86
N UNK M 196 42.11 -31.47 -102.72
CA UNK M 196 43.17 -30.49 -102.90
C UNK M 196 43.26 -29.54 -101.71
N UNK M 197 42.16 -29.30 -101.02
CA UNK M 197 42.13 -28.44 -99.85
C UNK M 197 41.80 -29.26 -98.61
N UNK M 198 42.17 -28.74 -97.45
CA UNK M 198 41.94 -29.43 -96.19
C UNK M 198 40.49 -29.27 -95.76
N UNK M 199 39.83 -30.39 -95.50
CA UNK M 199 38.45 -30.41 -95.03
C UNK M 199 38.45 -31.11 -93.67
N UNK M 200 38.32 -30.34 -92.60
CA UNK M 200 38.36 -30.86 -91.24
C UNK M 200 37.08 -30.45 -90.51
N UNK M 201 36.37 -31.43 -89.97
CA UNK M 201 35.16 -31.19 -89.21
C UNK M 201 35.48 -31.17 -87.72
N UNK M 202 34.93 -30.18 -87.02
CA UNK M 202 35.16 -30.01 -85.59
C UNK M 202 33.86 -30.27 -84.85
N UNK M 203 33.86 -31.30 -84.00
CA UNK M 203 32.73 -31.64 -83.16
C UNK M 203 33.03 -31.19 -81.75
N UNK M 204 32.17 -30.33 -81.21
CA UNK M 204 32.35 -29.76 -79.88
C UNK M 204 31.20 -30.20 -78.98
N UNK M 205 31.55 -30.82 -77.85
CA UNK M 205 30.58 -31.22 -76.84
C UNK M 205 30.88 -30.43 -75.56
N UNK M 206 30.06 -29.42 -75.23
CA UNK M 206 30.34 -28.64 -74.02
C UNK M 206 29.97 -29.35 -72.73
N UNK M 207 29.08 -30.35 -72.78
CA UNK M 207 28.78 -31.13 -71.59
C UNK M 207 29.95 -32.04 -71.22
N UNK M 208 30.61 -32.61 -72.22
CA UNK M 208 31.82 -33.39 -72.01
C UNK M 208 33.10 -32.55 -72.16
N UNK M 209 32.95 -31.29 -72.60
CA UNK M 209 34.05 -30.34 -72.79
C UNK M 209 35.11 -30.88 -73.75
N UNK M 210 34.67 -31.55 -74.81
CA UNK M 210 35.55 -32.18 -75.77
C UNK M 210 35.47 -31.47 -77.11
N UNK M 211 36.59 -31.47 -77.83
CA UNK M 211 36.67 -30.89 -79.17
C UNK M 211 37.47 -31.85 -80.05
N UNK M 212 36.79 -32.52 -80.96
CA UNK M 212 37.39 -33.53 -81.83
C UNK M 212 37.47 -32.97 -83.25
N UNK M 213 38.67 -32.95 -83.81
CA UNK M 213 38.89 -32.51 -85.18
C UNK M 213 39.20 -33.72 -86.05
N UNK M 214 38.34 -33.99 -87.01
CA UNK M 214 38.48 -35.15 -87.90
C UNK M 214 38.69 -34.65 -89.31
N UNK M 215 39.81 -35.04 -89.92
CA UNK M 215 40.14 -34.63 -91.28
C UNK M 215 39.57 -35.63 -92.27
N UNK M 216 38.80 -35.13 -93.24
CA UNK M 216 38.19 -35.97 -94.26
C UNK M 216 39.24 -36.28 -95.33
N UNK M 217 39.46 -37.56 -95.59
CA UNK M 217 40.42 -38.00 -96.60
C UNK M 217 39.76 -39.02 -97.53
N UNK M 218 40.00 -38.91 -98.85
CA UNK M 218 39.43 -39.84 -99.82
C UNK M 218 40.15 -41.19 -99.82
N UNK N 1 -6.40 -18.82 -67.01
CA UNK N 1 -5.53 -17.80 -67.61
C UNK N 1 -6.01 -17.42 -68.99
N UNK N 2 -5.37 -16.42 -69.58
CA UNK N 2 -5.72 -15.97 -70.93
C UNK N 2 -5.18 -16.99 -71.92
N UNK N 3 -6.08 -17.69 -72.60
CA UNK N 3 -5.70 -18.75 -73.52
C UNK N 3 -5.65 -18.17 -74.93
N UNK N 4 -4.45 -18.07 -75.49
CA UNK N 4 -4.24 -17.61 -76.86
C UNK N 4 -4.33 -18.84 -77.76
N UNK N 5 -5.45 -18.99 -78.45
CA UNK N 5 -5.74 -20.17 -79.26
C UNK N 5 -5.40 -19.87 -80.72
N UNK N 6 -4.47 -20.63 -81.28
CA UNK N 6 -4.14 -20.58 -82.69
C UNK N 6 -4.75 -21.81 -83.36
N UNK N 7 -5.74 -21.58 -84.22
CA UNK N 7 -6.51 -22.68 -84.79
C UNK N 7 -5.74 -23.45 -85.86
N UNK N 8 -4.78 -22.80 -86.52
CA UNK N 8 -4.02 -23.43 -87.59
C UNK N 8 -2.62 -23.75 -87.09
N UNK N 9 -2.34 -25.03 -86.87
CA UNK N 9 -1.02 -25.45 -86.43
C UNK N 9 -0.01 -25.48 -87.56
N UNK N 10 -0.46 -25.67 -88.79
CA UNK N 10 0.40 -25.65 -89.96
C UNK N 10 -0.34 -25.02 -91.12
N UNK N 11 0.35 -24.13 -91.84
CA UNK N 11 -0.23 -23.45 -92.99
C UNK N 11 0.71 -23.59 -94.18
N UNK N 12 0.20 -24.12 -95.28
CA UNK N 12 0.97 -24.34 -96.49
C UNK N 12 0.75 -23.19 -97.45
N UNK N 13 1.84 -22.70 -98.05
CA UNK N 13 1.78 -21.61 -99.01
C UNK N 13 2.92 -21.77 -100.00
N UNK N 14 2.99 -20.87 -100.96
CA UNK N 14 4.01 -20.87 -102.00
C UNK N 14 4.98 -19.72 -101.78
N UNK N 15 6.02 -19.68 -102.61
CA UNK N 15 7.04 -18.64 -102.50
C UNK N 15 6.51 -17.38 -103.15
N UNK N 16 6.40 -16.30 -102.37
CA UNK N 16 5.94 -15.03 -102.86
C UNK N 16 4.45 -14.77 -102.66
N UNK N 17 3.71 -15.72 -102.10
CA UNK N 17 2.28 -15.55 -101.89
C UNK N 17 2.04 -14.87 -100.54
N UNK N 18 0.76 -14.63 -100.24
CA UNK N 18 0.34 -13.98 -99.01
C UNK N 18 -0.42 -14.99 -98.16
N UNK N 19 0.08 -15.25 -96.96
CA UNK N 19 -0.55 -16.17 -96.03
C UNK N 19 -1.08 -15.39 -94.84
N UNK N 20 -2.04 -15.99 -94.14
CA UNK N 20 -2.67 -15.33 -92.99
C UNK N 20 -2.84 -16.34 -91.86
N UNK N 21 -2.36 -15.98 -90.68
CA UNK N 21 -2.50 -16.80 -89.47
C UNK N 21 -3.41 -16.06 -88.51
N UNK N 22 -4.44 -16.75 -88.02
CA UNK N 22 -5.43 -16.17 -87.14
C UNK N 22 -5.24 -16.67 -85.72
N UNK N 23 -5.57 -15.81 -84.75
CA UNK N 23 -5.47 -16.14 -83.34
C UNK N 23 -6.69 -15.60 -82.62
N UNK N 24 -7.29 -16.43 -81.77
CA UNK N 24 -8.47 -16.06 -80.99
C UNK N 24 -8.09 -15.98 -79.52
N UNK N 25 -8.54 -14.93 -78.86
CA UNK N 25 -8.26 -14.70 -77.45
C UNK N 25 -9.49 -14.98 -76.61
N UNK N 26 -9.30 -14.94 -75.28
CA UNK N 26 -10.39 -15.21 -74.37
C UNK N 26 -11.02 -13.93 -73.81
N UNK N 27 -10.26 -12.84 -73.74
CA UNK N 27 -10.75 -11.59 -73.18
C UNK N 27 -10.22 -10.44 -74.03
N UNK N 28 -10.35 -9.22 -73.50
CA UNK N 28 -9.93 -8.02 -74.23
C UNK N 28 -8.41 -7.91 -74.21
N UNK N 29 -7.77 -8.36 -75.28
CA UNK N 29 -6.32 -8.27 -75.42
C UNK N 29 -6.00 -7.50 -76.70
N UNK N 30 -6.83 -6.51 -77.02
CA UNK N 30 -6.74 -5.80 -78.30
C UNK N 30 -5.46 -4.98 -78.45
N UNK N 31 -4.96 -4.42 -77.34
CA UNK N 31 -3.77 -3.59 -77.39
C UNK N 31 -2.50 -4.30 -76.94
N UNK N 32 -2.59 -5.20 -75.96
CA UNK N 32 -1.41 -5.88 -75.43
C UNK N 32 -1.25 -7.27 -76.07
N UNK N 33 -0.99 -7.27 -77.37
CA UNK N 33 -0.81 -8.50 -78.13
C UNK N 33 0.34 -8.29 -79.11
N UNK N 34 1.30 -9.22 -79.11
CA UNK N 34 2.44 -9.17 -80.01
C UNK N 34 2.56 -10.48 -80.77
N UNK N 35 3.28 -10.44 -81.89
CA UNK N 35 3.51 -11.61 -82.73
C UNK N 35 5.01 -11.79 -82.91
N UNK N 36 5.51 -12.98 -82.58
CA UNK N 36 6.92 -13.29 -82.66
C UNK N 36 7.14 -14.47 -83.60
N UNK N 37 8.36 -14.58 -84.12
CA UNK N 37 8.76 -15.66 -85.00
C UNK N 37 9.95 -16.39 -84.39
N UNK N 38 9.99 -17.70 -84.59
CA UNK N 38 11.08 -18.54 -84.07
C UNK N 38 11.51 -19.51 -85.16
N UNK N 39 12.72 -19.31 -85.69
CA UNK N 39 13.24 -20.20 -86.70
C UNK N 39 13.66 -21.53 -86.07
N UNK N 40 13.70 -22.60 -86.85
CA UNK N 40 14.10 -23.90 -86.29
C UNK N 40 15.60 -23.96 -86.08
N UNK N 41 16.00 -24.25 -84.84
CA UNK N 41 17.41 -24.31 -84.48
C UNK N 41 18.05 -22.98 -84.16
N UNK N 42 17.29 -21.89 -84.17
CA UNK N 42 17.81 -20.57 -83.86
C UNK N 42 16.96 -19.95 -82.74
N UNK N 43 17.37 -18.76 -82.30
CA UNK N 43 16.67 -18.08 -81.24
C UNK N 43 15.40 -17.41 -81.79
N UNK N 44 14.50 -17.00 -80.89
CA UNK N 44 13.29 -16.32 -81.35
C UNK N 44 13.57 -14.88 -81.77
N UNK N 45 12.62 -14.30 -82.50
CA UNK N 45 12.73 -12.94 -82.98
C UNK N 45 11.34 -12.31 -83.03
N UNK N 46 11.24 -11.10 -82.47
CA UNK N 46 9.96 -10.39 -82.49
C UNK N 46 9.66 -9.87 -83.88
N UNK N 47 8.40 -10.02 -84.29
CA UNK N 47 7.97 -9.62 -85.63
C UNK N 47 7.08 -8.38 -85.61
N UNK N 48 6.02 -8.38 -84.80
CA UNK N 48 5.07 -7.28 -84.72
C UNK N 48 4.83 -6.95 -83.25
N UNK N 49 5.03 -5.69 -82.90
CA UNK N 49 4.81 -5.20 -81.54
C UNK N 49 3.49 -4.44 -81.48
N UNK N 50 2.73 -4.71 -80.41
CA UNK N 50 1.41 -4.12 -80.14
C UNK N 50 0.41 -4.39 -81.27
N UNK N 51 0.60 -5.50 -81.99
CA UNK N 51 -0.25 -6.08 -83.03
C UNK N 51 -0.42 -5.21 -84.28
N UNK N 52 0.17 -4.02 -84.34
CA UNK N 52 0.04 -3.19 -85.53
C UNK N 52 1.31 -2.42 -85.88
N UNK N 53 2.41 -2.61 -85.16
CA UNK N 53 3.64 -1.88 -85.40
C UNK N 53 4.78 -2.86 -85.67
N UNK N 54 5.59 -2.56 -86.67
CA UNK N 54 6.74 -3.39 -87.02
C UNK N 54 7.97 -2.90 -86.28
N UNK N 55 8.82 -3.84 -85.88
CA UNK N 55 10.04 -3.50 -85.17
C UNK N 55 11.08 -2.93 -86.14
N UNK N 56 12.11 -2.31 -85.57
CA UNK N 56 13.18 -1.72 -86.36
C UNK N 56 14.04 -2.82 -86.96
N UNK N 57 14.09 -2.87 -88.30
CA UNK N 57 14.82 -3.89 -89.01
C UNK N 57 13.98 -5.01 -89.58
N UNK N 58 12.73 -5.11 -89.17
CA UNK N 58 11.84 -6.17 -89.67
C UNK N 58 11.38 -5.80 -91.07
N UNK N 59 11.09 -6.77 -91.94
CA UNK N 59 10.63 -6.44 -93.29
C UNK N 59 9.19 -5.96 -93.28
N UNK N 60 8.83 -5.26 -94.35
CA UNK N 60 7.49 -4.70 -94.49
C UNK N 60 6.47 -5.69 -95.03
N UNK N 61 6.90 -6.91 -95.38
CA UNK N 61 5.98 -7.91 -95.91
C UNK N 61 5.08 -8.51 -94.84
N UNK N 62 5.44 -8.37 -93.57
CA UNK N 62 4.64 -8.89 -92.46
C UNK N 62 3.81 -7.75 -91.87
N UNK N 63 2.50 -7.93 -91.84
CA UNK N 63 1.57 -6.96 -91.30
C UNK N 63 0.62 -7.63 -90.31
N UNK N 64 -0.07 -6.81 -89.53
CA UNK N 64 -0.99 -7.32 -88.54
C UNK N 64 -2.29 -6.52 -88.54
N UNK N 65 -3.37 -7.21 -88.21
CA UNK N 65 -4.68 -6.58 -88.16
C UNK N 65 -5.55 -7.30 -87.14
N UNK N 66 -6.73 -6.75 -86.89
CA UNK N 66 -7.66 -7.35 -85.96
C UNK N 66 -7.86 -6.52 -84.71
N UNK N 67 -9.07 -6.56 -84.15
CA UNK N 67 -9.40 -5.79 -82.96
C UNK N 67 -10.19 -6.66 -82.00
N UNK N 68 -9.83 -6.61 -80.73
CA UNK N 68 -10.53 -7.37 -79.71
C UNK N 68 -9.84 -8.69 -79.37
N UNK N 69 -10.44 -9.79 -79.80
CA UNK N 69 -9.90 -11.11 -79.54
C UNK N 69 -9.38 -11.82 -80.79
N UNK N 70 -9.88 -11.47 -81.97
CA UNK N 70 -9.45 -12.09 -83.21
C UNK N 70 -8.37 -11.23 -83.85
N UNK N 71 -7.16 -11.77 -83.96
CA UNK N 71 -6.04 -11.09 -84.60
C UNK N 71 -5.56 -11.90 -85.78
N UNK N 72 -4.98 -11.22 -86.77
CA UNK N 72 -4.52 -11.85 -88.00
C UNK N 72 -3.16 -11.30 -88.39
N UNK N 73 -2.19 -12.19 -88.56
CA UNK N 73 -0.85 -11.82 -89.03
C UNK N 73 -0.72 -12.29 -90.48
N UNK N 74 -0.38 -11.36 -91.37
CA UNK N 74 -0.35 -11.63 -92.80
C UNK N 74 1.06 -11.45 -93.32
N UNK N 75 1.48 -12.36 -94.20
CA UNK N 75 2.75 -12.27 -94.91
C UNK N 75 2.45 -12.08 -96.39
N UNK N 76 2.81 -10.92 -96.93
CA UNK N 76 2.46 -10.60 -98.31
C UNK N 76 3.38 -11.27 -99.31
N UNK N 77 4.66 -11.45 -98.98
CA UNK N 77 5.62 -12.09 -99.87
C UNK N 77 6.40 -13.12 -99.07
N UNK N 78 5.93 -14.37 -99.12
CA UNK N 78 6.58 -15.44 -98.39
C UNK N 78 7.86 -15.86 -99.11
N UNK N 79 8.96 -15.92 -98.37
CA UNK N 79 10.24 -16.32 -98.92
C UNK N 79 10.67 -17.67 -98.35
N UNK N 80 11.84 -18.13 -98.81
CA UNK N 80 12.37 -19.40 -98.32
C UNK N 80 12.91 -19.26 -96.91
N UNK N 81 13.35 -18.06 -96.52
CA UNK N 81 13.83 -17.82 -95.17
C UNK N 81 12.70 -17.56 -94.18
N UNK N 82 11.45 -17.53 -94.63
CA UNK N 82 10.32 -17.29 -93.76
C UNK N 82 9.77 -18.56 -93.11
N UNK N 83 10.45 -19.69 -93.29
CA UNK N 83 10.02 -20.94 -92.67
C UNK N 83 10.34 -20.90 -91.18
N UNK N 84 9.34 -20.53 -90.37
CA UNK N 84 9.53 -20.40 -88.94
C UNK N 84 8.19 -20.60 -88.26
N UNK N 85 8.22 -20.68 -86.93
CA UNK N 85 7.03 -20.86 -86.11
C UNK N 85 6.57 -19.49 -85.63
N UNK N 86 5.34 -19.13 -85.94
CA UNK N 86 4.74 -17.88 -85.51
C UNK N 86 3.95 -18.10 -84.22
N UNK N 87 4.13 -17.19 -83.26
CA UNK N 87 3.49 -17.32 -81.96
C UNK N 87 2.91 -15.97 -81.54
N UNK N 88 1.67 -15.99 -81.06
CA UNK N 88 1.02 -14.80 -80.53
C UNK N 88 1.14 -14.79 -79.01
N UNK N 89 1.59 -13.65 -78.47
CA UNK N 89 1.78 -13.51 -77.04
C UNK N 89 0.94 -12.35 -76.54
N UNK N 90 0.08 -12.63 -75.56
CA UNK N 90 -0.75 -11.62 -74.95
C UNK N 90 -0.16 -11.18 -73.61
N UNK N 91 -0.21 -9.88 -73.35
CA UNK N 91 0.32 -9.30 -72.13
C UNK N 91 -0.72 -8.43 -71.44
N UNK N 92 -1.98 -8.88 -71.44
CA UNK N 92 -3.04 -8.11 -70.80
C UNK N 92 -2.97 -8.19 -69.29
N UNK N 93 -2.55 -9.34 -68.76
CA UNK N 93 -2.46 -9.53 -67.32
C UNK N 93 -1.31 -10.50 -67.03
N UNK N 94 -1.06 -10.71 -65.75
CA UNK N 94 -0.02 -11.63 -65.28
C UNK N 94 -0.68 -12.95 -64.90
N UNK N 95 -0.12 -14.10 -65.30
CA UNK N 95 1.09 -14.26 -66.12
C UNK N 95 0.81 -14.19 -67.61
N UNK N 96 1.73 -13.59 -68.36
CA UNK N 96 1.56 -13.45 -69.80
C UNK N 96 1.76 -14.80 -70.48
N UNK N 97 0.76 -15.25 -71.21
CA UNK N 97 0.80 -16.53 -71.91
C UNK N 97 1.10 -16.31 -73.38
N UNK N 98 1.49 -17.41 -74.04
CA UNK N 98 1.79 -17.41 -75.47
C UNK N 98 0.78 -18.28 -76.19
N UNK N 99 0.81 -18.20 -77.52
CA UNK N 99 -0.09 -18.98 -78.34
C UNK N 99 0.36 -20.42 -78.51
N UNK N 100 -0.41 -21.16 -79.31
CA UNK N 100 -0.08 -22.55 -79.58
C UNK N 100 1.10 -22.73 -80.52
N UNK N 101 1.42 -21.71 -81.32
CA UNK N 101 2.52 -21.80 -82.26
C UNK N 101 2.09 -22.33 -83.61
N UNK N 102 2.31 -21.54 -84.66
CA UNK N 102 1.91 -21.90 -86.01
C UNK N 102 3.16 -21.98 -86.87
N UNK N 103 3.48 -23.19 -87.34
CA UNK N 103 4.63 -23.42 -88.19
C UNK N 103 4.21 -23.28 -89.64
N UNK N 104 4.77 -22.29 -90.34
CA UNK N 104 4.44 -22.08 -91.74
C UNK N 104 5.13 -23.11 -92.62
N UNK N 105 4.44 -23.49 -93.71
CA UNK N 105 4.96 -24.46 -94.67
C UNK N 105 5.06 -23.79 -96.02
N UNK N 106 6.20 -23.99 -96.69
CA UNK N 106 6.45 -23.44 -98.02
C UNK N 106 6.37 -24.59 -99.01
N UNK N 107 5.44 -24.49 -99.96
CA UNK N 107 5.23 -25.52 -100.98
C UNK N 107 5.91 -25.09 -102.26
N UNK N 108 6.77 -25.96 -102.80
CA UNK N 108 7.47 -25.68 -104.04
C UNK N 108 7.30 -26.84 -105.01
N UNK N 109 8.05 -26.82 -106.12
CA UNK N 109 7.97 -27.90 -107.09
C UNK N 109 8.67 -29.15 -106.56
N UNK N 110 8.34 -30.29 -107.17
CA UNK N 110 8.95 -31.55 -106.77
C UNK N 110 10.39 -31.63 -107.27
N UNK N 111 11.28 -32.12 -106.40
CA UNK N 111 12.69 -32.23 -106.71
C UNK N 111 13.16 -33.64 -106.44
N UNK N 112 14.08 -34.13 -107.27
CA UNK N 112 14.61 -35.47 -107.10
C UNK N 112 15.55 -35.51 -105.90
N UNK N 113 15.54 -36.59 -105.12
CA UNK N 113 16.37 -36.64 -103.91
C UNK N 113 17.82 -36.96 -104.25
N UNK N 114 18.70 -36.01 -103.93
CA UNK N 114 20.14 -36.22 -104.08
C UNK N 114 20.60 -37.13 -102.96
N UNK N 115 20.90 -38.38 -103.30
CA UNK N 115 21.23 -39.42 -102.32
C UNK N 115 22.72 -39.69 -102.38
N UNK N 116 23.35 -39.79 -101.22
CA UNK N 116 24.76 -40.13 -101.11
C UNK N 116 24.92 -41.18 -100.02
N UNK N 117 25.53 -42.31 -100.38
CA UNK N 117 25.73 -43.42 -99.46
C UNK N 117 27.18 -43.43 -99.01
N UNK N 118 27.38 -43.58 -97.70
CA UNK N 118 28.70 -43.62 -97.10
C UNK N 118 28.84 -44.87 -96.25
N UNK N 119 29.87 -45.68 -96.48
CA UNK N 119 30.07 -46.89 -95.68
C UNK N 119 30.77 -46.57 -94.37
N UNK N 120 30.94 -47.56 -93.50
CA UNK N 120 31.63 -47.30 -92.23
C UNK N 120 33.14 -47.19 -92.43
N UNK N 121 33.75 -46.34 -91.61
CA UNK N 121 35.19 -46.14 -91.68
C UNK N 121 35.93 -47.27 -90.98
N UNK N 122 37.26 -47.23 -91.09
CA UNK N 122 38.10 -48.25 -90.45
C UNK N 122 38.13 -48.07 -88.94
N UNK N 123 37.99 -46.83 -88.46
CA UNK N 123 37.94 -46.60 -87.02
C UNK N 123 36.65 -47.13 -86.41
N UNK N 124 35.55 -47.09 -87.16
CA UNK N 124 34.30 -47.67 -86.68
C UNK N 124 34.38 -49.19 -86.59
N UNK N 125 35.03 -49.83 -87.56
CA UNK N 125 35.24 -51.28 -87.49
C UNK N 125 36.25 -51.63 -86.40
N UNK N 126 37.20 -50.72 -86.11
CA UNK N 126 38.10 -50.93 -84.98
C UNK N 126 37.36 -50.80 -83.66
N UNK N 127 36.33 -49.94 -83.61
CA UNK N 127 35.49 -49.86 -82.43
C UNK N 127 34.53 -51.04 -82.31
N UNK N 128 34.24 -51.73 -83.41
CA UNK N 128 33.37 -52.88 -83.39
C UNK N 128 32.00 -52.69 -84.01
N UNK N 129 31.73 -51.52 -84.58
CA UNK N 129 30.45 -51.23 -85.19
C UNK N 129 30.58 -50.89 -86.67
N UNK N 130 29.43 -50.74 -87.31
CA UNK N 130 29.37 -50.36 -88.71
C UNK N 130 28.06 -49.63 -88.96
N UNK N 131 28.15 -48.32 -89.23
CA UNK N 131 26.98 -47.50 -89.47
C UNK N 131 27.03 -47.02 -90.93
N UNK N 132 26.32 -47.74 -91.80
CA UNK N 132 26.23 -47.35 -93.21
C UNK N 132 25.17 -46.26 -93.32
N UNK N 133 25.59 -45.08 -93.75
CA UNK N 133 24.69 -43.93 -93.78
C UNK N 133 24.27 -43.66 -95.22
N UNK N 134 23.09 -43.06 -95.36
CA UNK N 134 22.58 -42.63 -96.66
C UNK N 134 21.88 -41.30 -96.44
N UNK N 135 22.47 -40.22 -96.95
CA UNK N 135 21.92 -38.89 -96.82
C UNK N 135 21.20 -38.50 -98.10
N UNK N 136 19.91 -38.20 -97.97
CA UNK N 136 19.08 -37.78 -99.10
C UNK N 136 18.71 -36.32 -98.85
N UNK N 137 19.37 -35.42 -99.57
CA UNK N 137 19.14 -33.98 -99.43
C UNK N 137 18.55 -33.43 -100.71
N UNK N 138 17.96 -32.23 -100.59
CA UNK N 138 17.39 -31.45 -101.70
C UNK N 138 16.26 -32.22 -102.39
N UNK N 139 15.28 -32.61 -101.57
CA UNK N 139 14.15 -33.39 -102.02
C UNK N 139 12.85 -32.69 -101.65
N UNK N 140 11.81 -32.94 -102.45
CA UNK N 140 10.51 -32.34 -102.22
C UNK N 140 9.46 -33.27 -102.81
N UNK N 141 8.43 -33.66 -102.04
CA UNK N 141 8.16 -33.31 -100.65
C UNK N 141 8.89 -34.20 -99.65
N UNK N 142 8.43 -34.18 -98.39
CA UNK N 142 9.09 -34.97 -97.36
C UNK N 142 8.67 -36.44 -97.41
N UNK N 143 7.60 -36.75 -98.13
CA UNK N 143 7.14 -38.13 -98.24
C UNK N 143 8.05 -38.92 -99.17
N UNK N 144 8.81 -39.85 -98.60
CA UNK N 144 9.74 -40.66 -99.37
C UNK N 144 9.97 -41.97 -98.61
N UNK N 145 10.41 -42.99 -99.35
CA UNK N 145 10.68 -44.30 -98.78
C UNK N 145 12.15 -44.66 -98.99
N UNK N 146 12.74 -45.31 -98.00
CA UNK N 146 14.15 -45.71 -98.03
C UNK N 146 14.21 -47.21 -97.76
N UNK N 147 14.81 -47.96 -98.68
CA UNK N 147 14.96 -49.40 -98.56
C UNK N 147 16.43 -49.75 -98.48
N UNK N 148 16.79 -50.62 -97.55
CA UNK N 148 18.15 -51.10 -97.38
C UNK N 148 18.25 -52.52 -97.92
N UNK N 149 19.24 -52.75 -98.79
CA UNK N 149 19.46 -54.05 -99.40
C UNK N 149 20.86 -54.54 -99.03
N UNK N 150 20.92 -55.60 -98.25
CA UNK N 150 22.18 -56.23 -97.86
C UNK N 150 22.35 -57.49 -98.69
N UNK N 151 23.20 -57.41 -99.71
CA UNK N 151 23.45 -58.48 -100.70
C UNK N 151 22.17 -58.92 -101.38
N UNK N 152 21.32 -57.96 -101.73
CA UNK N 152 20.07 -58.24 -102.40
C UNK N 152 18.88 -58.54 -101.50
N UNK N 153 19.11 -58.72 -100.20
CA UNK N 153 18.03 -59.02 -99.25
C UNK N 153 17.62 -57.73 -98.53
N UNK N 154 16.31 -57.52 -98.44
CA UNK N 154 15.80 -56.33 -97.76
C UNK N 154 15.96 -56.46 -96.26
N UNK N 155 16.56 -55.44 -95.64
CA UNK N 155 16.82 -55.44 -94.21
C UNK N 155 16.03 -54.30 -93.58
N UNK N 156 15.19 -54.63 -92.60
CA UNK N 156 14.39 -53.63 -91.89
C UNK N 156 14.90 -53.33 -90.50
N UNK N 157 15.55 -54.29 -89.85
CA UNK N 157 16.08 -54.06 -88.52
C UNK N 157 17.37 -53.24 -88.57
N UNK N 158 17.52 -52.33 -87.62
CA UNK N 158 18.70 -51.50 -87.55
C UNK N 158 18.68 -50.26 -88.43
N UNK N 159 17.59 -50.02 -89.15
CA UNK N 159 17.46 -48.86 -90.02
C UNK N 159 16.77 -47.75 -89.23
N UNK N 160 17.48 -46.63 -89.06
CA UNK N 160 16.96 -45.47 -88.35
C UNK N 160 16.93 -44.28 -89.30
N UNK N 161 15.78 -43.64 -89.41
CA UNK N 161 15.59 -42.50 -90.30
C UNK N 161 15.41 -41.23 -89.49
N UNK N 162 16.20 -40.20 -89.81
CA UNK N 162 16.11 -38.90 -89.15
C UNK N 162 15.90 -37.85 -90.24
N UNK N 163 14.75 -37.20 -90.23
CA UNK N 163 14.42 -36.20 -91.23
C UNK N 163 14.66 -34.80 -90.67
N UNK N 164 15.37 -33.98 -91.44
CA UNK N 164 15.62 -32.61 -91.05
C UNK N 164 14.43 -31.72 -91.44
N UNK N 165 14.53 -30.44 -91.09
CA UNK N 165 13.46 -29.50 -91.39
C UNK N 165 13.57 -28.98 -92.82
N UNK N 166 12.72 -28.02 -93.16
CA UNK N 166 12.74 -27.44 -94.49
C UNK N 166 13.95 -26.52 -94.65
N UNK N 167 14.47 -26.47 -95.87
CA UNK N 167 15.64 -25.64 -96.17
C UNK N 167 15.25 -24.16 -96.20
N UNK N 168 16.12 -23.32 -95.68
CA UNK N 168 15.89 -21.89 -95.63
C UNK N 168 16.32 -21.17 -96.90
N UNK N 169 16.86 -21.89 -97.88
CA UNK N 169 17.33 -21.29 -99.12
C UNK N 169 16.57 -21.78 -100.34
N UNK N 170 16.29 -23.08 -100.42
CA UNK N 170 15.64 -23.66 -101.59
C UNK N 170 14.30 -24.32 -101.27
N UNK N 171 13.85 -24.23 -100.00
CA UNK N 171 12.60 -24.83 -99.50
C UNK N 171 12.56 -26.33 -99.75
N UNK N 172 13.70 -26.99 -99.53
CA UNK N 172 13.84 -28.43 -99.77
C UNK N 172 13.99 -29.16 -98.44
N UNK N 173 14.07 -30.49 -98.53
CA UNK N 173 14.13 -31.35 -97.36
C UNK N 173 15.41 -32.18 -97.37
N UNK N 174 15.79 -32.64 -96.17
CA UNK N 174 16.95 -33.48 -96.01
C UNK N 174 16.64 -34.56 -94.99
N UNK N 175 17.19 -35.75 -95.22
CA UNK N 175 16.98 -36.88 -94.34
C UNK N 175 18.22 -37.76 -94.35
N UNK N 176 18.34 -38.60 -93.32
CA UNK N 176 19.47 -39.51 -93.18
C UNK N 176 18.98 -40.86 -92.69
N UNK N 177 19.32 -41.92 -93.42
CA UNK N 177 18.97 -43.28 -93.06
C UNK N 177 20.25 -44.03 -92.71
N UNK N 178 20.34 -44.51 -91.46
CA UNK N 178 21.53 -45.16 -90.95
C UNK N 178 21.21 -46.62 -90.63
N UNK N 179 22.01 -47.53 -91.18
CA UNK N 179 21.92 -48.96 -90.87
C UNK N 179 23.11 -49.32 -89.98
N UNK N 180 22.82 -49.64 -88.73
CA UNK N 180 23.85 -49.94 -87.74
C UNK N 180 23.91 -51.45 -87.50
N UNK N 181 25.10 -52.02 -87.62
CA UNK N 181 25.33 -53.44 -87.40
C UNK N 181 26.68 -53.64 -86.73
N UNK N 182 26.99 -54.90 -86.43
CA UNK N 182 28.26 -55.25 -85.83
C UNK N 182 29.33 -55.40 -86.91
N UNK N 183 30.56 -55.70 -86.48
CA UNK N 183 31.65 -55.89 -87.43
C UNK N 183 31.54 -57.24 -88.14
N UNK N 184 31.07 -58.27 -87.43
CA UNK N 184 30.94 -59.59 -88.03
C UNK N 184 29.77 -59.64 -89.01
N UNK N 185 28.72 -58.85 -88.75
CA UNK N 185 27.60 -58.79 -89.69
C UNK N 185 27.97 -57.99 -90.93
N UNK N 186 28.82 -56.97 -90.79
CA UNK N 186 29.25 -56.20 -91.94
C UNK N 186 30.30 -56.96 -92.75
N UNK N 187 31.12 -57.77 -92.10
CA UNK N 187 32.12 -58.58 -92.79
C UNK N 187 31.53 -59.81 -93.45
N UNK N 188 30.30 -60.19 -93.11
CA UNK N 188 29.65 -61.34 -93.73
C UNK N 188 28.95 -61.00 -95.04
N UNK N 189 28.93 -59.71 -95.43
CA UNK N 189 28.33 -59.30 -96.68
C UNK N 189 29.31 -58.41 -97.43
N UNK N 190 29.09 -58.29 -98.74
CA UNK N 190 29.94 -57.48 -99.60
C UNK N 190 29.21 -56.27 -100.16
N UNK N 191 28.07 -56.48 -100.82
CA UNK N 191 27.33 -55.40 -101.45
C UNK N 191 26.26 -54.86 -100.50
N UNK N 192 26.14 -53.53 -100.47
CA UNK N 192 25.13 -52.86 -99.68
C UNK N 192 24.55 -51.71 -100.50
N UNK N 193 23.22 -51.64 -100.57
CA UNK N 193 22.55 -50.68 -101.43
C UNK N 193 21.46 -49.96 -100.66
N UNK N 194 21.28 -48.68 -100.98
CA UNK N 194 20.18 -47.87 -100.46
C UNK N 194 19.33 -47.39 -101.62
N UNK N 195 18.02 -47.64 -101.55
CA UNK N 195 17.09 -47.29 -102.60
C UNK N 195 16.13 -46.22 -102.07
N UNK N 196 16.15 -45.05 -102.70
CA UNK N 196 15.27 -43.95 -102.32
C UNK N 196 14.15 -43.85 -103.35
N UNK N 197 12.91 -44.07 -102.91
CA UNK N 197 11.74 -44.01 -103.77
C UNK N 197 10.90 -42.81 -103.39
N UNK N 198 10.61 -41.95 -104.37
CA UNK N 198 9.82 -40.75 -104.15
C UNK N 198 8.79 -40.61 -105.27
N UNK N 199 8.04 -39.51 -105.22
CA UNK N 199 7.02 -39.24 -106.22
C UNK N 199 7.59 -38.62 -107.49
N UNK N 200 8.87 -38.23 -107.49
CA UNK N 200 9.46 -37.62 -108.67
C UNK N 200 9.77 -38.63 -109.77
N UNK N 201 9.93 -39.90 -109.43
CA UNK N 201 10.24 -40.94 -110.41
C UNK N 201 9.74 -42.28 -109.90
N UNK N 202 9.25 -43.11 -110.82
CA UNK N 202 8.77 -44.44 -110.44
C UNK N 202 9.92 -45.39 -110.12
N UNK N 203 11.07 -45.19 -110.75
CA UNK N 203 12.25 -46.00 -110.46
C UNK N 203 13.01 -45.41 -109.28
N UNK N 204 13.28 -46.18 -108.23
CA UNK N 204 13.98 -45.62 -107.07
C UNK N 204 15.46 -45.45 -107.35
N UNK N 205 16.01 -44.35 -106.83
CA UNK N 205 17.44 -44.07 -106.99
C UNK N 205 18.22 -45.02 -106.09
N UNK N 206 19.07 -45.85 -106.69
CA UNK N 206 19.82 -46.87 -105.97
C UNK N 206 21.28 -46.43 -105.89
N UNK N 207 21.83 -46.48 -104.68
CA UNK N 207 23.24 -46.22 -104.43
C UNK N 207 23.84 -47.44 -103.76
N UNK N 208 24.73 -48.14 -104.46
CA UNK N 208 25.28 -49.39 -103.98
C UNK N 208 26.79 -49.27 -103.85
N UNK N 209 27.34 -50.07 -102.94
CA UNK N 209 28.77 -50.08 -102.70
C UNK N 209 29.21 -51.48 -102.26
N UNK N 210 30.38 -51.90 -102.72
CA UNK N 210 30.94 -53.20 -102.40
C UNK N 210 31.97 -53.07 -101.29
N UNK N 211 32.03 -54.09 -100.43
CA UNK N 211 32.95 -54.05 -99.30
C UNK N 211 34.38 -54.36 -99.75
N UNK N 212 34.54 -55.13 -100.82
CA UNK N 212 35.87 -55.45 -101.30
C UNK N 212 36.50 -54.28 -102.03
N UNK N 213 35.70 -53.54 -102.80
CA UNK N 213 36.20 -52.39 -103.54
C UNK N 213 35.11 -51.34 -103.72
N GLU O 2 -49.55 -17.77 -56.87
CA GLU O 2 -48.28 -17.55 -56.19
C GLU O 2 -47.11 -18.07 -57.01
N ILE O 3 -45.94 -18.12 -56.40
CA ILE O 3 -44.74 -18.60 -57.08
C ILE O 3 -44.81 -20.12 -57.17
N GLN O 4 -44.78 -20.65 -58.39
CA GLN O 4 -44.86 -22.08 -58.63
C GLN O 4 -43.49 -22.61 -59.03
N MET O 5 -43.01 -23.60 -58.29
CA MET O 5 -41.75 -24.26 -58.60
C MET O 5 -42.00 -25.51 -59.44
N THR O 6 -41.02 -25.87 -60.26
CA THR O 6 -41.17 -27.00 -61.16
C THR O 6 -39.82 -27.67 -61.37
N GLN O 7 -39.88 -28.97 -61.67
CA GLN O 7 -38.69 -29.75 -61.99
C GLN O 7 -39.05 -30.69 -63.13
N THR O 8 -38.37 -30.54 -64.27
CA THR O 8 -38.71 -31.32 -65.45
C THR O 8 -38.22 -32.77 -65.32
N THR O 9 -37.05 -32.95 -64.72
CA THR O 9 -36.50 -34.29 -64.54
C THR O 9 -37.25 -35.02 -63.42
N SER O 10 -37.96 -36.09 -63.78
CA SER O 10 -38.71 -36.86 -62.80
C SER O 10 -37.93 -38.03 -62.22
N SER O 11 -36.94 -38.54 -62.94
CA SER O 11 -36.12 -39.64 -62.45
C SER O 11 -34.79 -39.63 -63.19
N LEU O 12 -33.70 -39.76 -62.43
CA LEU O 12 -32.37 -39.80 -63.00
C LEU O 12 -31.70 -41.13 -62.64
N SER O 13 -30.98 -41.69 -63.61
CA SER O 13 -30.29 -42.96 -63.45
C SER O 13 -28.78 -42.74 -63.48
N ALA O 14 -28.09 -43.33 -62.51
CA ALA O 14 -26.64 -43.17 -62.40
C ALA O 14 -26.08 -44.39 -61.67
N SER O 15 -24.76 -44.51 -61.73
CA SER O 15 -24.03 -45.58 -61.07
C SER O 15 -23.24 -45.01 -59.90
N LEU O 16 -22.47 -45.87 -59.24
CA LEU O 16 -21.69 -45.48 -58.08
C LEU O 16 -20.44 -44.73 -58.53
N GLY O 17 -20.31 -43.48 -58.09
CA GLY O 17 -19.16 -42.67 -58.41
C GLY O 17 -19.35 -41.65 -59.50
N ASP O 18 -20.57 -41.24 -59.79
CA ASP O 18 -20.85 -40.29 -60.85
C ASP O 18 -21.31 -38.96 -60.27
N ARG O 19 -21.01 -37.87 -60.99
CA ARG O 19 -21.42 -36.53 -60.60
C ARG O 19 -22.78 -36.25 -61.23
N VAL O 20 -23.84 -36.44 -60.45
CA VAL O 20 -25.21 -36.29 -60.92
C VAL O 20 -25.69 -34.88 -60.61
N THR O 21 -26.34 -34.24 -61.58
CA THR O 21 -26.86 -32.90 -61.43
C THR O 21 -28.38 -32.90 -61.48
N ILE O 22 -29.00 -32.08 -60.63
CA ILE O 22 -30.45 -31.95 -60.56
C ILE O 22 -30.77 -30.46 -60.55
N SER O 23 -31.54 -30.01 -61.54
CA SER O 23 -31.85 -28.60 -61.69
C SER O 23 -33.24 -28.29 -61.15
N CYS O 24 -33.50 -27.01 -60.94
CA CYS O 24 -34.78 -26.54 -60.44
C CYS O 24 -35.03 -25.13 -60.94
N ARG O 25 -36.27 -24.87 -61.37
CA ARG O 25 -36.67 -23.58 -61.89
C ARG O 25 -37.84 -23.06 -61.07
N ALA O 26 -38.02 -21.73 -61.11
CA ALA O 26 -39.06 -21.06 -60.35
C ALA O 26 -39.86 -20.14 -61.27
N SER O 27 -41.01 -19.70 -60.77
CA SER O 27 -41.86 -18.80 -61.55
C SER O 27 -41.33 -17.37 -61.55
N GLN O 28 -40.55 -17.00 -60.54
CA GLN O 28 -39.97 -15.67 -60.44
C GLN O 28 -38.63 -15.77 -59.73
N ASP O 29 -37.99 -14.62 -59.53
CA ASP O 29 -36.70 -14.58 -58.87
C ASP O 29 -36.88 -14.81 -57.37
N ILE O 30 -36.17 -15.78 -56.82
CA ILE O 30 -36.28 -16.12 -55.41
C ILE O 30 -35.10 -15.64 -54.59
N SER O 31 -34.12 -14.98 -55.22
CA SER O 31 -32.92 -14.39 -54.58
C SER O 31 -32.11 -15.44 -53.82
N ASN O 32 -32.01 -16.63 -54.44
CA ASN O 32 -31.28 -17.80 -53.94
C ASN O 32 -31.77 -18.26 -52.57
N TYR O 33 -33.02 -18.00 -52.22
CA TYR O 33 -33.58 -18.41 -50.93
C TYR O 33 -34.31 -19.74 -51.06
N LEU O 34 -33.57 -20.75 -51.52
CA LEU O 34 -34.11 -22.08 -51.74
C LEU O 34 -33.21 -23.10 -51.06
N SER O 35 -33.82 -24.21 -50.66
CA SER O 35 -33.09 -25.29 -50.01
C SER O 35 -33.33 -26.59 -50.77
N TRP O 36 -32.40 -27.53 -50.61
CA TRP O 36 -32.49 -28.84 -51.22
C TRP O 36 -32.49 -29.87 -50.10
N TYR O 37 -33.54 -30.68 -50.03
CA TYR O 37 -33.70 -31.66 -48.98
C TYR O 37 -33.80 -33.06 -49.59
N GLN O 38 -33.48 -34.06 -48.77
CA GLN O 38 -33.57 -35.45 -49.16
C GLN O 38 -34.66 -36.15 -48.35
N GLN O 39 -35.29 -37.14 -48.97
CA GLN O 39 -36.36 -37.90 -48.35
C GLN O 39 -36.20 -39.36 -48.73
N LYS O 40 -35.98 -40.21 -47.73
CA LYS O 40 -35.85 -41.63 -48.00
C LYS O 40 -37.22 -42.25 -48.27
N PRO O 41 -37.25 -43.50 -48.76
CA PRO O 41 -38.55 -44.13 -49.07
C PRO O 41 -39.36 -44.51 -47.84
N ASP O 42 -38.74 -44.60 -46.66
CA ASP O 42 -39.49 -44.93 -45.45
C ASP O 42 -40.30 -43.76 -44.93
N GLY O 43 -39.91 -42.53 -45.25
CA GLY O 43 -40.63 -41.36 -44.78
C GLY O 43 -39.75 -40.37 -44.06
N THR O 44 -38.48 -40.75 -43.82
CA THR O 44 -37.54 -39.88 -43.13
C THR O 44 -37.05 -38.80 -44.08
N VAL O 45 -37.16 -37.54 -43.65
CA VAL O 45 -36.77 -36.38 -44.46
C VAL O 45 -35.66 -35.63 -43.73
N LYS O 46 -34.56 -35.40 -44.42
CA LYS O 46 -33.42 -34.66 -43.90
C LYS O 46 -33.07 -33.53 -44.85
N LEU O 47 -32.25 -32.59 -44.37
CA LEU O 47 -31.84 -31.45 -45.17
C LEU O 47 -30.43 -31.68 -45.72
N LEU O 48 -30.21 -31.25 -46.96
CA LEU O 48 -28.93 -31.45 -47.63
C LEU O 48 -28.21 -30.15 -47.89
N ILE O 49 -28.86 -29.14 -48.46
CA ILE O 49 -28.20 -27.88 -48.81
C ILE O 49 -29.12 -26.72 -48.44
N TYR O 50 -28.56 -25.73 -47.74
CA TYR O 50 -29.30 -24.56 -47.31
C TYR O 50 -28.78 -23.32 -48.04
N TYR O 51 -29.71 -22.41 -48.35
CA TYR O 51 -29.49 -21.14 -49.03
C TYR O 51 -28.82 -21.29 -50.39
N THR O 52 -29.02 -22.42 -51.06
CA THR O 52 -28.65 -22.75 -52.45
C THR O 52 -27.14 -22.84 -52.69
N SER O 53 -26.31 -22.56 -51.67
CA SER O 53 -24.87 -22.70 -51.82
C SER O 53 -24.17 -23.30 -50.60
N ARG O 54 -24.80 -23.34 -49.43
CA ARG O 54 -24.14 -23.77 -48.21
C ARG O 54 -24.50 -25.20 -47.87
N LEU O 55 -23.59 -25.87 -47.17
CA LEU O 55 -23.78 -27.24 -46.71
C LEU O 55 -24.10 -27.24 -45.23
N HIS O 56 -25.15 -27.96 -44.86
CA HIS O 56 -25.61 -28.00 -43.48
C HIS O 56 -24.70 -28.88 -42.63
N SER O 57 -24.70 -28.60 -41.33
CA SER O 57 -23.89 -29.37 -40.40
C SER O 57 -24.52 -30.75 -40.20
N GLY O 58 -23.77 -31.79 -40.58
CA GLY O 58 -24.24 -33.15 -40.53
C GLY O 58 -24.33 -33.83 -41.88
N VAL O 59 -24.25 -33.08 -42.96
CA VAL O 59 -24.28 -33.62 -44.31
C VAL O 59 -22.84 -33.78 -44.80
N PRO O 60 -22.56 -34.73 -45.67
CA PRO O 60 -21.18 -34.93 -46.14
C PRO O 60 -20.78 -33.87 -47.16
N SER O 61 -19.49 -33.84 -47.45
CA SER O 61 -18.91 -32.88 -48.39
C SER O 61 -18.97 -33.36 -49.83
N ARG O 62 -19.64 -34.48 -50.10
CA ARG O 62 -19.74 -34.98 -51.48
C ARG O 62 -20.74 -34.16 -52.29
N PHE O 63 -21.80 -33.68 -51.67
CA PHE O 63 -22.81 -32.90 -52.36
C PHE O 63 -22.50 -31.42 -52.29
N SER O 64 -23.04 -30.68 -53.26
CA SER O 64 -22.85 -29.24 -53.34
C SER O 64 -24.04 -28.62 -54.07
N GLY O 65 -24.16 -27.31 -53.97
CA GLY O 65 -25.25 -26.60 -54.60
C GLY O 65 -24.78 -25.28 -55.17
N SER O 66 -25.44 -24.85 -56.24
CA SER O 66 -25.12 -23.59 -56.90
C SER O 66 -26.36 -23.11 -57.63
N GLY O 67 -26.20 -22.00 -58.36
CA GLY O 67 -27.27 -21.44 -59.15
C GLY O 67 -27.45 -19.96 -58.89
N SER O 68 -28.33 -19.37 -59.70
CA SER O 68 -28.60 -17.95 -59.61
C SER O 68 -29.97 -17.65 -60.21
N GLY O 69 -30.55 -16.52 -59.80
CA GLY O 69 -31.80 -16.04 -60.33
C GLY O 69 -32.97 -16.96 -60.05
N ILE O 70 -33.44 -17.62 -61.10
CA ILE O 70 -34.50 -18.62 -60.99
C ILE O 70 -34.00 -20.04 -61.21
N ASP O 71 -32.74 -20.21 -61.63
CA ASP O 71 -32.21 -21.54 -61.95
C ASP O 71 -31.24 -21.96 -60.85
N TYR O 72 -31.62 -22.98 -60.09
CA TYR O 72 -30.77 -23.56 -59.07
C TYR O 72 -30.40 -24.98 -59.45
N SER O 73 -29.33 -25.49 -58.84
CA SER O 73 -28.82 -26.81 -59.20
C SER O 73 -28.11 -27.44 -58.02
N LEU O 74 -28.30 -28.74 -57.86
CA LEU O 74 -27.57 -29.54 -56.88
C LEU O 74 -26.71 -30.56 -57.62
N THR O 75 -25.53 -30.84 -57.06
CA THR O 75 -24.56 -31.73 -57.69
C THR O 75 -24.02 -32.71 -56.67
N ILE O 76 -23.95 -33.98 -57.06
CA ILE O 76 -23.37 -35.04 -56.25
C ILE O 76 -22.12 -35.54 -56.95
N ASN O 77 -21.00 -35.56 -56.22
CA ASN O 77 -19.73 -35.94 -56.82
C ASN O 77 -19.65 -37.45 -57.04
N ASN O 78 -20.10 -38.23 -56.06
CA ASN O 78 -20.07 -39.69 -56.17
C ASN O 78 -21.31 -40.25 -55.50
N LEU O 79 -22.09 -41.03 -56.24
CA LEU O 79 -23.31 -41.61 -55.70
C LEU O 79 -22.96 -42.82 -54.83
N GLU O 80 -23.58 -42.89 -53.65
CA GLU O 80 -23.34 -43.98 -52.71
C GLU O 80 -24.60 -44.83 -52.59
N GLN O 81 -24.55 -45.82 -51.71
CA GLN O 81 -25.69 -46.69 -51.51
C GLN O 81 -26.80 -45.99 -50.73
N GLU O 82 -26.42 -45.17 -49.76
CA GLU O 82 -27.40 -44.42 -48.98
C GLU O 82 -27.90 -43.17 -49.70
N ASP O 83 -27.30 -42.81 -50.83
CA ASP O 83 -27.70 -41.62 -51.57
C ASP O 83 -28.95 -41.84 -52.41
N PHE O 84 -29.44 -43.07 -52.53
CA PHE O 84 -30.64 -43.36 -53.30
C PHE O 84 -31.87 -42.89 -52.54
N ALA O 85 -32.34 -41.68 -52.83
CA ALA O 85 -33.50 -41.11 -52.15
C ALA O 85 -34.15 -40.10 -53.09
N THR O 86 -35.17 -39.42 -52.58
CA THR O 86 -35.89 -38.41 -53.33
C THR O 86 -35.35 -37.03 -52.96
N TYR O 87 -34.80 -36.33 -53.95
CA TYR O 87 -34.29 -34.98 -53.76
C TYR O 87 -35.36 -33.98 -54.14
N PHE O 88 -35.67 -33.06 -53.23
CA PHE O 88 -36.72 -32.08 -53.43
C PHE O 88 -36.19 -30.68 -53.17
N CYS O 89 -36.70 -29.71 -53.93
CA CYS O 89 -36.36 -28.31 -53.74
C CYS O 89 -37.50 -27.61 -53.02
N GLN O 90 -37.14 -26.69 -52.13
CA GLN O 90 -38.13 -25.96 -51.32
C GLN O 90 -37.78 -24.48 -51.38
N GLN O 91 -38.71 -23.68 -51.89
CA GLN O 91 -38.54 -22.23 -51.87
C GLN O 91 -39.11 -21.67 -50.56
N GLY O 92 -38.56 -20.54 -50.13
CA GLY O 92 -38.99 -19.92 -48.90
C GLY O 92 -39.10 -18.42 -48.97
N ASN O 93 -39.36 -17.89 -50.16
CA ASN O 93 -39.42 -16.44 -50.33
C ASN O 93 -40.77 -15.88 -49.90
N THR O 94 -41.84 -16.30 -50.57
CA THR O 94 -43.17 -15.74 -50.35
C THR O 94 -44.12 -16.84 -49.88
N LEU O 95 -45.00 -16.48 -48.96
CA LEU O 95 -46.01 -17.42 -48.49
C LEU O 95 -47.11 -17.57 -49.54
N PRO O 96 -47.61 -18.79 -49.78
CA PRO O 96 -47.27 -20.08 -49.18
C PRO O 96 -46.01 -20.69 -49.77
N LEU O 97 -45.26 -21.42 -48.94
CA LEU O 97 -43.98 -22.00 -49.35
C LEU O 97 -44.27 -23.22 -50.23
N THR O 98 -44.36 -22.97 -51.54
CA THR O 98 -44.58 -24.06 -52.48
C THR O 98 -43.27 -24.80 -52.73
N PHE O 99 -43.28 -26.10 -52.50
CA PHE O 99 -42.11 -26.95 -52.71
C PHE O 99 -42.04 -27.40 -54.16
N GLY O 100 -40.94 -28.07 -54.49
CA GLY O 100 -40.73 -28.55 -55.84
C GLY O 100 -41.46 -29.85 -56.12
N ALA O 101 -41.24 -30.37 -57.33
CA ALA O 101 -41.86 -31.63 -57.71
C ALA O 101 -41.17 -32.81 -57.05
N GLY O 102 -39.85 -32.85 -57.10
CA GLY O 102 -39.10 -33.93 -56.47
C GLY O 102 -38.70 -35.02 -57.44
N THR O 103 -37.40 -35.22 -57.60
CA THR O 103 -36.86 -36.27 -58.47
C THR O 103 -36.36 -37.42 -57.62
N LYS O 104 -36.31 -38.60 -58.24
CA LYS O 104 -35.88 -39.82 -57.57
C LYS O 104 -34.70 -40.42 -58.31
N LEU O 105 -33.58 -40.58 -57.60
CA LEU O 105 -32.40 -41.19 -58.20
C LEU O 105 -32.60 -42.69 -58.35
N GLU O 106 -31.93 -43.25 -59.35
CA GLU O 106 -32.05 -44.67 -59.66
C GLU O 106 -30.67 -45.24 -59.98
N LEU O 107 -30.48 -46.50 -59.63
CA LEU O 107 -29.23 -47.19 -59.91
C LEU O 107 -29.23 -47.76 -61.32
N LYS O 108 -28.16 -47.47 -62.06
CA LYS O 108 -28.05 -47.97 -63.43
C LYS O 108 -27.45 -49.37 -63.44
N ARG O 109 -28.06 -50.24 -64.25
CA ARG O 109 -27.61 -51.63 -64.36
C ARG O 109 -27.84 -52.09 -65.79
N ALA O 110 -27.57 -53.36 -66.05
CA ALA O 110 -27.77 -53.93 -67.37
C ALA O 110 -29.25 -54.18 -67.63
N ASP O 111 -29.68 -53.94 -68.86
CA ASP O 111 -31.07 -54.13 -69.25
C ASP O 111 -31.37 -55.62 -69.32
N ALA O 112 -32.02 -56.14 -68.29
CA ALA O 112 -32.34 -57.56 -68.20
C ALA O 112 -33.75 -57.82 -68.72
N ALA O 113 -33.96 -59.03 -69.24
CA ALA O 113 -35.26 -59.41 -69.76
C ALA O 113 -36.24 -59.68 -68.62
N PRO O 114 -37.50 -59.31 -68.78
CA PRO O 114 -38.47 -59.49 -67.69
C PRO O 114 -38.94 -60.93 -67.60
N THR O 115 -38.73 -61.54 -66.44
CA THR O 115 -39.23 -62.89 -66.18
C THR O 115 -40.73 -62.81 -65.90
N VAL O 116 -41.52 -63.41 -66.78
CA VAL O 116 -42.97 -63.32 -66.73
C VAL O 116 -43.52 -64.65 -66.19
N SER O 117 -44.54 -64.55 -65.33
CA SER O 117 -45.19 -65.72 -64.77
C SER O 117 -46.69 -65.45 -64.68
N ILE O 118 -47.49 -66.31 -65.29
CA ILE O 118 -48.94 -66.19 -65.30
C ILE O 118 -49.52 -67.13 -64.24
N PHE O 119 -50.51 -66.65 -63.51
CA PHE O 119 -51.16 -67.43 -62.46
C PHE O 119 -52.67 -67.37 -62.63
N PRO O 120 -53.34 -68.50 -62.79
CA PRO O 120 -54.80 -68.49 -62.93
C PRO O 120 -55.47 -68.39 -61.59
N PRO O 121 -56.80 -68.26 -61.55
CA PRO O 121 -57.50 -68.16 -60.27
C PRO O 121 -57.61 -69.53 -59.59
N SER O 122 -57.67 -69.47 -58.26
CA SER O 122 -57.79 -70.68 -57.46
C SER O 122 -59.23 -71.15 -57.42
N SER O 123 -59.43 -72.33 -56.81
CA SER O 123 -60.77 -72.88 -56.70
C SER O 123 -61.60 -72.17 -55.64
N GLU O 124 -60.97 -71.74 -54.54
CA GLU O 124 -61.69 -71.04 -53.49
C GLU O 124 -62.10 -69.63 -53.94
N GLN O 125 -61.32 -69.00 -54.81
CA GLN O 125 -61.72 -67.72 -55.37
C GLN O 125 -62.78 -67.88 -56.44
N LEU O 126 -62.72 -68.97 -57.21
CA LEU O 126 -63.73 -69.21 -58.24
C LEU O 126 -65.06 -69.64 -57.63
N THR O 127 -65.03 -70.22 -56.44
CA THR O 127 -66.27 -70.56 -55.74
C THR O 127 -67.00 -69.33 -55.22
N SER O 128 -66.30 -68.22 -55.03
CA SER O 128 -66.91 -66.98 -54.58
C SER O 128 -67.56 -66.18 -55.72
N GLY O 129 -67.29 -66.56 -56.97
CA GLY O 129 -67.89 -65.89 -58.10
C GLY O 129 -66.95 -65.02 -58.91
N GLY O 130 -65.67 -64.95 -58.54
CA GLY O 130 -64.71 -64.12 -59.25
C GLY O 130 -63.51 -64.92 -59.70
N ALA O 131 -62.70 -64.28 -60.54
CA ALA O 131 -61.47 -64.89 -61.05
C ALA O 131 -60.50 -63.76 -61.40
N SER O 132 -59.34 -63.75 -60.75
CA SER O 132 -58.33 -62.72 -60.95
C SER O 132 -57.07 -63.39 -61.50
N VAL O 133 -56.89 -63.31 -62.81
CA VAL O 133 -55.68 -63.81 -63.45
C VAL O 133 -54.54 -62.85 -63.17
N VAL O 134 -53.44 -63.35 -62.63
CA VAL O 134 -52.30 -62.54 -62.22
C VAL O 134 -51.16 -62.74 -63.21
N CYS O 135 -50.36 -61.69 -63.40
CA CYS O 135 -49.19 -61.73 -64.26
C CYS O 135 -48.07 -60.98 -63.55
N PHE O 136 -47.05 -61.71 -63.11
CA PHE O 136 -45.92 -61.12 -62.41
C PHE O 136 -44.71 -61.05 -63.33
N LEU O 137 -44.21 -59.84 -63.55
CA LEU O 137 -43.02 -59.61 -64.35
C LEU O 137 -41.93 -59.09 -63.43
N ASN O 138 -40.99 -59.96 -63.07
CA ASN O 138 -39.94 -59.62 -62.13
C ASN O 138 -38.58 -59.63 -62.81
N ASN O 139 -37.62 -58.98 -62.15
CA ASN O 139 -36.20 -58.93 -62.55
C ASN O 139 -36.03 -58.33 -63.94
N PHE O 140 -36.43 -57.06 -64.07
CA PHE O 140 -36.38 -56.34 -65.32
C PHE O 140 -35.65 -55.01 -65.13
N TYR O 141 -35.14 -54.47 -66.24
CA TYR O 141 -34.46 -53.19 -66.24
C TYR O 141 -34.57 -52.60 -67.63
N PRO O 142 -35.02 -51.35 -67.78
CA PRO O 142 -35.46 -50.42 -66.73
C PRO O 142 -36.93 -50.61 -66.35
N LYS O 143 -37.51 -49.59 -65.72
CA LYS O 143 -38.90 -49.67 -65.28
C LYS O 143 -39.90 -49.47 -66.41
N ASP O 144 -39.45 -49.08 -67.59
CA ASP O 144 -40.35 -48.85 -68.73
C ASP O 144 -40.78 -50.19 -69.30
N ILE O 145 -42.05 -50.55 -69.08
CA ILE O 145 -42.62 -51.80 -69.59
C ILE O 145 -44.12 -51.62 -69.72
N ASN O 146 -44.71 -52.35 -70.67
CA ASN O 146 -46.14 -52.30 -70.92
C ASN O 146 -46.73 -53.70 -70.81
N VAL O 147 -47.98 -53.76 -70.38
CA VAL O 147 -48.68 -55.03 -70.19
C VAL O 147 -49.97 -55.02 -71.01
N LYS O 148 -50.35 -56.21 -71.49
CA LYS O 148 -51.56 -56.37 -72.27
C LYS O 148 -52.21 -57.71 -71.92
N TRP O 149 -53.54 -57.70 -71.75
CA TRP O 149 -54.29 -58.91 -71.47
C TRP O 149 -55.15 -59.26 -72.67
N LYS O 150 -55.22 -60.56 -72.98
CA LYS O 150 -55.98 -61.05 -74.12
C LYS O 150 -56.84 -62.23 -73.67
N ILE O 151 -58.13 -62.17 -73.97
CA ILE O 151 -59.08 -63.22 -73.62
C ILE O 151 -59.53 -63.84 -74.93
N ASP O 152 -58.96 -65.00 -75.27
CA ASP O 152 -59.22 -65.77 -76.50
C ASP O 152 -58.97 -64.93 -77.75
N GLY O 153 -57.87 -64.16 -77.74
CA GLY O 153 -57.51 -63.32 -78.85
C GLY O 153 -58.04 -61.90 -78.78
N SER O 154 -59.05 -61.65 -77.94
CA SER O 154 -59.62 -60.31 -77.81
C SER O 154 -58.95 -59.58 -76.65
N GLU O 155 -58.47 -58.37 -76.92
CA GLU O 155 -57.80 -57.58 -75.89
C GLU O 155 -58.82 -56.97 -74.95
N ARG O 156 -58.57 -57.09 -73.65
CA ARG O 156 -59.45 -56.57 -72.60
C ARG O 156 -58.72 -55.51 -71.81
N GLN O 157 -59.37 -54.36 -71.64
CA GLN O 157 -58.79 -53.25 -70.90
C GLN O 157 -59.51 -52.91 -69.60
N ASN O 158 -60.76 -53.36 -69.44
CA ASN O 158 -61.52 -53.09 -68.22
C ASN O 158 -61.19 -54.09 -67.14
N GLY O 159 -61.14 -53.62 -65.90
CA GLY O 159 -60.80 -54.46 -64.78
C GLY O 159 -59.34 -54.83 -64.68
N VAL O 160 -58.45 -53.98 -65.17
CA VAL O 160 -57.01 -54.23 -65.15
C VAL O 160 -56.38 -53.41 -64.05
N LEU O 161 -55.72 -54.09 -63.11
CA LEU O 161 -55.01 -53.45 -62.01
C LEU O 161 -53.51 -53.62 -62.21
N ASN O 162 -52.76 -52.53 -62.04
CA ASN O 162 -51.33 -52.53 -62.23
C ASN O 162 -50.66 -52.04 -60.96
N SER O 163 -49.72 -52.82 -60.43
CA SER O 163 -48.98 -52.46 -59.23
C SER O 163 -47.48 -52.57 -59.52
N TRP O 164 -46.78 -51.45 -59.45
CA TRP O 164 -45.35 -51.40 -59.68
C TRP O 164 -44.61 -51.38 -58.36
N THR O 165 -43.58 -52.21 -58.24
CA THR O 165 -42.80 -52.31 -57.02
C THR O 165 -41.56 -51.44 -57.10
N ASP O 166 -40.95 -51.21 -55.94
CA ASP O 166 -39.75 -50.39 -55.87
C ASP O 166 -38.52 -51.20 -56.30
N GLN O 167 -37.43 -50.48 -56.55
CA GLN O 167 -36.19 -51.11 -56.98
C GLN O 167 -35.55 -51.84 -55.80
N ASP O 168 -35.20 -53.10 -56.01
CA ASP O 168 -34.57 -53.89 -54.96
C ASP O 168 -33.13 -53.46 -54.75
N SER O 169 -32.69 -53.48 -53.49
CA SER O 169 -31.34 -53.05 -53.13
C SER O 169 -30.32 -54.17 -53.26
N LYS O 170 -30.71 -55.34 -53.77
CA LYS O 170 -29.82 -56.48 -53.90
C LYS O 170 -29.41 -56.75 -55.34
N ASP O 171 -30.35 -56.71 -56.27
CA ASP O 171 -30.08 -56.99 -57.67
C ASP O 171 -30.30 -55.79 -58.58
N SER O 172 -30.75 -54.66 -58.03
CA SER O 172 -31.08 -53.43 -58.77
C SER O 172 -32.09 -53.70 -59.89
N THR O 173 -33.11 -54.48 -59.58
CA THR O 173 -34.14 -54.87 -60.55
C THR O 173 -35.50 -54.34 -60.07
N TYR O 174 -36.55 -54.69 -60.82
CA TYR O 174 -37.89 -54.22 -60.52
C TYR O 174 -38.89 -55.36 -60.74
N SER O 175 -40.08 -55.16 -60.16
CA SER O 175 -41.17 -56.12 -60.27
C SER O 175 -42.46 -55.37 -60.56
N MET O 176 -43.33 -56.01 -61.35
CA MET O 176 -44.63 -55.46 -61.70
C MET O 176 -45.67 -56.56 -61.63
N SER O 177 -46.88 -56.20 -61.21
CA SER O 177 -47.97 -57.15 -61.05
C SER O 177 -49.20 -56.62 -61.78
N SER O 178 -49.67 -57.38 -62.76
CA SER O 178 -50.91 -57.09 -63.47
C SER O 178 -51.98 -58.06 -63.02
N THR O 179 -53.22 -57.57 -62.91
CA THR O 179 -54.33 -58.39 -62.44
C THR O 179 -55.56 -58.11 -63.29
N LEU O 180 -56.10 -59.15 -63.90
CA LEU O 180 -57.35 -59.08 -64.65
C LEU O 180 -58.41 -59.79 -63.83
N THR O 181 -59.31 -59.02 -63.22
CA THR O 181 -60.34 -59.55 -62.33
C THR O 181 -61.69 -59.48 -63.04
N LEU O 182 -62.32 -60.64 -63.24
CA LEU O 182 -63.63 -60.74 -63.85
C LEU O 182 -64.51 -61.65 -63.00
N THR O 183 -65.75 -61.85 -63.44
CA THR O 183 -66.67 -62.72 -62.74
C THR O 183 -66.39 -64.18 -63.10
N LYS O 184 -67.10 -65.09 -62.42
CA LYS O 184 -66.93 -66.52 -62.71
C LYS O 184 -67.58 -66.88 -64.04
N ASP O 185 -68.67 -66.20 -64.40
CA ASP O 185 -69.32 -66.46 -65.69
C ASP O 185 -68.48 -65.95 -66.85
N GLU O 186 -67.73 -64.87 -66.65
CA GLU O 186 -66.83 -64.39 -67.70
C GLU O 186 -65.60 -65.27 -67.83
N TYR O 187 -65.15 -65.85 -66.72
CA TYR O 187 -64.02 -66.78 -66.78
C TYR O 187 -64.43 -68.12 -67.36
N GLU O 188 -65.69 -68.52 -67.18
CA GLU O 188 -66.19 -69.76 -67.76
C GLU O 188 -66.50 -69.63 -69.25
N ARG O 189 -66.71 -68.41 -69.74
CA ARG O 189 -67.00 -68.19 -71.15
C ARG O 189 -65.74 -68.08 -72.00
N HIS O 190 -64.56 -68.17 -71.40
CA HIS O 190 -63.30 -68.13 -72.13
C HIS O 190 -62.41 -69.26 -71.67
N ASN O 191 -61.59 -69.77 -72.58
CA ASN O 191 -60.70 -70.88 -72.30
C ASN O 191 -59.25 -70.45 -72.17
N SER O 192 -58.72 -69.75 -73.17
CA SER O 192 -57.31 -69.37 -73.20
C SER O 192 -57.18 -67.89 -72.86
N TYR O 193 -56.40 -67.58 -71.83
CA TYR O 193 -56.08 -66.21 -71.46
C TYR O 193 -54.57 -66.01 -71.57
N THR O 194 -54.17 -64.87 -72.13
CA THR O 194 -52.77 -64.60 -72.39
C THR O 194 -52.38 -63.23 -71.84
N CYS O 195 -51.16 -63.14 -71.32
CA CYS O 195 -50.58 -61.89 -70.85
C CYS O 195 -49.31 -61.60 -71.63
N GLU O 196 -49.26 -60.43 -72.25
CA GLU O 196 -48.12 -60.02 -73.06
C GLU O 196 -47.40 -58.87 -72.39
N ALA O 197 -46.07 -58.97 -72.31
CA ALA O 197 -45.24 -57.95 -71.71
C ALA O 197 -44.29 -57.40 -72.76
N THR O 198 -44.35 -56.08 -72.97
CA THR O 198 -43.48 -55.39 -73.92
C THR O 198 -42.43 -54.60 -73.15
N HIS O 199 -41.17 -54.93 -73.36
CA HIS O 199 -40.06 -54.28 -72.68
C HIS O 199 -39.15 -53.63 -73.71
N LYS O 200 -38.12 -52.93 -73.20
CA LYS O 200 -37.17 -52.27 -74.10
C LYS O 200 -36.14 -53.26 -74.63
N THR O 201 -35.98 -54.41 -73.95
CA THR O 201 -34.98 -55.38 -74.36
C THR O 201 -35.39 -56.15 -75.60
N SER O 202 -36.69 -56.32 -75.85
CA SER O 202 -37.17 -57.09 -76.98
C SER O 202 -38.30 -56.33 -77.66
N THR O 203 -38.24 -56.24 -78.99
CA THR O 203 -39.30 -55.57 -79.74
C THR O 203 -40.59 -56.40 -79.75
N SER O 204 -40.47 -57.72 -79.72
CA SER O 204 -41.64 -58.59 -79.64
C SER O 204 -42.01 -58.82 -78.18
N PRO O 205 -43.30 -58.73 -77.82
CA PRO O 205 -43.68 -58.90 -76.41
C PRO O 205 -43.68 -60.37 -76.01
N ILE O 206 -43.16 -60.64 -74.82
CA ILE O 206 -43.17 -62.00 -74.28
C ILE O 206 -44.59 -62.33 -73.85
N VAL O 207 -45.15 -63.39 -74.42
CA VAL O 207 -46.54 -63.77 -74.19
C VAL O 207 -46.56 -65.06 -73.38
N LYS O 208 -47.39 -65.08 -72.33
CA LYS O 208 -47.61 -66.27 -71.52
C LYS O 208 -49.11 -66.55 -71.52
N SER O 209 -49.49 -67.70 -72.07
CA SER O 209 -50.90 -68.07 -72.22
C SER O 209 -51.20 -69.31 -71.42
N PHE O 210 -52.47 -69.46 -71.05
CA PHE O 210 -52.95 -70.60 -70.29
C PHE O 210 -54.35 -70.97 -70.75
N ASN O 211 -54.63 -72.26 -70.74
CA ASN O 211 -55.90 -72.80 -71.16
C ASN O 211 -56.62 -73.43 -69.97
N ARG O 212 -57.79 -74.01 -70.23
CA ARG O 212 -58.59 -74.64 -69.18
C ARG O 212 -58.71 -76.13 -69.41
N GLN P 22 -29.97 -36.44 -30.77
CA GLN P 22 -30.42 -35.64 -31.91
C GLN P 22 -31.92 -35.38 -31.84
N ALA P 23 -32.38 -34.39 -32.60
CA ALA P 23 -33.80 -34.04 -32.62
C ALA P 23 -34.55 -34.95 -33.59
N GLN P 24 -35.70 -35.46 -33.13
CA GLN P 24 -36.53 -36.33 -33.94
C GLN P 24 -37.98 -35.88 -33.83
N LEU P 25 -38.80 -36.30 -34.80
CA LEU P 25 -40.22 -35.99 -34.83
C LEU P 25 -40.99 -37.20 -35.32
N LYS P 26 -42.11 -37.51 -34.66
CA LYS P 26 -42.93 -38.66 -34.98
C LYS P 26 -44.39 -38.23 -35.04
N GLU P 27 -45.03 -38.48 -36.18
CA GLU P 27 -46.43 -38.13 -36.38
C GLU P 27 -47.30 -39.37 -36.24
N SER P 28 -48.51 -39.18 -35.69
CA SER P 28 -49.45 -40.27 -35.50
C SER P 28 -50.86 -39.76 -35.74
N GLY P 29 -51.73 -40.65 -36.20
CA GLY P 29 -53.10 -40.29 -36.49
C GLY P 29 -54.01 -41.50 -36.47
N PRO P 30 -55.30 -41.28 -36.76
CA PRO P 30 -56.25 -42.41 -36.76
C PRO P 30 -56.14 -43.26 -38.01
N GLY P 31 -55.81 -42.64 -39.13
CA GLY P 31 -55.63 -43.35 -40.39
C GLY P 31 -56.87 -43.47 -41.26
N LEU P 32 -57.98 -43.91 -40.66
CA LEU P 32 -59.24 -44.08 -41.38
C LEU P 32 -60.32 -43.28 -40.66
N VAL P 33 -60.97 -42.37 -41.38
CA VAL P 33 -62.04 -41.56 -40.83
C VAL P 33 -63.11 -41.37 -41.90
N ALA P 34 -64.32 -41.06 -41.43
CA ALA P 34 -65.44 -40.85 -42.35
C ALA P 34 -65.34 -39.48 -43.01
N PRO P 35 -66.08 -39.27 -44.10
CA PRO P 35 -66.05 -37.96 -44.76
C PRO P 35 -66.82 -36.92 -43.98
N SER P 36 -66.40 -35.67 -44.16
CA SER P 36 -66.94 -34.48 -43.48
C SER P 36 -66.89 -34.62 -41.96
N GLN P 37 -65.77 -35.16 -41.47
CA GLN P 37 -65.57 -35.35 -40.04
C GLN P 37 -64.27 -34.70 -39.59
N SER P 38 -63.90 -34.91 -38.34
CA SER P 38 -62.66 -34.36 -37.79
C SER P 38 -61.50 -35.32 -38.03
N LEU P 39 -60.29 -34.80 -37.86
CA LEU P 39 -59.08 -35.59 -38.01
C LEU P 39 -57.99 -34.98 -37.15
N SER P 40 -57.60 -35.68 -36.09
CA SER P 40 -56.61 -35.19 -35.14
C SER P 40 -55.30 -35.92 -35.37
N ILE P 41 -54.23 -35.16 -35.60
CA ILE P 41 -52.89 -35.69 -35.78
C ILE P 41 -52.01 -35.17 -34.66
N THR P 42 -51.23 -36.07 -34.06
CA THR P 42 -50.35 -35.74 -32.94
C THR P 42 -48.91 -35.94 -33.36
N CYS P 43 -48.12 -34.87 -33.28
CA CYS P 43 -46.70 -34.91 -33.62
C CYS P 43 -45.88 -34.69 -32.35
N THR P 44 -45.03 -35.66 -32.03
CA THR P 44 -44.16 -35.60 -30.86
C THR P 44 -42.74 -35.28 -31.31
N VAL P 45 -42.13 -34.29 -30.66
CA VAL P 45 -40.77 -33.89 -30.98
C VAL P 45 -39.86 -34.21 -29.81
N SER P 46 -38.58 -34.44 -30.12
CA SER P 46 -37.59 -34.78 -29.10
C SER P 46 -36.25 -34.25 -29.55
N GLY P 47 -35.31 -34.17 -28.60
CA GLY P 47 -33.99 -33.66 -28.86
C GLY P 47 -33.88 -32.15 -28.86
N PHE P 48 -34.98 -31.44 -28.68
CA PHE P 48 -34.99 -29.97 -28.70
C PHE P 48 -36.16 -29.50 -27.85
N SER P 49 -36.48 -28.21 -27.96
CA SER P 49 -37.59 -27.61 -27.24
C SER P 49 -38.55 -26.95 -28.21
N LEU P 50 -39.82 -26.89 -27.81
CA LEU P 50 -40.87 -26.29 -28.62
C LEU P 50 -41.26 -24.89 -28.14
N THR P 51 -40.53 -24.34 -27.17
CA THR P 51 -40.83 -23.01 -26.67
C THR P 51 -40.11 -21.90 -27.43
N ASN P 52 -39.11 -22.25 -28.24
CA ASN P 52 -38.33 -21.25 -28.97
C ASN P 52 -38.23 -21.51 -30.46
N TYR P 53 -38.90 -22.53 -31.00
CA TYR P 53 -38.88 -22.82 -32.42
C TYR P 53 -40.31 -22.94 -32.93
N GLY P 54 -40.44 -22.99 -34.26
CA GLY P 54 -41.73 -23.11 -34.91
C GLY P 54 -41.91 -24.50 -35.49
N VAL P 55 -43.18 -24.89 -35.67
CA VAL P 55 -43.54 -26.21 -36.17
C VAL P 55 -44.46 -26.02 -37.37
N HIS P 56 -44.05 -26.55 -38.51
CA HIS P 56 -44.82 -26.45 -39.75
C HIS P 56 -45.35 -27.82 -40.13
N TRP P 57 -46.66 -27.88 -40.42
CA TRP P 57 -47.31 -29.10 -40.88
C TRP P 57 -47.62 -28.96 -42.36
N VAL P 58 -47.29 -30.00 -43.13
CA VAL P 58 -47.42 -29.97 -44.58
C VAL P 58 -48.01 -31.29 -45.05
N ARG P 59 -48.96 -31.21 -45.97
CA ARG P 59 -49.57 -32.38 -46.57
C ARG P 59 -48.81 -32.77 -47.84
N GLN P 60 -49.05 -33.99 -48.29
CA GLN P 60 -48.39 -34.53 -49.48
C GLN P 60 -49.35 -35.50 -50.16
N PRO P 61 -49.88 -35.14 -51.31
CA PRO P 61 -50.72 -36.07 -52.06
C PRO P 61 -49.87 -37.06 -52.83
N PRO P 62 -50.27 -38.33 -52.86
CA PRO P 62 -49.47 -39.34 -53.60
C PRO P 62 -49.63 -39.16 -55.10
N GLY P 63 -48.52 -38.94 -55.78
CA GLY P 63 -48.53 -38.68 -57.21
C GLY P 63 -48.74 -37.24 -57.60
N LYS P 64 -48.87 -36.34 -56.64
CA LYS P 64 -49.07 -34.92 -56.91
C LYS P 64 -48.03 -34.12 -56.13
N GLY P 65 -48.13 -32.79 -56.23
CA GLY P 65 -47.19 -31.92 -55.54
C GLY P 65 -47.53 -31.74 -54.08
N LEU P 66 -46.49 -31.44 -53.29
CA LEU P 66 -46.66 -31.22 -51.86
C LEU P 66 -47.25 -29.84 -51.60
N GLU P 67 -48.11 -29.77 -50.61
CA GLU P 67 -48.78 -28.51 -50.25
C GLU P 67 -48.56 -28.22 -48.77
N TRP P 68 -48.27 -26.96 -48.46
CA TRP P 68 -48.04 -26.54 -47.10
C TRP P 68 -49.38 -26.29 -46.43
N LEU P 69 -49.69 -27.09 -45.40
CA LEU P 69 -50.94 -26.92 -44.68
C LEU P 69 -50.91 -25.69 -43.79
N GLY P 70 -49.90 -25.59 -42.93
CA GLY P 70 -49.78 -24.41 -42.09
C GLY P 70 -48.53 -24.47 -41.25
N VAL P 71 -48.40 -23.49 -40.36
CA VAL P 71 -47.25 -23.40 -39.46
C VAL P 71 -47.68 -22.65 -38.20
N ILE P 72 -47.03 -22.97 -37.09
CA ILE P 72 -47.25 -22.30 -35.82
C ILE P 72 -45.90 -21.85 -35.29
N TRP P 73 -45.86 -20.63 -34.74
CA TRP P 73 -44.63 -20.02 -34.26
C TRP P 73 -44.48 -20.26 -32.76
N ALA P 74 -43.31 -19.91 -32.24
CA ALA P 74 -43.05 -20.05 -30.81
C ALA P 74 -43.69 -18.94 -30.00
N GLY P 75 -44.06 -17.84 -30.64
CA GLY P 75 -44.70 -16.74 -29.95
C GLY P 75 -46.20 -16.73 -30.06
N GLY P 76 -46.80 -17.91 -30.28
CA GLY P 76 -48.23 -18.04 -30.38
C GLY P 76 -48.81 -17.69 -31.73
N SER P 77 -47.99 -17.30 -32.70
CA SER P 77 -48.49 -16.97 -34.03
C SER P 77 -48.69 -18.24 -34.84
N THR P 78 -49.76 -18.26 -35.62
CA THR P 78 -50.08 -19.40 -36.47
C THR P 78 -50.62 -18.89 -37.81
N ASN P 79 -50.10 -19.45 -38.89
CA ASN P 79 -50.53 -19.11 -40.24
C ASN P 79 -50.97 -20.38 -40.96
N TYR P 80 -51.92 -20.22 -41.88
CA TYR P 80 -52.47 -21.35 -42.62
C TYR P 80 -52.45 -21.01 -44.11
N ASN P 81 -52.90 -21.95 -44.92
CA ASN P 81 -52.95 -21.76 -46.36
C ASN P 81 -54.10 -20.82 -46.73
N SER P 82 -54.00 -20.23 -47.93
CA SER P 82 -54.98 -19.25 -48.35
C SER P 82 -56.26 -19.92 -48.87
N ALA P 83 -56.16 -21.15 -49.36
CA ALA P 83 -57.31 -21.82 -49.96
C ALA P 83 -58.13 -22.64 -48.97
N LEU P 84 -57.53 -23.03 -47.85
CA LEU P 84 -58.20 -23.85 -46.84
C LEU P 84 -57.95 -23.29 -45.44
N MET P 85 -58.13 -21.97 -45.29
CA MET P 85 -57.88 -21.32 -44.00
C MET P 85 -58.96 -21.68 -42.98
N SER P 86 -60.18 -21.95 -43.43
CA SER P 86 -61.28 -22.33 -42.56
C SER P 86 -61.45 -23.85 -42.47
N ARG P 87 -60.36 -24.60 -42.63
CA ARG P 87 -60.42 -26.05 -42.59
C ARG P 87 -59.37 -26.70 -41.69
N VAL P 88 -58.35 -25.97 -41.24
CA VAL P 88 -57.28 -26.54 -40.44
C VAL P 88 -57.09 -25.71 -39.18
N SER P 89 -56.59 -26.35 -38.13
CA SER P 89 -56.25 -25.69 -36.88
C SER P 89 -55.07 -26.41 -36.27
N ILE P 90 -54.27 -25.68 -35.50
CA ILE P 90 -53.05 -26.22 -34.89
C ILE P 90 -52.95 -25.71 -33.46
N SER P 91 -52.62 -26.60 -32.54
CA SER P 91 -52.34 -26.27 -31.15
C SER P 91 -51.11 -27.05 -30.70
N LYS P 92 -50.61 -26.70 -29.51
CA LYS P 92 -49.39 -27.35 -29.03
C LYS P 92 -49.44 -27.43 -27.51
N ASP P 93 -48.73 -28.43 -26.99
CA ASP P 93 -48.52 -28.61 -25.56
C ASP P 93 -47.02 -28.69 -25.32
N ASN P 94 -46.49 -27.70 -24.58
CA ASN P 94 -45.05 -27.62 -24.36
C ASN P 94 -44.59 -28.58 -23.27
N SER P 95 -45.50 -29.06 -22.43
CA SER P 95 -45.12 -29.99 -21.37
C SER P 95 -44.80 -31.37 -21.94
N LYS P 96 -45.62 -31.85 -22.88
CA LYS P 96 -45.37 -33.11 -23.54
C LYS P 96 -44.64 -32.95 -24.87
N SER P 97 -44.36 -31.70 -25.28
CA SER P 97 -43.74 -31.35 -26.56
C SER P 97 -44.51 -31.94 -27.74
N GLN P 98 -45.81 -31.72 -27.75
CA GLN P 98 -46.70 -32.31 -28.75
C GLN P 98 -47.39 -31.21 -29.54
N VAL P 99 -47.73 -31.52 -30.78
CA VAL P 99 -48.46 -30.62 -31.66
C VAL P 99 -49.70 -31.35 -32.17
N PHE P 100 -50.86 -30.76 -31.95
CA PHE P 100 -52.14 -31.34 -32.36
C PHE P 100 -52.69 -30.55 -33.53
N LEU P 101 -52.87 -31.24 -34.66
CA LEU P 101 -53.42 -30.65 -35.87
C LEU P 101 -54.81 -31.22 -36.13
N LYS P 102 -55.79 -30.33 -36.21
CA LYS P 102 -57.18 -30.71 -36.45
C LYS P 102 -57.57 -30.28 -37.85
N MET P 103 -58.26 -31.17 -38.57
CA MET P 103 -58.71 -30.88 -39.93
C MET P 103 -60.14 -31.38 -40.08
N ASN P 104 -61.06 -30.48 -40.36
CA ASN P 104 -62.47 -30.81 -40.56
C ASN P 104 -62.85 -30.54 -42.01
N SER P 105 -64.09 -30.91 -42.35
CA SER P 105 -64.66 -30.78 -43.70
C SER P 105 -63.79 -31.48 -44.75
N LEU P 106 -63.39 -32.71 -44.44
CA LEU P 106 -62.55 -33.48 -45.34
C LEU P 106 -63.36 -34.05 -46.50
N GLN P 107 -62.69 -34.29 -47.62
CA GLN P 107 -63.30 -34.81 -48.82
C GLN P 107 -62.69 -36.17 -49.17
N THR P 108 -63.07 -36.70 -50.33
CA THR P 108 -62.55 -37.99 -50.78
C THR P 108 -61.10 -37.92 -51.25
N ASP P 109 -60.61 -36.72 -51.57
CA ASP P 109 -59.23 -36.53 -51.98
C ASP P 109 -58.29 -36.27 -50.81
N ASP P 110 -58.70 -36.59 -49.59
CA ASP P 110 -57.89 -36.37 -48.41
C ASP P 110 -57.04 -37.60 -48.05
N THR P 111 -57.00 -38.60 -48.92
CA THR P 111 -56.16 -39.78 -48.71
C THR P 111 -54.73 -39.40 -49.10
N VAL P 112 -54.04 -38.76 -48.17
CA VAL P 112 -52.73 -38.17 -48.40
C VAL P 112 -51.81 -38.55 -47.24
N MET P 113 -50.61 -37.98 -47.25
CA MET P 113 -49.67 -38.11 -46.15
C MET P 113 -49.50 -36.76 -45.47
N TYR P 114 -49.11 -36.79 -44.19
CA TYR P 114 -48.91 -35.58 -43.40
C TYR P 114 -47.53 -35.64 -42.77
N TYR P 115 -46.86 -34.49 -42.71
CA TYR P 115 -45.53 -34.39 -42.13
C TYR P 115 -45.42 -33.14 -41.28
N CYS P 116 -44.65 -33.24 -40.20
CA CYS P 116 -44.38 -32.12 -39.31
C CYS P 116 -42.88 -31.86 -39.28
N ALA P 117 -42.50 -30.59 -39.32
CA ALA P 117 -41.09 -30.21 -39.38
C ALA P 117 -40.85 -29.00 -38.51
N ARG P 118 -39.58 -28.77 -38.20
CA ARG P 118 -39.16 -27.59 -37.44
C ARG P 118 -38.57 -26.54 -38.38
N GLU P 119 -38.75 -25.28 -38.01
CA GLU P 119 -38.27 -24.16 -38.81
C GLU P 119 -37.04 -23.54 -38.16
N ASP P 120 -36.23 -22.88 -38.98
CA ASP P 120 -34.99 -22.26 -38.50
C ASP P 120 -34.62 -21.12 -39.42
N TYR P 121 -33.69 -20.28 -38.95
CA TYR P 121 -33.19 -19.14 -39.69
C TYR P 121 -31.68 -19.26 -39.83
N ASP P 122 -31.23 -19.50 -41.06
CA ASP P 122 -29.81 -19.65 -41.39
C ASP P 122 -29.51 -18.81 -42.63
N TYR P 123 -29.91 -17.54 -42.58
CA TYR P 123 -30.02 -16.49 -43.61
C TYR P 123 -31.24 -16.72 -44.49
N ASP P 124 -32.03 -17.76 -44.24
CA ASP P 124 -33.28 -18.00 -44.93
C ASP P 124 -34.16 -18.84 -44.01
N TRP P 125 -35.47 -18.64 -44.13
CA TRP P 125 -36.42 -19.45 -43.35
C TRP P 125 -36.46 -20.86 -43.93
N HIS P 126 -35.79 -21.79 -43.25
CA HIS P 126 -35.60 -23.13 -43.77
C HIS P 126 -36.21 -24.15 -42.82
N PHE P 127 -36.37 -25.38 -43.32
CA PHE P 127 -36.86 -26.50 -42.54
C PHE P 127 -35.67 -27.38 -42.18
N ASP P 128 -35.37 -27.49 -40.89
CA ASP P 128 -34.18 -28.17 -40.41
C ASP P 128 -34.41 -29.62 -40.05
N VAL P 129 -35.33 -29.89 -39.13
CA VAL P 129 -35.62 -31.24 -38.66
C VAL P 129 -37.07 -31.57 -38.97
N TRP P 130 -37.29 -32.59 -39.78
CA TRP P 130 -38.61 -33.00 -40.21
C TRP P 130 -39.02 -34.29 -39.49
N GLY P 131 -40.19 -34.80 -39.83
CA GLY P 131 -40.69 -36.02 -39.22
C GLY P 131 -40.90 -37.15 -40.21
N ALA P 132 -41.39 -38.29 -39.71
CA ALA P 132 -41.62 -39.43 -40.59
C ALA P 132 -42.92 -39.28 -41.37
N GLY P 133 -43.94 -38.68 -40.76
CA GLY P 133 -45.21 -38.49 -41.41
C GLY P 133 -46.12 -39.71 -41.30
N THR P 134 -47.41 -39.44 -41.41
CA THR P 134 -48.42 -40.49 -41.32
C THR P 134 -49.27 -40.46 -42.58
N THR P 135 -50.10 -41.50 -42.74
CA THR P 135 -51.02 -41.61 -43.87
C THR P 135 -52.44 -41.48 -43.37
N VAL P 136 -53.23 -40.62 -43.99
CA VAL P 136 -54.63 -40.41 -43.64
C VAL P 136 -55.47 -40.75 -44.87
N THR P 137 -56.40 -41.69 -44.69
CA THR P 137 -57.31 -42.10 -45.74
C THR P 137 -58.73 -41.77 -45.31
N VAL P 138 -59.34 -40.82 -46.00
CA VAL P 138 -60.70 -40.37 -45.70
C VAL P 138 -61.65 -41.12 -46.61
N SER P 139 -62.38 -42.07 -46.04
CA SER P 139 -63.34 -42.87 -46.80
C SER P 139 -64.44 -43.33 -45.87
N SER P 140 -65.66 -43.43 -46.42
CA SER P 140 -66.82 -43.85 -45.65
C SER P 140 -67.07 -45.35 -45.74
N ALA P 141 -66.11 -46.11 -46.27
CA ALA P 141 -66.26 -47.55 -46.37
C ALA P 141 -66.06 -48.22 -45.02
N LYS P 142 -66.65 -49.40 -44.88
CA LYS P 142 -66.57 -50.15 -43.62
C LYS P 142 -65.34 -51.04 -43.61
N THR P 143 -64.86 -51.33 -42.41
CA THR P 143 -63.68 -52.17 -42.24
C THR P 143 -64.07 -53.64 -42.38
N THR P 144 -63.40 -54.35 -43.27
CA THR P 144 -63.66 -55.75 -43.53
C THR P 144 -62.36 -56.55 -43.42
N PRO P 145 -62.46 -57.83 -43.05
CA PRO P 145 -61.25 -58.65 -42.96
C PRO P 145 -60.81 -59.10 -44.34
N PRO P 146 -59.51 -59.28 -44.56
CA PRO P 146 -59.01 -59.66 -45.88
C PRO P 146 -59.16 -61.15 -46.11
N SER P 147 -59.09 -61.53 -47.39
CA SER P 147 -59.17 -62.92 -47.83
C SER P 147 -57.85 -63.30 -48.47
N VAL P 148 -57.19 -64.31 -47.92
CA VAL P 148 -55.87 -64.74 -48.38
C VAL P 148 -56.04 -65.99 -49.22
N TYR P 149 -55.48 -65.97 -50.43
CA TYR P 149 -55.51 -67.11 -51.34
C TYR P 149 -54.10 -67.50 -51.76
N PRO P 150 -53.83 -68.79 -51.96
CA PRO P 150 -52.49 -69.22 -52.36
C PRO P 150 -52.25 -69.00 -53.85
N LEU P 151 -50.97 -68.96 -54.21
CA LEU P 151 -50.55 -68.78 -55.60
C LEU P 151 -49.25 -69.56 -55.80
N ALA P 152 -49.35 -70.72 -56.41
CA ALA P 152 -48.18 -71.52 -56.73
C ALA P 152 -47.91 -71.52 -58.23
N PRO P 153 -46.78 -72.09 -58.66
CA PRO P 153 -46.50 -72.14 -60.10
C PRO P 153 -47.34 -73.17 -60.84
N GLY P 154 -47.95 -74.12 -60.15
CA GLY P 154 -48.75 -75.14 -60.80
C GLY P 154 -47.92 -76.35 -61.20
N SER P 155 -47.00 -76.16 -62.13
CA SER P 155 -46.11 -77.23 -62.56
C SER P 155 -45.04 -77.48 -61.50
N ALA P 156 -44.76 -78.76 -61.23
CA ALA P 156 -43.76 -79.15 -60.25
C ALA P 156 -42.37 -79.30 -60.86
N ALA P 157 -42.15 -78.78 -62.06
CA ALA P 157 -40.84 -78.86 -62.70
C ALA P 157 -39.88 -77.89 -62.05
N GLN P 158 -38.77 -78.39 -61.52
CA GLN P 158 -37.76 -77.57 -60.86
C GLN P 158 -36.94 -76.86 -61.92
N THR P 159 -37.36 -75.64 -62.26
CA THR P 159 -36.61 -74.84 -63.23
C THR P 159 -35.33 -74.28 -62.63
N ASN P 160 -35.30 -74.09 -61.32
CA ASN P 160 -34.11 -73.59 -60.63
C ASN P 160 -34.11 -74.12 -59.21
N SER P 161 -33.05 -73.78 -58.47
CA SER P 161 -32.94 -74.19 -57.08
C SER P 161 -33.84 -73.39 -56.14
N MET P 162 -34.38 -72.27 -56.60
CA MET P 162 -35.25 -71.42 -55.80
C MET P 162 -36.65 -71.44 -56.39
N VAL P 163 -37.64 -71.79 -55.58
CA VAL P 163 -39.04 -71.81 -56.00
C VAL P 163 -39.77 -70.66 -55.34
N THR P 164 -40.65 -70.03 -56.12
CA THR P 164 -41.39 -68.87 -55.66
C THR P 164 -42.86 -69.22 -55.40
N LEU P 165 -43.34 -68.83 -54.23
CA LEU P 165 -44.73 -68.97 -53.86
C LEU P 165 -45.30 -67.58 -53.59
N GLY P 166 -46.63 -67.49 -53.53
CA GLY P 166 -47.25 -66.19 -53.33
C GLY P 166 -48.57 -66.29 -52.61
N CYS P 167 -48.97 -65.15 -52.03
CA CYS P 167 -50.24 -65.02 -51.34
C CYS P 167 -50.95 -63.78 -51.86
N LEU P 168 -52.20 -63.94 -52.25
CA LEU P 168 -53.02 -62.84 -52.75
C LEU P 168 -54.03 -62.46 -51.68
N VAL P 169 -53.93 -61.23 -51.18
CA VAL P 169 -54.84 -60.71 -50.17
C VAL P 169 -55.83 -59.80 -50.88
N LYS P 170 -57.06 -60.26 -51.00
CA LYS P 170 -58.12 -59.53 -51.69
C LYS P 170 -59.24 -59.21 -50.72
N GLY P 171 -59.81 -58.02 -50.87
CA GLY P 171 -60.95 -57.63 -50.06
C GLY P 171 -60.58 -57.16 -48.67
N TYR P 172 -59.69 -56.16 -48.59
CA TYR P 172 -59.24 -55.63 -47.32
C TYR P 172 -59.67 -54.18 -47.19
N PHE P 173 -59.96 -53.78 -45.96
CA PHE P 173 -60.37 -52.41 -45.68
C PHE P 173 -60.08 -52.08 -44.21
N PRO P 174 -59.29 -51.04 -43.93
CA PRO P 174 -58.62 -50.16 -44.89
C PRO P 174 -57.14 -50.48 -45.04
N GLU P 175 -56.44 -49.69 -45.86
CA GLU P 175 -55.02 -49.90 -46.06
C GLU P 175 -54.22 -49.37 -44.86
N PRO P 176 -53.12 -50.05 -44.49
CA PRO P 176 -52.55 -51.28 -45.03
C PRO P 176 -52.62 -52.46 -44.08
N VAL P 177 -52.13 -53.62 -44.53
CA VAL P 177 -52.04 -54.81 -43.71
C VAL P 177 -50.60 -55.28 -43.72
N THR P 178 -50.26 -56.08 -42.71
CA THR P 178 -48.90 -56.61 -42.54
C THR P 178 -48.89 -58.05 -43.04
N VAL P 179 -48.16 -58.30 -44.11
CA VAL P 179 -48.04 -59.63 -44.70
C VAL P 179 -46.62 -60.12 -44.45
N THR P 180 -46.48 -61.10 -43.57
CA THR P 180 -45.19 -61.67 -43.23
C THR P 180 -45.16 -63.13 -43.67
N TRP P 181 -43.95 -63.70 -43.70
CA TRP P 181 -43.74 -65.09 -44.11
C TRP P 181 -43.09 -65.84 -42.96
N ASN P 182 -43.82 -66.81 -42.40
CA ASN P 182 -43.39 -67.67 -41.29
C ASN P 182 -42.99 -66.86 -40.06
N SER P 183 -43.83 -65.87 -39.74
CA SER P 183 -43.69 -64.98 -38.58
C SER P 183 -42.34 -64.24 -38.59
N GLY P 184 -41.92 -63.81 -39.77
CA GLY P 184 -40.69 -63.06 -39.91
C GLY P 184 -39.43 -63.89 -39.94
N SER P 185 -39.53 -65.20 -40.10
CA SER P 185 -38.35 -66.06 -40.18
C SER P 185 -37.84 -66.18 -41.61
N LEU P 186 -38.69 -66.60 -42.54
CA LEU P 186 -38.32 -66.72 -43.94
C LEU P 186 -38.47 -65.36 -44.61
N SER P 187 -37.34 -64.74 -44.94
CA SER P 187 -37.34 -63.42 -45.58
C SER P 187 -36.35 -63.33 -46.72
N SER P 188 -35.96 -64.48 -47.29
CA SER P 188 -35.02 -64.51 -48.41
C SER P 188 -35.82 -64.44 -49.71
N GLY P 189 -35.56 -63.41 -50.51
CA GLY P 189 -36.25 -63.25 -51.79
C GLY P 189 -37.71 -62.87 -51.67
N VAL P 190 -38.04 -62.00 -50.73
CA VAL P 190 -39.42 -61.57 -50.52
C VAL P 190 -39.71 -60.40 -51.45
N HIS P 191 -40.63 -60.61 -52.39
CA HIS P 191 -41.04 -59.57 -53.34
C HIS P 191 -42.47 -59.16 -52.99
N THR P 192 -42.59 -58.21 -52.07
CA THR P 192 -43.89 -57.71 -51.64
C THR P 192 -44.38 -56.66 -52.63
N PHE P 193 -45.39 -57.03 -53.41
CA PHE P 193 -45.91 -56.06 -54.37
C PHE P 193 -46.85 -55.08 -53.67
N PRO P 194 -47.07 -53.90 -54.26
CA PRO P 194 -47.96 -52.93 -53.64
C PRO P 194 -49.42 -53.31 -53.82
N ALA P 195 -50.28 -52.67 -53.04
CA ALA P 195 -51.72 -52.90 -53.08
C ALA P 195 -52.40 -51.91 -54.01
N VAL P 196 -53.59 -52.29 -54.47
CA VAL P 196 -54.43 -51.45 -55.31
C VAL P 196 -55.83 -51.42 -54.70
N LEU P 197 -56.65 -50.50 -55.18
CA LEU P 197 -58.01 -50.33 -54.68
C LEU P 197 -59.00 -50.56 -55.81
N GLN P 198 -60.02 -51.36 -55.52
CA GLN P 198 -61.07 -51.67 -56.48
C GLN P 198 -62.36 -51.91 -55.71
N SER P 199 -63.37 -51.08 -55.98
CA SER P 199 -64.69 -51.11 -55.32
C SER P 199 -64.56 -51.01 -53.80
N ASP P 200 -63.68 -50.10 -53.36
CA ASP P 200 -63.29 -49.91 -51.96
C ASP P 200 -62.76 -51.20 -51.33
N LEU P 201 -62.03 -51.99 -52.11
CA LEU P 201 -61.43 -53.23 -51.63
C LEU P 201 -59.96 -53.24 -51.99
N TYR P 202 -59.11 -53.60 -51.03
CA TYR P 202 -57.67 -53.65 -51.25
C TYR P 202 -57.28 -54.99 -51.85
N THR P 203 -56.43 -54.95 -52.86
CA THR P 203 -55.92 -56.14 -53.53
C THR P 203 -54.39 -56.06 -53.57
N LEU P 204 -53.73 -56.99 -52.89
CA LEU P 204 -52.28 -57.01 -52.79
C LEU P 204 -51.76 -58.41 -53.04
N SER P 205 -50.50 -58.49 -53.44
CA SER P 205 -49.83 -59.76 -53.66
C SER P 205 -48.47 -59.74 -52.98
N SER P 206 -48.12 -60.86 -52.35
CA SER P 206 -46.82 -61.02 -51.71
C SER P 206 -46.17 -62.29 -52.24
N SER P 207 -44.85 -62.27 -52.32
CA SER P 207 -44.10 -63.39 -52.88
C SER P 207 -42.97 -63.77 -51.94
N VAL P 208 -42.61 -65.05 -51.97
CA VAL P 208 -41.52 -65.60 -51.17
C VAL P 208 -40.72 -66.57 -52.03
N THR P 209 -39.41 -66.54 -51.87
CA THR P 209 -38.48 -67.37 -52.63
C THR P 209 -37.82 -68.36 -51.68
N VAL P 210 -38.33 -69.58 -51.64
CA VAL P 210 -37.80 -70.61 -50.76
C VAL P 210 -36.94 -71.57 -51.58
N PRO P 211 -36.27 -72.54 -50.96
CA PRO P 211 -35.46 -73.47 -51.74
C PRO P 211 -36.30 -74.55 -52.40
N SER P 212 -35.68 -75.27 -53.33
CA SER P 212 -36.37 -76.35 -54.02
C SER P 212 -36.57 -77.56 -53.12
N SER P 213 -35.65 -77.77 -52.17
CA SER P 213 -35.80 -78.88 -51.23
C SER P 213 -36.61 -78.49 -50.00
N THR P 214 -36.79 -77.19 -49.75
CA THR P 214 -37.59 -76.76 -48.62
C THR P 214 -39.09 -76.91 -48.90
N TRP P 215 -39.51 -76.62 -50.13
CA TRP P 215 -40.91 -76.77 -50.50
C TRP P 215 -41.13 -78.06 -51.25
N PRO P 216 -42.12 -78.88 -50.90
CA PRO P 216 -43.08 -78.67 -49.80
C PRO P 216 -42.70 -79.44 -48.54
N SER P 217 -41.39 -79.62 -48.31
CA SER P 217 -40.95 -80.33 -47.13
C SER P 217 -41.07 -79.49 -45.87
N GLU P 218 -41.00 -78.16 -46.01
CA GLU P 218 -41.15 -77.24 -44.90
C GLU P 218 -42.39 -76.38 -45.12
N THR P 219 -43.13 -76.13 -44.05
CA THR P 219 -44.36 -75.36 -44.14
C THR P 219 -44.05 -73.87 -44.27
N VAL P 220 -44.38 -73.29 -45.43
CA VAL P 220 -44.23 -71.86 -45.67
C VAL P 220 -45.61 -71.25 -45.59
N THR P 221 -45.90 -70.56 -44.49
CA THR P 221 -47.21 -70.00 -44.23
C THR P 221 -47.10 -68.48 -44.18
N CYS P 222 -47.91 -67.81 -44.99
CA CYS P 222 -47.99 -66.36 -44.99
C CYS P 222 -49.04 -65.90 -43.98
N ASN P 223 -48.65 -64.96 -43.13
CA ASN P 223 -49.53 -64.41 -42.10
C ASN P 223 -49.91 -62.99 -42.48
N VAL P 224 -51.21 -62.75 -42.62
CA VAL P 224 -51.74 -61.44 -42.97
C VAL P 224 -52.48 -60.91 -41.75
N ALA P 225 -52.00 -59.79 -41.22
CA ALA P 225 -52.62 -59.11 -40.08
C ALA P 225 -53.21 -57.80 -40.57
N HIS P 226 -54.53 -57.69 -40.50
CA HIS P 226 -55.23 -56.47 -40.86
C HIS P 226 -55.49 -55.67 -39.60
N PRO P 227 -54.85 -54.51 -39.42
CA PRO P 227 -55.04 -53.75 -38.18
C PRO P 227 -56.35 -52.98 -38.12
N ALA P 228 -57.05 -52.83 -39.25
CA ALA P 228 -58.34 -52.17 -39.23
C ALA P 228 -59.40 -53.04 -38.58
N SER P 229 -59.44 -54.32 -38.94
CA SER P 229 -60.31 -55.29 -38.29
C SER P 229 -59.54 -56.18 -37.32
N SER P 230 -58.21 -56.01 -37.23
CA SER P 230 -57.31 -56.81 -36.38
C SER P 230 -57.42 -58.30 -36.69
N THR P 231 -57.55 -58.62 -37.97
CA THR P 231 -57.76 -60.00 -38.40
C THR P 231 -56.41 -60.64 -38.75
N LYS P 232 -56.07 -61.71 -38.05
CA LYS P 232 -54.82 -62.43 -38.27
C LYS P 232 -55.15 -63.76 -38.95
N VAL P 233 -54.77 -63.88 -40.21
CA VAL P 233 -55.06 -65.08 -41.01
C VAL P 233 -53.76 -65.67 -41.49
N ASP P 234 -53.55 -66.95 -41.19
CA ASP P 234 -52.36 -67.68 -41.63
C ASP P 234 -52.76 -68.67 -42.73
N LYS P 235 -52.03 -68.63 -43.83
CA LYS P 235 -52.31 -69.49 -44.99
C LYS P 235 -51.03 -70.21 -45.38
N LYS P 236 -51.05 -71.53 -45.29
CA LYS P 236 -49.88 -72.33 -45.64
C LYS P 236 -49.75 -72.47 -47.16
C1 NAG Q . -28.73 -64.19 30.23
C2 NAG Q . -29.32 -63.65 31.53
C3 NAG Q . -30.82 -63.29 31.36
C4 NAG Q . -31.10 -62.53 30.08
C5 NAG Q . -30.26 -62.99 28.87
C6 NAG Q . -30.20 -61.98 27.76
C7 NAG Q . -29.31 -65.64 33.22
C8 NAG Q . -30.13 -66.58 32.36
N2 NAG Q . -29.01 -64.38 32.77
O3 NAG Q . -31.23 -62.53 32.49
O4 NAG Q . -32.47 -62.76 29.76
O5 NAG Q . -28.89 -63.25 29.22
O6 NAG Q . -30.03 -60.67 28.25
O7 NAG Q . -28.91 -65.99 34.33
C1 NAG Q . -33.37 -61.66 29.49
C2 NAG Q . -33.02 -60.37 30.27
C3 NAG Q . -33.01 -59.15 29.35
C4 NAG Q . -34.21 -59.12 28.40
C5 NAG Q . -34.39 -60.46 27.69
C6 NAG Q . -34.30 -60.34 26.18
C7 NAG Q . -33.59 -59.52 32.51
C8 NAG Q . -34.66 -59.40 33.55
N2 NAG Q . -33.94 -60.15 31.39
O3 NAG Q . -31.80 -59.14 28.60
O4 NAG Q . -35.40 -58.83 29.12
O5 NAG Q . -33.36 -61.37 28.09
O6 NAG Q . -34.93 -59.15 25.71
O7 NAG Q . -32.47 -59.05 32.67
C1 BMA Q . -35.61 -57.41 29.28
C2 BMA Q . -35.77 -56.71 27.90
C3 BMA Q . -36.14 -55.23 28.10
C4 BMA Q . -37.33 -55.07 29.06
C5 BMA Q . -37.05 -55.80 30.39
C6 BMA Q . -38.22 -55.75 31.35
O2 BMA Q . -36.81 -57.31 27.16
O3 BMA Q . -36.42 -54.60 26.86
O4 BMA Q . -37.56 -53.70 29.31
O5 BMA Q . -36.75 -57.18 30.11
O6 BMA Q . -39.27 -56.53 30.79
C1 NAG R . -2.70 -23.36 40.10
C2 NAG R . -2.19 -21.98 40.57
C3 NAG R . -2.78 -20.85 39.70
C4 NAG R . -4.31 -20.92 39.63
C5 NAG R . -4.81 -22.35 39.47
C6 NAG R . -5.87 -22.51 38.40
C7 NAG R . -1.76 -22.21 42.98
C8 NAG R . -2.24 -21.88 44.36
N2 NAG R . -2.51 -21.77 41.98
O3 NAG R . -2.21 -20.92 38.41
O4 NAG R . -4.88 -20.32 40.79
O5 NAG R . -3.72 -23.19 39.09
O6 NAG R . -7.18 -22.23 38.89
O7 NAG R . -0.72 -22.85 42.79
C1 NAG R . -6.01 -19.47 40.45
C2 NAG R . -5.92 -18.18 41.29
C3 NAG R . -7.04 -17.20 40.92
C4 NAG R . -7.08 -16.97 39.41
C5 NAG R . -7.17 -18.30 38.67
C6 NAG R . -7.13 -18.16 37.17
C7 NAG R . -6.84 -19.01 43.48
C8 NAG R . -6.53 -19.13 44.94
N2 NAG R . -5.88 -18.43 42.72
O3 NAG R . -6.84 -15.97 41.60
O4 NAG R . -8.22 -16.17 39.07
O5 NAG R . -6.06 -19.13 39.04
O6 NAG R . -6.47 -16.96 36.78
O7 NAG R . -7.89 -19.43 43.01
C1 NAG S . 12.30 -6.75 -0.08
C2 NAG S . 12.73 -7.19 1.35
C3 NAG S . 13.30 -6.02 2.16
C4 NAG S . 14.52 -5.41 1.49
C5 NAG S . 14.23 -5.09 0.01
C6 NAG S . 15.18 -5.76 -0.96
C7 NAG S . 10.52 -7.76 2.60
C8 NAG S . 9.84 -6.43 2.35
N2 NAG S . 11.76 -7.99 2.11
O3 NAG S . 13.62 -6.48 3.47
O4 NAG S . 14.82 -4.16 2.09
O5 NAG S . 12.88 -5.40 -0.39
O6 NAG S . 15.61 -7.02 -0.48
O7 NAG S . 9.94 -8.64 3.24
C1 NAG S . 15.85 -4.17 3.09
C2 NAG S . 16.50 -2.79 3.12
C3 NAG S . 17.51 -2.70 4.27
C4 NAG S . 16.83 -3.08 5.59
C5 NAG S . 16.23 -4.47 5.47
C6 NAG S . 15.44 -4.90 6.68
C7 NAG S . 17.15 -1.30 1.29
C8 NAG S . 17.88 -1.18 -0.01
N2 NAG S . 17.15 -2.50 1.85
O3 NAG S . 18.02 -1.37 4.34
O4 NAG S . 17.78 -3.04 6.66
O5 NAG S . 15.30 -4.48 4.37
O6 NAG S . 14.44 -3.95 7.02
O7 NAG S . 16.59 -0.33 1.81
C1 BMA S . 17.44 -1.95 7.54
C2 BMA S . 17.52 -2.47 8.99
C3 BMA S . 17.26 -1.32 9.99
C4 BMA S . 18.12 -0.07 9.67
C5 BMA S . 17.96 0.32 8.18
C6 BMA S . 18.83 1.49 7.78
O2 BMA S . 18.80 -2.98 9.28
O3 BMA S . 17.47 -1.73 11.33
O4 BMA S . 17.75 1.01 10.50
O5 BMA S . 18.31 -0.82 7.36
O6 BMA S . 20.11 1.32 8.38
C1 NAG T . 15.96 20.99 -71.88
C2 NAG T . 17.02 22.09 -71.91
C3 NAG T . 18.44 21.51 -71.83
C4 NAG T . 18.58 20.41 -70.77
C5 NAG T . 17.31 19.55 -70.56
C6 NAG T . 17.24 18.93 -69.18
C7 NAG T . 16.89 23.16 -74.30
C8 NAG T . 17.13 21.87 -75.06
N2 NAG T . 16.86 23.14 -72.93
O3 NAG T . 19.36 22.56 -71.59
O4 NAG T . 19.60 19.54 -71.26
O5 NAG T . 16.09 20.28 -70.71
O6 NAG T . 17.98 17.71 -69.12
O7 NAG T . 16.73 24.22 -74.90
C1 NAG T . 20.73 19.11 -70.42
C2 NAG T . 21.34 20.24 -69.55
C3 NAG T . 22.44 19.67 -68.65
C4 NAG T . 21.94 18.48 -67.85
C5 NAG T . 21.34 17.41 -68.78
C6 NAG T . 20.71 16.26 -68.03
C7 NAG T . 22.00 22.56 -69.99
C8 NAG T . 22.56 23.52 -71.00
N2 NAG T . 21.86 21.30 -70.40
O3 NAG T . 22.90 20.68 -67.75
O4 NAG T . 22.99 17.91 -67.05
O5 NAG T . 20.30 18.00 -69.57
O6 NAG T . 19.70 15.62 -68.81
O7 NAG T . 21.68 22.93 -68.86
C1 BMA T . 24.17 17.47 -67.79
C2 BMA T . 25.44 18.02 -67.07
C3 BMA T . 26.71 17.42 -67.70
C4 BMA T . 26.61 15.89 -67.88
C5 BMA T . 25.33 15.54 -68.65
C6 BMA T . 25.13 14.04 -68.83
O2 BMA T . 25.44 17.64 -65.70
O3 BMA T . 27.87 17.75 -66.94
O4 BMA T . 27.73 15.41 -68.59
O5 BMA T . 24.20 16.05 -67.89
O6 BMA T . 24.74 13.48 -67.59
C1 NAG U . 6.69 37.50 -27.18
C2 NAG U . 6.86 38.40 -25.95
C3 NAG U . 8.31 38.37 -25.47
C4 NAG U . 8.81 36.94 -25.27
C5 NAG U . 8.54 36.11 -26.54
C6 NAG U . 8.85 34.64 -26.36
C7 NAG U . 5.60 40.47 -25.45
C8 NAG U . 5.07 39.78 -24.23
N2 NAG U . 6.43 39.76 -26.23
O3 NAG U . 8.43 39.10 -24.26
O4 NAG U . 10.21 36.96 -25.01
O5 NAG U . 7.16 36.18 -26.89
O6 NAG U . 8.47 34.17 -25.07
O7 NAG U . 5.28 41.62 -25.72
C1 NAG U . 10.53 36.47 -23.69
C2 NAG U . 11.88 35.77 -23.79
C3 NAG U . 12.32 35.25 -22.42
C4 NAG U . 12.31 36.38 -21.39
C5 NAG U . 10.94 37.05 -21.37
C6 NAG U . 10.89 38.24 -20.47
C7 NAG U . 12.59 34.66 -25.86
C8 NAG U . 12.41 33.46 -26.75
N2 NAG U . 11.84 34.68 -24.76
O3 NAG U . 13.64 34.70 -22.52
O4 NAG U . 12.60 35.86 -20.10
O5 NAG U . 10.60 37.50 -22.69
O6 NAG U . 11.54 38.00 -19.22
O7 NAG U . 13.37 35.56 -26.14
C1 NAG V . -14.57 4.21 -4.21
C2 NAG V . -14.21 3.74 -2.79
C3 NAG V . -12.85 4.34 -2.35
C4 NAG V . -12.67 5.76 -2.86
C5 NAG V . -12.79 5.81 -4.39
C6 NAG V . -11.47 6.00 -5.09
C7 NAG V . -16.35 3.31 -1.67
C8 NAG V . -17.33 3.80 -0.65
N2 NAG V . -15.26 4.07 -1.85
O3 NAG V . -11.80 3.52 -2.80
O4 NAG V . -13.65 6.65 -2.32
O5 NAG V . -13.37 4.59 -4.91
O6 NAG V . -10.50 5.07 -4.65
O7 NAG V . -16.52 2.26 -2.30
C1 NAG V . -13.65 6.94 -0.91
C2 NAG V . -14.16 8.40 -0.81
C3 NAG V . -15.28 8.61 0.26
C4 NAG V . -15.26 7.64 1.44
C5 NAG V . -14.43 6.38 1.20
C6 NAG V . -14.96 5.16 1.91
C7 NAG V . -12.22 9.52 0.31
C8 NAG V . -11.23 10.65 0.16
N2 NAG V . -13.10 9.40 -0.69
O3 NAG V . -16.55 8.55 -0.39
O4 NAG V . -14.83 8.31 2.62
O5 NAG V . -14.48 6.10 -0.20
O6 NAG V . -13.93 4.24 2.21
O7 NAG V . -12.20 8.79 1.28
C1 BMA V . -16.01 8.96 3.15
C2 BMA V . -16.20 8.54 4.63
C3 BMA V . -17.40 9.30 5.23
C4 BMA V . -17.35 10.83 4.93
C5 BMA V . -17.11 11.06 3.42
C6 BMA V . -16.96 12.53 3.06
O2 BMA V . -15.06 8.88 5.41
O3 BMA V . -17.51 9.09 6.64
O4 BMA V . -18.56 11.44 5.32
O5 BMA V . -15.90 10.38 3.04
O6 BMA V . -18.24 13.13 3.11
OAA ZK1 W . 11.43 4.39 42.07
OAB ZK1 W . 13.68 5.78 41.23
OAC ZK1 W . 15.55 10.01 41.87
OAD ZK1 W . 13.18 9.49 42.36
OAE ZK1 W . 14.29 8.45 40.43
FAF ZK1 W . 11.19 8.61 48.77
FAG ZK1 W . 10.88 6.41 48.79
FAH ZK1 W . 12.76 7.25 49.60
CAI ZK1 W . 14.01 7.81 45.52
CAJ ZK1 W . 11.76 6.42 46.35
CAK ZK1 W . 14.98 11.26 47.93
CAL ZK1 W . 16.52 9.55 48.47
CAM ZK1 W . 13.81 10.28 47.81
CAN ZK1 W . 15.46 8.45 48.35
CAO ZK1 W . 15.01 7.50 42.90
NAP ZK1 W . 11.62 5.41 44.19
OAQ ZK1 W . 15.96 10.80 48.83
CAR ZK1 W . 13.54 7.98 46.81
CAS ZK1 W . 12.40 7.27 47.23
CAT ZK1 W . 12.07 5.25 42.95
CAU ZK1 W . 13.21 5.96 42.53
CAV ZK1 W . 12.25 6.25 45.03
CAW ZK1 W . 13.36 6.94 44.62
NAX ZK1 W . 14.27 8.91 47.67
NAY ZK1 W . 13.83 6.77 43.36
CAZ ZK1 W . 11.80 7.40 48.63
PBA ZK1 W . 14.48 8.93 41.85
C1 NAG X . -24.64 -39.99 24.29
C2 NAG X . -25.96 -39.50 23.68
C3 NAG X . -27.05 -39.44 24.75
C4 NAG X . -27.18 -40.78 25.47
C5 NAG X . -25.82 -41.21 26.02
C6 NAG X . -25.85 -42.58 26.66
C7 NAG X . -25.91 -38.02 21.72
C8 NAG X . -25.72 -36.62 21.25
N2 NAG X . -25.80 -38.21 23.05
O3 NAG X . -28.29 -39.09 24.16
O4 NAG X . -28.12 -40.68 26.53
O5 NAG X . -24.86 -41.24 24.97
O6 NAG X . -26.82 -43.41 26.04
O7 NAG X . -26.13 -38.95 20.95
OAA ZK1 Y . 32.70 37.49 5.42
OAB ZK1 Y . 34.82 39.22 5.90
OAC ZK1 Y . 35.71 42.31 9.42
OAD ZK1 Y . 33.62 41.53 8.39
OAE ZK1 Y . 35.58 42.05 6.99
FAF ZK1 Y . 31.41 37.10 13.41
FAG ZK1 Y . 30.91 35.51 11.94
FAH ZK1 Y . 32.76 35.33 13.14
CAI ZK1 Y . 34.40 38.44 10.56
CAJ ZK1 Y . 32.28 36.72 10.09
CAK ZK1 Y . 34.01 39.26 15.17
CAL ZK1 Y . 35.41 37.38 15.06
CAM ZK1 Y . 33.76 39.29 13.66
CAN ZK1 Y . 35.30 37.27 13.54
CAO ZK1 Y . 35.71 39.73 8.46
NAP ZK1 Y . 32.52 37.13 7.74
OAQ ZK1 Y . 34.26 37.95 15.63
CAR ZK1 Y . 33.76 37.82 11.64
CAS ZK1 Y . 32.69 36.94 11.40
CAT ZK1 Y . 33.12 37.72 6.74
CAU ZK1 Y . 34.18 38.59 6.97
CAV ZK1 Y . 32.92 37.36 9.01
CAW ZK1 Y . 33.98 38.21 9.24
NAX ZK1 Y . 34.26 38.11 12.96
NAY ZK1 Y . 34.59 38.82 8.21
CAZ ZK1 Y . 31.93 36.21 12.51
PBA ZK1 Y . 35.12 41.48 8.31
C1 NAG Z . 33.86 -31.24 -3.01
C2 NAG Z . 35.21 -31.41 -2.32
C3 NAG Z . 36.25 -30.51 -3.00
C4 NAG Z . 36.31 -30.79 -4.50
C5 NAG Z . 34.91 -30.66 -5.11
C6 NAG Z . 34.87 -31.05 -6.57
C7 NAG Z . 34.96 -32.03 0.04
C8 NAG Z . 34.88 -31.54 1.46
N2 NAG Z . 35.12 -31.10 -0.91
O3 NAG Z . 37.53 -30.75 -2.41
O4 NAG Z . 37.19 -29.87 -5.13
O5 NAG Z . 33.99 -31.52 -4.42
O6 NAG Z . 35.72 -32.16 -6.83
O7 NAG Z . 34.88 -33.22 -0.24
OAA ZK1 AA . 2.32 43.62 3.99
OAB ZK1 AA . 0.44 43.46 6.04
OAC ZK1 AA . 0.13 44.57 10.53
OAD ZK1 AA . 2.29 44.38 9.36
OAE ZK1 AA . 0.44 42.86 8.79
FAF ZK1 AA . 5.65 49.95 7.38
FAG ZK1 AA . 5.27 49.89 5.19
FAH ZK1 AA . 4.03 51.21 6.47
CAI ZK1 AA . 1.93 47.66 7.70
CAJ ZK1 AA . 3.80 47.80 5.66
CAK ZK1 AA . 2.74 50.25 11.06
CAL ZK1 AA . 0.97 51.21 9.83
CAM ZK1 AA . 3.48 49.79 9.80
CAN ZK1 AA . 1.58 50.80 8.49
CAO ZK1 AA . 0.20 45.45 7.91
NAP ZK1 AA . 3.02 45.69 4.85
OAQ ZK1 AA . 1.95 51.39 10.83
CAR ZK1 AA . 2.78 48.76 7.62
CAS ZK1 AA . 3.71 48.83 6.59
CAT ZK1 AA . 2.22 44.65 4.93
CAU ZK1 AA . 1.28 44.57 5.95
CAV ZK1 AA . 2.94 46.69 5.75
CAW ZK1 AA . 2.01 46.61 6.76
NAX ZK1 AA . 2.62 49.79 8.63
NAY ZK1 AA . 1.18 45.55 6.85
CAZ ZK1 AA . 4.69 50.01 6.41
PBA ZK1 AA . 0.79 44.26 9.21
C1 NAG BA . 17.52 15.67 -47.04
C2 NAG BA . 18.47 14.47 -46.95
C3 NAG BA . 19.92 14.94 -47.01
C4 NAG BA . 20.16 15.81 -48.25
C5 NAG BA . 19.14 16.95 -48.31
C6 NAG BA . 19.23 17.75 -49.58
C7 NAG BA . 17.50 12.56 -45.75
C8 NAG BA . 17.35 11.90 -44.42
N2 NAG BA . 18.22 13.70 -45.75
O3 NAG BA . 20.79 13.82 -47.02
O4 NAG BA . 21.47 16.35 -48.22
O5 NAG BA . 17.81 16.41 -48.25
O6 NAG BA . 19.24 16.90 -50.72
O7 NAG BA . 17.01 12.11 -46.78
OAA ZK1 CA . -17.99 14.79 44.55
OAB ZK1 CA . -19.31 15.89 46.73
OAC ZK1 CA . -18.20 19.52 49.63
OAD ZK1 CA . -16.84 17.85 48.43
OAE ZK1 CA . -18.92 17.17 49.59
FAF ZK1 CA . -14.54 21.97 43.18
FAG ZK1 CA . -14.97 20.45 41.63
FAH ZK1 CA . -16.34 22.17 41.87
CAI ZK1 CA . -17.76 20.20 45.49
CAJ ZK1 CA . -16.43 19.09 43.32
CAK ZK1 CA . -15.78 24.46 45.75
CAL ZK1 CA . -17.64 24.78 44.35
CAM ZK1 CA . -16.02 22.95 45.87
CAN ZK1 CA . -18.03 23.31 44.37
CAO ZK1 CA . -19.23 18.58 47.25
NAP ZK1 CA . -17.23 16.95 43.96
OAQ ZK1 CA . -16.25 24.96 44.52
CAR ZK1 CA . -17.03 21.02 44.64
CAS ZK1 CA . -16.36 20.47 43.53
CAT ZK1 CA . -17.91 16.17 44.78
CAU ZK1 CA . -18.59 16.71 45.88
CAV ZK1 CA . -17.16 18.27 44.19
CAW ZK1 CA . -17.82 18.81 45.27
NAX ZK1 CA . -17.02 22.44 44.95
NAY ZK1 CA . -18.53 18.02 46.10
CAZ ZK1 CA . -15.54 21.30 42.54
PBA ZK1 CA . -18.24 18.27 48.79
C1 NAG DA . -40.86 6.28 -20.19
C2 NAG DA . -42.25 6.92 -20.18
C3 NAG DA . -43.09 6.34 -19.06
C4 NAG DA . -43.13 4.82 -19.13
C5 NAG DA . -41.71 4.26 -19.15
C6 NAG DA . -41.66 2.76 -19.35
C7 NAG DA . -42.13 9.19 -21.13
C8 NAG DA . -42.04 10.65 -20.83
N2 NAG DA . -42.17 8.37 -20.07
O3 NAG DA . -44.42 6.85 -19.14
O4 NAG DA . -43.83 4.28 -18.01
O5 NAG DA . -40.98 4.84 -20.24
O6 NAG DA . -41.94 2.40 -20.69
O7 NAG DA . -42.15 8.76 -22.29
#